data_7ZMG
#
_entry.id   7ZMG
#
_cell.length_a   1.00
_cell.length_b   1.00
_cell.length_c   1.00
_cell.angle_alpha   90.00
_cell.angle_beta   90.00
_cell.angle_gamma   90.00
#
_symmetry.space_group_name_H-M   'P 1'
#
loop_
_entity.id
_entity.type
_entity.pdbx_description
1 polymer 'NADH-ubiquinone oxidoreductase chain 1'
2 polymer 'NADH dehydrogenase subunit 2'
3 polymer 'NADH-ubiquinone oxidoreductase chain 3'
4 polymer 'NADH-ubiquinone oxidoreductase chain 4'
5 polymer 'NADH-ubiquinone oxidoreductase chain 5'
6 polymer 'NADH-ubiquinone oxidoreductase chain 6'
7 polymer 'NADH dehydrogenase [ubiquinone] 1 beta subcomplex subunit 7'
8 polymer 'Subunit NDUFS5 of NADH-ubiquinone oxidoreductase (Complex I)'
9 polymer 'NADH-ubiquinone oxidoreductase-like protein'
10 polymer 'NADH dehydrogenase [ubiquinone] flavoprotein 1, mitochondrial'
11 polymer 'NADH-ubiquinone oxidoreductase 49 kDa subunit-like protein'
12 polymer 'Subunit NDUFA1 of NADH-ubiquinone oxidoreductase (Complex I)'
13 polymer 'NADH dehydrogenase (Ubiquinone)-like protein'
14 polymer 'NADH-ubiquinone oxidoreductase-like protein'
15 polymer 'NADH-ubiquinone oxidoreductase 30.4 kDa subunit-like protein'
16 polymer 'Subunit NDUFV2 of NADH-ubiquinone oxidoreductase (Complex I)'
17 polymer 'Oxidoreductase-like protein'
18 polymer 'NADH-ubiquinone oxidoreductase-like protein'
19 polymer 'NADH-ubiquinone oxidoreductase-like protein'
20 polymer 'NADH-ubiquinone oxidoreductase chain 4L'
21 polymer 'NADH-ubiquinone oxidoreductase-like protein'
22 polymer 'Acyl carrier protein'
23 polymer 'NADH-ubiquinone oxidoreductase B14 subunit-like protein'
24 polymer 'Complex I-B22'
25 polymer 'Complex I-ESSS'
26 polymer 'NADH-ubiquinone oxidoreductase'
27 polymer 'NADH dehydrogenase [ubiquinone] 1 alpha subcomplex subunit 13'
28 polymer 'NADH-ubiquinone oxidoreductase-like protein'
29 polymer 'NADH dehydrogenase [ubiquinone] iron-sulfur protein 4, mitochondrial'
30 polymer 'NADH-ubiquinone oxidoreductase-like protein'
31 polymer 'NADH dehydrogenase (Ubiquinone)-like protein'
32 polymer 'Subunit NDUFC2 of NADH-ubiquinone oxidoreductase (Complex I)'
33 polymer 'Subunit NDUFB3 of NADH-ubiquinone oxidoreductase (Complex I)'
34 polymer 'Subunit NDUFB10 of NADH-ubiquinone oxidoreductase (Complex I)'
35 polymer 'Subunit NDUFB2 of NADH-ubiquinone oxidoreductase (Complex I)'
36 polymer 'NADH dehydrogenase-like protein'
37 polymer 'Subunit NDUFA3 of NADH-ubiquinone oxidoreductase (Complex I)'
38 polymer 'NADH dehydrogenase [ubiquinone] 1 alpha subcomplex subunit'
39 polymer 'Subunit NDUFB6 of NADH-ubiquinone oxidoreductase (Complex I)'
40 polymer 'Subunit NDUFB4 of NADH-ubiquinone oxidoreductase (Complex I)'
41 polymer 'Subunit NDUFB5 of NADH-ubiquinone oxidoreductase (Complex I)'
42 polymer 'Oxidoreductase-like domain-containing protein'
43 non-polymer 1,2-Distearoyl-sn-glycerophosphoethanolamine
44 non-polymer 1,2-DIACYL-SN-GLYCERO-3-PHOSPHOCHOLINE
45 non-polymer CARDIOLIPIN
46 non-polymer 'Lauryl Maltose Neopentyl Glycol'
47 non-polymer 'FE2/S2 (INORGANIC) CLUSTER'
48 non-polymer 'IRON/SULFUR CLUSTER'
49 non-polymer 'FLAVIN MONONUCLEOTIDE'
50 non-polymer 'NADPH DIHYDRO-NICOTINAMIDE-ADENINE-DINUCLEOTIDE PHOSPHATE'
51 non-polymer 'ZINC ION'
52 non-polymer 'S-[2-({N-[(2S)-2-hydroxy-3,3-dimethyl-4-(phosphonooxy)butanoyl]-beta-alanyl}amino)ethyl] tetradecanethioate'
53 water water
#
loop_
_entity_poly.entity_id
_entity_poly.type
_entity_poly.pdbx_seq_one_letter_code
_entity_poly.pdbx_strand_id
1 'polypeptide(L)'
;MSYSQTINSLVEVVLVLVPSLVGIAYVTVGERKTMGSMQRRLGPNAVGIYGLLQAFADALKLLLKEYVGPTQANLVLFFL
GPVITLIFSLLGYAVIPYGPGLAVNDLSTGILYMLAVSSLATYGILLAGWSANSKYAFLGSLRSTAQLISYELVLSSSIL
LVIMLSGSLSLTVIVESQRAIWYILPLLPVFIIFFIGSVAETNRAPFDLAEAESELVSGFMTEHAAVIFVFFFLAEYGSI
VLMCILTSILFLGGYLLISLLDIIYNNLLSWIVIGKYIIFIFPFWGPVFIDLGLYEIISYLYNAPTVEGSFYGLSLGVKT
SILIFVFIWTRASFPRIRFDQLMSFCWTVLLPILFALIVLVPCILYSFNIFPVNISLL
;
1
2 'polypeptide(L)'
;MIMISILSLLLSTSVTLRRDMSILFNRISIIALAYCILHDTMSLSFISKGIGLHGGLLHITNLTQIFHIFIFIISILILQ
LTSFYPRKVWIPEYSSLKDIFFNKILYYRTKIINKMGEHMKIIEYPLILLFVISGAVFLISTNDLVSIFLSIELQSYGLY
LLSTIYRNSELSTTGGLIYFLLGGLSSCFILLGTSLLYVNSGTTSLDGLYILNSISDVNPVVAGVGEDGGLTSWYKPYYL
NFSLLIFSIGFLFKVSAAPFHFWSPDVYDAIPTIVTTFVAIIAKISIFIFLLELVYYTNSNANSYLSEFSWTYALLISSL
LSLIIGTVVGLTQFRIKRLLAYSTISHVGFILLALSVSSIESTQAFIFYLIQYSISNLNAFFILITIGFSLYGYVTNNKE
YKSLLDKNNSPIQLISQLKGYFYINPLLSLSLAITIFSFVGVPPLVGFFAKQMVLSAALDNGYIFLSLIAIITSVIGAVY
YLNVIKEIFFYSPEHEVNPVLNESDSNFSLRILNEKNVLIRSVLLKGRNIFISSPFSITISIITNVILLFIFMNKEWLSM
GTILVQILFSA
;
2
3 'polypeptide(L)'
;MSAMSIYIIFVSIIAILFLAIDLIFAPHNPYKEKLSAFECGFHSFSQSRSPFNISFFIYGLVFLLLDLEILLLYPFAVSE
YVNSAYGLAAALIFIGIITIGFVYELGHDALKVHSRQNISTKDLKSSVVISYLGNINNDSVNLHIK
;
3
4 'polypeptide(L)'
;MSLLYVLLIIPIIGIFLISTIDSFYPVTNTNIVLNKKFFRGFNDARQPIKYLYFSEGESFNIENKEDSFFNVSYYKKIAL
ITTILNLIVSLIIYILFDFSNNQFQFIQENLDLSFYDIYLGVDGVSIYFVLLTTIIMPIALVSNWNSITNNIKSYLIIML
LLETLLLAVFLVLDVLLFYIFFESILPPLFILIGLFGSSNKVRASFYIFLYTLLGSLFLLLSILTMSSIVGTTYFDVLLK
SSFEYTTQLFLFFGIFIAFAVKTPVWGLNSWLLRAHVESPLGGSIVLAAIVLKLSLYGVFRLILPILPQASLNLTYIVYA
IGAITVLYASFSTLRTVDVKELIAYSSVAHAAIYLMGVFSNTIQGLEGAILLGLAHGFVSSGLFICAGGILYDRTGTRLI
YFFRGLTQIMPLFSLFFFILCLGNAGTPLTLNFVGEFMSLYGTLERLPIAGMLASTSIIFSAAYSIYMYNRIAFGGSVSL
YFIDCFRDLTKREFFILFTLVSFTVILGIYPSFVLDGLHYNISSVVYGIEPNASYLTQGGNL
;
4
5 'polypeptide(L)'
;MYLSIIILPLLGSVVSGFFGRKVGVSGAQLITCSSVIITTILSIIAFFEVGFNNIPVTINIFRWIDSEWFIINWGFQYDS
LTVSMLIPVLIISSLVHIYSISYMSSDPHNQRFFSYLSLFTFMMIILVTANNYLLMFVGWEGVGVCSYLLVSFWFTRIAA
NQSSISAFLTNRVGDCFLTVGMFAILWSLGNLDYATVFSLAPYINSNVVIIIGICLLIGAMAKSSQVGLHVWLPMAMEGP
TPVSALIHAATMVTAGVYLLMRSSPLIEYSSTVLLLCLWLGAITTVFSSLIGLFQQDIKKVIAYSTMSQLGMMVLSIGLS
SYNIALFHLVNHAFYKALLFLGAGSVIHAVADNQDFRKFGGLISYLPLTYSVMLIASLSLVAFPFMTGFYSKDFILESAY
GQFSFSGVAVYIIATIGAIFTTLYSVKVLYLTFLSNPNGPRTYYRLAIDNFFSAQAIKSYKPAHEGDFFLTLPLVILALF
SIFFGFITKDIFIGLGSNFFVDNSLFIHPIHEIMIDTEFAVPVLFKLLPFIFTISFSVIALTLSELLSELVIYFKFSRFG
YNIFGFFNQRFLIEFFYNKYITNLILNLGGQITKILDKGSIELFGPYGLERGLVKLSKNISSLSTSHVTTYALYILVGFI
LYLIYNNLLLDYSYLLLIIILLLLLMMIGESNSEDVTLH
;
5
6 'polypeptide(L)'
;MNSQISLLLLKEIYTNGSTHIMLDILSVLAVISGICVIISKNPIVSVLHLIGLFAYVSFYLILIGLNFVGLSYLIVYIGA
VSILFLFILMLINIRTSELQSNTSNSIPLTILVGIIISSFLFKMLPYGVIISNQFNSSNLNENLYTIQIVGGEDNNINNI
NTDKNDLFFITSKIWDGALAENNHISSIGNIMYTNYNVWLILASFILLLAMVGAIVITIKPRKI
;
6
7 'polypeptide(L)'
;MATDAAETSRRATREEMRDAKVPLAYRDSCAHLLIPLNRCRYETYYLPWKCEDERHSYEKCQYLEFKKRVQKMEELREAK
GGARSN
;
8
8 'polypeptide(L)'
;MASGYGLNGGPSRCFPFWQELLACYVTNSSEDNPDGKNKCIPVMEDYYECLHHRKEAARVRALQAAYREAEAKKLQENPP
TAGQIRNLGLLNKEEDTKKVHCATATQQWMKMCFALSAKMPCLRGIEVFLTTRPDNEKIPEYPHPEGTSARVICGQHLIR
SPSLASNLSNSAITPPSSFSPRKANPLVSVYLPSVPGTPFTINYKISQVPPEPCKYLFFRLYINARPMVSWGIDPHSRPY
GKVIKSLWLPSDDRYRGLVGFEKRSFVFLPGEEFKSVAEDGGLIEVQVFRAKDRRARTPKLETFRFRDNYGIAAPSIGLL
DKPQNAFFYDWLLIDPKDEPFAKFRMHYRSWRNLKSLNLIPSSEWELLLAVSPKALRTAASTGKIEKPTSPAFSDSDSDD
SLCSATDSDECVFDDHSKKTKSNRSKESPFAFLNSPPERFRAMAPSSEKLPQPSKLLRDSQRAPYQSRPLPELPVEAGVN
STGLNPPSVKVAADLRRKPSATSMESNAVSITPSLLRCMEEGTLDLEKAEVGIAKLVKVAASGSEPSSSSSSATQLTVSA
VREVELRPPQPERKGGLPMDYSFSDYEKSSQSSFGDDERMSNISDMEEKPFPAPPTCYLPTTGSGLERELAMFDSPSPSP
VPYSAMEPPVTPSPSSTPYKTKLGRKPLLFSRRLGLFSPRKSLPSDFLLGQAKKLVVEEETTNSNVSLAFGELTVTDMRA
ESPSPAPKGKPLRRFSTIRVEEISIKEKRPLFNSLRRIASASPRKLAGRVLSMDLGKKGGEEKEG
;
9
9 'polypeptide(L)'
;MLRQTLARSAWRTGKHPAAAARTAGAATRAFSASAQRPAEVELTIDGKKVSIEAGSALIQACEKAGVVVPRYCYHEKLAI
AGNCRMCLVEVERSPKPVASCAWPVQAGMVVKTNSPLTHKAREGVMEFLLANHPLDCPICDQGGECDLQDQSMRYGADRG
RFHEIGGKRAVEDKNIGPLIKTSMNRCIHCTRCVRFMNDIAGAPELGSTGRGNDLQIGTYLEKNLDSELSGNVIDLCPVG
ALTSKPYAFRARPWELKRTESIDVLDGLGSNIRVDSRGLEVMRILPRLNDDVNEEWINDKTRFACDGLKTQRLTMPLVRR
DGKFEPATWEQALTEIAHAYQTLAPKENEFKVIAGQLVEVESLVAMKDLANRLGSENLALDFPGGSQPLAHGVDIRSNYL
FNSKIWGIEEADAILLVGTNPRHEAAVLNARIRKQWLRSDLEIAAVGQPWESTFDYEHLGTDLAALKNALSGPFGEKLKK
AKRPMIIVGSGVTEHPDAKAFYETVWSFVEKNASNFLTEEWCGYNVLQRAASRAGAFEVGFVVPSPEVAATKPKFVWLLG
ADEFDPADVPKDAFIVYQGHHGDRGAEIADIVLPGAAYTEKAGTYVNTEGRVQMTRAATGLPGAARTDWKIIRAVSEFLG
VPLPYDDVAQLRDRMAEISPALAAYDVVEPVALRHLSKVQLVDQNKGAKVTGEPLKKVVENFYFTDVISRSSPTMARCSA
AKETGDPRTNFMAPGMEEDRPMGQIAYGA
;
A
10 'polypeptide(L)'
;MLSRTAAPAKASAKTISSAVSSAAAAAATTSAASTPQSRAYATVQDPNYATVRTYGGLKDQDRIFQNLYGRYPPDLKHAK
KMGDWYKTKEILLKGHDWIIGEIKASGLRGRGGAGFPSGLKWSFMNFKDWDKDNKPRYLVVNADEGEPGTCKDREIMRKD
PHKLVEGCLVAGRAMNATAAYIYIRGEFYQEAAILQNAINEAYAEGLIGKNACGSGYDFDVYIHRGAGAYVCGEETSLIE
SLEGKPGKPRLKPPFPAAVGLFGCPSTVANVETVSVAPTICRRGGAWFASFGRERNHGTKLFCISGHVNNPCTVEEEMSI
PMRELIEKHCGGVRGGWDNLLAVIPGGSSTPILPKHICDDQLMDFDALKDSQSGLGTAAVIVMDKSTDVVRAISRLSHFY
RHESCGQCTPCREGSKWTDQIMKRFEKGMGRPREIDMLQELTKQVEGHTICALGEAFAWPIQGLIRHFRPELEARMKKFA
EETGGQALAGGWTHDSRQKGRLVSPGM
;
B
11 'polypeptide(L)'
;MSASLYRLAGRSARRLATSAASRSRPLTSSSSFQLSSTASTPLSVRAFSASALRRYAEPQDGFQGTRLIPTGADFQSPPD
PFIDEGARDNAANYGVQKSRSGVDEDSVEGRKVRHYTVNFGPQHPAAHGVLRLILELNGEEIVRADPHVGLLH(2MR)GT
EKLCEYKTYMQALPYFDRLDYVSMMTNEQVFSLAVEKLLNIEIPPRAKFIRTMFGEITRILNHLMSVLSHAMDVGALTPF
LWGFEEREKLMEFYERVSGARLHAAYVRPGGVHQDIPVGLLDDIYQWATQFGDRIDETEEMLTDNRIWINRLKGVGVVSA
ADALNLSFTGVMLRGSGVPWDVRKSSPYDAYDQVEFDVPVGINGDCYDRYLCRMEEFRQSLRIIHQCLNKMPAGPVRYED
YKITPPPRAAMKENMEALIHHFLLFTKGYAVPPGDTYTAIEAPKGEMGVYVVSDGSERPYRVHIRAPGFAHLSGFDHITR
GHLLADAVAVIGTMDLVFGEVDR
;
C
12 'polypeptide(L)'
;MPVPFETLIPYGIIIAMFGVTGAGMAKVRHMFNGDKRHRWSVDQWDKQQMERDRRLTGHLRGQTDNPIAPPGFEFNNPWK
V(UNK)(UNK)(UNK)(UNK)(UNK)
;
D
13 'polypeptide(L)'
;MASLPTAVRSAAPKVARRALQQRRYISDIHITRTGKPLIRIQGGRSSLGEHTATVFGATGQLGRYIVNRLARQGCTVIVP
YREEMAKRHLKVSGDLGRVIFMEFDLRNTQSIEESVRHSDVVYNLIGRDYPTKNFSLADVHIEGTERIVEAVAKYDVDRF
IQVSTYNANPDSTCEFFRTKGIAEKVARHVFPETTIVRPAPMFGFEDRLLLKLASVTNLFTSNHMREKFWPVHVNEVGEA
LERMLYDDSTAGQTFELYGPRQYSMAQIAELVDREIYKKRRHINLPKPILQPLAELINRVLWWDTGLSRDQVEREFHDQV
IDPTAKTFKDLGMEPTDISKWTYHYLLPYRPSTYYDLPPSTEKEMREERKYLHVLDDQ
;
E
14 'polypeptide(L)'
;MRATTRLLAVVRPATQAAASSASKGKFLVPGAPTGLTGLGTHPSPRSALLYLYHSTLEKLKQIPEHSVYRQSVEAVTRHR
LALVESVVPEGYDAWVERAKKLLEEHADQFDPTKVGPEGGEEVQGARAVKVERDGRVFVVSRLPKEEDERVLEWDGEVDE
GPELEGSRTLEEKIEGGLEKIFTRRDVKDTVGRVEWEPEPQLTAEQVAELENKIGAGLIEEVIQVAEGELKLVDTMVKAR
VWEPLEEQPRPGQWEYFERKP
;
F
15 'polypeptide(L)'
;MASKLCKTRALASALRPISRSSRSTEAIANVAVVRSFATTPRLGVALPKDAPNPRAIPREPVGEIKQALVNPADKYQSKA
DNLHKYGAWLMSCLPKYIQQFSVWKDELTIYICPTGVIPVFSFLKYNTNAEFTQVSDITAVDFPTREMRFEIVYNLLSVR
HNARIRVKTYADEVTPVPSITSLYMGANWYEREVYDMFGVLFVGHPDLRRIMTDYGFEGHPLRKDFPLTGYTEIRYDEEK
KRIVVEPLELTQAFRNFEGGSSAWDQVGPGIDRTPDTFKLPTPKPEEQSEEKK
;
G
16 'polypeptide(L)'
;MRRRQLSLQAGPFAEPKANQARKSSSNGERSSTTSQDHDPVRPGIDAAIARSLDTTAAMASKLTPLLMRTVARMGSRAMW
AMVPAPARTLSTSAMRHSDTLMVHRNTPENNPDIPFKFTPENEKIIEQILKRYPPQYKKAAVMPLLDLGQRQHGFCSISV
MNEVARILEMPPMRVYEVASFYTMYNRTPVGKFHVQACTTTPCQLGGCGSDAIVKAIKEHLGINQGETTPDGLFTFIEVE
CLGACVNAPMVQINDDYYEDLTPETIKQVLTALKESVNDVSKAPKPGPQSGRQSCENSAGLTSLTSEPWGPEKTRPDL
;
H
17 'polypeptide(L)'
;MLPTPAALLVTRQLPLARVPSTLVRTLPIQALIARRTYATPAGPPPKNFRLPPPKNWDEESESTIDKVGKYFLMTEMLRG
MYVLLEQFFRPPYTIYYPFEKGPISPRFRGEHALRRYPSGEERCIACKLCEAVCPAQAITIEAEERADGSRRTTRYDIDM
TKCIYCGFCQESCPVDAIVESPNAEYATETREELLYNKEKLLANGDKWEPELAAAIRADAPYR
;
I
18 'polypeptide(L)'
;MAPIEEEHEHYHPKDAVHLGLKGAAVVGGIGLLFAAVRTSLARKNVGPWAIFTRNGKLAATFAAVGGAYDFTRAAAANLR
EKEDWVNNGIGGLFAGATMGLTTGRIPRVLGFAALTGVVLATAEYAGSGLRGVFKRDVDEYERKEFLRKNRRRPIEETLA
EIGEGRGIKPPGYYERRAQRLKEKYGVDINPVCADPDQA
;
J
19 'polypeptide(L)'
;MISSARTGASLILRARPATQLIPLRAAAAAHLSSSARTQAAATSSSTAVEPYPGYELRKSLRKEVPLPSQEGTKGLVQYA
LTTLDIITNWARQGSFWPMTFGLACCAVEMMHLSTPRYDQDRLGIIFRASPRQSDVMIVAGTLTNKMAPALRQVYDQMPD
PRWVISMGSCANGGGYYHYSYSVVRGCDRIVPVDVYVPGCPPTSEALMYGIFQLQRKMRNTKITRMWYRK
;
K
20 'polypeptide(L)'
;MNITLILFLIGILGFVLNRKNIILMLISIEIMLLSITFLILLSSLNMDDIIGQTYAIYIIVVAGAESAIGLGILVAFYRL
RGSIAIEYK
;
L
21 'polypeptide(L)'
;MYASRGVRAVAQARQLISKRTFTATARQLSQTQTPTPAAPTATAEAEVAETGRPASAVMQAPNRAEVWSRSQRPRSEAMA
GPRFEQTDFDAQPRPWAAIELIHKQPVRWTHDRIVACDGGGGPHGHPKIYINTDKPEIATCNYCGLPFANEHHRKYLESL
PQTSYPLN
;
M
22 'polypeptide(L)'
;MFRSAVLRSAAAATRTTIRSIPPAAAKKFAVAPVSRVTSFIPKTASWQVIRCYASNEGLQKVEVYERIKSLLAGFDKVND
PNNITETAHFANDLGLDSLDTVEVVMAIEEEFSIEIPDKDADQIHSVDKAIEYILRQPDAH
;
O,Q
23 'polypeptide(L)'
;MAVQPTKFAVTVRQSRNWADAKQRVIAAYRAWIRAAPEIQTMYSIPFPVSHIRTRIRQEFERHRYVNKLNVVDVLLQQSN
ADFQETMNFWRQQSHVMAFFKEEHFRGEKRLPSNFITGFLEGRN
;
P
24 'polypeptide(L)'
;MSNRQAALSLYRRALKLALDWTVHRNLWRGQALYIRSLFEKNRNVTDPRLQRALLKETEKLLEKWKHPDPYCPPTAPGGS
KYERNLPVPNLEPPPPLKF
;
R
25 'polypeptide(L)'
;MDGGPPTFAFRPTARQAPGKLSSAPVTTRLAAAALSRASTVSSKALTPARFRFFSTTQRRAGGHGMQYDPPTGWLWGVRP
GEKYQNEGWEGPFFYGFWGSLIVFAIAYAYKPDTSIQTWALEEARRRLEAEGILEDPNPTKKE
;
S
26 'polypeptide(L)'
;MATRKPAFNQHVLLDTTPLPDSIPKVKEIGASSAPLLSASFFIGARCKDYNDDYMQCKNENPGRGEFECLKEGRRVTRCA
RSVLKDINTHCLEQFRAHWQCLDNNNQQLWQCRPAEWKLNKCVYENLKLEKVIPDQPKNSTPVHLRQRQIFAHHAIPPWE
RPFIPGQPEPQLPAGIEIPEKYKNQS
;
U
27 'polypeptide(L)'
;MPQDMPPPGGYEAVQYKRNLPSRGLFRPRPLLAGAAVLMLYGWYKLVKGIREQNELAREKMWARIHLIPLLQAEEDRDHV
RRYLADQAREKGLLGENIKVYNSDRYVRPTFAVTPSKPAQE
;
W
28 'polypeptide(L)'
;MSNTPTQTYQFPSKTVKTDYPLIDNDPHFTRVIRYARPSDYAHGLAAAAAGPAALWLMERISPSQVGRGGFAKAMRLAGF
IGLAGGFLYFYQRSILRFYGMSENAREVEMDMREMTDRVKAGLPLYGESRLSPAMQGVAARQSRYSALFFGVMPWFNFVN
HNQHGVDTAKYYQQAERELEAERLAREQAQQ
;
X
29 'polypeptide(L)'
;MSSLRPAATSAARLLRNSTASSRATAVAVMPCRAAHNIHVPVQKERTKEDSPLATLPRNAPDYNVPIDIATSTFTPVPKN
VQDGSEENVVPAGLISGAPMELQARTVRIYKPAKPATQSGEKNTQLWRMDWDVLGKGHRWENPLMGWQSSADFMQGTHLT
FKTKEDAIAFAEKQGYEYFVQEPNERHFRPKAYANNFLYSPGKLKHIRTK
;
Y
30 'polypeptide(L)'
;MASKAAAAAASNAVSITKKYTVQSTGIWERIRRALVIDPNRSNGVPLNPYNRNPSPGDNPPLEYTDPVTIPAGDIADNPY
WKRDFRRNYPRPSVIAQAQQVALLSVGSAAQPRVELIGEEGTKALVAAEEEGKEKGVAKYLEEKGAEEAKRVLALTGGLP
PTPSGQTMVTGQWDVHKYGLAEEQSYGGSYPCRSFV
;
Z
31 'polypeptide(L)'
;MLSRRLVRAVAPLRSPVLPAARRLPLIQQRTFLPEAMVGRSKIDEKYPDSDYPTLTDKEDPDMNGGYINPPRIKRQFRDP
HADWWDKQERRNFGEPVHEDHDILGMFSPYEYTWITPGKGLFQIGLFIASFLGLCYVVKLTYPDRVSYPREFEGGLEREL
GGAGAVRAFLCLDDEIMWMVSLYCLPASKLISSPVALQDKSTS
;
a
32 'polypeptide(L)'
;MVNRILFWTGFGLAVRFWQLGIEMRPFFNRKSLWAYPLFGGVGASFGYWLQSIDEKQTKMLEERKQAILEKRARRAQRQA
EAAATAPSPSAQEA
;
b
33 'polypeptide(L)'
;MQPTRILRNNGEKPNITGFDMREFLRHTKTPTYDPWERHEAWRYTGRFSRFNRFKGALPGFGIATVAFTAYCVFEHFFLK
DDHHGHHGEKEHH
;
c
34 'polypeptide(L)'
;MPTPESEAFLAKKPQVPPTFDGVDYEDNKRLKQAQDAIIREQWVQVMMGRLVREELSKCYYREGVNHLEKCGKLRERYLQ
LLANAKVKGYLFEQQNYWSKENQQQ
;
d
35 'polypeptide(L)' MAGGGQHVSRVHRFLATGLGASMWFWIFYRAKKDGPVLLGWKHPWD e
36 'polypeptide(L)'
;MSGRYAFAKGVKELRFLFCQTSQHSAEARSFLNRAYPIMKKHNPTIPILLREAQGTIPRVYARYEFGREKMESLEGLTDK
QIEETVAKLVKTEGA
;
f
37 'polypeptide(L)'
;MSATTPRFWSTPLKYCRWAARERPALFFSVVIGALGPVTLATVPPLRRLIGDVDAAPIPLTYPIPPGPRKQLKGYDDDTE
DN
;
g
38 'polypeptide(L)'
;MSYPTRTLANLRKIGLKEYFRQLLYIGDTKYGELVGVDKFGNKFYENKEELPLRTRWVDYAKHDYDAAHIEPMWHAWISY
QVDTPPTREPLTQIERPWAPKEHVPNRSFTRGAYKPYNTTQPKIQSWEPKAAPR
;
h
39 'polypeptide(L)'
;MGGGPKIPYPKHVWSPAGGWYAQPANWKQNTAIFGLVIFGITAMVWKYSAEHEVRHKMPEPDRFYPSRYWVKQIKDYERA
QKEKQQNNTEASS
;
i
40 'polypeptide(L)' MAGLQHYKIAMDPALVRLGSMISNRYKYFRWTKRTALVSFMYVVVVPSTIGYLAYKTDGLWDLRAKRRGDLISER j
41 'polypeptide(L)'
;MLALRQRAALLARRVRPTVVVPRNARTYASSHDHDHHDHHHDHGHNVEEPLGAAFYIAVGGIASSFVIYNISRPGPNGEP
SSLHKWFSKISDYKDEWETRNTLMAAALEQAAHDKHLLLTAERSRHIELKYPEVFSHGSPFNVPAGFYPNLDHVIEHYRK
QHLEEEERKAKKLAAAAAAASEAR
;
n
42 'polypeptide(L)'
;MRRTILQARPSRVLSRALSSAHGSARPSFAIARSPNEQVFPAGAFYESILRWNPNPVPKPQPIEPPAPEPEPVVEEATPA
EPEPVPEPVAEEKTPEPTPAPVEEKSAAPVEAEAEPAPVEEKAAVPEAAPEPEPEPVAEDKPAPEEKKSSRSPKRQQQEE
SSSAEKPAEKPIRSSGRLDGASAPSPEPQPQDSSQEKPSITFLSGLSGPTSTSSYQSRLESIRSRSRLIAGVLVPPQPTE
PDNCCMSGCVNCVWDAYREEMEAWAAAKAEAERRLAAQEVSSVVGTTEESMHAVEDGKRVERTLGVHGEVADRTGDMARE
LEKGSTSMEEDGAGFGERMEWDEGLYKDVPVGIREFMKQEKRLREERLKRNRKETEHQQG
;
o
#
loop_
_chem_comp.id
_chem_comp.type
_chem_comp.name
_chem_comp.formula
3PE non-polymer 1,2-Distearoyl-sn-glycerophosphoethanolamine 'C41 H82 N O8 P'
CDL non-polymer CARDIOLIPIN 'C81 H156 O17 P2 -2'
FES non-polymer 'FE2/S2 (INORGANIC) CLUSTER' 'Fe2 S2'
FMN non-polymer 'FLAVIN MONONUCLEOTIDE' 'C17 H21 N4 O9 P'
LMN non-polymer 'Lauryl Maltose Neopentyl Glycol' 'C47 H88 O22'
NDP non-polymer 'NADPH DIHYDRO-NICOTINAMIDE-ADENINE-DINUCLEOTIDE PHOSPHATE' 'C21 H30 N7 O17 P3'
PC1 non-polymer 1,2-DIACYL-SN-GLYCERO-3-PHOSPHOCHOLINE 'C44 H88 N O8 P'
SF4 non-polymer 'IRON/SULFUR CLUSTER' 'Fe4 S4'
ZMP non-polymer 'S-[2-({N-[(2S)-2-hydroxy-3,3-dimethyl-4-(phosphonooxy)butanoyl]-beta-alanyl}amino)ethyl] tetradecanethioate' 'C25 H49 N2 O8 P S'
ZN non-polymer 'ZINC ION' 'Zn 2'
#
# COMPACT_ATOMS: atom_id res chain seq x y z
N MET A 1 37.61 33.44 -50.45
CA MET A 1 36.24 33.17 -50.91
C MET A 1 35.73 34.31 -51.79
N SER A 2 34.53 34.14 -52.35
CA SER A 2 33.99 35.11 -53.33
C SER A 2 32.95 36.07 -52.72
N TYR A 3 31.86 35.55 -52.14
CA TYR A 3 30.89 36.49 -51.49
C TYR A 3 30.96 36.36 -49.98
N SER A 4 30.04 37.02 -49.28
CA SER A 4 30.02 37.05 -47.82
C SER A 4 29.73 35.67 -47.24
N GLN A 5 30.43 35.34 -46.15
CA GLN A 5 30.24 34.06 -45.48
C GLN A 5 28.83 33.94 -44.92
N THR A 6 28.30 35.01 -44.33
CA THR A 6 26.97 34.97 -43.76
C THR A 6 25.92 34.68 -44.84
N ILE A 7 26.08 35.28 -46.02
CA ILE A 7 25.16 35.01 -47.12
C ILE A 7 25.19 33.54 -47.50
N ASN A 8 26.40 32.97 -47.61
CA ASN A 8 26.53 31.56 -47.95
C ASN A 8 25.83 30.69 -46.93
N SER A 9 26.04 30.97 -45.65
CA SER A 9 25.45 30.15 -44.60
C SER A 9 23.93 30.28 -44.57
N LEU A 10 23.42 31.50 -44.78
CA LEU A 10 21.98 31.68 -44.94
C LEU A 10 21.43 30.80 -46.05
N VAL A 11 22.03 30.90 -47.24
CA VAL A 11 21.51 30.19 -48.42
C VAL A 11 21.63 28.69 -48.23
N GLU A 12 22.78 28.23 -47.71
CA GLU A 12 22.98 26.80 -47.50
C GLU A 12 21.98 26.24 -46.49
N VAL A 13 21.73 26.99 -45.41
CA VAL A 13 20.75 26.55 -44.42
C VAL A 13 19.35 26.54 -45.02
N VAL A 14 19.00 27.58 -45.78
CA VAL A 14 17.68 27.66 -46.38
C VAL A 14 17.49 26.54 -47.41
N LEU A 15 18.54 26.19 -48.14
CA LEU A 15 18.43 25.14 -49.15
C LEU A 15 18.23 23.76 -48.53
N VAL A 16 18.76 23.52 -47.34
CA VAL A 16 18.57 22.22 -46.70
C VAL A 16 17.27 22.21 -45.89
N LEU A 17 17.03 23.20 -45.08
CA LEU A 17 15.90 23.16 -44.12
C LEU A 17 14.54 23.33 -44.79
N VAL A 18 14.43 24.28 -45.72
CA VAL A 18 13.11 24.57 -46.28
C VAL A 18 12.63 23.40 -47.14
N PRO A 19 13.39 22.92 -48.13
CA PRO A 19 12.91 21.75 -48.89
C PRO A 19 12.74 20.50 -48.05
N SER A 20 13.40 20.44 -46.90
CA SER A 20 13.21 19.27 -46.00
C SER A 20 11.79 19.27 -45.46
N LEU A 21 11.33 20.42 -44.99
CA LEU A 21 9.99 20.50 -44.41
C LEU A 21 8.92 20.27 -45.47
N VAL A 22 9.17 20.70 -46.71
CA VAL A 22 8.25 20.38 -47.80
C VAL A 22 8.17 18.87 -47.99
N GLY A 23 9.32 18.20 -47.98
CA GLY A 23 9.35 16.73 -48.09
C GLY A 23 8.70 16.02 -46.93
N ILE A 24 8.75 16.61 -45.75
CA ILE A 24 8.19 15.96 -44.55
C ILE A 24 6.67 16.12 -44.67
N ALA A 25 6.23 17.27 -45.15
CA ALA A 25 4.79 17.47 -45.31
C ALA A 25 4.20 16.47 -46.30
N TYR A 26 4.89 16.21 -47.40
CA TYR A 26 4.37 15.29 -48.40
C TYR A 26 4.63 13.83 -48.07
N VAL A 27 5.44 13.54 -47.05
CA VAL A 27 5.55 12.13 -46.61
C VAL A 27 4.25 11.78 -45.88
N THR A 28 3.65 12.74 -45.18
CA THR A 28 2.38 12.43 -44.53
C THR A 28 1.26 12.28 -45.55
N VAL A 29 1.26 13.11 -46.60
CA VAL A 29 0.30 12.93 -47.68
C VAL A 29 0.53 11.61 -48.40
N GLY A 30 1.79 11.27 -48.68
CA GLY A 30 2.12 10.00 -49.34
C GLY A 30 1.78 8.77 -48.49
N GLU A 31 1.96 8.89 -47.18
CA GLU A 31 1.57 7.78 -46.28
C GLU A 31 0.08 7.47 -46.45
N ARG A 32 -0.76 8.51 -46.43
CA ARG A 32 -2.22 8.33 -46.53
C ARG A 32 -2.58 7.74 -47.90
N LYS A 33 -1.92 8.18 -48.96
CA LYS A 33 -2.25 7.71 -50.33
C LYS A 33 -1.71 6.29 -50.58
N THR A 34 -0.55 5.95 -50.01
CA THR A 34 0.05 4.60 -50.20
C THR A 34 -0.73 3.55 -49.44
N MET A 35 -1.10 3.85 -48.20
CA MET A 35 -1.94 2.92 -47.41
C MET A 35 -3.31 2.80 -48.08
N GLY A 36 -3.84 3.89 -48.65
CA GLY A 36 -5.13 3.84 -49.37
C GLY A 36 -5.04 2.95 -50.59
N SER A 37 -4.07 3.15 -51.47
CA SER A 37 -3.95 2.23 -52.60
C SER A 37 -3.81 0.79 -52.12
N MET A 38 -3.07 0.58 -51.03
CA MET A 38 -2.95 -0.76 -50.46
C MET A 38 -4.25 -1.24 -49.86
N GLN A 39 -5.11 -0.29 -49.47
CA GLN A 39 -6.41 -0.59 -48.82
C GLN A 39 -7.54 -0.46 -49.85
N ARG A 40 -7.23 -0.47 -51.15
CA ARG A 40 -8.25 -0.46 -52.24
C ARG A 40 -9.05 0.86 -52.21
N ARG A 41 -8.43 1.95 -51.78
CA ARG A 41 -9.09 3.28 -51.60
C ARG A 41 -8.22 4.37 -52.23
N LEU A 42 -8.59 5.63 -52.06
CA LEU A 42 -7.82 6.70 -52.72
C LEU A 42 -6.85 7.41 -51.79
N GLY A 43 -7.25 7.67 -50.56
CA GLY A 43 -6.44 8.54 -49.71
C GLY A 43 -6.73 10.01 -50.10
N PRO A 44 -6.14 11.06 -49.47
CA PRO A 44 -6.43 12.47 -49.76
C PRO A 44 -6.34 12.83 -51.23
N ASN A 45 -7.46 13.28 -51.80
CA ASN A 45 -7.50 13.73 -53.18
C ASN A 45 -8.33 14.99 -53.37
N ALA A 46 -8.80 15.61 -52.30
CA ALA A 46 -9.72 16.73 -52.38
C ALA A 46 -9.17 18.03 -51.82
N VAL A 47 -8.25 18.00 -50.85
CA VAL A 47 -7.69 19.21 -50.29
C VAL A 47 -6.52 19.61 -51.18
N GLY A 48 -6.76 20.59 -52.06
CA GLY A 48 -5.84 20.89 -53.13
C GLY A 48 -5.97 19.89 -54.26
N ILE A 49 -5.36 20.24 -55.41
CA ILE A 49 -5.36 19.34 -56.55
C ILE A 49 -4.67 18.04 -56.18
N TYR A 50 -5.33 16.92 -56.45
CA TYR A 50 -4.84 15.58 -56.13
C TYR A 50 -4.53 15.39 -54.65
N GLY A 51 -5.14 16.21 -53.78
CA GLY A 51 -4.85 16.13 -52.37
C GLY A 51 -3.52 16.68 -51.96
N LEU A 52 -2.91 17.53 -52.79
CA LEU A 52 -1.55 18.01 -52.54
C LEU A 52 -1.48 19.10 -51.47
N LEU A 53 -2.61 19.61 -51.01
CA LEU A 53 -2.63 20.61 -49.94
C LEU A 53 -3.08 20.05 -48.60
N GLN A 54 -3.24 18.73 -48.50
CA GLN A 54 -3.84 18.13 -47.31
C GLN A 54 -3.05 18.43 -46.05
N ALA A 55 -1.71 18.28 -46.11
CA ALA A 55 -0.90 18.48 -44.92
C ALA A 55 -0.89 19.94 -44.48
N PHE A 56 -1.02 20.87 -45.42
CA PHE A 56 -1.09 22.28 -45.06
C PHE A 56 -2.42 22.62 -44.40
N ALA A 57 -3.51 22.00 -44.84
CA ALA A 57 -4.79 22.16 -44.17
C ALA A 57 -4.71 21.63 -42.74
N ASP A 58 -4.13 20.44 -42.56
CA ASP A 58 -4.00 19.85 -41.23
C ASP A 58 -3.22 20.76 -40.29
N ALA A 59 -2.08 21.26 -40.77
CA ALA A 59 -1.21 22.07 -39.91
C ALA A 59 -1.88 23.38 -39.52
N LEU A 60 -2.52 24.06 -40.46
CA LEU A 60 -3.19 25.33 -40.15
C LEU A 60 -4.36 25.11 -39.22
N LYS A 61 -5.10 24.01 -39.39
CA LYS A 61 -6.25 23.71 -38.50
C LYS A 61 -5.73 23.58 -37.07
N LEU A 62 -4.66 22.80 -36.89
CA LEU A 62 -4.15 22.56 -35.55
C LEU A 62 -3.51 23.81 -34.97
N LEU A 63 -2.90 24.63 -35.82
CA LEU A 63 -2.23 25.83 -35.32
C LEU A 63 -3.21 26.91 -34.90
N LEU A 64 -4.47 26.82 -35.35
CA LEU A 64 -5.51 27.77 -34.95
C LEU A 64 -6.50 27.15 -33.97
N LYS A 65 -6.27 25.89 -33.61
CA LYS A 65 -7.12 25.22 -32.60
C LYS A 65 -6.69 25.72 -31.22
N GLU A 66 -7.57 25.66 -30.25
CA GLU A 66 -7.25 26.07 -28.89
C GLU A 66 -6.53 24.96 -28.15
N TYR A 67 -5.52 25.33 -27.35
CA TYR A 67 -4.76 24.35 -26.59
C TYR A 67 -5.37 24.20 -25.19
N VAL A 68 -5.47 22.96 -24.73
CA VAL A 68 -5.96 22.68 -23.40
C VAL A 68 -4.83 22.07 -22.57
N GLY A 69 -4.10 22.93 -21.84
CA GLY A 69 -3.00 22.48 -21.04
C GLY A 69 -3.46 21.82 -19.76
N PRO A 70 -2.49 21.39 -18.95
CA PRO A 70 -2.83 20.75 -17.68
C PRO A 70 -3.38 21.74 -16.66
N THR A 71 -3.63 21.28 -15.43
CA THR A 71 -4.23 22.12 -14.40
C THR A 71 -3.19 23.08 -13.81
N GLN A 72 -2.64 23.92 -14.71
CA GLN A 72 -1.69 24.97 -14.35
C GLN A 72 -0.50 24.42 -13.58
N ALA A 73 0.02 23.27 -14.03
CA ALA A 73 1.25 22.74 -13.45
C ALA A 73 2.42 23.69 -13.69
N ASN A 74 2.63 24.06 -14.95
CA ASN A 74 3.63 25.06 -15.34
C ASN A 74 3.46 25.36 -16.82
N LEU A 75 3.56 26.64 -17.17
CA LEU A 75 3.49 27.02 -18.58
C LEU A 75 4.76 26.61 -19.31
N VAL A 76 5.93 26.90 -18.72
CA VAL A 76 7.19 26.61 -19.39
C VAL A 76 7.39 25.11 -19.55
N LEU A 77 7.19 24.36 -18.46
CA LEU A 77 7.45 22.93 -18.50
C LEU A 77 6.55 22.21 -19.49
N PHE A 78 5.30 22.66 -19.63
CA PHE A 78 4.37 22.00 -20.53
C PHE A 78 4.86 22.07 -21.98
N PHE A 79 5.30 23.25 -22.42
CA PHE A 79 5.84 23.41 -23.77
C PHE A 79 7.29 22.93 -23.88
N LEU A 80 7.98 22.76 -22.76
CA LEU A 80 9.41 22.48 -22.81
C LEU A 80 9.71 21.18 -23.53
N GLY A 81 8.94 20.13 -23.25
CA GLY A 81 9.12 18.85 -23.88
C GLY A 81 8.86 18.86 -25.38
N PRO A 82 7.71 19.36 -25.80
CA PRO A 82 7.46 19.49 -27.25
C PRO A 82 8.52 20.30 -27.99
N VAL A 83 8.98 21.40 -27.42
CA VAL A 83 9.98 22.24 -28.08
C VAL A 83 11.27 21.46 -28.27
N ILE A 84 11.72 20.77 -27.21
CA ILE A 84 12.96 20.01 -27.28
C ILE A 84 12.87 18.93 -28.35
N THR A 85 11.75 18.21 -28.38
CA THR A 85 11.60 17.11 -29.33
C THR A 85 11.69 17.60 -30.77
N LEU A 86 11.03 18.71 -31.08
CA LEU A 86 11.04 19.21 -32.46
C LEU A 86 12.42 19.71 -32.85
N ILE A 87 13.06 20.50 -31.99
CA ILE A 87 14.32 21.13 -32.34
C ILE A 87 15.41 20.08 -32.59
N PHE A 88 15.49 19.07 -31.72
CA PHE A 88 16.54 18.08 -31.84
C PHE A 88 16.21 17.01 -32.89
N SER A 89 14.93 16.84 -33.22
CA SER A 89 14.56 16.00 -34.35
C SER A 89 15.03 16.61 -35.67
N LEU A 90 15.03 17.94 -35.75
CA LEU A 90 15.43 18.63 -36.96
C LEU A 90 16.92 18.93 -37.03
N LEU A 91 17.61 18.91 -35.89
CA LEU A 91 19.02 19.28 -35.85
C LEU A 91 19.90 18.28 -36.61
N GLY A 92 19.46 17.03 -36.74
CA GLY A 92 20.27 16.02 -37.40
C GLY A 92 20.41 16.19 -38.89
N TYR A 93 19.53 16.99 -39.52
CA TYR A 93 19.64 17.24 -40.95
C TYR A 93 20.88 18.04 -41.30
N ALA A 94 21.51 18.69 -40.32
CA ALA A 94 22.61 19.62 -40.57
C ALA A 94 23.91 18.92 -40.96
N VAL A 95 24.02 17.60 -40.83
CA VAL A 95 25.21 16.87 -41.21
C VAL A 95 24.97 15.94 -42.38
N ILE A 96 23.78 15.96 -42.98
CA ILE A 96 23.48 15.12 -44.12
C ILE A 96 24.19 15.64 -45.36
N PRO A 97 25.04 14.85 -46.00
CA PRO A 97 25.70 15.31 -47.23
C PRO A 97 24.85 15.05 -48.47
N TYR A 98 24.45 16.11 -49.15
CA TYR A 98 23.75 16.00 -50.43
C TYR A 98 24.72 16.04 -51.59
N GLY A 99 25.71 15.15 -51.53
CA GLY A 99 26.89 15.24 -52.36
C GLY A 99 28.11 15.31 -51.48
N PRO A 100 29.30 15.07 -52.05
CA PRO A 100 30.52 15.06 -51.23
C PRO A 100 30.80 16.39 -50.55
N GLY A 101 30.69 16.41 -49.22
CA GLY A 101 30.85 17.61 -48.45
C GLY A 101 29.69 18.58 -48.51
N LEU A 102 28.64 18.27 -49.25
CA LEU A 102 27.52 19.18 -49.45
C LEU A 102 26.55 19.04 -48.28
N ALA A 103 27.03 19.48 -47.12
CA ALA A 103 26.27 19.44 -45.88
C ALA A 103 26.39 20.78 -45.19
N VAL A 104 25.39 21.10 -44.37
CA VAL A 104 25.44 22.32 -43.57
C VAL A 104 26.71 22.35 -42.73
N ASN A 105 27.01 21.23 -42.09
CA ASN A 105 28.24 21.05 -41.33
C ASN A 105 28.88 19.73 -41.78
N ASP A 106 29.99 19.82 -42.53
CA ASP A 106 30.78 18.64 -42.97
C ASP A 106 31.62 18.23 -41.77
N LEU A 107 31.04 17.47 -40.84
CA LEU A 107 31.68 17.17 -39.55
C LEU A 107 32.42 15.83 -39.56
N SER A 108 33.65 15.79 -39.03
CA SER A 108 34.42 14.53 -38.91
C SER A 108 33.85 13.63 -37.81
N THR A 109 33.11 14.20 -36.87
CA THR A 109 32.45 13.41 -35.78
C THR A 109 30.95 13.30 -36.10
N GLY A 110 30.54 13.41 -37.37
CA GLY A 110 29.10 13.51 -37.73
C GLY A 110 28.19 12.41 -37.25
N ILE A 111 28.64 11.18 -37.28
CA ILE A 111 27.87 10.06 -36.79
C ILE A 111 27.54 10.22 -35.31
N LEU A 112 28.53 10.67 -34.52
CA LEU A 112 28.30 10.87 -33.09
C LEU A 112 27.40 12.07 -32.84
N TYR A 113 27.44 13.08 -33.71
CA TYR A 113 26.50 14.19 -33.63
C TYR A 113 25.07 13.72 -33.81
N MET A 114 24.83 12.84 -34.78
CA MET A 114 23.46 12.29 -35.03
C MET A 114 22.98 11.46 -33.84
N LEU A 115 23.87 10.69 -33.24
CA LEU A 115 23.49 9.90 -32.07
C LEU A 115 23.15 10.80 -30.89
N ALA A 116 23.93 11.87 -30.68
CA ALA A 116 23.69 12.76 -29.56
C ALA A 116 22.33 13.45 -29.68
N VAL A 117 22.04 14.04 -30.84
CA VAL A 117 20.80 14.79 -30.99
C VAL A 117 19.58 13.89 -30.90
N SER A 118 19.71 12.61 -31.26
CA SER A 118 18.60 11.68 -31.07
C SER A 118 18.39 11.38 -29.59
N SER A 119 19.48 11.25 -28.83
CA SER A 119 19.37 11.01 -27.40
C SER A 119 18.70 12.19 -26.69
N LEU A 120 18.95 13.41 -27.14
CA LEU A 120 18.35 14.58 -26.52
C LEU A 120 16.88 14.74 -26.86
N ALA A 121 16.40 14.06 -27.90
CA ALA A 121 15.00 14.13 -28.32
C ALA A 121 14.08 13.25 -27.48
N THR A 122 14.60 12.17 -26.88
CA THR A 122 13.80 11.31 -26.04
C THR A 122 13.35 12.02 -24.76
N TYR A 123 14.09 13.04 -24.37
CA TYR A 123 13.72 13.84 -23.18
C TYR A 123 12.34 14.47 -23.33
N GLY A 124 12.05 15.04 -24.50
CA GLY A 124 10.79 15.72 -24.71
C GLY A 124 9.59 14.81 -24.51
N ILE A 125 9.70 13.56 -24.98
CA ILE A 125 8.60 12.61 -24.80
C ILE A 125 8.41 12.30 -23.31
N LEU A 126 9.50 12.05 -22.60
CA LEU A 126 9.40 11.73 -21.18
C LEU A 126 8.98 12.95 -20.37
N LEU A 127 9.48 14.12 -20.73
CA LEU A 127 9.11 15.34 -20.02
C LEU A 127 7.67 15.76 -20.31
N ALA A 128 7.10 15.28 -21.41
CA ALA A 128 5.70 15.57 -21.72
C ALA A 128 4.75 14.71 -20.88
N GLY A 129 5.01 13.41 -20.83
CA GLY A 129 4.13 12.52 -20.08
C GLY A 129 4.03 12.88 -18.61
N TRP A 130 5.16 13.22 -18.00
CA TRP A 130 5.15 13.70 -16.61
C TRP A 130 4.37 15.00 -16.50
N SER A 131 4.63 15.95 -17.40
CA SER A 131 3.97 17.25 -17.32
C SER A 131 2.46 17.16 -17.49
N ALA A 132 1.97 16.11 -18.14
CA ALA A 132 0.53 15.96 -18.33
C ALA A 132 -0.22 15.73 -17.02
N ASN A 133 0.48 15.41 -15.94
CA ASN A 133 -0.13 15.21 -14.61
C ASN A 133 -1.22 14.14 -14.65
N SER A 134 -1.00 13.09 -15.45
CA SER A 134 -1.91 11.95 -15.51
C SER A 134 -1.09 10.68 -15.42
N LYS A 135 -1.22 9.96 -14.31
CA LYS A 135 -0.38 8.79 -14.08
C LYS A 135 -0.64 7.70 -15.12
N TYR A 136 -1.80 7.73 -15.77
CA TYR A 136 -2.06 6.77 -16.84
C TYR A 136 -1.22 7.08 -18.08
N ALA A 137 -1.19 8.35 -18.47
CA ALA A 137 -0.42 8.72 -19.67
C ALA A 137 1.07 8.74 -19.39
N PHE A 138 1.47 8.91 -18.13
CA PHE A 138 2.89 8.88 -17.80
C PHE A 138 3.48 7.50 -18.05
N LEU A 139 2.74 6.45 -17.69
CA LEU A 139 3.24 5.09 -17.86
C LEU A 139 3.42 4.75 -19.34
N GLY A 140 2.51 5.23 -20.19
CA GLY A 140 2.68 5.04 -21.62
C GLY A 140 3.87 5.80 -22.17
N SER A 141 4.06 7.05 -21.73
CA SER A 141 5.23 7.80 -22.13
C SER A 141 6.51 7.21 -21.54
N LEU A 142 6.40 6.56 -20.38
CA LEU A 142 7.53 5.85 -19.80
C LEU A 142 7.88 4.62 -20.63
N ARG A 143 6.86 3.84 -21.01
CA ARG A 143 7.10 2.69 -21.88
C ARG A 143 7.66 3.11 -23.22
N SER A 144 7.18 4.22 -23.77
CA SER A 144 7.73 4.73 -25.03
C SER A 144 9.17 5.18 -24.89
N THR A 145 9.60 5.68 -23.73
CA THR A 145 10.99 6.14 -23.49
C THR A 145 11.90 4.90 -23.39
N ALA A 146 11.40 3.86 -22.73
CA ALA A 146 12.13 2.58 -22.60
C ALA A 146 12.34 1.97 -23.97
N GLN A 147 11.37 2.13 -24.85
CA GLN A 147 11.52 1.48 -26.16
C GLN A 147 12.53 2.33 -26.94
N LEU A 148 12.49 3.65 -26.78
CA LEU A 148 13.37 4.48 -27.59
C LEU A 148 14.83 4.30 -27.20
N ILE A 149 15.14 4.23 -25.91
CA ILE A 149 16.52 4.05 -25.50
C ILE A 149 17.03 2.65 -25.85
N SER A 150 16.18 1.63 -25.69
CA SER A 150 16.61 0.27 -25.96
C SER A 150 16.98 0.08 -27.43
N TYR A 151 16.19 0.63 -28.33
CA TYR A 151 16.48 0.52 -29.75
C TYR A 151 17.49 1.55 -30.22
N GLU A 152 17.81 2.52 -29.36
CA GLU A 152 18.94 3.44 -29.63
C GLU A 152 20.20 2.58 -29.52
N LEU A 153 20.21 1.64 -28.58
CA LEU A 153 21.34 0.73 -28.47
C LEU A 153 21.48 -0.14 -29.70
N VAL A 154 20.36 -0.52 -30.32
CA VAL A 154 20.40 -1.32 -31.54
C VAL A 154 21.00 -0.52 -32.68
N LEU A 155 20.64 0.77 -32.78
CA LEU A 155 21.12 1.59 -33.90
C LEU A 155 22.60 1.91 -33.77
N SER A 156 23.06 2.28 -32.56
CA SER A 156 24.47 2.62 -32.37
C SER A 156 25.37 1.39 -32.42
N SER A 157 24.82 0.20 -32.12
CA SER A 157 25.58 -1.03 -32.32
C SER A 157 25.70 -1.37 -33.80
N SER A 158 24.62 -1.18 -34.56
CA SER A 158 24.69 -1.38 -36.00
C SER A 158 25.64 -0.37 -36.65
N ILE A 159 25.58 0.88 -36.20
CA ILE A 159 26.41 1.92 -36.79
C ILE A 159 27.89 1.65 -36.53
N LEU A 160 28.21 1.12 -35.34
CA LEU A 160 29.59 0.75 -35.03
C LEU A 160 30.16 -0.24 -36.04
N LEU A 161 29.33 -1.12 -36.58
CA LEU A 161 29.79 -2.07 -37.60
C LEU A 161 30.12 -1.37 -38.91
N VAL A 162 29.37 -0.32 -39.25
CA VAL A 162 29.66 0.43 -40.48
C VAL A 162 30.94 1.25 -40.33
N ILE A 163 31.17 1.82 -39.13
CA ILE A 163 32.38 2.59 -38.90
C ILE A 163 33.62 1.70 -39.02
N MET A 164 33.52 0.45 -38.57
CA MET A 164 34.64 -0.47 -38.74
C MET A 164 35.00 -0.67 -40.21
N LEU A 165 34.01 -0.66 -41.11
CA LEU A 165 34.29 -0.81 -42.54
C LEU A 165 34.93 0.44 -43.12
N SER A 166 34.41 1.62 -42.80
CA SER A 166 34.90 2.86 -43.38
C SER A 166 36.00 3.52 -42.58
N GLY A 167 36.14 3.19 -41.29
CA GLY A 167 37.16 3.79 -40.47
C GLY A 167 36.97 5.26 -40.18
N SER A 168 35.74 5.76 -40.28
CA SER A 168 35.49 7.19 -40.12
C SER A 168 34.07 7.42 -39.64
N LEU A 169 33.89 8.50 -38.86
CA LEU A 169 32.51 8.97 -38.57
C LEU A 169 32.00 10.06 -39.51
N SER A 170 32.79 10.55 -40.46
CA SER A 170 32.29 11.53 -41.46
C SER A 170 31.23 10.87 -42.36
N LEU A 171 30.05 11.47 -42.43
CA LEU A 171 29.03 10.93 -43.32
C LEU A 171 29.50 10.92 -44.77
N THR A 172 30.24 11.94 -45.19
CA THR A 172 30.79 11.99 -46.57
C THR A 172 31.71 10.79 -46.83
N VAL A 173 32.64 10.54 -45.93
CA VAL A 173 33.61 9.41 -46.08
C VAL A 173 32.87 8.09 -46.10
N ILE A 174 31.89 7.93 -45.24
CA ILE A 174 31.07 6.69 -45.31
C ILE A 174 30.51 6.51 -46.72
N VAL A 175 29.96 7.56 -47.30
CA VAL A 175 29.35 7.46 -48.66
C VAL A 175 30.43 7.15 -49.71
N GLU A 176 31.54 7.87 -49.71
CA GLU A 176 32.66 7.70 -50.67
C GLU A 176 33.19 6.26 -50.57
N SER A 177 33.26 5.73 -49.35
CA SER A 177 33.80 4.37 -49.14
C SER A 177 32.89 3.29 -49.74
N GLN A 178 31.68 3.66 -50.12
CA GLN A 178 30.71 2.74 -50.78
C GLN A 178 30.86 2.75 -52.31
N ARG A 179 31.76 3.54 -52.89
CA ARG A 179 32.04 3.45 -54.37
C ARG A 179 32.63 2.06 -54.61
N ALA A 180 33.20 1.45 -53.58
CA ALA A 180 33.74 0.07 -53.65
C ALA A 180 32.56 -0.89 -53.68
N ILE A 181 31.62 -0.75 -52.75
CA ILE A 181 30.40 -1.54 -52.71
C ILE A 181 29.44 -0.88 -51.73
N TRP A 182 28.15 -0.92 -52.01
CA TRP A 182 27.17 -0.49 -51.02
C TRP A 182 27.20 -1.45 -49.83
N TYR A 183 27.19 -0.91 -48.62
CA TYR A 183 27.39 -1.73 -47.44
C TYR A 183 26.24 -2.70 -47.17
N ILE A 184 25.11 -2.53 -47.85
CA ILE A 184 24.01 -3.47 -47.71
C ILE A 184 24.39 -4.87 -48.16
N LEU A 185 25.36 -5.01 -49.06
CA LEU A 185 25.74 -6.36 -49.46
C LEU A 185 26.65 -7.01 -48.43
N PRO A 186 27.79 -6.40 -48.05
CA PRO A 186 28.63 -7.05 -47.02
C PRO A 186 27.98 -7.08 -45.65
N LEU A 187 27.16 -6.10 -45.31
CA LEU A 187 26.54 -5.99 -43.99
C LEU A 187 25.03 -6.19 -44.07
N LEU A 188 24.60 -7.18 -44.85
CA LEU A 188 23.17 -7.36 -45.09
C LEU A 188 22.37 -7.61 -43.80
N PRO A 189 22.79 -8.51 -42.89
CA PRO A 189 22.04 -8.62 -41.63
C PRO A 189 22.00 -7.33 -40.84
N VAL A 190 23.08 -6.54 -40.86
CA VAL A 190 23.10 -5.27 -40.13
C VAL A 190 22.08 -4.29 -40.69
N PHE A 191 21.98 -4.22 -42.02
CA PHE A 191 21.00 -3.33 -42.65
C PHE A 191 19.58 -3.68 -42.23
N ILE A 192 19.25 -4.97 -42.20
CA ILE A 192 17.91 -5.38 -41.80
C ILE A 192 17.65 -5.03 -40.35
N ILE A 193 18.61 -5.30 -39.47
CA ILE A 193 18.47 -4.95 -38.06
C ILE A 193 18.38 -3.44 -37.88
N PHE A 194 19.21 -2.70 -38.61
CA PHE A 194 19.18 -1.24 -38.47
C PHE A 194 17.85 -0.66 -38.94
N PHE A 195 17.29 -1.19 -40.03
CA PHE A 195 15.99 -0.71 -40.49
C PHE A 195 14.90 -1.01 -39.48
N ILE A 196 14.92 -2.21 -38.90
CA ILE A 196 13.96 -2.56 -37.86
C ILE A 196 14.13 -1.64 -36.66
N GLY A 197 15.37 -1.40 -36.26
CA GLY A 197 15.61 -0.49 -35.15
C GLY A 197 15.14 0.91 -35.43
N SER A 198 15.28 1.37 -36.68
CA SER A 198 14.83 2.71 -37.04
C SER A 198 13.31 2.83 -36.98
N VAL A 199 12.59 1.75 -37.30
CA VAL A 199 11.13 1.78 -37.17
C VAL A 199 10.74 1.86 -35.69
N ALA A 200 11.37 1.06 -34.84
CA ALA A 200 11.10 1.12 -33.41
C ALA A 200 11.50 2.46 -32.83
N GLU A 201 12.63 3.01 -33.29
CA GLU A 201 13.13 4.28 -32.77
C GLU A 201 12.18 5.43 -33.07
N THR A 202 11.30 5.24 -34.04
CA THR A 202 10.39 6.33 -34.48
C THR A 202 8.98 6.07 -33.95
N ASN A 203 8.81 5.07 -33.08
CA ASN A 203 7.49 4.74 -32.50
C ASN A 203 6.51 4.41 -33.64
N ARG A 204 7.01 3.85 -34.74
CA ARG A 204 6.21 3.48 -35.88
C ARG A 204 5.75 2.02 -35.79
N ALA A 205 4.61 1.76 -36.43
CA ALA A 205 4.07 0.40 -36.45
C ALA A 205 5.04 -0.54 -37.15
N PRO A 206 5.16 -1.79 -36.70
CA PRO A 206 4.37 -2.45 -35.64
C PRO A 206 4.77 -2.12 -34.20
N PHE A 207 5.59 -1.09 -34.01
CA PHE A 207 6.08 -0.67 -32.69
C PHE A 207 5.39 0.60 -32.20
N ASP A 208 4.07 0.73 -32.40
CA ASP A 208 3.39 2.02 -32.34
C ASP A 208 2.48 2.13 -31.13
N LEU A 209 2.89 1.58 -29.98
CA LEU A 209 2.04 1.67 -28.79
C LEU A 209 1.83 3.11 -28.35
N ALA A 210 2.79 4.00 -28.64
CA ALA A 210 2.69 5.38 -28.20
C ALA A 210 1.42 6.06 -28.68
N GLU A 211 0.95 5.71 -29.86
CA GLU A 211 -0.24 6.37 -30.44
C GLU A 211 -1.41 5.41 -30.53
N ALA A 212 -1.29 4.19 -30.01
CA ALA A 212 -2.34 3.18 -30.16
C ALA A 212 -3.47 3.48 -29.18
N GLU A 213 -4.67 3.70 -29.71
CA GLU A 213 -5.84 3.98 -28.90
C GLU A 213 -6.66 2.74 -28.58
N SER A 214 -6.58 1.70 -29.41
CA SER A 214 -7.34 0.49 -29.18
C SER A 214 -6.77 -0.34 -28.03
N GLU A 215 -5.45 -0.40 -27.91
CA GLU A 215 -4.84 -0.95 -26.71
C GLU A 215 -5.27 -0.13 -25.51
N LEU A 216 -5.66 -0.82 -24.43
CA LEU A 216 -6.34 -0.15 -23.34
C LEU A 216 -5.47 0.90 -22.66
N VAL A 217 -4.19 0.58 -22.43
CA VAL A 217 -3.31 1.45 -21.66
C VAL A 217 -2.43 2.31 -22.55
N SER A 218 -2.42 2.08 -23.85
CA SER A 218 -1.52 2.76 -24.76
C SER A 218 -2.10 4.11 -25.20
N GLY A 219 -1.44 4.76 -26.13
CA GLY A 219 -1.94 6.01 -26.68
C GLY A 219 -1.49 7.26 -25.94
N PHE A 220 -0.22 7.34 -25.54
CA PHE A 220 0.28 8.53 -24.88
C PHE A 220 0.21 9.74 -25.81
N MET A 221 0.63 9.59 -27.06
CA MET A 221 0.57 10.68 -28.07
C MET A 221 -0.87 11.09 -28.37
N THR A 222 -1.86 10.26 -28.03
CA THR A 222 -3.24 10.56 -28.40
C THR A 222 -3.83 11.70 -27.60
N GLU A 223 -3.24 12.05 -26.47
CA GLU A 223 -3.62 13.25 -25.72
C GLU A 223 -2.61 14.33 -26.02
N HIS A 224 -2.71 14.93 -27.21
CA HIS A 224 -1.85 16.09 -27.61
C HIS A 224 -2.72 16.92 -28.55
N ALA A 225 -3.05 18.13 -28.17
CA ALA A 225 -4.02 18.93 -28.94
C ALA A 225 -3.33 20.12 -29.58
N ALA A 226 -3.91 20.63 -30.68
CA ALA A 226 -3.44 21.91 -31.26
C ALA A 226 -1.94 21.94 -31.52
N VAL A 227 -1.29 22.99 -31.03
CA VAL A 227 0.17 23.19 -31.27
C VAL A 227 1.00 22.00 -30.75
N ILE A 228 0.63 21.38 -29.62
CA ILE A 228 1.47 20.31 -29.07
C ILE A 228 1.46 19.12 -30.01
N PHE A 229 0.30 18.83 -30.62
CA PHE A 229 0.23 17.77 -31.62
C PHE A 229 1.12 18.08 -32.81
N VAL A 230 1.11 19.34 -33.27
CA VAL A 230 1.95 19.73 -34.39
C VAL A 230 3.43 19.52 -34.06
N PHE A 231 3.83 19.95 -32.88
CA PHE A 231 5.24 19.74 -32.45
C PHE A 231 5.59 18.25 -32.52
N PHE A 232 4.83 17.40 -31.85
CA PHE A 232 5.19 15.96 -31.77
C PHE A 232 5.13 15.29 -33.13
N PHE A 233 4.10 15.59 -33.93
CA PHE A 233 3.90 14.95 -35.25
C PHE A 233 5.01 15.36 -36.23
N LEU A 234 5.34 16.65 -36.25
CA LEU A 234 6.40 17.15 -37.16
C LEU A 234 7.72 16.49 -36.79
N ALA A 235 7.96 16.36 -35.48
CA ALA A 235 9.20 15.74 -34.98
C ALA A 235 9.27 14.29 -35.41
N GLU A 236 8.14 13.60 -35.37
CA GLU A 236 8.11 12.17 -35.75
C GLU A 236 8.35 11.96 -37.26
N TYR A 237 7.68 12.72 -38.11
CA TYR A 237 7.86 12.62 -39.59
C TYR A 237 9.26 13.08 -39.92
N GLY A 238 9.72 14.12 -39.22
CA GLY A 238 11.09 14.57 -39.41
C GLY A 238 12.11 13.49 -39.05
N SER A 239 11.85 12.71 -38.01
CA SER A 239 12.75 11.62 -37.65
C SER A 239 12.62 10.44 -38.62
N ILE A 240 11.41 10.21 -39.13
CA ILE A 240 11.22 9.12 -40.08
C ILE A 240 12.04 9.36 -41.34
N VAL A 241 11.96 10.60 -41.84
CA VAL A 241 12.72 10.96 -43.07
C VAL A 241 14.22 10.86 -42.78
N LEU A 242 14.67 11.36 -41.63
CA LEU A 242 16.11 11.32 -41.25
C LEU A 242 16.63 9.89 -40.99
N MET A 243 15.76 8.99 -40.54
CA MET A 243 16.20 7.60 -40.30
C MET A 243 16.26 6.92 -41.67
N CYS A 244 15.44 7.35 -42.63
CA CYS A 244 15.55 6.80 -43.97
C CYS A 244 16.75 7.37 -44.70
N ILE A 245 17.05 8.64 -44.50
CA ILE A 245 18.24 9.24 -45.11
C ILE A 245 19.50 8.58 -44.57
N LEU A 246 19.62 8.47 -43.23
CA LEU A 246 20.77 7.80 -42.59
C LEU A 246 20.88 6.32 -42.98
N THR A 247 19.77 5.65 -43.19
CA THR A 247 19.85 4.26 -43.66
C THR A 247 20.42 4.19 -45.06
N SER A 248 19.99 5.09 -45.95
CA SER A 248 20.57 5.15 -47.28
C SER A 248 22.04 5.54 -47.23
N ILE A 249 22.40 6.47 -46.34
CA ILE A 249 23.79 6.89 -46.21
C ILE A 249 24.68 5.71 -45.82
N LEU A 250 24.23 4.92 -44.83
CA LEU A 250 25.08 3.88 -44.27
C LEU A 250 25.14 2.63 -45.14
N PHE A 251 24.05 2.28 -45.82
CA PHE A 251 23.95 0.98 -46.48
C PHE A 251 23.65 1.04 -47.97
N LEU A 252 23.02 2.10 -48.46
CA LEU A 252 22.63 2.18 -49.87
C LEU A 252 23.51 3.13 -50.67
N GLY A 253 24.70 3.45 -50.15
CA GLY A 253 25.63 4.27 -50.88
C GLY A 253 25.32 5.76 -50.88
N GLY A 254 24.42 6.22 -50.02
CA GLY A 254 24.18 7.65 -49.89
C GLY A 254 23.72 8.28 -51.19
N TYR A 255 24.43 9.34 -51.60
CA TYR A 255 24.08 10.10 -52.79
C TYR A 255 24.62 9.48 -54.08
N LEU A 256 25.33 8.36 -53.99
CA LEU A 256 25.95 7.75 -55.16
C LEU A 256 24.90 7.27 -56.16
N LEU A 257 25.27 7.30 -57.44
CA LEU A 257 24.38 6.87 -58.50
C LEU A 257 24.41 5.35 -58.62
N ILE A 258 23.58 4.83 -59.53
CA ILE A 258 23.48 3.40 -59.73
C ILE A 258 24.46 2.94 -60.81
N ASN A 303 29.04 17.19 -66.11
CA ASN A 303 30.23 18.02 -66.01
C ASN A 303 29.90 19.38 -65.38
N ALA A 304 28.67 19.84 -65.58
CA ALA A 304 28.24 21.11 -65.00
C ALA A 304 27.99 20.93 -63.51
N PRO A 305 28.35 21.92 -62.68
CA PRO A 305 28.11 21.78 -61.24
C PRO A 305 26.64 21.63 -60.88
N THR A 306 25.74 22.29 -61.60
CA THR A 306 24.33 22.25 -61.25
C THR A 306 23.74 20.87 -61.44
N VAL A 307 24.07 20.21 -62.56
CA VAL A 307 23.51 18.90 -62.84
C VAL A 307 24.15 17.79 -62.01
N GLU A 308 25.44 17.89 -61.73
CA GLU A 308 26.13 16.90 -60.86
C GLU A 308 25.45 16.97 -59.49
N GLY A 309 25.26 18.18 -58.99
CA GLY A 309 24.59 18.33 -57.70
C GLY A 309 23.17 17.80 -57.73
N SER A 310 22.45 18.06 -58.82
CA SER A 310 21.07 17.60 -58.93
C SER A 310 21.00 16.08 -58.92
N PHE A 311 21.91 15.42 -59.66
CA PHE A 311 21.90 13.95 -59.71
C PHE A 311 22.23 13.35 -58.36
N TYR A 312 23.20 13.94 -57.64
CA TYR A 312 23.51 13.45 -56.30
C TYR A 312 22.33 13.64 -55.35
N GLY A 313 21.68 14.81 -55.41
CA GLY A 313 20.48 15.01 -54.62
C GLY A 313 19.37 14.05 -55.00
N LEU A 314 19.16 13.85 -56.31
CA LEU A 314 18.12 12.95 -56.78
C LEU A 314 18.39 11.51 -56.36
N SER A 315 19.64 11.05 -56.44
CA SER A 315 19.94 9.67 -56.09
C SER A 315 19.71 9.43 -54.59
N LEU A 316 20.13 10.37 -53.75
CA LEU A 316 19.81 10.28 -52.33
C LEU A 316 18.31 10.32 -52.09
N GLY A 317 17.60 11.17 -52.85
CA GLY A 317 16.16 11.25 -52.68
C GLY A 317 15.44 9.98 -53.09
N VAL A 318 15.84 9.39 -54.22
CA VAL A 318 15.21 8.15 -54.68
C VAL A 318 15.40 7.04 -53.64
N LYS A 319 16.61 6.92 -53.12
CA LYS A 319 16.87 5.89 -52.11
C LYS A 319 16.11 6.16 -50.82
N THR A 320 16.07 7.43 -50.39
CA THR A 320 15.32 7.78 -49.20
C THR A 320 13.83 7.52 -49.39
N SER A 321 13.30 7.89 -50.57
CA SER A 321 11.87 7.71 -50.83
C SER A 321 11.47 6.24 -50.80
N ILE A 322 12.34 5.37 -51.31
CA ILE A 322 12.04 3.93 -51.31
C ILE A 322 11.92 3.41 -49.88
N LEU A 323 12.83 3.83 -49.01
CA LEU A 323 12.75 3.41 -47.61
C LEU A 323 11.57 4.06 -46.91
N ILE A 324 11.17 5.27 -47.32
CA ILE A 324 9.93 5.84 -46.76
C ILE A 324 8.74 4.97 -47.22
N PHE A 325 8.75 4.51 -48.48
CA PHE A 325 7.67 3.66 -48.95
C PHE A 325 7.61 2.35 -48.17
N VAL A 326 8.76 1.71 -47.96
CA VAL A 326 8.81 0.50 -47.15
C VAL A 326 8.33 0.80 -45.74
N PHE A 327 8.70 1.98 -45.23
CA PHE A 327 8.29 2.39 -43.89
C PHE A 327 6.77 2.44 -43.78
N ILE A 328 6.12 3.03 -44.77
CA ILE A 328 4.66 3.03 -44.84
C ILE A 328 4.15 1.62 -45.08
N TRP A 329 4.86 0.84 -45.90
CA TRP A 329 4.43 -0.49 -46.27
C TRP A 329 4.31 -1.42 -45.06
N THR A 330 5.23 -1.30 -44.10
CA THR A 330 5.17 -2.18 -42.94
C THR A 330 4.03 -1.79 -41.99
N ARG A 331 3.75 -0.50 -41.82
CA ARG A 331 2.60 -0.05 -40.98
C ARG A 331 1.28 -0.64 -41.48
N ALA A 332 1.14 -0.71 -42.80
CA ALA A 332 -0.10 -1.23 -43.35
C ALA A 332 -0.16 -2.77 -43.32
N SER A 333 0.99 -3.43 -43.18
CA SER A 333 1.04 -4.88 -43.39
C SER A 333 0.95 -5.70 -42.12
N PHE A 334 1.32 -5.16 -40.96
CA PHE A 334 1.49 -5.98 -39.77
C PHE A 334 0.56 -5.54 -38.65
N PRO A 335 0.24 -6.45 -37.74
CA PRO A 335 -0.38 -6.06 -36.47
C PRO A 335 0.68 -5.56 -35.50
N ARG A 336 0.23 -5.15 -34.32
CA ARG A 336 1.04 -4.45 -33.34
C ARG A 336 1.62 -5.42 -32.32
N ILE A 337 2.89 -5.23 -31.98
CA ILE A 337 3.57 -6.07 -30.99
C ILE A 337 3.34 -5.50 -29.60
N ARG A 338 3.14 -6.41 -28.63
CA ARG A 338 2.95 -5.99 -27.21
C ARG A 338 4.26 -5.45 -26.64
N PHE A 339 4.18 -4.58 -25.64
CA PHE A 339 5.36 -3.93 -25.07
C PHE A 339 6.35 -4.95 -24.53
N ASP A 340 5.88 -5.97 -23.82
CA ASP A 340 6.79 -6.96 -23.28
C ASP A 340 7.47 -7.77 -24.37
N GLN A 341 6.78 -7.99 -25.50
CA GLN A 341 7.38 -8.74 -26.60
C GLN A 341 8.41 -7.88 -27.36
N LEU A 342 8.14 -6.58 -27.52
CA LEU A 342 9.07 -5.74 -28.26
C LEU A 342 10.34 -5.48 -27.47
N MET A 343 10.25 -5.43 -26.15
CA MET A 343 11.46 -5.32 -25.35
C MET A 343 12.25 -6.62 -25.37
N SER A 344 11.57 -7.77 -25.42
CA SER A 344 12.26 -9.05 -25.50
C SER A 344 12.90 -9.24 -26.87
N PHE A 345 12.27 -8.73 -27.93
CA PHE A 345 12.86 -8.78 -29.26
C PHE A 345 14.17 -8.02 -29.30
N CYS A 346 14.20 -6.83 -28.72
CA CYS A 346 15.42 -6.02 -28.71
C CYS A 346 16.54 -6.70 -27.93
N TRP A 347 16.24 -7.13 -26.70
CA TRP A 347 17.30 -7.53 -25.78
C TRP A 347 17.69 -9.00 -25.90
N THR A 348 16.84 -9.85 -26.47
CA THR A 348 17.18 -11.26 -26.60
C THR A 348 17.33 -11.73 -28.03
N VAL A 349 17.11 -10.88 -29.02
CA VAL A 349 17.29 -11.28 -30.42
C VAL A 349 18.27 -10.34 -31.13
N LEU A 350 17.91 -9.06 -31.23
CA LEU A 350 18.70 -8.15 -32.05
C LEU A 350 20.07 -7.85 -31.44
N LEU A 351 20.12 -7.51 -30.16
CA LEU A 351 21.38 -7.18 -29.50
C LEU A 351 22.34 -8.37 -29.41
N PRO A 352 21.89 -9.57 -29.03
CA PRO A 352 22.84 -10.71 -29.04
C PRO A 352 23.42 -11.00 -30.41
N ILE A 353 22.66 -10.80 -31.49
CA ILE A 353 23.20 -10.96 -32.83
C ILE A 353 24.22 -9.87 -33.14
N LEU A 354 23.89 -8.62 -32.77
CA LEU A 354 24.78 -7.50 -33.06
C LEU A 354 26.10 -7.62 -32.32
N PHE A 355 26.05 -8.00 -31.05
CA PHE A 355 27.29 -8.17 -30.29
C PHE A 355 28.10 -9.34 -30.81
N ALA A 356 27.45 -10.36 -31.37
CA ALA A 356 28.17 -11.41 -32.06
C ALA A 356 28.81 -10.89 -33.34
N LEU A 357 28.11 -10.01 -34.06
CA LEU A 357 28.68 -9.42 -35.27
C LEU A 357 29.82 -8.47 -34.94
N ILE A 358 29.76 -7.81 -33.78
CA ILE A 358 30.83 -6.94 -33.33
C ILE A 358 32.12 -7.71 -33.09
N VAL A 359 32.03 -8.98 -32.74
CA VAL A 359 33.23 -9.81 -32.65
C VAL A 359 33.71 -10.25 -34.02
N LEU A 360 32.79 -10.75 -34.85
CA LEU A 360 33.18 -11.40 -36.11
C LEU A 360 33.78 -10.40 -37.10
N VAL A 361 33.15 -9.24 -37.26
CA VAL A 361 33.51 -8.34 -38.36
C VAL A 361 34.96 -7.86 -38.28
N PRO A 362 35.44 -7.33 -37.15
CA PRO A 362 36.87 -6.94 -37.11
C PRO A 362 37.82 -8.11 -37.27
N CYS A 363 37.43 -9.32 -36.83
CA CYS A 363 38.27 -10.48 -37.09
C CYS A 363 38.38 -10.76 -38.58
N ILE A 364 37.28 -10.63 -39.33
CA ILE A 364 37.34 -10.75 -40.78
C ILE A 364 38.22 -9.66 -41.36
N LEU A 365 38.05 -8.42 -40.93
CA LEU A 365 38.86 -7.29 -41.45
C LEU A 365 40.35 -7.54 -41.24
N TYR A 366 40.76 -7.96 -40.05
CA TYR A 366 42.17 -8.28 -39.74
C TYR A 366 42.67 -9.47 -40.56
N SER A 367 41.85 -10.49 -40.73
CA SER A 367 42.24 -11.76 -41.39
C SER A 367 42.46 -11.53 -42.88
N PHE A 368 41.81 -10.51 -43.44
CA PHE A 368 41.96 -10.23 -44.86
C PHE A 368 42.79 -8.98 -45.13
N ASN A 369 43.43 -8.43 -44.11
CA ASN A 369 44.25 -7.22 -44.21
C ASN A 369 43.47 -6.06 -44.82
N ILE A 370 42.25 -5.90 -44.32
CA ILE A 370 41.32 -4.87 -44.86
C ILE A 370 40.90 -3.90 -43.77
N PHE A 371 41.72 -3.74 -42.73
CA PHE A 371 41.43 -2.68 -41.74
C PHE A 371 41.76 -1.40 -42.47
N PRO A 372 40.76 -0.53 -42.66
CA PRO A 372 40.98 0.69 -43.42
C PRO A 372 41.87 1.72 -42.73
N VAL A 373 42.35 2.68 -43.50
CA VAL A 373 43.13 3.77 -42.93
C VAL A 373 42.16 4.82 -42.36
N ASN A 374 42.58 5.46 -41.28
CA ASN A 374 41.73 6.39 -40.57
C ASN A 374 42.09 7.85 -40.85
N ILE A 375 43.07 8.10 -41.71
CA ILE A 375 43.46 9.46 -42.08
C ILE A 375 42.41 10.05 -43.00
N SER A 376 42.53 11.39 -43.18
CA SER A 376 41.64 12.08 -44.15
C SER A 376 41.89 11.56 -45.57
N LEU A 377 41.01 10.68 -46.05
CA LEU A 377 41.10 10.18 -47.44
C LEU A 377 39.65 10.00 -47.88
N LEU A 378 39.32 10.48 -49.05
CA LEU A 378 37.92 10.40 -49.56
C LEU A 378 37.03 11.50 -48.92
N MET B 1 44.69 -14.74 -12.04
CA MET B 1 43.89 -15.84 -11.50
C MET B 1 42.59 -15.36 -10.86
N ILE B 2 42.65 -14.26 -10.11
CA ILE B 2 41.43 -13.70 -9.52
C ILE B 2 40.46 -13.28 -10.62
N MET B 3 40.99 -12.81 -11.75
CA MET B 3 40.13 -12.36 -12.84
C MET B 3 39.53 -13.52 -13.61
N ILE B 4 40.29 -14.60 -13.80
CA ILE B 4 39.74 -15.80 -14.43
C ILE B 4 38.65 -16.39 -13.56
N SER B 5 38.88 -16.43 -12.25
CA SER B 5 37.87 -16.97 -11.34
C SER B 5 36.61 -16.14 -11.36
N ILE B 6 36.74 -14.81 -11.38
CA ILE B 6 35.56 -13.95 -11.41
C ILE B 6 34.76 -14.18 -12.69
N LEU B 7 35.44 -14.21 -13.83
CA LEU B 7 34.76 -14.45 -15.10
C LEU B 7 34.17 -15.85 -15.16
N SER B 8 34.93 -16.85 -14.72
CA SER B 8 34.45 -18.23 -14.75
C SER B 8 33.28 -18.45 -13.80
N LEU B 9 33.37 -17.90 -12.59
CA LEU B 9 32.27 -18.00 -11.64
C LEU B 9 31.02 -17.32 -12.18
N LEU B 10 31.19 -16.14 -12.79
CA LEU B 10 30.04 -15.41 -13.33
C LEU B 10 29.35 -16.20 -14.42
N LEU B 11 30.11 -16.82 -15.32
CA LEU B 11 29.50 -17.61 -16.39
C LEU B 11 28.71 -18.78 -15.82
N SER B 12 29.30 -19.50 -14.86
CA SER B 12 28.58 -20.59 -14.21
C SER B 12 27.38 -20.06 -13.42
N THR B 13 27.51 -18.87 -12.83
CA THR B 13 26.42 -18.28 -12.08
C THR B 13 25.34 -17.73 -13.01
N SER B 14 25.73 -17.27 -14.19
CA SER B 14 24.79 -16.62 -15.10
C SER B 14 23.68 -17.57 -15.53
N VAL B 15 23.99 -18.85 -15.69
CA VAL B 15 23.04 -19.77 -16.31
C VAL B 15 22.35 -20.63 -15.27
N THR B 16 22.34 -20.19 -14.01
CA THR B 16 21.65 -20.90 -12.94
C THR B 16 20.80 -19.94 -12.13
N LEU B 17 19.71 -20.47 -11.59
CA LEU B 17 18.86 -19.74 -10.64
C LEU B 17 18.69 -20.51 -9.33
N ARG B 18 19.46 -21.58 -9.14
CA ARG B 18 19.29 -22.47 -7.99
C ARG B 18 20.03 -21.93 -6.78
N ARG B 19 19.29 -21.56 -5.74
CA ARG B 19 19.93 -21.01 -4.54
C ARG B 19 20.62 -22.07 -3.70
N ASP B 20 20.37 -23.35 -3.98
CA ASP B 20 21.13 -24.41 -3.31
C ASP B 20 22.54 -24.55 -3.87
N MET B 21 22.87 -23.84 -4.96
CA MET B 21 24.24 -23.79 -5.46
C MET B 21 25.12 -22.84 -4.69
N SER B 22 24.54 -22.00 -3.82
CA SER B 22 25.29 -20.92 -3.18
C SER B 22 26.44 -21.45 -2.34
N ILE B 23 26.19 -22.51 -1.57
CA ILE B 23 27.25 -23.05 -0.72
C ILE B 23 28.38 -23.63 -1.57
N LEU B 24 28.03 -24.26 -2.70
CA LEU B 24 29.05 -24.81 -3.59
C LEU B 24 29.87 -23.71 -4.24
N PHE B 25 29.22 -22.62 -4.66
CA PHE B 25 29.96 -21.52 -5.29
C PHE B 25 30.93 -20.89 -4.31
N ASN B 26 30.54 -20.80 -3.03
CA ASN B 26 31.44 -20.27 -2.02
C ASN B 26 32.67 -21.15 -1.85
N ARG B 27 32.50 -22.47 -1.90
CA ARG B 27 33.63 -23.38 -1.76
C ARG B 27 34.57 -23.29 -2.95
N ILE B 28 34.03 -23.15 -4.16
CA ILE B 28 34.88 -22.98 -5.34
C ILE B 28 35.66 -21.67 -5.25
N SER B 29 35.06 -20.64 -4.66
CA SER B 29 35.79 -19.40 -4.46
C SER B 29 36.96 -19.58 -3.49
N ILE B 30 36.81 -20.46 -2.49
CA ILE B 30 37.93 -20.79 -1.63
C ILE B 30 39.03 -21.48 -2.42
N ILE B 31 38.65 -22.45 -3.26
CA ILE B 31 39.62 -23.15 -4.09
C ILE B 31 40.31 -22.19 -5.05
N ALA B 32 39.53 -21.27 -5.64
CA ALA B 32 40.10 -20.31 -6.59
C ALA B 32 41.12 -19.40 -5.91
N LEU B 33 40.82 -18.94 -4.70
CA LEU B 33 41.76 -18.07 -3.99
C LEU B 33 43.00 -18.83 -3.56
N ALA B 34 42.89 -20.14 -3.36
CA ALA B 34 44.07 -20.94 -3.04
C ALA B 34 45.06 -20.95 -4.20
N TYR B 35 44.55 -21.03 -5.44
CA TYR B 35 45.43 -20.92 -6.60
C TYR B 35 46.05 -19.53 -6.69
N CYS B 36 45.32 -18.50 -6.28
CA CYS B 36 45.86 -17.14 -6.30
C CYS B 36 47.03 -17.01 -5.32
N ILE B 37 46.93 -17.65 -4.16
CA ILE B 37 48.05 -17.69 -3.23
C ILE B 37 49.24 -18.39 -3.86
N LEU B 38 48.98 -19.50 -4.57
CA LEU B 38 50.06 -20.26 -5.19
C LEU B 38 50.80 -19.43 -6.22
N HIS B 39 50.09 -18.70 -7.07
CA HIS B 39 50.73 -17.92 -8.12
C HIS B 39 51.52 -16.75 -7.56
N ASP B 40 51.08 -16.18 -6.43
CA ASP B 40 51.81 -15.09 -5.80
C ASP B 40 52.92 -15.58 -4.88
N THR B 41 52.79 -16.77 -4.31
CA THR B 41 53.93 -17.39 -3.64
C THR B 41 55.07 -17.63 -4.64
N MET B 42 54.73 -18.03 -5.86
CA MET B 42 55.72 -18.24 -6.90
C MET B 42 56.46 -16.96 -7.25
N SER B 43 55.84 -15.81 -7.05
CA SER B 43 56.37 -14.55 -7.57
C SER B 43 57.28 -13.83 -6.58
N LEU B 44 57.67 -14.41 -5.46
CA LEU B 44 58.45 -13.62 -4.45
C LEU B 44 59.97 -13.80 -4.55
N SER B 45 60.48 -14.47 -5.56
CA SER B 45 61.93 -14.79 -5.69
C SER B 45 62.74 -13.68 -6.36
N PHE B 46 62.66 -12.45 -5.87
CA PHE B 46 63.41 -11.29 -6.39
C PHE B 46 63.45 -10.24 -5.28
N ILE B 47 64.44 -9.36 -5.26
CA ILE B 47 64.55 -8.26 -4.32
C ILE B 47 64.55 -6.98 -5.13
N SER B 48 63.55 -6.14 -4.93
CA SER B 48 63.46 -4.88 -5.64
C SER B 48 62.54 -3.93 -4.91
N LYS B 49 62.86 -2.64 -4.99
CA LYS B 49 61.93 -1.62 -4.51
C LYS B 49 60.65 -1.60 -5.33
N GLY B 50 60.70 -2.05 -6.58
CA GLY B 50 59.53 -2.09 -7.43
C GLY B 50 59.81 -2.38 -8.90
N ILE B 51 58.94 -3.15 -9.53
CA ILE B 51 59.01 -3.41 -10.96
C ILE B 51 57.68 -2.96 -11.56
N GLY B 52 57.73 -1.88 -12.34
CA GLY B 52 56.54 -1.46 -13.06
C GLY B 52 56.12 -2.49 -14.10
N LEU B 53 54.81 -2.75 -14.16
CA LEU B 53 54.26 -3.77 -15.05
C LEU B 53 53.21 -3.16 -15.96
N HIS B 54 52.96 -3.86 -17.06
CA HIS B 54 51.84 -3.59 -17.96
C HIS B 54 51.83 -2.13 -18.42
N GLY B 55 52.89 -1.75 -19.12
CA GLY B 55 53.01 -0.39 -19.61
C GLY B 55 53.27 0.64 -18.54
N GLY B 56 53.70 0.22 -17.34
CA GLY B 56 53.95 1.13 -16.26
C GLY B 56 52.74 1.55 -15.46
N LEU B 57 51.57 0.98 -15.75
CA LEU B 57 50.36 1.34 -15.02
C LEU B 57 50.24 0.62 -13.69
N LEU B 58 50.93 -0.51 -13.53
CA LEU B 58 50.96 -1.27 -12.30
C LEU B 58 52.41 -1.49 -11.88
N HIS B 59 52.58 -2.03 -10.68
CA HIS B 59 53.91 -2.34 -10.17
C HIS B 59 53.80 -3.50 -9.20
N ILE B 60 54.97 -4.09 -8.95
CA ILE B 60 55.07 -5.23 -8.00
C ILE B 60 56.24 -5.00 -7.07
N THR B 61 56.06 -5.19 -5.77
CA THR B 61 57.14 -5.17 -4.79
C THR B 61 57.04 -6.44 -3.96
N ASN B 62 58.08 -6.69 -3.16
CA ASN B 62 57.99 -7.78 -2.18
C ASN B 62 56.85 -7.49 -1.20
N LEU B 63 56.76 -6.24 -0.74
CA LEU B 63 55.64 -5.83 0.10
C LEU B 63 54.30 -6.07 -0.58
N THR B 64 54.07 -5.61 -1.76
CA THR B 64 52.81 -5.81 -2.53
C THR B 64 52.43 -7.29 -2.58
N GLN B 65 53.44 -8.16 -2.86
CA GLN B 65 53.09 -9.56 -3.03
C GLN B 65 52.78 -10.23 -1.69
N ILE B 66 53.46 -9.84 -0.62
CA ILE B 66 53.16 -10.38 0.70
C ILE B 66 51.72 -10.08 1.09
N PHE B 67 51.26 -8.87 0.78
CA PHE B 67 49.92 -8.46 1.21
C PHE B 67 48.83 -8.85 0.23
N HIS B 68 49.18 -9.22 -1.00
CA HIS B 68 48.24 -9.98 -1.83
C HIS B 68 47.88 -11.30 -1.16
N ILE B 69 48.90 -12.04 -0.71
CA ILE B 69 48.67 -13.33 -0.07
C ILE B 69 47.87 -13.17 1.21
N PHE B 70 48.21 -12.16 2.02
CA PHE B 70 47.46 -11.93 3.25
C PHE B 70 45.98 -11.63 2.96
N ILE B 71 45.72 -10.78 1.96
CA ILE B 71 44.34 -10.50 1.57
C ILE B 71 43.64 -11.77 1.11
N PHE B 72 44.34 -12.63 0.39
CA PHE B 72 43.76 -13.89 -0.06
C PHE B 72 43.44 -14.81 1.11
N ILE B 73 44.34 -14.86 2.10
CA ILE B 73 44.14 -15.78 3.23
C ILE B 73 43.00 -15.30 4.12
N ILE B 74 42.92 -14.00 4.37
CA ILE B 74 41.80 -13.45 5.13
C ILE B 74 40.48 -13.74 4.42
N SER B 75 40.48 -13.63 3.08
CA SER B 75 39.26 -13.86 2.33
C SER B 75 38.85 -15.32 2.33
N ILE B 76 39.82 -16.25 2.32
CA ILE B 76 39.49 -17.66 2.44
C ILE B 76 38.88 -17.96 3.80
N LEU B 77 39.48 -17.42 4.86
CA LEU B 77 38.96 -17.64 6.21
C LEU B 77 37.54 -17.08 6.35
N ILE B 78 37.31 -15.88 5.82
CA ILE B 78 35.99 -15.27 5.91
C ILE B 78 34.99 -16.05 5.06
N LEU B 79 35.42 -16.55 3.90
CA LEU B 79 34.54 -17.28 3.01
C LEU B 79 34.01 -18.56 3.63
N GLN B 80 34.66 -19.08 4.69
CA GLN B 80 34.15 -20.25 5.39
C GLN B 80 32.77 -19.99 5.97
N LEU B 81 32.47 -18.74 6.33
CA LEU B 81 31.19 -18.41 6.94
C LEU B 81 30.02 -18.75 6.02
N THR B 82 30.24 -18.73 4.71
CA THR B 82 29.19 -19.04 3.74
C THR B 82 29.47 -20.32 2.98
N SER B 83 30.45 -21.11 3.42
CA SER B 83 30.81 -22.35 2.75
C SER B 83 30.53 -23.60 3.57
N PHE B 84 30.24 -23.46 4.87
CA PHE B 84 29.94 -24.58 5.73
C PHE B 84 28.76 -24.22 6.62
N TYR B 85 27.87 -25.17 6.83
CA TYR B 85 26.72 -24.94 7.68
C TYR B 85 27.19 -24.71 9.12
N PRO B 86 26.49 -23.86 9.88
CA PRO B 86 27.00 -23.47 11.20
C PRO B 86 27.05 -24.62 12.21
N ARG B 87 26.21 -25.62 12.09
CA ARG B 87 26.12 -26.68 13.09
C ARG B 87 26.21 -28.04 12.42
N LYS B 88 26.67 -29.03 13.19
CA LYS B 88 26.80 -30.39 12.71
C LYS B 88 26.29 -31.34 13.79
N VAL B 89 26.03 -32.58 13.38
CA VAL B 89 25.74 -33.66 14.31
C VAL B 89 27.00 -34.51 14.45
N TRP B 90 27.43 -34.72 15.69
CA TRP B 90 28.58 -35.57 15.98
C TRP B 90 28.17 -36.73 16.88
N ILE B 91 28.74 -37.90 16.63
CA ILE B 91 28.57 -39.06 17.52
C ILE B 91 29.86 -39.86 17.54
N PRO B 92 30.11 -40.55 18.65
CA PRO B 92 31.33 -41.37 18.72
C PRO B 92 31.31 -42.56 17.78
N GLU B 93 30.15 -42.99 17.30
CA GLU B 93 30.06 -44.10 16.38
C GLU B 93 30.31 -43.71 14.93
N TYR B 94 30.54 -42.42 14.66
CA TYR B 94 30.90 -41.94 13.33
C TYR B 94 32.05 -40.96 13.43
N SER B 95 33.13 -41.37 14.11
CA SER B 95 34.26 -40.49 14.33
C SER B 95 35.58 -41.01 13.77
N SER B 96 35.67 -42.28 13.39
CA SER B 96 36.90 -42.81 12.82
C SER B 96 37.11 -42.34 11.39
N LEU B 97 38.35 -42.44 10.93
CA LEU B 97 38.65 -42.13 9.53
C LEU B 97 37.92 -43.08 8.58
N LYS B 98 37.82 -44.36 8.93
CA LYS B 98 37.04 -45.27 8.11
C LYS B 98 35.59 -44.83 8.02
N ASP B 99 35.13 -44.10 9.03
CA ASP B 99 33.73 -43.65 9.04
C ASP B 99 33.55 -42.42 8.14
N ILE B 100 34.34 -41.38 8.38
CA ILE B 100 34.19 -40.14 7.63
C ILE B 100 34.51 -40.34 6.16
N PHE B 101 35.36 -41.31 5.84
CA PHE B 101 35.86 -41.45 4.47
C PHE B 101 35.31 -42.66 3.73
N PHE B 102 34.59 -43.55 4.39
CA PHE B 102 33.97 -44.69 3.71
C PHE B 102 32.48 -44.86 3.99
N ASN B 103 31.98 -44.32 5.09
CA ASN B 103 30.58 -44.48 5.46
C ASN B 103 29.85 -43.14 5.41
N LYS B 104 28.53 -43.22 5.40
CA LYS B 104 27.67 -42.05 5.36
C LYS B 104 26.69 -42.08 6.53
N ILE B 105 26.21 -40.91 6.90
CA ILE B 105 25.20 -40.74 7.93
C ILE B 105 24.01 -39.99 7.36
N LEU B 106 22.82 -40.31 7.87
CA LEU B 106 21.57 -39.79 7.35
C LEU B 106 20.70 -39.34 8.50
N TYR B 107 20.15 -38.13 8.39
CA TYR B 107 19.15 -37.65 9.33
C TYR B 107 18.50 -36.42 8.70
N TYR B 108 17.40 -35.99 9.30
CA TYR B 108 16.73 -34.78 8.86
C TYR B 108 17.59 -33.59 9.28
N ARG B 109 18.39 -33.07 8.36
CA ARG B 109 19.35 -32.03 8.68
C ARG B 109 18.81 -30.61 8.54
N THR B 110 17.75 -30.41 7.75
CA THR B 110 17.38 -29.09 7.27
C THR B 110 17.21 -28.06 8.41
N LYS B 111 16.41 -28.40 9.41
CA LYS B 111 16.23 -27.49 10.54
C LYS B 111 17.46 -27.43 11.42
N ILE B 112 18.14 -28.56 11.60
CA ILE B 112 19.29 -28.61 12.50
C ILE B 112 20.42 -27.73 11.99
N ILE B 113 20.78 -27.88 10.71
CA ILE B 113 21.93 -27.15 10.16
C ILE B 113 21.55 -25.82 9.54
N ASN B 114 20.28 -25.44 9.59
CA ASN B 114 19.78 -24.22 8.95
C ASN B 114 20.17 -24.20 7.46
N LYS B 115 19.73 -25.24 6.76
CA LYS B 115 20.06 -25.41 5.35
C LYS B 115 19.57 -24.24 4.51
N MET B 116 18.46 -23.62 4.90
CA MET B 116 17.84 -22.57 4.12
C MET B 116 18.01 -21.19 4.74
N GLY B 117 19.07 -21.00 5.52
CA GLY B 117 19.35 -19.69 6.06
C GLY B 117 19.69 -18.69 4.97
N GLU B 118 19.40 -17.42 5.24
CA GLU B 118 19.60 -16.34 4.23
C GLU B 118 21.05 -16.31 3.75
N HIS B 119 21.99 -16.57 4.65
CA HIS B 119 23.40 -16.49 4.28
C HIS B 119 23.86 -17.72 3.51
N MET B 120 22.96 -18.64 3.19
CA MET B 120 23.28 -19.80 2.38
C MET B 120 22.50 -19.83 1.08
N LYS B 121 21.74 -18.76 0.81
CA LYS B 121 20.88 -18.73 -0.40
C LYS B 121 21.28 -17.59 -1.34
N ILE B 122 22.39 -16.91 -1.14
CA ILE B 122 22.69 -15.77 -2.07
C ILE B 122 23.70 -16.25 -3.10
N ILE B 123 23.25 -16.55 -4.33
CA ILE B 123 24.12 -17.16 -5.34
C ILE B 123 25.35 -16.29 -5.59
N GLU B 124 25.13 -15.00 -5.77
CA GLU B 124 26.17 -14.08 -6.23
C GLU B 124 27.04 -13.53 -5.10
N TYR B 125 26.81 -13.94 -3.86
CA TYR B 125 27.59 -13.40 -2.75
C TYR B 125 29.09 -13.68 -2.87
N PRO B 126 29.55 -14.91 -3.12
CA PRO B 126 31.00 -15.10 -3.30
C PRO B 126 31.55 -14.34 -4.51
N LEU B 127 30.72 -14.07 -5.51
CA LEU B 127 31.19 -13.38 -6.71
C LEU B 127 31.42 -11.89 -6.45
N ILE B 128 30.54 -11.24 -5.69
CA ILE B 128 30.73 -9.82 -5.31
C ILE B 128 31.89 -9.76 -4.33
N LEU B 129 32.04 -10.84 -3.56
CA LEU B 129 33.16 -10.92 -2.63
C LEU B 129 34.49 -10.87 -3.37
N LEU B 130 34.60 -11.62 -4.48
CA LEU B 130 35.84 -11.62 -5.26
C LEU B 130 36.06 -10.30 -5.97
N PHE B 131 34.98 -9.60 -6.35
CA PHE B 131 35.12 -8.29 -6.98
C PHE B 131 35.81 -7.30 -6.04
N VAL B 132 35.43 -7.30 -4.76
CA VAL B 132 36.08 -6.42 -3.80
C VAL B 132 37.56 -6.79 -3.65
N ILE B 133 37.87 -8.08 -3.63
CA ILE B 133 39.25 -8.52 -3.53
C ILE B 133 40.06 -8.00 -4.71
N SER B 134 39.49 -8.06 -5.92
CA SER B 134 40.18 -7.59 -7.10
C SER B 134 40.51 -6.10 -6.98
N GLY B 135 39.57 -5.30 -6.47
CA GLY B 135 39.86 -3.90 -6.25
C GLY B 135 40.96 -3.70 -5.22
N ALA B 136 40.97 -4.53 -4.17
CA ALA B 136 41.97 -4.38 -3.12
C ALA B 136 43.37 -4.73 -3.62
N VAL B 137 43.51 -5.82 -4.36
CA VAL B 137 44.84 -6.20 -4.82
C VAL B 137 45.30 -5.30 -5.97
N PHE B 138 44.38 -4.80 -6.78
CA PHE B 138 44.77 -3.85 -7.82
C PHE B 138 45.22 -2.53 -7.22
N LEU B 139 44.60 -2.09 -6.11
CA LEU B 139 45.01 -0.87 -5.44
C LEU B 139 46.42 -1.00 -4.88
N ILE B 140 46.75 -2.17 -4.33
CA ILE B 140 48.11 -2.41 -3.83
C ILE B 140 49.12 -2.27 -4.96
N SER B 141 48.80 -2.82 -6.13
CA SER B 141 49.71 -2.88 -7.25
C SER B 141 49.58 -1.70 -8.20
N THR B 142 48.97 -0.61 -7.76
CA THR B 142 48.70 0.52 -8.65
C THR B 142 49.90 1.48 -8.70
N ASN B 143 50.26 1.89 -9.91
CA ASN B 143 51.39 2.77 -10.14
C ASN B 143 51.02 4.09 -10.79
N ASP B 144 49.74 4.38 -10.98
CA ASP B 144 49.31 5.50 -11.80
C ASP B 144 48.08 6.15 -11.18
N LEU B 145 47.92 7.45 -11.43
CA LEU B 145 46.82 8.20 -10.84
C LEU B 145 45.46 7.66 -11.29
N VAL B 146 45.34 7.32 -12.57
CA VAL B 146 44.08 6.76 -13.07
C VAL B 146 43.85 5.36 -12.52
N SER B 147 44.92 4.57 -12.45
CA SER B 147 44.82 3.25 -11.83
C SER B 147 44.39 3.35 -10.38
N ILE B 148 44.86 4.38 -9.66
CA ILE B 148 44.41 4.59 -8.28
C ILE B 148 42.90 4.75 -8.25
N PHE B 149 42.38 5.65 -9.08
CA PHE B 149 40.95 5.95 -9.04
C PHE B 149 40.12 4.72 -9.40
N LEU B 150 40.52 3.99 -10.44
CA LEU B 150 39.72 2.86 -10.89
C LEU B 150 39.70 1.75 -9.85
N SER B 151 40.83 1.47 -9.21
CA SER B 151 40.89 0.40 -8.22
C SER B 151 40.10 0.75 -6.97
N ILE B 152 40.15 2.01 -6.52
CA ILE B 152 39.44 2.38 -5.30
C ILE B 152 37.93 2.35 -5.51
N GLU B 153 37.46 2.78 -6.68
CA GLU B 153 36.03 2.64 -6.99
C GLU B 153 35.63 1.17 -7.10
N LEU B 154 36.48 0.34 -7.71
CA LEU B 154 36.17 -1.07 -7.85
C LEU B 154 35.98 -1.73 -6.49
N GLN B 155 36.89 -1.46 -5.55
CA GLN B 155 36.75 -1.99 -4.20
C GLN B 155 35.57 -1.34 -3.48
N SER B 156 35.40 -0.03 -3.64
CA SER B 156 34.36 0.69 -2.91
C SER B 156 32.97 0.28 -3.38
N TYR B 157 32.75 0.20 -4.69
CA TYR B 157 31.42 -0.10 -5.21
C TYR B 157 30.99 -1.51 -4.81
N GLY B 158 31.94 -2.45 -4.77
CA GLY B 158 31.63 -3.78 -4.29
C GLY B 158 31.21 -3.82 -2.84
N LEU B 159 31.83 -2.97 -2.01
CA LEU B 159 31.46 -2.94 -0.59
C LEU B 159 30.06 -2.36 -0.39
N TYR B 160 29.67 -1.38 -1.20
CA TYR B 160 28.30 -0.87 -1.15
C TYR B 160 27.31 -1.97 -1.52
N LEU B 161 27.65 -2.74 -2.54
CA LEU B 161 26.77 -3.84 -3.02
C LEU B 161 26.63 -4.92 -1.95
N LEU B 162 27.71 -5.21 -1.24
CA LEU B 162 27.68 -6.23 -0.20
C LEU B 162 26.85 -5.77 1.00
N SER B 163 26.90 -4.48 1.30
CA SER B 163 26.10 -3.93 2.39
C SER B 163 24.60 -3.98 2.11
N THR B 164 24.21 -4.12 0.84
CA THR B 164 22.81 -4.09 0.44
C THR B 164 22.33 -5.43 -0.11
N ILE B 165 23.23 -6.42 -0.25
CA ILE B 165 22.88 -7.64 -0.97
C ILE B 165 21.77 -8.41 -0.25
N TYR B 166 21.65 -8.25 1.07
CA TYR B 166 20.51 -8.74 1.83
C TYR B 166 19.35 -7.77 1.61
N ARG B 167 18.72 -7.88 0.44
CA ARG B 167 17.80 -6.85 -0.03
C ARG B 167 16.45 -6.85 0.70
N ASN B 168 16.16 -7.87 1.50
CA ASN B 168 14.91 -7.90 2.25
C ASN B 168 15.05 -7.36 3.66
N SER B 169 16.27 -7.05 4.10
CA SER B 169 16.48 -6.43 5.40
C SER B 169 16.37 -4.92 5.27
N GLU B 170 15.50 -4.32 6.07
CA GLU B 170 15.43 -2.86 6.09
C GLU B 170 16.71 -2.26 6.62
N LEU B 171 17.33 -2.91 7.61
CA LEU B 171 18.62 -2.45 8.13
C LEU B 171 19.69 -2.48 7.06
N SER B 172 19.78 -3.56 6.30
CA SER B 172 20.89 -3.69 5.33
C SER B 172 20.77 -2.67 4.20
N THR B 173 19.56 -2.47 3.65
CA THR B 173 19.42 -1.46 2.60
C THR B 173 19.68 -0.06 3.14
N THR B 174 19.30 0.20 4.39
CA THR B 174 19.62 1.47 5.02
C THR B 174 21.13 1.66 5.17
N GLY B 175 21.83 0.61 5.62
CA GLY B 175 23.27 0.70 5.74
C GLY B 175 23.97 0.83 4.39
N GLY B 176 23.45 0.14 3.37
CA GLY B 176 24.00 0.30 2.04
C GLY B 176 23.85 1.70 1.50
N LEU B 177 22.70 2.34 1.76
CA LEU B 177 22.51 3.72 1.34
C LEU B 177 23.51 4.65 2.02
N ILE B 178 23.68 4.50 3.34
CA ILE B 178 24.60 5.36 4.07
C ILE B 178 26.02 5.20 3.55
N TYR B 179 26.58 4.11 3.40
CA TYR B 179 27.96 3.87 2.91
C TYR B 179 28.13 4.44 1.48
N PHE B 180 27.06 4.16 0.59
CA PHE B 180 27.24 4.68 -0.76
C PHE B 180 27.25 6.21 -0.79
N LEU B 181 26.28 6.83 -0.13
CA LEU B 181 26.17 8.31 -0.15
C LEU B 181 27.40 9.01 0.45
N LEU B 182 27.91 8.53 1.58
CA LEU B 182 29.07 9.21 2.22
C LEU B 182 30.32 8.71 1.53
N GLY B 183 30.29 7.47 1.05
CA GLY B 183 31.43 6.95 0.31
C GLY B 183 31.62 7.63 -1.02
N GLY B 184 30.52 7.98 -1.69
CA GLY B 184 30.61 8.71 -2.94
C GLY B 184 31.21 10.09 -2.77
N LEU B 185 30.89 10.74 -1.63
CA LEU B 185 31.50 12.06 -1.32
C LEU B 185 33.01 11.88 -1.11
N SER B 186 33.37 10.81 -0.43
CA SER B 186 34.79 10.55 -0.19
C SER B 186 35.54 10.33 -1.50
N SER B 187 34.90 9.67 -2.47
CA SER B 187 35.56 9.41 -3.75
C SER B 187 35.77 10.68 -4.56
N CYS B 188 34.94 11.71 -4.35
CA CYS B 188 35.18 12.99 -5.02
C CYS B 188 36.49 13.62 -4.54
N PHE B 189 36.76 13.54 -3.23
CA PHE B 189 38.00 14.09 -2.69
C PHE B 189 39.23 13.35 -3.21
N ILE B 190 39.11 12.05 -3.47
CA ILE B 190 40.21 11.30 -4.05
C ILE B 190 40.41 11.70 -5.51
N LEU B 191 39.31 11.80 -6.27
CA LEU B 191 39.41 12.25 -7.65
C LEU B 191 39.88 13.69 -7.73
N LEU B 192 39.40 14.55 -6.83
CA LEU B 192 39.87 15.93 -6.80
C LEU B 192 41.36 16.01 -6.51
N GLY B 193 41.83 15.22 -5.55
CA GLY B 193 43.26 15.22 -5.23
C GLY B 193 44.10 14.68 -6.38
N THR B 194 43.64 13.59 -7.01
CA THR B 194 44.37 13.04 -8.14
C THR B 194 44.38 14.01 -9.31
N SER B 195 43.24 14.67 -9.55
CA SER B 195 43.15 15.62 -10.66
C SER B 195 44.05 16.83 -10.44
N LEU B 196 44.13 17.32 -9.20
CA LEU B 196 44.98 18.48 -8.93
C LEU B 196 46.45 18.15 -9.12
N LEU B 197 46.83 16.89 -8.84
CA LEU B 197 48.18 16.45 -9.15
C LEU B 197 48.45 16.50 -10.65
N TYR B 198 47.49 16.01 -11.45
CA TYR B 198 47.69 15.94 -12.90
C TYR B 198 47.76 17.34 -13.52
N VAL B 199 46.89 18.24 -13.07
CA VAL B 199 46.79 19.54 -13.75
C VAL B 199 48.04 20.37 -13.47
N ASN B 200 48.72 20.10 -12.36
CA ASN B 200 49.93 20.85 -12.03
C ASN B 200 51.19 20.15 -12.52
N SER B 201 51.27 18.83 -12.40
CA SER B 201 52.49 18.11 -12.74
C SER B 201 52.54 17.69 -14.19
N GLY B 202 51.40 17.53 -14.85
CA GLY B 202 51.39 17.04 -16.21
C GLY B 202 51.60 15.55 -16.37
N THR B 203 51.47 14.77 -15.30
CA THR B 203 51.64 13.33 -15.40
C THR B 203 50.66 12.63 -14.48
N THR B 204 50.26 11.42 -14.87
CA THR B 204 49.50 10.54 -14.00
C THR B 204 50.36 9.47 -13.36
N SER B 205 51.68 9.48 -13.62
CA SER B 205 52.58 8.45 -13.15
C SER B 205 53.09 8.79 -11.76
N LEU B 206 52.96 7.83 -10.83
CA LEU B 206 53.51 8.02 -9.48
C LEU B 206 55.02 8.13 -9.52
N ASP B 207 55.67 7.38 -10.42
CA ASP B 207 57.11 7.53 -10.62
C ASP B 207 57.48 8.98 -10.86
N GLY B 208 56.81 9.61 -11.82
CA GLY B 208 57.14 10.98 -12.18
C GLY B 208 56.86 11.96 -11.06
N LEU B 209 55.78 11.74 -10.30
CA LEU B 209 55.48 12.60 -9.15
C LEU B 209 56.59 12.51 -8.10
N TYR B 210 57.09 11.29 -7.86
CA TYR B 210 58.18 11.12 -6.90
C TYR B 210 59.45 11.84 -7.38
N ILE B 211 59.73 11.76 -8.68
CA ILE B 211 60.88 12.47 -9.23
C ILE B 211 60.70 13.98 -9.06
N LEU B 212 59.49 14.49 -9.31
CA LEU B 212 59.22 15.90 -9.13
C LEU B 212 59.38 16.30 -7.66
N ASN B 213 58.89 15.45 -6.76
CA ASN B 213 59.06 15.71 -5.33
C ASN B 213 60.53 15.70 -4.94
N SER B 214 61.29 14.75 -5.48
CA SER B 214 62.67 14.55 -5.04
C SER B 214 63.57 15.71 -5.42
N ILE B 215 63.47 16.19 -6.66
CA ILE B 215 64.31 17.32 -7.07
C ILE B 215 63.90 18.59 -6.34
N SER B 216 62.61 18.80 -6.12
CA SER B 216 62.14 20.00 -5.45
C SER B 216 62.50 20.05 -3.97
N ASP B 217 62.98 18.95 -3.39
CA ASP B 217 63.43 18.91 -2.00
C ASP B 217 64.92 19.23 -1.99
N VAL B 218 65.22 20.52 -2.07
CA VAL B 218 66.59 20.99 -2.24
C VAL B 218 67.24 21.21 -0.88
N ASN B 219 66.69 22.14 -0.10
CA ASN B 219 67.27 22.50 1.19
C ASN B 219 66.24 23.16 2.10
N SER B 233 61.05 29.19 -6.59
CA SER B 233 61.39 30.43 -7.26
C SER B 233 60.24 30.90 -8.16
N TRP B 234 59.96 30.12 -9.20
CA TRP B 234 58.94 30.47 -10.18
C TRP B 234 57.78 29.49 -10.21
N TYR B 235 58.01 28.22 -9.87
CA TYR B 235 56.99 27.18 -9.90
C TYR B 235 57.06 26.35 -8.63
N LYS B 236 57.05 27.02 -7.48
CA LYS B 236 57.20 26.33 -6.20
C LYS B 236 56.12 25.27 -6.03
N PRO B 237 56.49 24.05 -5.65
CA PRO B 237 55.56 22.92 -5.81
C PRO B 237 54.62 22.70 -4.63
N TYR B 238 53.93 23.76 -4.21
CA TYR B 238 52.95 23.62 -3.14
C TYR B 238 51.86 22.61 -3.47
N TYR B 239 51.60 22.37 -4.76
CA TYR B 239 50.47 21.54 -5.15
C TYR B 239 50.58 20.12 -4.59
N LEU B 240 51.79 19.59 -4.50
CA LEU B 240 51.96 18.17 -4.19
C LEU B 240 51.45 17.84 -2.79
N ASN B 241 51.86 18.61 -1.78
CA ASN B 241 51.37 18.36 -0.42
C ASN B 241 49.88 18.67 -0.32
N PHE B 242 49.44 19.78 -0.90
CA PHE B 242 48.03 20.17 -0.79
C PHE B 242 47.13 19.16 -1.48
N SER B 243 47.51 18.70 -2.68
CA SER B 243 46.71 17.73 -3.39
C SER B 243 46.66 16.41 -2.63
N LEU B 244 47.81 15.91 -2.17
CA LEU B 244 47.83 14.68 -1.40
C LEU B 244 47.07 14.82 -0.09
N LEU B 245 46.99 16.04 0.45
CA LEU B 245 46.16 16.27 1.62
C LEU B 245 44.69 16.02 1.32
N ILE B 246 44.20 16.63 0.23
CA ILE B 246 42.83 16.37 -0.21
C ILE B 246 42.67 14.91 -0.59
N PHE B 247 43.67 14.36 -1.28
CA PHE B 247 43.66 12.96 -1.67
C PHE B 247 43.60 12.04 -0.46
N SER B 248 44.35 12.38 0.60
CA SER B 248 44.40 11.51 1.78
C SER B 248 43.09 11.54 2.56
N ILE B 249 42.41 12.69 2.61
CA ILE B 249 41.19 12.81 3.38
C ILE B 249 40.16 11.78 2.92
N GLY B 250 40.04 11.58 1.61
CA GLY B 250 39.14 10.56 1.10
C GLY B 250 39.51 9.16 1.54
N PHE B 251 40.81 8.88 1.67
CA PHE B 251 41.23 7.58 2.17
C PHE B 251 41.06 7.45 3.68
N LEU B 252 41.06 8.57 4.40
CA LEU B 252 40.80 8.50 5.85
C LEU B 252 39.34 8.14 6.12
N PHE B 253 38.42 8.59 5.25
CA PHE B 253 37.02 8.17 5.39
C PHE B 253 36.88 6.68 5.23
N LYS B 254 37.58 6.10 4.25
CA LYS B 254 37.37 4.70 3.93
C LYS B 254 37.97 3.76 4.97
N VAL B 255 38.94 4.23 5.76
CA VAL B 255 39.40 3.46 6.92
C VAL B 255 38.65 3.85 8.19
N SER B 256 37.64 4.68 8.10
CA SER B 256 36.86 5.14 9.28
C SER B 256 37.75 5.81 10.34
N ALA B 257 38.74 6.59 9.91
CA ALA B 257 39.55 7.34 10.86
C ALA B 257 38.82 8.61 11.28
N ALA B 258 38.91 8.93 12.56
CA ALA B 258 38.33 10.16 13.07
C ALA B 258 39.05 11.36 12.45
N PRO B 259 38.35 12.47 12.20
CA PRO B 259 36.94 12.76 12.50
C PRO B 259 35.98 12.31 11.41
N PHE B 260 36.46 11.44 10.52
CA PHE B 260 35.70 10.96 9.37
C PHE B 260 35.13 9.58 9.61
N HIS B 261 34.63 9.32 10.82
CA HIS B 261 34.32 7.91 11.27
C HIS B 261 32.86 7.65 11.58
N PHE B 262 32.01 8.64 11.47
CA PHE B 262 30.60 8.55 11.96
C PHE B 262 29.83 7.44 11.26
N TRP B 263 30.06 7.26 9.98
CA TRP B 263 29.35 6.26 9.17
C TRP B 263 29.53 4.82 9.68
N SER B 264 30.70 4.44 10.16
CA SER B 264 31.00 3.00 10.40
C SER B 264 30.22 2.35 11.56
N PRO B 265 30.05 2.98 12.76
CA PRO B 265 29.24 2.37 13.81
C PRO B 265 27.81 2.13 13.30
N ASP B 266 27.24 3.07 12.53
CA ASP B 266 25.91 2.81 11.92
C ASP B 266 25.98 1.71 10.85
N VAL B 267 26.94 1.76 9.92
CA VAL B 267 26.95 0.77 8.80
C VAL B 267 27.26 -0.63 9.34
N TYR B 268 28.24 -0.73 10.25
CA TYR B 268 28.66 -2.06 10.78
C TYR B 268 27.53 -2.71 11.59
N ASP B 269 26.76 -1.92 12.31
CA ASP B 269 25.66 -2.49 13.11
C ASP B 269 24.49 -2.90 12.24
N ALA B 270 24.20 -2.13 11.19
CA ALA B 270 22.99 -2.36 10.41
C ALA B 270 23.12 -3.56 9.47
N ILE B 271 24.28 -3.75 8.86
CA ILE B 271 24.47 -4.84 7.90
C ILE B 271 24.66 -6.14 8.68
N PRO B 272 24.39 -7.31 8.09
CA PRO B 272 24.52 -8.56 8.84
C PRO B 272 25.95 -8.82 9.27
N THR B 273 26.07 -9.55 10.39
CA THR B 273 27.37 -9.74 11.03
C THR B 273 28.36 -10.42 10.12
N ILE B 274 27.92 -11.46 9.38
CA ILE B 274 28.82 -12.16 8.47
C ILE B 274 29.32 -11.20 7.38
N VAL B 275 28.46 -10.30 6.92
CA VAL B 275 28.88 -9.27 5.97
C VAL B 275 29.83 -8.28 6.65
N THR B 276 29.53 -7.90 7.89
CA THR B 276 30.39 -6.96 8.62
C THR B 276 31.81 -7.49 8.73
N THR B 277 31.96 -8.80 8.92
CA THR B 277 33.28 -9.42 9.04
C THR B 277 34.17 -9.05 7.86
N PHE B 278 33.68 -9.27 6.64
CA PHE B 278 34.47 -8.92 5.45
C PHE B 278 34.60 -7.41 5.28
N VAL B 279 33.49 -6.69 5.42
CA VAL B 279 33.46 -5.27 5.08
C VAL B 279 34.38 -4.47 6.00
N ALA B 280 34.48 -4.86 7.27
CA ALA B 280 35.23 -4.10 8.25
C ALA B 280 36.71 -4.45 8.30
N ILE B 281 37.16 -5.44 7.55
CA ILE B 281 38.54 -5.92 7.60
C ILE B 281 39.29 -5.64 6.30
N ILE B 282 38.73 -6.08 5.17
CA ILE B 282 39.48 -6.12 3.91
C ILE B 282 39.89 -4.72 3.45
N ALA B 283 39.05 -3.71 3.69
CA ALA B 283 39.29 -2.40 3.10
C ALA B 283 40.44 -1.66 3.77
N LYS B 284 40.63 -1.83 5.07
CA LYS B 284 41.72 -1.15 5.76
C LYS B 284 43.08 -1.65 5.28
N ILE B 285 43.21 -2.96 5.05
CA ILE B 285 44.49 -3.51 4.65
C ILE B 285 44.97 -2.90 3.34
N SER B 286 44.08 -2.79 2.36
CA SER B 286 44.50 -2.32 1.04
C SER B 286 44.83 -0.83 1.05
N ILE B 287 44.06 -0.03 1.78
CA ILE B 287 44.31 1.40 1.80
C ILE B 287 45.59 1.72 2.58
N PHE B 288 45.78 1.08 3.73
CA PHE B 288 46.95 1.36 4.55
C PHE B 288 48.23 0.97 3.84
N ILE B 289 48.26 -0.20 3.19
CA ILE B 289 49.44 -0.63 2.46
C ILE B 289 49.73 0.33 1.31
N PHE B 290 48.68 0.75 0.61
CA PHE B 290 48.85 1.73 -0.46
C PHE B 290 49.41 3.04 0.08
N LEU B 291 48.89 3.50 1.21
CA LEU B 291 49.36 4.74 1.80
C LEU B 291 50.83 4.64 2.22
N LEU B 292 51.28 3.45 2.64
CA LEU B 292 52.62 3.31 3.18
C LEU B 292 53.68 3.71 2.17
N GLU B 293 53.58 3.20 0.95
CA GLU B 293 54.54 3.56 -0.09
C GLU B 293 54.47 5.04 -0.43
N LEU B 294 53.27 5.60 -0.50
CA LEU B 294 53.11 7.00 -0.87
C LEU B 294 53.69 7.91 0.22
N VAL B 295 53.60 7.48 1.48
CA VAL B 295 54.23 8.23 2.57
C VAL B 295 55.75 8.22 2.44
N TYR B 296 56.31 7.05 2.09
CA TYR B 296 57.77 6.94 2.01
C TYR B 296 58.36 7.84 0.94
N TYR B 297 57.83 7.78 -0.27
CA TYR B 297 58.45 8.48 -1.40
C TYR B 297 58.16 9.96 -1.45
N THR B 298 57.17 10.43 -0.68
CA THR B 298 56.90 11.86 -0.59
C THR B 298 57.47 12.49 0.67
N ASN B 299 58.18 11.72 1.49
CA ASN B 299 58.67 12.21 2.77
C ASN B 299 59.94 13.05 2.55
N SER B 300 59.83 14.36 2.73
CA SER B 300 60.95 15.25 2.55
C SER B 300 62.03 14.98 3.59
N ASN B 301 63.29 15.15 3.19
CA ASN B 301 64.43 14.95 4.08
C ASN B 301 64.96 16.26 4.63
N ALA B 302 65.32 17.20 3.76
CA ALA B 302 65.79 18.50 4.20
C ALA B 302 64.63 19.30 4.77
N ASN B 303 64.88 19.96 5.91
CA ASN B 303 63.85 20.77 6.55
C ASN B 303 63.65 22.07 5.78
N SER B 304 62.82 22.02 4.75
CA SER B 304 62.53 23.16 3.89
C SER B 304 61.07 23.56 4.06
N TYR B 305 60.63 24.50 3.22
CA TYR B 305 59.24 24.94 3.27
C TYR B 305 58.28 23.81 2.91
N LEU B 306 58.75 22.78 2.21
CA LEU B 306 57.90 21.65 1.88
C LEU B 306 57.45 20.91 3.14
N SER B 307 58.39 20.59 4.02
CA SER B 307 58.09 19.72 5.16
C SER B 307 57.08 20.37 6.11
N GLU B 308 57.03 21.70 6.15
CA GLU B 308 56.13 22.38 7.07
C GLU B 308 54.66 22.25 6.64
N PHE B 309 54.40 22.02 5.35
CA PHE B 309 53.05 21.82 4.85
C PHE B 309 52.79 20.36 4.50
N SER B 310 53.54 19.43 5.11
CA SER B 310 53.45 18.03 4.74
C SER B 310 52.05 17.48 4.98
N TRP B 311 51.50 16.79 3.97
CA TRP B 311 50.14 16.28 4.05
C TRP B 311 49.99 15.23 5.15
N THR B 312 51.10 14.64 5.60
CA THR B 312 51.07 13.57 6.59
C THR B 312 50.65 14.03 7.98
N TYR B 313 50.55 15.34 8.21
CA TYR B 313 49.99 15.81 9.47
C TYR B 313 48.50 15.47 9.58
N ALA B 314 47.81 15.40 8.43
CA ALA B 314 46.44 14.92 8.44
C ALA B 314 46.36 13.50 8.99
N LEU B 315 47.39 12.69 8.74
CA LEU B 315 47.44 11.36 9.33
C LEU B 315 47.72 11.42 10.82
N LEU B 316 48.62 12.31 11.24
CA LEU B 316 48.93 12.43 12.66
C LEU B 316 47.78 13.04 13.44
N ILE B 317 47.09 14.02 12.86
CA ILE B 317 45.91 14.57 13.51
C ILE B 317 44.80 13.52 13.61
N SER B 318 44.59 12.74 12.55
CA SER B 318 43.57 11.70 12.59
C SER B 318 43.91 10.60 13.57
N SER B 319 45.19 10.25 13.68
CA SER B 319 45.58 9.26 14.68
C SER B 319 45.27 9.75 16.08
N LEU B 320 45.59 11.02 16.36
CA LEU B 320 45.23 11.61 17.64
C LEU B 320 43.72 11.58 17.85
N LEU B 321 42.97 12.06 16.86
CA LEU B 321 41.51 12.12 16.99
C LEU B 321 40.89 10.73 17.07
N SER B 322 41.50 9.75 16.41
CA SER B 322 40.97 8.39 16.49
C SER B 322 41.25 7.75 17.83
N LEU B 323 42.42 8.04 18.42
CA LEU B 323 42.74 7.51 19.74
C LEU B 323 41.73 7.99 20.78
N ILE B 324 41.29 9.24 20.68
CA ILE B 324 40.36 9.79 21.66
C ILE B 324 38.93 9.33 21.37
N ILE B 325 38.47 9.51 20.13
CA ILE B 325 37.09 9.15 19.78
C ILE B 325 36.86 7.66 19.97
N GLY B 326 37.82 6.84 19.53
CA GLY B 326 37.62 5.40 19.60
C GLY B 326 37.44 4.89 21.03
N THR B 327 38.19 5.46 21.96
CA THR B 327 38.15 4.98 23.34
C THR B 327 37.06 5.66 24.17
N VAL B 328 36.87 6.97 24.00
CA VAL B 328 35.90 7.69 24.82
C VAL B 328 34.48 7.31 24.43
N VAL B 329 34.18 7.29 23.13
CA VAL B 329 32.81 7.04 22.70
C VAL B 329 32.41 5.59 22.89
N GLY B 330 33.38 4.66 22.88
CA GLY B 330 33.07 3.27 23.17
C GLY B 330 32.61 3.01 24.58
N LEU B 331 32.79 3.98 25.48
CA LEU B 331 32.46 3.77 26.89
C LEU B 331 30.97 3.50 27.09
N THR B 332 30.10 4.14 26.30
CA THR B 332 28.67 4.06 26.52
C THR B 332 27.94 3.18 25.52
N GLN B 333 28.65 2.59 24.56
CA GLN B 333 28.01 1.65 23.64
C GLN B 333 27.49 0.43 24.39
N PHE B 334 26.28 0.01 24.03
CA PHE B 334 25.64 -1.21 24.62
C PHE B 334 25.41 -2.25 23.53
N ARG B 335 25.55 -1.86 22.27
CA ARG B 335 25.41 -2.81 21.18
C ARG B 335 26.78 -3.26 20.74
N ILE B 336 26.97 -4.58 20.61
CA ILE B 336 28.31 -5.16 20.50
C ILE B 336 28.98 -4.74 19.19
N LYS B 337 28.22 -4.58 18.11
CA LYS B 337 28.83 -4.25 16.83
C LYS B 337 29.27 -2.80 16.75
N ARG B 338 28.53 -1.89 17.39
CA ARG B 338 29.00 -0.50 17.49
C ARG B 338 30.27 -0.40 18.31
N LEU B 339 30.40 -1.22 19.35
CA LEU B 339 31.61 -1.21 20.17
C LEU B 339 32.82 -1.65 19.35
N LEU B 340 32.65 -2.71 18.54
CA LEU B 340 33.75 -3.18 17.70
C LEU B 340 34.16 -2.10 16.70
N ALA B 341 33.18 -1.40 16.16
CA ALA B 341 33.46 -0.29 15.21
C ALA B 341 34.30 0.80 15.90
N TYR B 342 33.93 1.18 17.11
CA TYR B 342 34.70 2.17 17.85
C TYR B 342 36.03 1.59 18.33
N SER B 343 36.06 0.29 18.63
CA SER B 343 37.33 -0.38 19.01
C SER B 343 38.26 -0.34 17.79
N THR B 344 37.72 -0.53 16.58
CA THR B 344 38.53 -0.43 15.37
C THR B 344 39.11 0.96 15.18
N ILE B 345 38.29 2.00 15.42
CA ILE B 345 38.74 3.38 15.23
C ILE B 345 39.94 3.67 16.11
N SER B 346 39.91 3.20 17.36
CA SER B 346 41.06 3.39 18.24
C SER B 346 42.29 2.64 17.72
N HIS B 347 42.10 1.49 17.10
CA HIS B 347 43.24 0.73 16.59
C HIS B 347 43.82 1.32 15.32
N VAL B 348 42.98 1.93 14.46
CA VAL B 348 43.55 2.67 13.34
C VAL B 348 44.26 3.92 13.83
N GLY B 349 43.93 4.41 15.02
CA GLY B 349 44.72 5.48 15.62
C GLY B 349 46.15 5.05 15.85
N PHE B 350 46.34 3.83 16.37
CA PHE B 350 47.71 3.29 16.54
C PHE B 350 48.33 3.06 15.17
N ILE B 351 47.58 2.50 14.23
CA ILE B 351 48.12 2.21 12.90
C ILE B 351 48.58 3.50 12.22
N LEU B 352 47.78 4.56 12.34
CA LEU B 352 48.12 5.82 11.69
C LEU B 352 49.31 6.50 12.33
N LEU B 353 49.53 6.32 13.63
CA LEU B 353 50.74 6.85 14.28
C LEU B 353 51.99 6.21 13.67
N ALA B 354 51.97 4.88 13.52
CA ALA B 354 53.11 4.15 12.95
C ALA B 354 53.34 4.56 11.50
N LEU B 355 52.30 4.75 10.71
CA LEU B 355 52.44 5.24 9.31
C LEU B 355 53.02 6.66 9.25
N SER B 356 52.58 7.54 10.14
CA SER B 356 53.06 8.94 10.22
C SER B 356 54.55 9.06 10.60
N VAL B 357 54.99 8.30 11.62
CA VAL B 357 56.45 8.32 11.94
C VAL B 357 57.03 7.51 10.78
N SER B 358 57.88 8.07 9.94
CA SER B 358 58.32 7.27 8.77
C SER B 358 59.70 6.71 9.04
N SER B 359 59.77 5.90 10.06
CA SER B 359 61.09 5.38 10.44
C SER B 359 61.14 3.93 10.05
N ILE B 360 62.32 3.38 10.04
CA ILE B 360 62.45 1.94 9.85
C ILE B 360 61.68 1.20 10.95
N GLU B 361 61.83 1.65 12.19
CA GLU B 361 61.17 0.98 13.31
C GLU B 361 59.66 1.04 13.19
N SER B 362 59.15 2.23 12.86
CA SER B 362 57.68 2.44 12.78
C SER B 362 57.07 1.69 11.59
N THR B 363 57.83 1.50 10.52
CA THR B 363 57.32 0.77 9.37
C THR B 363 57.26 -0.73 9.65
N GLN B 364 58.25 -1.26 10.38
CA GLN B 364 58.11 -2.61 10.92
C GLN B 364 56.91 -2.71 11.86
N ALA B 365 56.75 -1.72 12.74
CA ALA B 365 55.59 -1.72 13.63
C ALA B 365 54.30 -1.60 12.85
N PHE B 366 54.27 -0.75 11.82
CA PHE B 366 53.09 -0.65 10.97
C PHE B 366 52.74 -1.99 10.33
N ILE B 367 53.74 -2.68 9.77
CA ILE B 367 53.47 -3.92 9.07
C ILE B 367 52.97 -4.99 10.03
N PHE B 368 53.61 -5.11 11.19
CA PHE B 368 53.18 -6.12 12.16
C PHE B 368 51.80 -5.79 12.72
N TYR B 369 51.54 -4.52 13.05
CA TYR B 369 50.28 -4.16 13.68
C TYR B 369 49.10 -4.46 12.77
N LEU B 370 49.25 -4.18 11.47
CA LEU B 370 48.16 -4.38 10.53
C LEU B 370 47.77 -5.84 10.43
N ILE B 371 48.76 -6.74 10.37
CA ILE B 371 48.46 -8.15 10.21
C ILE B 371 47.84 -8.73 11.49
N GLN B 372 48.44 -8.42 12.64
CA GLN B 372 47.95 -9.00 13.88
C GLN B 372 46.57 -8.46 14.25
N TYR B 373 46.29 -7.20 13.93
CA TYR B 373 44.94 -6.67 14.19
C TYR B 373 43.92 -7.28 13.25
N SER B 374 44.29 -7.52 11.99
CA SER B 374 43.35 -8.16 11.07
C SER B 374 43.03 -9.57 11.55
N ILE B 375 44.04 -10.32 11.99
CA ILE B 375 43.80 -11.65 12.54
C ILE B 375 42.94 -11.56 13.80
N SER B 376 43.26 -10.62 14.69
CA SER B 376 42.53 -10.52 15.96
C SER B 376 41.10 -10.06 15.76
N ASN B 377 40.88 -9.06 14.91
CA ASN B 377 39.52 -8.60 14.63
C ASN B 377 38.71 -9.68 13.94
N LEU B 378 39.37 -10.50 13.12
CA LEU B 378 38.70 -11.64 12.50
C LEU B 378 38.21 -12.63 13.56
N ASN B 379 39.05 -12.90 14.56
CA ASN B 379 38.66 -13.81 15.63
C ASN B 379 37.43 -13.30 16.39
N ALA B 380 37.41 -12.01 16.70
CA ALA B 380 36.27 -11.47 17.44
C ALA B 380 34.97 -11.64 16.68
N PHE B 381 34.99 -11.39 15.37
CA PHE B 381 33.80 -11.60 14.56
C PHE B 381 33.46 -13.09 14.45
N PHE B 382 34.48 -13.93 14.30
CA PHE B 382 34.23 -15.37 14.23
C PHE B 382 33.63 -15.89 15.53
N ILE B 383 34.15 -15.43 16.67
CA ILE B 383 33.60 -15.83 17.96
C ILE B 383 32.18 -15.30 18.12
N LEU B 384 31.93 -14.07 17.67
CA LEU B 384 30.59 -13.49 17.79
C LEU B 384 29.57 -14.23 16.92
N ILE B 385 29.94 -14.63 15.71
CA ILE B 385 29.02 -15.41 14.83
C ILE B 385 28.78 -16.79 15.42
N THR B 386 29.82 -17.45 15.94
CA THR B 386 29.73 -18.80 16.53
C THR B 386 28.83 -18.80 17.76
N ILE B 387 28.94 -17.77 18.61
CA ILE B 387 28.02 -17.63 19.77
C ILE B 387 26.58 -17.47 19.30
N GLY B 388 26.35 -16.73 18.21
CA GLY B 388 25.01 -16.59 17.63
C GLY B 388 24.46 -17.91 17.16
N PHE B 389 25.27 -18.71 16.47
CA PHE B 389 24.84 -20.03 15.94
C PHE B 389 24.69 -21.06 17.07
N SER B 390 25.29 -20.83 18.23
CA SER B 390 25.26 -21.76 19.38
C SER B 390 23.98 -21.60 20.22
N LEU B 391 23.39 -20.43 20.24
CA LEU B 391 22.16 -20.13 21.03
C LEU B 391 20.90 -20.80 20.44
N TYR B 392 21.01 -21.55 19.36
CA TYR B 392 19.86 -22.25 18.72
C TYR B 392 19.21 -23.19 19.74
N GLY B 393 20.01 -23.88 20.56
CA GLY B 393 19.50 -24.85 21.55
C GLY B 393 19.22 -24.21 22.89
N TYR B 394 19.06 -22.89 22.90
CA TYR B 394 18.84 -22.14 24.15
C TYR B 394 17.64 -21.24 23.92
N VAL B 395 16.96 -20.90 25.00
CA VAL B 395 15.80 -19.99 24.91
C VAL B 395 16.02 -18.95 25.99
N THR B 396 15.36 -17.83 25.89
CA THR B 396 15.40 -16.78 26.89
C THR B 396 14.05 -16.09 26.97
N ASN B 397 13.75 -15.55 28.14
CA ASN B 397 12.53 -14.79 28.37
C ASN B 397 12.80 -13.30 28.50
N ASN B 398 14.03 -12.87 28.25
CA ASN B 398 14.37 -11.46 28.35
C ASN B 398 13.51 -10.64 27.37
N LYS B 399 12.88 -9.60 27.89
CA LYS B 399 12.01 -8.77 27.08
C LYS B 399 12.78 -7.88 26.12
N GLU B 400 14.04 -7.59 26.44
CA GLU B 400 14.82 -6.70 25.55
C GLU B 400 15.16 -7.48 24.29
N TYR B 401 15.62 -8.72 24.44
CA TYR B 401 16.06 -9.51 23.28
C TYR B 401 14.93 -9.71 22.28
N LYS B 402 13.70 -9.85 22.78
CA LYS B 402 12.55 -10.07 21.89
C LYS B 402 12.32 -8.88 20.97
N SER B 403 12.65 -7.66 21.41
CA SER B 403 12.39 -6.47 20.63
C SER B 403 13.54 -6.11 19.67
N LEU B 404 14.40 -7.06 19.35
CA LEU B 404 15.52 -6.78 18.46
C LEU B 404 15.12 -6.98 17.01
N LEU B 405 15.68 -6.15 16.13
CA LEU B 405 15.44 -6.24 14.70
C LEU B 405 16.54 -7.04 14.03
N ASP B 406 16.15 -7.73 12.94
CA ASP B 406 17.08 -8.55 12.12
C ASP B 406 17.81 -9.57 13.00
N LYS B 407 17.07 -10.23 13.86
CA LYS B 407 17.68 -11.21 14.77
C LYS B 407 18.38 -12.32 14.00
N ASN B 408 17.88 -12.67 12.81
CA ASN B 408 18.50 -13.74 12.04
C ASN B 408 19.81 -13.28 11.42
N ASN B 409 19.87 -12.04 10.95
CA ASN B 409 21.10 -11.52 10.34
C ASN B 409 22.16 -11.19 11.37
N SER B 410 21.77 -10.67 12.54
CA SER B 410 22.69 -10.31 13.60
C SER B 410 22.19 -10.90 14.91
N PRO B 411 22.42 -12.21 15.12
CA PRO B 411 21.88 -12.85 16.34
C PRO B 411 22.35 -12.22 17.63
N ILE B 412 23.62 -11.83 17.73
CA ILE B 412 24.13 -11.11 18.89
C ILE B 412 24.21 -9.65 18.51
N GLN B 413 23.37 -8.83 19.14
CA GLN B 413 23.36 -7.40 18.92
C GLN B 413 23.72 -6.59 20.16
N LEU B 414 23.52 -7.15 21.35
CA LEU B 414 23.72 -6.42 22.59
C LEU B 414 24.79 -7.13 23.42
N ILE B 415 25.62 -6.34 24.10
CA ILE B 415 26.61 -6.91 25.07
C ILE B 415 25.86 -7.69 26.17
N SER B 416 24.62 -7.32 26.47
CA SER B 416 23.92 -7.99 27.58
C SER B 416 23.54 -9.40 27.14
N GLN B 417 23.48 -9.62 25.83
CA GLN B 417 23.21 -10.98 25.37
C GLN B 417 24.32 -11.95 25.73
N LEU B 418 25.53 -11.46 26.00
CA LEU B 418 26.69 -12.31 26.36
C LEU B 418 26.71 -12.64 27.86
N LYS B 419 25.73 -12.15 28.60
CA LYS B 419 25.73 -12.33 30.06
C LYS B 419 25.77 -13.82 30.40
N GLY B 420 26.72 -14.24 31.22
CA GLY B 420 26.87 -15.66 31.61
C GLY B 420 27.19 -16.61 30.48
N TYR B 421 27.81 -16.11 29.41
CA TYR B 421 28.21 -17.03 28.33
C TYR B 421 29.28 -17.99 28.82
N PHE B 422 30.02 -17.63 29.87
CA PHE B 422 31.04 -18.55 30.48
C PHE B 422 30.35 -19.78 31.05
N TYR B 423 29.09 -19.65 31.44
CA TYR B 423 28.39 -20.85 31.91
C TYR B 423 27.71 -21.62 30.77
N ILE B 424 27.64 -21.05 29.58
CA ILE B 424 27.08 -21.77 28.44
C ILE B 424 28.17 -22.48 27.67
N ASN B 425 29.32 -21.83 27.48
CA ASN B 425 30.46 -22.42 26.79
C ASN B 425 31.71 -21.77 27.36
N PRO B 426 32.32 -22.37 28.38
CA PRO B 426 33.43 -21.70 29.07
C PRO B 426 34.65 -21.48 28.20
N LEU B 427 35.02 -22.47 27.37
CA LEU B 427 36.25 -22.32 26.61
C LEU B 427 36.08 -21.35 25.44
N LEU B 428 34.89 -21.31 24.82
CA LEU B 428 34.65 -20.30 23.80
C LEU B 428 34.64 -18.90 24.39
N SER B 429 34.16 -18.77 25.63
CA SER B 429 34.18 -17.48 26.31
C SER B 429 35.62 -17.04 26.63
N LEU B 430 36.50 -17.99 26.92
CA LEU B 430 37.89 -17.66 27.18
C LEU B 430 38.59 -17.21 25.91
N SER B 431 38.22 -17.78 24.75
CA SER B 431 38.78 -17.32 23.48
C SER B 431 38.37 -15.87 23.21
N LEU B 432 37.12 -15.51 23.51
CA LEU B 432 36.70 -14.13 23.41
C LEU B 432 37.50 -13.24 24.35
N ALA B 433 37.71 -13.70 25.59
CA ALA B 433 38.44 -12.90 26.56
C ALA B 433 39.89 -12.70 26.15
N ILE B 434 40.53 -13.74 25.61
CA ILE B 434 41.90 -13.63 25.12
C ILE B 434 41.98 -12.59 24.00
N THR B 435 41.06 -12.66 23.06
CA THR B 435 41.04 -11.71 21.95
C THR B 435 40.86 -10.28 22.45
N ILE B 436 39.91 -10.07 23.37
CA ILE B 436 39.67 -8.73 23.89
C ILE B 436 40.85 -8.25 24.73
N PHE B 437 41.48 -9.16 25.48
CA PHE B 437 42.67 -8.78 26.24
C PHE B 437 43.84 -8.48 25.31
N SER B 438 43.87 -9.11 24.14
CA SER B 438 44.85 -8.75 23.11
C SER B 438 44.57 -7.36 22.56
N PHE B 439 43.30 -6.97 22.47
CA PHE B 439 42.96 -5.62 22.01
C PHE B 439 43.47 -4.57 22.99
N VAL B 440 43.41 -4.84 24.29
CA VAL B 440 43.85 -3.82 25.30
C VAL B 440 45.38 -3.72 25.25
N GLY B 441 46.08 -4.83 25.04
CA GLY B 441 47.53 -4.80 24.99
C GLY B 441 48.16 -5.41 26.22
N VAL B 442 47.52 -6.43 26.77
CA VAL B 442 48.06 -7.12 27.95
C VAL B 442 49.10 -8.14 27.51
N PRO B 443 50.30 -8.12 28.06
CA PRO B 443 51.30 -9.13 27.71
C PRO B 443 50.93 -10.49 28.28
N PRO B 444 51.41 -11.59 27.68
CA PRO B 444 52.29 -11.64 26.52
C PRO B 444 51.51 -11.87 25.22
N LEU B 445 50.29 -11.33 25.16
CA LEU B 445 49.47 -11.50 23.98
C LEU B 445 50.00 -10.67 22.82
N VAL B 446 49.70 -11.12 21.60
CA VAL B 446 50.24 -10.49 20.39
C VAL B 446 49.83 -9.03 20.32
N GLY B 447 48.66 -8.69 20.86
CA GLY B 447 48.23 -7.30 20.86
C GLY B 447 49.14 -6.39 21.64
N PHE B 448 49.65 -6.88 22.78
CA PHE B 448 50.62 -6.10 23.54
C PHE B 448 51.86 -5.82 22.71
N PHE B 449 52.41 -6.86 22.07
CA PHE B 449 53.65 -6.70 21.33
C PHE B 449 53.46 -5.76 20.15
N ALA B 450 52.24 -5.69 19.61
CA ALA B 450 51.96 -4.76 18.52
C ALA B 450 51.99 -3.32 19.01
N LYS B 451 51.30 -3.05 20.11
CA LYS B 451 51.29 -1.69 20.70
C LYS B 451 52.70 -1.31 21.16
N GLN B 452 53.46 -2.29 21.69
CA GLN B 452 54.81 -2.02 22.21
C GLN B 452 55.73 -1.55 21.11
N MET B 453 55.66 -2.16 19.93
CA MET B 453 56.54 -1.76 18.83
C MET B 453 56.18 -0.37 18.31
N VAL B 454 54.89 -0.05 18.25
CA VAL B 454 54.49 1.27 17.78
C VAL B 454 54.95 2.35 18.76
N LEU B 455 54.82 2.09 20.06
CA LEU B 455 55.20 3.07 21.05
C LEU B 455 56.72 3.28 21.09
N SER B 456 57.48 2.20 20.97
CA SER B 456 58.93 2.33 20.97
C SER B 456 59.43 3.10 19.76
N ALA B 457 58.75 2.96 18.62
CA ALA B 457 59.18 3.63 17.39
C ALA B 457 58.75 5.10 17.47
N ALA B 458 57.67 5.36 18.16
CA ALA B 458 57.19 6.74 18.20
C ALA B 458 58.08 7.45 19.21
N LEU B 459 58.44 6.74 20.28
CA LEU B 459 59.29 7.34 21.29
C LEU B 459 60.68 7.62 20.74
N ASP B 460 61.21 6.71 19.92
CA ASP B 460 62.56 6.88 19.38
C ASP B 460 62.66 8.00 18.37
N ASN B 461 61.53 8.43 17.82
CA ASN B 461 61.49 9.53 16.81
C ASN B 461 61.05 10.86 17.45
N GLY B 462 60.98 10.95 18.79
CA GLY B 462 60.58 12.17 19.43
C GLY B 462 59.09 12.42 19.51
N TYR B 463 58.28 11.41 19.17
CA TYR B 463 56.79 11.53 19.30
C TYR B 463 56.41 11.19 20.75
N ILE B 464 56.75 12.08 21.67
CA ILE B 464 56.48 11.85 23.08
C ILE B 464 55.03 12.17 23.43
N PHE B 465 54.52 13.29 22.90
CA PHE B 465 53.16 13.72 23.23
C PHE B 465 52.12 12.74 22.71
N LEU B 466 52.32 12.24 21.50
CA LEU B 466 51.39 11.26 20.94
C LEU B 466 51.51 9.92 21.65
N SER B 467 52.72 9.54 22.04
CA SER B 467 52.91 8.31 22.81
C SER B 467 52.21 8.38 24.16
N LEU B 468 52.18 9.56 24.78
CA LEU B 468 51.51 9.71 26.06
C LEU B 468 49.99 9.66 25.92
N ILE B 469 49.46 10.25 24.86
CA ILE B 469 48.02 10.16 24.61
C ILE B 469 47.64 8.72 24.24
N ALA B 470 48.55 8.03 23.54
CA ALA B 470 48.26 6.63 23.18
C ALA B 470 48.11 5.78 24.45
N ILE B 471 49.00 5.94 25.42
CA ILE B 471 48.87 5.19 26.71
C ILE B 471 47.62 5.62 27.49
N ILE B 472 47.31 6.91 27.55
CA ILE B 472 46.15 7.40 28.36
C ILE B 472 44.84 6.90 27.76
N THR B 473 44.67 7.02 26.45
CA THR B 473 43.44 6.55 25.75
C THR B 473 43.34 5.03 25.88
N SER B 474 44.48 4.35 25.96
CA SER B 474 44.49 2.87 26.11
C SER B 474 43.79 2.43 27.41
N VAL B 475 44.00 3.16 28.52
CA VAL B 475 43.30 2.85 29.80
C VAL B 475 41.80 3.10 29.67
N ILE B 476 41.42 4.20 29.00
CA ILE B 476 39.98 4.50 28.78
C ILE B 476 39.38 3.39 27.91
N GLY B 477 40.09 3.00 26.85
CA GLY B 477 39.60 1.96 25.94
C GLY B 477 39.43 0.66 26.66
N ALA B 478 40.33 0.38 27.60
CA ALA B 478 40.27 -0.87 28.38
C ALA B 478 38.96 -0.97 29.17
N VAL B 479 38.28 0.14 29.44
CA VAL B 479 37.11 0.07 30.30
C VAL B 479 35.97 -0.69 29.62
N TYR B 480 35.69 -0.34 28.36
CA TYR B 480 34.61 -1.04 27.67
C TYR B 480 35.02 -2.44 27.24
N TYR B 481 36.33 -2.68 27.04
CA TYR B 481 36.81 -4.03 26.86
C TYR B 481 36.54 -4.88 28.10
N LEU B 482 36.89 -4.34 29.27
CA LEU B 482 36.59 -5.02 30.52
C LEU B 482 35.09 -5.23 30.69
N ASN B 483 34.29 -4.24 30.27
CA ASN B 483 32.82 -4.30 30.35
C ASN B 483 32.28 -5.50 29.57
N VAL B 484 32.81 -5.78 28.37
CA VAL B 484 32.38 -7.02 27.66
C VAL B 484 32.74 -8.25 28.50
N ILE B 485 33.93 -8.29 29.05
CA ILE B 485 34.39 -9.48 29.82
C ILE B 485 33.54 -9.67 31.08
N LYS B 486 33.16 -8.59 31.72
CA LYS B 486 32.35 -8.66 32.95
C LYS B 486 31.00 -9.33 32.66
N GLU B 487 30.36 -8.98 31.56
CA GLU B 487 29.05 -9.60 31.22
C GLU B 487 29.22 -11.11 31.03
N ILE B 488 30.26 -11.55 30.34
CA ILE B 488 30.52 -13.00 30.10
C ILE B 488 30.84 -13.78 31.39
N PHE B 489 31.59 -13.20 32.32
CA PHE B 489 32.11 -14.01 33.46
C PHE B 489 31.50 -13.71 34.83
N PHE B 490 31.05 -12.48 35.11
CA PHE B 490 30.67 -12.13 36.47
C PHE B 490 29.21 -12.42 36.79
N TYR B 491 28.42 -12.77 35.78
CA TYR B 491 26.96 -12.94 35.98
C TYR B 491 26.49 -14.29 35.47
N SER B 492 25.40 -14.81 36.01
CA SER B 492 24.77 -16.01 35.49
C SER B 492 23.96 -15.69 34.24
N PRO B 493 23.82 -16.64 33.31
CA PRO B 493 23.22 -16.32 32.02
C PRO B 493 21.71 -16.16 32.08
N GLU B 494 21.20 -15.43 31.10
CA GLU B 494 19.76 -15.28 30.88
C GLU B 494 19.22 -16.31 29.90
N HIS B 495 20.08 -17.12 29.29
CA HIS B 495 19.67 -18.14 28.34
C HIS B 495 19.59 -19.49 29.01
N GLU B 496 18.47 -20.18 28.82
CA GLU B 496 18.26 -21.53 29.33
C GLU B 496 18.26 -22.50 28.17
N VAL B 497 18.78 -23.71 28.42
CA VAL B 497 18.75 -24.75 27.40
C VAL B 497 17.29 -25.07 27.04
N ASN B 498 17.08 -25.43 25.78
CA ASN B 498 15.73 -25.66 25.28
C ASN B 498 15.16 -26.94 25.87
N PRO B 499 14.05 -26.88 26.60
CA PRO B 499 13.50 -28.13 27.18
C PRO B 499 13.12 -29.18 26.15
N VAL B 500 12.46 -28.80 25.06
CA VAL B 500 12.00 -29.78 24.08
C VAL B 500 13.15 -30.41 23.31
N LEU B 501 14.36 -29.87 23.39
CA LEU B 501 15.51 -30.52 22.79
C LEU B 501 15.99 -31.72 23.60
N ASN B 502 15.78 -31.70 24.92
CA ASN B 502 16.13 -32.82 25.79
C ASN B 502 14.98 -33.01 26.78
N GLU B 503 14.02 -33.86 26.41
CA GLU B 503 12.83 -34.11 27.23
C GLU B 503 12.58 -35.59 27.43
N SER B 504 13.60 -36.42 27.29
CA SER B 504 13.60 -37.87 27.52
C SER B 504 12.76 -38.64 26.50
N ASP B 505 12.07 -37.95 25.59
CA ASP B 505 11.34 -38.63 24.53
C ASP B 505 11.45 -37.91 23.19
N SER B 506 12.10 -36.75 23.13
CA SER B 506 12.24 -35.99 21.89
C SER B 506 13.60 -36.31 21.27
N ASN B 507 13.66 -37.46 20.61
CA ASN B 507 14.88 -37.94 19.98
C ASN B 507 14.65 -38.16 18.50
N PHE B 508 15.51 -37.58 17.68
CA PHE B 508 15.48 -37.78 16.24
C PHE B 508 16.44 -38.90 15.84
N SER B 509 16.23 -39.44 14.65
CA SER B 509 16.92 -40.64 14.20
C SER B 509 18.05 -40.33 13.25
N LEU B 510 19.10 -41.12 13.33
CA LEU B 510 20.23 -41.05 12.41
C LEU B 510 20.60 -42.46 11.98
N ARG B 511 20.76 -42.52 10.53
CA ARG B 511 21.23 -43.82 9.97
C ARG B 511 22.70 -43.74 9.58
N ILE B 512 23.48 -44.88 9.89
CA ILE B 512 24.87 -44.97 9.43
C ILE B 512 24.95 -46.04 8.36
N LEU B 513 25.39 -45.65 7.18
CA LEU B 513 25.38 -46.54 6.02
C LEU B 513 26.77 -46.62 5.41
N ASN B 514 27.05 -47.74 4.75
CA ASN B 514 28.37 -48.01 4.22
C ASN B 514 28.52 -47.47 2.80
N GLU B 515 29.59 -47.88 2.12
CA GLU B 515 29.84 -47.43 0.76
C GLU B 515 28.73 -47.86 -0.21
N LYS B 516 28.03 -48.95 0.09
CA LYS B 516 26.98 -49.46 -0.77
C LYS B 516 25.58 -49.05 -0.32
N ASN B 517 25.48 -48.01 0.51
CA ASN B 517 24.21 -47.49 1.00
C ASN B 517 23.41 -48.56 1.73
N VAL B 518 24.10 -49.48 2.39
CA VAL B 518 23.49 -50.52 3.20
C VAL B 518 23.58 -50.11 4.66
N LEU B 519 22.52 -50.35 5.42
CA LEU B 519 22.48 -49.96 6.81
C LEU B 519 23.58 -50.66 7.62
N ILE B 520 24.13 -49.93 8.58
CA ILE B 520 25.09 -50.47 9.54
C ILE B 520 24.57 -50.36 10.97
N ARG B 521 24.00 -49.23 11.25
CA ARG B 521 23.53 -48.99 12.62
C ARG B 521 22.45 -47.94 12.59
N SER B 522 21.70 -47.84 13.66
CA SER B 522 20.67 -46.82 13.78
C SER B 522 20.71 -46.29 15.20
N VAL B 523 20.94 -44.99 15.34
CA VAL B 523 21.13 -44.34 16.63
C VAL B 523 20.12 -43.22 16.77
N LEU B 524 19.57 -43.08 17.98
CA LEU B 524 18.63 -42.02 18.30
C LEU B 524 19.39 -40.89 18.98
N LEU B 525 19.17 -39.66 18.52
CA LEU B 525 20.00 -38.53 18.89
C LEU B 525 19.15 -37.39 19.46
N LYS B 526 19.83 -36.45 20.11
CA LYS B 526 19.18 -35.37 20.83
C LYS B 526 19.92 -34.05 20.55
N GLY B 527 19.41 -32.98 21.14
CA GLY B 527 20.06 -31.68 21.01
C GLY B 527 21.48 -31.66 21.55
N ARG B 528 21.93 -32.38 22.39
CA ARG B 528 23.29 -32.37 22.98
C ARG B 528 24.27 -33.03 22.00
N ASN B 529 23.66 -33.69 20.92
CA ASN B 529 24.52 -34.19 19.86
C ASN B 529 24.71 -33.20 18.71
N ILE B 530 24.22 -31.97 18.88
CA ILE B 530 24.31 -30.93 17.86
C ILE B 530 25.40 -29.95 18.29
N PHE B 531 26.47 -29.89 17.51
CA PHE B 531 27.66 -29.15 17.88
C PHE B 531 27.97 -28.06 16.85
N ILE B 532 28.87 -27.17 17.25
CA ILE B 532 29.46 -26.20 16.32
C ILE B 532 30.21 -26.93 15.23
N SER B 533 30.10 -26.43 14.00
CA SER B 533 30.81 -27.04 12.88
C SER B 533 32.33 -26.87 13.05
N SER B 534 33.07 -27.87 12.57
CA SER B 534 34.51 -27.88 12.73
C SER B 534 35.23 -26.68 12.10
N PRO B 535 34.86 -26.19 10.91
CA PRO B 535 35.61 -25.04 10.35
C PRO B 535 35.67 -23.84 11.27
N PHE B 536 34.58 -23.54 11.98
CA PHE B 536 34.56 -22.35 12.81
C PHE B 536 35.30 -22.56 14.13
N SER B 537 35.18 -23.74 14.73
CA SER B 537 35.91 -24.01 15.95
C SER B 537 37.41 -24.07 15.71
N ILE B 538 37.83 -24.67 14.60
CA ILE B 538 39.26 -24.80 14.31
C ILE B 538 39.87 -23.43 14.02
N THR B 539 39.18 -22.60 13.23
CA THR B 539 39.70 -21.27 12.92
C THR B 539 39.80 -20.43 14.17
N ILE B 540 38.82 -20.53 15.07
CA ILE B 540 38.91 -19.81 16.34
C ILE B 540 40.07 -20.36 17.16
N SER B 541 40.26 -21.68 17.14
CA SER B 541 41.28 -22.32 17.97
C SER B 541 42.70 -21.99 17.50
N ILE B 542 42.93 -21.95 16.20
CA ILE B 542 44.26 -21.60 15.69
C ILE B 542 44.58 -20.15 16.02
N ILE B 543 43.65 -19.25 15.71
CA ILE B 543 43.90 -17.82 15.91
C ILE B 543 44.04 -17.50 17.39
N THR B 544 43.20 -18.11 18.23
CA THR B 544 43.30 -17.87 19.67
C THR B 544 44.66 -18.30 20.20
N ASN B 545 45.17 -19.42 19.71
CA ASN B 545 46.48 -19.89 20.15
C ASN B 545 47.62 -19.08 19.56
N VAL B 546 47.45 -18.50 18.37
CA VAL B 546 48.45 -17.59 17.84
C VAL B 546 48.52 -16.33 18.69
N ILE B 547 47.36 -15.82 19.12
CA ILE B 547 47.33 -14.65 19.99
C ILE B 547 48.01 -14.96 21.32
N LEU B 548 47.70 -16.12 21.90
CA LEU B 548 48.17 -16.46 23.23
C LEU B 548 49.64 -16.88 23.24
N LEU B 549 50.09 -17.59 22.22
CA LEU B 549 51.41 -18.20 22.22
C LEU B 549 52.41 -17.47 21.33
N PHE B 550 52.15 -16.20 21.01
CA PHE B 550 52.98 -15.47 20.06
C PHE B 550 54.43 -15.36 20.53
N ILE B 551 54.66 -15.35 21.84
CA ILE B 551 56.01 -15.12 22.36
C ILE B 551 56.96 -16.26 22.03
N PHE B 552 56.43 -17.44 21.69
CA PHE B 552 57.24 -18.58 21.30
C PHE B 552 57.37 -18.75 19.79
N MET B 553 56.76 -17.87 19.00
CA MET B 553 56.64 -18.10 17.55
C MET B 553 56.89 -16.81 16.78
N ASN B 554 57.63 -15.88 17.36
CA ASN B 554 57.69 -14.53 16.82
C ASN B 554 58.84 -14.30 15.84
N LYS B 555 59.75 -15.25 15.68
CA LYS B 555 60.97 -14.98 14.92
C LYS B 555 60.68 -14.78 13.44
N GLU B 556 60.08 -15.76 12.76
CA GLU B 556 59.82 -15.63 11.33
C GLU B 556 58.86 -14.48 11.04
N TRP B 557 57.80 -14.35 11.82
CA TRP B 557 56.79 -13.33 11.58
C TRP B 557 57.40 -11.93 11.65
N LEU B 558 58.23 -11.68 12.65
CA LEU B 558 58.85 -10.37 12.79
C LEU B 558 60.03 -10.17 11.84
N SER B 559 60.71 -11.25 11.46
CA SER B 559 61.82 -11.12 10.52
C SER B 559 61.33 -10.77 9.13
N MET B 560 60.12 -11.23 8.75
CA MET B 560 59.58 -10.89 7.45
C MET B 560 59.41 -9.39 7.29
N GLY B 561 58.81 -8.74 8.28
CA GLY B 561 58.63 -7.29 8.21
C GLY B 561 59.94 -6.55 8.27
N THR B 562 60.90 -7.05 9.06
CA THR B 562 62.22 -6.43 9.11
C THR B 562 62.87 -6.41 7.74
N ILE B 563 62.82 -7.53 7.02
CA ILE B 563 63.40 -7.60 5.69
C ILE B 563 62.61 -6.71 4.71
N LEU B 564 61.28 -6.69 4.83
CA LEU B 564 60.47 -5.87 3.94
C LEU B 564 60.82 -4.39 4.07
N VAL B 565 61.01 -3.92 5.30
CA VAL B 565 61.33 -2.51 5.51
C VAL B 565 62.73 -2.19 5.01
N GLN B 566 63.66 -3.14 5.17
CA GLN B 566 65.02 -2.92 4.69
C GLN B 566 65.05 -2.75 3.17
N ILE B 567 64.24 -3.52 2.45
CA ILE B 567 64.14 -3.34 1.01
C ILE B 567 63.55 -1.97 0.67
N LEU B 568 62.49 -1.56 1.38
CA LEU B 568 61.86 -0.28 1.10
C LEU B 568 62.80 0.89 1.39
N PHE B 569 63.61 0.77 2.45
CA PHE B 569 64.49 1.84 2.89
C PHE B 569 65.89 1.74 2.29
N SER B 570 66.13 0.76 1.42
CA SER B 570 67.49 0.42 1.00
C SER B 570 68.09 1.55 0.19
N ALA B 571 68.97 2.33 0.82
CA ALA B 571 69.72 3.34 0.12
C ALA B 571 70.74 2.70 -0.82
N MET C 1 29.39 34.10 -40.14
CA MET C 1 28.45 33.35 -39.33
C MET C 1 28.37 31.92 -39.87
N SER C 2 28.69 30.95 -39.02
CA SER C 2 28.77 29.56 -39.45
C SER C 2 27.40 29.03 -39.82
N ALA C 3 27.36 28.16 -40.84
CA ALA C 3 26.10 27.57 -41.26
C ALA C 3 25.45 26.75 -40.15
N MET C 4 26.25 26.24 -39.22
CA MET C 4 25.69 25.46 -38.11
C MET C 4 25.02 26.35 -37.07
N SER C 5 25.53 27.57 -36.89
CA SER C 5 24.91 28.49 -35.94
C SER C 5 23.58 29.03 -36.49
N ILE C 6 23.56 29.42 -37.76
CA ILE C 6 22.34 29.91 -38.38
C ILE C 6 21.29 28.79 -38.42
N TYR C 7 21.72 27.56 -38.67
CA TYR C 7 20.80 26.43 -38.68
C TYR C 7 20.11 26.28 -37.32
N ILE C 8 20.89 26.36 -36.24
CA ILE C 8 20.32 26.21 -34.90
C ILE C 8 19.33 27.33 -34.62
N ILE C 9 19.67 28.56 -35.02
CA ILE C 9 18.78 29.69 -34.79
C ILE C 9 17.48 29.53 -35.57
N PHE C 10 17.58 29.14 -36.84
CA PHE C 10 16.38 29.01 -37.67
C PHE C 10 15.44 27.94 -37.13
N VAL C 11 15.99 26.78 -36.73
CA VAL C 11 15.14 25.72 -36.19
C VAL C 11 14.45 26.19 -34.91
N SER C 12 15.18 26.90 -34.05
CA SER C 12 14.55 27.50 -32.87
C SER C 12 13.48 28.50 -33.28
N ILE C 13 13.74 29.30 -34.31
CA ILE C 13 12.76 30.31 -34.75
C ILE C 13 11.48 29.64 -35.22
N ILE C 14 11.60 28.54 -35.97
CA ILE C 14 10.41 27.82 -36.43
C ILE C 14 9.56 27.40 -35.24
N ALA C 15 10.20 26.89 -34.17
CA ALA C 15 9.46 26.43 -33.01
C ALA C 15 8.72 27.59 -32.34
N ILE C 16 9.33 28.77 -32.31
CA ILE C 16 8.69 29.92 -31.67
C ILE C 16 7.50 30.40 -32.51
N LEU C 17 7.65 30.41 -33.83
CA LEU C 17 6.54 30.81 -34.70
C LEU C 17 5.32 29.93 -34.47
N PHE C 18 5.54 28.61 -34.42
CA PHE C 18 4.42 27.70 -34.19
C PHE C 18 3.75 27.97 -32.85
N LEU C 19 4.56 28.19 -31.81
CA LEU C 19 4.01 28.57 -30.52
C LEU C 19 3.28 29.91 -30.60
N ALA C 20 3.90 30.88 -31.28
CA ALA C 20 3.33 32.23 -31.32
C ALA C 20 1.96 32.23 -31.99
N ILE C 21 1.83 31.53 -33.12
CA ILE C 21 0.56 31.50 -33.84
C ILE C 21 -0.54 30.96 -32.93
N ASP C 22 -0.31 29.80 -32.33
CA ASP C 22 -1.32 29.18 -31.48
C ASP C 22 -1.56 29.94 -30.18
N LEU C 23 -0.61 30.78 -29.79
CA LEU C 23 -0.82 31.62 -28.58
C LEU C 23 -1.56 32.90 -28.90
N ILE C 24 -1.39 33.45 -30.10
CA ILE C 24 -1.98 34.73 -30.44
C ILE C 24 -3.34 34.57 -31.11
N PHE C 25 -3.46 33.65 -32.06
CA PHE C 25 -4.64 33.58 -32.91
C PHE C 25 -5.63 32.48 -32.52
N ALA C 26 -5.16 31.41 -31.88
CA ALA C 26 -6.07 30.38 -31.43
C ALA C 26 -6.90 30.90 -30.25
N PRO C 27 -8.11 30.38 -30.06
CA PRO C 27 -8.93 30.82 -28.93
C PRO C 27 -8.34 30.33 -27.61
N HIS C 28 -8.75 31.00 -26.53
CA HIS C 28 -8.30 30.61 -25.17
C HIS C 28 -9.40 30.91 -24.13
N ASN C 29 -9.78 29.91 -23.34
CA ASN C 29 -10.81 30.04 -22.32
C ASN C 29 -10.32 29.38 -21.04
N PRO C 30 -10.82 29.83 -19.88
CA PRO C 30 -10.45 29.18 -18.62
C PRO C 30 -11.15 27.83 -18.45
N TYR C 31 -10.74 26.85 -19.24
CA TYR C 31 -11.36 25.51 -19.20
C TYR C 31 -10.67 24.57 -18.22
N LYS C 32 -9.66 25.04 -17.50
CA LYS C 32 -8.95 24.19 -16.54
C LYS C 32 -9.81 23.92 -15.31
N SER C 46 -4.87 12.78 -1.21
CA SER C 46 -5.49 13.12 -2.49
C SER C 46 -5.25 12.03 -3.53
N GLN C 47 -4.25 12.23 -4.37
CA GLN C 47 -3.96 11.29 -5.43
C GLN C 47 -3.46 9.97 -4.86
N SER C 48 -3.97 8.86 -5.41
CA SER C 48 -3.59 7.54 -4.94
C SER C 48 -2.17 7.21 -5.40
N ARG C 49 -1.61 6.16 -4.79
CA ARG C 49 -0.26 5.72 -5.07
C ARG C 49 -0.21 4.20 -5.13
N SER C 50 0.83 3.69 -5.79
CA SER C 50 0.97 2.26 -6.05
C SER C 50 2.43 1.96 -6.31
N PRO C 51 2.87 0.73 -6.09
CA PRO C 51 4.25 0.37 -6.38
C PRO C 51 4.54 0.38 -7.88
N PHE C 52 5.78 0.72 -8.21
CA PHE C 52 6.19 0.76 -9.60
C PHE C 52 6.94 -0.51 -9.98
N ASN C 53 7.04 -0.74 -11.29
CA ASN C 53 7.59 -1.97 -11.83
C ASN C 53 9.12 -1.87 -11.91
N ILE C 54 9.83 -2.88 -11.40
CA ILE C 54 11.33 -2.85 -11.38
C ILE C 54 11.90 -3.01 -12.80
N SER C 55 11.11 -3.51 -13.73
CA SER C 55 11.56 -3.72 -15.13
C SER C 55 11.97 -2.39 -15.76
N PHE C 56 11.29 -1.30 -15.42
CA PHE C 56 11.67 0.05 -15.91
C PHE C 56 13.07 0.43 -15.43
N PHE C 57 13.39 0.18 -14.16
CA PHE C 57 14.79 0.42 -13.68
C PHE C 57 15.75 -0.50 -14.47
N ILE C 58 15.36 -1.76 -14.67
CA ILE C 58 16.34 -2.65 -15.38
C ILE C 58 16.57 -2.13 -16.80
N TYR C 59 15.54 -1.70 -17.50
CA TYR C 59 15.73 -1.29 -18.92
C TYR C 59 16.72 -0.14 -18.97
N GLY C 60 16.55 0.84 -18.10
CA GLY C 60 17.43 2.00 -18.05
C GLY C 60 18.84 1.63 -17.64
N LEU C 61 18.94 0.75 -16.61
CA LEU C 61 20.26 0.27 -16.12
C LEU C 61 21.00 -0.48 -17.22
N VAL C 62 20.38 -1.48 -17.83
CA VAL C 62 21.13 -2.23 -18.83
C VAL C 62 21.41 -1.37 -20.06
N PHE C 63 20.52 -0.44 -20.39
CA PHE C 63 20.80 0.48 -21.50
C PHE C 63 22.02 1.33 -21.21
N LEU C 64 22.06 1.96 -20.04
CA LEU C 64 23.16 2.84 -19.67
C LEU C 64 24.50 2.11 -19.67
N LEU C 65 24.56 0.97 -18.99
CA LEU C 65 25.81 0.22 -18.90
C LEU C 65 26.25 -0.28 -20.28
N LEU C 66 25.31 -0.77 -21.08
CA LEU C 66 25.65 -1.16 -22.45
C LEU C 66 25.90 0.03 -23.36
N ASP C 67 25.29 1.19 -23.07
CA ASP C 67 25.58 2.40 -23.83
C ASP C 67 27.01 2.85 -23.61
N LEU C 68 27.49 2.75 -22.36
CA LEU C 68 28.88 3.09 -22.06
C LEU C 68 29.86 2.18 -22.80
N GLU C 69 29.59 0.88 -22.82
CA GLU C 69 30.53 -0.08 -23.49
C GLU C 69 30.59 0.14 -24.99
N ILE C 70 29.46 0.46 -25.62
CA ILE C 70 29.52 0.78 -27.05
C ILE C 70 30.34 2.05 -27.28
N LEU C 71 30.13 3.06 -26.42
CA LEU C 71 30.93 4.28 -26.51
C LEU C 71 32.41 3.98 -26.44
N LEU C 72 32.83 3.06 -25.57
CA LEU C 72 34.24 2.73 -25.41
C LEU C 72 34.81 1.98 -26.61
N LEU C 73 33.96 1.43 -27.48
CA LEU C 73 34.46 0.77 -28.69
C LEU C 73 34.54 1.69 -29.89
N TYR C 74 33.86 2.84 -29.86
CA TYR C 74 33.91 3.77 -30.98
C TYR C 74 35.32 4.27 -31.29
N PRO C 75 36.19 4.56 -30.32
CA PRO C 75 37.58 4.90 -30.69
C PRO C 75 38.29 3.82 -31.47
N PHE C 76 38.01 2.55 -31.18
CA PHE C 76 38.66 1.45 -31.92
C PHE C 76 38.27 1.48 -33.40
N ALA C 77 36.99 1.70 -33.70
CA ALA C 77 36.53 1.72 -35.09
C ALA C 77 37.14 2.84 -35.92
N VAL C 78 37.64 3.90 -35.30
CA VAL C 78 38.30 4.97 -36.03
C VAL C 78 39.81 4.92 -35.83
N SER C 79 40.33 3.77 -35.39
CA SER C 79 41.78 3.61 -35.09
C SER C 79 42.22 2.19 -35.43
N GLU C 80 41.43 1.47 -36.21
CA GLU C 80 41.67 0.03 -36.47
C GLU C 80 43.01 -0.23 -37.15
N TYR C 81 43.45 0.65 -38.05
CA TYR C 81 44.71 0.50 -38.81
C TYR C 81 45.98 0.50 -37.95
N VAL C 82 46.10 1.44 -37.02
CA VAL C 82 47.28 1.52 -36.12
C VAL C 82 47.17 0.44 -35.05
N ASN C 83 45.96 0.16 -34.60
CA ASN C 83 45.72 -0.83 -33.53
C ASN C 83 46.11 -2.18 -34.08
N SER C 84 45.71 -2.47 -35.32
CA SER C 84 46.07 -3.74 -35.99
C SER C 84 45.72 -4.93 -35.10
N ALA C 85 46.57 -5.95 -35.10
CA ALA C 85 46.33 -7.18 -34.31
C ALA C 85 46.35 -6.94 -32.81
N TYR C 86 47.34 -6.19 -32.33
CA TYR C 86 47.50 -6.02 -30.86
C TYR C 86 46.31 -5.31 -30.23
N GLY C 87 45.90 -4.16 -30.80
CA GLY C 87 44.70 -3.45 -30.34
C GLY C 87 43.43 -4.27 -30.49
N LEU C 88 43.36 -5.10 -31.53
CA LEU C 88 42.20 -6.00 -31.71
C LEU C 88 42.12 -7.01 -30.56
N ALA C 89 43.23 -7.59 -30.15
CA ALA C 89 43.20 -8.48 -28.97
C ALA C 89 42.55 -7.81 -27.76
N ALA C 90 42.99 -6.62 -27.39
CA ALA C 90 42.42 -5.93 -26.23
C ALA C 90 40.96 -5.59 -26.43
N ALA C 91 40.57 -5.18 -27.64
CA ALA C 91 39.17 -4.96 -27.93
C ALA C 91 38.37 -6.24 -27.77
N LEU C 92 38.90 -7.36 -28.26
CA LEU C 92 38.22 -8.65 -28.11
C LEU C 92 38.16 -9.08 -26.64
N ILE C 93 39.23 -8.84 -25.88
CA ILE C 93 39.19 -9.09 -24.45
C ILE C 93 38.10 -8.23 -23.79
N PHE C 94 38.03 -6.96 -24.17
CA PHE C 94 37.03 -6.08 -23.60
C PHE C 94 35.62 -6.52 -23.98
N ILE C 95 35.42 -6.92 -25.24
CA ILE C 95 34.11 -7.38 -25.68
C ILE C 95 33.73 -8.66 -24.96
N GLY C 96 34.68 -9.57 -24.79
CA GLY C 96 34.39 -10.83 -24.12
C GLY C 96 33.94 -10.63 -22.67
N ILE C 97 34.56 -9.69 -21.97
CA ILE C 97 34.20 -9.45 -20.57
C ILE C 97 32.79 -8.88 -20.48
N ILE C 98 32.46 -7.89 -21.32
CA ILE C 98 31.14 -7.28 -21.25
C ILE C 98 30.08 -8.23 -21.79
N THR C 99 30.46 -9.15 -22.67
CA THR C 99 29.50 -10.14 -23.15
C THR C 99 29.07 -11.08 -22.02
N ILE C 100 29.96 -11.37 -21.08
CA ILE C 100 29.61 -12.25 -19.97
C ILE C 100 28.57 -11.60 -19.08
N GLY C 101 28.64 -10.28 -18.90
CA GLY C 101 27.62 -9.58 -18.09
C GLY C 101 26.28 -9.55 -18.78
N PHE C 102 26.30 -9.57 -20.10
CA PHE C 102 25.04 -9.67 -20.83
C PHE C 102 24.46 -11.08 -20.72
N VAL C 103 25.33 -12.10 -20.71
CA VAL C 103 24.88 -13.46 -20.45
C VAL C 103 24.21 -13.53 -19.09
N TYR C 104 24.79 -12.87 -18.08
CA TYR C 104 24.14 -12.79 -16.78
C TYR C 104 22.77 -12.12 -16.89
N GLU C 105 22.70 -11.02 -17.65
CA GLU C 105 21.43 -10.37 -17.91
C GLU C 105 20.42 -11.33 -18.53
N LEU C 106 20.85 -12.07 -19.56
CA LEU C 106 19.94 -12.98 -20.24
C LEU C 106 19.58 -14.17 -19.36
N GLY C 107 20.59 -14.79 -18.73
CA GLY C 107 20.35 -16.00 -17.97
C GLY C 107 19.42 -15.79 -16.79
N HIS C 108 19.50 -14.64 -16.14
CA HIS C 108 18.66 -14.32 -14.99
C HIS C 108 17.38 -13.60 -15.38
N ASP C 109 17.27 -13.13 -16.63
CA ASP C 109 16.05 -12.53 -17.16
C ASP C 109 15.58 -11.38 -16.27
N ALA C 110 16.46 -10.40 -16.06
CA ALA C 110 16.09 -9.24 -15.28
C ALA C 110 15.06 -8.38 -15.99
N LEU C 111 14.80 -8.64 -17.27
CA LEU C 111 13.71 -8.04 -18.02
C LEU C 111 12.45 -8.89 -18.00
N LYS C 112 12.44 -9.98 -17.23
CA LYS C 112 11.29 -10.88 -17.12
C LYS C 112 10.91 -11.46 -18.47
N VAL C 113 11.82 -12.24 -19.06
CA VAL C 113 11.54 -12.88 -20.33
C VAL C 113 10.39 -13.88 -20.19
N HIS C 114 10.39 -14.65 -19.10
CA HIS C 114 9.37 -15.66 -18.84
C HIS C 114 8.32 -15.14 -17.86
N SER C 115 7.98 -13.85 -17.94
CA SER C 115 7.03 -13.26 -17.01
C SER C 115 5.65 -13.90 -17.14
N ARG C 116 5.20 -14.14 -18.37
CA ARG C 116 3.87 -14.66 -18.63
C ARG C 116 3.95 -16.15 -18.94
N GLN C 117 3.09 -16.93 -18.29
CA GLN C 117 3.04 -18.37 -18.52
C GLN C 117 1.61 -18.87 -18.62
N LEU C 124 -1.20 -31.71 -17.97
CA LEU C 124 -2.15 -31.94 -16.90
C LEU C 124 -1.71 -33.09 -16.00
N LYS C 125 -0.43 -33.07 -15.61
CA LYS C 125 0.07 -34.10 -14.70
C LYS C 125 -0.69 -34.06 -13.39
N SER C 126 -1.13 -35.24 -12.94
CA SER C 126 -1.96 -35.37 -11.75
C SER C 126 -1.17 -36.06 -10.65
N SER C 127 -1.15 -35.45 -9.47
CA SER C 127 -0.42 -36.00 -8.34
C SER C 127 -1.06 -37.25 -7.76
N VAL C 128 -2.33 -37.51 -8.05
CA VAL C 128 -3.06 -38.61 -7.43
C VAL C 128 -3.15 -39.77 -8.41
N VAL C 129 -2.66 -40.93 -7.99
CA VAL C 129 -2.88 -42.20 -8.68
C VAL C 129 -3.58 -43.14 -7.70
N ILE C 130 -4.58 -43.86 -8.20
CA ILE C 130 -5.43 -44.72 -7.36
C ILE C 130 -5.26 -46.16 -7.81
N SER C 131 -5.22 -47.07 -6.84
CA SER C 131 -5.08 -48.49 -7.11
C SER C 131 -6.19 -49.27 -6.42
N TYR C 132 -6.85 -50.14 -7.18
CA TYR C 132 -7.87 -51.03 -6.64
C TYR C 132 -7.24 -52.33 -6.17
N LEU C 133 -7.59 -52.76 -4.97
CA LEU C 133 -7.09 -54.01 -4.42
C LEU C 133 -8.16 -55.08 -4.27
N GLY C 134 -9.43 -54.70 -4.28
CA GLY C 134 -10.52 -55.65 -4.25
C GLY C 134 -11.19 -55.76 -2.90
N ASN C 135 -11.85 -56.89 -2.70
CA ASN C 135 -12.54 -57.17 -1.44
C ASN C 135 -11.56 -57.62 -0.38
N ILE C 136 -11.81 -57.21 0.86
CA ILE C 136 -10.96 -57.59 1.98
C ILE C 136 -11.01 -59.10 2.21
N MET D 1 66.54 -29.31 30.59
CA MET D 1 65.46 -28.64 31.28
C MET D 1 65.93 -28.13 32.64
N SER D 2 66.35 -26.86 32.68
CA SER D 2 66.83 -26.22 33.89
C SER D 2 65.84 -26.33 35.05
N LEU D 3 66.35 -26.30 36.28
CA LEU D 3 65.47 -26.31 37.44
C LEU D 3 64.53 -25.12 37.43
N LEU D 4 65.01 -23.96 36.95
CA LEU D 4 64.16 -22.78 36.90
C LEU D 4 63.01 -22.95 35.92
N TYR D 5 63.27 -23.57 34.77
CA TYR D 5 62.18 -23.85 33.84
C TYR D 5 61.25 -24.93 34.38
N VAL D 6 61.76 -25.85 35.19
CA VAL D 6 60.91 -26.82 35.88
C VAL D 6 59.91 -26.09 36.76
N LEU D 7 60.35 -25.01 37.43
CA LEU D 7 59.46 -24.25 38.30
C LEU D 7 58.26 -23.71 37.54
N LEU D 8 58.46 -23.25 36.31
CA LEU D 8 57.35 -22.70 35.53
C LEU D 8 56.53 -23.78 34.84
N ILE D 9 57.02 -25.00 34.78
CA ILE D 9 56.35 -26.05 34.02
C ILE D 9 55.39 -26.86 34.89
N ILE D 10 55.79 -27.18 36.13
CA ILE D 10 54.93 -27.96 37.01
C ILE D 10 53.52 -27.37 37.14
N PRO D 11 53.33 -26.07 37.44
CA PRO D 11 51.96 -25.56 37.55
C PRO D 11 51.18 -25.62 36.26
N ILE D 12 51.86 -25.69 35.11
CA ILE D 12 51.15 -25.82 33.84
C ILE D 12 50.70 -27.27 33.63
N ILE D 13 51.48 -28.24 34.09
CA ILE D 13 51.03 -29.63 34.05
C ILE D 13 49.82 -29.82 34.93
N GLY D 14 49.83 -29.23 36.13
CA GLY D 14 48.67 -29.29 37.00
C GLY D 14 47.41 -28.74 36.34
N ILE D 15 47.56 -27.65 35.59
CA ILE D 15 46.42 -27.11 34.84
C ILE D 15 45.94 -28.14 33.82
N PHE D 16 46.87 -28.79 33.12
CA PHE D 16 46.49 -29.80 32.14
C PHE D 16 45.74 -30.95 32.78
N LEU D 17 46.25 -31.48 33.89
CA LEU D 17 45.58 -32.61 34.55
C LEU D 17 44.24 -32.19 35.12
N ILE D 18 44.14 -30.98 35.68
CA ILE D 18 42.88 -30.52 36.25
C ILE D 18 41.79 -30.49 35.19
N SER D 19 42.13 -30.04 33.99
CA SER D 19 41.15 -29.81 32.93
C SER D 19 40.97 -31.00 32.00
N THR D 20 41.65 -32.13 32.26
CA THR D 20 41.51 -33.32 31.44
C THR D 20 41.10 -34.57 32.21
N ILE D 21 41.23 -34.55 33.54
CA ILE D 21 40.99 -35.78 34.36
C ILE D 21 39.55 -36.30 34.22
N ASP D 22 38.61 -35.53 33.79
CA ASP D 22 37.19 -35.94 33.71
C ASP D 22 37.02 -36.85 32.51
N SER D 23 37.97 -36.75 31.56
CA SER D 23 37.95 -37.59 30.35
C SER D 23 38.52 -38.97 30.68
N PHE D 24 39.06 -39.16 31.88
CA PHE D 24 39.61 -40.45 32.27
C PHE D 24 38.88 -41.09 33.45
N TYR D 25 38.00 -40.36 34.13
CA TYR D 25 37.27 -40.92 35.27
C TYR D 25 35.77 -40.66 35.12
N PHE D 69 31.28 -38.60 36.54
CA PHE D 69 31.54 -37.26 37.04
C PHE D 69 32.65 -37.28 38.09
N PHE D 70 33.77 -36.63 37.76
CA PHE D 70 34.90 -36.57 38.69
C PHE D 70 34.55 -35.71 39.90
N ASN D 71 35.10 -36.09 41.05
CA ASN D 71 34.83 -35.38 42.29
C ASN D 71 35.69 -34.12 42.37
N VAL D 72 35.13 -33.09 43.01
CA VAL D 72 35.85 -31.83 43.17
C VAL D 72 37.09 -32.01 44.04
N SER D 73 37.02 -32.93 45.01
CA SER D 73 38.18 -33.20 45.86
C SER D 73 39.40 -33.57 45.03
N TYR D 74 39.18 -34.27 43.92
CA TYR D 74 40.29 -34.63 43.04
C TYR D 74 41.00 -33.39 42.51
N TYR D 75 40.24 -32.41 42.02
CA TYR D 75 40.85 -31.20 41.47
C TYR D 75 41.68 -30.49 42.51
N LYS D 76 41.15 -30.36 43.73
CA LYS D 76 41.85 -29.67 44.81
C LYS D 76 43.12 -30.42 45.20
N LYS D 77 43.11 -31.75 45.12
CA LYS D 77 44.30 -32.52 45.45
C LYS D 77 45.36 -32.43 44.35
N ILE D 78 44.93 -32.41 43.09
CA ILE D 78 45.89 -32.22 42.00
C ILE D 78 46.57 -30.86 42.13
N ALA D 79 45.77 -29.82 42.39
CA ALA D 79 46.32 -28.47 42.51
C ALA D 79 47.27 -28.35 43.70
N LEU D 80 46.90 -28.94 44.84
CA LEU D 80 47.73 -28.83 46.03
C LEU D 80 49.06 -29.55 45.84
N ILE D 81 49.03 -30.79 45.35
CA ILE D 81 50.26 -31.53 45.11
C ILE D 81 51.14 -30.80 44.10
N THR D 82 50.51 -30.22 43.06
CA THR D 82 51.25 -29.44 42.09
C THR D 82 52.06 -28.33 42.75
N THR D 83 51.43 -27.56 43.64
CA THR D 83 52.17 -26.51 44.35
C THR D 83 53.19 -27.10 45.31
N ILE D 84 52.93 -28.28 45.87
CA ILE D 84 53.91 -28.89 46.77
C ILE D 84 55.18 -29.28 46.03
N LEU D 85 55.04 -29.89 44.84
CA LEU D 85 56.22 -30.25 44.07
C LEU D 85 56.97 -29.01 43.59
N ASN D 86 56.24 -27.91 43.35
CA ASN D 86 56.91 -26.66 43.01
C ASN D 86 57.72 -26.13 44.19
N LEU D 87 57.16 -26.26 45.41
CA LEU D 87 57.92 -25.91 46.60
C LEU D 87 59.13 -26.82 46.79
N ILE D 88 58.97 -28.11 46.51
CA ILE D 88 60.06 -29.06 46.65
C ILE D 88 61.20 -28.72 45.70
N VAL D 89 60.88 -28.27 44.49
CA VAL D 89 61.92 -27.91 43.53
C VAL D 89 62.65 -26.64 43.97
N SER D 90 61.89 -25.66 44.47
CA SER D 90 62.51 -24.43 44.95
C SER D 90 63.42 -24.68 46.15
N LEU D 91 63.12 -25.70 46.95
CA LEU D 91 64.00 -26.05 48.05
C LEU D 91 65.26 -26.73 47.56
N ILE D 92 65.14 -27.58 46.53
CA ILE D 92 66.31 -28.20 45.92
C ILE D 92 67.24 -27.13 45.34
N ILE D 93 66.66 -26.13 44.66
CA ILE D 93 67.47 -25.05 44.10
C ILE D 93 68.22 -24.33 45.21
N TYR D 94 67.54 -24.05 46.32
CA TYR D 94 68.16 -23.29 47.40
C TYR D 94 69.35 -24.03 48.01
N ILE D 95 69.27 -25.36 48.13
CA ILE D 95 70.40 -26.14 48.62
C ILE D 95 71.61 -25.95 47.70
N LEU D 96 71.38 -26.02 46.39
CA LEU D 96 72.45 -25.88 45.41
C LEU D 96 72.89 -24.43 45.22
N PHE D 97 72.06 -23.47 45.61
CA PHE D 97 72.37 -22.06 45.40
C PHE D 97 73.63 -21.67 46.16
N ASP D 98 74.44 -20.81 45.53
CA ASP D 98 75.70 -20.35 46.11
C ASP D 98 75.52 -18.90 46.53
N PHE D 99 75.96 -18.60 47.77
CA PHE D 99 75.65 -17.31 48.39
C PHE D 99 76.55 -16.18 47.91
N SER D 100 77.68 -16.44 47.37
CA SER D 100 78.62 -15.36 46.99
C SER D 100 79.08 -15.51 45.55
N ASN D 101 78.14 -15.52 44.59
CA ASN D 101 78.49 -15.59 43.14
C ASN D 101 77.90 -14.37 42.43
N ASN D 102 78.65 -13.64 41.59
CA ASN D 102 78.03 -12.50 40.85
C ASN D 102 77.46 -12.96 39.51
N GLN D 103 77.57 -14.22 39.22
CA GLN D 103 76.94 -14.80 38.04
C GLN D 103 75.53 -15.25 38.40
N PHE D 104 74.61 -15.07 37.46
CA PHE D 104 73.29 -15.66 37.63
C PHE D 104 73.40 -17.17 37.57
N GLN D 105 72.71 -17.84 38.48
CA GLN D 105 72.87 -19.28 38.67
C GLN D 105 71.70 -20.04 38.08
N PHE D 106 71.96 -21.32 37.76
CA PHE D 106 70.97 -22.21 37.16
C PHE D 106 70.37 -21.61 35.90
N ILE D 107 71.20 -21.01 35.08
CA ILE D 107 70.75 -20.48 33.81
C ILE D 107 71.01 -21.53 32.74
N GLN D 108 70.12 -21.59 31.76
CA GLN D 108 70.24 -22.55 30.66
C GLN D 108 70.52 -21.79 29.38
N GLU D 109 71.51 -22.27 28.62
CA GLU D 109 71.93 -21.58 27.40
C GLU D 109 70.89 -21.76 26.31
N ASN D 110 70.43 -20.64 25.73
CA ASN D 110 69.46 -20.70 24.66
C ASN D 110 70.14 -20.67 23.29
N LEU D 111 70.83 -19.57 22.97
CA LEU D 111 71.67 -19.43 21.80
C LEU D 111 70.87 -19.45 20.49
N ASP D 112 69.56 -19.71 20.59
CA ASP D 112 68.66 -19.60 19.45
C ASP D 112 67.90 -18.28 19.55
N LEU D 113 68.65 -17.20 19.36
CA LEU D 113 68.12 -15.87 19.66
C LEU D 113 66.94 -15.53 18.77
N SER D 114 65.91 -14.95 19.40
CA SER D 114 64.74 -14.43 18.71
C SER D 114 64.52 -12.98 19.16
N PHE D 115 63.38 -12.39 18.79
CA PHE D 115 63.08 -11.04 19.23
C PHE D 115 62.74 -11.01 20.72
N TYR D 116 61.93 -11.96 21.18
CA TYR D 116 61.43 -11.98 22.56
C TYR D 116 61.68 -13.36 23.14
N ASP D 117 62.86 -13.56 23.73
CA ASP D 117 63.23 -14.84 24.32
C ASP D 117 63.17 -14.74 25.83
N ILE D 118 62.95 -15.89 26.46
CA ILE D 118 62.77 -15.98 27.91
C ILE D 118 64.02 -16.62 28.49
N TYR D 119 64.85 -15.81 29.14
CA TYR D 119 66.01 -16.30 29.86
C TYR D 119 65.74 -16.24 31.36
N LEU D 120 66.05 -17.33 32.06
CA LEU D 120 65.83 -17.42 33.50
C LEU D 120 67.15 -17.55 34.24
N GLY D 121 67.23 -16.91 35.39
CA GLY D 121 68.41 -16.98 36.23
C GLY D 121 68.08 -16.42 37.59
N VAL D 122 68.88 -16.81 38.57
CA VAL D 122 68.59 -16.49 39.96
C VAL D 122 69.87 -16.09 40.67
N ASP D 123 69.78 -15.04 41.49
CA ASP D 123 70.81 -14.67 42.45
C ASP D 123 70.15 -14.37 43.78
N GLY D 124 70.93 -13.84 44.72
CA GLY D 124 70.44 -13.68 46.08
C GLY D 124 69.20 -12.82 46.20
N VAL D 125 69.14 -11.71 45.45
CA VAL D 125 68.00 -10.81 45.60
C VAL D 125 66.71 -11.46 45.11
N SER D 126 66.80 -12.37 44.16
CA SER D 126 65.60 -13.05 43.65
C SER D 126 65.32 -14.39 44.32
N ILE D 127 66.27 -14.98 45.03
CA ILE D 127 66.09 -16.35 45.51
C ILE D 127 65.02 -16.41 46.60
N TYR D 128 64.93 -15.39 47.45
CA TYR D 128 64.01 -15.47 48.57
C TYR D 128 62.59 -15.08 48.17
N PHE D 129 62.44 -14.22 47.16
CA PHE D 129 61.11 -13.96 46.61
C PHE D 129 60.55 -15.20 45.92
N VAL D 130 61.41 -15.98 45.26
CA VAL D 130 60.97 -17.23 44.67
C VAL D 130 60.52 -18.20 45.75
N LEU D 131 61.28 -18.29 46.85
CA LEU D 131 60.89 -19.17 47.94
C LEU D 131 59.58 -18.72 48.58
N LEU D 132 59.40 -17.41 48.76
CA LEU D 132 58.18 -16.92 49.39
C LEU D 132 56.97 -17.23 48.53
N THR D 133 57.12 -17.16 47.21
CA THR D 133 56.02 -17.51 46.31
C THR D 133 55.68 -18.99 46.40
N THR D 134 56.70 -19.85 46.52
CA THR D 134 56.44 -21.29 46.58
C THR D 134 55.92 -21.74 47.93
N ILE D 135 56.26 -21.04 49.02
CA ILE D 135 55.72 -21.38 50.32
C ILE D 135 54.27 -20.91 50.44
N ILE D 136 53.98 -19.71 49.94
CA ILE D 136 52.71 -19.05 50.20
C ILE D 136 51.57 -19.76 49.47
N MET D 137 51.79 -20.14 48.22
CA MET D 137 50.72 -20.61 47.35
C MET D 137 50.05 -21.90 47.84
N PRO D 138 50.79 -22.88 48.36
CA PRO D 138 50.10 -24.02 49.02
C PRO D 138 49.21 -23.58 50.17
N ILE D 139 49.68 -22.64 51.00
CA ILE D 139 48.86 -22.13 52.09
C ILE D 139 47.61 -21.44 51.55
N ALA D 140 47.76 -20.72 50.44
CA ALA D 140 46.61 -20.06 49.82
C ALA D 140 45.59 -21.09 49.33
N LEU D 141 46.07 -22.22 48.81
CA LEU D 141 45.16 -23.26 48.34
C LEU D 141 44.38 -23.88 49.50
N VAL D 142 45.05 -24.15 50.61
CA VAL D 142 44.36 -24.74 51.77
C VAL D 142 43.41 -23.74 52.40
N SER D 143 43.75 -22.45 52.35
CA SER D 143 42.93 -21.42 52.98
C SER D 143 41.56 -21.27 52.32
N ASN D 144 41.38 -21.90 51.16
CA ASN D 144 40.07 -21.80 50.47
C ASN D 144 39.46 -23.18 50.24
N TRP D 145 40.03 -24.23 50.83
CA TRP D 145 39.63 -25.60 50.56
C TRP D 145 38.11 -25.75 50.62
N ASN D 146 37.46 -25.13 51.60
CA ASN D 146 36.05 -25.33 51.81
C ASN D 146 35.18 -24.15 51.39
N SER D 147 35.77 -23.00 51.05
CA SER D 147 35.01 -21.77 50.91
C SER D 147 34.77 -21.34 49.47
N ILE D 148 35.11 -22.16 48.49
CA ILE D 148 34.86 -21.78 47.10
C ILE D 148 33.50 -22.34 46.67
N THR D 149 33.37 -23.67 46.64
CA THR D 149 32.09 -24.37 46.46
C THR D 149 31.45 -24.19 45.09
N ASN D 150 32.05 -23.39 44.21
CA ASN D 150 31.52 -23.22 42.86
C ASN D 150 32.64 -22.76 41.93
N ASN D 151 32.58 -23.22 40.68
CA ASN D 151 33.63 -22.96 39.70
C ASN D 151 35.00 -23.33 40.26
N ILE D 152 35.06 -24.48 40.91
CA ILE D 152 36.28 -24.89 41.59
C ILE D 152 37.40 -25.14 40.59
N LYS D 153 37.06 -25.69 39.42
CA LYS D 153 38.06 -25.88 38.38
C LYS D 153 38.66 -24.56 37.93
N SER D 154 37.82 -23.54 37.73
CA SER D 154 38.33 -22.24 37.30
C SER D 154 39.21 -21.62 38.37
N TYR D 155 38.87 -21.82 39.65
CA TYR D 155 39.62 -21.18 40.75
C TYR D 155 41.01 -21.80 40.80
N LEU D 156 41.07 -23.11 40.63
CA LEU D 156 42.35 -23.78 40.76
C LEU D 156 43.24 -23.50 39.55
N ILE D 157 42.66 -23.44 38.36
CA ILE D 157 43.44 -23.13 37.17
C ILE D 157 43.98 -21.71 37.23
N ILE D 158 43.16 -20.77 37.66
CA ILE D 158 43.62 -19.38 37.81
C ILE D 158 44.73 -19.30 38.85
N MET D 159 44.53 -19.94 40.00
CA MET D 159 45.54 -19.95 41.08
C MET D 159 46.84 -20.58 40.57
N LEU D 160 46.79 -21.68 39.83
CA LEU D 160 48.00 -22.34 39.32
C LEU D 160 48.70 -21.49 38.28
N LEU D 161 47.93 -20.82 37.41
CA LEU D 161 48.53 -19.94 36.41
C LEU D 161 49.23 -18.75 37.07
N LEU D 162 48.61 -18.20 38.11
CA LEU D 162 49.22 -17.08 38.83
C LEU D 162 50.57 -17.46 39.40
N GLU D 163 50.74 -18.72 39.82
CA GLU D 163 52.03 -19.16 40.35
C GLU D 163 53.11 -19.13 39.27
N THR D 164 52.79 -19.62 38.07
CA THR D 164 53.77 -19.62 36.99
C THR D 164 54.17 -18.21 36.61
N LEU D 165 53.20 -17.29 36.55
CA LEU D 165 53.49 -15.92 36.16
C LEU D 165 54.33 -15.21 37.21
N LEU D 166 53.91 -15.30 38.48
CA LEU D 166 54.63 -14.60 39.54
C LEU D 166 56.05 -15.11 39.68
N LEU D 167 56.25 -16.42 39.56
CA LEU D 167 57.60 -16.97 39.57
C LEU D 167 58.40 -16.47 38.38
N ALA D 168 57.77 -16.39 37.20
CA ALA D 168 58.47 -15.88 36.03
C ALA D 168 58.95 -14.45 36.25
N VAL D 169 58.19 -13.65 37.01
CA VAL D 169 58.59 -12.27 37.27
C VAL D 169 59.94 -12.24 37.98
N PHE D 170 60.11 -13.07 39.01
CA PHE D 170 61.32 -13.04 39.80
C PHE D 170 62.50 -13.73 39.13
N LEU D 171 62.28 -14.46 38.05
CA LEU D 171 63.34 -15.26 37.43
C LEU D 171 63.84 -14.74 36.10
N VAL D 172 63.12 -13.84 35.44
CA VAL D 172 63.51 -13.39 34.11
C VAL D 172 64.71 -12.46 34.22
N LEU D 173 65.62 -12.58 33.25
CA LEU D 173 66.87 -11.84 33.24
C LEU D 173 66.85 -10.73 32.19
N ASP D 174 65.68 -10.16 31.96
CA ASP D 174 65.51 -9.10 30.97
C ASP D 174 64.43 -8.14 31.47
N VAL D 175 64.66 -6.84 31.22
CA VAL D 175 63.77 -5.82 31.77
C VAL D 175 62.42 -5.84 31.06
N LEU D 176 62.39 -6.05 29.75
CA LEU D 176 61.10 -6.23 29.05
C LEU D 176 60.44 -7.53 29.54
N LEU D 177 61.23 -8.61 29.66
CA LEU D 177 60.68 -9.85 30.22
C LEU D 177 60.05 -9.61 31.58
N PHE D 178 60.69 -8.77 32.40
CA PHE D 178 60.12 -8.42 33.69
C PHE D 178 58.74 -7.80 33.53
N TYR D 179 58.63 -6.80 32.65
CA TYR D 179 57.36 -6.11 32.44
C TYR D 179 56.28 -7.06 31.92
N ILE D 180 56.65 -7.99 31.04
CA ILE D 180 55.67 -8.84 30.39
C ILE D 180 54.93 -9.70 31.41
N PHE D 181 55.66 -10.18 32.42
CA PHE D 181 55.10 -11.03 33.50
C PHE D 181 54.45 -10.20 34.63
N PHE D 182 54.97 -9.00 34.91
CA PHE D 182 54.42 -8.09 35.94
C PHE D 182 52.98 -7.77 35.52
N GLU D 183 52.74 -7.67 34.21
CA GLU D 183 51.40 -7.27 33.70
C GLU D 183 50.58 -8.50 33.31
N SER D 184 51.24 -9.62 32.99
CA SER D 184 50.43 -10.75 32.54
C SER D 184 49.43 -11.21 33.59
N ILE D 185 49.63 -10.86 34.86
CA ILE D 185 48.78 -11.39 35.93
C ILE D 185 47.46 -10.64 36.08
N LEU D 186 47.29 -9.51 35.41
CA LEU D 186 46.06 -8.74 35.55
C LEU D 186 44.81 -9.49 35.08
N PRO D 187 44.78 -10.08 33.89
CA PRO D 187 43.54 -10.76 33.45
C PRO D 187 43.17 -11.93 34.34
N PRO D 188 44.11 -12.81 34.75
CA PRO D 188 43.72 -13.81 35.76
C PRO D 188 43.29 -13.19 37.08
N LEU D 189 43.93 -12.10 37.49
CA LEU D 189 43.48 -11.38 38.69
C LEU D 189 42.11 -10.75 38.48
N PHE D 190 41.88 -10.16 37.31
CA PHE D 190 40.58 -9.57 37.02
C PHE D 190 39.46 -10.60 37.08
N ILE D 191 39.72 -11.80 36.54
CA ILE D 191 38.67 -12.81 36.46
C ILE D 191 38.52 -13.53 37.80
N LEU D 192 39.59 -13.70 38.57
CA LEU D 192 39.51 -14.29 39.93
C LEU D 192 38.54 -13.47 40.80
N ILE D 193 38.74 -12.15 40.86
CA ILE D 193 37.88 -11.33 41.72
C ILE D 193 36.43 -11.41 41.25
N GLY D 194 36.22 -11.28 39.95
CA GLY D 194 34.85 -11.27 39.43
C GLY D 194 34.13 -12.59 39.58
N LEU D 195 34.86 -13.71 39.46
CA LEU D 195 34.23 -15.02 39.64
C LEU D 195 33.99 -15.36 41.10
N PHE D 196 34.89 -14.95 42.00
CA PHE D 196 34.84 -15.49 43.39
C PHE D 196 34.84 -14.41 44.46
N GLY D 197 34.69 -13.15 44.05
CA GLY D 197 34.77 -12.02 45.00
C GLY D 197 33.49 -11.75 45.75
N SER D 198 33.52 -10.78 46.66
CA SER D 198 32.34 -10.44 47.48
C SER D 198 31.39 -9.50 46.70
N SER D 199 30.48 -8.82 47.39
CA SER D 199 29.41 -8.03 46.73
C SER D 199 29.94 -6.94 45.81
N ASN D 200 31.00 -6.24 46.19
CA ASN D 200 31.49 -5.08 45.40
C ASN D 200 32.67 -5.50 44.52
N LYS D 201 32.67 -6.75 44.05
CA LYS D 201 33.82 -7.28 43.28
C LYS D 201 33.88 -6.69 41.86
N VAL D 202 32.78 -6.10 41.35
CA VAL D 202 32.89 -5.48 40.04
C VAL D 202 33.72 -4.21 40.10
N ARG D 203 33.41 -3.33 41.05
CA ARG D 203 34.21 -2.12 41.19
C ARG D 203 35.64 -2.44 41.58
N ALA D 204 35.83 -3.49 42.38
CA ALA D 204 37.18 -3.87 42.82
C ALA D 204 38.03 -4.35 41.65
N SER D 205 37.48 -5.26 40.84
CA SER D 205 38.26 -5.82 39.73
C SER D 205 38.63 -4.75 38.71
N PHE D 206 37.74 -3.80 38.45
CA PHE D 206 38.09 -2.69 37.56
C PHE D 206 39.19 -1.83 38.14
N TYR D 207 39.13 -1.54 39.44
CA TYR D 207 40.12 -0.66 40.06
C TYR D 207 41.52 -1.25 39.99
N ILE D 208 41.66 -2.53 40.33
CA ILE D 208 42.99 -3.12 40.35
C ILE D 208 43.52 -3.29 38.92
N PHE D 209 42.63 -3.51 37.94
CA PHE D 209 43.10 -3.64 36.56
C PHE D 209 43.56 -2.32 35.99
N LEU D 210 42.75 -1.27 36.17
CA LEU D 210 43.02 0.01 35.51
C LEU D 210 44.15 0.78 36.20
N TYR D 211 44.21 0.77 37.52
CA TYR D 211 45.35 1.38 38.25
C TYR D 211 46.67 0.78 37.77
N THR D 212 46.76 -0.55 37.81
CA THR D 212 48.01 -1.27 37.46
C THR D 212 48.37 -1.02 35.99
N LEU D 213 47.38 -0.99 35.11
CA LEU D 213 47.71 -0.85 33.69
C LEU D 213 48.20 0.57 33.50
N LEU D 214 47.48 1.53 34.07
CA LEU D 214 47.84 2.92 33.81
C LEU D 214 49.25 3.22 34.29
N GLY D 215 49.59 2.77 35.50
CA GLY D 215 50.95 2.95 35.98
C GLY D 215 51.97 2.17 35.18
N SER D 216 51.64 0.91 34.84
CA SER D 216 52.57 0.08 34.08
C SER D 216 52.84 0.66 32.70
N LEU D 217 51.87 1.37 32.13
CA LEU D 217 52.07 2.01 30.80
C LEU D 217 53.15 3.09 30.89
N PHE D 218 53.27 3.76 32.03
CA PHE D 218 54.35 4.72 32.22
C PHE D 218 55.68 4.02 32.46
N LEU D 219 55.65 2.86 33.12
CA LEU D 219 56.86 2.07 33.26
C LEU D 219 57.29 1.49 31.92
N LEU D 220 56.32 1.11 31.07
CA LEU D 220 56.66 0.59 29.75
C LEU D 220 57.37 1.64 28.91
N LEU D 221 56.89 2.88 28.96
CA LEU D 221 57.55 3.97 28.22
C LEU D 221 58.99 4.13 28.66
N SER D 222 59.24 4.06 29.97
CA SER D 222 60.61 4.18 30.48
C SER D 222 61.46 2.99 30.03
N ILE D 223 60.87 1.79 30.04
CA ILE D 223 61.59 0.59 29.64
C ILE D 223 61.95 0.62 28.16
N LEU D 224 61.07 1.15 27.31
CA LEU D 224 61.32 1.17 25.88
C LEU D 224 62.43 2.15 25.54
N THR D 225 62.50 3.28 26.25
CA THR D 225 63.60 4.22 26.09
C THR D 225 64.93 3.56 26.41
N MET D 226 64.97 2.73 27.46
CA MET D 226 66.20 2.06 27.84
C MET D 226 66.67 1.10 26.74
N SER D 227 65.83 0.30 26.22
CA SER D 227 66.14 -0.69 25.16
C SER D 227 66.55 -0.02 23.87
N SER D 228 65.98 1.19 23.62
CA SER D 228 66.38 1.91 22.42
C SER D 228 67.82 2.42 22.52
N ILE D 229 68.18 3.00 23.67
CA ILE D 229 69.51 3.52 23.85
C ILE D 229 70.54 2.40 23.90
N VAL D 230 70.20 1.29 24.55
CA VAL D 230 71.16 0.24 24.86
C VAL D 230 71.11 -0.85 23.78
N GLY D 231 69.95 -1.00 23.14
CA GLY D 231 69.76 -2.04 22.16
C GLY D 231 69.27 -3.35 22.73
N THR D 232 69.19 -3.47 24.05
CA THR D 232 68.85 -4.72 24.71
C THR D 232 68.44 -4.42 26.14
N THR D 233 67.58 -5.28 26.68
CA THR D 233 67.13 -5.17 28.06
C THR D 233 67.69 -6.27 28.95
N TYR D 234 68.54 -7.15 28.42
CA TYR D 234 69.16 -8.20 29.22
C TYR D 234 69.93 -7.60 30.39
N PHE D 235 69.79 -8.22 31.56
CA PHE D 235 70.35 -7.63 32.77
C PHE D 235 71.87 -7.51 32.70
N ASP D 236 72.55 -8.55 32.23
CA ASP D 236 74.01 -8.59 32.32
C ASP D 236 74.67 -7.52 31.49
N VAL D 237 73.98 -6.96 30.51
CA VAL D 237 74.56 -5.92 29.67
C VAL D 237 73.88 -4.57 29.83
N LEU D 238 72.69 -4.47 30.39
CA LEU D 238 71.99 -3.18 30.59
C LEU D 238 72.55 -2.51 31.85
N LEU D 239 72.86 -3.32 32.87
CA LEU D 239 73.44 -2.74 34.07
C LEU D 239 74.84 -2.18 33.80
N LYS D 240 75.54 -2.76 32.81
CA LYS D 240 76.91 -2.31 32.44
C LYS D 240 76.85 -0.90 31.83
N SER D 241 75.71 -0.49 31.33
CA SER D 241 75.61 0.79 30.64
C SER D 241 75.49 1.93 31.64
N SER D 242 75.68 3.16 31.06
CA SER D 242 75.65 4.39 31.90
C SER D 242 74.78 5.44 31.23
N PHE D 243 73.62 5.73 31.85
CA PHE D 243 72.70 6.72 31.32
C PHE D 243 73.04 8.12 31.80
N GLU D 244 72.74 9.10 30.96
CA GLU D 244 73.00 10.50 31.30
C GLU D 244 71.98 10.98 32.32
N TYR D 245 72.40 11.98 33.12
CA TYR D 245 71.64 12.37 34.31
C TYR D 245 70.20 12.74 33.99
N THR D 246 69.97 13.57 32.98
CA THR D 246 68.59 13.95 32.69
C THR D 246 67.80 12.80 32.08
N THR D 247 68.46 11.92 31.32
CA THR D 247 67.84 10.68 30.91
C THR D 247 67.43 9.86 32.14
N GLN D 248 68.36 9.70 33.08
CA GLN D 248 68.05 9.01 34.33
C GLN D 248 66.87 9.64 35.05
N LEU D 249 66.78 10.97 35.00
CA LEU D 249 65.69 11.72 35.69
C LEU D 249 64.33 11.35 35.09
N PHE D 250 64.23 11.38 33.77
CA PHE D 250 62.95 11.07 33.13
C PHE D 250 62.68 9.57 33.14
N LEU D 251 63.73 8.74 33.10
CA LEU D 251 63.54 7.32 33.30
C LEU D 251 63.01 7.04 34.69
N PHE D 252 63.38 7.87 35.67
CA PHE D 252 63.01 7.61 37.05
C PHE D 252 61.52 7.86 37.29
N PHE D 253 60.98 8.92 36.71
CA PHE D 253 59.57 9.30 36.91
C PHE D 253 58.70 8.20 36.35
N GLY D 254 59.00 7.77 35.13
CA GLY D 254 58.20 6.75 34.49
C GLY D 254 58.13 5.48 35.30
N ILE D 255 59.28 5.02 35.80
CA ILE D 255 59.31 3.81 36.63
C ILE D 255 58.66 4.06 37.98
N PHE D 256 58.96 5.19 38.61
CA PHE D 256 58.44 5.44 39.95
C PHE D 256 56.92 5.58 39.97
N ILE D 257 56.34 6.03 38.87
CA ILE D 257 54.86 6.25 38.85
C ILE D 257 54.23 4.86 38.96
N ALA D 258 54.81 3.86 38.29
CA ALA D 258 54.29 2.48 38.34
C ALA D 258 54.54 1.85 39.71
N PHE D 259 55.74 2.05 40.24
CA PHE D 259 56.09 1.38 41.52
C PHE D 259 55.26 2.02 42.66
N ALA D 260 54.93 3.31 42.57
CA ALA D 260 54.04 4.00 43.54
C ALA D 260 52.59 3.52 43.46
N VAL D 261 52.08 3.23 42.26
CA VAL D 261 50.72 2.62 42.18
C VAL D 261 50.77 1.22 42.80
N LYS D 262 51.86 0.48 42.59
CA LYS D 262 51.91 -0.92 43.08
C LYS D 262 52.37 -1.04 44.54
N THR D 263 52.96 -0.01 45.14
CA THR D 263 53.48 -0.18 46.52
C THR D 263 52.37 -0.59 47.51
N PRO D 264 51.15 -0.03 47.50
CA PRO D 264 50.88 1.25 46.85
C PRO D 264 51.35 2.39 47.76
N VAL D 265 51.52 3.60 47.24
CA VAL D 265 51.78 4.78 48.12
C VAL D 265 50.41 5.33 48.53
N TRP D 266 50.34 6.13 49.60
CA TRP D 266 49.05 6.68 50.00
C TRP D 266 48.56 7.68 48.97
N GLY D 267 47.27 7.61 48.64
CA GLY D 267 46.68 8.41 47.60
C GLY D 267 46.58 7.71 46.27
N LEU D 268 47.39 6.67 46.05
CA LEU D 268 47.27 5.79 44.89
C LEU D 268 46.83 4.39 45.30
N ASN D 269 46.27 4.25 46.50
CA ASN D 269 46.01 2.96 47.12
C ASN D 269 44.53 2.60 47.15
N SER D 270 43.67 3.31 46.42
CA SER D 270 42.23 2.92 46.39
C SER D 270 42.04 1.49 45.91
N TRP D 271 42.75 1.11 44.87
CA TRP D 271 42.66 -0.26 44.31
C TRP D 271 42.93 -1.33 45.39
N LEU D 272 43.92 -1.14 46.25
CA LEU D 272 44.25 -2.13 47.29
C LEU D 272 43.09 -2.24 48.28
N LEU D 273 42.53 -1.09 48.66
CA LEU D 273 41.43 -1.08 49.64
C LEU D 273 40.28 -1.90 49.07
N ARG D 274 40.03 -1.77 47.77
CA ARG D 274 38.92 -2.49 47.17
C ARG D 274 39.29 -3.92 46.84
N ALA D 275 40.38 -4.13 46.10
CA ALA D 275 40.72 -5.46 45.60
C ALA D 275 41.07 -6.42 46.72
N HIS D 276 41.97 -6.01 47.62
CA HIS D 276 42.41 -6.92 48.67
C HIS D 276 41.28 -7.33 49.60
N VAL D 277 40.22 -6.52 49.68
CA VAL D 277 39.06 -6.85 50.55
C VAL D 277 38.01 -7.65 49.75
N GLU D 278 37.75 -7.27 48.51
CA GLU D 278 36.65 -7.92 47.76
C GLU D 278 37.15 -9.23 47.16
N SER D 279 38.45 -9.46 47.16
CA SER D 279 38.97 -10.69 46.58
C SER D 279 38.61 -11.90 47.45
N PRO D 280 38.61 -13.12 46.84
CA PRO D 280 38.54 -14.37 47.60
C PRO D 280 39.77 -14.44 48.50
N LEU D 281 39.70 -15.23 49.59
CA LEU D 281 40.78 -15.31 50.57
C LEU D 281 42.10 -15.70 49.93
N GLY D 282 42.13 -16.74 49.11
CA GLY D 282 43.35 -17.12 48.38
C GLY D 282 43.86 -15.98 47.53
N GLY D 283 42.99 -15.33 46.77
CA GLY D 283 43.39 -14.14 46.02
C GLY D 283 44.03 -13.11 46.92
N SER D 284 43.41 -12.82 48.07
CA SER D 284 43.92 -11.79 48.97
C SER D 284 45.32 -12.16 49.47
N ILE D 285 45.54 -13.42 49.81
CA ILE D 285 46.85 -13.86 50.29
C ILE D 285 47.90 -13.64 49.20
N VAL D 286 47.59 -14.06 47.98
CA VAL D 286 48.53 -13.89 46.87
C VAL D 286 48.74 -12.41 46.58
N LEU D 287 47.65 -11.62 46.60
CA LEU D 287 47.75 -10.20 46.29
C LEU D 287 48.62 -9.46 47.29
N ALA D 288 48.50 -9.78 48.58
CA ALA D 288 49.22 -9.05 49.61
C ALA D 288 50.64 -9.59 49.82
N ALA D 289 50.81 -10.90 49.77
CA ALA D 289 52.07 -11.52 50.16
C ALA D 289 53.05 -11.70 49.02
N ILE D 290 52.60 -11.58 47.77
CA ILE D 290 53.47 -11.83 46.58
C ILE D 290 53.41 -10.61 45.64
N VAL D 291 52.21 -10.23 45.21
CA VAL D 291 52.03 -9.14 44.20
C VAL D 291 52.55 -7.79 44.70
N LEU D 292 52.39 -7.47 45.98
CA LEU D 292 52.94 -6.20 46.54
C LEU D 292 54.46 -6.20 46.39
N LYS D 293 55.10 -7.35 46.53
CA LYS D 293 56.57 -7.49 46.43
C LYS D 293 57.12 -7.24 45.02
N LEU D 294 56.33 -7.36 43.95
CA LEU D 294 56.94 -7.19 42.60
C LEU D 294 57.59 -5.81 42.44
N SER D 295 56.94 -4.73 42.89
CA SER D 295 57.52 -3.36 42.81
C SER D 295 58.80 -3.25 43.65
N LEU D 296 58.85 -3.93 44.79
CA LEU D 296 60.05 -3.94 45.67
C LEU D 296 61.17 -4.69 44.96
N TYR D 297 60.88 -5.88 44.46
CA TYR D 297 61.94 -6.56 43.71
C TYR D 297 62.31 -5.79 42.44
N GLY D 298 61.34 -5.08 41.85
CA GLY D 298 61.60 -4.29 40.66
C GLY D 298 62.47 -3.08 40.91
N VAL D 299 62.47 -2.54 42.13
CA VAL D 299 63.40 -1.42 42.46
C VAL D 299 64.85 -1.89 42.41
N PHE D 300 65.12 -3.12 42.82
CA PHE D 300 66.48 -3.72 42.80
C PHE D 300 66.98 -3.94 41.36
N ARG D 301 66.09 -4.24 40.43
CA ARG D 301 66.50 -4.56 39.03
C ARG D 301 66.32 -3.41 38.02
N LEU D 302 65.57 -2.36 38.36
CA LEU D 302 65.24 -1.35 37.37
C LEU D 302 65.69 0.06 37.71
N ILE D 303 66.05 0.31 38.99
CA ILE D 303 66.40 1.73 39.24
C ILE D 303 67.71 1.76 40.02
N LEU D 304 67.92 0.89 40.99
CA LEU D 304 69.15 1.00 41.81
C LEU D 304 70.44 0.86 40.96
N PRO D 305 70.56 -0.12 40.04
CA PRO D 305 71.73 -0.28 39.19
C PRO D 305 71.86 0.74 38.05
N ILE D 306 70.76 1.19 37.49
CA ILE D 306 70.89 2.02 36.26
C ILE D 306 70.56 3.48 36.56
N LEU D 307 69.77 3.70 37.59
CA LEU D 307 69.43 5.08 37.86
C LEU D 307 69.92 5.51 39.24
N PRO D 308 71.22 5.35 39.55
CA PRO D 308 71.66 5.69 40.91
C PRO D 308 71.71 7.17 41.18
N GLN D 309 72.06 7.97 40.17
CA GLN D 309 72.13 9.45 40.34
C GLN D 309 70.72 9.99 40.53
N ALA D 310 69.78 9.55 39.71
CA ALA D 310 68.39 9.96 39.87
C ALA D 310 67.85 9.54 41.24
N SER D 311 68.15 8.31 41.65
CA SER D 311 67.69 7.82 42.94
C SER D 311 68.27 8.65 44.08
N LEU D 312 69.57 8.96 44.01
CA LEU D 312 70.19 9.78 45.05
C LEU D 312 69.62 11.18 45.10
N ASN D 313 69.41 11.80 43.93
CA ASN D 313 68.93 13.18 43.88
C ASN D 313 67.44 13.32 44.12
N LEU D 314 66.69 12.21 44.10
CA LEU D 314 65.25 12.27 44.29
C LEU D 314 64.78 11.56 45.55
N THR D 315 65.70 11.12 46.41
CA THR D 315 65.31 10.41 47.63
C THR D 315 64.42 11.28 48.51
N TYR D 316 64.70 12.58 48.58
CA TYR D 316 63.89 13.47 49.39
C TYR D 316 62.45 13.59 48.90
N ILE D 317 62.16 13.19 47.66
CA ILE D 317 60.79 13.11 47.20
C ILE D 317 60.19 11.74 47.52
N VAL D 318 60.97 10.68 47.35
CA VAL D 318 60.51 9.35 47.73
C VAL D 318 60.25 9.29 49.23
N TYR D 319 61.08 9.97 50.01
CA TYR D 319 60.96 9.91 51.46
C TYR D 319 59.79 10.76 51.97
N ALA D 320 59.48 11.87 51.30
CA ALA D 320 58.30 12.64 51.67
C ALA D 320 57.02 11.83 51.43
N ILE D 321 56.94 11.18 50.27
CA ILE D 321 55.81 10.28 50.00
C ILE D 321 55.83 9.09 50.95
N GLY D 322 57.02 8.56 51.23
CA GLY D 322 57.11 7.44 52.15
C GLY D 322 56.74 7.83 53.58
N ALA D 323 57.16 9.01 54.02
CA ALA D 323 56.79 9.49 55.35
C ALA D 323 55.30 9.76 55.44
N ILE D 324 54.74 10.39 54.40
CA ILE D 324 53.32 10.71 54.38
C ILE D 324 52.49 9.44 54.45
N THR D 325 52.89 8.41 53.70
CA THR D 325 52.13 7.17 53.68
C THR D 325 52.14 6.48 55.04
N VAL D 326 53.27 6.57 55.75
CA VAL D 326 53.35 5.93 57.07
C VAL D 326 52.35 6.55 58.03
N LEU D 327 52.23 7.87 58.01
CA LEU D 327 51.31 8.54 58.96
C LEU D 327 49.87 8.45 58.50
N TYR D 328 49.60 8.82 57.24
CA TYR D 328 48.20 8.89 56.80
C TYR D 328 47.55 7.52 56.82
N ALA D 329 48.26 6.49 56.37
CA ALA D 329 47.71 5.14 56.44
C ALA D 329 47.48 4.70 57.89
N SER D 330 48.45 4.97 58.77
CA SER D 330 48.33 4.53 60.15
C SER D 330 47.14 5.18 60.84
N PHE D 331 46.94 6.47 60.63
CA PHE D 331 45.76 7.14 61.20
C PHE D 331 44.48 6.60 60.60
N SER D 332 44.49 6.30 59.29
CA SER D 332 43.29 5.88 58.60
C SER D 332 42.87 4.47 59.02
N THR D 333 43.83 3.55 59.18
CA THR D 333 43.46 2.19 59.57
C THR D 333 42.99 2.13 61.02
N LEU D 334 43.35 3.13 61.83
CA LEU D 334 42.81 3.24 63.18
C LEU D 334 41.31 3.46 63.19
N ARG D 335 40.74 3.99 62.10
CA ARG D 335 39.32 4.28 62.02
C ARG D 335 38.60 3.40 61.01
N THR D 336 39.25 2.34 60.52
CA THR D 336 38.64 1.45 59.54
C THR D 336 37.80 0.41 60.28
N VAL D 337 36.57 0.20 59.80
CA VAL D 337 35.62 -0.65 60.50
C VAL D 337 35.45 -2.03 59.85
N ASP D 338 35.92 -2.22 58.63
CA ASP D 338 35.95 -3.55 58.01
C ASP D 338 37.25 -4.23 58.40
N VAL D 339 37.15 -5.44 58.96
CA VAL D 339 38.33 -6.10 59.53
C VAL D 339 39.37 -6.38 58.43
N LYS D 340 39.05 -6.86 57.33
CA LYS D 340 39.98 -7.15 56.22
C LYS D 340 40.54 -5.84 55.66
N GLU D 341 39.67 -4.74 55.61
CA GLU D 341 40.22 -3.47 55.15
C GLU D 341 41.21 -2.89 56.14
N LEU D 342 41.00 -3.11 57.44
CA LEU D 342 42.00 -2.74 58.43
C LEU D 342 43.30 -3.50 58.19
N ILE D 343 43.20 -4.81 57.95
CA ILE D 343 44.39 -5.60 57.69
C ILE D 343 44.97 -5.27 56.32
N ALA D 344 44.12 -4.99 55.34
CA ALA D 344 44.62 -4.52 54.05
C ALA D 344 45.34 -3.19 54.19
N TYR D 345 44.81 -2.29 55.03
CA TYR D 345 45.42 -0.98 55.20
C TYR D 345 46.75 -1.05 55.93
N SER D 346 46.94 -2.05 56.79
CA SER D 346 48.23 -2.22 57.44
C SER D 346 49.32 -2.49 56.42
N SER D 347 49.02 -3.29 55.40
CA SER D 347 49.98 -3.56 54.33
C SER D 347 50.51 -2.27 53.72
N VAL D 348 49.66 -1.25 53.62
CA VAL D 348 50.06 0.04 53.07
C VAL D 348 51.14 0.68 53.94
N ALA D 349 50.92 0.66 55.26
CA ALA D 349 51.88 1.28 56.18
C ALA D 349 53.23 0.57 56.16
N HIS D 350 53.23 -0.77 56.18
CA HIS D 350 54.49 -1.51 56.17
C HIS D 350 55.19 -1.39 54.82
N ALA D 351 54.44 -1.39 53.72
CA ALA D 351 55.07 -1.25 52.41
C ALA D 351 55.79 0.08 52.28
N ALA D 352 55.30 1.11 52.96
CA ALA D 352 56.01 2.38 52.99
C ALA D 352 57.36 2.24 53.67
N ILE D 353 57.45 1.46 54.75
CA ILE D 353 58.73 1.28 55.48
C ILE D 353 59.77 0.58 54.60
N TYR D 354 59.45 -0.51 53.90
CA TYR D 354 60.49 -1.12 53.07
C TYR D 354 60.69 -0.40 51.74
N LEU D 355 59.75 0.46 51.35
CA LEU D 355 59.99 1.36 50.23
C LEU D 355 61.01 2.43 50.60
N MET D 356 60.98 2.88 51.85
CA MET D 356 61.99 3.82 52.31
C MET D 356 63.34 3.15 52.47
N GLY D 357 63.34 1.84 52.79
CA GLY D 357 64.59 1.12 52.94
C GLY D 357 65.36 0.94 51.64
N VAL D 358 64.66 0.57 50.56
CA VAL D 358 65.34 0.28 49.30
C VAL D 358 66.00 1.52 48.72
N PHE D 359 65.57 2.71 49.12
CA PHE D 359 66.16 3.95 48.62
C PHE D 359 67.18 4.52 49.60
N SER D 360 67.64 3.73 50.53
CA SER D 360 68.58 4.24 51.56
C SER D 360 70.05 4.18 51.09
N ASN D 361 70.37 3.33 50.11
CA ASN D 361 71.74 3.26 49.53
C ASN D 361 72.67 2.64 50.57
N THR D 362 72.10 2.03 51.60
CA THR D 362 72.88 1.42 52.69
C THR D 362 72.68 -0.08 52.62
N ILE D 363 73.63 -0.86 53.12
CA ILE D 363 73.55 -2.33 53.17
C ILE D 363 72.38 -2.73 54.08
N GLN D 364 72.24 -2.09 55.25
CA GLN D 364 71.20 -2.44 56.25
C GLN D 364 69.78 -2.19 55.73
N GLY D 365 69.54 -1.04 55.13
CA GLY D 365 68.21 -0.68 54.62
C GLY D 365 67.74 -1.68 53.57
N LEU D 366 68.60 -2.00 52.62
CA LEU D 366 68.27 -2.93 51.53
C LEU D 366 68.00 -4.35 52.06
N GLU D 367 68.79 -4.83 53.00
CA GLU D 367 68.56 -6.16 53.60
C GLU D 367 67.25 -6.11 54.41
N GLY D 368 67.07 -5.05 55.20
CA GLY D 368 65.83 -4.86 55.97
C GLY D 368 64.62 -4.83 55.07
N ALA D 369 64.71 -4.20 53.89
CA ALA D 369 63.57 -4.08 52.96
C ALA D 369 63.12 -5.45 52.46
N ILE D 370 64.07 -6.28 52.03
CA ILE D 370 63.74 -7.68 51.62
C ILE D 370 63.23 -8.45 52.84
N LEU D 371 63.79 -8.36 53.95
CA LEU D 371 63.39 -9.12 55.15
C LEU D 371 62.03 -8.65 55.66
N LEU D 372 61.76 -7.29 55.46
CA LEU D 372 60.43 -6.83 55.89
C LEU D 372 59.38 -7.24 54.87
N GLY D 373 59.72 -7.18 53.59
CA GLY D 373 58.80 -7.66 52.58
C GLY D 373 58.51 -9.15 52.71
N LEU D 374 59.51 -9.93 53.10
CA LEU D 374 59.28 -11.34 53.38
C LEU D 374 58.45 -11.52 54.65
N ALA D 375 58.79 -10.79 55.71
CA ALA D 375 58.06 -10.89 56.97
C ALA D 375 56.61 -10.50 56.80
N HIS D 376 56.35 -9.41 56.08
CA HIS D 376 54.97 -9.00 55.82
C HIS D 376 54.22 -10.04 55.01
N GLY D 377 54.93 -10.86 54.24
CA GLY D 377 54.26 -11.90 53.47
C GLY D 377 53.64 -12.96 54.36
N PHE D 378 54.36 -13.41 55.38
CA PHE D 378 53.80 -14.41 56.31
C PHE D 378 52.73 -13.80 57.19
N VAL D 379 53.00 -12.63 57.78
CA VAL D 379 52.12 -12.09 58.81
C VAL D 379 50.81 -11.61 58.21
N SER D 380 50.87 -10.88 57.09
CA SER D 380 49.65 -10.42 56.45
C SER D 380 48.83 -11.59 55.89
N SER D 381 49.50 -12.68 55.50
CA SER D 381 48.78 -13.88 55.07
C SER D 381 48.00 -14.47 56.24
N GLY D 382 48.61 -14.51 57.43
CA GLY D 382 47.92 -15.04 58.59
C GLY D 382 46.75 -14.18 59.02
N LEU D 383 46.91 -12.86 58.87
CA LEU D 383 45.86 -11.92 59.36
C LEU D 383 44.67 -11.93 58.42
N PHE D 384 44.90 -12.20 57.15
CA PHE D 384 43.80 -12.35 56.21
C PHE D 384 43.09 -13.68 56.39
N ILE D 385 43.83 -14.73 56.75
CA ILE D 385 43.18 -16.00 57.10
C ILE D 385 42.34 -15.84 58.36
N CYS D 386 42.87 -15.11 59.34
CA CYS D 386 42.10 -14.86 60.56
C CYS D 386 40.83 -14.07 60.26
N ALA D 387 40.94 -13.02 59.45
CA ALA D 387 39.78 -12.18 59.16
C ALA D 387 38.92 -12.75 58.04
N GLY D 388 39.47 -12.86 56.83
CA GLY D 388 38.69 -13.30 55.70
C GLY D 388 38.33 -14.76 55.72
N GLY D 389 39.10 -15.58 56.44
CA GLY D 389 38.84 -17.00 56.48
C GLY D 389 38.10 -17.47 57.71
N ILE D 390 38.56 -17.06 58.89
CA ILE D 390 37.99 -17.60 60.11
C ILE D 390 36.74 -16.83 60.52
N LEU D 391 36.85 -15.50 60.68
CA LEU D 391 35.71 -14.70 61.08
C LEU D 391 34.64 -14.67 60.01
N TYR D 392 35.03 -14.43 58.75
CA TYR D 392 34.02 -14.21 57.68
C TYR D 392 33.25 -15.50 57.34
N ASP D 393 33.86 -16.67 57.55
CA ASP D 393 33.12 -17.90 57.33
C ASP D 393 32.12 -18.19 58.45
N ARG D 394 32.45 -17.80 59.68
CA ARG D 394 31.54 -18.03 60.80
C ARG D 394 30.37 -17.05 60.78
N THR D 395 30.63 -15.78 60.53
CA THR D 395 29.60 -14.75 60.68
C THR D 395 28.98 -14.29 59.37
N GLY D 396 29.72 -14.34 58.27
CA GLY D 396 29.22 -13.78 57.03
C GLY D 396 29.35 -12.28 56.92
N THR D 397 30.07 -11.64 57.85
CA THR D 397 30.25 -10.20 57.84
C THR D 397 31.68 -9.88 58.25
N ARG D 398 32.12 -8.68 57.91
CA ARG D 398 33.50 -8.25 58.26
C ARG D 398 33.47 -6.96 59.09
N LEU D 399 32.29 -6.42 59.40
CA LEU D 399 32.22 -5.25 60.27
C LEU D 399 32.73 -5.59 61.66
N ILE D 400 33.62 -4.74 62.17
CA ILE D 400 34.21 -4.99 63.48
C ILE D 400 33.21 -4.75 64.60
N TYR D 401 32.12 -4.03 64.33
CA TYR D 401 31.13 -3.74 65.36
C TYR D 401 30.49 -5.01 65.95
N PHE D 402 30.50 -6.11 65.20
CA PHE D 402 29.74 -7.29 65.60
C PHE D 402 30.58 -8.29 66.39
N PHE D 403 31.86 -8.03 66.62
CA PHE D 403 32.76 -8.98 67.26
C PHE D 403 33.15 -8.50 68.65
N ARG D 404 33.24 -9.44 69.58
CA ARG D 404 33.54 -9.14 70.98
C ARG D 404 33.81 -10.43 71.72
N GLY D 405 34.85 -10.43 72.54
CA GLY D 405 35.09 -11.51 73.48
C GLY D 405 35.33 -12.87 72.86
N LEU D 406 35.82 -12.92 71.63
CA LEU D 406 35.99 -14.19 70.93
C LEU D 406 36.96 -15.13 71.65
N THR D 407 37.82 -14.59 72.51
CA THR D 407 38.75 -15.44 73.26
C THR D 407 38.00 -16.45 74.12
N GLN D 408 36.83 -16.08 74.63
CA GLN D 408 36.11 -16.94 75.57
C GLN D 408 35.73 -18.28 74.91
N ILE D 409 35.29 -18.25 73.66
CA ILE D 409 34.91 -19.48 72.96
C ILE D 409 35.97 -19.97 71.99
N MET D 410 36.93 -19.13 71.59
CA MET D 410 37.89 -19.46 70.55
C MET D 410 39.30 -19.11 71.02
N PRO D 411 39.95 -19.93 71.91
CA PRO D 411 41.29 -19.60 72.44
C PRO D 411 42.43 -19.96 71.49
N LEU D 412 42.17 -20.84 70.52
CA LEU D 412 43.22 -21.09 69.55
C LEU D 412 43.30 -19.99 68.51
N PHE D 413 42.15 -19.46 68.08
CA PHE D 413 42.15 -18.33 67.17
C PHE D 413 42.82 -17.12 67.81
N SER D 414 42.51 -16.85 69.07
CA SER D 414 43.05 -15.67 69.74
C SER D 414 44.55 -15.81 69.97
N LEU D 415 45.02 -17.02 70.25
CA LEU D 415 46.45 -17.24 70.47
C LEU D 415 47.25 -16.91 69.21
N PHE D 416 46.79 -17.40 68.06
CA PHE D 416 47.48 -17.09 66.82
C PHE D 416 47.23 -15.65 66.39
N PHE D 417 46.00 -15.17 66.57
CA PHE D 417 45.67 -13.79 66.21
C PHE D 417 46.55 -12.81 66.96
N PHE D 418 46.76 -13.04 68.26
CA PHE D 418 47.61 -12.16 69.05
C PHE D 418 49.06 -12.19 68.55
N ILE D 419 49.58 -13.38 68.27
CA ILE D 419 50.96 -13.49 67.78
C ILE D 419 51.08 -12.79 66.43
N LEU D 420 50.05 -12.88 65.60
CA LEU D 420 50.07 -12.13 64.31
C LEU D 420 49.84 -10.63 64.52
N CYS D 421 49.20 -10.24 65.61
CA CYS D 421 48.96 -8.81 65.91
C CYS D 421 50.25 -8.27 66.51
N LEU D 422 50.99 -9.10 67.22
CA LEU D 422 52.32 -8.68 67.68
C LEU D 422 53.27 -8.53 66.51
N GLY D 423 53.28 -9.51 65.59
CA GLY D 423 54.15 -9.43 64.44
C GLY D 423 53.82 -8.24 63.55
N ASN D 424 52.54 -7.94 63.38
CA ASN D 424 52.14 -6.75 62.60
C ASN D 424 52.57 -5.47 63.34
N ALA D 425 52.77 -5.51 64.65
CA ALA D 425 53.26 -4.38 65.40
C ALA D 425 54.78 -4.32 65.47
N GLY D 426 55.46 -5.24 64.80
CA GLY D 426 56.92 -5.22 64.80
C GLY D 426 57.56 -5.69 66.09
N THR D 427 56.88 -6.54 66.84
CA THR D 427 57.43 -7.04 68.10
C THR D 427 58.65 -7.92 67.83
N PRO D 428 59.68 -7.86 68.67
CA PRO D 428 60.86 -8.71 68.47
C PRO D 428 60.54 -10.19 68.59
N LEU D 429 61.47 -11.00 68.09
CA LEU D 429 61.38 -12.44 67.80
C LEU D 429 60.39 -12.71 66.67
N THR D 430 59.92 -11.69 65.98
CA THR D 430 59.26 -11.84 64.69
C THR D 430 60.18 -11.27 63.62
N LEU D 431 60.17 -11.88 62.44
CA LEU D 431 60.96 -11.36 61.35
C LEU D 431 60.55 -9.94 60.98
N ASN D 432 59.38 -9.53 61.45
CA ASN D 432 58.86 -8.16 61.22
C ASN D 432 59.72 -7.13 61.95
N PHE D 433 60.19 -7.42 63.18
CA PHE D 433 61.09 -6.49 63.90
C PHE D 433 62.44 -6.34 63.20
N VAL D 434 63.08 -7.45 62.81
CA VAL D 434 64.45 -7.40 62.23
C VAL D 434 64.38 -6.55 60.96
N GLY D 435 63.36 -6.80 60.13
CA GLY D 435 63.17 -6.00 58.91
C GLY D 435 62.87 -4.54 59.20
N GLU D 436 61.96 -4.26 60.14
CA GLU D 436 61.59 -2.86 60.47
C GLU D 436 62.80 -2.11 60.99
N PHE D 437 63.55 -2.69 61.93
CA PHE D 437 64.72 -2.03 62.56
C PHE D 437 65.81 -1.74 61.53
N MET D 438 66.16 -2.72 60.69
CA MET D 438 67.17 -2.54 59.62
C MET D 438 66.70 -1.56 58.54
N SER D 439 65.43 -1.65 58.13
CA SER D 439 64.83 -0.73 57.12
C SER D 439 64.80 0.70 57.65
N LEU D 440 64.46 0.88 58.93
CA LEU D 440 64.30 2.21 59.55
C LEU D 440 65.68 2.78 59.86
N TYR D 441 66.64 1.92 60.19
CA TYR D 441 67.99 2.42 60.41
C TYR D 441 68.58 3.00 59.14
N GLY D 442 68.37 2.33 58.01
CA GLY D 442 68.84 2.87 56.74
C GLY D 442 68.14 4.17 56.38
N THR D 443 66.83 4.23 56.60
CA THR D 443 66.09 5.46 56.33
C THR D 443 66.60 6.61 57.19
N LEU D 444 66.88 6.35 58.47
CA LEU D 444 67.37 7.40 59.34
C LEU D 444 68.76 7.87 58.94
N GLU D 445 69.65 6.93 58.59
CA GLU D 445 71.01 7.29 58.23
C GLU D 445 71.06 8.07 56.93
N ARG D 446 70.31 7.62 55.90
CA ARG D 446 70.26 8.33 54.59
C ARG D 446 69.67 9.74 54.75
N LEU D 447 68.65 9.93 55.55
CA LEU D 447 67.93 11.21 55.71
C LEU D 447 67.25 11.24 57.10
N PRO D 448 67.81 11.79 58.18
CA PRO D 448 67.22 11.68 59.54
C PRO D 448 65.78 12.18 59.73
N ILE D 449 65.37 13.22 59.01
CA ILE D 449 64.03 13.73 59.26
C ILE D 449 62.97 12.70 58.85
N ALA D 450 63.22 11.98 57.74
CA ALA D 450 62.30 10.94 57.32
C ALA D 450 62.40 9.72 58.21
N GLY D 451 63.60 9.42 58.71
CA GLY D 451 63.76 8.31 59.61
C GLY D 451 62.95 8.47 60.89
N MET D 452 63.01 9.65 61.50
CA MET D 452 62.23 9.90 62.71
C MET D 452 60.74 9.72 62.46
N LEU D 453 60.24 10.31 61.37
CA LEU D 453 58.82 10.21 61.07
C LEU D 453 58.42 8.78 60.76
N ALA D 454 59.19 8.10 59.92
CA ALA D 454 58.96 6.69 59.67
C ALA D 454 59.11 5.87 60.95
N SER D 455 59.94 6.33 61.87
CA SER D 455 60.09 5.63 63.16
C SER D 455 58.78 5.67 63.93
N THR D 456 58.04 6.79 63.84
CA THR D 456 56.81 6.92 64.62
C THR D 456 55.85 5.78 64.35
N SER D 457 56.07 5.06 63.28
CA SER D 457 55.22 3.90 62.93
C SER D 457 55.33 2.84 64.03
N ILE D 458 56.39 2.86 64.83
CA ILE D 458 56.50 1.94 65.96
C ILE D 458 55.33 2.15 66.92
N ILE D 459 54.86 3.38 67.06
CA ILE D 459 53.69 3.63 67.91
C ILE D 459 52.42 3.16 67.21
N PHE D 460 52.17 3.65 65.99
CA PHE D 460 50.86 3.49 65.40
C PHE D 460 50.63 2.08 64.88
N SER D 461 51.58 1.39 64.44
CA SER D 461 51.38 -0.02 64.03
C SER D 461 50.91 -0.76 65.26
N ALA D 462 51.69 -0.56 66.39
CA ALA D 462 51.19 -1.14 67.63
C ALA D 462 49.78 -0.68 67.91
N ALA D 463 49.52 0.62 67.74
CA ALA D 463 48.23 1.20 68.12
C ALA D 463 47.08 0.53 67.37
N TYR D 464 47.15 0.48 66.04
CA TYR D 464 46.00 -0.06 65.31
C TYR D 464 45.93 -1.58 65.39
N SER D 465 47.08 -2.23 65.58
CA SER D 465 47.12 -3.71 65.62
C SER D 465 46.53 -4.22 66.93
N ILE D 466 46.90 -3.59 68.05
CA ILE D 466 46.42 -4.05 69.35
C ILE D 466 44.98 -3.60 69.57
N TYR D 467 44.62 -2.41 69.08
CA TYR D 467 43.25 -1.93 69.21
C TYR D 467 42.29 -2.85 68.47
N MET D 468 42.66 -3.27 67.27
CA MET D 468 41.82 -4.27 66.53
C MET D 468 41.77 -5.56 67.36
N TYR D 469 42.92 -6.01 67.83
CA TYR D 469 42.95 -7.27 68.56
C TYR D 469 42.02 -7.26 69.76
N ASN D 470 41.97 -6.14 70.48
CA ASN D 470 41.13 -6.07 71.67
C ASN D 470 39.65 -6.02 71.32
N ARG D 471 39.27 -5.28 70.28
CA ARG D 471 37.87 -5.21 69.91
C ARG D 471 37.32 -6.52 69.36
N ILE D 472 38.19 -7.49 69.09
CA ILE D 472 37.79 -8.76 68.51
C ILE D 472 37.94 -9.90 69.52
N ALA D 473 39.13 -10.04 70.09
CA ALA D 473 39.41 -11.15 71.01
C ALA D 473 39.08 -10.82 72.46
N PHE D 474 39.23 -9.55 72.86
CA PHE D 474 38.98 -9.11 74.23
C PHE D 474 37.84 -8.11 74.23
N GLY D 475 37.69 -7.39 75.33
CA GLY D 475 36.81 -6.23 75.33
C GLY D 475 35.39 -6.58 75.66
N GLY D 476 35.21 -7.40 76.69
CA GLY D 476 33.91 -7.85 77.12
C GLY D 476 33.74 -9.34 76.94
N SER D 477 32.56 -9.79 77.03
CA SER D 477 32.25 -11.22 76.86
C SER D 477 31.84 -11.40 75.42
N VAL D 478 31.47 -12.60 75.03
CA VAL D 478 31.16 -12.89 73.65
C VAL D 478 30.04 -11.98 73.17
N SER D 479 30.17 -11.47 71.95
CA SER D 479 29.23 -10.49 71.44
C SER D 479 27.81 -11.04 71.46
N LEU D 480 26.88 -10.20 71.93
CA LEU D 480 25.45 -10.62 72.06
C LEU D 480 24.79 -10.76 70.67
N TYR D 481 25.46 -10.32 69.59
CA TYR D 481 24.89 -10.48 68.26
C TYR D 481 24.97 -11.92 67.78
N PHE D 482 25.96 -12.68 68.24
CA PHE D 482 26.04 -14.09 67.87
C PHE D 482 24.89 -14.85 68.53
N ILE D 483 24.03 -15.43 67.70
CA ILE D 483 22.99 -16.31 68.23
C ILE D 483 23.55 -17.71 68.45
N ASP D 484 24.04 -18.33 67.39
CA ASP D 484 24.75 -19.58 67.52
C ASP D 484 26.11 -19.36 68.17
N CYS D 485 26.54 -20.32 68.97
CA CYS D 485 27.92 -20.32 69.43
C CYS D 485 28.84 -20.65 68.25
N PHE D 486 30.10 -20.26 68.39
CA PHE D 486 31.10 -20.51 67.36
C PHE D 486 32.04 -21.62 67.80
N ARG D 487 32.50 -22.39 66.83
CA ARG D 487 33.56 -23.37 67.06
C ARG D 487 34.92 -22.69 66.92
N ASP D 488 35.93 -23.32 67.49
CA ASP D 488 37.28 -22.78 67.46
C ASP D 488 37.94 -23.20 66.15
N LEU D 489 39.26 -23.01 66.03
CA LEU D 489 39.95 -23.33 64.80
C LEU D 489 39.75 -24.81 64.44
N THR D 490 39.44 -25.07 63.18
CA THR D 490 39.53 -26.43 62.69
C THR D 490 41.00 -26.79 62.52
N LYS D 491 41.25 -28.09 62.34
CA LYS D 491 42.63 -28.54 62.14
C LYS D 491 43.27 -27.81 60.97
N ARG D 492 42.50 -27.57 59.92
CA ARG D 492 43.00 -26.86 58.74
C ARG D 492 43.40 -25.43 59.10
N GLU D 493 42.53 -24.72 59.82
CA GLU D 493 42.82 -23.34 60.19
C GLU D 493 44.00 -23.26 61.16
N PHE D 494 44.10 -24.23 62.07
CA PHE D 494 45.22 -24.26 63.01
C PHE D 494 46.55 -24.42 62.28
N PHE D 495 46.59 -25.26 61.25
CA PHE D 495 47.85 -25.63 60.62
C PHE D 495 48.28 -24.69 59.50
N ILE D 496 47.36 -23.90 58.94
CA ILE D 496 47.79 -22.82 58.05
C ILE D 496 48.20 -21.59 58.82
N LEU D 497 47.85 -21.49 60.10
CA LEU D 497 48.30 -20.41 60.96
C LEU D 497 49.58 -20.78 61.69
N PHE D 498 49.62 -21.99 62.27
CA PHE D 498 50.85 -22.47 62.90
C PHE D 498 52.02 -22.43 61.92
N THR D 499 51.78 -22.78 60.66
CA THR D 499 52.84 -22.72 59.66
C THR D 499 53.30 -21.29 59.42
N LEU D 500 52.35 -20.35 59.35
CA LEU D 500 52.72 -18.96 59.11
C LEU D 500 53.41 -18.34 60.32
N VAL D 501 52.93 -18.65 61.53
CA VAL D 501 53.58 -18.12 62.73
C VAL D 501 54.89 -18.83 63.02
N SER D 502 55.10 -20.04 62.49
CA SER D 502 56.40 -20.69 62.66
C SER D 502 57.45 -20.01 61.80
N PHE D 503 57.12 -19.71 60.54
CA PHE D 503 58.08 -19.09 59.64
C PHE D 503 58.54 -17.74 60.16
N THR D 504 57.61 -16.91 60.64
CA THR D 504 57.99 -15.57 61.11
C THR D 504 58.81 -15.65 62.39
N VAL D 505 58.53 -16.62 63.26
CA VAL D 505 59.22 -16.68 64.54
C VAL D 505 60.62 -17.25 64.38
N ILE D 506 60.75 -18.38 63.67
CA ILE D 506 62.05 -18.97 63.45
C ILE D 506 62.97 -18.01 62.72
N LEU D 507 62.45 -17.37 61.66
CA LEU D 507 63.21 -16.32 60.98
C LEU D 507 63.40 -15.10 61.86
N GLY D 508 62.55 -14.91 62.86
CA GLY D 508 62.74 -13.80 63.79
C GLY D 508 63.82 -14.04 64.80
N ILE D 509 64.11 -15.31 65.11
CA ILE D 509 65.18 -15.63 66.03
C ILE D 509 66.50 -15.84 65.29
N TYR D 510 66.46 -16.41 64.09
CA TYR D 510 67.65 -16.60 63.26
C TYR D 510 67.39 -16.06 61.87
N PRO D 511 67.41 -14.74 61.71
CA PRO D 511 67.29 -14.16 60.36
C PRO D 511 68.48 -14.43 59.47
N SER D 512 69.55 -15.02 59.99
CA SER D 512 70.75 -15.26 59.19
C SER D 512 70.45 -16.19 58.01
N PHE D 513 69.52 -17.14 58.18
CA PHE D 513 69.07 -17.98 57.07
C PHE D 513 68.82 -17.19 55.80
N VAL D 514 68.27 -15.99 55.91
CA VAL D 514 67.99 -15.15 54.76
C VAL D 514 69.10 -14.15 54.49
N LEU D 515 69.67 -13.57 55.55
CA LEU D 515 70.70 -12.55 55.35
C LEU D 515 71.98 -13.13 54.74
N ASP D 516 72.28 -14.40 55.00
CA ASP D 516 73.49 -15.00 54.47
C ASP D 516 73.49 -15.02 52.94
N GLY D 517 72.32 -15.22 52.35
CA GLY D 517 72.22 -15.22 50.89
C GLY D 517 71.89 -13.87 50.30
N LEU D 518 71.91 -12.79 51.10
CA LEU D 518 71.70 -11.44 50.55
C LEU D 518 72.97 -10.57 50.62
N HIS D 519 73.95 -10.91 51.43
CA HIS D 519 75.10 -9.98 51.66
C HIS D 519 75.90 -9.63 50.40
N TYR D 520 76.14 -10.57 49.50
CA TYR D 520 77.09 -10.22 48.43
C TYR D 520 76.31 -9.57 47.30
N ASN D 521 75.17 -10.13 46.97
CA ASN D 521 74.32 -9.55 45.91
C ASN D 521 73.80 -8.15 46.30
N ILE D 522 73.26 -7.96 47.51
CA ILE D 522 72.84 -6.61 48.00
C ILE D 522 74.01 -5.64 47.82
N SER D 523 75.24 -6.09 48.06
CA SER D 523 76.42 -5.20 47.94
C SER D 523 76.51 -4.61 46.53
N SER D 524 76.19 -5.37 45.48
CA SER D 524 76.29 -4.94 44.06
C SER D 524 75.37 -3.77 43.74
N VAL D 525 74.31 -3.56 44.52
CA VAL D 525 73.34 -2.49 44.17
C VAL D 525 73.66 -1.19 44.92
N VAL D 526 74.61 -1.21 45.85
CA VAL D 526 75.00 0.05 46.57
C VAL D 526 75.75 1.03 45.66
N TYR D 527 75.48 2.33 45.78
CA TYR D 527 76.13 3.37 44.94
C TYR D 527 76.86 4.39 45.81
N GLY D 528 78.19 4.45 45.69
CA GLY D 528 79.03 5.36 46.50
C GLY D 528 80.44 4.85 46.60
N ILE D 529 81.35 5.60 47.17
CA ILE D 529 82.75 5.23 47.40
C ILE D 529 83.26 5.96 48.64
N GLU D 530 84.21 5.30 49.35
CA GLU D 530 84.93 5.79 50.52
C GLU D 530 86.20 6.53 50.09
N PRO D 531 86.61 7.53 50.87
CA PRO D 531 87.76 8.36 50.45
C PRO D 531 89.05 7.59 50.26
N ASN D 532 89.32 6.57 51.09
CA ASN D 532 90.59 5.88 51.06
C ASN D 532 90.51 4.46 50.52
N ALA D 533 89.31 3.93 50.30
CA ALA D 533 89.16 2.61 49.70
C ALA D 533 88.99 2.67 48.19
N SER D 534 88.45 3.77 47.68
CA SER D 534 88.22 3.90 46.25
C SER D 534 89.54 4.01 45.49
N TYR D 535 89.58 3.37 44.32
CA TYR D 535 90.69 3.49 43.38
C TYR D 535 92.01 3.00 43.99
N LEU D 536 92.02 1.72 44.36
CA LEU D 536 93.24 1.09 44.80
C LEU D 536 94.22 0.95 43.64
N THR D 537 95.51 1.00 43.97
CA THR D 537 96.55 0.88 42.95
C THR D 537 97.64 -0.09 43.39
N MET E 1 75.14 -23.14 84.86
CA MET E 1 74.28 -22.33 85.76
C MET E 1 73.88 -21.02 85.07
N TYR E 2 74.84 -20.28 84.52
CA TYR E 2 74.57 -18.95 83.94
C TYR E 2 73.45 -18.96 82.90
N LEU E 3 73.37 -20.01 82.08
CA LEU E 3 72.36 -20.07 80.99
C LEU E 3 71.11 -20.79 81.49
N SER E 4 71.22 -21.62 82.53
CA SER E 4 70.05 -22.28 83.17
C SER E 4 69.15 -21.24 83.81
N ILE E 5 69.73 -20.17 84.35
CA ILE E 5 68.93 -19.05 84.92
C ILE E 5 68.07 -18.47 83.79
N ILE E 6 68.51 -18.59 82.53
CA ILE E 6 67.75 -18.04 81.41
C ILE E 6 66.56 -18.92 81.06
N ILE E 7 66.80 -20.20 80.78
CA ILE E 7 65.76 -21.02 80.17
C ILE E 7 64.77 -21.58 81.18
N LEU E 8 65.11 -21.65 82.45
CA LEU E 8 64.24 -22.34 83.41
C LEU E 8 62.88 -21.66 83.56
N PRO E 9 62.77 -20.34 83.77
CA PRO E 9 61.44 -19.73 83.75
C PRO E 9 60.74 -19.87 82.41
N LEU E 10 61.49 -19.86 81.33
CA LEU E 10 60.90 -20.04 79.99
C LEU E 10 60.22 -21.41 79.91
N LEU E 11 60.96 -22.48 80.27
CA LEU E 11 60.39 -23.81 80.25
C LEU E 11 59.16 -23.90 81.15
N GLY E 12 59.25 -23.33 82.35
CA GLY E 12 58.11 -23.34 83.26
C GLY E 12 56.89 -22.65 82.70
N SER E 13 57.10 -21.57 81.94
CA SER E 13 55.98 -20.86 81.33
C SER E 13 55.41 -21.61 80.12
N VAL E 14 56.26 -22.32 79.39
CA VAL E 14 55.78 -23.03 78.21
C VAL E 14 54.91 -24.22 78.62
N VAL E 15 55.33 -24.97 79.64
CA VAL E 15 54.58 -26.15 80.05
C VAL E 15 53.26 -25.76 80.68
N SER E 16 53.26 -24.77 81.57
CA SER E 16 52.04 -24.37 82.25
C SER E 16 51.00 -23.84 81.27
N GLY E 17 51.43 -23.03 80.30
CA GLY E 17 50.49 -22.38 79.40
C GLY E 17 50.06 -23.21 78.23
N PHE E 18 50.99 -23.96 77.64
CA PHE E 18 50.68 -24.78 76.47
C PHE E 18 50.30 -26.20 76.84
N PHE E 19 50.39 -26.58 78.11
CA PHE E 19 49.95 -27.89 78.58
C PHE E 19 49.24 -27.79 79.92
N GLY E 20 48.53 -26.69 80.17
CA GLY E 20 47.70 -26.60 81.36
C GLY E 20 46.61 -27.64 81.39
N ARG E 21 46.22 -28.14 80.23
CA ARG E 21 45.27 -29.28 80.21
C ARG E 21 45.96 -30.55 80.74
N LYS E 22 47.26 -30.73 80.49
CA LYS E 22 47.95 -31.96 80.83
C LYS E 22 48.36 -32.02 82.29
N VAL E 23 49.03 -30.96 82.78
CA VAL E 23 49.45 -30.93 84.17
C VAL E 23 48.36 -30.43 85.11
N GLY E 24 47.33 -29.75 84.60
CA GLY E 24 46.28 -29.26 85.46
C GLY E 24 46.72 -28.04 86.27
N VAL E 25 45.80 -27.61 87.12
CA VAL E 25 46.03 -26.39 87.89
C VAL E 25 47.22 -26.55 88.83
N SER E 26 47.24 -27.65 89.60
CA SER E 26 48.32 -27.82 90.56
C SER E 26 49.63 -28.17 89.88
N GLY E 27 49.57 -28.92 88.76
CA GLY E 27 50.77 -29.19 88.00
C GLY E 27 51.46 -27.93 87.52
N ALA E 28 50.67 -26.97 87.04
CA ALA E 28 51.23 -25.69 86.61
C ALA E 28 51.87 -24.94 87.77
N GLN E 29 51.18 -24.88 88.91
CA GLN E 29 51.73 -24.17 90.05
C GLN E 29 53.00 -24.82 90.55
N LEU E 30 53.08 -26.15 90.42
CA LEU E 30 54.27 -26.87 90.90
C LEU E 30 55.47 -26.52 90.01
N ILE E 31 55.29 -26.55 88.70
CA ILE E 31 56.39 -26.22 87.75
C ILE E 31 56.82 -24.74 87.80
N THR E 32 55.88 -23.80 87.77
CA THR E 32 56.32 -22.38 87.67
C THR E 32 57.08 -22.00 88.94
N CYS E 33 56.52 -22.38 90.08
CA CYS E 33 57.17 -22.06 91.36
C CYS E 33 58.51 -22.80 91.44
N SER E 34 58.55 -24.07 91.06
CA SER E 34 59.81 -24.84 91.20
C SER E 34 60.85 -24.25 90.25
N SER E 35 60.46 -23.97 89.02
CA SER E 35 61.43 -23.46 88.04
C SER E 35 61.97 -22.09 88.48
N VAL E 36 61.08 -21.23 88.99
CA VAL E 36 61.52 -19.89 89.49
C VAL E 36 62.39 -20.03 90.74
N ILE E 37 62.03 -20.93 91.66
CA ILE E 37 62.82 -21.11 92.91
C ILE E 37 64.21 -21.65 92.56
N ILE E 38 64.27 -22.60 91.64
CA ILE E 38 65.57 -23.20 91.30
C ILE E 38 66.37 -22.11 90.63
N THR E 39 65.71 -21.35 89.77
CA THR E 39 66.38 -20.21 89.14
C THR E 39 66.80 -19.18 90.18
N THR E 40 65.94 -18.92 91.17
CA THR E 40 66.27 -17.95 92.21
C THR E 40 67.50 -18.36 92.98
N ILE E 41 67.58 -19.63 93.37
CA ILE E 41 68.73 -20.10 94.15
C ILE E 41 70.01 -19.93 93.36
N LEU E 42 69.99 -20.27 92.07
CA LEU E 42 71.19 -20.17 91.25
C LEU E 42 71.69 -18.73 91.16
N SER E 43 70.76 -17.77 91.17
CA SER E 43 71.16 -16.36 91.15
C SER E 43 71.91 -15.99 92.42
N ILE E 44 71.46 -16.50 93.57
CA ILE E 44 72.15 -16.24 94.83
C ILE E 44 73.60 -16.69 94.74
N ILE E 45 73.83 -17.87 94.17
CA ILE E 45 75.19 -18.35 93.94
C ILE E 45 75.92 -17.43 92.97
N ALA E 46 75.22 -16.99 91.92
CA ALA E 46 75.84 -16.12 90.93
C ALA E 46 76.26 -14.79 91.55
N PHE E 47 75.51 -14.33 92.56
CA PHE E 47 75.91 -13.12 93.26
C PHE E 47 77.26 -13.31 93.96
N PHE E 48 77.44 -14.46 94.61
CA PHE E 48 78.74 -14.78 95.19
C PHE E 48 79.79 -14.96 94.10
N GLU E 49 79.44 -15.72 93.06
CA GLU E 49 80.42 -16.06 92.02
C GLU E 49 80.91 -14.82 91.27
N VAL E 50 80.01 -13.90 90.94
CA VAL E 50 80.34 -12.75 90.11
C VAL E 50 80.59 -11.51 90.96
N GLY E 51 79.64 -11.16 91.82
CA GLY E 51 79.76 -9.92 92.58
C GLY E 51 80.90 -9.95 93.58
N PHE E 52 81.04 -11.07 94.30
CA PHE E 52 81.95 -11.08 95.45
C PHE E 52 83.39 -11.38 95.07
N ASN E 53 83.58 -12.25 94.06
CA ASN E 53 84.95 -12.65 93.63
C ASN E 53 85.37 -11.85 92.40
N ASN E 54 84.46 -11.07 91.81
CA ASN E 54 84.76 -10.17 90.69
C ASN E 54 85.16 -10.95 89.43
N ILE E 55 84.37 -11.95 89.06
CA ILE E 55 84.52 -12.63 87.79
C ILE E 55 83.30 -12.28 86.93
N PRO E 56 83.44 -11.40 85.91
CA PRO E 56 82.34 -11.16 85.01
C PRO E 56 82.32 -12.42 84.12
N VAL E 57 81.14 -12.92 83.80
CA VAL E 57 81.04 -14.14 82.98
C VAL E 57 80.45 -13.81 81.62
N THR E 58 81.16 -14.13 80.54
CA THR E 58 80.68 -13.86 79.17
C THR E 58 80.13 -15.14 78.57
N ILE E 59 78.89 -15.14 78.08
CA ILE E 59 78.34 -16.35 77.40
C ILE E 59 77.68 -15.97 76.07
N ASN E 60 78.22 -16.43 74.93
CA ASN E 60 77.69 -16.06 73.59
C ASN E 60 77.23 -17.36 72.93
N ILE E 61 76.03 -17.41 72.39
CA ILE E 61 75.46 -18.68 71.96
C ILE E 61 75.48 -18.77 70.43
N PHE E 62 74.76 -17.88 69.77
CA PHE E 62 74.80 -17.81 68.32
C PHE E 62 74.40 -16.41 67.89
N ARG E 63 74.83 -16.04 66.68
CA ARG E 63 74.51 -14.73 66.14
C ARG E 63 73.01 -14.56 65.97
N TRP E 64 72.52 -13.37 66.30
CA TRP E 64 71.11 -13.03 66.07
C TRP E 64 70.98 -12.28 64.74
N ILE E 65 71.63 -11.12 64.64
CA ILE E 65 71.54 -10.28 63.45
C ILE E 65 72.95 -9.93 63.01
N ASP E 66 73.25 -10.22 61.74
CA ASP E 66 74.62 -10.04 61.20
C ASP E 66 74.51 -9.30 59.88
N SER E 67 74.67 -7.97 59.88
CA SER E 67 74.71 -7.25 58.59
C SER E 67 75.95 -6.37 58.54
N GLU E 68 76.97 -6.79 57.77
CA GLU E 68 78.15 -5.91 57.58
C GLU E 68 78.72 -5.52 58.95
N TRP E 69 78.47 -4.28 59.41
CA TRP E 69 78.98 -3.83 60.74
C TRP E 69 78.18 -4.35 61.95
N PHE E 70 76.89 -4.69 61.86
CA PHE E 70 76.11 -5.07 63.02
C PHE E 70 76.29 -6.56 63.24
N ILE E 71 76.87 -6.94 64.37
CA ILE E 71 76.88 -8.34 64.73
C ILE E 71 76.27 -8.45 66.11
N ILE E 72 74.95 -8.59 66.13
CA ILE E 72 74.20 -8.77 67.36
C ILE E 72 74.01 -10.26 67.56
N ASN E 73 74.58 -10.69 68.79
CA ASN E 73 74.51 -12.13 69.13
C ASN E 73 73.57 -12.37 70.29
N TRP E 74 72.95 -13.62 70.31
CA TRP E 74 72.27 -14.02 71.54
C TRP E 74 73.30 -14.25 72.62
N GLY E 75 74.00 -13.19 73.00
CA GLY E 75 75.04 -13.27 74.02
C GLY E 75 74.57 -12.71 75.34
N PHE E 76 75.04 -13.35 76.40
CA PHE E 76 74.63 -12.94 77.75
C PHE E 76 75.93 -12.54 78.43
N GLN E 77 75.83 -11.67 79.39
CA GLN E 77 77.02 -11.22 80.13
C GLN E 77 76.63 -10.96 81.58
N TYR E 78 77.30 -11.65 82.50
CA TYR E 78 77.06 -11.45 83.93
C TYR E 78 78.18 -10.57 84.50
N ASP E 79 77.78 -9.49 85.17
CA ASP E 79 78.67 -8.58 85.87
C ASP E 79 78.02 -8.24 87.20
N SER E 80 78.56 -7.24 87.90
CA SER E 80 78.05 -6.89 89.22
C SER E 80 76.61 -6.39 89.17
N LEU E 81 76.27 -5.56 88.17
CA LEU E 81 74.96 -4.94 88.17
C LEU E 81 73.85 -5.93 87.83
N THR E 82 74.08 -6.80 86.83
CA THR E 82 73.02 -7.71 86.43
C THR E 82 72.71 -8.74 87.50
N VAL E 83 73.71 -9.12 88.31
CA VAL E 83 73.43 -10.00 89.43
C VAL E 83 72.86 -9.24 90.62
N SER E 84 73.12 -7.94 90.72
CA SER E 84 72.44 -7.12 91.72
C SER E 84 70.94 -7.07 91.45
N MET E 85 70.55 -6.83 90.19
CA MET E 85 69.14 -6.73 89.88
C MET E 85 68.46 -8.08 89.73
N LEU E 86 69.23 -9.15 89.54
CA LEU E 86 68.63 -10.47 89.45
C LEU E 86 68.17 -10.99 90.81
N ILE E 87 68.70 -10.43 91.89
CA ILE E 87 68.37 -10.89 93.24
C ILE E 87 66.94 -10.51 93.58
N PRO E 88 66.55 -9.22 93.62
CA PRO E 88 65.13 -8.93 93.88
C PRO E 88 64.20 -9.51 92.84
N VAL E 89 64.62 -9.53 91.58
CA VAL E 89 63.74 -9.99 90.51
C VAL E 89 63.33 -11.44 90.76
N LEU E 90 64.32 -12.27 91.11
CA LEU E 90 64.05 -13.70 91.37
C LEU E 90 63.39 -13.90 92.72
N ILE E 91 63.80 -13.15 93.73
CA ILE E 91 63.29 -13.37 95.08
C ILE E 91 61.81 -13.03 95.15
N ILE E 92 61.43 -11.81 94.73
CA ILE E 92 60.02 -11.43 94.77
C ILE E 92 59.20 -12.28 93.80
N SER E 93 59.78 -12.65 92.66
CA SER E 93 59.05 -13.53 91.75
C SER E 93 58.78 -14.88 92.39
N SER E 94 59.75 -15.41 93.14
CA SER E 94 59.51 -16.62 93.92
C SER E 94 58.40 -16.39 94.93
N LEU E 95 58.45 -15.26 95.63
CA LEU E 95 57.42 -14.95 96.62
C LEU E 95 56.08 -14.64 95.96
N VAL E 96 56.06 -14.23 94.71
CA VAL E 96 54.78 -13.82 94.07
C VAL E 96 54.13 -15.07 93.51
N HIS E 97 54.93 -15.98 92.93
CA HIS E 97 54.37 -17.26 92.52
C HIS E 97 53.74 -17.96 93.71
N ILE E 98 54.47 -18.04 94.83
CA ILE E 98 53.95 -18.68 96.03
C ILE E 98 52.73 -17.94 96.55
N TYR E 99 52.80 -16.60 96.55
CA TYR E 99 51.67 -15.81 97.06
C TYR E 99 50.42 -16.04 96.23
N SER E 100 50.58 -16.18 94.90
CA SER E 100 49.45 -16.36 94.00
C SER E 100 48.78 -17.72 94.14
N ILE E 101 49.44 -18.68 94.80
CA ILE E 101 48.81 -19.98 95.04
C ILE E 101 47.49 -19.81 95.76
N SER E 102 47.39 -18.79 96.62
CA SER E 102 46.19 -18.52 97.39
C SER E 102 45.32 -17.44 96.76
N TYR E 103 45.92 -16.35 96.27
CA TYR E 103 45.15 -15.23 95.74
C TYR E 103 44.28 -15.63 94.56
N MET E 104 44.76 -16.56 93.74
CA MET E 104 44.04 -16.98 92.54
C MET E 104 43.35 -18.32 92.71
N SER E 105 43.21 -18.80 93.95
CA SER E 105 42.63 -20.12 94.18
C SER E 105 41.22 -20.24 93.60
N SER E 106 40.47 -19.15 93.56
CA SER E 106 39.13 -19.15 93.01
C SER E 106 39.08 -18.71 91.55
N ASP E 107 40.22 -18.29 90.99
CA ASP E 107 40.23 -17.89 89.59
C ASP E 107 40.08 -19.13 88.70
N PRO E 108 39.27 -19.05 87.65
CA PRO E 108 39.14 -20.17 86.73
C PRO E 108 40.22 -20.25 85.66
N HIS E 109 41.28 -19.46 85.75
CA HIS E 109 42.32 -19.45 84.72
C HIS E 109 43.70 -19.45 85.37
N ASN E 110 43.87 -20.35 86.34
CA ASN E 110 45.12 -20.39 87.10
C ASN E 110 46.32 -20.73 86.22
N GLN E 111 46.16 -21.71 85.33
CA GLN E 111 47.29 -22.13 84.50
C GLN E 111 47.78 -20.98 83.63
N ARG E 112 46.86 -20.24 83.02
CA ARG E 112 47.25 -19.10 82.19
C ARG E 112 47.91 -18.03 83.03
N PHE E 113 47.39 -17.75 84.22
CA PHE E 113 47.96 -16.72 85.08
C PHE E 113 49.39 -17.04 85.47
N PHE E 114 49.64 -18.30 85.85
CA PHE E 114 50.98 -18.69 86.25
C PHE E 114 51.92 -18.79 85.06
N SER E 115 51.40 -19.16 83.89
CA SER E 115 52.22 -19.13 82.68
C SER E 115 52.73 -17.72 82.40
N TYR E 116 51.87 -16.72 82.57
CA TYR E 116 52.27 -15.34 82.34
C TYR E 116 53.34 -14.88 83.33
N LEU E 117 53.20 -15.28 84.60
CA LEU E 117 54.14 -14.81 85.62
C LEU E 117 55.55 -15.35 85.39
N SER E 118 55.67 -16.55 84.83
CA SER E 118 56.98 -17.11 84.55
C SER E 118 57.57 -16.59 83.24
N LEU E 119 56.72 -16.23 82.29
CA LEU E 119 57.21 -15.60 81.07
C LEU E 119 57.78 -14.21 81.35
N PHE E 120 57.11 -13.44 82.22
CA PHE E 120 57.63 -12.13 82.59
C PHE E 120 58.98 -12.24 83.27
N THR E 121 59.14 -13.21 84.16
CA THR E 121 60.43 -13.41 84.81
C THR E 121 61.50 -13.74 83.78
N PHE E 122 61.16 -14.57 82.79
CA PHE E 122 62.08 -14.86 81.70
C PHE E 122 62.43 -13.60 80.92
N MET E 123 61.46 -12.72 80.71
CA MET E 123 61.70 -11.51 79.94
C MET E 123 62.52 -10.50 80.75
N MET E 124 62.26 -10.41 82.06
CA MET E 124 63.11 -9.60 82.93
C MET E 124 64.54 -10.08 82.95
N ILE E 125 64.75 -11.41 83.01
CA ILE E 125 66.10 -11.93 83.09
C ILE E 125 66.85 -11.69 81.78
N ILE E 126 66.14 -11.82 80.65
CA ILE E 126 66.76 -11.55 79.35
C ILE E 126 67.19 -10.09 79.27
N LEU E 127 66.37 -9.20 79.83
CA LEU E 127 66.64 -7.76 79.71
C LEU E 127 67.96 -7.39 80.38
N VAL E 128 68.27 -7.99 81.52
CA VAL E 128 69.46 -7.59 82.28
C VAL E 128 70.66 -8.49 82.03
N THR E 129 70.48 -9.67 81.44
CA THR E 129 71.59 -10.55 81.15
C THR E 129 72.20 -10.31 79.79
N ALA E 130 71.53 -9.56 78.91
CA ALA E 130 72.04 -9.34 77.56
C ALA E 130 73.31 -8.51 77.58
N ASN E 131 74.19 -8.75 76.60
CA ASN E 131 75.44 -8.02 76.48
C ASN E 131 75.42 -7.00 75.33
N ASN E 132 74.24 -6.63 74.86
CA ASN E 132 74.12 -5.60 73.84
C ASN E 132 72.77 -4.93 73.99
N TYR E 133 72.62 -3.77 73.36
CA TYR E 133 71.41 -2.99 73.51
C TYR E 133 70.23 -3.61 72.77
N LEU E 134 70.48 -4.27 71.63
CA LEU E 134 69.38 -4.82 70.86
C LEU E 134 68.74 -6.01 71.56
N LEU E 135 69.57 -6.94 72.05
CA LEU E 135 69.01 -8.09 72.76
C LEU E 135 68.36 -7.67 74.08
N MET E 136 68.90 -6.64 74.73
CA MET E 136 68.23 -6.06 75.88
C MET E 136 66.83 -5.58 75.52
N PHE E 137 66.70 -4.94 74.36
CA PHE E 137 65.41 -4.38 73.95
C PHE E 137 64.38 -5.48 73.72
N VAL E 138 64.83 -6.72 73.49
CA VAL E 138 63.90 -7.83 73.39
C VAL E 138 63.20 -8.06 74.73
N GLY E 139 63.98 -8.12 75.81
CA GLY E 139 63.39 -8.19 77.13
C GLY E 139 62.58 -6.95 77.46
N TRP E 140 63.04 -5.80 76.96
CA TRP E 140 62.29 -4.55 77.09
C TRP E 140 60.89 -4.70 76.49
N GLU E 141 60.82 -5.14 75.25
CA GLU E 141 59.52 -5.44 74.65
C GLU E 141 58.90 -6.68 75.27
N GLY E 142 59.72 -7.58 75.81
CA GLY E 142 59.17 -8.80 76.39
C GLY E 142 58.35 -8.53 77.64
N VAL E 143 58.91 -7.76 78.57
CA VAL E 143 58.18 -7.45 79.79
C VAL E 143 56.97 -6.58 79.48
N GLY E 144 57.08 -5.75 78.43
CA GLY E 144 55.93 -4.95 78.02
C GLY E 144 54.76 -5.79 77.54
N VAL E 145 55.04 -6.83 76.74
CA VAL E 145 53.99 -7.73 76.31
C VAL E 145 53.45 -8.53 77.48
N CYS E 146 54.35 -8.99 78.36
CA CYS E 146 53.90 -9.70 79.56
C CYS E 146 53.10 -8.79 80.48
N SER E 147 53.45 -7.50 80.55
CA SER E 147 52.67 -6.54 81.31
C SER E 147 51.28 -6.36 80.69
N TYR E 148 51.21 -6.28 79.36
CA TYR E 148 49.92 -6.13 78.69
C TYR E 148 49.02 -7.34 78.93
N LEU E 149 49.59 -8.54 78.85
CA LEU E 149 48.76 -9.73 79.00
C LEU E 149 48.32 -9.93 80.43
N LEU E 150 49.06 -9.39 81.40
CA LEU E 150 48.70 -9.57 82.79
C LEU E 150 47.77 -8.48 83.31
N VAL E 151 47.80 -7.29 82.70
CA VAL E 151 46.80 -6.29 83.01
C VAL E 151 45.43 -6.71 82.47
N SER E 152 45.40 -7.15 81.22
CA SER E 152 44.16 -7.57 80.56
C SER E 152 43.78 -8.99 80.91
N PHE E 153 44.32 -9.54 82.00
CA PHE E 153 44.05 -10.93 82.35
C PHE E 153 42.56 -11.20 82.48
N TRP E 154 41.81 -10.23 83.01
CA TRP E 154 40.36 -10.32 83.09
C TRP E 154 39.80 -9.57 81.89
N PHE E 155 39.91 -10.21 80.73
CA PHE E 155 39.69 -9.52 79.46
C PHE E 155 38.23 -9.20 79.18
N THR E 156 37.30 -9.74 79.97
CA THR E 156 35.90 -9.38 79.80
C THR E 156 35.56 -8.02 80.41
N ARG E 157 36.50 -7.40 81.12
CA ARG E 157 36.27 -6.10 81.74
C ARG E 157 36.77 -4.99 80.84
N ILE E 158 35.85 -4.09 80.46
CA ILE E 158 36.16 -3.05 79.49
C ILE E 158 37.21 -2.08 80.01
N ALA E 159 37.17 -1.77 81.31
CA ALA E 159 38.10 -0.79 81.86
C ALA E 159 39.51 -1.34 81.98
N ALA E 160 39.66 -2.64 82.21
CA ALA E 160 40.98 -3.25 82.19
C ALA E 160 41.52 -3.43 80.77
N ASN E 161 40.63 -3.43 79.78
CA ASN E 161 41.07 -3.38 78.39
C ASN E 161 41.71 -2.04 78.06
N GLN E 162 41.07 -0.95 78.48
CA GLN E 162 41.65 0.38 78.28
C GLN E 162 42.99 0.52 79.00
N SER E 163 43.14 -0.15 80.14
CA SER E 163 44.38 -0.06 80.89
C SER E 163 45.52 -0.72 80.14
N SER E 164 45.29 -1.91 79.59
CA SER E 164 46.33 -2.64 78.90
C SER E 164 46.76 -1.93 77.62
N ILE E 165 45.82 -1.30 76.91
CA ILE E 165 46.18 -0.48 75.76
C ILE E 165 46.99 0.73 76.21
N SER E 166 46.68 1.26 77.38
CA SER E 166 47.49 2.38 77.92
C SER E 166 48.88 1.86 78.28
N ALA E 167 48.94 0.68 78.88
CA ALA E 167 50.24 0.12 79.18
C ALA E 167 51.03 -0.16 77.91
N PHE E 168 50.37 -0.72 76.90
CA PHE E 168 51.06 -1.09 75.67
C PHE E 168 51.49 0.13 74.89
N LEU E 169 50.59 1.10 74.69
CA LEU E 169 50.88 2.21 73.79
C LEU E 169 51.76 3.26 74.44
N THR E 170 51.55 3.59 75.71
CA THR E 170 52.40 4.57 76.37
C THR E 170 53.84 4.11 76.40
N ASN E 171 54.07 2.84 76.74
CA ASN E 171 55.41 2.29 76.71
C ASN E 171 55.96 2.25 75.29
N ARG E 172 55.12 1.95 74.30
CA ARG E 172 55.58 1.89 72.92
C ARG E 172 56.12 3.24 72.44
N VAL E 173 55.56 4.33 72.96
CA VAL E 173 56.14 5.65 72.67
C VAL E 173 57.58 5.70 73.15
N GLY E 174 57.84 5.21 74.36
CA GLY E 174 59.20 5.19 74.87
C GLY E 174 60.15 4.35 74.04
N ASP E 175 59.63 3.25 73.50
CA ASP E 175 60.46 2.29 72.72
C ASP E 175 60.82 2.89 71.36
N CYS E 176 59.99 3.76 70.86
CA CYS E 176 60.30 4.47 69.60
C CYS E 176 61.54 5.34 69.85
N PHE E 177 61.54 6.07 70.97
CA PHE E 177 62.69 6.91 71.32
C PHE E 177 63.90 6.01 71.56
N LEU E 178 63.70 4.88 72.25
CA LEU E 178 64.77 3.94 72.51
C LEU E 178 65.29 3.31 71.22
N THR E 179 64.38 2.95 70.31
CA THR E 179 64.80 2.41 69.01
C THR E 179 65.64 3.43 68.26
N VAL E 180 65.21 4.68 68.25
CA VAL E 180 66.00 5.75 67.63
C VAL E 180 67.35 5.87 68.30
N GLY E 181 67.38 5.69 69.63
CA GLY E 181 68.65 5.77 70.35
C GLY E 181 69.64 4.71 69.92
N MET E 182 69.17 3.48 69.69
CA MET E 182 70.06 2.44 69.21
C MET E 182 70.50 2.70 67.77
N PHE E 183 69.64 3.35 66.96
CA PHE E 183 70.08 3.82 65.65
C PHE E 183 71.27 4.76 65.76
N ALA E 184 71.20 5.71 66.70
CA ALA E 184 72.30 6.65 66.88
C ALA E 184 73.56 5.98 67.38
N ILE E 185 73.42 4.90 68.17
CA ILE E 185 74.59 4.12 68.56
C ILE E 185 75.16 3.39 67.36
N LEU E 186 74.28 2.71 66.60
CA LEU E 186 74.71 1.97 65.43
C LEU E 186 75.35 2.89 64.40
N TRP E 187 74.78 4.07 64.21
CA TRP E 187 75.27 5.02 63.22
C TRP E 187 76.69 5.49 63.56
N SER E 188 76.98 5.69 64.84
CA SER E 188 78.24 6.29 65.25
C SER E 188 79.31 5.27 65.60
N LEU E 189 78.94 4.07 66.05
CA LEU E 189 79.91 3.13 66.59
C LEU E 189 80.00 1.82 65.83
N GLY E 190 79.12 1.57 64.86
CA GLY E 190 79.16 0.36 64.09
C GLY E 190 78.39 -0.80 64.70
N ASN E 191 78.32 -0.86 66.03
CA ASN E 191 77.49 -1.85 66.71
C ASN E 191 77.00 -1.25 68.02
N LEU E 192 76.14 -1.99 68.71
CA LEU E 192 75.55 -1.54 69.96
C LEU E 192 75.76 -2.56 71.07
N ASP E 193 76.91 -3.22 71.08
CA ASP E 193 77.29 -4.11 72.16
C ASP E 193 77.97 -3.31 73.26
N TYR E 194 77.73 -3.73 74.51
CA TYR E 194 78.10 -2.90 75.66
C TYR E 194 79.60 -2.63 75.71
N ALA E 195 80.41 -3.68 75.49
CA ALA E 195 81.86 -3.52 75.57
C ALA E 195 82.42 -2.59 74.51
N THR E 196 81.66 -2.29 73.46
CA THR E 196 82.10 -1.36 72.44
C THR E 196 81.65 0.07 72.74
N VAL E 197 80.38 0.24 73.11
CA VAL E 197 79.85 1.56 73.38
C VAL E 197 80.61 2.24 74.50
N PHE E 198 80.90 1.49 75.57
CA PHE E 198 81.57 2.05 76.73
C PHE E 198 83.09 2.13 76.55
N SER E 199 83.65 1.32 75.65
CA SER E 199 85.06 1.47 75.32
C SER E 199 85.33 2.74 74.53
N LEU E 200 84.35 3.19 73.74
CA LEU E 200 84.51 4.37 72.90
C LEU E 200 83.77 5.59 73.44
N ALA E 201 83.02 5.45 74.54
CA ALA E 201 82.22 6.56 75.05
C ALA E 201 83.04 7.82 75.34
N PRO E 202 84.21 7.76 76.03
CA PRO E 202 84.92 9.01 76.32
C PRO E 202 85.48 9.72 75.10
N TYR E 203 85.29 9.16 73.91
CA TYR E 203 86.02 9.62 72.74
C TYR E 203 85.14 10.20 71.64
N ILE E 204 83.83 10.06 71.71
CA ILE E 204 82.95 10.46 70.64
C ILE E 204 82.41 11.86 70.90
N ASN E 205 81.93 12.49 69.83
CA ASN E 205 81.36 13.83 69.82
C ASN E 205 80.40 14.03 70.99
N SER E 206 80.63 15.11 71.75
CA SER E 206 79.76 15.39 72.90
C SER E 206 78.32 15.58 72.47
N ASN E 207 78.09 16.23 71.32
CA ASN E 207 76.73 16.37 70.81
C ASN E 207 76.11 15.01 70.51
N VAL E 208 76.94 14.04 70.08
CA VAL E 208 76.42 12.71 69.82
C VAL E 208 75.88 12.09 71.10
N VAL E 209 76.63 12.21 72.20
CA VAL E 209 76.24 11.62 73.47
C VAL E 209 74.92 12.21 73.95
N ILE E 210 74.74 13.52 73.74
CA ILE E 210 73.45 14.13 74.08
C ILE E 210 72.34 13.53 73.23
N ILE E 211 72.59 13.39 71.93
CA ILE E 211 71.61 12.74 71.05
C ILE E 211 71.35 11.32 71.52
N ILE E 212 72.43 10.56 71.76
CA ILE E 212 72.28 9.24 72.35
C ILE E 212 71.55 9.34 73.68
N GLY E 213 72.14 10.07 74.63
CA GLY E 213 71.69 10.01 76.01
C GLY E 213 70.22 10.37 76.17
N ILE E 214 69.79 11.44 75.51
CA ILE E 214 68.40 11.89 75.62
C ILE E 214 67.45 10.77 75.23
N CYS E 215 67.76 10.08 74.14
CA CYS E 215 66.84 9.08 73.59
C CYS E 215 66.52 7.99 74.62
N LEU E 216 67.54 7.37 75.21
CA LEU E 216 67.25 6.28 76.13
C LEU E 216 66.68 6.76 77.45
N LEU E 217 66.94 8.01 77.85
CA LEU E 217 66.24 8.57 79.00
C LEU E 217 64.74 8.67 78.75
N ILE E 218 64.34 9.03 77.53
CA ILE E 218 62.92 9.05 77.22
C ILE E 218 62.36 7.64 77.22
N GLY E 219 63.12 6.69 76.66
CA GLY E 219 62.75 5.29 76.82
C GLY E 219 62.74 4.86 78.27
N ALA E 220 63.75 5.28 79.04
CA ALA E 220 63.75 5.03 80.48
C ALA E 220 62.60 5.76 81.16
N MET E 221 62.21 6.93 80.64
CA MET E 221 61.09 7.68 81.19
C MET E 221 59.79 6.89 81.07
N ALA E 222 59.59 6.19 79.95
CA ALA E 222 58.33 5.49 79.74
C ALA E 222 58.22 4.26 80.64
N LYS E 223 59.30 3.47 80.74
CA LYS E 223 59.26 2.23 81.49
C LYS E 223 59.45 2.42 82.99
N SER E 224 59.66 3.65 83.46
CA SER E 224 59.74 3.91 84.89
C SER E 224 58.76 5.00 85.30
N SER E 225 57.82 5.35 84.41
CA SER E 225 56.70 6.23 84.72
C SER E 225 57.18 7.59 85.23
N GLN E 226 57.84 8.31 84.35
CA GLN E 226 58.25 9.68 84.67
C GLN E 226 57.17 10.65 84.22
N VAL E 227 57.24 11.87 84.77
CA VAL E 227 56.11 12.82 84.74
C VAL E 227 55.51 12.96 83.34
N GLY E 228 56.30 12.77 82.30
CA GLY E 228 55.76 12.85 80.96
C GLY E 228 54.94 11.64 80.59
N LEU E 229 55.58 10.48 80.54
CA LEU E 229 54.89 9.21 80.23
C LEU E 229 54.82 8.50 81.57
N HIS E 230 53.71 8.68 82.30
CA HIS E 230 53.55 8.16 83.65
C HIS E 230 52.16 7.60 83.91
N VAL E 231 51.27 7.60 82.93
CA VAL E 231 49.86 7.40 83.18
C VAL E 231 49.47 5.93 83.17
N TRP E 232 50.33 5.09 82.60
CA TRP E 232 50.06 3.64 82.55
C TRP E 232 50.18 2.98 83.92
N LEU E 233 51.13 3.38 84.77
CA LEU E 233 51.37 2.62 86.04
C LEU E 233 50.15 2.57 86.96
N PRO E 234 49.38 3.65 87.19
CA PRO E 234 48.24 3.53 88.07
C PRO E 234 47.05 2.90 87.33
N MET E 235 46.96 3.09 86.01
CA MET E 235 45.88 2.43 85.23
C MET E 235 46.20 0.94 85.20
N ALA E 236 47.49 0.62 85.31
CA ALA E 236 47.93 -0.76 85.24
C ALA E 236 47.62 -1.54 86.50
N MET E 237 46.91 -0.92 87.43
CA MET E 237 46.47 -1.56 88.66
C MET E 237 45.11 -2.24 88.50
N GLU E 238 44.72 -2.54 87.26
CA GLU E 238 43.51 -3.29 86.98
C GLU E 238 43.76 -4.78 86.90
N GLY E 239 45.01 -5.20 87.04
CA GLY E 239 45.35 -6.61 87.02
C GLY E 239 45.32 -7.20 88.41
N PRO E 240 45.49 -8.52 88.50
CA PRO E 240 45.53 -9.17 89.81
C PRO E 240 46.65 -8.62 90.67
N THR E 241 46.43 -8.63 91.99
CA THR E 241 47.34 -7.97 92.92
C THR E 241 48.79 -8.46 92.82
N PRO E 242 49.10 -9.76 92.76
CA PRO E 242 50.51 -10.14 92.63
C PRO E 242 51.17 -9.56 91.39
N VAL E 243 50.42 -9.42 90.29
CA VAL E 243 50.95 -8.75 89.11
C VAL E 243 51.30 -7.31 89.43
N SER E 244 50.43 -6.63 90.18
CA SER E 244 50.73 -5.27 90.62
C SER E 244 52.00 -5.25 91.46
N ALA E 245 52.14 -6.21 92.37
CA ALA E 245 53.32 -6.28 93.22
C ALA E 245 54.57 -6.60 92.41
N LEU E 246 54.50 -7.64 91.58
CA LEU E 246 55.70 -8.11 90.88
C LEU E 246 56.07 -7.19 89.73
N ILE E 247 55.17 -7.02 88.75
CA ILE E 247 55.53 -6.31 87.48
C ILE E 247 55.40 -4.81 87.61
N HIS E 248 54.38 -4.36 88.29
CA HIS E 248 54.15 -2.89 88.30
C HIS E 248 54.63 -2.25 89.62
N ALA E 249 55.40 -2.93 90.45
CA ALA E 249 55.86 -2.22 91.67
C ALA E 249 57.30 -2.50 92.04
N ALA E 250 57.93 -3.54 91.50
CA ALA E 250 59.29 -3.86 91.98
C ALA E 250 60.30 -4.31 90.91
N THR E 251 59.88 -4.81 89.74
CA THR E 251 60.80 -5.36 88.75
C THR E 251 60.82 -4.60 87.43
N MET E 252 59.71 -4.53 86.70
CA MET E 252 59.69 -3.87 85.37
C MET E 252 59.84 -2.35 85.48
N VAL E 253 59.21 -1.72 86.47
CA VAL E 253 59.26 -0.24 86.60
C VAL E 253 60.74 0.12 86.76
N THR E 254 61.55 -0.84 87.19
CA THR E 254 63.00 -0.62 87.44
C THR E 254 63.80 -0.95 86.19
N ALA E 255 63.15 -1.10 85.02
CA ALA E 255 63.90 -1.31 83.78
C ALA E 255 64.46 0.00 83.24
N GLY E 256 63.67 1.07 83.29
CA GLY E 256 64.19 2.37 82.91
C GLY E 256 65.34 2.80 83.80
N VAL E 257 65.24 2.51 85.10
CA VAL E 257 66.35 2.78 86.01
C VAL E 257 67.56 1.93 85.63
N TYR E 258 67.33 0.67 85.23
CA TYR E 258 68.44 -0.19 84.85
C TYR E 258 69.11 0.29 83.57
N LEU E 259 68.33 0.84 82.63
CA LEU E 259 68.90 1.28 81.37
C LEU E 259 69.90 2.40 81.58
N LEU E 260 69.58 3.35 82.46
CA LEU E 260 70.51 4.45 82.73
C LEU E 260 71.74 3.97 83.50
N MET E 261 71.53 2.98 84.36
CA MET E 261 72.63 2.46 85.20
C MET E 261 73.62 1.66 84.36
N ARG E 262 73.14 0.76 83.50
CA ARG E 262 74.05 0.04 82.57
C ARG E 262 74.72 1.06 81.62
N SER E 263 74.00 2.09 81.17
CA SER E 263 74.59 3.09 80.23
C SER E 263 75.47 4.12 80.95
N SER E 264 75.70 3.93 82.26
CA SER E 264 76.50 4.90 83.01
C SER E 264 77.87 5.17 82.40
N PRO E 265 78.60 4.20 81.83
CA PRO E 265 79.89 4.55 81.21
C PRO E 265 79.76 5.45 79.99
N LEU E 266 78.53 5.69 79.49
CA LEU E 266 78.31 6.53 78.33
C LEU E 266 77.68 7.87 78.70
N ILE E 267 76.58 7.85 79.45
CA ILE E 267 75.91 9.11 79.78
C ILE E 267 76.72 9.94 80.75
N GLU E 268 77.70 9.34 81.45
CA GLU E 268 78.56 10.11 82.34
C GLU E 268 79.24 11.25 81.62
N TYR E 269 79.54 11.07 80.33
CA TYR E 269 80.23 12.09 79.55
C TYR E 269 79.28 13.11 78.94
N SER E 270 78.08 13.25 79.49
CA SER E 270 77.12 14.25 79.03
C SER E 270 76.40 14.81 80.26
N SER E 271 76.81 15.99 80.69
CA SER E 271 76.13 16.65 81.81
C SER E 271 74.72 17.08 81.42
N THR E 272 74.50 17.38 80.14
CA THR E 272 73.18 17.84 79.70
C THR E 272 72.11 16.79 79.98
N VAL E 273 72.37 15.53 79.62
CA VAL E 273 71.43 14.47 79.95
C VAL E 273 71.44 14.19 81.44
N LEU E 274 72.62 14.27 82.08
CA LEU E 274 72.71 14.03 83.51
C LEU E 274 71.94 15.08 84.31
N LEU E 275 72.05 16.35 83.91
CA LEU E 275 71.24 17.38 84.55
C LEU E 275 69.76 17.14 84.30
N LEU E 276 69.41 16.73 83.07
CA LEU E 276 68.02 16.37 82.81
C LEU E 276 67.59 15.16 83.61
N CYS E 277 68.53 14.27 83.94
CA CYS E 277 68.22 13.15 84.84
C CYS E 277 67.79 13.67 86.20
N LEU E 278 68.52 14.67 86.72
CA LEU E 278 68.31 15.14 88.09
C LEU E 278 66.93 15.76 88.25
N TRP E 279 66.66 16.85 87.52
CA TRP E 279 65.43 17.59 87.73
C TRP E 279 64.21 16.75 87.39
N LEU E 280 64.31 15.93 86.35
CA LEU E 280 63.20 15.06 85.96
C LEU E 280 62.84 14.12 87.11
N GLY E 281 63.82 13.45 87.69
CA GLY E 281 63.56 12.62 88.85
C GLY E 281 63.04 13.42 90.03
N ALA E 282 63.55 14.63 90.21
CA ALA E 282 63.08 15.48 91.29
C ALA E 282 61.61 15.86 91.08
N ILE E 283 61.22 16.15 89.84
CA ILE E 283 59.86 16.60 89.58
C ILE E 283 58.85 15.50 89.92
N THR E 284 59.11 14.27 89.46
CA THR E 284 58.13 13.20 89.64
C THR E 284 57.97 12.80 91.10
N THR E 285 58.93 13.12 91.96
CA THR E 285 58.74 12.92 93.42
C THR E 285 57.56 13.74 93.98
N VAL E 286 57.48 15.08 93.83
CA VAL E 286 56.36 15.88 94.30
C VAL E 286 55.12 15.61 93.47
N PHE E 287 55.31 15.39 92.16
CA PHE E 287 54.18 15.07 91.30
C PHE E 287 53.46 13.81 91.79
N SER E 288 54.20 12.73 91.99
CA SER E 288 53.58 11.47 92.43
C SER E 288 53.05 11.59 93.85
N SER E 289 53.88 12.08 94.77
CA SER E 289 53.51 12.04 96.19
C SER E 289 52.27 12.89 96.47
N LEU E 290 52.17 14.05 95.81
CA LEU E 290 50.99 14.89 95.99
C LEU E 290 49.73 14.18 95.55
N ILE E 291 49.75 13.58 94.35
CA ILE E 291 48.59 12.87 93.84
C ILE E 291 48.20 11.72 94.75
N GLY E 292 49.19 10.99 95.26
CA GLY E 292 48.90 9.82 96.10
C GLY E 292 48.15 10.16 97.37
N LEU E 293 48.38 11.35 97.92
CA LEU E 293 47.70 11.75 99.15
C LEU E 293 46.18 11.78 98.96
N PHE E 294 45.72 12.04 97.74
CA PHE E 294 44.30 12.22 97.46
C PHE E 294 43.77 11.11 96.56
N GLN E 295 44.17 9.87 96.83
CA GLN E 295 43.64 8.71 96.13
C GLN E 295 42.86 7.84 97.11
N GLN E 296 41.66 7.43 96.70
CA GLN E 296 40.82 6.61 97.56
C GLN E 296 41.13 5.13 97.47
N ASP E 297 41.76 4.68 96.38
CA ASP E 297 42.09 3.28 96.21
C ASP E 297 43.44 2.99 96.87
N ILE E 298 43.51 1.87 97.58
CA ILE E 298 44.72 1.45 98.26
C ILE E 298 45.83 1.20 97.26
N LYS E 299 45.53 0.45 96.19
CA LYS E 299 46.53 0.19 95.16
C LYS E 299 46.93 1.48 94.46
N LYS E 300 45.97 2.35 94.15
CA LYS E 300 46.29 3.59 93.46
C LYS E 300 47.16 4.50 94.31
N VAL E 301 47.00 4.47 95.63
CA VAL E 301 47.97 5.26 96.47
C VAL E 301 49.34 4.65 96.25
N ILE E 302 49.44 3.33 96.40
CA ILE E 302 50.75 2.64 96.24
C ILE E 302 51.32 2.90 94.85
N ALA E 303 50.49 2.96 93.80
CA ALA E 303 51.11 3.16 92.47
C ALA E 303 51.88 4.47 92.48
N TYR E 304 51.30 5.51 93.03
CA TYR E 304 51.92 6.84 93.14
C TYR E 304 53.19 6.76 94.00
N SER E 305 53.17 5.89 95.01
CA SER E 305 54.35 5.67 95.87
C SER E 305 55.50 5.00 95.12
N THR E 306 55.22 4.04 94.25
CA THR E 306 56.31 3.48 93.41
C THR E 306 56.87 4.61 92.56
N MET E 307 56.00 5.36 91.91
CA MET E 307 56.47 6.40 90.96
C MET E 307 57.43 7.33 91.71
N SER E 308 57.14 7.60 92.99
CA SER E 308 58.07 8.42 93.79
C SER E 308 59.44 7.80 93.98
N GLN E 309 59.51 6.51 94.34
CA GLN E 309 60.81 5.88 94.65
C GLN E 309 61.63 5.85 93.37
N LEU E 310 60.98 5.50 92.25
CA LEU E 310 61.69 5.43 90.95
C LEU E 310 62.20 6.81 90.61
N GLY E 311 61.45 7.85 90.97
CA GLY E 311 61.82 9.24 90.67
C GLY E 311 63.04 9.64 91.46
N MET E 312 63.18 9.09 92.66
CA MET E 312 64.39 9.35 93.44
C MET E 312 65.58 8.59 92.87
N MET E 313 65.32 7.49 92.19
CA MET E 313 66.43 6.78 91.54
C MET E 313 66.83 7.63 90.33
N VAL E 314 65.85 8.03 89.54
CA VAL E 314 66.14 8.92 88.41
C VAL E 314 66.84 10.18 88.91
N LEU E 315 66.41 10.70 90.06
CA LEU E 315 67.10 11.82 90.69
C LEU E 315 68.55 11.44 91.00
N SER E 316 68.74 10.28 91.64
CA SER E 316 70.08 9.86 92.02
C SER E 316 70.97 9.63 90.79
N ILE E 317 70.38 9.23 89.67
CA ILE E 317 71.16 9.05 88.45
C ILE E 317 71.79 10.37 88.03
N GLY E 318 71.05 11.47 88.20
CA GLY E 318 71.59 12.79 87.88
C GLY E 318 72.72 13.24 88.78
N LEU E 319 72.84 12.65 89.97
CA LEU E 319 73.92 12.98 90.89
C LEU E 319 75.19 12.19 90.63
N SER E 320 75.28 11.56 89.46
CA SER E 320 76.48 10.83 89.03
C SER E 320 76.84 9.69 89.97
N SER E 321 75.88 9.25 90.80
CA SER E 321 76.11 8.16 91.75
C SER E 321 75.01 7.12 91.51
N TYR E 322 75.27 6.22 90.57
CA TYR E 322 74.29 5.21 90.19
C TYR E 322 74.23 4.05 91.17
N ASN E 323 75.26 3.88 92.00
CA ASN E 323 75.25 2.80 92.98
C ASN E 323 74.17 3.03 94.03
N ILE E 324 73.98 4.27 94.47
CA ILE E 324 72.92 4.55 95.43
C ILE E 324 71.55 4.27 94.81
N ALA E 325 71.38 4.63 93.54
CA ALA E 325 70.15 4.26 92.83
C ALA E 325 69.98 2.76 92.79
N LEU E 326 71.06 2.03 92.51
CA LEU E 326 71.03 0.58 92.59
C LEU E 326 70.73 0.12 94.00
N PHE E 327 71.31 0.78 95.01
CA PHE E 327 70.98 0.48 96.40
C PHE E 327 69.50 0.68 96.67
N HIS E 328 68.95 1.78 96.17
CA HIS E 328 67.51 2.03 96.44
C HIS E 328 66.62 1.09 95.60
N LEU E 329 67.07 0.67 94.42
CA LEU E 329 66.18 -0.15 93.56
C LEU E 329 65.94 -1.49 94.25
N VAL E 330 67.01 -2.13 94.73
CA VAL E 330 66.84 -3.40 95.48
C VAL E 330 66.06 -3.14 96.76
N ASN E 331 66.44 -2.10 97.49
CA ASN E 331 65.79 -1.85 98.79
C ASN E 331 64.31 -1.54 98.57
N HIS E 332 63.99 -0.67 97.60
CA HIS E 332 62.58 -0.29 97.34
C HIS E 332 61.77 -1.51 96.95
N ALA E 333 62.36 -2.43 96.19
CA ALA E 333 61.61 -3.59 95.66
C ALA E 333 61.02 -4.46 96.77
N PHE E 334 61.81 -4.76 97.79
CA PHE E 334 61.34 -5.59 98.92
C PHE E 334 60.23 -4.90 99.71
N TYR E 335 60.41 -3.63 100.05
CA TYR E 335 59.39 -2.98 100.92
C TYR E 335 58.10 -2.89 100.11
N LYS E 336 58.26 -2.70 98.81
CA LYS E 336 57.10 -2.55 97.92
C LYS E 336 56.42 -3.89 97.74
N ALA E 337 57.22 -4.97 97.57
CA ALA E 337 56.49 -6.21 97.32
C ALA E 337 55.78 -6.53 98.61
N LEU E 338 56.38 -6.13 99.73
CA LEU E 338 55.68 -6.31 100.99
C LEU E 338 54.38 -5.50 101.01
N LEU E 339 54.48 -4.21 100.77
CA LEU E 339 53.28 -3.34 100.91
C LEU E 339 52.10 -3.86 100.08
N PHE E 340 52.29 -4.07 98.79
CA PHE E 340 51.21 -4.56 97.90
C PHE E 340 50.70 -5.95 98.27
N LEU E 341 51.59 -6.89 98.57
CA LEU E 341 51.08 -8.26 98.80
C LEU E 341 50.25 -8.21 100.07
N GLY E 342 50.80 -7.59 101.11
CA GLY E 342 50.00 -7.41 102.31
C GLY E 342 48.72 -6.66 102.03
N ALA E 343 48.79 -5.62 101.19
CA ALA E 343 47.57 -4.93 100.78
C ALA E 343 46.59 -5.89 100.14
N GLY E 344 47.08 -6.76 99.26
CA GLY E 344 46.20 -7.73 98.62
C GLY E 344 45.45 -8.58 99.63
N SER E 345 46.08 -8.86 100.77
CA SER E 345 45.37 -9.53 101.86
C SER E 345 44.16 -8.72 102.31
N VAL E 346 44.31 -7.39 102.36
CA VAL E 346 43.22 -6.53 102.82
C VAL E 346 42.03 -6.61 101.85
N ILE E 347 42.30 -6.49 100.55
CA ILE E 347 41.21 -6.63 99.58
C ILE E 347 40.61 -8.03 99.66
N HIS E 348 41.45 -9.05 99.87
CA HIS E 348 40.95 -10.44 99.99
C HIS E 348 40.21 -10.61 101.32
N ALA E 349 40.53 -9.76 102.30
CA ALA E 349 39.96 -9.94 103.63
C ALA E 349 38.47 -9.61 103.66
N VAL E 350 38.06 -8.50 103.04
CA VAL E 350 36.72 -8.00 103.32
C VAL E 350 35.70 -8.43 102.26
N ALA E 351 35.81 -7.89 101.03
CA ALA E 351 34.84 -8.25 100.01
C ALA E 351 35.43 -8.25 98.59
N ASP E 352 36.76 -8.27 98.49
CA ASP E 352 37.41 -8.03 97.17
C ASP E 352 37.20 -6.53 96.93
N ASN E 353 37.19 -5.73 97.99
CA ASN E 353 36.93 -4.30 97.94
C ASN E 353 38.19 -3.53 98.33
N GLN E 354 38.38 -2.36 97.72
CA GLN E 354 39.62 -1.62 97.94
C GLN E 354 39.41 -0.12 98.08
N ASP E 355 38.25 0.34 98.51
CA ASP E 355 37.98 1.77 98.67
C ASP E 355 38.24 2.19 100.11
N PHE E 356 39.03 3.26 100.28
CA PHE E 356 39.41 3.71 101.61
C PHE E 356 38.21 4.16 102.43
N ARG E 357 37.25 4.83 101.79
CA ARG E 357 36.10 5.42 102.47
C ARG E 357 35.14 4.39 103.03
N LYS E 358 35.46 3.10 102.95
CA LYS E 358 34.66 2.06 103.59
C LYS E 358 35.54 1.08 104.35
N PHE E 359 36.73 1.49 104.76
CA PHE E 359 37.64 0.66 105.52
C PHE E 359 37.76 1.20 106.95
N GLY E 360 37.89 0.28 107.89
CA GLY E 360 38.01 0.65 109.30
C GLY E 360 38.14 -0.60 110.13
N GLY E 361 38.38 -0.39 111.42
CA GLY E 361 38.64 -1.51 112.30
C GLY E 361 39.83 -2.30 111.79
N LEU E 362 39.68 -3.63 111.76
CA LEU E 362 40.63 -4.57 111.16
C LEU E 362 41.97 -4.62 111.87
N ILE E 363 42.17 -3.83 112.93
CA ILE E 363 43.44 -3.90 113.66
C ILE E 363 43.59 -5.23 114.38
N SER E 364 42.48 -5.77 114.90
CA SER E 364 42.48 -7.08 115.53
C SER E 364 42.06 -8.19 114.59
N TYR E 365 41.27 -7.88 113.57
CA TYR E 365 40.85 -8.88 112.61
C TYR E 365 42.02 -9.37 111.77
N LEU E 366 42.94 -8.47 111.41
CA LEU E 366 44.12 -8.79 110.62
C LEU E 366 45.35 -8.29 111.36
N PRO E 367 45.80 -8.99 112.41
CA PRO E 367 46.97 -8.53 113.15
C PRO E 367 48.26 -8.62 112.33
N LEU E 368 48.52 -9.79 111.75
CA LEU E 368 49.74 -9.97 110.97
C LEU E 368 49.76 -9.06 109.74
N THR E 369 48.61 -8.94 109.07
CA THR E 369 48.53 -8.08 107.90
C THR E 369 48.86 -6.63 108.24
N TYR E 370 48.38 -6.15 109.39
CA TYR E 370 48.74 -4.81 109.83
C TYR E 370 50.24 -4.70 110.12
N SER E 371 50.82 -5.71 110.76
CA SER E 371 52.20 -5.61 111.21
C SER E 371 53.17 -5.43 110.04
N VAL E 372 52.96 -6.17 108.96
CA VAL E 372 53.87 -6.10 107.82
C VAL E 372 53.80 -4.72 107.16
N MET E 373 52.63 -4.09 107.18
CA MET E 373 52.53 -2.73 106.64
C MET E 373 53.43 -1.77 107.40
N LEU E 374 53.40 -1.83 108.73
CA LEU E 374 54.16 -0.89 109.54
C LEU E 374 55.65 -1.01 109.28
N ILE E 375 56.15 -2.24 109.15
CA ILE E 375 57.54 -2.44 108.76
C ILE E 375 57.78 -1.87 107.37
N ALA E 376 56.87 -2.15 106.44
CA ALA E 376 57.00 -1.62 105.09
C ALA E 376 56.85 -0.11 105.06
N SER E 377 55.89 0.42 105.82
CA SER E 377 55.65 1.87 105.81
C SER E 377 56.86 2.64 106.29
N LEU E 378 57.48 2.19 107.39
CA LEU E 378 58.63 2.91 107.93
C LEU E 378 59.87 2.71 107.06
N SER E 379 59.98 1.54 106.41
CA SER E 379 61.03 1.36 105.41
C SER E 379 60.82 2.28 104.21
N LEU E 380 59.56 2.54 103.87
CA LEU E 380 59.25 3.41 102.74
C LEU E 380 59.52 4.87 103.08
N VAL E 381 59.21 5.28 104.31
CA VAL E 381 59.40 6.67 104.73
C VAL E 381 60.80 6.84 105.30
N ALA E 382 61.62 5.79 105.20
CA ALA E 382 63.02 5.81 105.61
C ALA E 382 63.16 6.14 107.10
N PHE E 383 62.49 5.34 107.92
CA PHE E 383 62.68 5.43 109.37
C PHE E 383 64.12 5.03 109.72
N PRO E 384 64.73 5.71 110.69
CA PRO E 384 66.15 5.45 110.98
C PRO E 384 66.42 3.98 111.29
N PHE E 385 67.57 3.50 110.80
CA PHE E 385 68.05 2.15 111.07
C PHE E 385 67.10 1.08 110.52
N MET E 386 66.54 1.35 109.35
CA MET E 386 65.74 0.39 108.61
C MET E 386 66.30 0.24 107.20
N THR E 387 65.70 -0.65 106.42
CA THR E 387 66.20 -0.94 105.08
C THR E 387 66.14 0.30 104.19
N GLY E 388 65.02 1.02 104.21
CA GLY E 388 64.90 2.22 103.39
C GLY E 388 65.72 3.39 103.90
N PHE E 389 66.13 3.37 105.16
CA PHE E 389 66.92 4.47 105.71
C PHE E 389 68.26 4.58 105.02
N TYR E 390 68.90 3.46 104.74
CA TYR E 390 70.25 3.48 104.19
C TYR E 390 70.27 3.86 102.72
N SER E 391 69.13 3.81 102.03
CA SER E 391 69.03 4.19 100.63
C SER E 391 68.32 5.52 100.43
N LYS E 392 67.09 5.65 100.95
CA LYS E 392 66.33 6.88 100.75
C LYS E 392 66.99 8.06 101.46
N ASP E 393 67.45 7.87 102.69
CA ASP E 393 68.10 8.93 103.46
C ASP E 393 69.58 9.09 103.12
N PHE E 394 70.01 8.56 101.98
CA PHE E 394 71.34 8.85 101.44
C PHE E 394 71.28 9.58 100.12
N ILE E 395 70.20 9.41 99.35
CA ILE E 395 70.00 10.20 98.14
C ILE E 395 69.87 11.67 98.49
N LEU E 396 69.03 11.96 99.49
CA LEU E 396 68.79 13.37 99.85
C LEU E 396 70.12 13.99 100.26
N GLU E 397 70.90 13.29 101.07
CA GLU E 397 72.20 13.82 101.57
C GLU E 397 73.15 14.02 100.40
N SER E 398 73.12 13.10 99.43
CA SER E 398 74.02 13.18 98.25
C SER E 398 73.71 14.46 97.49
N ALA E 399 72.43 14.81 97.40
CA ALA E 399 72.03 16.05 96.67
C ALA E 399 72.63 17.27 97.35
N TYR E 400 72.60 17.39 98.64
CA TYR E 400 73.26 18.54 99.31
C TYR E 400 74.77 18.39 99.13
N GLY E 401 75.28 17.13 99.14
CA GLY E 401 76.72 16.91 99.00
C GLY E 401 77.23 17.56 97.74
N GLN E 402 76.47 17.49 96.65
CA GLN E 402 76.89 18.25 95.45
C GLN E 402 76.47 19.69 95.76
N PHE E 403 77.44 20.58 95.95
CA PHE E 403 77.04 21.95 96.38
C PHE E 403 76.77 22.81 95.15
N SER E 404 75.54 22.76 94.65
CA SER E 404 75.15 23.59 93.51
C SER E 404 73.68 23.94 93.64
N PHE E 405 73.24 24.86 92.79
CA PHE E 405 71.84 25.27 92.82
C PHE E 405 70.92 24.10 92.50
N SER E 406 71.28 23.29 91.50
CA SER E 406 70.47 22.14 91.15
C SER E 406 70.43 21.13 92.29
N GLY E 407 71.57 20.87 92.92
CA GLY E 407 71.60 19.90 94.01
C GLY E 407 70.79 20.33 95.21
N VAL E 408 70.85 21.61 95.55
CA VAL E 408 70.13 22.10 96.76
C VAL E 408 68.63 22.16 96.45
N ALA E 409 68.28 22.62 95.25
CA ALA E 409 66.87 22.79 94.93
C ALA E 409 66.12 21.47 94.96
N VAL E 410 66.70 20.42 94.37
CA VAL E 410 66.04 19.13 94.35
C VAL E 410 65.90 18.57 95.76
N TYR E 411 66.83 18.95 96.65
CA TYR E 411 66.70 18.54 98.06
C TYR E 411 65.35 19.04 98.55
N ILE E 412 65.13 20.35 98.42
CA ILE E 412 63.89 20.94 98.88
C ILE E 412 62.70 20.24 98.25
N ILE E 413 62.79 19.96 96.95
CA ILE E 413 61.69 19.31 96.25
C ILE E 413 61.48 17.90 96.77
N ALA E 414 62.58 17.13 96.90
CA ALA E 414 62.45 15.76 97.36
C ALA E 414 61.94 15.69 98.79
N THR E 415 62.41 16.62 99.64
CA THR E 415 62.00 16.66 101.06
C THR E 415 60.50 16.92 101.13
N ILE E 416 59.97 17.85 100.34
CA ILE E 416 58.54 18.10 100.27
C ILE E 416 57.81 16.85 99.80
N GLY E 417 58.35 16.20 98.76
CA GLY E 417 57.82 14.91 98.36
C GLY E 417 57.99 13.86 99.45
N ALA E 418 59.11 13.91 100.17
CA ALA E 418 59.30 13.03 101.32
C ALA E 418 58.35 13.39 102.45
N ILE E 419 58.02 14.68 102.61
CA ILE E 419 57.04 15.07 103.60
C ILE E 419 55.67 14.49 103.26
N PHE E 420 55.22 14.68 102.02
CA PHE E 420 53.95 14.11 101.59
C PHE E 420 53.99 12.59 101.49
N THR E 421 55.18 11.99 101.52
CA THR E 421 55.28 10.54 101.47
C THR E 421 54.62 9.90 102.69
N THR E 422 54.96 10.38 103.88
CA THR E 422 54.45 9.76 105.09
C THR E 422 52.95 9.98 105.29
N LEU E 423 52.38 11.03 104.70
CA LEU E 423 50.96 11.29 104.89
C LEU E 423 50.09 10.18 104.29
N TYR E 424 50.35 9.79 103.04
CA TYR E 424 49.58 8.69 102.50
C TYR E 424 49.99 7.37 103.14
N SER E 425 51.30 7.47 103.70
CA SER E 425 51.73 6.28 104.48
C SER E 425 50.81 6.22 105.69
N VAL E 426 50.57 7.26 106.34
CA VAL E 426 49.66 7.34 107.47
C VAL E 426 48.24 7.02 107.02
N LYS E 427 47.83 7.55 105.87
CA LYS E 427 46.46 7.32 105.38
C LYS E 427 46.22 5.84 105.12
N VAL E 428 47.21 5.16 104.54
CA VAL E 428 47.07 3.72 104.30
C VAL E 428 46.97 2.97 105.61
N LEU E 429 47.86 3.30 106.56
CA LEU E 429 47.87 2.59 107.84
C LEU E 429 46.63 2.91 108.67
N TYR E 430 46.30 4.19 108.80
CA TYR E 430 45.22 4.58 109.70
C TYR E 430 43.86 4.15 109.16
N LEU E 431 43.54 4.51 107.92
CA LEU E 431 42.20 4.33 107.40
C LEU E 431 41.82 2.87 107.20
N THR E 432 42.79 1.95 107.29
CA THR E 432 42.49 0.53 107.16
C THR E 432 42.61 -0.25 108.46
N PHE E 433 43.38 0.24 109.43
CA PHE E 433 43.55 -0.51 110.66
C PHE E 433 43.28 0.30 111.93
N LEU E 434 43.66 1.58 111.95
CA LEU E 434 43.61 2.37 113.16
C LEU E 434 42.42 3.32 113.22
N SER E 435 41.44 3.11 112.35
CA SER E 435 40.29 4.03 112.29
C SER E 435 39.03 3.31 112.74
N ASN E 436 37.95 4.06 112.88
CA ASN E 436 36.66 3.47 113.21
C ASN E 436 36.14 2.65 112.03
N PRO E 437 35.40 1.59 112.30
CA PRO E 437 34.84 0.77 111.20
C PRO E 437 33.94 1.58 110.28
N ASN E 438 34.37 1.75 109.02
CA ASN E 438 33.57 2.46 108.04
C ASN E 438 32.88 1.52 107.05
N GLY E 439 33.18 0.23 107.10
CA GLY E 439 32.54 -0.74 106.25
C GLY E 439 31.27 -1.29 106.86
N PRO E 440 30.59 -2.17 106.12
CA PRO E 440 29.38 -2.79 106.64
C PRO E 440 29.68 -3.73 107.81
N ARG E 441 28.64 -4.00 108.60
CA ARG E 441 28.79 -4.85 109.77
C ARG E 441 29.16 -6.29 109.39
N THR E 442 28.96 -6.68 108.13
CA THR E 442 29.31 -8.03 107.71
C THR E 442 30.80 -8.30 107.89
N TYR E 443 31.63 -7.29 107.63
CA TYR E 443 33.07 -7.47 107.82
C TYR E 443 33.41 -7.76 109.28
N TYR E 444 32.74 -7.04 110.18
CA TYR E 444 33.08 -7.16 111.62
C TYR E 444 31.95 -7.85 112.39
N ARG E 445 31.90 -9.18 112.33
CA ARG E 445 30.88 -9.96 113.05
C ARG E 445 31.53 -11.27 113.46
N LEU E 446 31.99 -11.33 114.70
CA LEU E 446 32.65 -12.52 115.22
C LEU E 446 31.64 -13.49 115.82
N ALA E 447 31.98 -14.77 115.76
CA ALA E 447 31.15 -15.79 116.37
C ALA E 447 31.13 -15.69 117.89
N ILE E 448 32.12 -15.01 118.48
CA ILE E 448 32.13 -14.82 119.93
C ILE E 448 30.91 -14.02 120.38
N ASP E 449 30.60 -12.96 119.64
CA ASP E 449 29.40 -12.17 119.92
C ASP E 449 28.19 -12.84 119.28
N ASN E 450 27.20 -13.20 120.08
CA ASN E 450 26.03 -13.90 119.58
C ASN E 450 25.14 -12.93 118.81
N PHE E 451 25.01 -13.15 117.50
CA PHE E 451 24.17 -12.31 116.64
C PHE E 451 23.04 -13.10 116.01
N PHE E 452 23.33 -14.23 115.37
CA PHE E 452 22.32 -15.02 114.70
C PHE E 452 21.79 -16.12 115.63
N SER E 453 20.73 -16.78 115.20
CA SER E 453 20.06 -17.82 115.99
C SER E 453 20.20 -19.19 115.36
N ALA E 454 19.80 -19.35 114.10
CA ALA E 454 19.83 -20.63 113.42
C ALA E 454 21.04 -20.78 112.51
N GLN E 455 21.28 -19.81 111.63
CA GLN E 455 22.42 -19.86 110.71
C GLN E 455 23.67 -19.35 111.42
N ALA E 456 24.13 -20.15 112.40
CA ALA E 456 25.31 -19.80 113.18
C ALA E 456 26.60 -20.33 112.55
N ILE E 457 26.55 -21.48 111.87
CA ILE E 457 27.74 -22.05 111.27
C ILE E 457 28.24 -21.15 110.13
N LYS E 458 27.33 -20.55 109.39
CA LYS E 458 27.66 -19.71 108.25
C LYS E 458 27.15 -18.29 108.48
N SER E 459 27.24 -17.47 107.43
CA SER E 459 26.74 -16.10 107.42
C SER E 459 27.47 -15.19 108.41
N TYR E 460 28.71 -15.55 108.76
CA TYR E 460 29.52 -14.71 109.64
C TYR E 460 30.55 -13.88 108.86
N LYS E 461 31.39 -14.56 108.07
CA LYS E 461 32.40 -13.86 107.23
C LYS E 461 33.13 -12.81 108.08
N PRO E 462 33.87 -13.16 109.17
CA PRO E 462 34.44 -12.12 110.05
C PRO E 462 35.80 -11.60 109.60
N ALA E 463 35.94 -11.33 108.30
CA ALA E 463 37.15 -10.73 107.74
C ALA E 463 38.42 -11.46 108.21
N HIS E 464 38.44 -12.77 107.97
CA HIS E 464 39.57 -13.58 108.40
C HIS E 464 40.81 -13.27 107.56
N GLU E 465 41.96 -13.74 108.05
CA GLU E 465 43.22 -13.54 107.35
C GLU E 465 43.43 -14.66 106.34
N GLY E 466 44.63 -14.71 105.76
CA GLY E 466 44.93 -15.68 104.72
C GLY E 466 45.55 -16.95 105.26
N ASP E 467 45.82 -17.87 104.34
CA ASP E 467 46.42 -19.16 104.68
C ASP E 467 47.94 -19.03 104.75
N PHE E 468 48.62 -20.17 104.85
CA PHE E 468 50.10 -20.16 104.94
C PHE E 468 50.70 -19.51 103.70
N PHE E 469 50.22 -19.92 102.53
CA PHE E 469 50.81 -19.43 101.28
C PHE E 469 50.71 -17.93 101.17
N LEU E 470 49.71 -17.31 101.82
CA LEU E 470 49.56 -15.86 101.77
C LEU E 470 50.47 -15.15 102.76
N THR E 471 50.84 -15.82 103.85
CA THR E 471 51.60 -15.18 104.92
C THR E 471 53.09 -15.49 104.89
N LEU E 472 53.49 -16.60 104.27
CA LEU E 472 54.92 -16.92 104.20
C LEU E 472 55.72 -15.87 103.46
N PRO E 473 55.32 -15.39 102.26
CA PRO E 473 56.02 -14.24 101.68
C PRO E 473 55.92 -12.99 102.54
N LEU E 474 54.81 -12.80 103.25
CA LEU E 474 54.66 -11.61 104.09
C LEU E 474 55.71 -11.59 105.19
N VAL E 475 55.93 -12.73 105.84
CA VAL E 475 56.94 -12.79 106.89
C VAL E 475 58.33 -12.62 106.31
N ILE E 476 58.61 -13.32 105.19
CA ILE E 476 59.94 -13.31 104.61
C ILE E 476 60.32 -11.90 104.17
N LEU E 477 59.39 -11.20 103.51
CA LEU E 477 59.65 -9.83 103.07
C LEU E 477 59.85 -8.88 104.23
N ALA E 478 59.31 -9.21 105.41
CA ALA E 478 59.47 -8.32 106.56
C ALA E 478 60.93 -8.21 106.99
N LEU E 479 61.65 -9.34 107.03
CA LEU E 479 63.05 -9.31 107.43
C LEU E 479 63.89 -8.48 106.47
N PHE E 480 63.64 -8.62 105.16
CA PHE E 480 64.39 -7.85 104.18
C PHE E 480 64.17 -6.35 104.35
N SER E 481 63.05 -5.98 104.97
CA SER E 481 62.71 -4.56 105.17
C SER E 481 63.30 -4.04 106.48
N ILE E 482 64.05 -4.88 107.20
CA ILE E 482 64.70 -4.47 108.45
C ILE E 482 66.21 -4.66 108.37
N PHE E 483 66.66 -5.86 107.98
CA PHE E 483 68.07 -6.21 108.08
C PHE E 483 68.81 -6.18 106.75
N PHE E 484 68.12 -6.34 105.62
CA PHE E 484 68.82 -6.39 104.34
C PHE E 484 69.48 -5.05 104.03
N GLY E 485 68.82 -3.94 104.38
CA GLY E 485 69.40 -2.63 104.10
C GLY E 485 70.70 -2.42 104.84
N PHE E 486 70.72 -2.74 106.13
CA PHE E 486 71.94 -2.57 106.92
C PHE E 486 73.04 -3.51 106.47
N ILE E 487 72.69 -4.77 106.17
CA ILE E 487 73.70 -5.77 105.87
C ILE E 487 74.43 -5.42 104.58
N THR E 488 73.69 -5.01 103.55
CA THR E 488 74.27 -4.72 102.25
C THR E 488 74.66 -3.25 102.09
N LYS E 489 74.63 -2.40 102.96
CA LYS E 489 74.94 -0.95 102.76
C LYS E 489 76.42 -0.76 102.52
N ASP E 490 77.25 -1.82 102.94
CA ASP E 490 78.68 -1.67 102.67
C ASP E 490 79.04 -2.06 101.25
N ILE E 491 78.31 -3.02 100.67
CA ILE E 491 78.53 -3.38 99.27
C ILE E 491 78.22 -2.19 98.37
N PHE E 492 77.08 -1.54 98.62
CA PHE E 492 76.54 -0.57 97.69
C PHE E 492 76.96 0.86 97.99
N ILE E 493 77.18 1.22 99.24
CA ILE E 493 77.72 2.52 99.60
C ILE E 493 79.19 2.41 100.04
N GLY E 494 79.43 1.76 101.18
CA GLY E 494 80.76 1.70 101.76
C GLY E 494 81.36 3.08 101.88
N LEU E 495 82.68 3.15 101.75
CA LEU E 495 83.37 4.41 101.51
C LEU E 495 84.16 4.40 100.22
N GLY E 496 84.92 3.34 99.96
CA GLY E 496 85.64 3.18 98.72
C GLY E 496 85.41 1.81 98.13
N SER E 497 84.17 1.32 98.23
CA SER E 497 83.85 -0.05 97.84
C SER E 497 84.23 -0.31 96.38
N ASN E 498 84.81 -1.49 96.14
CA ASN E 498 85.23 -1.91 94.82
C ASN E 498 84.31 -2.96 94.23
N PHE E 499 83.02 -2.90 94.57
CA PHE E 499 82.06 -3.89 94.09
C PHE E 499 81.73 -3.73 92.61
N PHE E 500 82.17 -2.65 91.98
CA PHE E 500 81.86 -2.38 90.58
C PHE E 500 83.10 -2.10 89.75
N VAL E 501 84.28 -2.57 90.20
CA VAL E 501 85.51 -2.36 89.45
C VAL E 501 85.52 -3.10 88.11
N ASP E 502 84.57 -4.01 87.89
CA ASP E 502 84.43 -4.64 86.58
C ASP E 502 83.83 -3.70 85.55
N ASN E 503 83.73 -2.38 86.01
CA ASN E 503 83.19 -1.28 85.16
C ASN E 503 81.68 -1.36 84.96
N SER E 504 81.01 -2.34 85.55
CA SER E 504 79.57 -2.51 85.36
C SER E 504 78.84 -1.18 85.50
N LEU E 505 79.07 -0.49 86.61
CA LEU E 505 78.61 0.91 86.72
C LEU E 505 79.92 1.72 86.61
N PHE E 506 79.88 3.00 86.23
CA PHE E 506 81.04 3.87 86.04
C PHE E 506 80.73 5.25 86.61
N ILE E 507 81.68 5.79 87.37
CA ILE E 507 81.58 7.12 87.94
C ILE E 507 82.85 7.88 87.58
N HIS E 508 82.70 9.01 86.89
CA HIS E 508 83.86 9.79 86.50
C HIS E 508 84.42 10.51 87.72
N PRO E 509 85.75 10.65 87.81
CA PRO E 509 86.33 11.31 88.99
C PRO E 509 85.87 12.74 89.20
N ILE E 510 85.63 13.50 88.13
CA ILE E 510 85.22 14.88 88.28
C ILE E 510 83.80 14.98 88.83
N HIS E 511 83.00 13.93 88.73
CA HIS E 511 81.62 13.94 89.14
C HIS E 511 81.41 13.37 90.54
N GLU E 512 82.48 13.00 91.25
CA GLU E 512 82.33 12.40 92.56
C GLU E 512 81.93 13.44 93.59
N ILE E 513 80.89 13.14 94.36
CA ILE E 513 80.40 14.06 95.39
C ILE E 513 80.20 13.32 96.70
N MET E 514 80.60 12.05 96.74
CA MET E 514 80.31 11.21 97.89
C MET E 514 81.13 11.62 99.12
N ILE E 515 82.35 12.10 98.92
CA ILE E 515 83.19 12.51 100.04
C ILE E 515 82.54 13.66 100.81
N ASP E 516 82.02 14.65 100.08
CA ASP E 516 81.35 15.77 100.73
C ASP E 516 80.06 15.34 101.41
N THR E 517 79.44 14.27 100.92
CA THR E 517 78.18 13.80 101.52
C THR E 517 78.38 13.37 102.97
N GLU E 518 79.46 12.65 103.25
CA GLU E 518 79.68 12.14 104.60
C GLU E 518 80.18 13.22 105.55
N PHE E 519 80.96 14.18 105.07
CA PHE E 519 81.62 15.14 105.94
C PHE E 519 81.12 16.57 105.76
N ALA E 520 81.04 17.05 104.52
CA ALA E 520 80.71 18.47 104.30
C ALA E 520 79.27 18.78 104.66
N VAL E 521 78.36 17.85 104.44
CA VAL E 521 76.91 18.06 104.74
C VAL E 521 76.78 18.48 106.21
N PRO E 522 75.87 19.41 106.59
CA PRO E 522 75.71 19.75 108.00
C PRO E 522 74.78 18.78 108.73
N VAL E 523 75.01 18.54 110.03
CA VAL E 523 74.24 17.54 110.75
C VAL E 523 72.75 17.84 110.67
N LEU E 524 72.37 19.13 110.67
CA LEU E 524 70.96 19.50 110.70
C LEU E 524 70.23 18.97 109.47
N PHE E 525 70.85 19.12 108.29
CA PHE E 525 70.21 18.64 107.04
C PHE E 525 70.27 17.12 106.94
N LYS E 526 71.27 16.49 107.57
CA LYS E 526 71.35 15.03 107.56
C LYS E 526 70.19 14.41 108.32
N LEU E 527 69.83 14.99 109.47
CA LEU E 527 68.71 14.50 110.27
C LEU E 527 67.41 15.22 109.95
N LEU E 528 67.42 16.17 109.02
CA LEU E 528 66.21 16.90 108.69
C LEU E 528 65.08 16.02 108.18
N PRO E 529 65.29 15.07 107.26
CA PRO E 529 64.16 14.21 106.85
C PRO E 529 63.53 13.44 108.00
N PHE E 530 64.34 12.99 108.97
CA PHE E 530 63.79 12.29 110.13
C PHE E 530 62.92 13.22 110.97
N ILE E 531 63.33 14.47 111.12
CA ILE E 531 62.54 15.42 111.91
C ILE E 531 61.16 15.61 111.29
N PHE E 532 61.11 15.82 109.98
CA PHE E 532 59.82 15.95 109.30
C PHE E 532 59.03 14.65 109.36
N THR E 533 59.69 13.51 109.22
CA THR E 533 58.99 12.23 109.22
C THR E 533 58.33 11.97 110.57
N ILE E 534 59.08 12.15 111.67
CA ILE E 534 58.54 11.88 112.99
C ILE E 534 57.62 13.00 113.47
N SER E 535 57.65 14.17 112.83
CA SER E 535 56.75 15.26 113.19
C SER E 535 55.44 15.19 112.41
N PHE E 536 55.53 15.27 111.08
CA PHE E 536 54.32 15.32 110.25
C PHE E 536 53.45 14.10 110.42
N SER E 537 53.99 13.00 110.94
CA SER E 537 53.15 11.86 111.28
C SER E 537 52.15 12.24 112.37
N VAL E 538 52.57 13.02 113.36
CA VAL E 538 51.69 13.32 114.49
C VAL E 538 50.58 14.28 114.07
N ILE E 539 50.86 15.23 113.16
CA ILE E 539 49.78 16.09 112.67
C ILE E 539 48.76 15.28 111.89
N ALA E 540 49.23 14.38 111.02
CA ALA E 540 48.31 13.50 110.30
C ALA E 540 47.57 12.59 111.27
N LEU E 541 48.27 12.08 112.29
CA LEU E 541 47.62 11.25 113.29
C LEU E 541 46.72 12.07 114.21
N THR E 542 47.00 13.35 114.39
CA THR E 542 46.10 14.22 115.16
C THR E 542 44.95 14.75 114.32
N LEU E 543 45.16 14.94 113.02
CA LEU E 543 44.09 15.39 112.14
C LEU E 543 42.99 14.35 111.97
N SER E 544 43.23 13.12 112.41
CA SER E 544 42.22 12.06 112.38
C SER E 544 42.09 11.45 113.75
N GLU E 545 40.85 11.20 114.17
CA GLU E 545 40.51 10.54 115.43
C GLU E 545 40.76 11.44 116.63
N LEU E 546 41.41 12.57 116.42
CA LEU E 546 41.59 13.57 117.47
C LEU E 546 40.89 14.87 117.13
N LEU E 547 41.21 15.47 115.98
CA LEU E 547 40.45 16.62 115.49
C LEU E 547 39.37 16.17 114.52
N SER E 548 39.78 15.57 113.40
CA SER E 548 38.88 14.91 112.45
C SER E 548 37.90 15.88 111.78
N GLU E 549 38.01 17.09 111.84
CA GLU E 549 37.07 18.04 111.16
C GLU E 549 37.83 19.27 110.63
N LEU E 550 39.17 19.43 111.05
CA LEU E 550 39.91 20.52 110.40
C LEU E 550 40.04 20.28 108.89
N VAL E 551 40.20 19.02 108.49
CA VAL E 551 40.41 18.71 107.08
C VAL E 551 39.14 18.93 106.27
N ILE E 552 37.99 18.50 106.81
CA ILE E 552 36.73 18.66 106.09
C ILE E 552 36.39 20.14 105.91
N TYR E 553 36.74 20.97 106.90
CA TYR E 553 36.56 22.41 106.75
C TYR E 553 37.37 22.93 105.57
N PHE E 554 38.61 22.45 105.43
CA PHE E 554 39.41 22.79 104.25
C PHE E 554 38.80 22.20 102.99
N LYS E 555 38.23 20.99 103.09
CA LYS E 555 37.67 20.32 101.92
C LYS E 555 36.51 21.11 101.31
N PHE E 556 35.63 21.64 102.14
CA PHE E 556 34.42 22.29 101.67
C PHE E 556 34.57 23.78 101.43
N SER E 557 35.78 24.32 101.60
CA SER E 557 36.04 25.65 101.07
C SER E 557 36.21 25.58 99.56
N ARG E 558 36.17 26.74 98.91
CA ARG E 558 36.38 26.76 97.47
C ARG E 558 37.85 26.56 97.10
N PHE E 559 38.77 27.00 97.96
CA PHE E 559 40.19 26.76 97.72
C PHE E 559 40.53 25.29 97.87
N GLY E 560 40.03 24.64 98.93
CA GLY E 560 40.35 23.24 99.14
C GLY E 560 39.71 22.33 98.11
N TYR E 561 38.47 22.64 97.72
CA TYR E 561 37.77 21.80 96.74
C TYR E 561 38.52 21.77 95.41
N ASN E 562 39.00 22.92 94.95
CA ASN E 562 39.78 22.95 93.72
C ASN E 562 41.11 22.24 93.89
N ILE E 563 41.78 22.38 94.97
CA ILE E 563 43.08 21.68 95.19
C ILE E 563 42.81 20.18 95.27
N PHE E 564 41.79 19.79 96.09
CA PHE E 564 41.58 18.36 96.31
C PHE E 564 41.36 17.62 94.99
N GLY E 565 40.51 18.16 94.12
CA GLY E 565 40.23 17.49 92.87
C GLY E 565 41.44 17.45 91.95
N PHE E 566 42.14 18.58 91.83
CA PHE E 566 43.32 18.65 90.98
C PHE E 566 44.30 17.53 91.33
N PHE E 567 44.60 17.37 92.61
CA PHE E 567 45.49 16.29 93.03
C PHE E 567 44.82 14.94 92.90
N ASN E 568 43.50 14.86 93.12
CA ASN E 568 42.79 13.61 92.90
C ASN E 568 42.67 13.27 91.42
N GLN E 569 42.59 14.28 90.56
CA GLN E 569 42.57 14.06 89.11
C GLN E 569 43.96 14.07 88.51
N ARG E 570 44.96 13.78 89.47
CA ARG E 570 46.34 13.51 88.98
C ARG E 570 46.91 14.64 88.12
N PHE E 571 46.80 15.83 88.52
CA PHE E 571 47.32 17.03 87.88
C PHE E 571 46.69 17.31 86.52
N LEU E 572 45.71 16.51 86.11
CA LEU E 572 45.02 16.61 84.83
C LEU E 572 45.92 16.30 83.64
N ILE E 573 46.97 15.49 83.83
CA ILE E 573 47.88 15.11 82.76
C ILE E 573 47.31 13.92 82.00
N GLU E 574 46.05 13.56 82.28
CA GLU E 574 45.35 12.57 81.51
C GLU E 574 44.10 13.09 80.83
N PHE E 575 43.54 14.22 81.29
CA PHE E 575 42.41 14.81 80.59
C PHE E 575 42.86 15.52 79.32
N PHE E 576 43.97 16.26 79.39
CA PHE E 576 44.52 16.86 78.18
C PHE E 576 45.17 15.81 77.28
N TYR E 577 45.68 14.72 77.86
CA TYR E 577 46.19 13.63 77.04
C TYR E 577 45.06 12.98 76.24
N ASN E 578 43.96 12.64 76.92
CA ASN E 578 42.89 11.90 76.26
C ASN E 578 42.23 12.73 75.16
N LYS E 579 42.07 14.03 75.42
CA LYS E 579 41.31 14.90 74.52
C LYS E 579 42.17 15.56 73.46
N TYR E 580 43.33 16.08 73.83
CA TYR E 580 44.17 16.84 72.91
C TYR E 580 45.29 16.02 72.31
N ILE E 581 45.41 14.74 72.66
CA ILE E 581 46.42 13.89 72.05
C ILE E 581 45.73 12.66 71.42
N THR E 582 45.06 11.87 72.26
CA THR E 582 44.46 10.62 71.79
C THR E 582 43.36 10.88 70.76
N ASN E 583 42.40 11.73 71.11
CA ASN E 583 41.26 11.98 70.23
C ASN E 583 41.63 12.85 69.05
N LEU E 584 42.72 13.61 69.14
CA LEU E 584 43.22 14.33 67.98
C LEU E 584 43.61 13.35 66.88
N ILE E 585 44.35 12.29 67.25
CA ILE E 585 44.72 11.26 66.28
C ILE E 585 43.49 10.57 65.73
N LEU E 586 42.51 10.29 66.61
CA LEU E 586 41.28 9.65 66.16
C LEU E 586 40.49 10.52 65.19
N ASN E 587 40.50 11.83 65.40
CA ASN E 587 39.85 12.73 64.46
C ASN E 587 40.67 12.90 63.19
N LEU E 588 42.00 12.87 63.31
CA LEU E 588 42.85 12.89 62.13
C LEU E 588 42.60 11.68 61.25
N GLY E 589 42.47 10.50 61.86
CA GLY E 589 42.08 9.33 61.11
C GLY E 589 40.70 9.46 60.51
N GLY E 590 39.78 10.08 61.25
CA GLY E 590 38.45 10.30 60.73
C GLY E 590 38.45 11.18 59.49
N GLN E 591 39.18 12.29 59.54
CA GLN E 591 39.21 13.23 58.42
C GLN E 591 39.80 12.57 57.18
N ILE E 592 40.90 11.84 57.34
CA ILE E 592 41.60 11.16 56.22
C ILE E 592 40.69 10.10 55.57
N THR E 593 40.07 9.21 56.37
CA THR E 593 39.13 8.23 55.76
C THR E 593 37.94 8.92 55.08
N LYS E 594 37.34 9.96 55.67
CA LYS E 594 36.07 10.52 55.16
C LYS E 594 36.18 11.61 54.07
N ILE E 595 37.18 12.44 54.13
CA ILE E 595 37.42 13.59 53.26
C ILE E 595 38.38 13.24 52.12
N LEU E 596 39.38 12.40 52.37
CA LEU E 596 40.35 12.05 51.33
C LEU E 596 40.11 10.68 50.72
N ASP E 597 40.18 9.60 51.51
CA ASP E 597 40.06 8.26 50.94
C ASP E 597 38.67 8.01 50.38
N LYS E 598 37.64 8.28 51.17
CA LYS E 598 36.26 8.19 50.70
C LYS E 598 35.77 9.52 50.15
N GLY E 599 36.69 10.41 49.80
CA GLY E 599 36.38 11.78 49.48
C GLY E 599 37.06 12.31 48.25
N SER E 600 37.88 13.33 48.44
CA SER E 600 38.50 14.06 47.33
C SER E 600 39.33 13.14 46.43
N ILE E 601 40.11 12.25 47.03
CA ILE E 601 40.93 11.35 46.22
C ILE E 601 40.09 10.42 45.37
N GLU E 602 38.82 10.24 45.74
CA GLU E 602 37.93 9.49 44.82
C GLU E 602 37.35 10.47 43.78
N LEU E 603 37.00 11.70 44.18
CA LEU E 603 36.45 12.64 43.21
C LEU E 603 37.52 13.16 42.26
N PHE E 604 38.70 13.51 42.80
CA PHE E 604 39.83 13.83 41.93
C PHE E 604 40.62 12.57 41.61
N GLY E 605 39.92 11.57 41.10
CA GLY E 605 40.49 10.28 40.82
C GLY E 605 39.55 9.43 40.01
N PRO E 606 39.49 8.14 40.32
CA PRO E 606 38.67 7.23 39.50
C PRO E 606 37.20 7.60 39.46
N TYR E 607 36.61 8.02 40.58
CA TYR E 607 35.16 8.28 40.59
C TYR E 607 34.82 9.52 39.77
N GLY E 608 35.63 10.57 39.86
CA GLY E 608 35.39 11.74 39.04
C GLY E 608 35.56 11.45 37.56
N LEU E 609 36.59 10.67 37.21
CA LEU E 609 36.80 10.29 35.81
C LEU E 609 35.62 9.47 35.29
N GLU E 610 35.12 8.55 36.11
CA GLU E 610 33.97 7.74 35.69
C GLU E 610 32.74 8.61 35.45
N ARG E 611 32.48 9.55 36.37
CA ARG E 611 31.35 10.45 36.21
C ARG E 611 31.50 11.29 34.95
N GLY E 612 32.64 11.95 34.79
CA GLY E 612 32.81 12.86 33.69
C GLY E 612 32.89 12.17 32.34
N LEU E 613 33.61 11.05 32.26
CA LEU E 613 33.81 10.40 30.97
C LEU E 613 32.51 9.78 30.46
N VAL E 614 31.69 9.22 31.36
CA VAL E 614 30.37 8.75 30.96
C VAL E 614 29.55 9.91 30.42
N LYS E 615 29.61 11.06 31.09
CA LYS E 615 28.96 12.26 30.58
C LYS E 615 29.52 12.66 29.22
N LEU E 616 30.86 12.73 29.11
CA LEU E 616 31.49 13.09 27.85
C LEU E 616 31.18 12.06 26.77
N SER E 617 31.18 10.77 27.12
CA SER E 617 30.89 9.73 26.14
C SER E 617 29.48 9.85 25.58
N LYS E 618 28.50 10.14 26.45
CA LYS E 618 27.11 10.21 26.01
C LYS E 618 26.85 11.42 25.11
N ASN E 619 27.51 12.54 25.37
CA ASN E 619 27.27 13.72 24.55
C ASN E 619 27.81 13.53 23.14
N ILE E 620 29.00 12.93 23.00
CA ILE E 620 29.56 12.71 21.67
C ILE E 620 28.67 11.77 20.87
N SER E 621 28.19 10.71 21.50
CA SER E 621 27.33 9.76 20.81
C SER E 621 26.01 10.39 20.37
N SER E 622 25.56 11.42 21.08
CA SER E 622 24.34 12.11 20.68
C SER E 622 24.49 12.80 19.33
N LEU E 623 25.71 13.12 18.92
CA LEU E 623 25.96 13.69 17.61
C LEU E 623 25.89 12.64 16.50
N SER E 624 25.77 11.36 16.86
CA SER E 624 25.65 10.27 15.90
C SER E 624 24.18 9.96 15.73
N THR E 625 23.55 10.69 14.80
CA THR E 625 22.12 10.62 14.59
C THR E 625 21.71 9.64 13.49
N SER E 626 22.67 9.07 12.78
CA SER E 626 22.44 8.25 11.59
C SER E 626 21.70 9.00 10.49
N HIS E 627 21.68 10.33 10.55
CA HIS E 627 21.11 11.15 9.49
C HIS E 627 22.19 11.38 8.45
N VAL E 628 22.06 10.73 7.30
CA VAL E 628 23.14 10.71 6.31
C VAL E 628 23.46 12.12 5.83
N THR E 629 22.46 13.01 5.83
CA THR E 629 22.71 14.40 5.48
C THR E 629 23.56 15.09 6.53
N THR E 630 23.30 14.79 7.81
CA THR E 630 24.08 15.41 8.88
C THR E 630 25.53 14.91 8.87
N TYR E 631 25.73 13.63 8.58
CA TYR E 631 27.08 13.09 8.50
C TYR E 631 27.88 13.76 7.40
N ALA E 632 27.22 14.09 6.28
CA ALA E 632 27.90 14.71 5.12
C ALA E 632 28.42 16.07 5.53
N LEU E 633 27.63 16.77 6.34
CA LEU E 633 28.06 18.06 6.84
C LEU E 633 29.29 17.92 7.72
N TYR E 634 29.33 16.87 8.56
CA TYR E 634 30.49 16.67 9.42
C TYR E 634 31.74 16.39 8.60
N ILE E 635 31.62 15.56 7.57
CA ILE E 635 32.77 15.25 6.71
C ILE E 635 33.31 16.51 6.06
N LEU E 636 32.40 17.37 5.58
CA LEU E 636 32.82 18.62 4.97
C LEU E 636 33.54 19.51 5.96
N VAL E 637 33.03 19.60 7.19
CA VAL E 637 33.64 20.48 8.19
C VAL E 637 35.01 19.97 8.59
N GLY E 638 35.13 18.65 8.81
CA GLY E 638 36.44 18.07 9.05
C GLY E 638 37.38 18.29 7.88
N PHE E 639 36.84 18.23 6.66
CA PHE E 639 37.61 18.56 5.47
C PHE E 639 38.13 19.98 5.53
N ILE E 640 37.28 20.93 5.91
CA ILE E 640 37.67 22.34 5.93
C ILE E 640 38.70 22.61 7.03
N LEU E 641 38.53 21.98 8.19
CA LEU E 641 39.48 22.20 9.29
C LEU E 641 40.87 21.69 8.94
N TYR E 642 40.96 20.53 8.28
CA TYR E 642 42.25 20.02 7.84
C TYR E 642 42.90 20.95 6.83
N LEU E 643 42.13 21.57 5.94
CA LEU E 643 42.69 22.52 4.97
C LEU E 643 43.19 23.79 5.68
N ILE E 644 42.44 24.30 6.65
CA ILE E 644 42.89 25.50 7.36
C ILE E 644 44.21 25.24 8.06
N TYR E 645 44.30 24.10 8.77
CA TYR E 645 45.47 23.85 9.61
C TYR E 645 46.73 23.78 8.77
N ASN E 646 46.66 23.15 7.61
CA ASN E 646 47.85 22.95 6.79
C ASN E 646 48.13 24.11 5.85
N ASN E 647 47.09 24.81 5.38
CA ASN E 647 47.30 25.92 4.46
C ASN E 647 47.77 27.19 5.17
N LEU E 648 47.34 27.41 6.41
CA LEU E 648 47.62 28.65 7.11
C LEU E 648 48.83 28.56 8.03
N LEU E 649 49.57 27.45 7.99
CA LEU E 649 50.75 27.26 8.85
C LEU E 649 50.40 27.52 10.31
N LEU E 650 49.31 26.90 10.75
CA LEU E 650 48.81 27.11 12.10
C LEU E 650 49.81 26.62 13.14
N ASP E 651 49.88 27.34 14.25
CA ASP E 651 50.62 26.85 15.41
C ASP E 651 49.93 25.60 15.92
N TYR E 652 50.72 24.58 16.24
CA TYR E 652 50.14 23.33 16.73
C TYR E 652 49.37 23.54 18.03
N SER E 653 49.78 24.53 18.81
CA SER E 653 49.16 24.86 20.11
C SER E 653 47.74 25.36 19.88
N TYR E 654 47.50 25.99 18.75
CA TYR E 654 46.14 26.38 18.39
C TYR E 654 45.27 25.15 18.21
N LEU E 655 45.80 24.12 17.54
CA LEU E 655 45.07 22.89 17.31
C LEU E 655 44.74 22.18 18.63
N LEU E 656 45.72 22.04 19.50
CA LEU E 656 45.48 21.36 20.77
C LEU E 656 44.48 22.11 21.63
N LEU E 657 44.58 23.44 21.66
CA LEU E 657 43.61 24.24 22.40
C LEU E 657 42.20 24.06 21.84
N ILE E 658 42.08 23.96 20.53
CA ILE E 658 40.77 23.74 19.92
C ILE E 658 40.19 22.41 20.37
N ILE E 659 41.03 21.36 20.41
CA ILE E 659 40.56 20.06 20.86
C ILE E 659 40.16 20.10 22.33
N ILE E 660 40.96 20.78 23.17
CA ILE E 660 40.59 20.93 24.57
C ILE E 660 39.26 21.65 24.69
N LEU E 661 39.06 22.70 23.90
CA LEU E 661 37.78 23.40 23.88
C LEU E 661 36.64 22.48 23.46
N LEU E 662 36.86 21.68 22.41
CA LEU E 662 35.81 20.79 21.94
C LEU E 662 35.44 19.75 23.00
N LEU E 663 36.40 19.35 23.82
CA LEU E 663 36.08 18.49 24.96
C LEU E 663 35.33 19.27 26.03
N LEU E 664 35.74 20.51 26.29
CA LEU E 664 35.06 21.34 27.27
C LEU E 664 33.59 21.52 26.91
N LEU E 665 33.34 22.03 25.72
CA LEU E 665 31.95 22.20 25.27
C LEU E 665 31.20 20.86 25.33
N MET E 666 31.83 19.77 24.85
CA MET E 666 31.17 18.47 24.89
C MET E 666 30.96 18.00 26.31
N MET E 667 31.86 18.37 27.22
CA MET E 667 31.69 18.11 28.64
C MET E 667 30.47 18.83 29.21
N ILE E 668 29.97 19.85 28.53
CA ILE E 668 28.79 20.60 28.95
C ILE E 668 27.59 20.03 28.20
N GLY E 669 26.52 19.73 28.94
CA GLY E 669 25.33 19.17 28.33
C GLY E 669 24.59 20.18 27.48
N GLU E 670 23.64 19.67 26.71
CA GLU E 670 22.83 20.47 25.80
C GLU E 670 23.67 21.28 24.83
N SER F 3 61.26 55.08 -38.70
CA SER F 3 61.12 53.69 -39.11
C SER F 3 59.75 53.43 -39.73
N GLN F 4 59.04 52.44 -39.18
CA GLN F 4 57.72 52.06 -39.65
C GLN F 4 57.06 51.23 -38.55
N ILE F 5 55.89 50.67 -38.86
CA ILE F 5 55.18 49.82 -37.91
C ILE F 5 55.54 48.37 -38.20
N SER F 6 56.45 47.81 -37.38
CA SER F 6 56.95 46.46 -37.64
C SER F 6 55.87 45.41 -37.42
N LEU F 7 54.96 45.63 -36.48
CA LEU F 7 53.95 44.65 -36.12
C LEU F 7 52.61 45.08 -36.73
N LEU F 8 52.02 44.20 -37.52
CA LEU F 8 50.76 44.46 -38.20
C LEU F 8 49.69 43.56 -37.59
N LEU F 9 48.69 44.21 -36.99
CA LEU F 9 47.52 43.46 -36.48
C LEU F 9 46.31 43.81 -37.34
N LEU F 10 45.64 42.82 -37.91
CA LEU F 10 44.44 43.04 -38.70
C LEU F 10 43.48 41.87 -38.49
N LYS F 11 42.20 42.16 -38.73
CA LYS F 11 41.16 41.15 -38.57
C LYS F 11 41.28 40.06 -39.62
N GLU F 12 41.04 38.82 -39.21
CA GLU F 12 40.92 37.71 -40.14
C GLU F 12 39.53 37.72 -40.77
N ILE F 13 39.47 37.43 -42.07
CA ILE F 13 38.22 37.58 -42.81
C ILE F 13 37.49 36.24 -42.94
N TYR F 14 38.09 35.30 -43.66
CA TYR F 14 37.64 33.92 -43.65
C TYR F 14 38.61 33.10 -42.83
N THR F 15 38.27 31.82 -42.63
CA THR F 15 38.98 30.97 -41.67
C THR F 15 39.04 31.65 -40.31
N ASN F 16 38.01 32.44 -40.01
CA ASN F 16 38.05 33.36 -38.89
C ASN F 16 38.24 32.63 -37.56
N GLY F 17 37.24 31.87 -37.14
CA GLY F 17 37.26 31.27 -35.82
C GLY F 17 36.10 31.72 -34.96
N SER F 18 35.81 30.95 -33.92
CA SER F 18 34.64 31.21 -33.09
C SER F 18 34.85 32.44 -32.21
N THR F 19 33.75 32.96 -31.67
CA THR F 19 33.79 34.13 -30.80
C THR F 19 34.01 33.69 -29.36
N HIS F 20 34.96 34.33 -28.69
CA HIS F 20 35.26 34.01 -27.29
C HIS F 20 34.20 34.55 -26.35
N ILE F 21 33.32 35.42 -26.83
CA ILE F 21 32.21 35.90 -26.01
C ILE F 21 31.31 34.73 -25.59
N MET F 22 31.04 33.80 -26.52
CA MET F 22 30.09 32.72 -26.28
C MET F 22 30.53 31.78 -25.16
N LEU F 23 31.80 31.79 -24.76
CA LEU F 23 32.19 31.01 -23.58
C LEU F 23 31.64 31.62 -22.30
N ASP F 24 31.48 32.95 -22.28
CA ASP F 24 31.02 33.62 -21.06
C ASP F 24 29.56 33.35 -20.78
N ILE F 25 28.71 33.36 -21.81
CA ILE F 25 27.32 32.98 -21.62
C ILE F 25 27.22 31.54 -21.16
N LEU F 26 27.98 30.64 -21.80
CA LEU F 26 27.96 29.23 -21.39
C LEU F 26 28.44 29.06 -19.95
N SER F 27 29.41 29.87 -19.53
CA SER F 27 29.88 29.78 -18.15
C SER F 27 28.82 30.28 -17.17
N VAL F 28 28.18 31.41 -17.46
CA VAL F 28 27.17 31.92 -16.55
C VAL F 28 25.93 31.04 -16.56
N LEU F 29 25.54 30.53 -17.73
CA LEU F 29 24.38 29.66 -17.78
C LEU F 29 24.62 28.36 -17.02
N ALA F 30 25.86 27.89 -16.96
CA ALA F 30 26.18 26.70 -16.18
C ALA F 30 26.06 26.97 -14.68
N VAL F 31 26.47 28.16 -14.24
CA VAL F 31 26.37 28.49 -12.82
C VAL F 31 24.92 28.69 -12.41
N ILE F 32 24.15 29.44 -13.20
CA ILE F 32 22.73 29.64 -12.90
C ILE F 32 22.01 28.30 -12.85
N SER F 33 22.24 27.45 -13.85
CA SER F 33 21.66 26.11 -13.82
C SER F 33 22.16 25.34 -12.62
N GLY F 34 23.43 25.50 -12.27
CA GLY F 34 23.97 24.85 -11.09
C GLY F 34 23.27 25.30 -9.81
N ILE F 35 23.04 26.61 -9.68
CA ILE F 35 22.36 27.12 -8.50
C ILE F 35 20.90 26.65 -8.47
N CYS F 36 20.25 26.59 -9.64
CA CYS F 36 18.87 26.14 -9.70
C CYS F 36 18.73 24.67 -9.32
N VAL F 37 19.81 23.89 -9.34
CA VAL F 37 19.73 22.49 -8.98
C VAL F 37 19.48 22.32 -7.50
N ILE F 38 20.18 23.09 -6.66
CA ILE F 38 20.18 22.84 -5.22
C ILE F 38 19.19 23.69 -4.46
N ILE F 39 18.49 24.61 -5.13
CA ILE F 39 17.42 25.38 -4.51
C ILE F 39 16.07 25.06 -5.10
N SER F 40 16.00 24.12 -6.05
CA SER F 40 14.72 23.75 -6.65
C SER F 40 13.83 23.05 -5.62
N LYS F 41 12.54 23.34 -5.69
CA LYS F 41 11.60 22.72 -4.76
C LYS F 41 11.46 21.23 -5.04
N ASN F 42 11.02 20.87 -6.24
CA ASN F 42 10.79 19.50 -6.66
C ASN F 42 12.08 18.86 -7.16
N PRO F 43 12.35 17.63 -6.72
CA PRO F 43 13.56 16.93 -7.20
C PRO F 43 13.59 16.73 -8.70
N ILE F 44 12.45 16.47 -9.34
CA ILE F 44 12.44 16.29 -10.78
C ILE F 44 12.89 17.55 -11.48
N VAL F 45 12.45 18.70 -10.98
CA VAL F 45 12.90 19.98 -11.52
C VAL F 45 14.38 20.18 -11.25
N SER F 46 14.89 19.62 -10.16
CA SER F 46 16.31 19.70 -9.86
C SER F 46 17.13 18.92 -10.89
N VAL F 47 16.64 17.74 -11.31
CA VAL F 47 17.33 16.95 -12.31
C VAL F 47 17.24 17.60 -13.69
N LEU F 48 16.12 18.26 -13.99
CA LEU F 48 15.99 18.97 -15.27
C LEU F 48 17.03 20.07 -15.37
N HIS F 49 17.26 20.80 -14.26
CA HIS F 49 18.34 21.79 -14.24
C HIS F 49 19.71 21.13 -14.32
N LEU F 50 19.85 19.92 -13.78
CA LEU F 50 21.10 19.19 -13.90
C LEU F 50 21.39 18.86 -15.36
N ILE F 51 20.37 18.45 -16.12
CA ILE F 51 20.58 18.18 -17.58
C ILE F 51 21.01 19.47 -18.28
N GLY F 52 20.39 20.61 -17.96
CA GLY F 52 20.86 21.85 -18.54
C GLY F 52 22.30 22.15 -18.21
N LEU F 53 22.73 21.83 -16.99
CA LEU F 53 24.13 22.01 -16.62
C LEU F 53 25.03 21.10 -17.44
N PHE F 54 24.59 19.88 -17.71
CA PHE F 54 25.36 18.93 -18.55
C PHE F 54 25.49 19.48 -19.97
N ALA F 55 24.42 20.04 -20.53
CA ALA F 55 24.46 20.53 -21.90
C ALA F 55 25.40 21.72 -22.04
N TYR F 56 25.31 22.68 -21.10
CA TYR F 56 26.18 23.86 -21.17
C TYR F 56 27.65 23.47 -21.09
N VAL F 57 28.00 22.54 -20.21
CA VAL F 57 29.38 22.07 -20.14
C VAL F 57 29.76 21.37 -21.45
N SER F 58 28.86 20.53 -21.95
CA SER F 58 29.09 19.80 -23.22
C SER F 58 29.24 20.78 -24.38
N PHE F 59 28.36 21.78 -24.44
CA PHE F 59 28.46 22.79 -25.49
C PHE F 59 29.77 23.56 -25.38
N TYR F 60 30.18 23.85 -24.14
CA TYR F 60 31.45 24.53 -23.91
C TYR F 60 32.62 23.69 -24.44
N LEU F 61 32.61 22.39 -24.14
CA LEU F 61 33.71 21.52 -24.56
C LEU F 61 33.76 21.40 -26.08
N ILE F 62 32.60 21.29 -26.72
CA ILE F 62 32.53 21.26 -28.18
C ILE F 62 33.16 22.51 -28.77
N LEU F 63 32.83 23.68 -28.33
CA LEU F 63 33.28 24.98 -28.91
C LEU F 63 34.77 25.25 -28.73
N ILE F 64 35.41 24.54 -27.78
CA ILE F 64 36.85 24.76 -27.63
C ILE F 64 37.61 23.70 -28.42
N GLY F 65 36.88 22.84 -29.12
CA GLY F 65 37.48 21.82 -29.94
C GLY F 65 37.51 20.42 -29.34
N LEU F 66 36.96 20.23 -28.15
CA LEU F 66 36.86 18.89 -27.55
C LEU F 66 35.53 18.27 -27.96
N ASN F 67 35.46 17.90 -29.25
CA ASN F 67 34.19 17.48 -29.84
C ASN F 67 33.79 16.08 -29.39
N PHE F 68 34.74 15.14 -29.35
CA PHE F 68 34.38 13.78 -28.96
C PHE F 68 33.87 13.70 -27.53
N VAL F 69 34.62 14.27 -26.58
CA VAL F 69 34.20 14.20 -25.19
C VAL F 69 32.92 15.00 -24.97
N GLY F 70 32.79 16.13 -25.66
CA GLY F 70 31.57 16.92 -25.55
C GLY F 70 30.34 16.16 -26.01
N LEU F 71 30.45 15.45 -27.15
CA LEU F 71 29.35 14.62 -27.60
C LEU F 71 29.16 13.39 -26.73
N SER F 72 30.25 12.88 -26.16
CA SER F 72 30.13 11.75 -25.22
C SER F 72 29.29 12.15 -24.01
N TYR F 73 29.50 13.37 -23.52
CA TYR F 73 28.66 13.89 -22.42
C TYR F 73 27.18 13.90 -22.82
N LEU F 74 26.85 14.37 -24.03
CA LEU F 74 25.47 14.41 -24.47
C LEU F 74 24.87 13.01 -24.55
N ILE F 75 25.63 12.07 -25.11
CA ILE F 75 25.12 10.71 -25.29
C ILE F 75 25.02 9.98 -23.96
N VAL F 76 26.02 10.14 -23.10
CA VAL F 76 26.15 9.28 -21.92
C VAL F 76 25.38 9.84 -20.73
N TYR F 77 25.76 11.05 -20.35
CA TYR F 77 25.17 11.70 -19.15
C TYR F 77 23.74 12.16 -19.35
N ILE F 78 23.46 12.84 -20.44
CA ILE F 78 22.07 13.31 -20.73
C ILE F 78 21.35 12.13 -21.34
N GLY F 79 21.97 11.48 -22.29
CA GLY F 79 21.26 10.42 -22.99
C GLY F 79 20.89 9.22 -22.13
N ALA F 80 21.71 8.86 -21.12
CA ALA F 80 21.34 7.62 -20.41
C ALA F 80 21.28 7.78 -18.88
N VAL F 81 22.28 8.40 -18.25
CA VAL F 81 22.32 8.58 -16.77
C VAL F 81 21.15 9.44 -16.30
N SER F 82 20.90 10.55 -16.98
CA SER F 82 19.82 11.46 -16.58
C SER F 82 18.45 10.83 -16.83
N ILE F 83 18.31 10.07 -17.91
CA ILE F 83 17.05 9.37 -18.24
C ILE F 83 16.76 8.34 -17.14
N LEU F 84 17.77 7.63 -16.67
CA LEU F 84 17.61 6.66 -15.54
C LEU F 84 17.20 7.40 -14.26
N PHE F 85 17.79 8.55 -13.97
CA PHE F 85 17.46 9.35 -12.76
C PHE F 85 16.01 9.83 -12.80
N LEU F 86 15.54 10.29 -13.95
CA LEU F 86 14.17 10.84 -14.05
C LEU F 86 13.16 9.70 -13.98
N PHE F 87 13.49 8.54 -14.56
CA PHE F 87 12.57 7.39 -14.50
C PHE F 87 12.34 7.04 -13.04
N ILE F 88 13.40 7.02 -12.23
CA ILE F 88 13.22 6.53 -10.84
C ILE F 88 12.54 7.61 -10.03
N LEU F 89 12.94 8.84 -10.28
CA LEU F 89 12.37 9.97 -9.56
C LEU F 89 10.90 10.16 -9.88
N MET F 90 10.52 9.92 -11.13
CA MET F 90 9.15 10.13 -11.56
C MET F 90 8.26 8.92 -11.32
N LEU F 91 8.80 7.86 -10.73
CA LEU F 91 8.00 6.72 -10.29
C LEU F 91 7.78 6.69 -8.79
N ILE F 92 8.67 7.29 -8.01
CA ILE F 92 8.60 7.22 -6.55
C ILE F 92 7.66 8.30 -6.03
N ASN F 93 7.07 8.02 -4.88
CA ASN F 93 6.17 8.97 -4.24
C ASN F 93 6.98 10.05 -3.53
N ILE F 94 6.79 11.30 -3.94
CA ILE F 94 7.52 12.42 -3.37
C ILE F 94 6.53 13.48 -2.91
N ARG F 95 6.61 13.85 -1.63
CA ARG F 95 5.97 15.05 -1.12
C ARG F 95 7.03 16.14 -1.02
N THR F 96 6.90 17.18 -1.84
CA THR F 96 7.89 18.25 -1.83
C THR F 96 8.02 18.91 -0.47
N SER F 97 6.94 18.91 0.33
CA SER F 97 6.98 19.49 1.66
C SER F 97 7.96 18.76 2.57
N GLU F 98 8.02 17.44 2.46
CA GLU F 98 8.92 16.64 3.30
C GLU F 98 10.39 16.84 2.95
N LEU F 99 10.71 17.59 1.90
CA LEU F 99 12.08 17.72 1.42
C LEU F 99 12.65 19.12 1.55
N GLN F 100 11.88 20.07 2.09
CA GLN F 100 12.33 21.46 2.18
C GLN F 100 13.02 21.70 3.52
N SER F 101 14.32 21.95 3.47
CA SER F 101 15.05 22.42 4.64
C SER F 101 15.03 23.94 4.68
N ASN F 102 15.10 24.49 5.89
CA ASN F 102 15.17 25.94 6.05
C ASN F 102 16.55 26.42 5.61
N THR F 103 16.66 26.87 4.36
CA THR F 103 17.95 27.22 3.78
C THR F 103 18.56 28.45 4.41
N SER F 104 17.76 29.32 5.02
CA SER F 104 18.32 30.50 5.68
C SER F 104 19.23 30.11 6.83
N ASN F 105 18.89 29.03 7.53
CA ASN F 105 19.74 28.56 8.63
C ASN F 105 21.09 28.07 8.14
N SER F 106 21.23 27.74 6.86
CA SER F 106 22.47 27.24 6.31
C SER F 106 23.27 28.31 5.57
N ILE F 107 22.79 29.54 5.55
CA ILE F 107 23.41 30.61 4.75
C ILE F 107 24.73 31.07 5.36
N PRO F 108 24.83 31.33 6.68
CA PRO F 108 26.15 31.70 7.21
C PRO F 108 27.21 30.63 6.98
N LEU F 109 26.87 29.34 7.14
CA LEU F 109 27.81 28.29 6.81
C LEU F 109 28.10 28.26 5.31
N THR F 110 27.09 28.58 4.50
CA THR F 110 27.29 28.63 3.06
C THR F 110 28.33 29.67 2.67
N ILE F 111 28.27 30.85 3.28
CA ILE F 111 29.27 31.88 3.00
C ILE F 111 30.65 31.43 3.45
N LEU F 112 30.75 30.90 4.68
CA LEU F 112 32.04 30.51 5.21
C LEU F 112 32.68 29.40 4.40
N VAL F 113 31.88 28.41 4.00
CA VAL F 113 32.40 27.32 3.18
C VAL F 113 32.90 27.85 1.84
N GLY F 114 32.14 28.76 1.23
CA GLY F 114 32.51 29.27 -0.07
C GLY F 114 33.82 30.04 -0.07
N ILE F 115 34.01 30.90 0.94
CA ILE F 115 35.26 31.65 1.01
C ILE F 115 36.43 30.74 1.34
N ILE F 116 36.24 29.79 2.26
CA ILE F 116 37.34 28.94 2.69
C ILE F 116 37.80 28.03 1.56
N ILE F 117 36.85 27.34 0.92
CA ILE F 117 37.22 26.35 -0.08
C ILE F 117 37.78 27.03 -1.33
N SER F 118 37.11 28.08 -1.80
CA SER F 118 37.56 28.77 -3.00
C SER F 118 38.97 29.33 -2.83
N SER F 119 39.24 29.92 -1.67
CA SER F 119 40.56 30.50 -1.43
C SER F 119 41.68 29.45 -1.40
N PHE F 120 41.35 28.18 -1.20
CA PHE F 120 42.39 27.16 -1.18
C PHE F 120 42.57 26.48 -2.54
N LEU F 121 41.47 26.10 -3.20
CA LEU F 121 41.59 25.38 -4.46
C LEU F 121 42.00 26.30 -5.61
N PHE F 122 41.54 27.56 -5.58
CA PHE F 122 41.93 28.49 -6.64
C PHE F 122 43.45 28.65 -6.71
N LYS F 123 44.10 28.66 -5.56
CA LYS F 123 45.56 28.75 -5.53
C LYS F 123 46.21 27.55 -6.19
N MET F 124 45.46 26.46 -6.35
CA MET F 124 45.97 25.22 -6.91
C MET F 124 45.73 25.10 -8.40
N LEU F 125 44.93 25.97 -8.96
CA LEU F 125 44.60 25.86 -10.40
C LEU F 125 45.85 26.29 -11.18
N PRO F 126 46.30 25.52 -12.19
CA PRO F 126 47.49 25.88 -12.96
C PRO F 126 47.17 27.07 -13.89
N TYR F 127 48.18 27.71 -14.47
CA TYR F 127 47.92 28.95 -15.25
C TYR F 127 46.92 28.69 -16.37
N GLY F 128 47.02 27.54 -17.06
CA GLY F 128 46.11 27.26 -18.18
C GLY F 128 44.65 27.57 -17.87
N VAL F 129 44.19 27.33 -16.64
CA VAL F 129 42.74 27.52 -16.28
C VAL F 129 42.47 28.92 -15.69
N ILE F 130 43.50 29.67 -15.28
CA ILE F 130 43.25 30.97 -14.58
C ILE F 130 43.80 32.19 -15.34
N ILE F 131 44.44 32.00 -16.51
CA ILE F 131 45.11 33.12 -17.23
C ILE F 131 44.12 34.15 -17.79
N SER F 132 42.88 33.74 -18.08
CA SER F 132 41.93 34.61 -18.77
C SER F 132 40.60 34.67 -18.02
N ASN F 133 40.66 34.91 -16.72
CA ASN F 133 39.45 35.07 -15.91
C ASN F 133 39.78 35.93 -14.71
N GLN F 134 39.06 37.03 -14.55
CA GLN F 134 39.25 37.97 -13.44
C GLN F 134 40.69 38.44 -13.33
N LYS F 164 43.69 46.75 -18.89
CA LYS F 164 44.37 47.42 -20.01
C LYS F 164 45.32 46.46 -20.72
N ASN F 165 46.47 46.23 -20.12
CA ASN F 165 47.45 45.32 -20.71
C ASN F 165 46.92 43.88 -20.66
N ASP F 166 46.53 43.40 -21.84
CA ASP F 166 45.97 42.02 -21.94
C ASP F 166 46.95 41.17 -22.77
N LEU F 167 46.91 39.87 -22.57
CA LEU F 167 47.83 38.93 -23.20
C LEU F 167 47.11 38.14 -24.28
N PHE F 168 47.70 38.11 -25.45
CA PHE F 168 47.04 37.43 -26.58
C PHE F 168 47.80 36.13 -26.84
N PHE F 169 47.05 35.07 -27.16
CA PHE F 169 47.70 33.78 -27.50
C PHE F 169 48.08 33.75 -28.99
N ILE F 170 49.31 33.33 -29.32
CA ILE F 170 49.81 33.29 -30.73
C ILE F 170 49.92 31.84 -31.24
N THR F 171 49.50 31.60 -32.48
CA THR F 171 49.54 30.23 -33.09
C THR F 171 50.14 30.24 -34.49
N SER F 172 50.91 29.21 -34.84
CA SER F 172 51.47 29.05 -36.21
C SER F 172 51.37 27.60 -36.71
N LYS F 173 51.62 27.39 -37.99
CA LYS F 173 51.56 26.04 -38.62
C LYS F 173 52.84 25.23 -38.46
N ILE F 174 52.73 23.91 -38.57
CA ILE F 174 53.91 23.01 -38.67
C ILE F 174 53.53 22.15 -39.87
N TRP F 175 54.48 21.51 -40.49
CA TRP F 175 54.22 20.68 -41.68
C TRP F 175 54.54 19.21 -41.40
N ASP F 176 55.68 18.94 -40.78
CA ASP F 176 56.04 17.55 -40.42
C ASP F 176 55.02 16.97 -39.42
N GLY F 177 54.55 17.75 -38.46
CA GLY F 177 53.48 17.31 -37.53
C GLY F 177 52.12 17.19 -38.17
N ALA F 178 51.86 17.86 -39.31
CA ALA F 178 50.49 17.82 -39.88
C ALA F 178 50.41 16.84 -41.04
N LEU F 179 51.34 15.89 -41.12
CA LEU F 179 51.31 14.99 -42.27
C LEU F 179 49.99 14.23 -42.36
N ALA F 180 49.59 13.58 -41.27
CA ALA F 180 48.31 12.87 -41.21
C ALA F 180 47.70 13.11 -39.84
N GLU F 181 46.90 14.17 -39.72
CA GLU F 181 46.27 14.49 -38.45
C GLU F 181 45.26 13.42 -38.05
N ASN F 182 45.23 13.13 -36.75
CA ASN F 182 44.17 12.33 -36.16
C ASN F 182 43.19 13.26 -35.47
N ASN F 183 41.91 12.88 -35.55
CA ASN F 183 40.88 13.57 -34.74
C ASN F 183 41.12 13.11 -33.30
N HIS F 184 40.58 13.80 -32.29
CA HIS F 184 40.78 13.46 -30.88
C HIS F 184 40.32 12.04 -30.59
N ILE F 185 39.21 11.61 -31.20
CA ILE F 185 38.74 10.21 -31.04
C ILE F 185 39.78 9.23 -31.60
N SER F 186 40.33 9.51 -32.78
CA SER F 186 41.44 8.66 -33.33
C SER F 186 42.62 8.64 -32.36
N SER F 187 43.05 9.81 -31.85
CA SER F 187 44.24 9.84 -31.00
C SER F 187 44.00 9.05 -29.72
N ILE F 188 42.77 9.10 -29.19
CA ILE F 188 42.43 8.26 -28.04
C ILE F 188 42.45 6.79 -28.44
N GLY F 189 41.92 6.47 -29.62
CA GLY F 189 41.90 5.09 -30.07
C GLY F 189 43.28 4.51 -30.28
N ASN F 190 44.26 5.36 -30.58
CA ASN F 190 45.62 4.85 -30.86
C ASN F 190 46.26 4.31 -29.59
N ILE F 191 45.84 4.73 -28.41
CA ILE F 191 46.54 4.33 -27.20
C ILE F 191 45.66 3.58 -26.20
N MET F 192 44.33 3.70 -26.27
CA MET F 192 43.52 3.23 -25.15
C MET F 192 43.34 1.71 -25.17
N TYR F 193 43.63 1.06 -26.30
CA TYR F 193 43.61 -0.39 -26.36
C TYR F 193 44.99 -1.03 -26.31
N THR F 194 46.02 -0.22 -26.33
CA THR F 194 47.37 -0.81 -26.44
C THR F 194 48.21 -0.34 -25.27
N ASN F 195 48.48 0.94 -25.25
CA ASN F 195 49.39 1.48 -24.23
C ASN F 195 48.74 1.50 -22.86
N TYR F 196 47.44 1.76 -22.81
CA TYR F 196 46.73 1.95 -21.55
C TYR F 196 45.58 0.98 -21.40
N ASN F 197 45.71 -0.22 -21.97
CA ASN F 197 44.61 -1.18 -21.95
C ASN F 197 44.33 -1.76 -20.57
N VAL F 198 45.22 -1.54 -19.59
CA VAL F 198 44.93 -1.94 -18.23
C VAL F 198 43.79 -1.11 -17.66
N TRP F 199 43.75 0.18 -18.00
CA TRP F 199 42.61 1.01 -17.62
C TRP F 199 41.32 0.47 -18.19
N LEU F 200 41.33 0.06 -19.46
CA LEU F 200 40.13 -0.46 -20.10
C LEU F 200 39.66 -1.73 -19.43
N ILE F 201 40.58 -2.62 -19.08
CA ILE F 201 40.21 -3.84 -18.37
C ILE F 201 39.62 -3.50 -17.01
N LEU F 202 40.26 -2.58 -16.28
CA LEU F 202 39.74 -2.16 -14.98
C LEU F 202 38.33 -1.59 -15.12
N ALA F 203 38.10 -0.75 -16.13
CA ALA F 203 36.77 -0.20 -16.35
C ALA F 203 35.77 -1.29 -16.67
N SER F 204 36.18 -2.28 -17.48
CA SER F 204 35.28 -3.35 -17.85
C SER F 204 34.81 -4.13 -16.63
N PHE F 205 35.72 -4.43 -15.70
CA PHE F 205 35.32 -5.16 -14.50
C PHE F 205 34.45 -4.29 -13.59
N ILE F 206 34.61 -2.97 -13.64
CA ILE F 206 33.73 -2.08 -12.90
C ILE F 206 32.34 -2.10 -13.51
N LEU F 207 32.23 -2.08 -14.83
CA LEU F 207 30.93 -2.15 -15.52
C LEU F 207 30.25 -3.49 -15.25
N LEU F 208 31.05 -4.55 -15.10
CA LEU F 208 30.52 -5.91 -14.91
C LEU F 208 30.00 -5.96 -13.48
N LEU F 209 30.73 -5.34 -12.57
CA LEU F 209 30.27 -5.35 -11.18
C LEU F 209 28.94 -4.59 -11.07
N ALA F 210 28.83 -3.46 -11.77
CA ALA F 210 27.62 -2.64 -11.69
C ALA F 210 26.41 -3.38 -12.22
N MET F 211 26.57 -4.11 -13.33
CA MET F 211 25.42 -4.81 -13.92
C MET F 211 24.96 -5.93 -13.00
N VAL F 212 25.89 -6.76 -12.55
CA VAL F 212 25.57 -7.86 -11.60
C VAL F 212 25.01 -7.29 -10.29
N GLY F 213 25.62 -6.26 -9.74
CA GLY F 213 25.18 -5.70 -8.46
C GLY F 213 23.80 -5.09 -8.50
N ALA F 214 23.60 -4.13 -9.40
CA ALA F 214 22.31 -3.47 -9.51
C ALA F 214 21.19 -4.47 -9.75
N ILE F 215 21.46 -5.54 -10.48
CA ILE F 215 20.45 -6.55 -10.75
C ILE F 215 20.16 -7.37 -9.50
N VAL F 216 21.22 -7.77 -8.77
CA VAL F 216 21.07 -8.68 -7.64
C VAL F 216 20.22 -8.07 -6.53
N ILE F 217 20.30 -6.76 -6.35
CA ILE F 217 19.64 -6.11 -5.22
C ILE F 217 18.23 -5.62 -5.53
N THR F 218 17.80 -5.64 -6.79
CA THR F 218 16.51 -5.06 -7.14
C THR F 218 15.44 -6.08 -7.52
N ILE F 219 15.79 -7.18 -8.18
CA ILE F 219 14.82 -8.07 -8.79
C ILE F 219 14.63 -9.31 -7.93
N LYS F 220 13.39 -9.79 -7.89
CA LYS F 220 13.07 -11.05 -7.24
C LYS F 220 13.76 -12.19 -7.98
N PRO F 221 14.58 -13.01 -7.31
CA PRO F 221 15.28 -14.16 -7.91
C PRO F 221 14.35 -15.29 -8.31
N ARG G 10 103.29 5.27 103.51
CA ARG G 10 103.82 6.09 102.41
C ARG G 10 102.81 6.19 101.27
N ARG G 11 103.09 7.13 100.35
CA ARG G 11 102.16 7.38 99.23
C ARG G 11 102.21 6.25 98.20
N ALA G 12 101.06 5.84 97.69
CA ALA G 12 100.94 4.76 96.72
C ALA G 12 100.90 5.35 95.31
N THR G 13 101.76 4.85 94.44
CA THR G 13 101.86 5.33 93.08
C THR G 13 101.02 4.49 92.13
N ARG G 14 100.99 4.92 90.87
CA ARG G 14 100.12 4.29 89.88
C ARG G 14 100.52 2.83 89.62
N GLU G 15 101.80 2.51 89.79
CA GLU G 15 102.31 1.20 89.39
C GLU G 15 101.65 0.06 90.14
N GLU G 16 101.22 0.28 91.38
CA GLU G 16 100.47 -0.73 92.12
C GLU G 16 99.05 -0.32 92.43
N MET G 17 98.73 0.97 92.43
CA MET G 17 97.35 1.40 92.61
C MET G 17 96.47 0.95 91.45
N ARG G 18 96.99 1.02 90.23
CA ARG G 18 96.25 0.50 89.08
C ARG G 18 96.08 -1.02 89.18
N ASP G 19 97.15 -1.70 89.63
CA ASP G 19 97.11 -3.18 89.75
C ASP G 19 96.05 -3.56 90.79
N ALA G 20 95.89 -2.76 91.84
CA ALA G 20 94.96 -3.07 92.91
C ALA G 20 93.50 -2.86 92.52
N LYS G 21 93.26 -2.34 91.32
CA LYS G 21 91.88 -2.12 90.81
C LYS G 21 91.14 -1.12 91.69
N VAL G 22 91.82 -0.10 92.20
CA VAL G 22 91.16 0.96 92.97
C VAL G 22 90.22 1.73 92.05
N PRO G 23 89.02 2.11 92.49
CA PRO G 23 88.13 2.88 91.64
C PRO G 23 88.76 4.19 91.21
N LEU G 24 88.47 4.60 89.97
CA LEU G 24 89.17 5.74 89.36
C LEU G 24 88.92 7.02 90.13
N ALA G 25 87.69 7.24 90.58
CA ALA G 25 87.38 8.46 91.33
C ALA G 25 88.06 8.52 92.69
N TYR G 26 88.59 7.40 93.18
CA TYR G 26 89.17 7.32 94.50
C TYR G 26 90.67 7.03 94.46
N ARG G 27 91.31 7.25 93.32
CA ARG G 27 92.77 7.12 93.23
C ARG G 27 93.42 8.41 93.70
N ASP G 28 93.09 8.84 94.92
CA ASP G 28 93.54 10.12 95.45
C ASP G 28 94.84 9.95 96.23
N SER G 29 95.23 11.00 96.94
CA SER G 29 96.46 10.96 97.74
C SER G 29 96.35 9.93 98.86
N CYS G 30 95.18 9.81 99.49
CA CYS G 30 94.97 8.95 100.64
C CYS G 30 94.39 7.59 100.24
N ALA G 31 94.75 7.09 99.07
CA ALA G 31 94.25 5.81 98.58
C ALA G 31 95.10 4.63 99.04
N HIS G 32 96.23 4.88 99.71
CA HIS G 32 97.09 3.78 100.14
C HIS G 32 96.50 3.02 101.31
N LEU G 33 95.62 3.62 102.09
CA LEU G 33 94.93 2.90 103.17
C LEU G 33 93.74 2.10 102.68
N LEU G 34 93.26 2.35 101.47
CA LEU G 34 92.10 1.64 100.95
C LEU G 34 92.47 0.32 100.28
N ILE G 35 93.70 0.21 99.76
CA ILE G 35 94.14 -1.07 99.19
C ILE G 35 94.07 -2.21 100.20
N PRO G 36 94.55 -2.06 101.44
CA PRO G 36 94.30 -3.13 102.42
C PRO G 36 92.85 -3.22 102.86
N LEU G 37 92.12 -2.10 102.87
CA LEU G 37 90.72 -2.13 103.27
C LEU G 37 89.88 -2.91 102.25
N ASN G 38 90.06 -2.62 100.96
CA ASN G 38 89.34 -3.36 99.93
C ASN G 38 89.71 -4.83 99.95
N ARG G 39 90.96 -5.16 100.27
CA ARG G 39 91.35 -6.56 100.44
C ARG G 39 90.62 -7.18 101.62
N CYS G 40 90.51 -6.45 102.73
CA CYS G 40 89.74 -6.93 103.87
C CYS G 40 88.27 -7.06 103.51
N ARG G 41 87.74 -6.09 102.75
CA ARG G 41 86.34 -6.15 102.33
C ARG G 41 86.06 -7.39 101.50
N TYR G 42 87.02 -7.76 100.64
CA TYR G 42 86.84 -8.94 99.77
C TYR G 42 86.88 -10.20 100.63
N GLU G 43 87.78 -10.23 101.62
CA GLU G 43 87.94 -11.44 102.42
C GLU G 43 86.75 -11.66 103.36
N THR G 44 86.18 -10.58 103.88
CA THR G 44 85.09 -10.66 104.84
C THR G 44 83.71 -10.57 104.20
N TYR G 45 83.64 -10.64 102.87
CA TYR G 45 82.38 -10.60 102.14
C TYR G 45 81.60 -9.31 102.42
N TYR G 46 82.33 -8.21 102.58
CA TYR G 46 81.78 -6.86 102.72
C TYR G 46 80.83 -6.74 103.91
N LEU G 47 80.89 -7.65 104.87
CA LEU G 47 80.04 -7.55 106.05
C LEU G 47 80.47 -6.35 106.89
N PRO G 48 79.55 -5.46 107.26
CA PRO G 48 79.97 -4.21 107.92
C PRO G 48 80.19 -4.35 109.41
N TRP G 49 80.77 -5.47 109.85
CA TRP G 49 81.20 -5.57 111.24
C TRP G 49 82.53 -6.31 111.39
N LYS G 50 83.26 -6.54 110.32
CA LYS G 50 84.48 -7.35 110.35
C LYS G 50 85.75 -6.55 110.10
N CYS G 51 85.71 -5.58 109.19
CA CYS G 51 86.86 -4.73 108.88
C CYS G 51 86.73 -3.37 109.53
N GLU G 52 86.18 -3.33 110.74
CA GLU G 52 85.93 -2.03 111.42
C GLU G 52 87.24 -1.26 111.56
N ASP G 53 88.30 -1.92 112.03
CA ASP G 53 89.57 -1.23 112.24
C ASP G 53 90.11 -0.63 110.95
N GLU G 54 90.09 -1.42 109.86
CA GLU G 54 90.57 -0.91 108.59
C GLU G 54 89.66 0.18 108.04
N ARG G 55 88.35 0.00 108.19
CA ARG G 55 87.40 1.00 107.66
C ARG G 55 87.58 2.34 108.36
N HIS G 56 87.73 2.33 109.68
CA HIS G 56 87.93 3.59 110.41
C HIS G 56 89.28 4.21 110.07
N SER G 57 90.30 3.40 109.77
CA SER G 57 91.59 3.94 109.37
C SER G 57 91.49 4.71 108.07
N TYR G 58 90.71 4.19 107.11
CA TYR G 58 90.54 4.90 105.85
C TYR G 58 89.79 6.21 106.03
N GLU G 59 88.80 6.22 106.92
CA GLU G 59 88.07 7.46 107.19
C GLU G 59 88.93 8.52 107.85
N LYS G 60 90.07 8.13 108.43
CA LYS G 60 90.94 9.17 109.00
C LYS G 60 91.58 9.99 107.89
N CYS G 61 92.32 9.36 106.97
CA CYS G 61 93.06 10.14 105.99
C CYS G 61 92.13 10.96 105.11
N GLN G 62 90.98 10.41 104.74
CA GLN G 62 90.03 11.15 103.91
C GLN G 62 89.51 12.38 104.67
N TYR G 63 89.19 12.22 105.95
CA TYR G 63 88.68 13.34 106.74
C TYR G 63 89.76 14.41 106.92
N LEU G 64 91.00 14.00 107.20
CA LEU G 64 92.07 14.97 107.39
C LEU G 64 92.33 15.76 106.11
N GLU G 65 92.35 15.09 104.96
CA GLU G 65 92.50 15.80 103.70
C GLU G 65 91.31 16.70 103.43
N PHE G 66 90.10 16.24 103.79
CA PHE G 66 88.93 17.10 103.69
C PHE G 66 89.07 18.32 104.60
N LYS G 67 89.55 18.12 105.82
CA LYS G 67 89.81 19.25 106.71
C LYS G 67 90.88 20.17 106.14
N LYS G 68 91.90 19.60 105.51
CA LYS G 68 92.90 20.40 104.82
C LYS G 68 92.27 21.18 103.66
N ARG G 69 91.30 20.57 103.00
CA ARG G 69 90.67 21.22 101.81
C ARG G 69 89.70 22.32 102.24
N VAL G 70 88.98 22.13 103.35
CA VAL G 70 87.96 23.14 103.77
C VAL G 70 88.69 24.45 104.09
N GLN G 71 89.88 24.35 104.70
CA GLN G 71 90.66 25.57 105.03
C GLN G 71 91.03 26.29 103.73
N LYS G 72 91.43 25.54 102.71
CA LYS G 72 91.81 26.14 101.40
C LYS G 72 90.59 26.85 100.81
N MET G 73 89.42 26.22 100.94
CA MET G 73 88.17 26.81 100.38
C MET G 73 87.88 28.14 101.09
N GLU G 74 88.05 28.18 102.41
CA GLU G 74 87.78 29.42 103.18
C GLU G 74 88.76 30.50 102.71
N GLU G 75 90.02 30.13 102.48
CA GLU G 75 91.03 31.10 102.01
C GLU G 75 90.60 31.63 100.64
N LEU G 76 90.13 30.73 99.76
CA LEU G 76 89.68 31.15 98.41
C LEU G 76 88.48 32.09 98.54
N ARG G 77 87.56 31.80 99.46
CA ARG G 77 86.32 32.63 99.57
C ARG G 77 86.66 34.06 99.94
N GLU G 78 87.56 34.25 100.91
CA GLU G 78 87.96 35.62 101.33
C GLU G 78 88.69 36.33 100.20
N ALA G 79 89.53 35.59 99.45
CA ALA G 79 90.30 36.19 98.34
C ALA G 79 89.39 36.98 97.39
N LYS G 80 88.14 36.53 97.21
CA LYS G 80 87.22 37.22 96.32
C LYS G 80 86.22 38.09 97.07
N GLY G 81 86.50 38.40 98.33
CA GLY G 81 85.60 39.23 99.13
C GLY G 81 84.27 38.59 99.44
N GLY G 82 84.27 37.31 99.79
CA GLY G 82 83.03 36.63 100.15
C GLY G 82 82.04 36.48 99.02
N ALA G 83 82.52 36.12 97.84
CA ALA G 83 81.64 35.94 96.68
C ALA G 83 81.16 34.49 96.64
N ARG G 84 80.52 34.11 95.54
CA ARG G 84 80.00 32.76 95.35
C ARG G 84 80.91 32.00 94.39
N SER G 85 81.28 30.78 94.77
CA SER G 85 82.21 29.97 93.99
C SER G 85 81.54 28.74 93.37
N ASN G 86 80.21 28.71 93.31
CA ASN G 86 79.51 27.59 92.70
C ASN G 86 78.25 28.06 91.97
N MET H 1 51.76 17.85 -21.72
CA MET H 1 52.06 17.10 -20.52
C MET H 1 53.17 16.08 -20.76
N ALA H 2 53.31 15.13 -19.83
CA ALA H 2 54.43 14.21 -19.80
C ALA H 2 54.15 12.88 -20.51
N SER H 3 52.94 12.68 -21.03
CA SER H 3 52.58 11.37 -21.57
C SER H 3 53.32 11.05 -22.87
N GLY H 4 53.51 12.03 -23.75
CA GLY H 4 54.11 11.80 -25.04
C GLY H 4 53.14 11.52 -26.17
N TYR H 5 51.84 11.70 -25.95
CA TYR H 5 50.84 11.50 -26.99
C TYR H 5 49.96 12.74 -27.03
N GLY H 6 50.09 13.54 -28.09
CA GLY H 6 49.34 14.79 -28.25
C GLY H 6 47.94 14.64 -28.81
N LEU H 7 47.25 15.75 -29.00
CA LEU H 7 45.84 15.78 -29.47
C LEU H 7 45.66 15.33 -30.92
N ASN H 8 46.58 15.67 -31.82
CA ASN H 8 46.47 15.35 -33.26
C ASN H 8 47.11 14.01 -33.63
N GLY H 9 47.30 13.14 -32.64
CA GLY H 9 47.93 11.87 -32.93
C GLY H 9 49.43 11.89 -32.87
N GLY H 10 50.01 13.09 -32.85
CA GLY H 10 51.46 13.24 -32.67
C GLY H 10 51.83 13.24 -31.22
N PRO H 11 53.08 13.60 -30.87
CA PRO H 11 53.55 13.57 -29.51
C PRO H 11 53.16 14.85 -28.75
N SER H 12 53.13 14.76 -27.43
CA SER H 12 52.74 15.93 -26.64
C SER H 12 53.87 16.95 -26.63
N ARG H 13 53.49 18.23 -26.58
CA ARG H 13 54.44 19.31 -26.86
C ARG H 13 55.45 19.51 -25.73
N CYS H 14 55.15 19.10 -24.51
CA CYS H 14 56.10 19.21 -23.41
C CYS H 14 56.88 17.94 -23.17
N PHE H 15 56.59 16.87 -23.90
CA PHE H 15 57.32 15.61 -23.74
C PHE H 15 58.83 15.73 -23.87
N PRO H 16 59.41 16.46 -24.83
CA PRO H 16 60.87 16.60 -24.85
C PRO H 16 61.43 17.23 -23.58
N PHE H 17 60.71 18.17 -22.97
CA PHE H 17 61.12 18.72 -21.70
C PHE H 17 61.03 17.66 -20.60
N TRP H 18 60.01 16.81 -20.66
CA TRP H 18 59.87 15.75 -19.67
C TRP H 18 60.94 14.67 -19.82
N GLN H 19 61.29 14.31 -21.06
CA GLN H 19 62.35 13.33 -21.27
C GLN H 19 63.70 13.86 -20.78
N GLU H 20 63.97 15.15 -21.02
CA GLU H 20 65.22 15.74 -20.57
C GLU H 20 65.32 15.70 -19.05
N LEU H 21 64.24 16.05 -18.36
CA LEU H 21 64.25 16.08 -16.90
C LEU H 21 64.51 14.68 -16.34
N LEU H 22 63.83 13.68 -16.87
CA LEU H 22 64.09 12.30 -16.48
C LEU H 22 65.52 11.89 -16.83
N ALA H 23 66.03 12.36 -17.97
CA ALA H 23 67.39 12.05 -18.37
C ALA H 23 68.39 12.65 -17.40
N CYS H 24 68.13 13.87 -16.95
CA CYS H 24 69.05 14.53 -16.01
C CYS H 24 69.04 13.85 -14.66
N TYR H 25 67.87 13.41 -14.20
CA TYR H 25 67.78 12.76 -12.89
C TYR H 25 68.48 11.41 -12.89
N VAL H 26 68.20 10.58 -13.89
CA VAL H 26 68.71 9.21 -13.90
C VAL H 26 70.23 9.20 -14.00
N THR H 27 70.82 10.19 -14.66
CA THR H 27 72.25 10.19 -14.93
C THR H 27 73.07 11.11 -14.02
N ASN H 28 72.43 11.89 -13.15
CA ASN H 28 73.15 12.73 -12.20
C ASN H 28 72.77 12.48 -10.75
N SER H 29 71.63 11.84 -10.49
CA SER H 29 71.31 11.36 -9.16
C SER H 29 71.75 9.91 -9.00
N SER H 30 72.13 9.54 -7.80
CA SER H 30 72.56 8.19 -7.48
C SER H 30 72.58 8.03 -5.97
N GLU H 31 72.98 6.85 -5.51
CA GLU H 31 73.12 6.64 -4.08
C GLU H 31 74.38 7.30 -3.54
N ASP H 32 75.43 7.41 -4.36
CA ASP H 32 76.69 7.96 -3.88
C ASP H 32 76.61 9.46 -3.68
N ASN H 33 75.95 10.18 -4.59
CA ASN H 33 75.86 11.64 -4.55
C ASN H 33 74.39 12.05 -4.55
N PRO H 34 73.76 12.13 -3.38
CA PRO H 34 72.38 12.64 -3.33
C PRO H 34 72.26 14.10 -3.75
N ASP H 35 73.36 14.84 -3.77
CA ASP H 35 73.34 16.23 -4.20
C ASP H 35 73.46 16.38 -5.71
N GLY H 36 73.64 15.28 -6.44
CA GLY H 36 73.71 15.37 -7.89
C GLY H 36 72.38 15.73 -8.54
N LYS H 37 71.28 15.46 -7.83
CA LYS H 37 69.96 15.84 -8.32
C LYS H 37 69.76 17.34 -8.31
N ASN H 38 70.69 18.11 -7.74
CA ASN H 38 70.59 19.57 -7.79
C ASN H 38 70.70 20.08 -9.22
N LYS H 39 71.56 19.52 -10.03
CA LYS H 39 71.73 19.91 -11.46
C LYS H 39 70.39 19.85 -12.20
N CYS H 40 69.52 18.88 -11.83
CA CYS H 40 68.23 18.73 -12.51
C CYS H 40 67.24 19.82 -12.15
N ILE H 41 67.63 20.87 -11.45
CA ILE H 41 66.69 21.91 -11.00
C ILE H 41 66.32 22.85 -12.14
N PRO H 42 67.27 23.42 -12.90
CA PRO H 42 66.85 24.25 -14.04
C PRO H 42 66.06 23.48 -15.08
N VAL H 43 66.32 22.17 -15.22
CA VAL H 43 65.55 21.36 -16.16
C VAL H 43 64.12 21.22 -15.69
N MET H 44 63.92 21.04 -14.39
CA MET H 44 62.57 20.99 -13.83
C MET H 44 61.82 22.30 -14.09
N GLU H 45 62.49 23.43 -13.90
CA GLU H 45 61.83 24.72 -14.07
C GLU H 45 61.43 24.94 -15.52
N ASP H 46 62.22 24.42 -16.46
CA ASP H 46 61.86 24.49 -17.87
C ASP H 46 60.61 23.65 -18.16
N TYR H 47 60.50 22.47 -17.54
CA TYR H 47 59.33 21.63 -17.75
C TYR H 47 58.06 22.31 -17.24
N TYR H 48 58.11 22.89 -16.05
CA TYR H 48 56.95 23.61 -15.53
C TYR H 48 56.64 24.83 -16.39
N GLU H 49 57.67 25.43 -17.00
CA GLU H 49 57.45 26.57 -17.88
C GLU H 49 56.71 26.14 -19.15
N CYS H 50 57.07 24.99 -19.72
CA CYS H 50 56.38 24.49 -20.90
C CYS H 50 54.91 24.21 -20.59
N LEU H 51 54.62 23.63 -19.42
CA LEU H 51 53.25 23.29 -19.07
C LEU H 51 52.38 24.53 -18.88
N HIS H 52 52.91 25.51 -18.15
CA HIS H 52 52.06 26.59 -17.62
C HIS H 52 52.36 27.97 -18.20
N HIS H 53 53.59 28.22 -18.64
CA HIS H 53 53.96 29.50 -19.31
C HIS H 53 53.93 30.74 -18.40
N ARG H 54 54.20 30.63 -17.12
CA ARG H 54 54.03 31.80 -16.20
C ARG H 54 55.20 32.78 -16.41
N LYS H 55 56.37 32.27 -16.78
CA LYS H 55 57.48 33.18 -17.06
C LYS H 55 57.28 33.90 -18.38
N GLU H 56 56.93 33.17 -19.44
CA GLU H 56 56.77 33.78 -20.75
C GLU H 56 55.63 34.78 -20.74
N ALA H 57 54.58 34.52 -19.95
CA ALA H 57 53.48 35.46 -19.78
C ALA H 57 54.03 36.74 -19.14
N ALA H 58 54.84 36.56 -18.08
CA ALA H 58 55.38 37.71 -17.37
C ALA H 58 56.27 38.55 -18.26
N ARG H 59 57.07 37.89 -19.10
CA ARG H 59 57.98 38.61 -20.00
C ARG H 59 57.23 39.43 -21.04
N VAL H 60 56.12 38.92 -21.55
CA VAL H 60 55.42 39.61 -22.62
C VAL H 60 54.55 40.75 -22.09
N ARG H 61 54.00 40.57 -20.88
CA ARG H 61 53.28 41.68 -20.21
C ARG H 61 54.23 42.89 -20.14
N ALA H 62 55.47 42.71 -19.67
CA ALA H 62 56.43 43.80 -19.60
C ALA H 62 56.76 44.36 -20.97
N LEU H 63 56.96 43.50 -21.96
CA LEU H 63 57.35 43.93 -23.30
C LEU H 63 56.23 44.61 -24.06
N GLN H 64 54.98 44.17 -23.86
CA GLN H 64 53.86 44.89 -24.45
C GLN H 64 53.74 46.30 -23.90
N ALA H 65 54.07 46.50 -22.62
CA ALA H 65 54.02 47.82 -22.03
C ALA H 65 54.99 48.76 -22.73
N ALA H 66 56.24 48.34 -22.87
CA ALA H 66 57.21 49.17 -23.57
C ALA H 66 56.83 49.36 -25.03
N TYR H 67 56.35 48.30 -25.67
CA TYR H 67 55.93 48.42 -27.06
C TYR H 67 54.79 49.40 -27.23
N ARG H 68 53.78 49.32 -26.35
CA ARG H 68 52.63 50.19 -26.44
C ARG H 68 52.89 51.57 -25.87
N GLU H 69 54.04 51.78 -25.23
CA GLU H 69 54.46 53.10 -24.81
C GLU H 69 55.29 53.81 -25.88
N ALA H 70 55.97 53.06 -26.74
CA ALA H 70 56.71 53.66 -27.83
C ALA H 70 55.81 54.13 -28.96
N GLU H 71 54.70 53.43 -29.20
CA GLU H 71 53.79 53.82 -30.27
C GLU H 71 52.99 55.07 -29.94
N ALA H 72 52.81 55.39 -28.66
CA ALA H 72 52.14 56.62 -28.28
C ALA H 72 53.04 57.84 -28.46
N LYS H 73 54.34 57.70 -28.17
CA LYS H 73 55.27 58.81 -28.37
C LYS H 73 55.39 59.16 -29.84
N LYS H 74 55.50 58.16 -30.70
CA LYS H 74 55.62 58.40 -32.13
C LYS H 74 54.27 58.81 -32.72
N LEU H 75 54.33 59.51 -33.84
CA LEU H 75 53.14 59.92 -34.58
C LEU H 75 53.14 59.21 -35.92
N GLN H 76 52.07 58.45 -36.19
CA GLN H 76 51.95 57.68 -37.42
C GLN H 76 51.29 58.57 -38.47
N GLU H 77 52.10 59.13 -39.36
CA GLU H 77 51.57 60.02 -40.39
C GLU H 77 50.63 59.29 -41.34
N ASN H 78 50.98 58.07 -41.72
CA ASN H 78 50.18 57.28 -42.65
C ASN H 78 50.42 55.80 -42.39
N PRO H 79 49.72 55.22 -41.42
CA PRO H 79 49.86 53.80 -41.15
C PRO H 79 49.13 52.97 -42.19
N PRO H 80 49.63 51.78 -42.53
CA PRO H 80 48.96 50.96 -43.53
C PRO H 80 47.57 50.54 -43.09
N THR H 81 46.67 50.44 -44.06
CA THR H 81 45.30 50.04 -43.80
C THR H 81 45.16 48.52 -43.96
N ALA H 82 44.01 48.00 -43.49
CA ALA H 82 43.77 46.56 -43.54
C ALA H 82 43.74 46.05 -44.97
N GLY H 83 43.10 46.81 -45.87
CA GLY H 83 43.02 46.38 -47.26
C GLY H 83 44.38 46.23 -47.90
N GLN H 84 45.25 47.22 -47.71
CA GLN H 84 46.57 47.19 -48.34
C GLN H 84 47.41 46.03 -47.82
N ILE H 85 47.36 45.79 -46.50
CA ILE H 85 48.14 44.67 -45.88
C ILE H 85 47.65 43.37 -46.51
N ARG H 86 46.35 43.27 -46.75
CA ARG H 86 45.79 42.03 -47.32
C ARG H 86 46.44 41.83 -48.68
N ASN H 87 46.85 42.91 -49.33
CA ASN H 87 47.52 42.84 -50.65
C ASN H 87 49.03 42.58 -50.51
N LEU H 88 49.57 42.46 -49.29
CA LEU H 88 51.04 42.26 -49.09
C LEU H 88 51.50 40.98 -49.79
N GLY H 89 52.65 41.02 -50.42
CA GLY H 89 53.23 39.83 -51.08
C GLY H 89 52.33 39.21 -52.12
N LEU H 90 51.71 40.01 -52.99
CA LEU H 90 50.74 39.44 -53.96
C LEU H 90 51.27 39.64 -55.38
N LEU H 91 50.64 39.03 -56.38
CA LEU H 91 51.22 39.01 -57.72
C LEU H 91 51.14 40.36 -58.43
N ASN H 92 50.16 41.21 -58.13
CA ASN H 92 50.00 42.45 -58.86
C ASN H 92 49.71 43.64 -57.95
N LYS H 93 50.26 43.64 -56.73
CA LYS H 93 50.02 44.67 -55.75
C LYS H 93 51.32 45.16 -55.13
N GLU H 94 52.29 45.49 -56.00
CA GLU H 94 53.59 45.94 -55.51
C GLU H 94 53.48 47.25 -54.73
N GLU H 95 52.60 48.15 -55.19
CA GLU H 95 52.45 49.44 -54.51
C GLU H 95 51.99 49.25 -53.07
N ASP H 96 51.01 48.37 -52.84
CA ASP H 96 50.56 48.09 -51.48
C ASP H 96 51.68 47.43 -50.66
N THR H 97 52.42 46.51 -51.27
CA THR H 97 53.53 45.88 -50.57
C THR H 97 54.61 46.90 -50.23
N LYS H 98 54.92 47.80 -51.16
CA LYS H 98 55.92 48.83 -50.90
C LYS H 98 55.44 49.80 -49.82
N LYS H 99 54.16 50.17 -49.86
CA LYS H 99 53.63 51.12 -48.88
C LYS H 99 53.66 50.54 -47.48
N VAL H 100 53.27 49.27 -47.32
CA VAL H 100 53.26 48.64 -46.00
C VAL H 100 54.67 48.49 -45.47
N HIS H 101 55.62 48.17 -46.35
CA HIS H 101 57.00 47.97 -45.96
C HIS H 101 57.77 49.27 -45.75
N CYS H 102 57.16 50.42 -46.09
CA CYS H 102 57.83 51.72 -46.04
C CYS H 102 59.12 51.70 -46.85
N ALA H 103 59.08 51.07 -48.02
CA ALA H 103 60.23 50.98 -48.89
C ALA H 103 60.10 51.95 -50.06
N ALA I 39 -88.97 -23.29 -13.12
CA ALA I 39 -88.92 -24.58 -13.81
C ALA I 39 -87.73 -24.65 -14.76
N GLU I 40 -86.52 -24.51 -14.21
CA GLU I 40 -85.31 -24.53 -15.03
C GLU I 40 -85.07 -25.94 -15.55
N VAL I 41 -85.16 -26.11 -16.86
CA VAL I 41 -84.84 -27.37 -17.52
C VAL I 41 -83.33 -27.55 -17.55
N GLU I 42 -82.87 -28.75 -17.90
CA GLU I 42 -81.45 -29.07 -17.88
C GLU I 42 -81.04 -29.61 -19.23
N LEU I 43 -80.01 -28.95 -19.79
CA LEU I 43 -79.58 -29.34 -21.15
C LEU I 43 -78.07 -29.40 -21.25
N THR I 44 -77.58 -29.92 -22.37
CA THR I 44 -76.14 -30.10 -22.58
C THR I 44 -75.71 -29.25 -23.77
N ILE I 45 -74.74 -28.37 -23.55
CA ILE I 45 -74.11 -27.58 -24.60
C ILE I 45 -72.61 -27.82 -24.54
N ASP I 46 -72.04 -28.31 -25.64
CA ASP I 46 -70.62 -28.64 -25.72
C ASP I 46 -70.19 -29.58 -24.60
N GLY I 47 -71.05 -30.54 -24.29
CA GLY I 47 -70.74 -31.55 -23.31
C GLY I 47 -70.82 -31.11 -21.86
N LYS I 48 -71.08 -29.84 -21.58
CA LYS I 48 -71.22 -29.34 -20.23
C LYS I 48 -72.66 -28.93 -19.97
N LYS I 49 -73.16 -29.29 -18.79
CA LYS I 49 -74.56 -29.16 -18.45
C LYS I 49 -74.88 -27.74 -18.02
N VAL I 50 -76.03 -27.24 -18.46
CA VAL I 50 -76.52 -25.92 -18.04
C VAL I 50 -78.02 -26.03 -17.79
N SER I 51 -78.49 -25.25 -16.82
CA SER I 51 -79.90 -25.17 -16.48
C SER I 51 -80.41 -23.77 -16.71
N ILE I 52 -81.62 -23.66 -17.27
CA ILE I 52 -82.22 -22.37 -17.58
C ILE I 52 -83.72 -22.56 -17.63
N GLU I 53 -84.43 -21.43 -17.43
CA GLU I 53 -85.91 -21.43 -17.45
C GLU I 53 -86.45 -21.99 -18.76
N ALA I 54 -87.56 -22.73 -18.68
CA ALA I 54 -88.21 -23.19 -19.90
C ALA I 54 -88.77 -22.02 -20.69
N GLY I 55 -88.85 -22.19 -21.99
CA GLY I 55 -89.24 -21.10 -22.87
C GLY I 55 -88.12 -20.13 -23.20
N SER I 56 -86.90 -20.39 -22.74
CA SER I 56 -85.76 -19.56 -23.06
C SER I 56 -85.14 -20.00 -24.38
N ALA I 57 -84.58 -19.03 -25.10
CA ALA I 57 -83.93 -19.32 -26.37
C ALA I 57 -82.61 -20.04 -26.13
N LEU I 58 -82.24 -20.90 -27.09
CA LEU I 58 -81.02 -21.67 -26.96
C LEU I 58 -79.79 -20.77 -26.81
N ILE I 59 -79.78 -19.65 -27.54
CA ILE I 59 -78.64 -18.73 -27.44
C ILE I 59 -78.52 -18.17 -26.02
N GLN I 60 -79.64 -18.04 -25.30
CA GLN I 60 -79.58 -17.59 -23.92
C GLN I 60 -78.94 -18.63 -23.01
N ALA I 61 -79.14 -19.92 -23.31
CA ALA I 61 -78.51 -20.97 -22.54
C ALA I 61 -77.02 -21.05 -22.84
N CYS I 62 -76.63 -20.82 -24.09
CA CYS I 62 -75.21 -20.80 -24.45
C CYS I 62 -74.48 -19.69 -23.70
N GLU I 63 -75.09 -18.51 -23.61
CA GLU I 63 -74.49 -17.42 -22.84
C GLU I 63 -74.41 -17.77 -21.36
N LYS I 64 -75.45 -18.40 -20.82
CA LYS I 64 -75.41 -18.83 -19.42
C LYS I 64 -74.32 -19.88 -19.21
N ALA I 65 -74.17 -20.81 -20.16
CA ALA I 65 -73.13 -21.82 -20.07
C ALA I 65 -71.74 -21.28 -20.39
N GLY I 66 -71.62 -20.02 -20.82
CA GLY I 66 -70.34 -19.47 -21.18
C GLY I 66 -69.89 -19.78 -22.59
N VAL I 67 -70.76 -20.38 -23.40
CA VAL I 67 -70.44 -20.69 -24.78
C VAL I 67 -70.66 -19.45 -25.64
N VAL I 68 -69.66 -19.10 -26.43
CA VAL I 68 -69.75 -17.96 -27.33
C VAL I 68 -70.38 -18.40 -28.63
N VAL I 69 -71.44 -17.72 -29.04
CA VAL I 69 -72.15 -18.02 -30.28
C VAL I 69 -72.17 -16.74 -31.12
N PRO I 70 -71.69 -16.77 -32.37
CA PRO I 70 -71.72 -15.55 -33.19
C PRO I 70 -73.15 -15.17 -33.55
N ARG I 71 -73.34 -13.87 -33.71
CA ARG I 71 -74.68 -13.30 -34.02
C ARG I 71 -74.59 -11.94 -34.73
N TYR I 72 -75.65 -11.57 -35.45
CA TYR I 72 -75.79 -10.22 -36.06
C TYR I 72 -77.19 -9.71 -35.73
N CYS I 73 -78.28 -10.40 -36.10
CA CYS I 73 -79.71 -10.03 -35.85
C CYS I 73 -80.12 -10.06 -34.38
N TYR I 74 -79.60 -11.00 -33.61
CA TYR I 74 -80.01 -11.15 -32.20
C TYR I 74 -79.42 -10.07 -31.29
N HIS I 75 -80.30 -9.49 -30.50
CA HIS I 75 -79.91 -8.57 -29.45
C HIS I 75 -80.79 -8.88 -28.25
N GLU I 76 -80.18 -8.89 -27.06
CA GLU I 76 -80.91 -9.29 -25.86
C GLU I 76 -82.12 -8.42 -25.60
N LYS I 77 -82.11 -7.17 -26.07
CA LYS I 77 -83.19 -6.24 -25.76
C LYS I 77 -84.23 -6.12 -26.87
N LEU I 78 -84.04 -6.84 -27.98
CA LEU I 78 -84.95 -6.76 -29.10
C LEU I 78 -85.65 -8.10 -29.32
N ALA I 79 -86.73 -8.06 -30.10
CA ALA I 79 -87.42 -9.27 -30.49
C ALA I 79 -86.51 -10.16 -31.33
N ILE I 80 -86.67 -11.48 -31.17
CA ILE I 80 -85.89 -12.40 -31.97
C ILE I 80 -86.29 -12.28 -33.43
N ALA I 81 -85.30 -12.28 -34.32
CA ALA I 81 -85.53 -12.19 -35.76
C ALA I 81 -85.21 -13.48 -36.49
N GLY I 82 -84.00 -14.05 -36.35
CA GLY I 82 -83.62 -15.32 -37.02
C GLY I 82 -83.26 -15.18 -38.50
N ASN I 83 -82.80 -14.04 -38.96
CA ASN I 83 -82.57 -13.76 -40.40
C ASN I 83 -81.08 -13.78 -40.84
N CYS I 84 -80.12 -13.50 -39.96
CA CYS I 84 -78.69 -13.42 -40.33
C CYS I 84 -78.08 -14.80 -40.58
N ARG I 85 -78.44 -15.83 -39.82
CA ARG I 85 -78.02 -17.25 -39.98
C ARG I 85 -76.62 -17.52 -39.39
N MET I 86 -76.04 -16.54 -38.69
CA MET I 86 -74.70 -16.66 -38.03
C MET I 86 -74.73 -17.62 -36.86
N CYS I 87 -75.81 -17.70 -36.11
CA CYS I 87 -75.88 -18.49 -34.86
C CYS I 87 -76.32 -19.95 -35.03
N LEU I 88 -76.29 -20.47 -36.25
CA LEU I 88 -76.66 -21.86 -36.49
C LEU I 88 -75.73 -22.82 -35.74
N VAL I 89 -76.33 -23.77 -35.02
CA VAL I 89 -75.59 -24.75 -34.24
C VAL I 89 -76.18 -26.13 -34.53
N GLU I 90 -75.42 -27.16 -34.15
CA GLU I 90 -75.86 -28.55 -34.29
C GLU I 90 -76.63 -28.97 -33.06
N VAL I 91 -77.85 -29.44 -33.27
CA VAL I 91 -78.70 -29.98 -32.20
C VAL I 91 -78.97 -31.44 -32.51
N GLU I 92 -78.77 -32.30 -31.51
CA GLU I 92 -79.04 -33.72 -31.70
C GLU I 92 -80.50 -33.93 -32.06
N ARG I 93 -80.75 -34.96 -32.87
CA ARG I 93 -82.08 -35.31 -33.37
C ARG I 93 -82.68 -34.20 -34.23
N SER I 94 -81.81 -33.36 -34.82
CA SER I 94 -82.27 -32.25 -35.70
C SER I 94 -81.47 -32.26 -37.01
N PRO I 95 -82.05 -32.60 -38.16
CA PRO I 95 -81.28 -32.72 -39.40
C PRO I 95 -80.66 -31.42 -39.91
N LYS I 96 -81.47 -30.38 -40.00
CA LYS I 96 -81.02 -29.06 -40.43
C LYS I 96 -80.25 -28.43 -39.27
N PRO I 97 -79.15 -27.69 -39.49
CA PRO I 97 -78.53 -26.90 -38.41
C PRO I 97 -79.60 -25.91 -37.95
N VAL I 98 -79.59 -25.46 -36.70
CA VAL I 98 -80.72 -24.66 -36.14
C VAL I 98 -80.29 -23.25 -35.68
N ALA I 99 -81.16 -22.26 -35.85
CA ALA I 99 -80.88 -20.89 -35.36
C ALA I 99 -80.98 -20.87 -33.84
N SER I 100 -79.85 -20.78 -33.14
CA SER I 100 -79.85 -20.83 -31.68
C SER I 100 -80.56 -19.63 -31.05
N CYS I 101 -80.77 -18.54 -31.77
CA CYS I 101 -81.54 -17.41 -31.21
C CYS I 101 -83.05 -17.72 -31.21
N ALA I 102 -83.56 -18.57 -32.09
CA ALA I 102 -85.01 -18.80 -32.23
C ALA I 102 -85.44 -20.16 -31.66
N TRP I 103 -84.50 -21.07 -31.44
CA TRP I 103 -84.83 -22.44 -30.99
C TRP I 103 -85.09 -22.45 -29.49
N PRO I 104 -86.27 -22.94 -29.05
CA PRO I 104 -86.55 -23.08 -27.62
C PRO I 104 -85.75 -24.19 -26.92
N VAL I 105 -85.42 -24.00 -25.67
CA VAL I 105 -84.67 -25.04 -24.92
C VAL I 105 -85.66 -26.12 -24.51
N GLN I 106 -85.22 -27.37 -24.54
CA GLN I 106 -86.06 -28.51 -24.20
C GLN I 106 -85.48 -29.27 -23.02
N ALA I 107 -86.21 -30.30 -22.60
CA ALA I 107 -85.86 -31.04 -21.40
C ALA I 107 -84.51 -31.73 -21.52
N GLY I 108 -84.19 -32.29 -22.67
CA GLY I 108 -82.95 -33.04 -22.78
C GLY I 108 -82.11 -32.87 -24.03
N MET I 109 -82.08 -31.68 -24.63
CA MET I 109 -81.34 -31.55 -25.89
C MET I 109 -79.83 -31.49 -25.65
N VAL I 110 -79.09 -31.93 -26.67
CA VAL I 110 -77.63 -31.92 -26.67
C VAL I 110 -77.19 -31.04 -27.84
N VAL I 111 -76.38 -30.03 -27.56
CA VAL I 111 -76.04 -29.00 -28.53
C VAL I 111 -74.54 -28.99 -28.73
N LYS I 112 -74.13 -29.02 -30.01
CA LYS I 112 -72.69 -29.01 -30.39
C LYS I 112 -72.43 -27.73 -31.20
N THR I 113 -71.69 -26.79 -30.59
CA THR I 113 -71.42 -25.50 -31.24
C THR I 113 -70.05 -25.44 -31.89
N ASN I 114 -69.26 -26.51 -31.85
CA ASN I 114 -67.92 -26.50 -32.43
C ASN I 114 -67.66 -27.72 -33.30
N SER I 115 -68.73 -28.30 -33.85
CA SER I 115 -68.61 -29.42 -34.77
C SER I 115 -68.25 -28.94 -36.17
N PRO I 116 -67.85 -29.85 -37.05
CA PRO I 116 -67.65 -29.46 -38.46
C PRO I 116 -68.88 -28.81 -39.09
N LEU I 117 -70.07 -29.30 -38.76
CA LEU I 117 -71.28 -28.70 -39.30
C LEU I 117 -71.42 -27.24 -38.89
N THR I 118 -71.14 -26.95 -37.61
CA THR I 118 -71.17 -25.56 -37.16
C THR I 118 -70.05 -24.75 -37.80
N HIS I 119 -68.86 -25.33 -37.94
CA HIS I 119 -67.77 -24.63 -38.62
C HIS I 119 -68.15 -24.31 -40.06
N LYS I 120 -68.80 -25.26 -40.74
CA LYS I 120 -69.16 -25.05 -42.13
C LYS I 120 -70.28 -24.02 -42.27
N ALA I 121 -71.22 -24.00 -41.32
CA ALA I 121 -72.31 -23.04 -41.40
C ALA I 121 -71.80 -21.61 -41.23
N ARG I 122 -70.95 -21.39 -40.22
CA ARG I 122 -70.44 -20.04 -39.97
C ARG I 122 -69.61 -19.53 -41.15
N GLU I 123 -68.77 -20.39 -41.72
CA GLU I 123 -67.95 -19.97 -42.85
C GLU I 123 -68.80 -19.61 -44.06
N GLY I 124 -69.82 -20.42 -44.35
CA GLY I 124 -70.69 -20.13 -45.49
C GLY I 124 -71.52 -18.88 -45.31
N VAL I 125 -72.06 -18.68 -44.10
CA VAL I 125 -72.89 -17.50 -43.86
C VAL I 125 -72.03 -16.24 -43.92
N MET I 126 -70.81 -16.29 -43.38
CA MET I 126 -69.91 -15.16 -43.46
C MET I 126 -69.55 -14.84 -44.91
N GLU I 127 -69.45 -15.87 -45.76
CA GLU I 127 -69.14 -15.65 -47.17
C GLU I 127 -70.27 -14.90 -47.87
N PHE I 128 -71.52 -15.25 -47.57
CA PHE I 128 -72.66 -14.55 -48.17
C PHE I 128 -72.76 -13.12 -47.65
N LEU I 129 -72.47 -12.91 -46.37
CA LEU I 129 -72.51 -11.56 -45.81
C LEU I 129 -71.48 -10.64 -46.45
N LEU I 130 -70.35 -11.19 -46.89
CA LEU I 130 -69.26 -10.38 -47.41
C LEU I 130 -69.26 -10.28 -48.94
N ALA I 131 -70.13 -11.02 -49.62
CA ALA I 131 -70.12 -11.01 -51.08
C ALA I 131 -70.49 -9.65 -51.65
N ASN I 132 -71.50 -8.99 -51.07
CA ASN I 132 -71.93 -7.68 -51.53
C ASN I 132 -71.51 -6.55 -50.61
N HIS I 133 -70.90 -6.89 -49.48
CA HIS I 133 -70.40 -5.88 -48.53
C HIS I 133 -69.34 -4.96 -49.17
N PRO I 134 -69.47 -3.60 -49.14
CA PRO I 134 -68.49 -2.67 -49.79
C PRO I 134 -67.11 -2.63 -49.12
N LEU I 135 -66.05 -2.55 -49.90
CA LEU I 135 -64.69 -2.47 -49.35
C LEU I 135 -64.46 -1.08 -48.77
N ASP I 136 -65.09 -0.77 -47.65
CA ASP I 136 -65.10 0.61 -47.10
C ASP I 136 -64.50 0.78 -45.71
N CYS I 137 -63.79 -0.20 -45.14
CA CYS I 137 -63.31 -0.17 -43.74
C CYS I 137 -62.30 0.95 -43.56
N PRO I 138 -61.44 1.31 -44.55
CA PRO I 138 -60.67 2.53 -44.33
C PRO I 138 -61.52 3.78 -44.15
N ILE I 139 -62.63 3.91 -44.86
CA ILE I 139 -63.48 5.10 -44.76
C ILE I 139 -64.67 4.90 -43.83
N CYS I 140 -64.94 3.73 -43.33
CA CYS I 140 -66.09 3.41 -42.45
C CYS I 140 -65.71 3.76 -41.01
N ASP I 141 -66.65 4.31 -40.29
CA ASP I 141 -66.44 4.67 -38.90
C ASP I 141 -66.61 3.49 -37.94
N GLN I 142 -67.18 2.36 -38.32
CA GLN I 142 -67.24 1.18 -37.41
C GLN I 142 -65.88 0.52 -37.21
N GLY I 143 -65.01 0.54 -38.21
CA GLY I 143 -63.64 -0.01 -38.18
C GLY I 143 -62.94 0.00 -36.83
N GLY I 144 -62.51 -1.16 -36.32
CA GLY I 144 -61.89 -1.28 -34.99
C GLY I 144 -62.88 -1.59 -33.90
N GLU I 145 -64.17 -1.44 -34.16
CA GLU I 145 -65.26 -1.77 -33.21
C GLU I 145 -66.39 -2.41 -34.02
N CYS I 146 -66.01 -3.27 -34.96
CA CYS I 146 -66.98 -3.88 -35.91
C CYS I 146 -67.17 -5.35 -35.65
N ASP I 147 -68.40 -5.75 -35.45
CA ASP I 147 -68.66 -7.17 -35.25
C ASP I 147 -68.56 -7.95 -36.55
N LEU I 148 -68.82 -7.37 -37.72
CA LEU I 148 -68.62 -8.06 -39.01
C LEU I 148 -67.13 -8.40 -39.24
N GLN I 149 -66.20 -7.51 -38.89
CA GLN I 149 -64.73 -7.66 -39.02
C GLN I 149 -64.26 -8.65 -37.95
N ASP I 150 -64.80 -8.53 -36.73
CA ASP I 150 -64.27 -9.39 -35.68
C ASP I 150 -64.72 -10.84 -35.87
N GLN I 151 -65.97 -11.05 -36.27
CA GLN I 151 -66.47 -12.40 -36.49
C GLN I 151 -66.11 -12.96 -37.85
N SER I 152 -65.69 -12.11 -38.79
CA SER I 152 -65.07 -12.61 -40.02
C SER I 152 -63.68 -13.17 -39.72
N MET I 153 -62.87 -12.44 -38.94
CA MET I 153 -61.56 -12.91 -38.45
C MET I 153 -61.73 -14.19 -37.60
N ARG I 154 -62.72 -14.24 -36.73
CA ARG I 154 -62.92 -15.40 -35.82
C ARG I 154 -63.59 -16.60 -36.48
N TYR I 155 -64.66 -16.40 -37.22
CA TYR I 155 -65.50 -17.50 -37.67
C TYR I 155 -65.51 -17.70 -39.17
N GLY I 156 -64.97 -16.76 -39.96
CA GLY I 156 -64.95 -16.86 -41.39
C GLY I 156 -63.61 -17.33 -41.93
N ALA I 157 -63.54 -17.43 -43.25
CA ALA I 157 -62.30 -17.74 -43.93
C ALA I 157 -61.38 -16.53 -43.99
N ASP I 158 -60.15 -16.75 -44.43
CA ASP I 158 -59.18 -15.66 -44.53
C ASP I 158 -59.25 -14.93 -45.86
N ARG I 159 -59.80 -15.54 -46.90
CA ARG I 159 -59.85 -14.93 -48.23
C ARG I 159 -61.27 -15.06 -48.80
N GLY I 160 -61.61 -14.12 -49.67
CA GLY I 160 -62.90 -14.14 -50.31
C GLY I 160 -62.88 -14.81 -51.67
N ARG I 161 -64.04 -15.29 -52.10
CA ARG I 161 -64.20 -15.98 -53.37
C ARG I 161 -65.19 -15.27 -54.29
N PHE I 162 -65.60 -14.06 -53.95
CA PHE I 162 -66.48 -13.27 -54.81
C PHE I 162 -65.61 -12.38 -55.67
N HIS I 163 -65.55 -12.68 -56.97
CA HIS I 163 -64.75 -11.92 -57.92
C HIS I 163 -65.58 -11.52 -59.14
N GLU I 164 -66.89 -11.40 -58.98
CA GLU I 164 -67.81 -11.27 -60.10
C GLU I 164 -67.51 -10.03 -60.94
N ILE I 165 -67.51 -10.22 -62.26
CA ILE I 165 -67.38 -9.10 -63.19
C ILE I 165 -68.61 -8.20 -63.09
N GLY I 166 -69.78 -8.79 -62.85
CA GLY I 166 -70.99 -8.02 -62.63
C GLY I 166 -70.94 -7.12 -61.41
N GLY I 167 -69.98 -7.32 -60.52
CA GLY I 167 -69.79 -6.44 -59.39
C GLY I 167 -70.76 -6.70 -58.26
N LYS I 168 -70.79 -5.74 -57.34
CA LYS I 168 -71.56 -5.81 -56.12
C LYS I 168 -72.84 -5.00 -56.23
N ARG I 169 -73.76 -5.26 -55.31
CA ARG I 169 -74.90 -4.37 -55.13
C ARG I 169 -74.45 -3.01 -54.61
N ALA I 170 -75.00 -1.96 -55.18
CA ALA I 170 -74.83 -0.60 -54.66
C ALA I 170 -76.19 0.04 -54.52
N VAL I 171 -76.36 0.81 -53.46
CA VAL I 171 -77.67 1.29 -53.05
C VAL I 171 -77.55 2.78 -52.73
N GLU I 172 -78.61 3.53 -53.04
CA GLU I 172 -78.60 4.96 -52.80
C GLU I 172 -78.69 5.27 -51.31
N ASP I 173 -78.15 6.41 -50.92
CA ASP I 173 -78.18 6.82 -49.53
C ASP I 173 -79.48 7.54 -49.21
N LYS I 174 -79.80 7.57 -47.91
CA LYS I 174 -81.08 8.07 -47.43
C LYS I 174 -80.86 9.19 -46.42
N ASN I 175 -81.69 10.21 -46.49
CA ASN I 175 -81.72 11.28 -45.50
C ASN I 175 -82.79 10.95 -44.46
N ILE I 176 -82.37 10.73 -43.22
CA ILE I 176 -83.29 10.39 -42.13
C ILE I 176 -83.12 11.34 -40.97
N GLY I 177 -82.69 12.58 -41.25
CA GLY I 177 -82.52 13.56 -40.22
C GLY I 177 -81.09 14.05 -40.11
N PRO I 178 -80.82 14.94 -39.15
CA PRO I 178 -79.49 15.54 -39.02
C PRO I 178 -78.50 14.74 -38.18
N LEU I 179 -78.95 13.73 -37.45
CA LEU I 179 -78.09 13.03 -36.50
C LEU I 179 -77.45 11.77 -37.07
N ILE I 180 -78.09 11.12 -38.03
CA ILE I 180 -77.68 9.79 -38.48
C ILE I 180 -77.21 9.90 -39.93
N LYS I 181 -75.90 9.81 -40.12
CA LYS I 181 -75.33 9.63 -41.45
C LYS I 181 -75.52 8.19 -41.90
N THR I 182 -76.00 8.02 -43.13
CA THR I 182 -76.25 6.69 -43.67
C THR I 182 -75.26 6.37 -44.77
N SER I 183 -74.77 5.12 -44.77
CA SER I 183 -73.99 4.54 -45.85
C SER I 183 -74.57 3.14 -46.05
N MET I 184 -75.65 3.11 -46.84
CA MET I 184 -76.50 1.89 -46.90
C MET I 184 -75.93 0.69 -47.65
N ASN I 185 -74.82 0.85 -48.35
CA ASN I 185 -74.16 -0.32 -48.92
C ASN I 185 -73.67 -1.26 -47.84
N ARG I 186 -73.26 -0.71 -46.69
CA ARG I 186 -72.74 -1.50 -45.58
C ARG I 186 -73.80 -2.33 -44.88
N CYS I 187 -75.06 -2.05 -45.13
CA CYS I 187 -76.17 -2.73 -44.44
C CYS I 187 -76.18 -4.25 -44.66
N ILE I 188 -76.33 -5.03 -43.60
CA ILE I 188 -76.37 -6.54 -43.67
C ILE I 188 -77.78 -7.07 -43.39
N HIS I 189 -78.81 -6.21 -43.22
CA HIS I 189 -80.25 -6.59 -43.09
C HIS I 189 -80.57 -7.39 -41.84
N CYS I 190 -79.88 -7.10 -40.75
CA CYS I 190 -80.14 -7.73 -39.44
C CYS I 190 -81.52 -7.33 -38.92
N THR I 191 -82.02 -6.14 -39.25
CA THR I 191 -83.34 -5.62 -38.81
C THR I 191 -83.30 -4.99 -37.40
N ARG I 192 -82.12 -4.81 -36.79
CA ARG I 192 -82.02 -4.29 -35.39
C ARG I 192 -82.56 -2.87 -35.27
N CYS I 193 -82.34 -2.01 -36.28
CA CYS I 193 -82.76 -0.60 -36.21
C CYS I 193 -84.26 -0.51 -36.42
N VAL I 194 -84.81 -1.38 -37.28
CA VAL I 194 -86.26 -1.37 -37.44
C VAL I 194 -86.93 -1.85 -36.16
N ARG I 195 -86.45 -2.97 -35.61
CA ARG I 195 -87.04 -3.52 -34.40
C ARG I 195 -86.93 -2.55 -33.23
N PHE I 196 -85.79 -1.88 -33.08
CA PHE I 196 -85.67 -0.90 -32.01
C PHE I 196 -86.62 0.27 -32.23
N MET I 197 -86.58 0.88 -33.42
CA MET I 197 -87.36 2.08 -33.67
C MET I 197 -88.86 1.79 -33.54
N ASN I 198 -89.29 0.62 -33.98
CA ASN I 198 -90.70 0.26 -33.92
C ASN I 198 -91.12 -0.17 -32.53
N ASP I 199 -90.52 -1.26 -32.04
CA ASP I 199 -90.98 -1.86 -30.78
C ASP I 199 -90.54 -1.05 -29.57
N ILE I 200 -89.29 -0.59 -29.54
CA ILE I 200 -88.73 0.04 -28.35
C ILE I 200 -89.05 1.54 -28.31
N ALA I 201 -88.74 2.25 -29.39
CA ALA I 201 -88.83 3.71 -29.39
C ALA I 201 -90.24 4.21 -29.70
N GLY I 202 -91.12 3.37 -30.24
CA GLY I 202 -92.44 3.83 -30.61
C GLY I 202 -92.45 4.80 -31.78
N ALA I 203 -91.51 4.68 -32.71
CA ALA I 203 -91.40 5.56 -33.87
C ALA I 203 -91.44 4.69 -35.11
N PRO I 204 -92.63 4.40 -35.65
CA PRO I 204 -92.72 3.45 -36.77
C PRO I 204 -92.47 4.07 -38.13
N GLU I 205 -91.42 4.88 -38.24
CA GLU I 205 -91.09 5.51 -39.51
C GLU I 205 -89.96 4.81 -40.25
N LEU I 206 -89.07 4.15 -39.53
CA LEU I 206 -88.06 3.31 -40.15
C LEU I 206 -88.63 1.95 -40.50
N GLY I 207 -88.30 1.46 -41.67
CA GLY I 207 -88.72 0.16 -42.11
C GLY I 207 -87.80 -0.36 -43.18
N SER I 208 -88.31 -1.29 -43.97
CA SER I 208 -87.56 -1.83 -45.10
C SER I 208 -88.49 -1.96 -46.30
N THR I 209 -88.01 -1.51 -47.45
CA THR I 209 -88.77 -1.57 -48.69
C THR I 209 -88.05 -2.45 -49.70
N GLY I 210 -88.81 -2.96 -50.65
CA GLY I 210 -88.26 -3.81 -51.69
C GLY I 210 -88.30 -5.28 -51.33
N ARG I 211 -87.44 -6.03 -52.02
CA ARG I 211 -87.46 -7.48 -51.93
C ARG I 211 -86.10 -8.01 -52.37
N GLY I 212 -85.79 -9.22 -51.92
CA GLY I 212 -84.61 -9.92 -52.39
C GLY I 212 -83.32 -9.20 -52.02
N ASN I 213 -82.36 -9.24 -52.94
CA ASN I 213 -81.10 -8.53 -52.74
C ASN I 213 -81.29 -7.02 -52.72
N ASP I 214 -82.43 -6.52 -53.20
CA ASP I 214 -82.70 -5.10 -53.29
C ASP I 214 -83.52 -4.58 -52.10
N LEU I 215 -83.73 -5.41 -51.09
CA LEU I 215 -84.44 -4.95 -49.89
C LEU I 215 -83.59 -3.90 -49.17
N GLN I 216 -84.22 -2.77 -48.85
CA GLN I 216 -83.49 -1.59 -48.40
C GLN I 216 -84.14 -1.02 -47.16
N ILE I 217 -83.32 -0.75 -46.17
CA ILE I 217 -83.77 -0.13 -44.91
C ILE I 217 -83.87 1.37 -45.11
N GLY I 218 -84.97 1.94 -44.64
CA GLY I 218 -85.07 3.38 -44.61
C GLY I 218 -86.50 3.81 -44.37
N THR I 219 -86.71 5.12 -44.42
CA THR I 219 -88.04 5.67 -44.56
C THR I 219 -88.33 5.76 -46.05
N TYR I 220 -89.47 5.22 -46.48
CA TYR I 220 -89.76 5.16 -47.90
C TYR I 220 -89.77 6.55 -48.52
N LEU I 221 -90.11 7.57 -47.73
CA LEU I 221 -90.01 8.96 -48.12
C LEU I 221 -89.14 9.68 -47.10
N GLU I 222 -88.17 10.45 -47.59
CA GLU I 222 -87.17 11.08 -46.73
C GLU I 222 -87.78 11.99 -45.69
N LYS I 223 -87.62 11.61 -44.44
CA LYS I 223 -88.21 12.36 -43.31
C LYS I 223 -87.30 12.25 -42.08
N ASN I 224 -87.34 13.26 -41.22
CA ASN I 224 -86.63 13.19 -39.95
C ASN I 224 -87.26 12.13 -39.06
N LEU I 225 -86.39 11.39 -38.40
CA LEU I 225 -86.84 10.34 -37.45
C LEU I 225 -87.14 11.05 -36.13
N ASP I 226 -88.41 11.12 -35.78
CA ASP I 226 -88.85 11.89 -34.59
C ASP I 226 -88.85 11.01 -33.35
N SER I 227 -87.68 10.72 -32.84
CA SER I 227 -87.58 10.01 -31.54
C SER I 227 -86.42 10.67 -30.81
N GLU I 228 -86.55 10.85 -29.52
CA GLU I 228 -85.42 11.36 -28.72
C GLU I 228 -84.55 10.14 -28.36
N LEU I 229 -84.92 8.95 -28.85
CA LEU I 229 -84.10 7.73 -28.63
C LEU I 229 -83.44 7.30 -29.95
N SER I 230 -83.50 8.12 -30.98
CA SER I 230 -83.01 7.70 -32.34
C SER I 230 -81.52 7.32 -32.37
N GLY I 231 -80.65 8.02 -31.65
CA GLY I 231 -79.22 7.71 -31.73
C GLY I 231 -78.85 6.37 -31.17
N ASN I 232 -79.82 5.64 -30.60
CA ASN I 232 -79.50 4.28 -30.19
C ASN I 232 -79.33 3.34 -31.37
N VAL I 233 -79.89 3.65 -32.54
CA VAL I 233 -79.70 2.78 -33.70
C VAL I 233 -78.25 2.77 -34.13
N ILE I 234 -77.53 3.88 -33.93
CA ILE I 234 -76.12 3.94 -34.32
C ILE I 234 -75.34 2.86 -33.59
N ASP I 235 -75.53 2.75 -32.28
CA ASP I 235 -74.84 1.73 -31.51
C ASP I 235 -75.34 0.33 -31.87
N LEU I 236 -76.66 0.18 -32.06
CA LEU I 236 -77.21 -1.15 -32.33
C LEU I 236 -76.75 -1.68 -33.68
N CYS I 237 -76.69 -0.80 -34.65
CA CYS I 237 -76.14 -1.18 -35.95
C CYS I 237 -74.77 -1.90 -35.79
N PRO I 238 -74.65 -3.19 -36.15
CA PRO I 238 -73.35 -3.89 -36.11
C PRO I 238 -72.36 -3.30 -37.12
N VAL I 239 -72.89 -2.76 -38.19
CA VAL I 239 -72.07 -2.22 -39.28
C VAL I 239 -72.12 -0.70 -39.21
N GLY I 240 -71.30 -0.03 -39.98
CA GLY I 240 -71.33 1.43 -40.06
C GLY I 240 -72.29 1.95 -41.10
N ALA I 241 -73.49 1.41 -41.17
CA ALA I 241 -74.50 1.87 -42.13
C ALA I 241 -75.26 3.06 -41.55
N LEU I 242 -75.40 3.05 -40.26
CA LEU I 242 -76.05 4.15 -39.55
C LEU I 242 -75.01 4.64 -38.55
N THR I 243 -74.40 5.77 -38.83
CA THR I 243 -73.35 6.33 -38.00
C THR I 243 -73.75 7.72 -37.52
N SER I 244 -73.04 8.19 -36.50
CA SER I 244 -73.29 9.52 -35.96
C SER I 244 -72.74 10.59 -36.88
N LYS I 245 -73.62 11.47 -37.36
CA LYS I 245 -73.18 12.59 -38.19
C LYS I 245 -72.20 13.50 -37.47
N PRO I 246 -72.44 13.94 -36.22
CA PRO I 246 -71.44 14.80 -35.56
C PRO I 246 -70.11 14.11 -35.27
N TYR I 247 -70.13 12.78 -35.14
CA TYR I 247 -68.91 12.02 -34.88
C TYR I 247 -68.12 11.71 -36.14
N ALA I 248 -68.71 11.91 -37.32
CA ALA I 248 -68.21 11.37 -38.57
C ALA I 248 -66.73 11.68 -38.78
N PHE I 249 -65.92 10.62 -38.87
CA PHE I 249 -64.53 10.56 -39.29
C PHE I 249 -63.57 11.09 -38.22
N ARG I 250 -64.05 11.45 -37.03
CA ARG I 250 -63.21 12.22 -36.12
C ARG I 250 -62.19 11.35 -35.39
N ALA I 251 -62.53 10.09 -35.10
CA ALA I 251 -61.62 9.27 -34.30
C ALA I 251 -61.67 7.78 -34.64
N ARG I 252 -60.63 7.06 -34.25
CA ARG I 252 -60.68 5.59 -34.33
C ARG I 252 -60.94 5.09 -32.91
N PRO I 253 -61.64 3.95 -32.74
CA PRO I 253 -61.98 3.40 -31.41
C PRO I 253 -60.78 3.09 -30.49
N TRP I 254 -59.65 2.63 -31.04
CA TRP I 254 -58.44 2.29 -30.27
C TRP I 254 -57.72 3.50 -29.69
N GLU I 255 -58.05 4.69 -30.15
CA GLU I 255 -57.36 5.90 -29.66
C GLU I 255 -58.14 6.52 -28.50
N LEU I 256 -59.27 5.93 -28.16
CA LEU I 256 -60.12 6.54 -27.13
C LEU I 256 -59.95 5.99 -25.73
N LYS I 257 -59.68 6.86 -24.77
CA LYS I 257 -59.80 6.46 -23.38
C LYS I 257 -61.28 6.30 -23.03
N ARG I 258 -61.62 5.19 -22.39
CA ARG I 258 -63.05 4.87 -22.08
C ARG I 258 -63.30 5.01 -20.59
N THR I 259 -64.09 5.99 -20.18
CA THR I 259 -64.39 6.30 -18.79
C THR I 259 -65.87 6.04 -18.53
N GLU I 260 -66.15 5.11 -17.61
CA GLU I 260 -67.52 4.83 -17.22
C GLU I 260 -68.00 5.90 -16.24
N SER I 261 -69.14 6.51 -16.54
CA SER I 261 -69.59 7.67 -15.77
C SER I 261 -71.12 7.67 -15.75
N ILE I 262 -71.69 8.81 -15.36
CA ILE I 262 -73.13 8.97 -15.21
C ILE I 262 -73.56 10.23 -15.94
N ASP I 263 -74.71 10.16 -16.62
CA ASP I 263 -75.30 11.33 -17.25
C ASP I 263 -75.97 12.22 -16.20
N VAL I 264 -75.84 13.54 -16.38
CA VAL I 264 -76.39 14.52 -15.46
C VAL I 264 -77.37 15.46 -16.15
N LEU I 265 -77.67 15.24 -17.42
CA LEU I 265 -78.64 16.07 -18.13
C LEU I 265 -80.06 15.60 -17.91
N ASP I 266 -80.26 14.56 -17.11
CA ASP I 266 -81.58 14.03 -16.78
C ASP I 266 -81.58 13.67 -15.30
N GLY I 267 -82.75 13.32 -14.79
CA GLY I 267 -82.87 12.87 -13.41
C GLY I 267 -82.72 11.39 -13.19
N LEU I 268 -82.48 10.61 -14.25
CA LEU I 268 -82.38 9.16 -14.11
C LEU I 268 -80.97 8.68 -13.81
N GLY I 269 -79.96 9.51 -14.06
CA GLY I 269 -78.59 9.09 -13.85
C GLY I 269 -78.16 7.95 -14.74
N SER I 270 -78.57 7.96 -16.01
CA SER I 270 -78.21 6.93 -16.98
C SER I 270 -76.72 6.66 -16.96
N ASN I 271 -76.37 5.37 -16.91
CA ASN I 271 -74.97 4.96 -16.91
C ASN I 271 -74.41 5.09 -18.32
N ILE I 272 -73.28 5.79 -18.45
CA ILE I 272 -72.72 6.12 -19.75
C ILE I 272 -71.24 5.78 -19.77
N ARG I 273 -70.72 5.64 -20.99
CA ARG I 273 -69.29 5.54 -21.23
C ARG I 273 -68.85 6.82 -21.98
N VAL I 274 -67.90 7.53 -21.40
CA VAL I 274 -67.34 8.73 -22.02
C VAL I 274 -66.04 8.35 -22.70
N ASP I 275 -65.99 8.51 -24.01
CA ASP I 275 -64.80 8.24 -24.80
C ASP I 275 -64.11 9.57 -25.11
N SER I 276 -62.84 9.66 -24.77
CA SER I 276 -62.09 10.91 -24.91
C SER I 276 -60.72 10.62 -25.50
N ARG I 277 -60.21 11.65 -26.19
CA ARG I 277 -58.85 11.58 -26.77
C ARG I 277 -58.02 12.71 -26.16
N GLY I 278 -57.38 12.46 -25.02
CA GLY I 278 -56.66 13.49 -24.31
C GLY I 278 -57.56 14.63 -23.84
N LEU I 279 -57.43 15.79 -24.48
CA LEU I 279 -58.15 16.98 -24.04
C LEU I 279 -59.64 16.91 -24.38
N GLU I 280 -60.01 16.22 -25.45
CA GLU I 280 -61.35 16.34 -26.02
C GLU I 280 -62.18 15.10 -25.73
N VAL I 281 -63.40 15.32 -25.26
CA VAL I 281 -64.43 14.28 -25.24
C VAL I 281 -65.01 14.17 -26.64
N MET I 282 -65.08 12.95 -27.18
CA MET I 282 -65.50 12.78 -28.56
C MET I 282 -66.88 12.19 -28.72
N ARG I 283 -67.33 11.34 -27.80
CA ARG I 283 -68.63 10.71 -27.94
C ARG I 283 -69.06 10.15 -26.59
N ILE I 284 -70.38 10.03 -26.43
CA ILE I 284 -70.99 9.42 -25.26
C ILE I 284 -71.66 8.14 -25.70
N LEU I 285 -71.39 7.06 -24.99
CA LEU I 285 -72.08 5.81 -25.27
C LEU I 285 -72.80 5.33 -24.03
N PRO I 286 -73.91 4.61 -24.18
CA PRO I 286 -74.53 4.00 -23.01
C PRO I 286 -73.81 2.73 -22.61
N ARG I 287 -73.73 2.50 -21.30
CA ARG I 287 -73.33 1.21 -20.79
C ARG I 287 -74.51 0.57 -20.07
N LEU I 288 -74.44 -0.75 -19.93
CA LEU I 288 -75.58 -1.49 -19.39
C LEU I 288 -75.77 -1.21 -17.91
N ASN I 289 -76.99 -0.81 -17.56
CA ASN I 289 -77.47 -0.84 -16.18
C ASN I 289 -78.96 -1.14 -16.26
N ASP I 290 -79.33 -2.39 -16.03
CA ASP I 290 -80.73 -2.79 -16.16
C ASP I 290 -81.61 -2.16 -15.10
N ASP I 291 -81.02 -1.56 -14.05
CA ASP I 291 -81.82 -0.88 -13.04
C ASP I 291 -82.32 0.49 -13.52
N VAL I 292 -81.51 1.25 -14.26
CA VAL I 292 -81.81 2.65 -14.53
C VAL I 292 -82.07 2.90 -16.02
N ASN I 293 -81.17 2.48 -16.92
CA ASN I 293 -81.28 2.91 -18.31
C ASN I 293 -81.32 1.78 -19.34
N GLU I 294 -80.96 0.55 -18.97
CA GLU I 294 -81.23 -0.63 -19.80
C GLU I 294 -80.64 -0.48 -21.21
N GLU I 295 -79.32 -0.26 -21.26
CA GLU I 295 -78.50 -0.19 -22.47
C GLU I 295 -78.79 1.01 -23.36
N TRP I 296 -79.72 1.90 -22.98
CA TRP I 296 -80.07 3.04 -23.83
C TRP I 296 -79.74 4.36 -23.16
N ILE I 297 -79.64 5.39 -23.99
CA ILE I 297 -79.50 6.78 -23.50
C ILE I 297 -80.38 7.59 -24.45
N ASN I 298 -80.78 8.80 -24.10
CA ASN I 298 -81.52 9.70 -25.01
C ASN I 298 -80.56 10.50 -25.90
N ASP I 299 -81.09 11.23 -26.88
CA ASP I 299 -80.27 12.03 -27.83
C ASP I 299 -79.55 13.18 -27.15
N LYS I 300 -80.17 13.90 -26.21
CA LYS I 300 -79.42 15.02 -25.62
C LYS I 300 -78.29 14.43 -24.78
N THR I 301 -78.55 13.33 -24.09
CA THR I 301 -77.42 12.75 -23.37
C THR I 301 -76.29 12.40 -24.31
N ARG I 302 -76.62 11.84 -25.47
CA ARG I 302 -75.61 11.41 -26.43
C ARG I 302 -74.89 12.60 -27.07
N PHE I 303 -75.65 13.52 -27.65
CA PHE I 303 -75.11 14.46 -28.61
C PHE I 303 -74.82 15.86 -28.06
N ALA I 304 -75.05 16.09 -26.77
CA ALA I 304 -74.75 17.40 -26.20
C ALA I 304 -73.31 17.53 -25.74
N CYS I 305 -72.49 16.50 -25.98
CA CYS I 305 -71.10 16.52 -25.54
C CYS I 305 -70.25 17.49 -26.35
N ASP I 306 -70.71 17.89 -27.54
CA ASP I 306 -70.01 18.96 -28.26
C ASP I 306 -70.22 20.32 -27.62
N GLY I 307 -71.21 20.47 -26.75
CA GLY I 307 -71.37 21.70 -25.99
C GLY I 307 -70.34 21.88 -24.90
N LEU I 308 -69.59 20.82 -24.58
CA LEU I 308 -68.60 20.87 -23.52
C LEU I 308 -67.35 21.66 -23.88
N LYS I 309 -67.23 22.15 -25.13
CA LYS I 309 -65.99 22.79 -25.55
C LYS I 309 -66.18 24.13 -26.26
N THR I 310 -67.29 24.83 -26.07
CA THR I 310 -67.46 26.08 -26.82
C THR I 310 -67.69 27.32 -25.98
N GLN I 311 -68.49 27.26 -24.92
CA GLN I 311 -68.82 28.48 -24.17
C GLN I 311 -68.28 28.39 -22.75
N ARG I 312 -67.05 27.91 -22.60
CA ARG I 312 -66.56 27.44 -21.33
C ARG I 312 -65.95 28.56 -20.49
N LEU I 313 -66.21 28.50 -19.18
CA LEU I 313 -65.60 29.41 -18.24
C LEU I 313 -64.24 28.86 -17.83
N THR I 314 -63.18 29.59 -18.15
CA THR I 314 -61.82 29.09 -17.96
C THR I 314 -60.98 30.00 -17.08
N MET I 315 -61.50 31.12 -16.62
CA MET I 315 -60.74 32.05 -15.80
C MET I 315 -61.70 32.95 -15.05
N PRO I 316 -61.35 33.40 -13.85
CA PRO I 316 -62.23 34.29 -13.10
C PRO I 316 -62.41 35.63 -13.79
N LEU I 317 -63.63 36.17 -13.67
CA LEU I 317 -63.98 37.45 -14.26
C LEU I 317 -64.54 38.36 -13.18
N VAL I 318 -64.06 39.61 -13.15
CA VAL I 318 -64.59 40.64 -12.28
C VAL I 318 -65.15 41.74 -13.16
N ARG I 319 -66.45 41.99 -12.98
CA ARG I 319 -67.08 43.10 -13.74
C ARG I 319 -66.62 44.43 -13.16
N ARG I 320 -66.38 45.37 -14.06
CA ARG I 320 -65.87 46.65 -13.62
C ARG I 320 -66.20 47.68 -14.68
N ASP I 321 -66.81 48.79 -14.25
CA ASP I 321 -67.30 49.82 -15.16
C ASP I 321 -68.28 49.24 -16.18
N GLY I 322 -69.02 48.22 -15.76
CA GLY I 322 -70.02 47.60 -16.61
C GLY I 322 -69.49 46.61 -17.62
N LYS I 323 -68.24 46.16 -17.48
CA LYS I 323 -67.65 45.20 -18.40
C LYS I 323 -66.84 44.17 -17.62
N PHE I 324 -66.94 42.91 -18.04
CA PHE I 324 -66.19 41.85 -17.39
C PHE I 324 -64.71 41.97 -17.68
N GLU I 325 -63.89 41.63 -16.68
CA GLU I 325 -62.45 41.74 -16.78
C GLU I 325 -61.80 40.53 -16.13
N PRO I 326 -60.68 40.05 -16.68
CA PRO I 326 -60.01 38.89 -16.08
C PRO I 326 -59.37 39.23 -14.75
N ALA I 327 -59.33 38.24 -13.87
CA ALA I 327 -58.72 38.38 -12.56
C ALA I 327 -58.04 37.08 -12.17
N THR I 328 -57.10 37.18 -11.23
CA THR I 328 -56.54 36.01 -10.60
C THR I 328 -57.52 35.43 -9.59
N TRP I 329 -57.25 34.21 -9.12
CA TRP I 329 -58.11 33.62 -8.12
C TRP I 329 -57.96 34.34 -6.78
N GLU I 330 -56.78 34.86 -6.50
CA GLU I 330 -56.62 35.68 -5.28
C GLU I 330 -57.46 36.95 -5.46
N GLN I 331 -57.28 37.67 -6.55
CA GLN I 331 -58.05 38.91 -6.87
C GLN I 331 -59.58 38.72 -6.84
N ALA I 332 -60.11 37.56 -7.28
CA ALA I 332 -61.54 37.34 -7.25
C ALA I 332 -62.07 37.01 -5.85
N LEU I 333 -61.38 36.13 -5.12
CA LEU I 333 -61.82 35.80 -3.77
C LEU I 333 -61.70 37.00 -2.84
N THR I 334 -60.71 37.87 -3.08
CA THR I 334 -60.58 39.09 -2.30
C THR I 334 -61.80 39.99 -2.49
N GLU I 335 -62.26 40.14 -3.73
CA GLU I 335 -63.42 40.97 -3.99
C GLU I 335 -64.71 40.38 -3.46
N ILE I 336 -64.78 39.05 -3.31
CA ILE I 336 -65.90 38.45 -2.60
C ILE I 336 -65.84 38.81 -1.12
N ALA I 337 -64.65 38.68 -0.51
CA ALA I 337 -64.50 39.00 0.91
C ALA I 337 -64.77 40.47 1.18
N HIS I 338 -64.28 41.35 0.31
CA HIS I 338 -64.51 42.78 0.51
C HIS I 338 -65.98 43.13 0.35
N ALA I 339 -66.61 42.69 -0.75
CA ALA I 339 -68.01 43.01 -0.97
C ALA I 339 -68.93 42.36 0.05
N TYR I 340 -68.49 41.27 0.68
CA TYR I 340 -69.30 40.71 1.76
C TYR I 340 -69.25 41.60 3.00
N GLN I 341 -68.05 42.05 3.37
CA GLN I 341 -67.89 42.94 4.52
C GLN I 341 -68.65 44.25 4.32
N THR I 342 -68.46 44.87 3.14
CA THR I 342 -69.10 46.15 2.87
C THR I 342 -70.61 46.08 3.04
N LEU I 343 -71.23 44.99 2.58
CA LEU I 343 -72.67 44.83 2.70
C LEU I 343 -73.08 44.27 4.05
N ALA I 344 -72.20 43.54 4.73
CA ALA I 344 -72.45 42.95 6.04
C ALA I 344 -73.81 42.25 6.09
N PRO I 345 -74.01 41.19 5.32
CA PRO I 345 -75.33 40.55 5.29
C PRO I 345 -75.73 39.99 6.64
N LYS I 346 -77.02 40.11 6.94
CA LYS I 346 -77.60 39.55 8.15
C LYS I 346 -78.11 38.14 7.85
N GLU I 347 -78.91 37.58 8.74
CA GLU I 347 -79.47 36.25 8.51
C GLU I 347 -80.28 36.22 7.23
N ASN I 348 -80.01 35.21 6.41
CA ASN I 348 -80.74 34.93 5.18
C ASN I 348 -80.64 36.04 4.13
N GLU I 349 -79.82 37.06 4.40
CA GLU I 349 -79.44 37.98 3.34
C GLU I 349 -78.37 37.39 2.44
N PHE I 350 -77.76 36.29 2.84
CA PHE I 350 -76.93 35.46 1.97
C PHE I 350 -77.82 34.37 1.38
N LYS I 351 -78.00 34.39 0.06
CA LYS I 351 -78.84 33.41 -0.62
C LYS I 351 -78.02 32.60 -1.61
N VAL I 352 -78.24 31.30 -1.64
CA VAL I 352 -77.60 30.40 -2.59
C VAL I 352 -78.69 29.75 -3.44
N ILE I 353 -78.55 29.84 -4.76
CA ILE I 353 -79.40 29.12 -5.70
C ILE I 353 -78.56 28.06 -6.39
N ALA I 354 -79.04 26.82 -6.34
CA ALA I 354 -78.36 25.68 -6.94
C ALA I 354 -79.00 25.34 -8.27
N GLY I 355 -78.16 25.05 -9.26
CA GLY I 355 -78.62 24.71 -10.60
C GLY I 355 -78.85 23.22 -10.79
N GLN I 356 -79.09 22.86 -12.06
CA GLN I 356 -79.48 21.49 -12.40
C GLN I 356 -78.30 20.52 -12.41
N LEU I 357 -77.09 21.00 -12.68
CA LEU I 357 -75.97 20.05 -12.85
C LEU I 357 -75.03 20.09 -11.64
N VAL I 358 -75.54 20.47 -10.48
CA VAL I 358 -74.61 20.62 -9.34
C VAL I 358 -74.53 19.31 -8.55
N GLU I 359 -73.33 18.84 -8.26
CA GLU I 359 -73.11 17.64 -7.42
C GLU I 359 -73.33 17.90 -5.91
N VAL I 360 -73.49 16.86 -5.11
CA VAL I 360 -73.74 16.92 -3.64
C VAL I 360 -72.51 17.47 -2.86
N GLU I 361 -71.30 17.24 -3.35
CA GLU I 361 -70.10 17.81 -2.69
C GLU I 361 -70.24 19.33 -2.63
N SER I 362 -70.66 19.94 -3.73
CA SER I 362 -70.80 21.41 -3.81
C SER I 362 -71.92 21.90 -2.90
N LEU I 363 -73.02 21.13 -2.82
CA LEU I 363 -74.19 21.54 -2.00
C LEU I 363 -73.89 21.38 -0.53
N VAL I 364 -73.17 20.33 -0.15
CA VAL I 364 -72.84 20.15 1.25
C VAL I 364 -71.84 21.20 1.72
N ALA I 365 -70.79 21.42 0.92
CA ALA I 365 -69.81 22.44 1.28
C ALA I 365 -70.41 23.83 1.28
N MET I 366 -71.38 24.07 0.39
CA MET I 366 -72.02 25.38 0.34
C MET I 366 -73.07 25.53 1.44
N LYS I 367 -73.72 24.43 1.84
CA LYS I 367 -74.61 24.49 2.99
C LYS I 367 -73.84 24.75 4.28
N ASP I 368 -72.65 24.17 4.38
CA ASP I 368 -71.79 24.42 5.57
C ASP I 368 -71.36 25.89 5.56
N LEU I 369 -71.05 26.43 4.38
CA LEU I 369 -70.65 27.84 4.30
C LEU I 369 -71.80 28.77 4.65
N ALA I 370 -72.96 28.55 4.03
CA ALA I 370 -74.09 29.46 4.22
C ALA I 370 -74.57 29.46 5.67
N ASN I 371 -74.55 28.29 6.32
CA ASN I 371 -74.93 28.25 7.73
C ASN I 371 -73.96 29.05 8.59
N ARG I 372 -72.66 28.96 8.31
CA ARG I 372 -71.68 29.70 9.08
C ARG I 372 -71.78 31.20 8.85
N LEU I 373 -72.48 31.63 7.80
CA LEU I 373 -72.79 33.03 7.60
C LEU I 373 -74.16 33.41 8.16
N GLY I 374 -74.80 32.51 8.89
CA GLY I 374 -76.11 32.75 9.44
C GLY I 374 -77.27 32.44 8.51
N SER I 375 -76.99 31.99 7.29
CA SER I 375 -78.01 31.86 6.27
C SER I 375 -78.54 30.43 6.20
N GLU I 376 -79.87 30.31 6.15
CA GLU I 376 -80.55 29.08 5.79
C GLU I 376 -81.26 29.21 4.45
N ASN I 377 -80.92 30.24 3.69
CA ASN I 377 -81.56 30.55 2.41
C ASN I 377 -80.90 29.74 1.28
N LEU I 378 -81.27 28.47 1.20
CA LEU I 378 -80.77 27.56 0.17
C LEU I 378 -81.89 27.25 -0.80
N ALA I 379 -81.76 27.76 -2.03
CA ALA I 379 -82.81 27.69 -3.03
C ALA I 379 -82.39 26.82 -4.20
N LEU I 380 -83.37 26.45 -5.02
CA LEU I 380 -83.14 25.69 -6.23
C LEU I 380 -83.61 26.49 -7.45
N ASP I 381 -83.13 26.06 -8.61
CA ASP I 381 -83.18 26.81 -9.86
C ASP I 381 -84.55 26.84 -10.53
N PHE I 382 -85.62 26.42 -9.88
CA PHE I 382 -86.88 26.35 -10.62
C PHE I 382 -87.95 27.26 -10.01
N PRO I 383 -89.08 27.46 -10.68
CA PRO I 383 -90.16 28.26 -10.10
C PRO I 383 -90.65 27.69 -8.78
N GLY I 384 -90.61 28.51 -7.74
CA GLY I 384 -90.90 28.06 -6.41
C GLY I 384 -89.76 27.37 -5.71
N GLY I 385 -88.60 27.23 -6.37
CA GLY I 385 -87.44 26.66 -5.71
C GLY I 385 -86.96 27.50 -4.55
N SER I 386 -87.16 28.81 -4.62
CA SER I 386 -86.80 29.71 -3.53
C SER I 386 -87.82 29.69 -2.40
N GLN I 387 -88.95 29.05 -2.60
CA GLN I 387 -89.99 28.86 -1.59
C GLN I 387 -89.88 27.47 -1.02
N PRO I 388 -90.43 27.23 0.18
CA PRO I 388 -90.48 25.86 0.69
C PRO I 388 -91.33 24.98 -0.20
N LEU I 389 -90.92 23.72 -0.31
CA LEU I 389 -91.48 22.82 -1.31
C LEU I 389 -92.73 22.11 -0.79
N ALA I 390 -93.65 21.84 -1.71
CA ALA I 390 -94.93 21.23 -1.32
C ALA I 390 -94.71 19.88 -0.66
N HIS I 391 -93.83 19.06 -1.22
CA HIS I 391 -93.32 17.92 -0.48
C HIS I 391 -92.17 18.37 0.40
N GLY I 392 -92.04 17.74 1.55
CA GLY I 392 -90.96 18.05 2.45
C GLY I 392 -89.70 17.29 2.09
N VAL I 393 -88.72 17.33 2.99
CA VAL I 393 -87.48 16.60 2.81
C VAL I 393 -87.19 15.81 4.07
N ASP I 394 -88.17 15.77 4.97
CA ASP I 394 -87.96 15.09 6.28
C ASP I 394 -87.97 13.59 6.05
N ILE I 395 -88.82 13.13 5.15
CA ILE I 395 -88.83 11.67 4.84
C ILE I 395 -88.31 11.54 3.41
N ARG I 396 -87.41 10.58 3.19
CA ARG I 396 -86.83 10.41 1.84
C ARG I 396 -87.92 10.04 0.85
N SER I 397 -88.96 9.34 1.29
CA SER I 397 -90.01 8.92 0.38
C SER I 397 -90.92 10.07 -0.05
N ASN I 398 -90.79 11.26 0.54
CA ASN I 398 -91.60 12.39 0.12
C ASN I 398 -91.27 12.83 -1.31
N TYR I 399 -90.02 12.66 -1.74
CA TYR I 399 -89.55 13.24 -2.98
C TYR I 399 -88.92 12.24 -3.94
N LEU I 400 -88.91 10.95 -3.60
CA LEU I 400 -88.21 9.96 -4.40
C LEU I 400 -89.18 9.14 -5.24
N PHE I 401 -88.64 8.51 -6.27
CA PHE I 401 -89.35 7.57 -7.12
C PHE I 401 -89.35 6.25 -6.37
N ASN I 402 -90.36 6.06 -5.50
CA ASN I 402 -90.37 4.96 -4.49
C ASN I 402 -90.40 3.57 -5.08
N SER I 403 -91.29 3.25 -5.94
CA SER I 403 -91.22 1.97 -6.67
C SER I 403 -89.98 2.27 -7.46
N LYS I 404 -89.10 1.40 -7.66
CA LYS I 404 -87.85 1.83 -8.33
C LYS I 404 -88.09 1.86 -9.84
N ILE I 405 -87.18 2.39 -10.63
CA ILE I 405 -87.31 2.32 -12.11
C ILE I 405 -87.64 0.86 -12.47
N TRP I 406 -86.99 -0.13 -11.83
CA TRP I 406 -87.28 -1.52 -12.09
C TRP I 406 -88.74 -1.87 -11.78
N GLY I 407 -89.38 -1.12 -10.88
CA GLY I 407 -90.77 -1.38 -10.54
C GLY I 407 -91.71 -1.28 -11.72
N ILE I 408 -91.35 -0.52 -12.75
CA ILE I 408 -92.19 -0.39 -13.93
C ILE I 408 -92.35 -1.75 -14.63
N GLU I 409 -91.34 -2.61 -14.52
CA GLU I 409 -91.40 -3.93 -15.15
C GLU I 409 -92.54 -4.79 -14.62
N GLU I 410 -93.08 -4.46 -13.45
CA GLU I 410 -94.19 -5.22 -12.89
C GLU I 410 -95.45 -4.40 -12.71
N ALA I 411 -95.47 -3.14 -13.15
CA ALA I 411 -96.60 -2.27 -12.89
C ALA I 411 -97.84 -2.72 -13.65
N ASP I 412 -99.01 -2.55 -12.87
CA ASP I 412 -100.33 -2.96 -13.43
C ASP I 412 -101.11 -1.73 -13.89
N ALA I 413 -101.00 -0.64 -13.24
CA ALA I 413 -101.77 0.57 -13.53
C ALA I 413 -100.94 1.77 -13.11
N ILE I 414 -100.90 2.78 -13.97
CA ILE I 414 -100.05 3.95 -13.79
C ILE I 414 -100.88 5.21 -13.99
N LEU I 415 -100.79 6.13 -13.05
CA LEU I 415 -101.34 7.48 -13.19
C LEU I 415 -100.19 8.48 -13.25
N LEU I 416 -100.17 9.28 -14.30
CA LEU I 416 -99.12 10.28 -14.51
C LEU I 416 -99.72 11.66 -14.28
N VAL I 417 -99.22 12.37 -13.27
CA VAL I 417 -99.76 13.66 -12.87
C VAL I 417 -98.74 14.73 -13.22
N GLY I 418 -99.08 15.58 -14.19
CA GLY I 418 -98.30 16.76 -14.50
C GLY I 418 -96.90 16.49 -15.02
N THR I 419 -96.75 15.56 -15.96
CA THR I 419 -95.44 15.22 -16.47
C THR I 419 -95.56 14.69 -17.89
N ASN I 420 -94.71 15.20 -18.78
CA ASN I 420 -94.54 14.60 -20.09
C ASN I 420 -93.33 13.68 -20.00
N PRO I 421 -93.48 12.36 -19.68
CA PRO I 421 -92.31 11.49 -19.48
C PRO I 421 -91.36 11.31 -20.68
N ARG I 422 -91.85 11.45 -21.90
CA ARG I 422 -90.99 11.37 -23.11
C ARG I 422 -89.94 12.48 -23.08
N HIS I 423 -90.29 13.65 -22.55
CA HIS I 423 -89.37 14.81 -22.56
C HIS I 423 -88.60 14.94 -21.24
N GLU I 424 -89.11 14.33 -20.17
CA GLU I 424 -88.44 14.44 -18.87
C GLU I 424 -87.62 13.18 -18.54
N ALA I 425 -88.10 11.99 -18.95
CA ALA I 425 -87.31 10.80 -18.59
C ALA I 425 -87.58 9.80 -19.72
N ALA I 426 -86.94 10.02 -20.87
CA ALA I 426 -87.22 9.23 -22.10
C ALA I 426 -86.88 7.73 -22.00
N VAL I 427 -85.81 7.37 -21.33
CA VAL I 427 -85.42 5.95 -21.19
C VAL I 427 -86.40 5.32 -20.19
N LEU I 428 -86.85 6.10 -19.23
CA LEU I 428 -87.90 5.57 -18.36
C LEU I 428 -89.23 5.54 -19.10
N ASN I 429 -89.43 6.45 -20.05
CA ASN I 429 -90.65 6.45 -20.86
C ASN I 429 -90.72 5.20 -21.75
N ALA I 430 -89.57 4.76 -22.27
CA ALA I 430 -89.56 3.56 -23.09
C ALA I 430 -89.75 2.31 -22.24
N ARG I 431 -89.38 2.36 -20.97
CA ARG I 431 -89.63 1.23 -20.03
C ARG I 431 -91.15 1.08 -19.83
N ILE I 432 -91.89 2.20 -19.79
CA ILE I 432 -93.33 2.11 -19.64
C ILE I 432 -93.96 1.49 -20.89
N ARG I 433 -93.46 1.86 -22.07
CA ARG I 433 -93.95 1.28 -23.31
C ARG I 433 -93.68 -0.22 -23.38
N LYS I 434 -92.50 -0.64 -22.92
CA LYS I 434 -92.14 -2.06 -22.98
C LYS I 434 -93.08 -2.90 -22.13
N GLN I 435 -93.35 -2.46 -20.90
CA GLN I 435 -94.30 -3.17 -20.04
C GLN I 435 -95.71 -3.07 -20.60
N TRP I 436 -96.04 -1.94 -21.23
CA TRP I 436 -97.35 -1.75 -21.83
C TRP I 436 -97.57 -2.70 -23.00
N LEU I 437 -96.51 -3.01 -23.75
CA LEU I 437 -96.65 -3.85 -24.92
C LEU I 437 -96.84 -5.32 -24.55
N ARG I 438 -96.33 -5.74 -23.39
CA ARG I 438 -96.27 -7.15 -23.03
C ARG I 438 -97.14 -7.50 -21.84
N SER I 439 -98.13 -6.66 -21.52
CA SER I 439 -98.96 -6.88 -20.34
C SER I 439 -100.26 -6.11 -20.50
N ASP I 440 -101.18 -6.33 -19.58
CA ASP I 440 -102.44 -5.59 -19.51
C ASP I 440 -102.32 -4.36 -18.62
N LEU I 441 -101.32 -3.53 -18.88
CA LEU I 441 -101.05 -2.36 -18.08
C LEU I 441 -101.83 -1.16 -18.62
N GLU I 442 -102.52 -0.45 -17.73
CA GLU I 442 -103.36 0.69 -18.09
C GLU I 442 -102.69 1.98 -17.61
N ILE I 443 -102.58 2.95 -18.52
CA ILE I 443 -101.98 4.25 -18.23
C ILE I 443 -103.05 5.32 -18.34
N ALA I 444 -103.03 6.27 -17.41
CA ALA I 444 -103.83 7.48 -17.49
C ALA I 444 -102.97 8.67 -17.06
N ALA I 445 -103.38 9.86 -17.49
CA ALA I 445 -102.61 11.06 -17.23
C ALA I 445 -103.52 12.22 -16.87
N VAL I 446 -103.09 13.01 -15.89
CA VAL I 446 -103.73 14.28 -15.55
C VAL I 446 -102.69 15.37 -15.74
N GLY I 447 -102.99 16.33 -16.60
CA GLY I 447 -102.05 17.37 -16.94
C GLY I 447 -102.13 17.68 -18.42
N GLN I 448 -101.10 18.34 -18.93
CA GLN I 448 -101.08 18.72 -20.33
C GLN I 448 -100.88 17.50 -21.22
N PRO I 449 -101.69 17.33 -22.26
CA PRO I 449 -101.50 16.19 -23.16
C PRO I 449 -100.20 16.28 -23.94
N TRP I 450 -99.63 15.12 -24.23
CA TRP I 450 -98.41 15.01 -25.02
C TRP I 450 -98.56 13.86 -26.00
N GLU I 451 -97.84 13.93 -27.10
CA GLU I 451 -97.79 12.84 -28.06
C GLU I 451 -96.96 11.70 -27.47
N SER I 452 -97.61 10.57 -27.20
CA SER I 452 -97.04 9.52 -26.38
C SER I 452 -96.72 8.28 -27.22
N THR I 453 -95.73 7.52 -26.75
CA THR I 453 -95.38 6.24 -27.35
C THR I 453 -96.20 5.09 -26.79
N PHE I 454 -97.06 5.37 -25.81
CA PHE I 454 -98.04 4.41 -25.31
C PHE I 454 -99.39 5.11 -25.22
N ASP I 455 -100.46 4.36 -25.42
CA ASP I 455 -101.79 4.93 -25.32
C ASP I 455 -102.16 5.15 -23.86
N TYR I 456 -102.66 6.34 -23.55
CA TYR I 456 -103.01 6.70 -22.19
C TYR I 456 -104.35 7.41 -22.19
N GLU I 457 -105.05 7.32 -21.06
CA GLU I 457 -106.33 8.00 -20.87
C GLU I 457 -106.08 9.38 -20.26
N HIS I 458 -106.38 10.43 -21.02
CA HIS I 458 -106.19 11.80 -20.54
C HIS I 458 -107.40 12.19 -19.70
N LEU I 459 -107.23 12.20 -18.37
CA LEU I 459 -108.34 12.48 -17.47
C LEU I 459 -108.57 13.97 -17.24
N GLY I 460 -107.64 14.83 -17.60
CA GLY I 460 -107.81 16.25 -17.38
C GLY I 460 -106.46 16.94 -17.26
N THR I 461 -106.52 18.20 -16.84
CA THR I 461 -105.34 19.05 -16.80
C THR I 461 -105.15 19.81 -15.50
N ASP I 462 -106.02 19.64 -14.51
CA ASP I 462 -105.97 20.47 -13.31
C ASP I 462 -106.23 19.63 -12.07
N LEU I 463 -106.09 20.26 -10.90
CA LEU I 463 -106.27 19.57 -9.63
C LEU I 463 -107.68 19.00 -9.49
N ALA I 464 -108.68 19.71 -10.03
CA ALA I 464 -110.03 19.17 -10.04
C ALA I 464 -110.07 17.82 -10.74
N ALA I 465 -109.37 17.71 -11.88
CA ALA I 465 -109.36 16.46 -12.63
C ALA I 465 -108.68 15.34 -11.84
N LEU I 466 -107.65 15.66 -11.06
CA LEU I 466 -106.98 14.64 -10.26
C LEU I 466 -107.93 14.04 -9.23
N LYS I 467 -108.68 14.90 -8.53
CA LYS I 467 -109.62 14.40 -7.53
C LYS I 467 -110.71 13.55 -8.16
N ASN I 468 -111.22 13.98 -9.32
CA ASN I 468 -112.23 13.20 -10.02
C ASN I 468 -111.68 11.86 -10.46
N ALA I 469 -110.44 11.84 -10.94
CA ALA I 469 -109.82 10.60 -11.39
C ALA I 469 -109.70 9.60 -10.24
N LEU I 470 -109.13 10.04 -9.11
CA LEU I 470 -108.94 9.14 -7.98
C LEU I 470 -110.26 8.65 -7.42
N SER I 471 -111.32 9.46 -7.54
CA SER I 471 -112.66 9.04 -7.16
C SER I 471 -113.44 8.47 -8.34
N GLY I 472 -112.81 8.33 -9.50
CA GLY I 472 -113.50 7.87 -10.69
C GLY I 472 -113.07 6.48 -11.13
N PRO I 473 -113.36 6.15 -12.39
CA PRO I 473 -113.07 4.80 -12.89
C PRO I 473 -111.60 4.43 -12.79
N PHE I 474 -110.67 5.37 -12.96
CA PHE I 474 -109.26 5.00 -12.88
C PHE I 474 -108.78 4.82 -11.45
N GLY I 475 -109.42 5.47 -10.48
CA GLY I 475 -109.19 5.12 -9.09
C GLY I 475 -109.57 3.69 -8.81
N GLU I 476 -110.66 3.21 -9.42
CA GLU I 476 -111.02 1.80 -9.32
C GLU I 476 -109.94 0.91 -9.90
N LYS I 477 -109.39 1.30 -11.06
CA LYS I 477 -108.27 0.55 -11.62
C LYS I 477 -107.08 0.53 -10.67
N LEU I 478 -106.79 1.68 -10.05
CA LEU I 478 -105.69 1.75 -9.10
C LEU I 478 -105.97 0.91 -7.86
N LYS I 479 -107.23 0.90 -7.41
CA LYS I 479 -107.57 0.21 -6.16
C LYS I 479 -107.52 -1.30 -6.32
N LYS I 480 -107.94 -1.82 -7.47
CA LYS I 480 -108.04 -3.26 -7.67
C LYS I 480 -106.85 -3.84 -8.41
N ALA I 481 -105.68 -3.26 -8.22
CA ALA I 481 -104.49 -3.63 -8.97
C ALA I 481 -103.34 -3.94 -8.05
N LYS I 482 -102.69 -5.07 -8.30
CA LYS I 482 -101.35 -5.29 -7.79
C LYS I 482 -100.41 -4.32 -8.49
N ARG I 483 -99.41 -3.86 -7.77
CA ARG I 483 -98.41 -2.96 -8.33
C ARG I 483 -99.00 -1.70 -8.95
N PRO I 484 -99.74 -0.89 -8.19
CA PRO I 484 -100.19 0.40 -8.73
C PRO I 484 -99.08 1.44 -8.64
N MET I 485 -99.15 2.42 -9.52
CA MET I 485 -98.20 3.52 -9.51
C MET I 485 -98.91 4.85 -9.73
N ILE I 486 -98.65 5.81 -8.85
CA ILE I 486 -98.92 7.21 -9.10
C ILE I 486 -97.57 7.92 -9.21
N ILE I 487 -97.35 8.57 -10.34
CA ILE I 487 -96.11 9.30 -10.58
C ILE I 487 -96.44 10.78 -10.67
N VAL I 488 -95.75 11.54 -9.83
CA VAL I 488 -95.93 13.02 -9.82
C VAL I 488 -94.69 13.66 -10.46
N GLY I 489 -94.90 14.54 -11.42
CA GLY I 489 -93.79 15.26 -12.09
C GLY I 489 -93.19 16.36 -11.22
N SER I 490 -92.02 16.85 -11.62
CA SER I 490 -91.33 17.90 -10.84
C SER I 490 -91.96 19.24 -11.17
N GLY I 491 -92.77 19.29 -12.23
CA GLY I 491 -93.47 20.52 -12.52
C GLY I 491 -94.70 20.73 -11.68
N VAL I 492 -95.26 19.66 -11.12
CA VAL I 492 -96.30 19.80 -10.11
C VAL I 492 -95.75 20.54 -8.90
N THR I 493 -94.52 20.23 -8.51
CA THR I 493 -93.86 20.93 -7.42
C THR I 493 -93.71 22.42 -7.71
N GLU I 494 -93.66 22.80 -8.98
CA GLU I 494 -93.56 24.19 -9.38
C GLU I 494 -94.92 24.83 -9.64
N HIS I 495 -96.00 24.08 -9.48
CA HIS I 495 -97.35 24.56 -9.66
C HIS I 495 -97.82 25.30 -8.40
N PRO I 496 -98.61 26.36 -8.55
CA PRO I 496 -99.12 27.03 -7.34
C PRO I 496 -99.99 26.14 -6.46
N ASP I 497 -100.76 25.24 -7.05
CA ASP I 497 -101.57 24.29 -6.29
C ASP I 497 -100.79 23.08 -5.81
N ALA I 498 -99.46 23.18 -5.75
CA ALA I 498 -98.63 22.02 -5.44
C ALA I 498 -98.96 21.44 -4.07
N LYS I 499 -99.27 22.29 -3.10
CA LYS I 499 -99.55 21.80 -1.72
C LYS I 499 -100.85 20.97 -1.75
N ALA I 500 -101.79 21.30 -2.63
CA ALA I 500 -103.01 20.52 -2.72
C ALA I 500 -102.84 19.26 -3.54
N PHE I 501 -101.87 19.24 -4.46
CA PHE I 501 -101.64 18.04 -5.25
C PHE I 501 -101.05 16.92 -4.41
N TYR I 502 -100.03 17.22 -3.61
CA TYR I 502 -99.40 16.19 -2.80
C TYR I 502 -100.32 15.71 -1.69
N GLU I 503 -101.16 16.60 -1.16
CA GLU I 503 -102.16 16.17 -0.19
C GLU I 503 -103.20 15.27 -0.86
N THR I 504 -103.67 15.66 -2.04
CA THR I 504 -104.62 14.83 -2.76
C THR I 504 -104.04 13.46 -3.08
N VAL I 505 -102.80 13.44 -3.58
CA VAL I 505 -102.20 12.17 -4.00
C VAL I 505 -101.96 11.26 -2.80
N TRP I 506 -101.31 11.78 -1.76
CA TRP I 506 -100.91 10.90 -0.66
C TRP I 506 -102.09 10.42 0.17
N SER I 507 -103.13 11.25 0.31
CA SER I 507 -104.34 10.79 0.99
C SER I 507 -104.92 9.56 0.31
N PHE I 508 -104.83 9.50 -1.02
CA PHE I 508 -105.19 8.29 -1.74
C PHE I 508 -104.25 7.14 -1.39
N VAL I 509 -102.96 7.44 -1.23
CA VAL I 509 -101.99 6.40 -0.91
C VAL I 509 -102.28 5.80 0.45
N GLU I 510 -102.65 6.63 1.43
CA GLU I 510 -102.98 6.12 2.75
C GLU I 510 -104.32 5.38 2.75
N LYS I 511 -105.32 5.91 2.09
CA LYS I 511 -106.68 5.29 2.10
C LYS I 511 -106.62 3.89 1.48
N ASN I 512 -105.83 3.74 0.44
CA ASN I 512 -105.76 2.46 -0.26
C ASN I 512 -104.44 1.75 -0.04
N ALA I 513 -103.90 1.85 1.17
CA ALA I 513 -102.71 1.11 1.54
C ALA I 513 -103.02 -0.39 1.63
N SER I 514 -101.94 -1.18 1.75
CA SER I 514 -101.95 -2.64 1.60
C SER I 514 -102.12 -2.97 0.13
N ASN I 515 -102.37 -1.94 -0.68
CA ASN I 515 -102.21 -1.95 -2.13
C ASN I 515 -101.03 -1.08 -2.55
N PHE I 516 -100.96 0.14 -2.02
CA PHE I 516 -99.89 1.08 -2.34
C PHE I 516 -98.70 1.00 -1.40
N LEU I 517 -98.87 0.43 -0.21
CA LEU I 517 -97.88 0.54 0.87
C LEU I 517 -97.62 -0.82 1.50
N THR I 518 -97.06 -1.71 0.71
CA THR I 518 -96.87 -3.10 1.16
C THR I 518 -95.38 -3.39 1.36
N GLU I 519 -95.08 -4.60 1.82
CA GLU I 519 -93.67 -4.97 2.07
C GLU I 519 -92.91 -5.00 0.74
N GLU I 520 -93.58 -5.47 -0.31
CA GLU I 520 -92.86 -5.61 -1.59
C GLU I 520 -93.10 -4.40 -2.47
N TRP I 521 -93.92 -3.46 -2.01
CA TRP I 521 -94.29 -2.37 -2.95
C TRP I 521 -94.54 -0.98 -2.38
N CYS I 522 -94.14 0.05 -3.11
CA CYS I 522 -94.51 1.45 -2.78
C CYS I 522 -95.18 2.00 -4.04
N GLY I 523 -96.37 2.57 -3.97
CA GLY I 523 -97.07 2.99 -5.16
C GLY I 523 -96.93 4.45 -5.51
N TYR I 524 -96.40 5.25 -4.60
CA TYR I 524 -96.31 6.70 -4.75
C TYR I 524 -94.92 7.07 -5.24
N ASN I 525 -94.85 7.86 -6.31
CA ASN I 525 -93.58 8.16 -6.95
C ASN I 525 -93.47 9.64 -7.30
N VAL I 526 -92.32 10.22 -7.04
CA VAL I 526 -92.03 11.60 -7.54
C VAL I 526 -90.94 11.46 -8.60
N LEU I 527 -91.15 12.03 -9.79
CA LEU I 527 -90.16 11.99 -10.90
C LEU I 527 -89.35 13.29 -10.99
N GLN I 528 -88.02 13.23 -10.86
CA GLN I 528 -87.17 14.43 -11.03
C GLN I 528 -86.57 14.44 -12.43
N ARG I 529 -86.77 15.51 -13.19
CA ARG I 529 -86.16 15.66 -14.50
C ARG I 529 -84.74 16.20 -14.45
N ALA I 530 -84.27 16.61 -13.28
CA ALA I 530 -82.94 17.19 -13.12
C ALA I 530 -82.10 16.31 -12.21
N ALA I 531 -80.79 16.32 -12.46
CA ALA I 531 -79.87 15.42 -11.76
C ALA I 531 -79.57 15.86 -10.33
N SER I 532 -79.80 17.13 -10.00
CA SER I 532 -79.35 17.67 -8.72
C SER I 532 -80.44 17.68 -7.66
N ARG I 533 -81.72 17.62 -8.05
CA ARG I 533 -82.81 17.89 -7.11
C ARG I 533 -82.84 16.88 -5.98
N ALA I 534 -82.83 15.58 -6.30
CA ALA I 534 -82.89 14.56 -5.26
C ALA I 534 -81.65 14.59 -4.37
N GLY I 535 -80.49 14.94 -4.93
CA GLY I 535 -79.31 15.11 -4.10
C GLY I 535 -79.43 16.29 -3.15
N ALA I 536 -80.00 17.40 -3.64
CA ALA I 536 -80.25 18.55 -2.78
C ALA I 536 -81.24 18.22 -1.67
N PHE I 537 -82.29 17.46 -2.00
CA PHE I 537 -83.27 17.05 -1.00
C PHE I 537 -82.62 16.18 0.06
N GLU I 538 -81.69 15.33 -0.35
CA GLU I 538 -81.07 14.36 0.56
C GLU I 538 -80.25 15.06 1.63
N VAL I 539 -79.66 16.22 1.32
CA VAL I 539 -78.86 16.96 2.28
C VAL I 539 -79.60 18.16 2.86
N GLY I 540 -80.91 18.25 2.64
CA GLY I 540 -81.69 19.36 3.15
C GLY I 540 -81.34 20.71 2.55
N PHE I 541 -81.00 20.74 1.26
CA PHE I 541 -80.63 21.98 0.57
C PHE I 541 -81.90 22.66 0.06
N VAL I 542 -82.72 23.10 1.00
CA VAL I 542 -84.00 23.73 0.69
C VAL I 542 -84.24 24.83 1.71
N VAL I 543 -85.07 25.80 1.32
CA VAL I 543 -85.45 26.88 2.22
C VAL I 543 -86.50 26.34 3.20
N PRO I 544 -86.23 26.39 4.51
CA PRO I 544 -87.11 25.69 5.45
C PRO I 544 -88.46 26.36 5.66
N SER I 545 -88.50 27.68 5.78
CA SER I 545 -89.68 28.37 6.24
C SER I 545 -89.94 29.61 5.40
N PRO I 546 -91.20 30.07 5.33
CA PRO I 546 -91.49 31.31 4.60
C PRO I 546 -90.79 32.51 5.17
N GLU I 547 -90.38 32.48 6.45
CA GLU I 547 -89.61 33.59 7.01
C GLU I 547 -88.29 33.76 6.27
N VAL I 548 -87.59 32.65 6.02
CA VAL I 548 -86.37 32.71 5.22
C VAL I 548 -86.70 33.12 3.79
N ALA I 549 -87.84 32.66 3.27
CA ALA I 549 -88.23 33.03 1.92
C ALA I 549 -88.57 34.51 1.80
N ALA I 550 -89.02 35.14 2.89
CA ALA I 550 -89.44 36.54 2.82
C ALA I 550 -88.26 37.49 2.76
N THR I 551 -87.14 37.12 3.38
CA THR I 551 -86.00 38.03 3.47
C THR I 551 -85.43 38.33 2.09
N LYS I 552 -85.20 39.62 1.82
CA LYS I 552 -84.68 40.04 0.52
C LYS I 552 -83.16 40.00 0.55
N PRO I 553 -82.53 39.17 -0.27
CA PRO I 553 -81.08 38.95 -0.13
C PRO I 553 -80.24 40.11 -0.64
N LYS I 554 -79.09 40.28 -0.01
CA LYS I 554 -78.09 41.25 -0.44
C LYS I 554 -76.93 40.60 -1.18
N PHE I 555 -76.56 39.39 -0.78
CA PHE I 555 -75.55 38.61 -1.46
C PHE I 555 -76.20 37.33 -1.98
N VAL I 556 -76.01 37.05 -3.27
CA VAL I 556 -76.65 35.89 -3.91
C VAL I 556 -75.58 35.10 -4.64
N TRP I 557 -75.47 33.82 -4.30
CA TRP I 557 -74.50 32.91 -4.90
C TRP I 557 -75.22 31.97 -5.86
N LEU I 558 -74.96 32.15 -7.15
CA LEU I 558 -75.53 31.29 -8.20
C LEU I 558 -74.61 30.10 -8.38
N LEU I 559 -74.94 28.99 -7.72
CA LEU I 559 -74.16 27.76 -7.82
C LEU I 559 -74.60 27.01 -9.06
N GLY I 560 -74.03 27.41 -10.20
CA GLY I 560 -74.37 26.80 -11.48
C GLY I 560 -75.83 26.96 -11.86
N ALA I 561 -76.44 28.06 -11.48
CA ALA I 561 -77.85 28.30 -11.71
C ALA I 561 -78.03 29.16 -12.96
N ASP I 562 -78.84 28.69 -13.89
CA ASP I 562 -79.12 29.44 -15.10
C ASP I 562 -80.58 29.42 -15.53
N GLU I 563 -81.44 28.71 -14.80
CA GLU I 563 -82.87 28.70 -15.06
C GLU I 563 -83.65 29.37 -13.93
N PHE I 564 -82.97 30.19 -13.13
CA PHE I 564 -83.62 30.87 -12.02
C PHE I 564 -84.65 31.86 -12.53
N ASP I 565 -85.68 32.08 -11.71
CA ASP I 565 -86.70 33.06 -12.06
C ASP I 565 -86.11 34.46 -11.95
N PRO I 566 -86.44 35.37 -12.88
CA PRO I 566 -85.92 36.74 -12.76
C PRO I 566 -86.69 37.55 -11.73
N ALA I 567 -87.00 36.93 -10.60
CA ALA I 567 -87.50 37.62 -9.42
C ALA I 567 -86.84 37.16 -8.13
N ASP I 568 -86.26 35.96 -8.09
CA ASP I 568 -85.52 35.47 -6.94
C ASP I 568 -84.11 36.05 -6.87
N VAL I 569 -83.70 36.83 -7.86
CA VAL I 569 -82.40 37.48 -7.87
C VAL I 569 -82.62 38.99 -7.90
N PRO I 570 -82.65 39.66 -6.75
CA PRO I 570 -82.88 41.11 -6.74
C PRO I 570 -81.78 41.85 -7.47
N LYS I 571 -82.18 42.93 -8.16
CA LYS I 571 -81.25 43.65 -9.03
C LYS I 571 -80.13 44.32 -8.24
N ASP I 572 -80.40 44.72 -6.99
CA ASP I 572 -79.44 45.48 -6.19
C ASP I 572 -78.64 44.58 -5.25
N ALA I 573 -78.36 43.35 -5.68
CA ALA I 573 -77.62 42.40 -4.87
C ALA I 573 -76.33 42.02 -5.57
N PHE I 574 -75.30 41.76 -4.77
CA PHE I 574 -74.01 41.31 -5.31
C PHE I 574 -74.15 39.86 -5.77
N ILE I 575 -74.08 39.64 -7.07
CA ILE I 575 -74.27 38.31 -7.64
C ILE I 575 -72.92 37.67 -7.88
N VAL I 576 -72.76 36.43 -7.42
CA VAL I 576 -71.59 35.62 -7.72
C VAL I 576 -72.04 34.38 -8.47
N TYR I 577 -71.46 34.15 -9.64
CA TYR I 577 -71.75 32.95 -10.43
C TYR I 577 -70.55 32.02 -10.42
N GLN I 578 -70.78 30.78 -10.03
CA GLN I 578 -69.81 29.71 -10.15
C GLN I 578 -70.40 28.65 -11.07
N GLY I 579 -69.67 28.30 -12.11
CA GLY I 579 -70.17 27.36 -13.10
C GLY I 579 -69.15 27.13 -14.19
N HIS I 580 -69.51 26.25 -15.11
CA HIS I 580 -68.61 25.87 -16.20
C HIS I 580 -68.96 26.49 -17.54
N HIS I 581 -70.14 27.10 -17.62
CA HIS I 581 -70.59 27.60 -18.93
C HIS I 581 -71.06 29.05 -18.86
N GLY I 582 -70.58 29.87 -19.79
CA GLY I 582 -71.08 31.23 -19.89
C GLY I 582 -72.47 31.27 -20.48
N ASP I 583 -73.45 31.61 -19.64
CA ASP I 583 -74.85 31.53 -20.02
C ASP I 583 -75.60 32.62 -19.25
N ARG I 584 -76.91 32.52 -19.17
CA ARG I 584 -77.76 33.52 -18.49
C ARG I 584 -77.20 33.89 -17.12
N GLY I 585 -76.89 32.87 -16.30
CA GLY I 585 -76.42 33.17 -14.95
C GLY I 585 -75.14 34.00 -14.92
N ALA I 586 -74.17 33.63 -15.77
CA ALA I 586 -72.88 34.31 -15.74
C ALA I 586 -72.99 35.77 -16.16
N GLU I 587 -73.89 36.09 -17.09
CA GLU I 587 -73.88 37.42 -17.69
C GLU I 587 -74.41 38.49 -16.74
N ILE I 588 -75.25 38.13 -15.78
CA ILE I 588 -75.84 39.12 -14.86
C ILE I 588 -75.08 39.18 -13.54
N ALA I 589 -73.94 38.50 -13.47
CA ALA I 589 -73.21 38.38 -12.21
C ALA I 589 -72.14 39.48 -12.08
N ASP I 590 -71.73 39.69 -10.83
CA ASP I 590 -70.64 40.62 -10.54
C ASP I 590 -69.28 39.93 -10.54
N ILE I 591 -69.23 38.66 -10.15
CA ILE I 591 -67.99 37.88 -10.16
C ILE I 591 -68.31 36.51 -10.75
N VAL I 592 -67.54 36.09 -11.75
CA VAL I 592 -67.72 34.80 -12.38
C VAL I 592 -66.54 33.91 -11.99
N LEU I 593 -66.84 32.77 -11.39
CA LEU I 593 -65.82 31.81 -10.97
C LEU I 593 -65.91 30.57 -11.84
N PRO I 594 -64.85 30.19 -12.56
CA PRO I 594 -64.93 29.03 -13.46
C PRO I 594 -64.86 27.73 -12.68
N GLY I 595 -65.88 26.89 -12.87
CA GLY I 595 -65.95 25.60 -12.20
C GLY I 595 -65.68 24.43 -13.14
N ALA I 596 -66.26 23.28 -12.84
CA ALA I 596 -65.98 22.05 -13.57
C ALA I 596 -67.27 21.41 -14.08
N ALA I 597 -67.21 20.87 -15.28
CA ALA I 597 -68.32 20.10 -15.83
C ALA I 597 -68.25 18.66 -15.35
N TYR I 598 -69.33 17.91 -15.61
CA TYR I 598 -69.44 16.56 -15.07
C TYR I 598 -68.40 15.60 -15.64
N THR I 599 -67.86 15.89 -16.83
CA THR I 599 -66.82 15.04 -17.38
C THR I 599 -65.44 15.37 -16.84
N GLU I 600 -65.32 16.39 -15.99
CA GLU I 600 -64.04 16.83 -15.46
C GLU I 600 -63.94 16.67 -13.95
N LYS I 601 -64.84 15.90 -13.37
CA LYS I 601 -64.85 15.74 -11.90
C LYS I 601 -65.44 14.42 -11.45
N ALA I 602 -65.02 13.98 -10.28
CA ALA I 602 -65.73 12.89 -9.62
C ALA I 602 -66.76 13.52 -8.70
N GLY I 603 -68.01 13.46 -9.06
CA GLY I 603 -69.06 14.11 -8.27
C GLY I 603 -70.11 13.11 -7.89
N THR I 604 -70.84 13.40 -6.83
CA THR I 604 -71.82 12.42 -6.31
C THR I 604 -73.17 12.92 -6.79
N TYR I 605 -73.95 12.03 -7.41
CA TYR I 605 -75.30 12.42 -7.86
C TYR I 605 -76.35 11.43 -7.37
N VAL I 606 -77.53 11.93 -7.03
CA VAL I 606 -78.64 11.09 -6.60
C VAL I 606 -79.73 11.22 -7.65
N ASN I 607 -80.14 10.09 -8.21
CA ASN I 607 -81.15 10.11 -9.26
C ASN I 607 -82.55 10.10 -8.65
N THR I 608 -83.56 10.03 -9.52
CA THR I 608 -84.94 10.20 -9.10
C THR I 608 -85.40 9.12 -8.12
N GLU I 609 -84.72 8.02 -8.02
CA GLU I 609 -85.17 6.85 -7.22
C GLU I 609 -84.32 6.75 -5.95
N GLY I 610 -83.36 7.68 -5.81
CA GLY I 610 -82.50 7.65 -4.65
C GLY I 610 -81.21 6.88 -4.81
N ARG I 611 -80.88 6.43 -6.01
CA ARG I 611 -79.62 5.72 -6.23
C ARG I 611 -78.46 6.72 -6.23
N VAL I 612 -77.49 6.48 -5.37
CA VAL I 612 -76.33 7.35 -5.24
C VAL I 612 -75.25 6.88 -6.19
N GLN I 613 -74.85 7.75 -7.10
CA GLN I 613 -73.89 7.39 -8.15
C GLN I 613 -72.80 8.45 -8.20
N MET I 614 -71.63 8.04 -8.70
CA MET I 614 -70.47 8.93 -8.75
C MET I 614 -69.91 8.96 -10.16
N THR I 615 -69.70 10.16 -10.69
CA THR I 615 -69.05 10.32 -11.97
C THR I 615 -67.55 10.05 -11.84
N ARG I 616 -66.92 9.79 -12.98
CA ARG I 616 -65.48 9.69 -13.07
C ARG I 616 -64.99 10.71 -14.09
N ALA I 617 -63.97 11.46 -13.72
CA ALA I 617 -63.42 12.46 -14.62
C ALA I 617 -62.76 11.79 -15.81
N ALA I 618 -63.08 12.28 -17.01
CA ALA I 618 -62.45 11.81 -18.23
C ALA I 618 -61.30 12.73 -18.65
N THR I 619 -61.49 14.04 -18.50
CA THR I 619 -60.47 15.02 -18.83
C THR I 619 -60.22 15.91 -17.62
N GLY I 620 -59.11 16.63 -17.66
CA GLY I 620 -58.80 17.57 -16.62
C GLY I 620 -59.55 18.88 -16.75
N LEU I 621 -59.33 19.75 -15.77
CA LEU I 621 -59.96 21.07 -15.77
C LEU I 621 -59.37 21.93 -16.88
N PRO I 622 -60.19 22.67 -17.63
CA PRO I 622 -59.67 23.59 -18.63
C PRO I 622 -59.27 24.93 -18.04
N GLY I 623 -58.24 25.53 -18.64
CA GLY I 623 -57.81 26.86 -18.23
C GLY I 623 -57.46 26.94 -16.76
N ALA I 624 -58.04 27.93 -16.08
CA ALA I 624 -57.82 28.15 -14.66
C ALA I 624 -59.01 27.71 -13.82
N ALA I 625 -59.88 26.86 -14.36
CA ALA I 625 -61.03 26.37 -13.62
C ALA I 625 -60.59 25.56 -12.40
N ARG I 626 -61.53 25.36 -11.48
CA ARG I 626 -61.26 24.62 -10.25
C ARG I 626 -62.39 23.63 -9.98
N THR I 627 -62.13 22.69 -9.08
CA THR I 627 -63.19 21.81 -8.61
C THR I 627 -64.21 22.63 -7.82
N ASP I 628 -65.49 22.43 -8.12
CA ASP I 628 -66.59 23.25 -7.55
C ASP I 628 -66.59 23.30 -6.02
N TRP I 629 -66.35 22.18 -5.34
CA TRP I 629 -66.40 22.25 -3.88
C TRP I 629 -65.18 22.95 -3.31
N LYS I 630 -64.06 22.94 -4.04
CA LYS I 630 -62.84 23.60 -3.57
C LYS I 630 -62.95 25.12 -3.70
N ILE I 631 -63.73 25.62 -4.65
CA ILE I 631 -63.99 27.05 -4.73
C ILE I 631 -64.73 27.52 -3.48
N ILE I 632 -65.73 26.75 -3.06
CA ILE I 632 -66.48 27.09 -1.86
C ILE I 632 -65.60 27.01 -0.62
N ARG I 633 -64.75 25.98 -0.56
CA ARG I 633 -63.84 25.85 0.56
C ARG I 633 -62.80 26.97 0.58
N ALA I 634 -62.38 27.44 -0.60
CA ALA I 634 -61.41 28.52 -0.67
C ALA I 634 -62.01 29.86 -0.31
N VAL I 635 -63.28 30.07 -0.64
CA VAL I 635 -63.98 31.35 -0.35
C VAL I 635 -64.23 31.43 1.16
N SER I 636 -64.36 30.27 1.80
CA SER I 636 -64.63 30.25 3.24
C SER I 636 -63.46 30.80 4.04
N GLU I 637 -62.23 30.52 3.62
CA GLU I 637 -61.07 31.14 4.28
C GLU I 637 -61.08 32.65 4.08
N PHE I 638 -61.50 33.11 2.90
CA PHE I 638 -61.53 34.53 2.63
C PHE I 638 -62.69 35.22 3.33
N LEU I 639 -63.77 34.49 3.60
CA LEU I 639 -64.91 35.03 4.34
C LEU I 639 -64.73 34.93 5.84
N GLY I 640 -63.63 34.34 6.31
CA GLY I 640 -63.40 34.20 7.73
C GLY I 640 -64.12 33.04 8.40
N VAL I 641 -64.67 32.11 7.63
CA VAL I 641 -65.31 30.92 8.19
C VAL I 641 -64.75 29.68 7.51
N PRO I 642 -63.45 29.37 7.66
CA PRO I 642 -62.87 28.25 6.91
C PRO I 642 -63.58 26.94 7.19
N LEU I 643 -64.03 26.31 6.13
CA LEU I 643 -64.68 24.99 6.29
C LEU I 643 -63.65 24.00 6.83
N PRO I 644 -64.03 23.04 7.70
CA PRO I 644 -63.08 22.11 8.32
C PRO I 644 -62.34 21.20 7.35
N TYR I 645 -63.02 20.85 6.25
CA TYR I 645 -62.47 19.84 5.31
C TYR I 645 -61.52 20.40 4.25
N ASP I 646 -60.38 19.76 4.08
CA ASP I 646 -59.48 20.16 3.02
C ASP I 646 -59.41 19.17 1.87
N ASP I 647 -59.56 17.87 2.14
CA ASP I 647 -59.61 16.85 1.11
C ASP I 647 -61.05 16.43 0.86
N VAL I 648 -61.27 15.84 -0.32
CA VAL I 648 -62.62 15.40 -0.68
C VAL I 648 -63.05 14.19 0.14
N ALA I 649 -62.11 13.44 0.69
CA ALA I 649 -62.47 12.35 1.60
C ALA I 649 -63.08 12.88 2.90
N GLN I 650 -62.60 14.03 3.38
CA GLN I 650 -63.18 14.63 4.58
C GLN I 650 -64.57 15.18 4.32
N LEU I 651 -64.77 15.81 3.16
CA LEU I 651 -66.11 16.22 2.76
C LEU I 651 -67.04 15.01 2.63
N ARG I 652 -66.52 13.90 2.11
CA ARG I 652 -67.34 12.71 1.93
C ARG I 652 -67.64 12.01 3.26
N ASP I 653 -66.82 12.24 4.29
CA ASP I 653 -67.21 11.81 5.62
C ASP I 653 -68.31 12.68 6.19
N ARG I 654 -68.23 13.99 5.96
CA ARG I 654 -69.27 14.92 6.36
C ARG I 654 -70.61 14.57 5.71
N MET I 655 -70.57 14.01 4.50
CA MET I 655 -71.81 13.63 3.81
C MET I 655 -72.53 12.51 4.54
N ALA I 656 -71.77 11.52 5.04
CA ALA I 656 -72.40 10.44 5.78
C ALA I 656 -73.07 10.94 7.04
N GLU I 657 -72.53 11.98 7.66
CA GLU I 657 -73.17 12.55 8.84
C GLU I 657 -74.50 13.22 8.50
N ILE I 658 -74.60 13.84 7.33
CA ILE I 658 -75.87 14.44 6.91
C ILE I 658 -76.84 13.35 6.47
N SER I 659 -76.37 12.42 5.65
CA SER I 659 -77.20 11.32 5.17
C SER I 659 -76.31 10.12 4.88
N PRO I 660 -76.41 9.05 5.68
CA PRO I 660 -75.49 7.92 5.51
C PRO I 660 -75.65 7.17 4.21
N ALA I 661 -76.80 7.28 3.53
CA ALA I 661 -76.95 6.61 2.24
C ALA I 661 -76.06 7.21 1.16
N LEU I 662 -75.55 8.42 1.38
CA LEU I 662 -74.62 9.02 0.43
C LEU I 662 -73.28 8.29 0.38
N ALA I 663 -72.99 7.42 1.34
CA ALA I 663 -71.78 6.61 1.31
C ALA I 663 -71.97 5.28 0.58
N ALA I 664 -73.19 4.90 0.25
CA ALA I 664 -73.48 3.64 -0.42
C ALA I 664 -73.73 3.91 -1.89
N TYR I 665 -72.69 3.72 -2.70
CA TYR I 665 -72.80 3.99 -4.14
C TYR I 665 -73.43 2.81 -4.86
N ASP I 666 -74.28 3.12 -5.84
CA ASP I 666 -74.84 2.17 -6.79
C ASP I 666 -75.86 1.23 -6.15
N VAL I 667 -76.44 1.66 -5.02
CA VAL I 667 -77.57 0.97 -4.41
C VAL I 667 -78.60 2.02 -4.01
N VAL I 668 -79.81 1.55 -3.76
CA VAL I 668 -80.90 2.40 -3.27
C VAL I 668 -81.27 1.92 -1.88
N GLU I 669 -80.98 2.75 -0.88
CA GLU I 669 -81.31 2.38 0.49
C GLU I 669 -82.82 2.49 0.71
N PRO I 670 -83.48 1.44 1.18
CA PRO I 670 -84.93 1.51 1.37
C PRO I 670 -85.32 2.48 2.47
N VAL I 671 -86.51 3.02 2.30
CA VAL I 671 -87.03 3.95 3.35
C VAL I 671 -87.79 3.10 4.35
N ALA I 672 -87.43 3.18 5.64
CA ALA I 672 -88.02 2.37 6.69
C ALA I 672 -89.40 2.87 7.08
N LEU I 673 -89.52 4.16 7.38
CA LEU I 673 -90.78 4.74 7.84
C LEU I 673 -91.49 5.43 6.68
N ARG I 674 -92.09 4.62 5.84
CA ARG I 674 -92.79 5.16 4.64
C ARG I 674 -94.05 5.86 5.10
N HIS I 675 -94.75 5.29 6.08
CA HIS I 675 -96.01 5.86 6.55
C HIS I 675 -95.83 7.29 7.07
N LEU I 676 -94.63 7.64 7.51
CA LEU I 676 -94.41 9.00 8.01
C LEU I 676 -94.41 10.04 6.90
N SER I 677 -94.63 9.64 5.65
CA SER I 677 -94.85 10.60 4.58
C SER I 677 -96.30 11.08 4.54
N LYS I 678 -96.82 11.45 5.70
CA LYS I 678 -98.13 12.03 5.85
C LYS I 678 -98.09 13.29 6.69
N VAL I 679 -97.09 13.43 7.55
CA VAL I 679 -96.93 14.63 8.34
C VAL I 679 -96.71 15.83 7.44
N GLN I 680 -95.83 15.69 6.44
CA GLN I 680 -95.51 16.80 5.56
C GLN I 680 -96.31 16.82 4.27
N LEU I 681 -96.85 15.68 3.84
CA LEU I 681 -97.62 15.64 2.62
C LEU I 681 -99.11 15.82 2.82
N VAL I 682 -99.62 15.60 4.05
CA VAL I 682 -101.04 15.78 4.30
C VAL I 682 -101.25 16.74 5.48
N ASP I 683 -100.62 16.46 6.62
CA ASP I 683 -100.86 17.25 7.82
C ASP I 683 -100.44 18.69 7.63
N GLN I 684 -99.22 18.92 7.14
CA GLN I 684 -98.77 20.28 6.84
C GLN I 684 -99.38 20.83 5.56
N ASN I 685 -99.92 19.98 4.71
CA ASN I 685 -100.50 20.41 3.45
C ASN I 685 -102.02 20.37 3.46
N LYS I 686 -102.64 20.16 4.63
CA LYS I 686 -104.09 20.02 4.70
C LYS I 686 -104.79 21.33 4.32
N GLY I 687 -104.39 22.43 4.94
CA GLY I 687 -104.97 23.72 4.62
C GLY I 687 -104.13 24.51 3.65
N ALA I 688 -104.53 24.49 2.37
CA ALA I 688 -103.79 25.19 1.33
C ALA I 688 -104.78 25.78 0.33
N LYS I 689 -104.52 27.02 -0.07
CA LYS I 689 -105.38 27.68 -1.05
C LYS I 689 -105.29 26.97 -2.40
N VAL I 690 -106.42 26.91 -3.09
CA VAL I 690 -106.52 26.24 -4.39
C VAL I 690 -106.93 27.27 -5.43
N THR I 691 -106.16 27.35 -6.51
CA THR I 691 -106.46 28.27 -7.60
C THR I 691 -107.12 27.59 -8.80
N GLY I 692 -106.85 26.30 -9.01
CA GLY I 692 -107.41 25.59 -10.13
C GLY I 692 -106.70 25.81 -11.45
N GLU I 693 -105.53 26.45 -11.43
CA GLU I 693 -104.81 26.72 -12.66
C GLU I 693 -104.37 25.40 -13.30
N PRO I 694 -104.35 25.34 -14.63
CA PRO I 694 -103.91 24.13 -15.31
C PRO I 694 -102.46 23.78 -14.94
N LEU I 695 -102.18 22.48 -14.95
CA LEU I 695 -100.79 22.05 -14.95
C LEU I 695 -100.10 22.54 -16.22
N LYS I 696 -98.78 22.53 -16.20
CA LYS I 696 -98.01 23.23 -17.22
C LYS I 696 -97.05 22.28 -17.92
N LYS I 697 -96.32 22.82 -18.89
CA LYS I 697 -95.29 22.10 -19.63
C LYS I 697 -93.95 22.66 -19.21
N VAL I 698 -93.18 21.86 -18.46
CA VAL I 698 -91.89 22.34 -17.95
C VAL I 698 -90.77 22.22 -18.95
N VAL I 699 -91.02 21.62 -20.11
CA VAL I 699 -90.01 21.50 -21.16
C VAL I 699 -90.64 22.07 -22.43
N GLU I 700 -90.38 23.35 -22.70
CA GLU I 700 -90.87 23.97 -23.92
C GLU I 700 -90.22 23.33 -25.14
N ASN I 701 -88.91 23.17 -25.05
CA ASN I 701 -88.13 22.52 -26.12
C ASN I 701 -87.17 21.52 -25.50
N PHE I 702 -87.23 20.27 -25.94
CA PHE I 702 -86.41 19.18 -25.35
C PHE I 702 -84.93 19.46 -25.54
N TYR I 703 -84.58 20.10 -26.67
CA TYR I 703 -83.15 20.26 -27.01
C TYR I 703 -82.45 21.29 -26.13
N PHE I 704 -83.19 22.25 -25.60
CA PHE I 704 -82.58 23.31 -24.81
C PHE I 704 -83.11 23.22 -23.39
N THR I 705 -82.37 22.52 -22.53
CA THR I 705 -82.78 22.27 -21.16
C THR I 705 -81.78 22.76 -20.13
N ASP I 706 -80.49 22.58 -20.39
CA ASP I 706 -79.44 23.04 -19.50
C ASP I 706 -78.40 23.84 -20.28
N VAL I 707 -77.36 24.28 -19.57
CA VAL I 707 -76.33 25.11 -20.19
C VAL I 707 -75.54 24.33 -21.22
N ILE I 708 -75.31 23.03 -20.98
CA ILE I 708 -74.48 22.24 -21.87
C ILE I 708 -75.20 22.02 -23.21
N SER I 709 -76.49 21.71 -23.16
CA SER I 709 -77.25 21.48 -24.38
C SER I 709 -77.60 22.77 -25.11
N ARG I 710 -77.71 23.89 -24.40
CA ARG I 710 -77.95 25.16 -25.06
C ARG I 710 -76.73 25.66 -25.82
N SER I 711 -75.53 25.25 -25.41
CA SER I 711 -74.31 25.58 -26.13
C SER I 711 -73.91 24.51 -27.14
N SER I 712 -74.70 23.45 -27.28
CA SER I 712 -74.33 22.36 -28.17
C SER I 712 -74.68 22.71 -29.61
N PRO I 713 -73.72 22.76 -30.52
CA PRO I 713 -74.06 22.97 -31.94
C PRO I 713 -74.94 21.87 -32.51
N THR I 714 -74.83 20.65 -32.00
CA THR I 714 -75.67 19.56 -32.49
C THR I 714 -77.12 19.74 -32.06
N MET I 715 -77.35 20.16 -30.81
CA MET I 715 -78.71 20.42 -30.36
C MET I 715 -79.33 21.58 -31.13
N ALA I 716 -78.51 22.53 -31.59
CA ALA I 716 -79.02 23.60 -32.42
C ALA I 716 -79.55 23.07 -33.75
N ARG I 717 -78.84 22.12 -34.35
CA ARG I 717 -79.31 21.51 -35.59
C ARG I 717 -80.61 20.75 -35.37
N CYS I 718 -80.70 19.99 -34.28
CA CYS I 718 -81.91 19.25 -33.97
C CYS I 718 -83.09 20.21 -33.78
N SER I 719 -82.87 21.32 -33.08
CA SER I 719 -83.93 22.31 -32.90
C SER I 719 -84.31 22.95 -34.23
N ALA I 720 -83.31 23.28 -35.05
CA ALA I 720 -83.59 23.88 -36.36
C ALA I 720 -84.33 22.91 -37.27
N ALA I 721 -83.91 21.64 -37.29
CA ALA I 721 -84.51 20.66 -38.20
C ALA I 721 -85.93 20.30 -37.80
N LYS I 722 -86.21 20.22 -36.50
CA LYS I 722 -87.59 19.99 -36.06
C LYS I 722 -88.48 21.15 -36.49
N GLU I 723 -87.99 22.38 -36.37
CA GLU I 723 -88.79 23.55 -36.73
C GLU I 723 -89.07 23.60 -38.23
N THR I 724 -88.04 23.39 -39.06
CA THR I 724 -88.16 23.55 -40.49
C THR I 724 -88.39 22.25 -41.24
N GLY I 725 -88.48 21.13 -40.54
CA GLY I 725 -88.81 19.87 -41.18
C GLY I 725 -87.75 19.31 -42.11
N ASP I 726 -86.54 19.83 -42.06
CA ASP I 726 -85.49 19.40 -42.98
C ASP I 726 -84.99 18.01 -42.60
N PRO I 727 -85.06 17.03 -43.50
CA PRO I 727 -84.52 15.69 -43.20
C PRO I 727 -83.09 15.45 -43.67
N ARG I 728 -82.47 16.40 -44.35
CA ARG I 728 -81.15 16.16 -44.95
C ARG I 728 -80.08 16.02 -43.89
N THR I 729 -79.12 15.12 -44.15
CA THR I 729 -78.03 14.88 -43.21
C THR I 729 -77.17 16.11 -43.03
N ASN I 730 -76.82 16.79 -44.13
CA ASN I 730 -75.91 17.92 -44.11
C ASN I 730 -76.64 19.25 -43.92
N PHE I 731 -77.77 19.24 -43.21
CA PHE I 731 -78.67 20.39 -43.16
C PHE I 731 -77.97 21.67 -42.69
N MET I 732 -77.27 21.61 -41.56
CA MET I 732 -76.37 22.68 -41.13
C MET I 732 -74.99 22.13 -40.81
N ALA I 733 -74.48 21.32 -41.71
CA ALA I 733 -73.23 20.61 -41.49
C ALA I 733 -72.41 20.62 -42.78
N PRO I 734 -71.14 20.21 -42.74
CA PRO I 734 -70.37 20.12 -43.98
C PRO I 734 -70.96 19.09 -44.92
N GLY I 735 -70.71 19.30 -46.21
CA GLY I 735 -71.16 18.40 -47.25
C GLY I 735 -71.77 19.13 -48.43
N MET I 736 -71.82 18.45 -49.57
CA MET I 736 -72.51 18.96 -50.74
C MET I 736 -74.02 18.86 -50.58
N GLU I 737 -74.72 19.84 -51.07
CA GLU I 737 -76.20 19.85 -51.09
C GLU I 737 -76.55 20.41 -52.46
N GLU I 738 -77.74 20.17 -52.99
CA GLU I 738 -78.05 20.62 -54.37
C GLU I 738 -77.94 22.15 -54.47
N ASP I 739 -78.44 22.86 -53.46
CA ASP I 739 -78.40 24.34 -53.44
C ASP I 739 -77.14 24.79 -52.68
N ARG I 740 -76.24 23.86 -52.38
CA ARG I 740 -74.96 24.20 -51.75
C ARG I 740 -73.86 23.40 -52.42
N PRO I 741 -73.54 23.72 -53.68
CA PRO I 741 -72.57 22.92 -54.43
C PRO I 741 -71.13 23.09 -53.97
N MET I 742 -70.80 24.21 -53.35
CA MET I 742 -69.45 24.43 -52.85
C MET I 742 -69.24 23.87 -51.45
N GLY I 743 -70.28 23.33 -50.83
CA GLY I 743 -70.15 22.83 -49.48
C GLY I 743 -70.03 23.97 -48.48
N GLN I 744 -69.58 23.60 -47.28
CA GLN I 744 -69.44 24.56 -46.19
C GLN I 744 -68.65 23.89 -45.08
N ILE I 745 -67.87 24.69 -44.35
CA ILE I 745 -67.07 24.14 -43.27
C ILE I 745 -67.83 24.11 -41.95
N ALA I 746 -68.82 24.97 -41.79
CA ALA I 746 -69.48 25.14 -40.50
C ALA I 746 -70.27 23.89 -40.11
N TYR I 747 -70.19 23.56 -38.82
CA TYR I 747 -71.14 22.64 -38.19
C TYR I 747 -71.98 23.45 -37.21
N GLY I 748 -73.29 23.23 -37.24
CA GLY I 748 -74.20 23.92 -36.37
C GLY I 748 -74.71 25.25 -36.88
N ALA I 749 -74.29 25.65 -38.08
CA ALA I 749 -74.76 26.91 -38.66
C ALA I 749 -75.05 26.74 -40.15
N VAL J 52 -94.99 -56.27 -60.92
CA VAL J 52 -95.97 -57.20 -61.48
C VAL J 52 -97.09 -56.47 -62.20
N ARG J 53 -97.46 -55.30 -61.69
CA ARG J 53 -98.53 -54.50 -62.25
C ARG J 53 -97.98 -53.14 -62.65
N THR J 54 -98.43 -52.65 -63.81
CA THR J 54 -98.00 -51.36 -64.34
C THR J 54 -99.00 -50.30 -63.96
N TYR J 55 -98.51 -49.20 -63.37
CA TYR J 55 -99.37 -48.10 -62.96
C TYR J 55 -99.48 -47.09 -64.10
N GLY J 56 -100.68 -46.53 -64.27
CA GLY J 56 -100.91 -45.56 -65.32
C GLY J 56 -102.15 -45.84 -66.14
N GLY J 57 -102.63 -44.82 -66.85
CA GLY J 57 -103.78 -44.97 -67.72
C GLY J 57 -105.09 -45.29 -67.03
N LEU J 58 -105.39 -44.57 -65.95
CA LEU J 58 -106.68 -44.77 -65.28
C LEU J 58 -107.81 -44.25 -66.16
N LYS J 59 -108.96 -44.93 -66.04
CA LYS J 59 -110.11 -44.63 -66.92
C LYS J 59 -110.87 -43.39 -66.46
N ASP J 60 -111.70 -42.87 -67.36
CA ASP J 60 -112.47 -41.66 -67.06
C ASP J 60 -113.39 -41.86 -65.87
N GLN J 61 -114.01 -43.04 -65.76
CA GLN J 61 -114.88 -43.34 -64.64
C GLN J 61 -114.15 -43.31 -63.31
N ASP J 62 -112.81 -43.40 -63.35
CA ASP J 62 -112.01 -43.42 -62.09
C ASP J 62 -111.22 -42.12 -61.93
N ARG J 63 -111.52 -41.10 -62.73
CA ARG J 63 -110.91 -39.79 -62.55
C ARG J 63 -111.56 -39.08 -61.37
N ILE J 64 -111.13 -37.85 -61.13
CA ILE J 64 -111.70 -37.02 -60.07
C ILE J 64 -112.17 -35.70 -60.66
N PHE J 65 -111.26 -35.00 -61.36
CA PHE J 65 -111.56 -33.68 -61.91
C PHE J 65 -112.18 -33.85 -63.30
N GLN J 66 -113.44 -34.25 -63.31
CA GLN J 66 -114.17 -34.55 -64.53
C GLN J 66 -114.48 -33.32 -65.36
N ASN J 67 -114.06 -32.14 -64.89
CA ASN J 67 -114.29 -30.90 -65.62
C ASN J 67 -112.98 -30.25 -66.05
N LEU J 68 -111.91 -31.02 -66.17
CA LEU J 68 -110.60 -30.47 -66.50
C LEU J 68 -110.64 -29.67 -67.80
N TYR J 69 -111.42 -30.13 -68.78
CA TYR J 69 -111.41 -29.55 -70.11
C TYR J 69 -112.62 -28.68 -70.40
N GLY J 70 -113.30 -28.20 -69.35
CA GLY J 70 -114.33 -27.20 -69.50
C GLY J 70 -115.54 -27.62 -70.32
N ARG J 71 -116.07 -28.81 -70.05
CA ARG J 71 -117.28 -29.25 -70.74
C ARG J 71 -118.56 -28.68 -70.13
N TYR J 72 -118.49 -28.13 -68.92
CA TYR J 72 -119.65 -27.62 -68.21
C TYR J 72 -119.37 -26.24 -67.65
N PRO J 73 -120.41 -25.42 -67.49
CA PRO J 73 -120.23 -24.15 -66.78
C PRO J 73 -119.91 -24.40 -65.31
N PRO J 74 -119.25 -23.45 -64.65
CA PRO J 74 -118.84 -23.68 -63.24
C PRO J 74 -119.99 -23.55 -62.25
N ASP J 75 -121.23 -23.52 -62.74
CA ASP J 75 -122.37 -23.35 -61.87
C ASP J 75 -122.58 -24.57 -60.98
N LEU J 76 -123.40 -24.41 -59.95
CA LEU J 76 -123.67 -25.50 -59.01
C LEU J 76 -124.58 -26.54 -59.62
N LYS J 77 -125.41 -26.15 -60.58
CA LYS J 77 -126.30 -27.11 -61.27
C LYS J 77 -125.45 -28.26 -61.78
N HIS J 78 -124.40 -27.95 -62.54
CA HIS J 78 -123.52 -28.98 -63.08
C HIS J 78 -122.64 -29.60 -62.00
N ALA J 79 -122.28 -28.82 -60.98
CA ALA J 79 -121.49 -29.35 -59.88
C ALA J 79 -122.25 -30.43 -59.12
N LYS J 80 -123.55 -30.21 -58.87
CA LYS J 80 -124.36 -31.23 -58.22
C LYS J 80 -124.53 -32.45 -59.11
N LYS J 81 -124.51 -32.26 -60.43
CA LYS J 81 -124.61 -33.38 -61.36
C LYS J 81 -123.41 -34.31 -61.26
N MET J 82 -122.28 -33.80 -60.77
CA MET J 82 -121.02 -34.53 -60.79
C MET J 82 -120.68 -35.16 -59.45
N GLY J 83 -121.63 -35.21 -58.52
CA GLY J 83 -121.40 -35.78 -57.21
C GLY J 83 -120.95 -34.79 -56.15
N ASP J 84 -120.51 -33.60 -56.56
CA ASP J 84 -120.16 -32.57 -55.58
C ASP J 84 -121.39 -32.17 -54.79
N TRP J 85 -121.19 -31.96 -53.47
CA TRP J 85 -122.26 -31.54 -52.57
C TRP J 85 -123.40 -32.55 -52.50
N TYR J 86 -123.07 -33.84 -52.64
CA TYR J 86 -124.11 -34.86 -52.63
C TYR J 86 -124.49 -35.26 -51.20
N LYS J 87 -123.53 -35.81 -50.45
CA LYS J 87 -123.77 -36.28 -49.09
C LYS J 87 -122.98 -35.45 -48.07
N THR J 88 -122.81 -34.16 -48.33
CA THR J 88 -121.99 -33.32 -47.47
C THR J 88 -122.51 -33.29 -46.04
N LYS J 89 -123.83 -33.40 -45.85
CA LYS J 89 -124.37 -33.38 -44.50
C LYS J 89 -123.90 -34.60 -43.71
N GLU J 90 -124.06 -35.80 -44.28
CA GLU J 90 -123.73 -37.02 -43.55
C GLU J 90 -122.25 -37.06 -43.19
N ILE J 91 -121.38 -36.65 -44.12
CA ILE J 91 -119.95 -36.62 -43.84
C ILE J 91 -119.65 -35.68 -42.68
N LEU J 92 -120.36 -34.56 -42.60
CA LEU J 92 -120.18 -33.65 -41.47
C LEU J 92 -120.61 -34.28 -40.16
N LEU J 93 -121.75 -34.97 -40.15
CA LEU J 93 -122.21 -35.60 -38.92
C LEU J 93 -121.27 -36.70 -38.45
N LYS J 94 -120.54 -37.32 -39.37
CA LYS J 94 -119.53 -38.28 -38.96
C LYS J 94 -118.42 -37.57 -38.18
N GLY J 95 -117.83 -38.30 -37.24
CA GLY J 95 -116.82 -37.70 -36.38
C GLY J 95 -115.61 -37.22 -37.18
N HIS J 96 -114.99 -36.15 -36.69
CA HIS J 96 -113.81 -35.62 -37.35
C HIS J 96 -112.66 -36.62 -37.35
N ASP J 97 -112.69 -37.60 -36.45
CA ASP J 97 -111.73 -38.70 -36.53
C ASP J 97 -111.97 -39.55 -37.77
N TRP J 98 -113.24 -39.73 -38.14
CA TRP J 98 -113.56 -40.53 -39.33
C TRP J 98 -113.01 -39.91 -40.59
N ILE J 99 -113.11 -38.58 -40.72
CA ILE J 99 -112.57 -37.92 -41.91
C ILE J 99 -111.05 -38.01 -41.94
N ILE J 100 -110.41 -37.83 -40.79
CA ILE J 100 -108.95 -37.94 -40.72
C ILE J 100 -108.51 -39.36 -41.06
N GLY J 101 -109.22 -40.36 -40.54
CA GLY J 101 -108.89 -41.74 -40.89
C GLY J 101 -109.03 -42.00 -42.38
N GLU J 102 -110.09 -41.47 -42.99
CA GLU J 102 -110.29 -41.67 -44.43
C GLU J 102 -109.18 -41.03 -45.25
N ILE J 103 -108.74 -39.83 -44.86
CA ILE J 103 -107.63 -39.19 -45.56
C ILE J 103 -106.33 -39.91 -45.25
N LYS J 104 -106.17 -40.43 -44.02
CA LYS J 104 -105.01 -41.26 -43.72
C LYS J 104 -105.01 -42.53 -44.54
N ALA J 105 -106.18 -43.18 -44.68
CA ALA J 105 -106.25 -44.46 -45.36
C ALA J 105 -105.94 -44.33 -46.84
N SER J 106 -106.39 -43.25 -47.46
CA SER J 106 -106.16 -43.04 -48.88
C SER J 106 -104.69 -42.90 -49.23
N GLY J 107 -103.83 -42.64 -48.25
CA GLY J 107 -102.44 -42.39 -48.55
C GLY J 107 -102.18 -41.03 -49.17
N LEU J 108 -103.16 -40.14 -49.14
CA LEU J 108 -103.04 -38.83 -49.77
C LEU J 108 -101.87 -38.07 -49.20
N ARG J 109 -101.02 -37.54 -50.07
CA ARG J 109 -99.90 -36.70 -49.68
C ARG J 109 -100.14 -35.29 -50.22
N GLY J 110 -99.53 -34.31 -49.55
CA GLY J 110 -99.66 -32.93 -49.96
C GLY J 110 -99.25 -32.70 -51.39
N ARG J 111 -100.11 -32.03 -52.16
CA ARG J 111 -99.92 -31.84 -53.58
C ARG J 111 -99.28 -30.51 -53.94
N GLY J 112 -98.92 -29.70 -52.95
CA GLY J 112 -98.28 -28.43 -53.18
C GLY J 112 -96.79 -28.49 -53.42
N GLY J 113 -96.18 -29.67 -53.32
CA GLY J 113 -94.77 -29.81 -53.60
C GLY J 113 -93.99 -30.65 -52.59
N ALA J 114 -94.41 -30.63 -51.32
CA ALA J 114 -93.64 -31.29 -50.27
C ALA J 114 -93.96 -32.77 -50.12
N GLY J 115 -95.18 -33.19 -50.45
CA GLY J 115 -95.53 -34.59 -50.35
C GLY J 115 -95.74 -35.10 -48.94
N PHE J 116 -95.97 -34.21 -47.98
CA PHE J 116 -96.25 -34.64 -46.61
C PHE J 116 -97.62 -35.31 -46.56
N PRO J 117 -97.74 -36.49 -45.94
CA PRO J 117 -99.05 -37.18 -45.91
C PRO J 117 -100.12 -36.32 -45.24
N SER J 118 -101.21 -36.10 -45.97
CA SER J 118 -102.21 -35.11 -45.57
C SER J 118 -102.89 -35.49 -44.26
N GLY J 119 -103.23 -36.78 -44.10
CA GLY J 119 -103.97 -37.19 -42.93
C GLY J 119 -103.22 -36.92 -41.63
N LEU J 120 -101.92 -37.21 -41.62
CA LEU J 120 -101.11 -36.83 -40.46
C LEU J 120 -101.07 -35.32 -40.29
N LYS J 121 -100.87 -34.59 -41.40
CA LYS J 121 -100.73 -33.14 -41.33
C LYS J 121 -101.95 -32.49 -40.70
N TRP J 122 -103.15 -32.86 -41.17
CA TRP J 122 -104.38 -32.28 -40.65
C TRP J 122 -104.66 -32.73 -39.22
N SER J 123 -104.05 -33.82 -38.76
CA SER J 123 -104.21 -34.29 -37.40
C SER J 123 -103.43 -33.48 -36.39
N PHE J 124 -102.36 -32.78 -36.82
CA PHE J 124 -101.63 -31.90 -35.90
C PHE J 124 -102.54 -30.85 -35.29
N MET J 125 -103.59 -30.44 -36.01
CA MET J 125 -104.43 -29.35 -35.54
C MET J 125 -105.33 -29.80 -34.39
N ASN J 126 -105.64 -31.08 -34.30
CA ASN J 126 -106.50 -31.60 -33.24
C ASN J 126 -105.66 -32.05 -32.03
N PHE J 127 -104.89 -31.11 -31.52
CA PHE J 127 -104.05 -31.37 -30.35
C PHE J 127 -104.94 -31.58 -29.11
N LYS J 128 -104.11 -32.01 -28.01
CA LYS J 128 -104.71 -32.37 -26.70
C LYS J 128 -106.04 -31.68 -26.39
N ASP J 129 -106.13 -30.45 -26.34
CA ASP J 129 -107.23 -29.66 -25.77
C ASP J 129 -107.63 -28.55 -26.72
N TRP J 130 -107.87 -28.89 -27.99
CA TRP J 130 -108.29 -27.89 -28.95
C TRP J 130 -109.64 -27.27 -28.61
N ASP J 131 -110.46 -27.96 -27.82
CA ASP J 131 -111.81 -27.50 -27.50
C ASP J 131 -111.85 -26.60 -26.28
N LYS J 132 -110.74 -26.44 -25.57
CA LYS J 132 -110.71 -25.64 -24.34
C LYS J 132 -110.12 -24.25 -24.59
N ASP J 133 -110.38 -23.68 -25.76
CA ASP J 133 -109.89 -22.34 -26.08
C ASP J 133 -110.93 -21.62 -26.94
N ASN J 134 -110.85 -20.29 -26.92
CA ASN J 134 -111.80 -19.45 -27.64
C ASN J 134 -111.21 -18.87 -28.92
N LYS J 135 -109.95 -19.15 -29.22
CA LYS J 135 -109.36 -18.65 -30.45
C LYS J 135 -110.05 -19.28 -31.66
N PRO J 136 -110.26 -18.53 -32.73
CA PRO J 136 -110.73 -19.15 -33.97
C PRO J 136 -109.69 -20.11 -34.52
N ARG J 137 -110.11 -20.88 -35.51
CA ARG J 137 -109.26 -21.89 -36.12
C ARG J 137 -109.40 -21.80 -37.62
N TYR J 138 -108.27 -21.81 -38.31
CA TYR J 138 -108.22 -21.37 -39.70
C TYR J 138 -107.72 -22.47 -40.62
N LEU J 139 -108.43 -22.66 -41.72
CA LEU J 139 -107.94 -23.41 -42.86
C LEU J 139 -107.49 -22.41 -43.91
N VAL J 140 -106.25 -22.56 -44.38
CA VAL J 140 -105.68 -21.66 -45.38
C VAL J 140 -105.39 -22.49 -46.61
N VAL J 141 -106.22 -22.35 -47.64
CA VAL J 141 -105.94 -22.99 -48.91
C VAL J 141 -104.86 -22.20 -49.65
N ASN J 142 -103.79 -22.90 -50.01
CA ASN J 142 -102.72 -22.31 -50.81
C ASN J 142 -103.14 -22.39 -52.27
N ALA J 143 -103.70 -21.29 -52.78
CA ALA J 143 -103.99 -21.15 -54.20
C ALA J 143 -102.98 -20.24 -54.89
N ASP J 144 -101.87 -19.95 -54.21
CA ASP J 144 -100.72 -19.38 -54.89
C ASP J 144 -100.15 -20.40 -55.85
N GLU J 145 -99.62 -19.95 -56.97
CA GLU J 145 -99.08 -20.91 -57.96
C GLU J 145 -98.03 -20.16 -58.76
N GLY J 146 -96.82 -20.07 -58.21
CA GLY J 146 -95.75 -19.31 -58.80
C GLY J 146 -94.64 -20.19 -59.27
N GLU J 147 -94.75 -21.48 -58.98
CA GLU J 147 -93.75 -22.43 -59.40
C GLU J 147 -93.78 -22.54 -60.92
N PRO J 148 -92.68 -22.26 -61.61
CA PRO J 148 -92.67 -22.38 -63.07
C PRO J 148 -93.04 -23.79 -63.51
N GLY J 149 -93.94 -23.89 -64.49
CA GLY J 149 -94.35 -25.18 -65.05
C GLY J 149 -95.74 -25.63 -64.63
N THR J 150 -96.15 -25.40 -63.38
CA THR J 150 -97.42 -25.93 -62.91
C THR J 150 -98.58 -25.03 -63.31
N CYS J 151 -99.68 -25.66 -63.72
CA CYS J 151 -100.88 -24.95 -64.11
C CYS J 151 -102.13 -25.59 -63.53
N LYS J 152 -102.00 -26.67 -62.75
CA LYS J 152 -103.15 -27.43 -62.30
C LYS J 152 -104.05 -26.62 -61.38
N ASP J 153 -103.46 -25.79 -60.52
CA ASP J 153 -104.23 -25.09 -59.50
C ASP J 153 -105.21 -24.11 -60.12
N ARG J 154 -104.82 -23.44 -61.18
CA ARG J 154 -105.73 -22.49 -61.87
C ARG J 154 -106.92 -23.26 -62.45
N GLU J 155 -106.69 -24.49 -62.95
CA GLU J 155 -107.78 -25.24 -63.56
C GLU J 155 -108.86 -25.59 -62.54
N ILE J 156 -108.45 -26.04 -61.35
CA ILE J 156 -109.42 -26.39 -60.32
C ILE J 156 -110.29 -25.18 -59.97
N MET J 157 -109.66 -24.02 -59.83
CA MET J 157 -110.38 -22.83 -59.40
C MET J 157 -111.34 -22.32 -60.46
N ARG J 158 -111.05 -22.54 -61.74
CA ARG J 158 -111.92 -22.02 -62.79
C ARG J 158 -112.80 -23.07 -63.43
N LYS J 159 -112.41 -24.35 -63.40
CA LYS J 159 -113.21 -25.39 -64.03
C LYS J 159 -114.30 -25.91 -63.09
N ASP J 160 -113.92 -26.33 -61.90
CA ASP J 160 -114.86 -26.86 -60.90
C ASP J 160 -114.58 -26.17 -59.56
N PRO J 161 -115.01 -24.91 -59.42
CA PRO J 161 -114.78 -24.23 -58.13
C PRO J 161 -115.38 -24.95 -56.94
N HIS J 162 -116.53 -25.60 -57.12
CA HIS J 162 -117.25 -26.20 -56.00
C HIS J 162 -116.55 -27.42 -55.43
N LYS J 163 -115.52 -27.95 -56.09
CA LYS J 163 -114.70 -28.97 -55.44
C LYS J 163 -113.80 -28.34 -54.38
N LEU J 164 -113.25 -27.16 -54.66
CA LEU J 164 -112.44 -26.47 -53.68
C LEU J 164 -113.29 -25.96 -52.52
N VAL J 165 -114.49 -25.46 -52.83
CA VAL J 165 -115.37 -24.96 -51.77
C VAL J 165 -115.86 -26.10 -50.90
N GLU J 166 -116.22 -27.23 -51.52
CA GLU J 166 -116.66 -28.39 -50.74
C GLU J 166 -115.49 -29.10 -50.09
N GLY J 167 -114.26 -28.82 -50.53
CA GLY J 167 -113.10 -29.36 -49.85
C GLY J 167 -112.78 -28.61 -48.57
N CYS J 168 -112.76 -27.28 -48.64
CA CYS J 168 -112.54 -26.47 -47.44
C CYS J 168 -113.51 -26.84 -46.35
N LEU J 169 -114.78 -27.02 -46.72
CA LEU J 169 -115.77 -27.50 -45.76
C LEU J 169 -115.38 -28.86 -45.19
N VAL J 170 -115.07 -29.83 -46.05
CA VAL J 170 -114.73 -31.16 -45.57
C VAL J 170 -113.41 -31.14 -44.82
N ALA J 171 -112.38 -30.52 -45.40
CA ALA J 171 -111.08 -30.44 -44.73
C ALA J 171 -111.15 -29.61 -43.47
N GLY J 172 -112.04 -28.60 -43.43
CA GLY J 172 -112.18 -27.81 -42.23
C GLY J 172 -112.73 -28.60 -41.06
N ARG J 173 -113.70 -29.49 -41.31
CA ARG J 173 -114.30 -30.25 -40.20
C ARG J 173 -113.31 -31.31 -39.70
N ALA J 174 -112.42 -31.79 -40.57
CA ALA J 174 -111.43 -32.75 -40.11
C ALA J 174 -110.49 -32.13 -39.07
N MET J 175 -110.20 -30.84 -39.19
CA MET J 175 -109.32 -30.15 -38.25
C MET J 175 -110.04 -29.07 -37.47
N ASN J 176 -111.37 -29.09 -37.44
CA ASN J 176 -112.17 -28.27 -36.55
C ASN J 176 -111.88 -26.78 -36.72
N ALA J 177 -111.99 -26.31 -37.96
CA ALA J 177 -111.73 -24.91 -38.28
C ALA J 177 -113.04 -24.13 -38.35
N THR J 178 -112.98 -22.87 -37.95
CA THR J 178 -114.13 -21.99 -38.01
C THR J 178 -114.25 -21.23 -39.33
N ALA J 179 -113.14 -21.05 -40.03
CA ALA J 179 -113.15 -20.29 -41.28
C ALA J 179 -112.05 -20.81 -42.20
N ALA J 180 -112.35 -20.83 -43.49
CA ALA J 180 -111.37 -21.17 -44.51
C ALA J 180 -110.99 -19.91 -45.27
N TYR J 181 -109.68 -19.68 -45.42
CA TYR J 181 -109.17 -18.58 -46.21
C TYR J 181 -108.47 -19.15 -47.44
N ILE J 182 -108.88 -18.72 -48.61
CA ILE J 182 -108.26 -19.13 -49.86
C ILE J 182 -107.40 -17.98 -50.36
N TYR J 183 -106.10 -18.22 -50.45
CA TYR J 183 -105.14 -17.21 -50.88
C TYR J 183 -104.83 -17.45 -52.36
N ILE J 184 -105.46 -16.66 -53.22
CA ILE J 184 -105.33 -16.80 -54.67
C ILE J 184 -104.29 -15.79 -55.14
N ARG J 185 -103.35 -16.25 -55.97
CA ARG J 185 -102.36 -15.33 -56.52
C ARG J 185 -103.07 -14.23 -57.31
N GLY J 186 -102.54 -13.00 -57.19
CA GLY J 186 -103.26 -11.83 -57.65
C GLY J 186 -103.37 -11.71 -59.16
N GLU J 187 -102.51 -12.40 -59.90
CA GLU J 187 -102.63 -12.41 -61.35
C GLU J 187 -103.72 -13.35 -61.84
N PHE J 188 -104.22 -14.23 -60.97
CA PHE J 188 -105.34 -15.09 -61.30
C PHE J 188 -106.65 -14.36 -61.07
N TYR J 189 -106.80 -13.18 -61.65
CA TYR J 189 -107.99 -12.33 -61.37
C TYR J 189 -109.29 -12.97 -61.83
N GLN J 190 -109.27 -13.63 -62.99
CA GLN J 190 -110.50 -14.25 -63.47
C GLN J 190 -110.89 -15.45 -62.62
N GLU J 191 -109.92 -16.31 -62.31
CA GLU J 191 -110.23 -17.50 -61.52
C GLU J 191 -110.76 -17.13 -60.14
N ALA J 192 -110.24 -16.05 -59.55
CA ALA J 192 -110.77 -15.57 -58.27
C ALA J 192 -112.22 -15.16 -58.39
N ALA J 193 -112.59 -14.54 -59.52
CA ALA J 193 -113.98 -14.17 -59.74
C ALA J 193 -114.88 -15.40 -59.81
N ILE J 194 -114.45 -16.43 -60.55
CA ILE J 194 -115.28 -17.63 -60.68
C ILE J 194 -115.36 -18.37 -59.34
N LEU J 195 -114.26 -18.41 -58.60
CA LEU J 195 -114.29 -19.06 -57.30
C LEU J 195 -115.24 -18.36 -56.34
N GLN J 196 -115.22 -17.02 -56.35
CA GLN J 196 -116.09 -16.29 -55.43
C GLN J 196 -117.55 -16.38 -55.83
N ASN J 197 -117.83 -16.46 -57.13
CA ASN J 197 -119.21 -16.69 -57.57
C ASN J 197 -119.75 -18.00 -57.02
N ALA J 198 -118.94 -19.06 -57.07
CA ALA J 198 -119.34 -20.32 -56.46
C ALA J 198 -119.51 -20.18 -54.95
N ILE J 199 -118.62 -19.40 -54.31
CA ILE J 199 -118.72 -19.21 -52.88
C ILE J 199 -120.02 -18.50 -52.51
N ASN J 200 -120.39 -17.48 -53.28
CA ASN J 200 -121.66 -16.80 -53.05
C ASN J 200 -122.83 -17.76 -53.22
N GLU J 201 -122.79 -18.58 -54.28
CA GLU J 201 -123.86 -19.53 -54.51
C GLU J 201 -123.89 -20.63 -53.44
N ALA J 202 -122.71 -21.03 -52.95
CA ALA J 202 -122.67 -21.96 -51.82
C ALA J 202 -123.19 -21.29 -50.55
N TYR J 203 -122.90 -20.00 -50.37
CA TYR J 203 -123.45 -19.26 -49.25
C TYR J 203 -124.96 -19.15 -49.34
N ALA J 204 -125.50 -19.04 -50.56
CA ALA J 204 -126.92 -18.80 -50.73
C ALA J 204 -127.77 -20.06 -50.46
N GLU J 205 -127.19 -21.24 -50.63
CA GLU J 205 -127.92 -22.49 -50.49
C GLU J 205 -127.88 -23.04 -49.07
N GLY J 206 -127.29 -22.31 -48.13
CA GLY J 206 -127.05 -22.87 -46.82
C GLY J 206 -125.99 -23.95 -46.80
N LEU J 207 -125.31 -24.15 -47.94
CA LEU J 207 -124.32 -25.21 -48.06
C LEU J 207 -123.12 -24.94 -47.15
N ILE J 208 -122.67 -23.69 -47.12
CA ILE J 208 -121.67 -23.23 -46.17
C ILE J 208 -122.24 -22.02 -45.43
N GLY J 209 -121.62 -21.69 -44.31
CA GLY J 209 -122.06 -20.59 -43.47
C GLY J 209 -122.39 -21.05 -42.07
N LYS J 210 -123.52 -20.56 -41.55
CA LYS J 210 -123.89 -20.84 -40.16
C LYS J 210 -124.24 -22.31 -39.94
N ASN J 211 -124.99 -22.91 -40.87
CA ASN J 211 -125.42 -24.30 -40.75
C ASN J 211 -125.02 -24.99 -42.05
N ALA J 212 -123.80 -25.51 -42.10
CA ALA J 212 -123.27 -26.12 -43.31
C ALA J 212 -124.07 -27.38 -43.62
N CYS J 213 -124.90 -27.31 -44.67
CA CYS J 213 -125.71 -28.44 -45.12
C CYS J 213 -126.62 -28.97 -44.01
N GLY J 214 -127.00 -28.11 -43.08
CA GLY J 214 -127.88 -28.51 -42.01
C GLY J 214 -127.25 -29.40 -40.96
N SER J 215 -125.92 -29.39 -40.84
CA SER J 215 -125.22 -30.26 -39.91
C SER J 215 -124.88 -29.58 -38.59
N GLY J 216 -125.23 -28.30 -38.43
CA GLY J 216 -124.87 -27.61 -37.21
C GLY J 216 -123.42 -27.20 -37.11
N TYR J 217 -122.73 -27.06 -38.25
CA TYR J 217 -121.32 -26.69 -38.27
C TYR J 217 -121.17 -25.30 -38.86
N ASP J 218 -120.78 -24.34 -38.03
CA ASP J 218 -120.45 -23.01 -38.52
C ASP J 218 -119.15 -23.06 -39.31
N PHE J 219 -119.16 -22.51 -40.52
CA PHE J 219 -117.94 -22.43 -41.32
C PHE J 219 -118.05 -21.31 -42.32
N ASP J 220 -117.02 -20.47 -42.40
CA ASP J 220 -116.94 -19.41 -43.38
C ASP J 220 -115.79 -19.67 -44.35
N VAL J 221 -116.01 -19.30 -45.61
CA VAL J 221 -115.01 -19.43 -46.66
C VAL J 221 -114.81 -18.05 -47.28
N TYR J 222 -113.57 -17.57 -47.27
CA TYR J 222 -113.24 -16.24 -47.77
C TYR J 222 -112.16 -16.34 -48.84
N ILE J 223 -112.08 -15.30 -49.66
CA ILE J 223 -111.05 -15.18 -50.70
C ILE J 223 -110.12 -14.04 -50.33
N HIS J 224 -108.82 -14.29 -50.38
CA HIS J 224 -107.80 -13.25 -50.25
C HIS J 224 -106.87 -13.34 -51.45
N ARG J 225 -106.73 -12.24 -52.18
CA ARG J 225 -105.89 -12.22 -53.36
C ARG J 225 -104.47 -11.77 -53.02
N GLY J 226 -103.48 -12.43 -53.61
CA GLY J 226 -102.11 -12.00 -53.53
C GLY J 226 -101.82 -10.81 -54.43
N ALA J 227 -100.56 -10.39 -54.43
CA ALA J 227 -100.18 -9.25 -55.25
C ALA J 227 -98.83 -9.43 -55.93
N GLY J 228 -98.55 -10.62 -56.45
CA GLY J 228 -97.33 -10.80 -57.21
C GLY J 228 -96.09 -11.17 -56.43
N ALA J 229 -96.11 -12.29 -55.72
CA ALA J 229 -94.91 -12.79 -55.05
C ALA J 229 -94.96 -14.31 -55.04
N TYR J 230 -93.94 -14.93 -55.64
CA TYR J 230 -93.84 -16.39 -55.62
C TYR J 230 -93.59 -16.93 -54.21
N VAL J 231 -92.92 -16.17 -53.34
CA VAL J 231 -92.60 -16.62 -51.94
C VAL J 231 -93.90 -16.79 -51.15
N CYS J 232 -94.96 -16.12 -51.53
CA CYS J 232 -96.19 -16.19 -50.76
C CYS J 232 -96.91 -17.53 -50.89
N GLY J 233 -96.40 -18.43 -51.72
CA GLY J 233 -96.87 -19.80 -51.72
C GLY J 233 -96.26 -20.60 -50.59
N GLU J 234 -95.12 -20.13 -50.07
CA GLU J 234 -94.60 -20.75 -48.80
C GLU J 234 -95.64 -20.66 -47.70
N GLU J 235 -95.66 -21.61 -46.79
CA GLU J 235 -96.74 -21.71 -45.76
C GLU J 235 -96.76 -20.54 -44.76
N THR J 236 -95.64 -20.19 -44.15
CA THR J 236 -95.51 -19.06 -43.19
C THR J 236 -95.59 -17.71 -43.92
N SER J 237 -95.04 -17.64 -45.13
CA SER J 237 -95.08 -16.39 -45.94
C SER J 237 -96.53 -16.16 -46.29
N LEU J 238 -97.23 -17.23 -46.63
CA LEU J 238 -98.65 -17.03 -46.88
C LEU J 238 -99.35 -16.49 -45.64
N ILE J 239 -99.05 -17.06 -44.48
CA ILE J 239 -99.71 -16.64 -43.25
C ILE J 239 -99.42 -15.17 -42.96
N GLU J 240 -98.16 -14.76 -43.07
CA GLU J 240 -97.80 -13.38 -42.82
C GLU J 240 -98.38 -12.44 -43.87
N SER J 241 -98.49 -12.89 -45.11
CA SER J 241 -99.12 -12.08 -46.16
C SER J 241 -100.59 -11.87 -45.85
N LEU J 242 -101.28 -12.89 -45.35
CA LEU J 242 -102.67 -12.80 -44.94
C LEU J 242 -102.91 -11.79 -43.83
N GLU J 243 -101.93 -11.55 -42.96
CA GLU J 243 -102.11 -10.64 -41.84
C GLU J 243 -101.84 -9.19 -42.19
N GLY J 244 -101.42 -8.89 -43.41
CA GLY J 244 -101.13 -7.54 -43.81
C GLY J 244 -99.66 -7.15 -43.72
N LYS J 245 -98.75 -8.04 -44.04
CA LYS J 245 -97.32 -7.81 -43.99
C LYS J 245 -96.69 -8.29 -45.28
N PRO J 246 -95.47 -7.85 -45.58
CA PRO J 246 -94.72 -8.46 -46.68
C PRO J 246 -94.55 -9.95 -46.42
N GLY J 247 -94.65 -10.74 -47.50
CA GLY J 247 -94.66 -12.18 -47.38
C GLY J 247 -93.32 -12.79 -47.02
N LYS J 248 -92.74 -12.38 -45.89
CA LYS J 248 -91.51 -12.97 -45.40
C LYS J 248 -91.84 -14.15 -44.49
N PRO J 249 -91.46 -15.39 -44.85
CA PRO J 249 -91.67 -16.56 -44.01
C PRO J 249 -91.29 -16.45 -42.52
N ARG J 250 -92.03 -17.13 -41.66
CA ARG J 250 -91.66 -17.20 -40.23
C ARG J 250 -90.73 -18.38 -39.99
N LEU J 251 -89.95 -18.35 -38.93
CA LEU J 251 -89.16 -19.55 -38.54
C LEU J 251 -90.08 -20.53 -37.85
N LYS J 252 -89.76 -21.81 -37.88
CA LYS J 252 -90.53 -22.82 -37.12
C LYS J 252 -89.51 -23.60 -36.33
N PRO J 253 -89.48 -23.62 -34.98
CA PRO J 253 -90.53 -24.07 -34.07
C PRO J 253 -91.93 -23.49 -33.95
N PRO J 254 -92.22 -22.16 -33.98
CA PRO J 254 -93.61 -21.76 -33.85
C PRO J 254 -94.18 -22.54 -35.05
N PHE J 255 -95.08 -23.47 -34.81
CA PHE J 255 -95.63 -24.34 -35.89
C PHE J 255 -97.05 -23.86 -36.13
N PRO J 256 -97.50 -23.56 -37.37
CA PRO J 256 -98.83 -22.98 -37.54
C PRO J 256 -99.96 -23.74 -36.81
N ALA J 257 -99.91 -25.06 -36.72
CA ALA J 257 -100.90 -25.84 -35.95
C ALA J 257 -101.07 -25.26 -34.55
N ALA J 258 -99.98 -24.82 -33.93
CA ALA J 258 -100.10 -24.12 -32.65
C ALA J 258 -100.36 -22.63 -32.88
N VAL J 259 -99.41 -21.94 -33.49
CA VAL J 259 -99.48 -20.49 -33.69
C VAL J 259 -99.34 -20.23 -35.19
N GLY J 260 -100.43 -19.74 -35.80
CA GLY J 260 -100.47 -19.52 -37.23
C GLY J 260 -101.04 -18.18 -37.60
N LEU J 261 -102.10 -18.20 -38.41
CA LEU J 261 -102.78 -16.97 -38.82
C LEU J 261 -103.36 -16.26 -37.60
N PHE J 262 -103.00 -14.97 -37.47
CA PHE J 262 -103.43 -14.12 -36.36
C PHE J 262 -103.02 -14.68 -35.01
N GLY J 263 -102.04 -15.58 -34.97
CA GLY J 263 -101.63 -16.23 -33.75
C GLY J 263 -102.44 -17.43 -33.36
N CYS J 264 -103.33 -17.90 -34.22
CA CYS J 264 -104.28 -18.96 -33.94
C CYS J 264 -103.86 -20.26 -34.61
N PRO J 265 -104.45 -21.40 -34.21
CA PRO J 265 -104.16 -22.67 -34.88
C PRO J 265 -104.61 -22.61 -36.34
N SER J 266 -103.68 -22.92 -37.25
CA SER J 266 -103.95 -22.82 -38.67
C SER J 266 -103.23 -23.93 -39.41
N THR J 267 -103.88 -24.45 -40.46
CA THR J 267 -103.28 -25.42 -41.37
C THR J 267 -103.32 -24.85 -42.78
N VAL J 268 -102.22 -25.01 -43.50
CA VAL J 268 -102.10 -24.54 -44.88
C VAL J 268 -102.07 -25.75 -45.80
N ALA J 269 -103.01 -25.81 -46.73
CA ALA J 269 -103.14 -26.96 -47.62
C ALA J 269 -103.27 -26.50 -49.07
N ASN J 270 -102.61 -27.24 -49.96
CA ASN J 270 -102.65 -26.94 -51.38
C ASN J 270 -104.06 -27.14 -51.92
N VAL J 271 -104.36 -26.43 -53.03
CA VAL J 271 -105.70 -26.49 -53.62
C VAL J 271 -106.08 -27.94 -53.93
N GLU J 272 -105.19 -28.67 -54.60
CA GLU J 272 -105.56 -30.02 -55.06
C GLU J 272 -105.81 -30.96 -53.89
N THR J 273 -104.96 -30.91 -52.86
CA THR J 273 -105.11 -31.84 -51.74
C THR J 273 -106.38 -31.55 -50.93
N VAL J 274 -106.98 -30.37 -51.10
CA VAL J 274 -108.24 -30.05 -50.46
C VAL J 274 -109.42 -30.47 -51.33
N SER J 275 -109.31 -30.22 -52.64
CA SER J 275 -110.40 -30.45 -53.58
C SER J 275 -110.75 -31.94 -53.74
N VAL J 276 -109.91 -32.84 -53.26
CA VAL J 276 -110.19 -34.26 -53.38
C VAL J 276 -110.72 -34.88 -52.10
N ALA J 277 -110.53 -34.23 -50.95
CA ALA J 277 -110.99 -34.78 -49.68
C ALA J 277 -112.47 -35.16 -49.66
N PRO J 278 -113.39 -34.35 -50.20
CA PRO J 278 -114.80 -34.79 -50.19
C PRO J 278 -115.06 -36.01 -51.06
N THR J 279 -114.54 -36.02 -52.30
CA THR J 279 -114.70 -37.20 -53.14
C THR J 279 -113.85 -38.38 -52.64
N ILE J 280 -112.83 -38.11 -51.82
CA ILE J 280 -112.15 -39.19 -51.10
C ILE J 280 -113.14 -39.88 -50.17
N CYS J 281 -113.85 -39.08 -49.38
CA CYS J 281 -114.78 -39.66 -48.38
C CYS J 281 -115.96 -40.29 -49.10
N ARG J 282 -116.53 -39.60 -50.09
CA ARG J 282 -117.68 -40.13 -50.86
C ARG J 282 -117.29 -41.42 -51.57
N ARG J 283 -116.06 -41.58 -52.09
CA ARG J 283 -115.70 -42.88 -52.71
C ARG J 283 -114.93 -43.82 -51.76
N GLY J 284 -114.10 -43.30 -50.85
CA GLY J 284 -113.38 -44.15 -49.87
C GLY J 284 -111.86 -44.01 -49.92
N GLY J 285 -111.18 -44.14 -48.78
CA GLY J 285 -109.73 -44.11 -48.79
C GLY J 285 -109.14 -45.33 -49.49
N ALA J 286 -109.78 -46.49 -49.33
CA ALA J 286 -109.29 -47.69 -50.00
C ALA J 286 -109.32 -47.53 -51.51
N TRP J 287 -110.37 -46.90 -52.04
CA TRP J 287 -110.46 -46.68 -53.48
C TRP J 287 -109.31 -45.81 -53.97
N PHE J 288 -108.92 -44.81 -53.17
CA PHE J 288 -107.80 -43.95 -53.53
C PHE J 288 -106.48 -44.68 -53.32
N ALA J 289 -106.39 -45.51 -52.29
CA ALA J 289 -105.18 -46.27 -52.03
C ALA J 289 -105.18 -47.55 -52.87
N SER J 290 -105.40 -47.38 -54.17
CA SER J 290 -105.30 -48.47 -55.14
C SER J 290 -104.58 -48.05 -56.40
N PHE J 291 -104.35 -46.76 -56.59
CA PHE J 291 -103.59 -46.23 -57.72
C PHE J 291 -102.21 -45.79 -57.24
N GLY J 292 -101.19 -46.18 -57.98
CA GLY J 292 -99.83 -45.84 -57.60
C GLY J 292 -99.26 -46.79 -56.56
N ARG J 293 -97.95 -46.68 -56.37
CA ARG J 293 -97.22 -47.60 -55.50
C ARG J 293 -97.61 -47.40 -54.03
N GLU J 294 -96.99 -48.20 -53.17
CA GLU J 294 -97.49 -48.39 -51.81
C GLU J 294 -97.60 -47.08 -51.03
N ARG J 295 -96.57 -46.24 -51.09
CA ARG J 295 -96.58 -44.97 -50.38
C ARG J 295 -96.85 -43.78 -51.30
N ASN J 296 -97.24 -44.04 -52.55
CA ASN J 296 -97.56 -43.00 -53.52
C ASN J 296 -98.91 -43.36 -54.12
N HIS J 297 -99.98 -42.93 -53.47
CA HIS J 297 -101.32 -43.38 -53.82
C HIS J 297 -102.11 -42.30 -54.55
N GLY J 298 -103.13 -42.74 -55.26
CA GLY J 298 -104.12 -41.85 -55.83
C GLY J 298 -103.79 -41.36 -57.22
N THR J 299 -104.53 -40.33 -57.61
CA THR J 299 -104.36 -39.68 -58.91
C THR J 299 -103.60 -38.37 -58.75
N LYS J 300 -102.98 -37.94 -59.84
CA LYS J 300 -102.19 -36.73 -59.86
C LYS J 300 -102.54 -35.89 -61.09
N LEU J 301 -102.66 -34.59 -60.89
CA LEU J 301 -102.79 -33.65 -61.99
C LEU J 301 -101.40 -33.33 -62.53
N PHE J 302 -101.14 -33.72 -63.76
CA PHE J 302 -99.86 -33.48 -64.42
C PHE J 302 -100.01 -32.35 -65.42
N CYS J 303 -99.17 -31.33 -65.30
CA CYS J 303 -99.10 -30.24 -66.27
C CYS J 303 -97.84 -30.44 -67.09
N ILE J 304 -98.02 -30.71 -68.39
CA ILE J 304 -96.92 -31.02 -69.28
C ILE J 304 -96.69 -29.82 -70.18
N SER J 305 -95.45 -29.33 -70.21
CA SER J 305 -95.11 -28.14 -70.95
C SER J 305 -93.69 -28.28 -71.47
N GLY J 306 -93.34 -27.41 -72.41
CA GLY J 306 -92.01 -27.44 -72.97
C GLY J 306 -91.97 -27.96 -74.39
N HIS J 307 -91.02 -28.86 -74.68
CA HIS J 307 -90.81 -29.33 -76.04
C HIS J 307 -91.52 -30.64 -76.29
N VAL J 308 -92.84 -30.61 -76.09
CA VAL J 308 -93.72 -31.71 -76.46
C VAL J 308 -94.66 -31.20 -77.55
N ASN J 309 -95.15 -32.13 -78.37
CA ASN J 309 -95.97 -31.73 -79.51
C ASN J 309 -97.25 -31.04 -79.07
N ASN J 310 -97.89 -31.54 -78.01
CA ASN J 310 -99.13 -30.97 -77.50
C ASN J 310 -99.04 -30.81 -75.99
N PRO J 311 -98.47 -29.70 -75.51
CA PRO J 311 -98.49 -29.42 -74.07
C PRO J 311 -99.92 -29.27 -73.58
N CYS J 312 -100.20 -29.93 -72.47
CA CYS J 312 -101.58 -29.91 -71.94
C CYS J 312 -101.56 -30.15 -70.44
N THR J 313 -102.75 -30.26 -69.84
CA THR J 313 -102.92 -30.57 -68.43
C THR J 313 -103.88 -31.74 -68.32
N VAL J 314 -103.39 -32.86 -67.79
CA VAL J 314 -104.18 -34.08 -67.71
C VAL J 314 -104.05 -34.67 -66.31
N GLU J 315 -105.13 -35.26 -65.82
CA GLU J 315 -105.08 -36.10 -64.63
C GLU J 315 -104.58 -37.49 -65.01
N GLU J 316 -103.73 -38.05 -64.15
CA GLU J 316 -103.18 -39.37 -64.40
C GLU J 316 -102.92 -40.05 -63.05
N GLU J 317 -102.15 -41.13 -63.07
CA GLU J 317 -101.96 -41.98 -61.90
C GLU J 317 -100.53 -41.87 -61.39
N MET J 318 -100.39 -41.76 -60.06
CA MET J 318 -99.08 -41.86 -59.43
C MET J 318 -98.37 -43.13 -59.88
N SER J 319 -97.04 -43.05 -59.94
CA SER J 319 -96.16 -44.15 -60.31
C SER J 319 -96.32 -44.55 -61.78
N ILE J 320 -96.81 -43.65 -62.63
CA ILE J 320 -96.87 -43.92 -64.06
C ILE J 320 -95.47 -43.78 -64.63
N PRO J 321 -95.09 -44.60 -65.61
CA PRO J 321 -93.86 -44.32 -66.35
C PRO J 321 -93.93 -42.93 -66.97
N MET J 322 -92.82 -42.20 -66.87
CA MET J 322 -92.81 -40.84 -67.40
C MET J 322 -92.98 -40.84 -68.92
N ARG J 323 -92.31 -41.75 -69.60
CA ARG J 323 -92.41 -41.82 -71.06
C ARG J 323 -93.85 -42.10 -71.49
N GLU J 324 -94.52 -43.02 -70.79
CA GLU J 324 -95.91 -43.34 -71.13
C GLU J 324 -96.81 -42.13 -70.96
N LEU J 325 -96.56 -41.33 -69.92
CA LEU J 325 -97.38 -40.15 -69.67
C LEU J 325 -97.28 -39.15 -70.82
N ILE J 326 -96.06 -38.88 -71.29
CA ILE J 326 -95.88 -37.92 -72.37
C ILE J 326 -96.41 -38.47 -73.68
N GLU J 327 -96.13 -39.75 -73.96
CA GLU J 327 -96.47 -40.30 -75.27
C GLU J 327 -97.97 -40.52 -75.42
N LYS J 328 -98.71 -40.95 -74.53
CA LYS J 328 -100.16 -41.24 -74.71
C LYS J 328 -101.03 -40.13 -74.11
N HIS J 329 -100.45 -38.96 -73.77
CA HIS J 329 -101.28 -37.82 -73.41
C HIS J 329 -100.81 -36.49 -74.00
N CYS J 330 -99.61 -36.38 -74.52
CA CYS J 330 -99.12 -35.13 -75.09
C CYS J 330 -98.52 -35.29 -76.48
N GLY J 331 -98.75 -36.42 -77.14
CA GLY J 331 -98.24 -36.62 -78.48
C GLY J 331 -96.78 -36.99 -78.58
N GLY J 332 -96.12 -37.25 -77.45
CA GLY J 332 -94.71 -37.57 -77.45
C GLY J 332 -93.85 -36.32 -77.46
N VAL J 333 -92.54 -36.57 -77.46
CA VAL J 333 -91.57 -35.48 -77.52
C VAL J 333 -91.48 -34.96 -78.95
N ARG J 334 -91.36 -33.64 -79.09
CA ARG J 334 -91.03 -33.04 -80.37
C ARG J 334 -89.81 -33.72 -80.98
N GLY J 335 -89.96 -34.23 -82.19
CA GLY J 335 -88.89 -34.96 -82.85
C GLY J 335 -88.73 -36.38 -82.37
N GLY J 336 -89.67 -36.91 -81.60
CA GLY J 336 -89.59 -38.27 -81.11
C GLY J 336 -88.92 -38.37 -79.76
N TRP J 337 -89.16 -39.51 -79.10
CA TRP J 337 -88.57 -39.72 -77.77
C TRP J 337 -87.05 -39.74 -77.82
N ASP J 338 -86.47 -40.14 -78.97
CA ASP J 338 -85.03 -40.12 -79.12
C ASP J 338 -84.46 -38.71 -79.25
N ASN J 339 -85.33 -37.71 -79.42
CA ASN J 339 -84.91 -36.32 -79.51
C ASN J 339 -84.95 -35.61 -78.16
N LEU J 340 -85.41 -36.28 -77.12
CA LEU J 340 -85.52 -35.66 -75.80
C LEU J 340 -84.13 -35.51 -75.18
N LEU J 341 -83.78 -34.27 -74.81
CA LEU J 341 -82.52 -34.04 -74.11
C LEU J 341 -82.66 -34.27 -72.61
N ALA J 342 -83.60 -33.57 -71.98
CA ALA J 342 -83.82 -33.70 -70.55
C ALA J 342 -85.19 -33.10 -70.21
N VAL J 343 -85.69 -33.45 -69.03
CA VAL J 343 -86.93 -32.87 -68.51
C VAL J 343 -86.72 -32.48 -67.06
N ILE J 344 -87.44 -31.45 -66.63
CA ILE J 344 -87.62 -31.15 -65.21
C ILE J 344 -88.93 -31.79 -64.78
N PRO J 345 -88.91 -32.79 -63.90
CA PRO J 345 -90.13 -33.58 -63.62
C PRO J 345 -91.23 -32.79 -62.93
N GLY J 346 -90.91 -32.14 -61.81
CA GLY J 346 -91.94 -31.55 -60.97
C GLY J 346 -91.86 -30.06 -60.75
N GLY J 347 -91.56 -29.30 -61.79
CA GLY J 347 -91.42 -27.87 -61.58
C GLY J 347 -89.99 -27.45 -61.34
N SER J 348 -89.71 -26.17 -61.62
CA SER J 348 -88.33 -25.68 -61.67
C SER J 348 -87.57 -25.90 -60.36
N SER J 349 -88.26 -26.01 -59.23
CA SER J 349 -87.59 -26.28 -57.97
C SER J 349 -87.03 -27.69 -57.87
N THR J 350 -87.35 -28.54 -58.80
CA THR J 350 -86.78 -29.87 -58.81
C THR J 350 -85.63 -29.96 -59.80
N PRO J 351 -84.63 -30.78 -59.50
CA PRO J 351 -83.46 -30.88 -60.38
C PRO J 351 -83.79 -31.53 -61.72
N ILE J 352 -82.97 -31.19 -62.71
CA ILE J 352 -83.18 -31.69 -64.06
C ILE J 352 -82.81 -33.17 -64.14
N LEU J 353 -83.49 -33.90 -65.02
CA LEU J 353 -83.22 -35.31 -65.24
C LEU J 353 -82.85 -35.55 -66.69
N PRO J 354 -81.76 -36.26 -66.95
CA PRO J 354 -81.31 -36.46 -68.33
C PRO J 354 -82.01 -37.64 -68.99
N LYS J 355 -81.73 -37.81 -70.30
CA LYS J 355 -82.46 -38.85 -71.05
C LYS J 355 -82.19 -40.24 -70.48
N HIS J 356 -80.93 -40.55 -70.18
CA HIS J 356 -80.61 -41.92 -69.79
C HIS J 356 -81.31 -42.35 -68.51
N ILE J 357 -81.88 -41.42 -67.73
CA ILE J 357 -82.73 -41.76 -66.62
C ILE J 357 -84.21 -41.52 -66.93
N CYS J 358 -84.53 -40.53 -67.76
CA CYS J 358 -85.90 -40.26 -68.15
C CYS J 358 -86.53 -41.42 -68.92
N ASP J 359 -85.70 -42.32 -69.48
CA ASP J 359 -86.23 -43.45 -70.23
C ASP J 359 -87.08 -44.36 -69.35
N ASP J 360 -86.63 -44.62 -68.11
CA ASP J 360 -87.25 -45.61 -67.23
C ASP J 360 -87.60 -44.99 -65.90
N GLN J 361 -88.27 -43.84 -65.94
CA GLN J 361 -88.59 -43.07 -64.74
C GLN J 361 -90.08 -43.12 -64.45
N LEU J 362 -90.43 -43.39 -63.20
CA LEU J 362 -91.81 -43.39 -62.73
C LEU J 362 -92.14 -42.07 -62.05
N MET J 363 -93.37 -41.59 -62.27
CA MET J 363 -93.83 -40.32 -61.73
C MET J 363 -94.48 -40.53 -60.36
N ASP J 364 -93.65 -40.51 -59.32
CA ASP J 364 -94.14 -40.38 -57.96
C ASP J 364 -93.01 -39.82 -57.10
N PHE J 365 -93.28 -39.70 -55.80
CA PHE J 365 -92.30 -39.13 -54.89
C PHE J 365 -91.06 -40.01 -54.78
N ASP J 366 -91.25 -41.27 -54.38
CA ASP J 366 -90.11 -42.12 -54.04
C ASP J 366 -89.18 -42.33 -55.22
N ALA J 367 -89.74 -42.62 -56.40
CA ALA J 367 -88.88 -42.90 -57.56
C ALA J 367 -88.10 -41.66 -57.98
N LEU J 368 -88.79 -40.53 -58.13
CA LEU J 368 -88.10 -39.30 -58.50
C LEU J 368 -87.06 -38.91 -57.45
N LYS J 369 -87.29 -39.27 -56.18
CA LYS J 369 -86.28 -39.06 -55.16
C LYS J 369 -85.09 -39.99 -55.36
N ASP J 370 -85.34 -41.22 -55.82
CA ASP J 370 -84.26 -42.17 -56.01
C ASP J 370 -83.27 -41.68 -57.08
N SER J 371 -83.74 -40.97 -58.04
CA SER J 371 -82.89 -40.40 -59.12
C SER J 371 -82.50 -38.97 -58.75
N GLN J 372 -82.47 -38.62 -57.46
CA GLN J 372 -82.01 -37.32 -56.97
C GLN J 372 -82.79 -36.17 -57.61
N SER J 373 -84.10 -36.33 -57.67
CA SER J 373 -85.02 -35.29 -58.14
C SER J 373 -86.23 -35.35 -57.22
N GLY J 374 -87.33 -34.72 -57.62
CA GLY J 374 -88.52 -34.76 -56.81
C GLY J 374 -89.78 -34.62 -57.64
N LEU J 375 -90.87 -35.19 -57.12
CA LEU J 375 -92.16 -35.07 -57.78
C LEU J 375 -92.65 -33.64 -57.79
N GLY J 376 -92.42 -32.91 -56.70
CA GLY J 376 -92.80 -31.50 -56.66
C GLY J 376 -94.28 -31.32 -56.90
N THR J 377 -94.60 -30.43 -57.84
CA THR J 377 -95.99 -30.17 -58.23
C THR J 377 -96.33 -30.83 -59.57
N ALA J 378 -95.59 -31.87 -59.95
CA ALA J 378 -95.85 -32.64 -61.16
C ALA J 378 -95.85 -31.77 -62.41
N ALA J 379 -95.03 -30.73 -62.42
CA ALA J 379 -94.94 -29.81 -63.54
C ALA J 379 -93.79 -30.25 -64.44
N VAL J 380 -94.13 -30.87 -65.57
CA VAL J 380 -93.16 -31.51 -66.43
C VAL J 380 -92.79 -30.52 -67.54
N ILE J 381 -91.52 -30.09 -67.54
CA ILE J 381 -90.98 -29.22 -68.57
C ILE J 381 -89.90 -30.02 -69.32
N VAL J 382 -90.13 -30.25 -70.60
CA VAL J 382 -89.29 -31.15 -71.39
C VAL J 382 -88.50 -30.33 -72.41
N MET J 383 -87.25 -30.73 -72.63
CA MET J 383 -86.35 -30.13 -73.60
C MET J 383 -85.97 -31.15 -74.66
N ASP J 384 -86.10 -30.76 -75.93
CA ASP J 384 -85.58 -31.58 -77.01
C ASP J 384 -84.10 -31.31 -77.19
N LYS J 385 -83.49 -31.93 -78.21
CA LYS J 385 -82.05 -31.79 -78.39
C LYS J 385 -81.63 -30.42 -78.93
N SER J 386 -82.58 -29.58 -79.35
CA SER J 386 -82.26 -28.28 -79.92
C SER J 386 -82.29 -27.15 -78.89
N THR J 387 -82.00 -27.44 -77.63
CA THR J 387 -82.05 -26.45 -76.56
C THR J 387 -80.67 -26.17 -76.01
N ASP J 388 -80.58 -25.08 -75.25
CA ASP J 388 -79.44 -24.80 -74.39
C ASP J 388 -79.91 -25.04 -72.96
N VAL J 389 -79.50 -26.18 -72.40
CA VAL J 389 -79.98 -26.57 -71.07
C VAL J 389 -79.44 -25.63 -69.99
N VAL J 390 -78.21 -25.13 -70.18
CA VAL J 390 -77.64 -24.21 -69.20
C VAL J 390 -78.44 -22.92 -69.17
N ARG J 391 -78.81 -22.40 -70.40
CA ARG J 391 -79.63 -21.16 -70.48
C ARG J 391 -81.02 -21.41 -69.89
N ALA J 392 -81.57 -22.57 -70.07
CA ALA J 392 -82.87 -22.87 -69.48
C ALA J 392 -82.81 -22.89 -67.96
N ILE J 393 -81.65 -23.24 -67.38
CA ILE J 393 -81.49 -23.21 -65.93
C ILE J 393 -80.99 -21.85 -65.44
N SER J 394 -80.25 -21.11 -66.27
CA SER J 394 -79.89 -19.74 -65.90
C SER J 394 -81.13 -18.87 -65.77
N ARG J 395 -82.12 -19.08 -66.65
CA ARG J 395 -83.39 -18.38 -66.52
C ARG J 395 -84.06 -18.70 -65.19
N LEU J 396 -83.98 -19.96 -64.76
CA LEU J 396 -84.55 -20.34 -63.48
C LEU J 396 -83.81 -19.70 -62.31
N SER J 397 -82.48 -19.60 -62.41
CA SER J 397 -81.73 -18.88 -61.39
C SER J 397 -82.12 -17.41 -61.35
N HIS J 398 -82.41 -16.82 -62.51
CA HIS J 398 -82.89 -15.44 -62.55
C HIS J 398 -84.30 -15.34 -61.97
N PHE J 399 -85.11 -16.40 -62.14
CA PHE J 399 -86.43 -16.43 -61.51
C PHE J 399 -86.32 -16.31 -60.00
N TYR J 400 -85.46 -17.13 -59.40
CA TYR J 400 -85.35 -17.17 -57.94
C TYR J 400 -84.72 -15.91 -57.38
N ARG J 401 -83.76 -15.32 -58.09
CA ARG J 401 -83.17 -14.06 -57.63
C ARG J 401 -84.22 -12.96 -57.57
N HIS J 402 -85.25 -13.04 -58.40
CA HIS J 402 -86.35 -12.08 -58.36
C HIS J 402 -87.42 -12.44 -57.34
N GLU J 403 -87.47 -13.70 -56.91
CA GLU J 403 -88.53 -14.15 -56.01
C GLU J 403 -88.08 -14.28 -54.57
N SER J 404 -86.77 -14.22 -54.27
CA SER J 404 -86.26 -14.22 -52.86
C SER J 404 -86.89 -13.08 -52.07
N CYS J 405 -87.46 -13.33 -50.89
CA CYS J 405 -88.05 -12.27 -50.02
C CYS J 405 -86.96 -11.34 -49.48
N GLY J 406 -85.73 -11.84 -49.31
CA GLY J 406 -84.60 -11.03 -48.82
C GLY J 406 -84.41 -10.99 -47.32
N GLN J 407 -85.19 -11.71 -46.52
CA GLN J 407 -85.04 -11.78 -45.05
C GLN J 407 -83.74 -12.43 -44.58
N CYS J 408 -83.32 -13.54 -45.14
CA CYS J 408 -82.16 -14.28 -44.62
C CYS J 408 -80.92 -14.14 -45.49
N THR J 409 -79.76 -14.29 -44.90
CA THR J 409 -78.50 -14.04 -45.61
C THR J 409 -78.21 -15.04 -46.72
N PRO J 410 -78.25 -16.35 -46.50
CA PRO J 410 -77.81 -17.28 -47.57
C PRO J 410 -78.64 -17.20 -48.83
N CYS J 411 -79.85 -16.66 -48.76
CA CYS J 411 -80.75 -16.69 -49.93
C CYS J 411 -80.74 -15.34 -50.65
N ARG J 412 -80.88 -14.25 -49.92
CA ARG J 412 -80.87 -12.87 -50.47
C ARG J 412 -79.51 -12.59 -51.11
N GLU J 413 -78.44 -13.04 -50.51
CA GLU J 413 -77.15 -12.83 -51.17
C GLU J 413 -76.80 -13.99 -52.10
N GLY J 414 -77.14 -15.22 -51.71
CA GLY J 414 -76.77 -16.38 -52.51
C GLY J 414 -77.51 -16.45 -53.83
N SER J 415 -78.79 -16.08 -53.85
CA SER J 415 -79.55 -16.12 -55.09
C SER J 415 -78.99 -15.15 -56.11
N LYS J 416 -78.61 -13.95 -55.67
CA LYS J 416 -77.98 -12.99 -56.57
C LYS J 416 -76.63 -13.50 -57.05
N TRP J 417 -75.84 -14.10 -56.16
CA TRP J 417 -74.51 -14.58 -56.52
C TRP J 417 -74.59 -15.73 -57.52
N THR J 418 -75.42 -16.74 -57.22
CA THR J 418 -75.56 -17.86 -58.13
C THR J 418 -76.10 -17.41 -59.48
N ASP J 419 -76.98 -16.41 -59.49
CA ASP J 419 -77.52 -15.89 -60.74
C ASP J 419 -76.42 -15.27 -61.60
N GLN J 420 -75.51 -14.51 -60.99
CA GLN J 420 -74.40 -13.91 -61.73
C GLN J 420 -73.49 -14.99 -62.32
N ILE J 421 -73.19 -16.03 -61.54
CA ILE J 421 -72.36 -17.12 -62.04
C ILE J 421 -73.07 -17.84 -63.19
N MET J 422 -74.38 -18.01 -63.09
CA MET J 422 -75.14 -18.66 -64.15
C MET J 422 -75.07 -17.86 -65.45
N LYS J 423 -75.12 -16.52 -65.36
CA LYS J 423 -74.95 -15.71 -66.56
C LYS J 423 -73.57 -15.91 -67.18
N ARG J 424 -72.54 -15.97 -66.33
CA ARG J 424 -71.19 -16.23 -66.85
C ARG J 424 -71.09 -17.64 -67.41
N PHE J 425 -71.81 -18.60 -66.85
CA PHE J 425 -71.73 -19.97 -67.33
C PHE J 425 -72.44 -20.14 -68.67
N GLU J 426 -73.35 -19.22 -69.00
CA GLU J 426 -73.95 -19.22 -70.33
C GLU J 426 -72.89 -18.99 -71.40
N LYS J 427 -71.98 -18.05 -71.14
CA LYS J 427 -70.97 -17.64 -72.12
C LYS J 427 -69.64 -18.34 -71.91
N GLY J 428 -69.55 -19.30 -70.99
CA GLY J 428 -68.30 -19.99 -70.73
C GLY J 428 -67.25 -19.11 -70.11
N MET J 429 -67.65 -18.05 -69.41
CA MET J 429 -66.73 -17.01 -68.97
C MET J 429 -66.26 -17.29 -67.54
N GLY J 430 -65.45 -18.35 -67.44
CA GLY J 430 -64.90 -18.78 -66.16
C GLY J 430 -64.00 -19.96 -66.36
N ARG J 431 -63.35 -20.40 -65.28
CA ARG J 431 -62.47 -21.61 -65.32
C ARG J 431 -63.27 -22.78 -64.75
N PRO J 432 -62.97 -24.04 -65.15
CA PRO J 432 -63.73 -25.22 -64.70
C PRO J 432 -63.75 -25.43 -63.18
N ARG J 433 -62.70 -25.01 -62.48
CA ARG J 433 -62.69 -25.12 -61.00
C ARG J 433 -63.84 -24.28 -60.41
N GLU J 434 -64.29 -23.22 -61.10
CA GLU J 434 -65.43 -22.49 -60.56
C GLU J 434 -66.71 -23.32 -60.57
N ILE J 435 -66.78 -24.37 -61.38
CA ILE J 435 -67.93 -25.25 -61.36
C ILE J 435 -68.05 -25.94 -60.01
N ASP J 436 -66.93 -26.43 -59.47
CA ASP J 436 -66.93 -26.96 -58.12
C ASP J 436 -67.21 -25.88 -57.08
N MET J 437 -66.78 -24.64 -57.35
CA MET J 437 -67.09 -23.54 -56.46
C MET J 437 -68.59 -23.27 -56.41
N LEU J 438 -69.26 -23.28 -57.56
CA LEU J 438 -70.71 -23.10 -57.60
C LEU J 438 -71.42 -24.23 -56.86
N GLN J 439 -70.92 -25.46 -57.02
CA GLN J 439 -71.54 -26.60 -56.34
C GLN J 439 -71.49 -26.44 -54.84
N GLU J 440 -70.38 -25.94 -54.30
CA GLU J 440 -70.28 -25.75 -52.86
C GLU J 440 -71.01 -24.51 -52.38
N LEU J 441 -71.17 -23.50 -53.24
CA LEU J 441 -72.04 -22.38 -52.89
C LEU J 441 -73.46 -22.85 -52.65
N THR J 442 -73.97 -23.75 -53.51
CA THR J 442 -75.30 -24.29 -53.33
C THR J 442 -75.42 -25.09 -52.04
N LYS J 443 -74.33 -25.74 -51.63
CA LYS J 443 -74.37 -26.56 -50.43
C LYS J 443 -74.44 -25.73 -49.15
N GLN J 444 -73.78 -24.57 -49.11
CA GLN J 444 -73.91 -23.72 -47.94
C GLN J 444 -75.16 -22.86 -47.96
N VAL J 445 -75.88 -22.82 -49.09
CA VAL J 445 -77.24 -22.30 -49.09
C VAL J 445 -78.19 -23.35 -48.53
N GLU J 446 -77.99 -24.59 -48.94
CA GLU J 446 -78.91 -25.69 -48.64
C GLU J 446 -79.00 -25.93 -47.15
N GLY J 447 -80.22 -25.92 -46.61
CA GLY J 447 -80.42 -26.24 -45.19
C GLY J 447 -80.01 -25.15 -44.22
N HIS J 448 -79.66 -23.98 -44.75
CA HIS J 448 -79.19 -22.89 -43.91
C HIS J 448 -80.13 -21.70 -43.89
N THR J 449 -81.24 -21.85 -44.59
CA THR J 449 -82.20 -20.74 -44.81
C THR J 449 -83.42 -20.85 -43.89
N ILE J 450 -84.18 -19.78 -43.74
CA ILE J 450 -85.45 -19.83 -42.95
C ILE J 450 -86.49 -20.73 -43.65
N CYS J 451 -86.67 -20.57 -44.95
CA CYS J 451 -87.66 -21.37 -45.70
C CYS J 451 -87.02 -22.22 -46.81
N ALA J 452 -87.83 -22.96 -47.54
CA ALA J 452 -87.31 -23.88 -48.54
C ALA J 452 -87.09 -23.24 -49.90
N LEU J 453 -87.36 -21.93 -50.08
CA LEU J 453 -87.03 -21.23 -51.35
C LEU J 453 -85.52 -21.38 -51.57
N GLY J 454 -84.73 -21.42 -50.50
CA GLY J 454 -83.27 -21.62 -50.57
C GLY J 454 -82.92 -22.92 -51.27
N GLU J 455 -83.60 -24.01 -50.94
CA GLU J 455 -83.36 -25.26 -51.69
C GLU J 455 -83.93 -25.09 -53.10
N ALA J 456 -85.06 -24.29 -53.23
CA ALA J 456 -85.67 -24.21 -54.56
C ALA J 456 -84.69 -23.69 -55.60
N PHE J 457 -83.71 -22.88 -55.19
CA PHE J 457 -82.73 -22.40 -56.15
C PHE J 457 -81.39 -23.12 -56.06
N ALA J 458 -81.14 -23.86 -54.98
CA ALA J 458 -79.91 -24.66 -54.89
C ALA J 458 -80.02 -25.95 -55.70
N TRP J 459 -81.17 -26.63 -55.63
CA TRP J 459 -81.33 -27.91 -56.32
C TRP J 459 -81.20 -27.81 -57.83
N PRO J 460 -81.85 -26.87 -58.53
CA PRO J 460 -81.71 -26.83 -59.99
C PRO J 460 -80.27 -26.68 -60.46
N ILE J 461 -79.48 -25.89 -59.74
CA ILE J 461 -78.07 -25.73 -60.11
C ILE J 461 -77.32 -27.04 -59.89
N GLN J 462 -77.63 -27.74 -58.80
CA GLN J 462 -76.98 -29.02 -58.53
C GLN J 462 -77.33 -30.06 -59.59
N GLY J 463 -78.59 -30.08 -60.03
CA GLY J 463 -78.98 -31.02 -61.07
C GLY J 463 -78.27 -30.77 -62.38
N LEU J 464 -78.07 -29.49 -62.74
CA LEU J 464 -77.36 -29.16 -63.96
C LEU J 464 -75.88 -29.52 -63.85
N ILE J 465 -75.28 -29.28 -62.69
CA ILE J 465 -73.88 -29.67 -62.49
C ILE J 465 -73.74 -31.18 -62.51
N ARG J 466 -74.73 -31.88 -61.97
CA ARG J 466 -74.69 -33.33 -61.89
C ARG J 466 -74.73 -33.99 -63.26
N HIS J 467 -75.50 -33.42 -64.19
CA HIS J 467 -75.84 -34.12 -65.42
C HIS J 467 -75.38 -33.45 -66.69
N PHE J 468 -74.93 -32.19 -66.63
CA PHE J 468 -74.55 -31.46 -67.83
C PHE J 468 -73.26 -30.69 -67.61
N ARG J 469 -72.36 -31.23 -66.78
CA ARG J 469 -71.08 -30.56 -66.56
C ARG J 469 -70.26 -30.44 -67.84
N PRO J 470 -70.14 -31.48 -68.69
CA PRO J 470 -69.38 -31.30 -69.94
C PRO J 470 -69.85 -30.13 -70.79
N GLU J 471 -71.16 -29.87 -70.81
CA GLU J 471 -71.66 -28.72 -71.57
C GLU J 471 -71.17 -27.42 -70.95
N LEU J 472 -71.12 -27.35 -69.63
CA LEU J 472 -70.53 -26.19 -68.97
C LEU J 472 -69.04 -26.08 -69.24
N GLU J 473 -68.33 -27.22 -69.15
CA GLU J 473 -66.91 -27.25 -69.47
C GLU J 473 -66.66 -26.82 -70.91
N ALA J 474 -67.57 -27.20 -71.81
CA ALA J 474 -67.36 -26.97 -73.23
C ALA J 474 -67.23 -25.48 -73.54
N ARG J 475 -68.15 -24.66 -73.03
CA ARG J 475 -68.13 -23.25 -73.44
C ARG J 475 -67.03 -22.48 -72.73
N MET J 476 -66.61 -22.96 -71.55
CA MET J 476 -65.39 -22.42 -70.96
C MET J 476 -64.20 -22.70 -71.88
N LYS J 477 -64.16 -23.87 -72.51
CA LYS J 477 -63.14 -24.14 -73.52
C LYS J 477 -63.30 -23.21 -74.72
N LYS J 478 -64.54 -23.01 -75.19
CA LYS J 478 -64.76 -22.13 -76.33
C LYS J 478 -64.34 -20.70 -76.01
N PHE J 479 -64.72 -20.19 -74.83
CA PHE J 479 -64.40 -18.82 -74.49
C PHE J 479 -62.91 -18.63 -74.28
N ALA J 480 -62.22 -19.66 -73.79
CA ALA J 480 -60.77 -19.58 -73.68
C ALA J 480 -60.11 -19.62 -75.05
N GLU J 481 -60.66 -20.39 -75.98
CA GLU J 481 -60.11 -20.48 -77.33
C GLU J 481 -60.20 -19.16 -78.08
N GLU J 482 -61.07 -18.25 -77.63
CA GLU J 482 -61.22 -16.94 -78.26
C GLU J 482 -60.38 -15.87 -77.58
N THR J 483 -60.46 -15.80 -76.24
CA THR J 483 -59.81 -14.72 -75.52
C THR J 483 -58.30 -14.88 -75.45
N GLY J 484 -57.78 -16.11 -75.59
CA GLY J 484 -56.37 -16.35 -75.53
C GLY J 484 -55.89 -17.12 -74.32
N GLY J 485 -56.80 -17.59 -73.48
CA GLY J 485 -56.41 -18.33 -72.30
C GLY J 485 -57.61 -18.52 -71.39
N GLN J 486 -57.41 -19.42 -70.43
CA GLN J 486 -58.49 -19.72 -69.47
C GLN J 486 -58.79 -18.45 -68.69
N ALA J 487 -60.07 -18.19 -68.49
CA ALA J 487 -60.49 -17.01 -67.75
C ALA J 487 -60.20 -17.16 -66.27
N LEU J 488 -59.92 -16.04 -65.62
CA LEU J 488 -59.76 -16.03 -64.17
C LEU J 488 -61.10 -16.28 -63.49
N ALA J 489 -61.03 -16.59 -62.20
CA ALA J 489 -62.23 -16.72 -61.40
C ALA J 489 -62.99 -15.39 -61.35
N GLY J 490 -64.30 -15.45 -61.54
CA GLY J 490 -65.13 -14.28 -61.59
C GLY J 490 -65.44 -13.77 -62.98
N GLY J 491 -64.85 -14.37 -64.02
CA GLY J 491 -65.16 -14.03 -65.38
C GLY J 491 -64.20 -13.10 -66.08
N TRP J 492 -63.05 -12.79 -65.47
CA TRP J 492 -62.10 -11.89 -66.10
C TRP J 492 -61.20 -12.66 -67.06
N THR J 493 -60.77 -11.99 -68.12
CA THR J 493 -59.92 -12.62 -69.12
C THR J 493 -58.54 -12.91 -68.55
N HIS J 494 -57.86 -13.87 -69.17
CA HIS J 494 -56.52 -14.27 -68.77
C HIS J 494 -55.56 -13.09 -68.74
N ASP J 495 -55.78 -12.10 -69.59
CA ASP J 495 -54.86 -10.98 -69.79
C ASP J 495 -55.25 -9.75 -68.97
N SER J 496 -56.07 -9.92 -67.93
CA SER J 496 -56.52 -8.78 -67.14
C SER J 496 -55.37 -8.03 -66.51
N ARG J 497 -54.42 -8.75 -65.91
CA ARG J 497 -53.28 -8.10 -65.27
C ARG J 497 -52.44 -7.33 -66.29
N GLN J 498 -52.33 -7.85 -67.52
CA GLN J 498 -51.61 -7.13 -68.56
C GLN J 498 -52.27 -5.79 -68.86
N LYS J 499 -53.59 -5.76 -68.95
CA LYS J 499 -54.32 -4.54 -69.25
C LYS J 499 -54.54 -3.65 -68.03
N GLY J 500 -53.76 -3.82 -66.98
CA GLY J 500 -53.85 -2.93 -65.84
C GLY J 500 -55.10 -3.10 -65.00
N ARG J 501 -55.70 -4.28 -65.00
CA ARG J 501 -56.85 -4.54 -64.15
C ARG J 501 -56.40 -4.97 -62.76
N LEU J 502 -57.34 -4.90 -61.82
CA LEU J 502 -57.07 -5.27 -60.44
C LEU J 502 -57.34 -6.76 -60.27
N VAL J 503 -56.28 -7.54 -60.08
CA VAL J 503 -56.33 -9.00 -60.04
C VAL J 503 -55.63 -9.48 -58.78
N SER J 504 -56.30 -10.36 -58.04
CA SER J 504 -55.68 -10.85 -56.81
C SER J 504 -55.09 -12.24 -57.01
N PRO J 505 -54.01 -12.56 -56.32
CA PRO J 505 -53.41 -13.90 -56.43
C PRO J 505 -54.40 -14.98 -56.02
N GLY J 506 -54.39 -16.08 -56.77
CA GLY J 506 -55.32 -17.16 -56.55
C GLY J 506 -56.62 -17.05 -57.33
N MET J 507 -56.67 -16.18 -58.34
CA MET J 507 -57.87 -15.97 -59.13
C MET J 507 -57.64 -16.36 -60.59
N ALA K 57 -46.53 -20.21 3.86
CA ALA K 57 -47.29 -19.09 4.44
C ALA K 57 -46.52 -17.79 4.27
N GLU K 58 -45.67 -17.74 3.24
CA GLU K 58 -44.98 -16.50 2.91
C GLU K 58 -45.99 -15.49 2.35
N PRO K 59 -45.73 -14.18 2.54
CA PRO K 59 -44.55 -13.61 3.19
C PRO K 59 -44.78 -13.15 4.63
N GLN K 60 -45.92 -13.44 5.21
CA GLN K 60 -46.21 -13.08 6.63
C GLN K 60 -45.35 -13.98 7.52
N ASP K 61 -45.00 -15.17 7.03
CA ASP K 61 -44.06 -15.98 7.80
C ASP K 61 -42.74 -15.26 7.98
N GLY K 62 -42.36 -14.41 7.03
CA GLY K 62 -41.17 -13.59 7.16
C GLY K 62 -41.36 -12.32 7.96
N PHE K 63 -42.59 -12.02 8.38
CA PHE K 63 -42.82 -10.85 9.22
C PHE K 63 -42.07 -10.95 10.53
N GLN K 64 -41.95 -12.17 11.08
CA GLN K 64 -41.16 -12.41 12.27
C GLN K 64 -40.05 -13.43 12.03
N GLY K 65 -39.70 -13.67 10.76
CA GLY K 65 -38.45 -14.31 10.40
C GLY K 65 -38.21 -15.74 10.85
N THR K 66 -39.17 -16.62 10.62
CA THR K 66 -38.96 -18.04 10.91
C THR K 66 -38.50 -18.79 9.65
N ARG K 67 -37.70 -19.84 9.85
CA ARG K 67 -37.32 -20.79 8.80
C ARG K 67 -36.58 -20.09 7.66
N LEU K 68 -35.37 -19.61 7.98
CA LEU K 68 -34.47 -19.12 6.95
C LEU K 68 -34.34 -20.12 5.82
N ILE K 69 -34.20 -19.62 4.60
CA ILE K 69 -34.23 -20.46 3.41
C ILE K 69 -32.81 -20.90 3.07
N PRO K 70 -32.61 -22.16 2.66
CA PRO K 70 -31.26 -22.70 2.54
C PRO K 70 -30.50 -22.11 1.35
N THR K 71 -29.24 -21.75 1.60
CA THR K 71 -28.36 -21.19 0.59
C THR K 71 -27.43 -22.26 0.04
N GLY K 72 -26.68 -21.89 -1.00
CA GLY K 72 -25.65 -22.77 -1.51
C GLY K 72 -24.54 -23.03 -0.52
N ALA K 73 -24.35 -22.13 0.44
CA ALA K 73 -23.33 -22.32 1.47
C ALA K 73 -23.66 -23.50 2.37
N ASP K 74 -24.96 -23.78 2.54
CA ASP K 74 -25.43 -24.86 3.44
C ASP K 74 -25.27 -26.23 2.79
N PHE K 75 -24.68 -26.29 1.61
CA PHE K 75 -24.51 -27.54 0.88
C PHE K 75 -23.09 -27.65 0.35
N GLN K 76 -22.13 -27.07 1.06
CA GLN K 76 -20.71 -27.19 0.72
C GLN K 76 -20.14 -28.44 1.36
N SER K 77 -19.72 -29.39 0.53
CA SER K 77 -19.19 -30.65 1.03
C SER K 77 -17.67 -30.59 1.09
N PRO K 78 -17.06 -30.96 2.21
CA PRO K 78 -15.60 -30.97 2.30
C PRO K 78 -15.01 -31.92 1.28
N PRO K 79 -13.94 -31.51 0.61
CA PRO K 79 -13.32 -32.39 -0.39
C PRO K 79 -12.75 -33.64 0.25
N ASP K 80 -12.72 -34.72 -0.52
CA ASP K 80 -12.14 -35.98 -0.06
C ASP K 80 -10.64 -35.81 0.11
N PRO K 81 -10.12 -35.75 1.34
CA PRO K 81 -8.69 -35.43 1.51
C PRO K 81 -7.75 -36.46 0.92
N PHE K 82 -8.21 -37.68 0.69
CA PHE K 82 -7.33 -38.72 0.15
C PHE K 82 -6.99 -38.44 -1.31
N ILE K 83 -8.00 -38.12 -2.12
CA ILE K 83 -7.80 -37.94 -3.55
C ILE K 83 -7.83 -36.47 -3.96
N ASP K 84 -7.83 -35.56 -3.00
CA ASP K 84 -7.86 -34.13 -3.31
C ASP K 84 -6.45 -33.66 -3.66
N GLU K 85 -6.26 -33.26 -4.93
CA GLU K 85 -4.96 -32.75 -5.35
C GLU K 85 -4.73 -31.33 -4.85
N GLY K 86 -5.78 -30.51 -4.83
CA GLY K 86 -5.66 -29.13 -4.39
C GLY K 86 -5.58 -28.99 -2.88
N GLU K 105 7.60 -10.39 13.36
CA GLU K 105 8.79 -9.99 12.63
C GLU K 105 8.42 -9.18 11.38
N ASP K 106 9.36 -8.34 10.93
CA ASP K 106 9.15 -7.52 9.74
C ASP K 106 9.55 -8.27 8.48
N SER K 107 9.02 -9.47 8.30
CA SER K 107 9.30 -10.25 7.10
C SER K 107 8.58 -9.64 5.90
N VAL K 108 9.32 -9.45 4.81
CA VAL K 108 8.77 -8.80 3.63
C VAL K 108 7.69 -9.61 2.93
N GLU K 109 7.54 -10.90 3.28
CA GLU K 109 6.50 -11.71 2.67
C GLU K 109 5.12 -11.35 3.21
N GLY K 110 5.04 -10.79 4.41
CA GLY K 110 3.77 -10.32 4.95
C GLY K 110 3.35 -8.94 4.49
N ARG K 111 4.24 -8.22 3.80
CA ARG K 111 3.91 -6.89 3.33
C ARG K 111 2.79 -6.93 2.30
N LYS K 112 1.83 -6.02 2.44
CA LYS K 112 0.73 -5.92 1.50
C LYS K 112 1.16 -5.17 0.25
N VAL K 113 0.44 -5.41 -0.84
CA VAL K 113 0.68 -4.71 -2.10
C VAL K 113 -0.58 -3.93 -2.45
N ARG K 114 -0.42 -2.63 -2.68
CA ARG K 114 -1.54 -1.77 -3.01
C ARG K 114 -1.84 -1.83 -4.50
N HIS K 115 -3.08 -2.16 -4.84
CA HIS K 115 -3.52 -2.17 -6.22
C HIS K 115 -4.08 -0.80 -6.58
N TYR K 116 -3.94 -0.43 -7.85
CA TYR K 116 -4.54 0.77 -8.38
C TYR K 116 -5.69 0.40 -9.31
N THR K 117 -6.81 1.08 -9.14
CA THR K 117 -8.04 0.77 -9.86
C THR K 117 -8.22 1.76 -10.99
N VAL K 118 -8.18 1.27 -12.22
CA VAL K 118 -8.24 2.11 -13.41
C VAL K 118 -9.58 1.92 -14.10
N ASN K 119 -10.24 3.03 -14.42
CA ASN K 119 -11.44 3.01 -15.25
C ASN K 119 -11.06 3.08 -16.72
N PHE K 120 -11.62 2.17 -17.52
CA PHE K 120 -11.46 2.17 -18.97
C PHE K 120 -12.83 2.34 -19.61
N GLY K 121 -13.06 3.51 -20.19
CA GLY K 121 -14.28 3.76 -20.94
C GLY K 121 -15.35 4.44 -20.11
N PRO K 122 -16.41 4.89 -20.77
CA PRO K 122 -16.57 4.80 -22.22
C PRO K 122 -15.97 5.99 -22.94
N GLN K 123 -15.65 7.03 -22.16
CA GLN K 123 -15.10 8.26 -22.71
C GLN K 123 -13.69 8.02 -23.24
N HIS K 124 -12.79 7.57 -22.38
CA HIS K 124 -11.48 7.15 -22.83
C HIS K 124 -11.64 5.99 -23.80
N PRO K 125 -10.97 6.02 -24.95
CA PRO K 125 -11.24 5.02 -25.99
C PRO K 125 -10.99 3.60 -25.48
N ALA K 126 -11.89 2.70 -25.87
CA ALA K 126 -11.80 1.27 -25.57
C ALA K 126 -11.82 0.50 -26.88
N ALA K 127 -11.92 -0.82 -26.79
CA ALA K 127 -11.93 -1.64 -27.99
C ALA K 127 -13.10 -1.31 -28.89
N HIS K 128 -14.32 -1.31 -28.34
CA HIS K 128 -15.50 -0.94 -29.10
C HIS K 128 -16.69 -0.82 -28.17
N GLY K 129 -17.50 0.22 -28.36
CA GLY K 129 -18.81 0.29 -27.79
C GLY K 129 -18.89 1.09 -26.51
N VAL K 130 -20.06 1.01 -25.88
CA VAL K 130 -20.34 1.72 -24.64
C VAL K 130 -19.91 0.80 -23.51
N LEU K 131 -18.62 0.84 -23.18
CA LEU K 131 -18.04 -0.08 -22.22
C LEU K 131 -17.25 0.69 -21.18
N ARG K 132 -17.73 0.70 -19.95
CA ARG K 132 -16.96 1.17 -18.79
C ARG K 132 -16.38 -0.05 -18.10
N LEU K 133 -15.09 -0.29 -18.30
CA LEU K 133 -14.39 -1.45 -17.76
C LEU K 133 -13.55 -0.99 -16.58
N ILE K 134 -13.90 -1.43 -15.38
CA ILE K 134 -13.20 -1.04 -14.16
C ILE K 134 -12.30 -2.18 -13.74
N LEU K 135 -10.99 -1.95 -13.75
CA LEU K 135 -9.98 -2.97 -13.52
C LEU K 135 -9.17 -2.62 -12.28
N GLU K 136 -8.98 -3.61 -11.40
CA GLU K 136 -8.00 -3.53 -10.34
C GLU K 136 -6.73 -4.21 -10.82
N LEU K 137 -5.62 -3.48 -10.82
CA LEU K 137 -4.37 -3.94 -11.38
C LEU K 137 -3.31 -4.12 -10.31
N ASN K 138 -2.44 -5.10 -10.51
CA ASN K 138 -1.22 -5.27 -9.74
C ASN K 138 -0.06 -5.07 -10.71
N GLY K 139 0.42 -3.85 -10.79
CA GLY K 139 1.42 -3.53 -11.81
C GLY K 139 0.84 -3.68 -13.19
N GLU K 140 1.27 -4.72 -13.90
CA GLU K 140 0.76 -5.01 -15.23
C GLU K 140 -0.32 -6.10 -15.24
N GLU K 141 -0.60 -6.74 -14.10
CA GLU K 141 -1.51 -7.87 -14.08
C GLU K 141 -2.89 -7.46 -13.60
N ILE K 142 -3.90 -8.16 -14.13
CA ILE K 142 -5.29 -7.91 -13.76
C ILE K 142 -5.61 -8.68 -12.49
N VAL K 143 -6.10 -7.98 -11.47
CA VAL K 143 -6.53 -8.62 -10.24
C VAL K 143 -8.02 -8.92 -10.34
N ARG K 144 -8.80 -7.85 -10.45
CA ARG K 144 -10.28 -7.96 -10.60
C ARG K 144 -10.73 -7.21 -11.85
N ALA K 145 -11.65 -7.78 -12.62
CA ALA K 145 -12.26 -7.13 -13.77
C ALA K 145 -13.74 -6.94 -13.50
N ASP K 146 -14.20 -5.69 -13.61
CA ASP K 146 -15.56 -5.32 -13.23
C ASP K 146 -16.19 -4.49 -14.33
N PRO K 147 -16.84 -5.13 -15.31
CA PRO K 147 -17.50 -4.39 -16.39
C PRO K 147 -18.81 -3.77 -15.91
N HIS K 148 -18.96 -2.47 -16.12
CA HIS K 148 -20.21 -1.78 -15.86
C HIS K 148 -20.95 -1.61 -17.19
N VAL K 149 -22.13 -2.18 -17.26
CA VAL K 149 -22.91 -2.10 -18.51
C VAL K 149 -24.17 -1.26 -18.27
N GLY K 150 -25.13 -1.27 -19.18
CA GLY K 150 -26.32 -0.47 -19.09
C GLY K 150 -26.19 0.91 -19.72
N LEU K 151 -25.04 1.24 -20.28
CA LEU K 151 -24.88 2.49 -21.02
C LEU K 151 -25.72 2.50 -22.29
N LEU K 152 -26.14 1.34 -22.77
CA LEU K 152 -27.06 1.24 -23.89
C LEU K 152 -28.34 0.50 -23.51
N HIS K 153 -28.66 0.44 -22.22
CA HIS K 153 -29.94 -0.16 -21.80
C HIS K 153 -31.07 0.79 -22.14
N 2MR K 154 -31.90 0.37 -23.06
CA 2MR K 154 -32.93 1.29 -23.62
CB 2MR K 154 -32.74 1.42 -25.13
CG 2MR K 154 -31.39 2.01 -25.51
CD 2MR K 154 -31.02 1.73 -26.93
NE 2MR K 154 -30.74 0.34 -27.26
CZ 2MR K 154 -30.43 -0.05 -28.47
NH1 2MR K 154 -30.41 -1.31 -28.79
CQ1 2MR K 154 -30.81 -2.30 -27.80
NH2 2MR K 154 -30.16 0.89 -29.37
CQ2 2MR K 154 -29.89 0.68 -30.77
C 2MR K 154 -34.34 0.87 -23.23
O 2MR K 154 -35.24 1.51 -23.73
N GLY K 155 -34.49 -0.15 -22.37
CA GLY K 155 -35.79 -0.64 -21.94
C GLY K 155 -36.57 -1.34 -23.04
N THR K 156 -35.84 -2.05 -23.90
CA THR K 156 -36.47 -2.75 -25.02
C THR K 156 -37.49 -3.76 -24.54
N GLU K 157 -37.15 -4.54 -23.50
CA GLU K 157 -38.05 -5.59 -23.03
C GLU K 157 -39.37 -5.03 -22.51
N LYS K 158 -39.35 -3.87 -21.86
CA LYS K 158 -40.60 -3.28 -21.40
C LYS K 158 -41.41 -2.70 -22.56
N LEU K 159 -40.75 -2.07 -23.52
CA LEU K 159 -41.46 -1.48 -24.65
C LEU K 159 -42.22 -2.53 -25.44
N CYS K 160 -41.67 -3.74 -25.55
CA CYS K 160 -42.32 -4.81 -26.31
C CYS K 160 -43.69 -5.20 -25.75
N GLU K 161 -43.94 -4.92 -24.47
CA GLU K 161 -45.24 -5.21 -23.87
C GLU K 161 -46.31 -4.22 -24.27
N TYR K 162 -45.94 -3.08 -24.85
CA TYR K 162 -46.90 -2.11 -25.35
C TYR K 162 -47.02 -2.12 -26.87
N LYS K 163 -46.47 -3.15 -27.51
CA LYS K 163 -46.50 -3.29 -28.95
C LYS K 163 -47.21 -4.58 -29.33
N THR K 164 -47.77 -4.60 -30.54
CA THR K 164 -48.17 -5.86 -31.14
C THR K 164 -46.93 -6.65 -31.55
N TYR K 165 -47.15 -7.91 -31.93
CA TYR K 165 -46.03 -8.74 -32.35
C TYR K 165 -45.38 -8.20 -33.61
N MET K 166 -46.19 -7.69 -34.55
CA MET K 166 -45.65 -6.96 -35.69
C MET K 166 -44.79 -5.79 -35.23
N GLN K 167 -45.30 -4.99 -34.29
CA GLN K 167 -44.62 -3.78 -33.88
C GLN K 167 -43.36 -4.04 -33.08
N ALA K 168 -43.28 -5.20 -32.41
CA ALA K 168 -42.10 -5.54 -31.65
C ALA K 168 -40.96 -6.10 -32.51
N LEU K 169 -41.26 -6.60 -33.70
CA LEU K 169 -40.25 -7.18 -34.57
C LEU K 169 -39.08 -6.23 -34.87
N PRO K 170 -39.29 -4.98 -35.25
CA PRO K 170 -38.14 -4.09 -35.50
C PRO K 170 -37.26 -3.87 -34.27
N TYR K 171 -37.79 -4.05 -33.05
CA TYR K 171 -36.95 -3.96 -31.86
C TYR K 171 -35.84 -5.01 -31.86
N PHE K 172 -35.99 -6.07 -32.65
CA PHE K 172 -34.98 -7.12 -32.65
C PHE K 172 -33.85 -6.82 -33.62
N ASP K 173 -34.10 -6.01 -34.65
CA ASP K 173 -33.01 -5.55 -35.50
C ASP K 173 -31.92 -4.84 -34.71
N ARG K 174 -32.34 -4.09 -33.70
CA ARG K 174 -31.47 -3.18 -32.93
C ARG K 174 -30.86 -3.82 -31.69
N LEU K 175 -30.87 -5.14 -31.53
CA LEU K 175 -30.14 -5.75 -30.41
C LEU K 175 -28.70 -6.06 -30.79
N ASP K 176 -28.48 -7.04 -31.67
CA ASP K 176 -27.15 -7.31 -32.20
C ASP K 176 -27.16 -6.68 -33.58
N TYR K 177 -26.77 -5.42 -33.64
CA TYR K 177 -27.08 -4.59 -34.79
C TYR K 177 -26.05 -4.68 -35.91
N VAL K 178 -25.30 -5.77 -35.97
CA VAL K 178 -24.66 -6.22 -37.20
C VAL K 178 -25.19 -7.57 -37.64
N SER K 179 -26.12 -8.15 -36.90
CA SER K 179 -26.69 -9.45 -37.21
C SER K 179 -28.21 -9.37 -37.26
N MET K 180 -28.70 -8.36 -37.97
CA MET K 180 -30.15 -8.02 -37.95
C MET K 180 -31.11 -9.16 -38.34
N MET K 181 -30.89 -9.85 -39.45
CA MET K 181 -31.87 -10.86 -39.90
C MET K 181 -31.91 -12.10 -39.01
N THR K 182 -30.78 -12.51 -38.42
CA THR K 182 -30.88 -13.63 -37.49
C THR K 182 -31.51 -13.21 -36.16
N ASN K 183 -31.30 -11.96 -35.76
CA ASN K 183 -32.00 -11.43 -34.58
C ASN K 183 -33.51 -11.49 -34.78
N GLU K 184 -34.00 -11.03 -35.93
CA GLU K 184 -35.43 -11.11 -36.21
C GLU K 184 -35.85 -12.54 -36.52
N GLN K 185 -34.91 -13.40 -36.90
CA GLN K 185 -35.21 -14.80 -37.11
C GLN K 185 -35.61 -15.50 -35.80
N VAL K 186 -34.91 -15.20 -34.71
CA VAL K 186 -35.17 -15.91 -33.46
C VAL K 186 -36.53 -15.51 -32.89
N PHE K 187 -36.92 -14.25 -33.05
CA PHE K 187 -38.24 -13.81 -32.59
C PHE K 187 -39.35 -14.34 -33.48
N SER K 188 -39.09 -14.49 -34.79
CA SER K 188 -40.09 -15.05 -35.68
C SER K 188 -40.34 -16.53 -35.37
N LEU K 189 -39.27 -17.28 -35.13
CA LEU K 189 -39.41 -18.70 -34.82
C LEU K 189 -40.16 -18.91 -33.52
N ALA K 190 -39.89 -18.10 -32.51
CA ALA K 190 -40.60 -18.22 -31.24
C ALA K 190 -42.07 -17.90 -31.39
N VAL K 191 -42.40 -16.85 -32.15
CA VAL K 191 -43.80 -16.51 -32.36
C VAL K 191 -44.48 -17.53 -33.25
N GLU K 192 -43.77 -18.03 -34.28
CA GLU K 192 -44.33 -19.09 -35.11
C GLU K 192 -44.64 -20.34 -34.28
N LYS K 193 -43.80 -20.63 -33.27
CA LYS K 193 -44.02 -21.80 -32.43
C LYS K 193 -45.30 -21.66 -31.61
N LEU K 194 -45.53 -20.50 -31.01
CA LEU K 194 -46.77 -20.27 -30.29
C LEU K 194 -47.97 -20.10 -31.23
N LEU K 195 -47.73 -19.65 -32.47
CA LEU K 195 -48.82 -19.57 -33.43
C LEU K 195 -49.24 -20.94 -33.93
N ASN K 196 -48.34 -21.94 -33.82
CA ASN K 196 -48.58 -23.29 -34.31
C ASN K 196 -48.80 -23.30 -35.82
N ILE K 197 -47.87 -22.68 -36.54
CA ILE K 197 -47.90 -22.63 -38.00
C ILE K 197 -46.56 -23.08 -38.56
N GLU K 198 -46.63 -23.77 -39.70
CA GLU K 198 -45.43 -24.17 -40.45
C GLU K 198 -45.27 -23.24 -41.64
N ILE K 199 -44.14 -22.54 -41.70
CA ILE K 199 -43.93 -21.53 -42.73
C ILE K 199 -43.62 -22.21 -44.06
N PRO K 200 -43.85 -21.54 -45.20
CA PRO K 200 -43.65 -22.20 -46.50
C PRO K 200 -42.19 -22.53 -46.74
N PRO K 201 -41.90 -23.56 -47.56
CA PRO K 201 -40.50 -23.96 -47.78
C PRO K 201 -39.63 -22.86 -48.37
N ARG K 202 -40.17 -22.00 -49.25
CA ARG K 202 -39.36 -20.95 -49.84
C ARG K 202 -38.92 -19.94 -48.78
N ALA K 203 -39.80 -19.63 -47.83
CA ALA K 203 -39.42 -18.75 -46.73
C ALA K 203 -38.31 -19.37 -45.89
N LYS K 204 -38.39 -20.68 -45.65
CA LYS K 204 -37.35 -21.38 -44.88
C LYS K 204 -36.00 -21.26 -45.55
N PHE K 205 -35.95 -21.38 -46.89
CA PHE K 205 -34.67 -21.31 -47.59
C PHE K 205 -34.17 -19.88 -47.70
N ILE K 206 -35.08 -18.91 -47.85
CA ILE K 206 -34.67 -17.51 -47.88
C ILE K 206 -34.08 -17.10 -46.53
N ARG K 207 -34.70 -17.56 -45.44
CA ARG K 207 -34.24 -17.17 -44.11
C ARG K 207 -32.92 -17.85 -43.78
N THR K 208 -32.75 -19.11 -44.16
CA THR K 208 -31.46 -19.77 -44.00
C THR K 208 -30.39 -19.11 -44.86
N MET K 209 -30.74 -18.75 -46.10
CA MET K 209 -29.79 -18.08 -46.98
C MET K 209 -29.33 -16.75 -46.40
N PHE K 210 -30.30 -15.94 -45.93
CA PHE K 210 -29.99 -14.62 -45.33
C PHE K 210 -29.36 -14.80 -43.96
N GLY K 211 -29.62 -15.93 -43.32
CA GLY K 211 -28.95 -16.21 -42.05
C GLY K 211 -27.45 -16.32 -42.22
N GLU K 212 -27.01 -17.03 -43.26
CA GLU K 212 -25.57 -17.18 -43.48
C GLU K 212 -24.94 -15.96 -44.14
N ILE K 213 -25.71 -15.21 -44.93
CA ILE K 213 -25.25 -13.89 -45.36
C ILE K 213 -25.05 -12.99 -44.15
N THR K 214 -25.96 -13.03 -43.19
CA THR K 214 -25.82 -12.20 -41.97
C THR K 214 -24.70 -12.73 -41.07
N ARG K 215 -24.44 -14.03 -41.07
CA ARG K 215 -23.30 -14.53 -40.30
C ARG K 215 -21.98 -14.02 -40.88
N ILE K 216 -21.86 -13.98 -42.21
CA ILE K 216 -20.66 -13.45 -42.83
C ILE K 216 -20.51 -11.96 -42.54
N LEU K 217 -21.61 -11.20 -42.62
CA LEU K 217 -21.58 -9.76 -42.30
C LEU K 217 -21.09 -9.56 -40.87
N ASN K 218 -21.58 -10.40 -39.95
CA ASN K 218 -21.16 -10.27 -38.56
C ASN K 218 -19.68 -10.61 -38.38
N HIS K 219 -19.25 -11.75 -38.94
CA HIS K 219 -17.85 -12.15 -38.79
C HIS K 219 -16.91 -11.17 -39.47
N LEU K 220 -17.34 -10.58 -40.59
CA LEU K 220 -16.53 -9.53 -41.21
C LEU K 220 -16.35 -8.36 -40.25
N MET K 221 -17.42 -7.96 -39.56
CA MET K 221 -17.31 -6.91 -38.55
C MET K 221 -16.49 -7.38 -37.35
N SER K 222 -16.76 -8.59 -36.87
CA SER K 222 -16.15 -9.04 -35.62
C SER K 222 -14.67 -9.32 -35.80
N VAL K 223 -14.32 -10.22 -36.73
CA VAL K 223 -12.94 -10.65 -36.89
C VAL K 223 -12.05 -9.47 -37.29
N LEU K 224 -12.51 -8.64 -38.23
CA LEU K 224 -11.66 -7.61 -38.78
C LEU K 224 -11.49 -6.44 -37.82
N SER K 225 -12.57 -6.05 -37.13
CA SER K 225 -12.44 -4.99 -36.13
C SER K 225 -11.64 -5.48 -34.93
N HIS K 226 -11.71 -6.78 -34.64
CA HIS K 226 -10.82 -7.37 -33.65
C HIS K 226 -9.38 -7.32 -34.14
N ALA K 227 -9.16 -7.57 -35.43
CA ALA K 227 -7.83 -7.42 -36.00
C ALA K 227 -7.37 -5.98 -35.98
N MET K 228 -8.27 -5.03 -36.23
CA MET K 228 -7.89 -3.63 -36.25
C MET K 228 -7.55 -3.13 -34.85
N ASP K 229 -8.11 -3.76 -33.81
CA ASP K 229 -7.84 -3.32 -32.45
C ASP K 229 -6.42 -3.66 -32.03
N VAL K 230 -5.86 -4.75 -32.54
CA VAL K 230 -4.51 -5.15 -32.19
C VAL K 230 -3.53 -4.62 -33.23
N GLY K 231 -3.95 -3.65 -34.07
CA GLY K 231 -2.97 -3.01 -34.97
C GLY K 231 -3.07 -3.36 -36.44
N ALA K 232 -3.79 -4.41 -36.84
CA ALA K 232 -3.84 -4.82 -38.26
C ALA K 232 -4.94 -4.05 -39.01
N LEU K 233 -4.46 -2.80 -39.63
CA LEU K 233 -5.40 -1.83 -40.25
C LEU K 233 -6.06 -2.44 -41.50
N THR K 234 -5.32 -3.07 -42.45
CA THR K 234 -5.69 -3.36 -43.86
C THR K 234 -6.85 -4.36 -44.10
N PRO K 235 -6.94 -5.52 -43.41
CA PRO K 235 -8.01 -6.49 -43.65
C PRO K 235 -9.39 -5.86 -43.37
N PHE K 236 -9.47 -4.97 -42.37
CA PHE K 236 -10.72 -4.27 -42.08
C PHE K 236 -11.19 -3.50 -43.32
N LEU K 237 -10.30 -2.80 -44.02
CA LEU K 237 -10.65 -2.06 -45.26
C LEU K 237 -11.09 -3.05 -46.35
N TRP K 238 -10.34 -4.12 -46.56
CA TRP K 238 -10.72 -5.06 -47.63
C TRP K 238 -12.08 -5.66 -47.36
N GLY K 239 -12.31 -6.14 -46.13
CA GLY K 239 -13.51 -6.88 -45.83
C GLY K 239 -14.76 -6.05 -45.72
N PHE K 240 -14.62 -4.75 -45.45
CA PHE K 240 -15.81 -3.90 -45.40
C PHE K 240 -16.32 -3.52 -46.78
N GLU K 241 -15.52 -3.70 -47.83
CA GLU K 241 -16.10 -3.69 -49.16
C GLU K 241 -16.97 -4.92 -49.40
N GLU K 242 -16.59 -6.06 -48.81
CA GLU K 242 -17.45 -7.23 -48.85
C GLU K 242 -18.75 -6.97 -48.10
N ARG K 243 -18.67 -6.27 -46.97
CA ARG K 243 -19.87 -5.85 -46.26
C ARG K 243 -20.76 -4.97 -47.14
N GLU K 244 -20.17 -4.06 -47.90
CA GLU K 244 -20.94 -3.21 -48.79
C GLU K 244 -21.70 -4.04 -49.82
N LYS K 245 -21.05 -5.06 -50.40
CA LYS K 245 -21.72 -5.91 -51.38
C LYS K 245 -22.88 -6.66 -50.75
N LEU K 246 -22.73 -7.18 -49.56
CA LEU K 246 -23.80 -7.98 -48.93
C LEU K 246 -24.90 -7.05 -48.37
N MET K 247 -24.57 -5.79 -48.07
CA MET K 247 -25.59 -4.81 -47.59
C MET K 247 -26.50 -4.41 -48.74
N GLU K 248 -26.02 -4.48 -49.96
CA GLU K 248 -26.84 -4.23 -51.15
C GLU K 248 -27.94 -5.30 -51.23
N PHE K 249 -27.62 -6.55 -50.94
CA PHE K 249 -28.62 -7.65 -50.94
C PHE K 249 -29.70 -7.38 -49.89
N TYR K 250 -29.32 -6.87 -48.72
CA TYR K 250 -30.27 -6.47 -47.65
C TYR K 250 -31.17 -5.33 -48.15
N GLU K 251 -30.62 -4.30 -48.77
CA GLU K 251 -31.37 -3.17 -49.36
C GLU K 251 -32.22 -3.63 -50.56
N ARG K 252 -31.75 -4.56 -51.39
CA ARG K 252 -32.59 -5.06 -52.49
C ARG K 252 -33.87 -5.76 -51.98
N VAL K 253 -33.76 -6.64 -50.98
CA VAL K 253 -34.94 -7.35 -50.40
C VAL K 253 -35.87 -6.45 -49.58
N SER K 254 -35.33 -5.63 -48.70
CA SER K 254 -36.11 -4.71 -47.85
C SER K 254 -35.80 -3.37 -48.47
N GLY K 255 -35.89 -2.30 -47.77
CA GLY K 255 -35.36 -1.06 -48.28
C GLY K 255 -34.39 -0.41 -47.32
N ALA K 256 -33.56 -1.26 -46.69
CA ALA K 256 -32.66 -0.76 -45.62
C ALA K 256 -31.28 -1.42 -45.76
N ARG K 257 -30.23 -0.70 -45.42
CA ARG K 257 -28.85 -1.23 -45.39
C ARG K 257 -28.67 -2.17 -44.20
N LEU K 258 -29.26 -1.81 -43.05
CA LEU K 258 -29.09 -2.54 -41.77
C LEU K 258 -30.40 -3.09 -41.22
N HIS K 259 -31.35 -2.23 -40.84
CA HIS K 259 -32.58 -2.67 -40.10
C HIS K 259 -33.70 -3.11 -41.03
N ALA K 260 -33.55 -4.28 -41.62
CA ALA K 260 -34.43 -4.71 -42.72
C ALA K 260 -35.87 -4.97 -42.29
N ALA K 261 -36.07 -5.44 -41.06
CA ALA K 261 -37.39 -5.88 -40.62
C ALA K 261 -37.98 -6.86 -41.63
N TYR K 262 -37.11 -7.73 -42.16
CA TYR K 262 -37.44 -8.58 -43.29
C TYR K 262 -38.02 -9.92 -42.87
N VAL K 263 -37.41 -10.59 -41.90
CA VAL K 263 -37.91 -11.86 -41.39
C VAL K 263 -38.94 -11.56 -40.32
N ARG K 264 -40.17 -12.08 -40.64
CA ARG K 264 -41.31 -11.84 -39.73
C ARG K 264 -41.92 -13.19 -39.40
N PRO K 265 -42.72 -13.32 -38.29
CA PRO K 265 -43.49 -14.55 -38.08
C PRO K 265 -44.41 -14.80 -39.27
N GLY K 266 -44.34 -16.02 -39.80
CA GLY K 266 -45.00 -16.37 -41.04
C GLY K 266 -44.10 -16.47 -42.24
N GLY K 267 -42.86 -15.98 -42.14
CA GLY K 267 -41.94 -16.05 -43.25
C GLY K 267 -41.09 -14.80 -43.40
N VAL K 268 -41.16 -14.16 -44.57
CA VAL K 268 -40.46 -12.92 -44.82
C VAL K 268 -41.46 -11.93 -45.39
N HIS K 269 -41.11 -10.64 -45.29
CA HIS K 269 -42.03 -9.57 -45.67
C HIS K 269 -42.52 -9.73 -47.10
N GLN K 270 -41.57 -9.67 -48.03
CA GLN K 270 -41.89 -9.77 -49.47
C GLN K 270 -40.91 -10.73 -50.13
N ASP K 271 -41.23 -11.18 -51.33
CA ASP K 271 -40.33 -12.06 -52.07
C ASP K 271 -39.12 -11.28 -52.59
N ILE K 272 -38.08 -12.03 -52.93
CA ILE K 272 -36.84 -11.46 -53.44
C ILE K 272 -37.04 -11.04 -54.89
N PRO K 273 -36.42 -9.94 -55.32
CA PRO K 273 -36.57 -9.51 -56.73
C PRO K 273 -35.95 -10.53 -57.67
N VAL K 274 -36.44 -10.55 -58.91
CA VAL K 274 -36.25 -11.68 -59.80
C VAL K 274 -34.80 -11.82 -60.27
N GLY K 275 -33.95 -10.85 -59.98
CA GLY K 275 -32.55 -10.96 -60.38
C GLY K 275 -31.56 -11.08 -59.24
N LEU K 276 -32.05 -11.37 -58.04
CA LEU K 276 -31.18 -11.35 -56.86
C LEU K 276 -30.32 -12.61 -56.75
N LEU K 277 -30.85 -13.79 -57.10
CA LEU K 277 -30.15 -15.03 -56.83
C LEU K 277 -28.83 -15.11 -57.58
N ASP K 278 -28.88 -14.64 -58.84
CA ASP K 278 -27.73 -14.59 -59.78
C ASP K 278 -26.70 -13.56 -59.31
N ASP K 279 -27.15 -12.45 -58.75
CA ASP K 279 -26.27 -11.42 -58.21
C ASP K 279 -25.58 -11.92 -56.94
N ILE K 280 -26.30 -12.68 -56.11
CA ILE K 280 -25.66 -13.36 -54.98
C ILE K 280 -24.67 -14.39 -55.48
N TYR K 281 -25.03 -15.14 -56.52
CA TYR K 281 -24.14 -16.15 -57.08
C TYR K 281 -22.85 -15.52 -57.61
N GLN K 282 -22.96 -14.39 -58.29
CA GLN K 282 -21.76 -13.73 -58.82
C GLN K 282 -20.83 -13.29 -57.69
N TRP K 283 -21.38 -12.76 -56.61
CA TRP K 283 -20.57 -12.44 -55.46
C TRP K 283 -19.96 -13.69 -54.83
N ALA K 284 -20.67 -14.81 -54.89
CA ALA K 284 -20.20 -16.06 -54.29
C ALA K 284 -18.98 -16.63 -55.01
N THR K 285 -18.86 -16.41 -56.32
CA THR K 285 -17.73 -16.97 -57.06
C THR K 285 -16.41 -16.30 -56.69
N GLN K 286 -16.45 -15.11 -56.07
CA GLN K 286 -15.24 -14.38 -55.74
C GLN K 286 -14.99 -14.26 -54.24
N PHE K 287 -15.91 -14.72 -53.40
CA PHE K 287 -15.76 -14.51 -51.96
C PHE K 287 -14.69 -15.39 -51.34
N GLY K 288 -14.46 -16.58 -51.89
CA GLY K 288 -13.41 -17.44 -51.37
C GLY K 288 -12.05 -16.77 -51.40
N ASP K 289 -11.76 -16.04 -52.48
CA ASP K 289 -10.50 -15.31 -52.58
C ASP K 289 -10.41 -14.22 -51.50
N ARG K 290 -11.54 -13.57 -51.19
CA ARG K 290 -11.53 -12.55 -50.14
C ARG K 290 -11.17 -13.17 -48.78
N ILE K 291 -11.72 -14.34 -48.47
CA ILE K 291 -11.36 -15.04 -47.24
C ILE K 291 -9.88 -15.38 -47.24
N ASP K 292 -9.39 -15.91 -48.36
CA ASP K 292 -8.00 -16.34 -48.44
C ASP K 292 -7.03 -15.18 -48.22
N GLU K 293 -7.30 -14.03 -48.86
CA GLU K 293 -6.41 -12.89 -48.70
C GLU K 293 -6.42 -12.36 -47.27
N THR K 294 -7.55 -12.49 -46.57
CA THR K 294 -7.56 -12.17 -45.15
C THR K 294 -6.66 -13.12 -44.37
N GLU K 295 -6.72 -14.42 -44.70
CA GLU K 295 -5.87 -15.39 -44.02
C GLU K 295 -4.40 -15.22 -44.38
N GLU K 296 -4.10 -14.52 -45.49
CA GLU K 296 -2.71 -14.30 -45.86
C GLU K 296 -2.02 -13.33 -44.90
N MET K 297 -2.77 -12.45 -44.27
CA MET K 297 -2.19 -11.43 -43.39
C MET K 297 -2.18 -11.83 -41.93
N LEU K 298 -2.99 -12.79 -41.52
CA LEU K 298 -3.19 -13.07 -40.11
C LEU K 298 -2.79 -14.47 -39.68
N THR K 299 -3.22 -15.50 -40.42
CA THR K 299 -3.19 -16.86 -39.89
C THR K 299 -1.77 -17.31 -39.56
N ASP K 300 -0.83 -17.09 -40.48
CA ASP K 300 0.55 -17.51 -40.24
C ASP K 300 1.41 -16.40 -39.66
N ASN K 301 0.90 -15.19 -39.56
CA ASN K 301 1.69 -14.05 -39.13
C ASN K 301 2.13 -14.23 -37.67
N ARG K 302 3.44 -14.10 -37.42
CA ARG K 302 3.94 -14.43 -36.09
C ARG K 302 3.56 -13.38 -35.05
N ILE K 303 3.35 -12.13 -35.47
CA ILE K 303 2.83 -11.13 -34.55
C ILE K 303 1.39 -11.45 -34.17
N TRP K 304 0.57 -11.82 -35.15
CA TRP K 304 -0.83 -12.20 -34.89
C TRP K 304 -0.90 -13.41 -33.96
N ILE K 305 -0.08 -14.43 -34.23
CA ILE K 305 -0.06 -15.62 -33.38
C ILE K 305 0.40 -15.28 -31.98
N ASN K 306 1.45 -14.46 -31.86
CA ASN K 306 1.97 -14.12 -30.54
C ASN K 306 1.02 -13.24 -29.76
N ARG K 307 0.13 -12.55 -30.44
CA ARG K 307 -0.92 -11.74 -29.78
C ARG K 307 -2.10 -12.65 -29.37
N LEU K 308 -2.34 -13.74 -30.06
CA LEU K 308 -3.56 -14.56 -29.78
C LEU K 308 -3.31 -15.91 -29.10
N LYS K 309 -2.17 -16.56 -29.29
CA LYS K 309 -1.99 -17.92 -28.81
C LYS K 309 -1.79 -17.95 -27.30
N GLY K 310 -2.54 -18.81 -26.62
CA GLY K 310 -2.48 -18.87 -25.17
C GLY K 310 -3.13 -17.72 -24.45
N VAL K 311 -3.85 -16.86 -25.16
CA VAL K 311 -4.53 -15.69 -24.56
C VAL K 311 -6.02 -15.98 -24.40
N GLY K 312 -6.60 -15.58 -23.28
CA GLY K 312 -8.04 -15.77 -23.01
C GLY K 312 -8.46 -17.22 -22.98
N VAL K 313 -7.63 -18.08 -22.43
CA VAL K 313 -7.96 -19.53 -22.31
C VAL K 313 -9.11 -19.79 -21.34
N VAL K 314 -10.08 -20.59 -21.74
CA VAL K 314 -11.13 -21.07 -20.82
C VAL K 314 -11.21 -22.56 -21.09
N SER K 315 -11.26 -23.37 -20.04
CA SER K 315 -11.45 -24.81 -20.27
C SER K 315 -12.88 -25.19 -20.72
N ALA K 316 -13.04 -26.31 -21.40
CA ALA K 316 -14.37 -26.82 -21.82
C ALA K 316 -15.36 -26.90 -20.65
N ALA K 317 -14.90 -27.32 -19.47
CA ALA K 317 -15.82 -27.44 -18.33
C ALA K 317 -16.30 -26.08 -17.85
N ASP K 318 -15.38 -25.12 -17.72
CA ASP K 318 -15.78 -23.80 -17.22
C ASP K 318 -16.59 -23.03 -18.24
N ALA K 319 -16.35 -23.24 -19.54
CA ALA K 319 -17.12 -22.56 -20.56
C ALA K 319 -18.60 -22.90 -20.47
N LEU K 320 -18.91 -24.16 -20.20
CA LEU K 320 -20.31 -24.55 -20.01
C LEU K 320 -20.88 -23.91 -18.74
N ASN K 321 -20.12 -23.89 -17.64
CA ASN K 321 -20.63 -23.35 -16.35
C ASN K 321 -20.73 -21.80 -16.39
N LEU K 322 -20.01 -21.16 -17.29
CA LEU K 322 -20.04 -19.68 -17.44
C LEU K 322 -21.15 -19.25 -18.41
N SER K 323 -21.87 -20.20 -19.01
CA SER K 323 -22.96 -19.92 -19.98
C SER K 323 -22.42 -19.52 -21.36
N PHE K 324 -21.16 -19.84 -21.67
CA PHE K 324 -20.55 -19.59 -23.00
C PHE K 324 -21.22 -20.41 -24.10
N THR K 325 -21.52 -19.74 -25.19
CA THR K 325 -22.12 -20.44 -26.35
C THR K 325 -21.34 -20.07 -27.62
N GLY K 326 -21.63 -20.75 -28.71
CA GLY K 326 -21.06 -20.42 -30.01
C GLY K 326 -19.57 -20.68 -30.07
N VAL K 327 -18.83 -19.71 -30.61
CA VAL K 327 -17.39 -19.87 -30.77
C VAL K 327 -16.69 -19.86 -29.42
N MET K 328 -17.18 -19.07 -28.46
CA MET K 328 -16.62 -19.07 -27.12
C MET K 328 -16.70 -20.43 -26.44
N LEU K 329 -17.62 -21.28 -26.89
CA LEU K 329 -17.73 -22.65 -26.40
C LEU K 329 -17.00 -23.64 -27.29
N ARG K 330 -17.12 -23.51 -28.61
CA ARG K 330 -16.51 -24.46 -29.52
C ARG K 330 -14.99 -24.31 -29.55
N GLY K 331 -14.47 -23.13 -29.22
CA GLY K 331 -13.03 -22.95 -29.16
C GLY K 331 -12.36 -23.81 -28.11
N SER K 332 -13.10 -24.19 -27.06
CA SER K 332 -12.59 -25.03 -25.99
C SER K 332 -12.81 -26.53 -26.25
N GLY K 333 -13.13 -26.90 -27.48
CA GLY K 333 -13.18 -28.30 -27.85
C GLY K 333 -14.55 -28.95 -27.82
N VAL K 334 -15.58 -28.26 -27.36
CA VAL K 334 -16.91 -28.85 -27.27
C VAL K 334 -17.58 -28.79 -28.64
N PRO K 335 -17.90 -29.91 -29.27
CA PRO K 335 -18.61 -29.87 -30.55
C PRO K 335 -20.10 -29.65 -30.34
N TRP K 336 -20.56 -28.43 -30.61
CA TRP K 336 -21.93 -28.04 -30.32
C TRP K 336 -22.33 -26.88 -31.22
N ASP K 337 -23.36 -27.10 -32.03
CA ASP K 337 -23.94 -26.02 -32.83
C ASP K 337 -25.45 -26.16 -32.77
N VAL K 338 -26.14 -25.06 -32.47
CA VAL K 338 -27.60 -25.10 -32.37
C VAL K 338 -28.22 -25.50 -33.69
N ARG K 339 -27.59 -25.11 -34.81
CA ARG K 339 -28.09 -25.50 -36.11
C ARG K 339 -28.02 -27.02 -36.30
N LYS K 340 -27.10 -27.69 -35.62
CA LYS K 340 -27.00 -29.14 -35.69
C LYS K 340 -27.84 -29.82 -34.63
N SER K 341 -27.80 -29.31 -33.40
CA SER K 341 -28.46 -29.99 -32.28
C SER K 341 -29.97 -29.82 -32.33
N SER K 342 -30.45 -28.62 -32.68
CA SER K 342 -31.88 -28.35 -32.79
C SER K 342 -32.13 -27.58 -34.09
N PRO K 343 -32.17 -28.29 -35.25
CA PRO K 343 -32.32 -27.64 -36.55
C PRO K 343 -33.58 -26.80 -36.77
N TYR K 344 -33.45 -25.64 -37.40
CA TYR K 344 -34.57 -24.69 -37.62
C TYR K 344 -34.49 -24.18 -39.07
N ASP K 345 -35.59 -23.73 -39.65
CA ASP K 345 -35.63 -23.27 -41.06
C ASP K 345 -35.18 -24.38 -42.00
N ALA K 346 -34.14 -24.13 -42.77
CA ALA K 346 -33.68 -25.15 -43.71
C ALA K 346 -32.28 -25.67 -43.35
N TYR K 347 -31.80 -25.52 -42.09
CA TYR K 347 -30.44 -25.99 -41.85
C TYR K 347 -30.34 -27.50 -41.87
N ASP K 348 -31.42 -28.22 -41.78
CA ASP K 348 -31.41 -29.70 -41.87
C ASP K 348 -31.34 -30.14 -43.33
N GLN K 349 -31.61 -29.21 -44.22
CA GLN K 349 -31.57 -29.52 -45.64
C GLN K 349 -30.25 -29.12 -46.30
N VAL K 350 -29.29 -28.60 -45.54
CA VAL K 350 -28.03 -28.13 -46.08
C VAL K 350 -26.88 -28.87 -45.40
N GLU K 351 -25.74 -28.91 -46.09
CA GLU K 351 -24.53 -29.57 -45.60
C GLU K 351 -23.51 -28.52 -45.19
N PHE K 352 -22.91 -28.71 -44.02
CA PHE K 352 -21.87 -27.81 -43.54
C PHE K 352 -21.15 -28.47 -42.38
N ASP K 353 -19.92 -28.00 -42.14
CA ASP K 353 -19.10 -28.50 -41.05
C ASP K 353 -19.01 -27.45 -39.95
N VAL K 354 -18.70 -27.93 -38.74
CA VAL K 354 -18.66 -27.12 -37.54
C VAL K 354 -17.20 -27.03 -37.10
N PRO K 355 -16.56 -25.86 -37.22
CA PRO K 355 -15.18 -25.73 -36.73
C PRO K 355 -15.14 -25.75 -35.20
N VAL K 356 -14.21 -26.55 -34.67
CA VAL K 356 -14.04 -26.71 -33.23
C VAL K 356 -12.56 -26.59 -32.90
N GLY K 357 -12.24 -25.78 -31.88
CA GLY K 357 -10.88 -25.62 -31.43
C GLY K 357 -10.49 -26.66 -30.40
N ILE K 358 -9.24 -26.59 -29.95
CA ILE K 358 -8.78 -27.53 -28.93
C ILE K 358 -8.09 -26.86 -27.75
N ASN K 359 -7.57 -25.64 -27.88
CA ASN K 359 -6.85 -25.00 -26.79
C ASN K 359 -7.67 -23.94 -26.08
N GLY K 360 -8.87 -23.63 -26.56
CA GLY K 360 -9.73 -22.68 -25.89
C GLY K 360 -9.15 -21.28 -25.76
N ASP K 361 -8.37 -20.83 -26.72
CA ASP K 361 -7.70 -19.54 -26.66
C ASP K 361 -8.16 -18.66 -27.82
N CYS K 362 -7.67 -17.42 -27.82
CA CYS K 362 -8.05 -16.47 -28.85
C CYS K 362 -7.63 -16.93 -30.24
N TYR K 363 -6.52 -17.66 -30.35
CA TYR K 363 -6.09 -18.14 -31.65
C TYR K 363 -7.02 -19.21 -32.21
N ASP K 364 -7.44 -20.16 -31.35
CA ASP K 364 -8.40 -21.16 -31.80
C ASP K 364 -9.71 -20.54 -32.21
N ARG K 365 -10.19 -19.55 -31.45
CA ARG K 365 -11.45 -18.91 -31.77
C ARG K 365 -11.36 -18.09 -33.04
N TYR K 366 -10.17 -17.53 -33.34
CA TYR K 366 -9.97 -16.87 -34.63
C TYR K 366 -10.03 -17.87 -35.78
N LEU K 367 -9.45 -19.05 -35.60
CA LEU K 367 -9.44 -20.04 -36.68
C LEU K 367 -10.83 -20.65 -36.91
N CYS K 368 -11.60 -20.81 -35.84
CA CYS K 368 -12.98 -21.28 -36.00
C CYS K 368 -13.81 -20.27 -36.78
N ARG K 369 -13.62 -18.97 -36.52
CA ARG K 369 -14.40 -17.95 -37.21
C ARG K 369 -13.99 -17.82 -38.67
N MET K 370 -12.72 -18.01 -38.99
CA MET K 370 -12.29 -17.97 -40.39
C MET K 370 -12.86 -19.15 -41.17
N GLU K 371 -12.93 -20.32 -40.56
CA GLU K 371 -13.53 -21.48 -41.20
C GLU K 371 -15.05 -21.34 -41.30
N GLU K 372 -15.66 -20.62 -40.35
CA GLU K 372 -17.09 -20.38 -40.42
C GLU K 372 -17.44 -19.51 -41.64
N PHE K 373 -16.53 -18.64 -42.05
CA PHE K 373 -16.68 -17.92 -43.32
C PHE K 373 -16.92 -18.88 -44.47
N ARG K 374 -16.10 -19.94 -44.56
CA ARG K 374 -16.16 -20.85 -45.69
C ARG K 374 -17.40 -21.74 -45.63
N GLN K 375 -17.82 -22.15 -44.43
CA GLN K 375 -19.02 -22.97 -44.32
C GLN K 375 -20.28 -22.14 -44.58
N SER K 376 -20.25 -20.85 -44.23
CA SER K 376 -21.38 -19.98 -44.55
C SER K 376 -21.53 -19.83 -46.06
N LEU K 377 -20.43 -19.59 -46.75
CA LEU K 377 -20.46 -19.52 -48.21
C LEU K 377 -20.91 -20.85 -48.81
N ARG K 378 -20.48 -21.95 -48.19
CA ARG K 378 -20.90 -23.28 -48.66
C ARG K 378 -22.40 -23.48 -48.49
N ILE K 379 -22.98 -22.96 -47.41
CA ILE K 379 -24.42 -23.06 -47.22
C ILE K 379 -25.16 -22.17 -48.21
N ILE K 380 -24.66 -20.95 -48.43
CA ILE K 380 -25.32 -20.01 -49.33
C ILE K 380 -25.40 -20.59 -50.73
N HIS K 381 -24.35 -21.26 -51.19
CA HIS K 381 -24.38 -21.86 -52.51
C HIS K 381 -25.43 -22.96 -52.60
N GLN K 382 -25.59 -23.76 -51.55
CA GLN K 382 -26.62 -24.78 -51.53
C GLN K 382 -28.02 -24.16 -51.52
N CYS K 383 -28.20 -23.05 -50.80
CA CYS K 383 -29.50 -22.40 -50.76
C CYS K 383 -29.86 -21.80 -52.12
N LEU K 384 -28.86 -21.35 -52.88
CA LEU K 384 -29.12 -20.82 -54.20
C LEU K 384 -29.68 -21.89 -55.14
N ASN K 385 -29.21 -23.12 -54.99
CA ASN K 385 -29.62 -24.20 -55.88
C ASN K 385 -30.86 -24.93 -55.39
N LYS K 386 -31.12 -24.91 -54.08
CA LYS K 386 -32.26 -25.60 -53.50
C LYS K 386 -33.47 -24.70 -53.33
N MET K 387 -33.36 -23.41 -53.67
CA MET K 387 -34.45 -22.45 -53.53
C MET K 387 -35.69 -22.95 -54.27
N PRO K 388 -36.75 -23.28 -53.56
CA PRO K 388 -37.98 -23.74 -54.22
C PRO K 388 -38.91 -22.58 -54.58
N ALA K 389 -39.88 -22.89 -55.42
CA ALA K 389 -40.91 -21.93 -55.78
C ALA K 389 -42.06 -21.99 -54.77
N GLY K 390 -42.83 -20.91 -54.74
CA GLY K 390 -43.97 -20.83 -53.84
C GLY K 390 -44.00 -19.54 -53.04
N PRO K 391 -44.97 -19.44 -52.14
CA PRO K 391 -45.11 -18.21 -51.35
C PRO K 391 -44.03 -18.07 -50.29
N VAL K 392 -43.79 -16.83 -49.89
CA VAL K 392 -42.79 -16.49 -48.89
C VAL K 392 -43.40 -16.12 -47.56
N ARG K 393 -44.74 -16.03 -47.54
CA ARG K 393 -45.48 -15.70 -46.29
C ARG K 393 -46.46 -16.86 -46.05
N TYR K 394 -46.59 -17.33 -44.80
CA TYR K 394 -47.63 -18.34 -44.47
C TYR K 394 -48.96 -17.91 -45.12
N GLU K 395 -49.69 -18.82 -45.74
CA GLU K 395 -50.93 -18.50 -46.50
C GLU K 395 -52.22 -18.49 -45.66
N ASP K 396 -52.23 -17.72 -44.59
CA ASP K 396 -53.45 -17.49 -43.80
C ASP K 396 -53.40 -15.98 -43.58
N TYR K 397 -54.37 -15.26 -44.13
CA TYR K 397 -54.45 -13.81 -43.95
C TYR K 397 -54.91 -13.41 -42.56
N LYS K 398 -55.19 -14.38 -41.68
CA LYS K 398 -55.40 -14.07 -40.28
C LYS K 398 -54.11 -13.88 -39.51
N ILE K 399 -52.97 -14.27 -40.09
CA ILE K 399 -51.65 -14.07 -39.49
C ILE K 399 -50.78 -13.16 -40.35
N THR K 400 -50.66 -13.47 -41.64
CA THR K 400 -49.84 -12.62 -42.48
C THR K 400 -50.71 -11.67 -43.29
N PRO K 401 -50.23 -10.47 -43.56
CA PRO K 401 -51.02 -9.51 -44.36
C PRO K 401 -51.25 -10.06 -45.76
N PRO K 402 -52.45 -9.84 -46.34
CA PRO K 402 -52.71 -10.24 -47.72
C PRO K 402 -51.91 -9.40 -48.73
N PRO K 403 -51.70 -9.91 -49.96
CA PRO K 403 -51.07 -9.12 -51.03
C PRO K 403 -51.90 -7.85 -51.25
N ARG K 404 -51.28 -6.75 -51.62
CA ARG K 404 -51.99 -5.47 -51.78
C ARG K 404 -53.11 -5.56 -52.81
N ALA K 405 -52.92 -6.33 -53.87
CA ALA K 405 -53.96 -6.52 -54.90
C ALA K 405 -55.16 -7.25 -54.31
N ALA K 406 -54.93 -8.25 -53.45
CA ALA K 406 -56.06 -8.89 -52.77
C ALA K 406 -56.77 -7.92 -51.84
N MET K 407 -56.01 -7.08 -51.13
CA MET K 407 -56.61 -6.16 -50.16
C MET K 407 -57.51 -5.13 -50.83
N LYS K 408 -57.19 -4.72 -52.06
CA LYS K 408 -58.01 -3.77 -52.79
C LYS K 408 -59.10 -4.44 -53.62
N GLU K 409 -59.15 -5.77 -53.63
CA GLU K 409 -60.05 -6.49 -54.52
C GLU K 409 -61.23 -7.13 -53.81
N ASN K 410 -61.02 -7.93 -52.76
CA ASN K 410 -62.10 -8.68 -52.15
C ASN K 410 -62.28 -8.29 -50.68
N MET K 411 -63.52 -8.37 -50.20
CA MET K 411 -63.92 -7.96 -48.82
C MET K 411 -63.11 -8.66 -47.75
N GLU K 412 -62.97 -9.97 -47.86
CA GLU K 412 -62.29 -10.72 -46.81
C GLU K 412 -60.85 -10.25 -46.62
N ALA K 413 -60.12 -10.05 -47.72
CA ALA K 413 -58.73 -9.63 -47.62
C ALA K 413 -58.61 -8.24 -47.00
N LEU K 414 -59.49 -7.31 -47.38
CA LEU K 414 -59.43 -5.95 -46.83
C LEU K 414 -59.66 -5.96 -45.32
N ILE K 415 -60.64 -6.67 -44.84
CA ILE K 415 -60.85 -6.83 -43.37
C ILE K 415 -59.57 -7.37 -42.69
N HIS K 416 -59.02 -8.44 -43.20
CA HIS K 416 -57.84 -9.02 -42.58
C HIS K 416 -56.66 -8.07 -42.61
N HIS K 417 -56.53 -7.28 -43.67
CA HIS K 417 -55.50 -6.24 -43.70
C HIS K 417 -55.75 -5.18 -42.63
N PHE K 418 -57.01 -4.74 -42.50
CA PHE K 418 -57.34 -3.72 -41.50
C PHE K 418 -57.02 -4.20 -40.09
N LEU K 419 -57.40 -5.44 -39.78
CA LEU K 419 -57.25 -5.93 -38.41
C LEU K 419 -55.79 -6.20 -38.06
N LEU K 420 -55.01 -6.70 -39.02
CA LEU K 420 -53.62 -7.03 -38.73
C LEU K 420 -52.77 -5.79 -38.48
N PHE K 421 -53.14 -4.66 -39.07
CA PHE K 421 -52.36 -3.44 -38.92
C PHE K 421 -52.90 -2.50 -37.83
N THR K 422 -54.06 -2.80 -37.25
CA THR K 422 -54.56 -2.03 -36.11
C THR K 422 -54.56 -2.86 -34.84
N LYS K 423 -55.21 -4.02 -34.83
CA LYS K 423 -55.20 -4.87 -33.65
C LYS K 423 -53.98 -5.78 -33.61
N GLY K 424 -53.63 -6.36 -34.75
CA GLY K 424 -52.65 -7.43 -34.82
C GLY K 424 -53.29 -8.80 -34.64
N TYR K 425 -52.54 -9.83 -34.99
CA TYR K 425 -53.03 -11.19 -34.82
C TYR K 425 -52.92 -11.61 -33.37
N ALA K 426 -53.87 -12.42 -32.94
CA ALA K 426 -53.84 -12.97 -31.59
C ALA K 426 -53.01 -14.24 -31.56
N VAL K 427 -52.17 -14.36 -30.55
CA VAL K 427 -51.25 -15.48 -30.40
C VAL K 427 -51.76 -16.37 -29.27
N PRO K 428 -51.89 -17.67 -29.48
CA PRO K 428 -52.44 -18.55 -28.43
C PRO K 428 -51.61 -18.45 -27.16
N PRO K 429 -52.26 -18.51 -26.00
CA PRO K 429 -51.55 -18.30 -24.75
C PRO K 429 -50.56 -19.41 -24.48
N GLY K 430 -49.52 -19.08 -23.73
CA GLY K 430 -48.48 -20.01 -23.37
C GLY K 430 -47.14 -19.32 -23.34
N ASP K 431 -46.09 -20.13 -23.28
CA ASP K 431 -44.74 -19.59 -23.23
C ASP K 431 -43.80 -20.56 -23.92
N THR K 432 -42.67 -20.03 -24.38
CA THR K 432 -41.68 -20.84 -25.06
C THR K 432 -40.33 -20.18 -24.92
N TYR K 433 -39.29 -21.01 -24.81
CA TYR K 433 -37.92 -20.57 -24.97
C TYR K 433 -37.41 -21.12 -26.29
N THR K 434 -37.05 -20.23 -27.20
CA THR K 434 -36.59 -20.60 -28.53
C THR K 434 -35.18 -20.05 -28.73
N ALA K 435 -34.27 -20.90 -29.18
CA ALA K 435 -32.88 -20.53 -29.35
C ALA K 435 -32.43 -20.85 -30.77
N ILE K 436 -31.52 -20.03 -31.29
CA ILE K 436 -30.87 -20.26 -32.57
C ILE K 436 -29.38 -20.08 -32.39
N GLU K 437 -28.62 -20.57 -33.36
CA GLU K 437 -27.18 -20.33 -33.39
C GLU K 437 -26.96 -19.00 -34.12
N ALA K 438 -26.98 -17.91 -33.36
CA ALA K 438 -26.69 -16.59 -33.89
C ALA K 438 -25.20 -16.49 -34.20
N PRO K 439 -24.79 -15.50 -35.00
CA PRO K 439 -23.36 -15.37 -35.30
C PRO K 439 -22.50 -15.21 -34.06
N LYS K 440 -23.02 -14.65 -32.98
CA LYS K 440 -22.26 -14.48 -31.75
C LYS K 440 -22.51 -15.58 -30.72
N GLY K 441 -23.26 -16.61 -31.09
CA GLY K 441 -23.50 -17.72 -30.20
C GLY K 441 -24.98 -17.98 -30.05
N GLU K 442 -25.34 -18.69 -28.99
CA GLU K 442 -26.75 -19.04 -28.77
C GLU K 442 -27.53 -17.79 -28.41
N MET K 443 -28.34 -17.31 -29.34
CA MET K 443 -29.34 -16.31 -29.04
C MET K 443 -30.65 -16.99 -28.75
N GLY K 444 -31.31 -16.59 -27.66
CA GLY K 444 -32.60 -17.12 -27.31
C GLY K 444 -33.56 -16.00 -26.95
N VAL K 445 -34.85 -16.32 -27.03
CA VAL K 445 -35.89 -15.41 -26.62
C VAL K 445 -36.94 -16.20 -25.86
N TYR K 446 -37.41 -15.62 -24.76
CA TYR K 446 -38.43 -16.23 -23.92
C TYR K 446 -39.66 -15.33 -23.98
N VAL K 447 -40.72 -15.85 -24.59
CA VAL K 447 -41.95 -15.09 -24.80
C VAL K 447 -43.08 -15.74 -24.02
N VAL K 448 -43.85 -14.93 -23.32
CA VAL K 448 -45.07 -15.36 -22.67
C VAL K 448 -46.25 -14.68 -23.38
N SER K 449 -47.17 -15.50 -23.87
CA SER K 449 -48.38 -15.02 -24.52
C SER K 449 -49.57 -15.15 -23.57
N ASP K 450 -50.39 -14.11 -23.50
CA ASP K 450 -51.60 -14.12 -22.70
C ASP K 450 -52.86 -14.35 -23.53
N GLY K 451 -52.72 -14.69 -24.81
CA GLY K 451 -53.83 -14.87 -25.70
C GLY K 451 -54.20 -13.64 -26.49
N SER K 452 -53.67 -12.47 -26.14
CA SER K 452 -54.03 -11.23 -26.80
C SER K 452 -53.09 -10.95 -27.96
N GLU K 453 -53.17 -9.74 -28.51
CA GLU K 453 -52.33 -9.34 -29.63
C GLU K 453 -51.03 -8.69 -29.19
N ARG K 454 -50.85 -8.44 -27.90
CA ARG K 454 -49.58 -7.94 -27.37
C ARG K 454 -48.92 -9.02 -26.51
N PRO K 455 -47.61 -9.20 -26.63
CA PRO K 455 -46.93 -10.18 -25.77
C PRO K 455 -46.95 -9.74 -24.33
N TYR K 456 -47.17 -10.68 -23.40
CA TYR K 456 -47.17 -10.38 -21.94
C TYR K 456 -45.73 -10.14 -21.48
N ARG K 457 -44.80 -10.90 -22.03
CA ARG K 457 -43.41 -10.80 -21.59
C ARG K 457 -42.52 -11.24 -22.74
N VAL K 458 -41.49 -10.43 -23.01
CA VAL K 458 -40.45 -10.79 -23.97
C VAL K 458 -39.11 -10.59 -23.28
N HIS K 459 -38.40 -11.69 -23.05
CA HIS K 459 -37.06 -11.65 -22.50
C HIS K 459 -36.09 -12.18 -23.56
N ILE K 460 -34.99 -11.47 -23.77
CA ILE K 460 -34.01 -11.79 -24.80
C ILE K 460 -32.75 -12.32 -24.15
N ARG K 461 -32.33 -13.51 -24.57
CA ARG K 461 -31.07 -14.11 -24.12
C ARG K 461 -29.99 -13.76 -25.13
N ALA K 462 -29.10 -12.87 -24.74
CA ALA K 462 -28.03 -12.41 -25.63
C ALA K 462 -26.74 -13.15 -25.30
N PRO K 463 -26.09 -13.78 -26.28
CA PRO K 463 -24.82 -14.47 -25.99
C PRO K 463 -23.75 -13.54 -25.45
N GLY K 464 -23.70 -12.30 -25.92
CA GLY K 464 -22.71 -11.34 -25.42
C GLY K 464 -22.88 -11.00 -23.96
N PHE K 465 -24.10 -11.12 -23.43
CA PHE K 465 -24.31 -10.89 -22.00
C PHE K 465 -23.61 -11.94 -21.16
N ALA K 466 -23.78 -13.22 -21.53
CA ALA K 466 -23.11 -14.30 -20.80
C ALA K 466 -21.60 -14.21 -20.97
N HIS K 467 -21.13 -13.88 -22.16
CA HIS K 467 -19.71 -13.83 -22.44
C HIS K 467 -19.01 -12.75 -21.62
N LEU K 468 -19.57 -11.54 -21.61
CA LEU K 468 -18.94 -10.46 -20.86
C LEU K 468 -18.98 -10.71 -19.36
N SER K 469 -20.00 -11.41 -18.87
CA SER K 469 -20.09 -11.83 -17.44
C SER K 469 -18.92 -12.75 -17.06
N GLY K 470 -18.28 -13.40 -18.03
CA GLY K 470 -17.10 -14.26 -17.82
C GLY K 470 -15.76 -13.54 -17.97
N PHE K 471 -15.75 -12.24 -18.22
CA PHE K 471 -14.51 -11.47 -18.46
C PHE K 471 -13.55 -11.57 -17.27
N ASP K 472 -14.05 -11.44 -16.05
CA ASP K 472 -13.25 -11.57 -14.82
C ASP K 472 -12.64 -12.97 -14.73
N HIS K 473 -13.44 -14.01 -14.99
CA HIS K 473 -12.95 -15.40 -14.87
C HIS K 473 -11.80 -15.66 -15.84
N ILE K 474 -11.91 -15.21 -17.09
CA ILE K 474 -10.88 -15.50 -18.13
C ILE K 474 -9.69 -14.53 -18.02
N THR K 475 -9.83 -13.40 -17.34
CA THR K 475 -8.74 -12.38 -17.35
C THR K 475 -8.00 -12.28 -16.02
N ARG K 476 -8.54 -12.81 -14.93
CA ARG K 476 -7.86 -12.62 -13.62
C ARG K 476 -6.49 -13.32 -13.59
N GLY K 477 -5.45 -12.63 -13.12
CA GLY K 477 -4.08 -13.18 -13.07
C GLY K 477 -3.30 -12.96 -14.35
N HIS K 478 -3.93 -12.41 -15.36
CA HIS K 478 -3.29 -12.25 -16.69
C HIS K 478 -2.89 -10.81 -16.95
N LEU K 479 -2.22 -10.60 -18.08
CA LEU K 479 -1.68 -9.25 -18.37
C LEU K 479 -2.73 -8.27 -18.86
N LEU K 480 -2.65 -7.03 -18.39
CA LEU K 480 -3.48 -5.96 -18.92
C LEU K 480 -3.35 -5.87 -20.44
N ALA K 481 -2.19 -6.20 -20.97
CA ALA K 481 -1.93 -6.07 -22.43
C ALA K 481 -2.62 -7.19 -23.21
N ASP K 482 -3.31 -8.11 -22.56
CA ASP K 482 -4.08 -9.15 -23.28
C ASP K 482 -5.58 -8.84 -23.19
N ALA K 483 -6.00 -7.78 -22.49
CA ALA K 483 -7.43 -7.55 -22.34
C ALA K 483 -8.10 -7.20 -23.67
N VAL K 484 -7.43 -6.42 -24.51
CA VAL K 484 -7.98 -6.09 -25.83
C VAL K 484 -8.17 -7.34 -26.67
N ALA K 485 -7.31 -8.34 -26.52
CA ALA K 485 -7.46 -9.59 -27.28
C ALA K 485 -8.74 -10.33 -26.89
N VAL K 486 -9.08 -10.40 -25.61
CA VAL K 486 -10.24 -11.19 -25.22
C VAL K 486 -11.54 -10.39 -25.32
N ILE K 487 -11.47 -9.06 -25.23
CA ILE K 487 -12.63 -8.25 -25.55
C ILE K 487 -13.03 -8.45 -27.01
N GLY K 488 -12.04 -8.54 -27.89
CA GLY K 488 -12.33 -8.82 -29.28
C GLY K 488 -12.67 -10.27 -29.58
N THR K 489 -12.16 -11.21 -28.77
CA THR K 489 -12.48 -12.61 -28.98
C THR K 489 -13.94 -12.90 -28.60
N MET K 490 -14.46 -12.19 -27.61
CA MET K 490 -15.90 -12.17 -27.41
C MET K 490 -16.52 -11.27 -28.46
N ASP K 491 -17.55 -11.75 -29.14
CA ASP K 491 -18.21 -10.95 -30.16
C ASP K 491 -19.19 -10.05 -29.43
N LEU K 492 -18.74 -8.83 -29.09
CA LEU K 492 -19.44 -7.99 -28.14
C LEU K 492 -20.02 -6.76 -28.84
N VAL K 493 -21.34 -6.74 -28.96
CA VAL K 493 -22.10 -5.55 -29.32
C VAL K 493 -23.03 -5.24 -28.17
N PHE K 494 -22.98 -4.01 -27.67
CA PHE K 494 -23.62 -3.70 -26.39
C PHE K 494 -25.12 -3.43 -26.52
N GLY K 495 -25.66 -3.37 -27.74
CA GLY K 495 -27.10 -3.48 -27.89
C GLY K 495 -27.60 -4.84 -27.50
N GLU K 496 -26.81 -5.88 -27.77
CA GLU K 496 -27.11 -7.21 -27.29
C GLU K 496 -27.01 -7.26 -25.76
N VAL K 497 -25.91 -6.73 -25.22
CA VAL K 497 -25.62 -6.87 -23.79
C VAL K 497 -26.68 -6.16 -22.96
N ASP K 498 -26.96 -4.90 -23.28
CA ASP K 498 -27.86 -4.12 -22.43
C ASP K 498 -29.32 -4.24 -22.84
N ARG K 499 -29.61 -4.33 -24.14
CA ARG K 499 -30.98 -4.40 -24.64
C ARG K 499 -31.80 -3.16 -24.22
N PRO L 2 -4.20 -1.38 -62.20
CA PRO L 2 -3.36 -0.40 -62.94
C PRO L 2 -2.37 0.32 -62.03
N VAL L 3 -1.65 1.32 -62.53
CA VAL L 3 -0.72 2.12 -61.67
C VAL L 3 -1.48 3.31 -61.07
N PRO L 4 -1.57 3.43 -59.73
CA PRO L 4 -2.19 4.61 -59.12
C PRO L 4 -1.18 5.76 -59.08
N PHE L 5 -1.10 6.55 -60.15
CA PHE L 5 -0.07 7.62 -60.27
C PHE L 5 -0.25 8.69 -59.18
N GLU L 6 -1.49 9.02 -58.83
CA GLU L 6 -1.74 10.11 -57.85
C GLU L 6 -1.09 9.76 -56.51
N THR L 7 -1.04 8.46 -56.17
CA THR L 7 -0.35 8.00 -54.95
C THR L 7 1.16 8.25 -55.08
N LEU L 8 1.71 8.19 -56.29
CA LEU L 8 3.15 8.36 -56.47
C LEU L 8 3.58 9.81 -56.56
N ILE L 9 2.64 10.76 -56.73
CA ILE L 9 3.02 12.17 -56.85
C ILE L 9 3.77 12.69 -55.62
N PRO L 10 3.35 12.43 -54.37
CA PRO L 10 4.14 12.92 -53.24
C PRO L 10 5.57 12.40 -53.21
N TYR L 11 5.80 11.16 -53.66
CA TYR L 11 7.17 10.65 -53.76
C TYR L 11 7.98 11.47 -54.76
N GLY L 12 7.38 11.81 -55.89
CA GLY L 12 8.05 12.67 -56.85
C GLY L 12 8.40 14.02 -56.27
N ILE L 13 7.51 14.57 -55.44
CA ILE L 13 7.83 15.82 -54.75
C ILE L 13 8.99 15.62 -53.78
N ILE L 14 8.98 14.49 -53.06
CA ILE L 14 10.04 14.25 -52.04
C ILE L 14 11.36 14.09 -52.78
N ILE L 15 11.37 13.31 -53.86
CA ILE L 15 12.57 13.10 -54.65
C ILE L 15 13.07 14.42 -55.22
N ALA L 16 12.14 15.27 -55.67
CA ALA L 16 12.54 16.54 -56.27
C ALA L 16 13.09 17.51 -55.24
N MET L 17 12.60 17.45 -54.00
CA MET L 17 13.13 18.32 -52.95
C MET L 17 14.60 18.00 -52.66
N PHE L 18 14.96 16.71 -52.69
CA PHE L 18 16.36 16.29 -52.46
C PHE L 18 17.23 16.82 -53.61
N GLY L 19 16.71 16.72 -54.84
CA GLY L 19 17.45 17.25 -55.97
C GLY L 19 17.66 18.75 -55.89
N VAL L 20 16.63 19.49 -55.46
CA VAL L 20 16.73 20.96 -55.31
C VAL L 20 17.82 21.29 -54.28
N THR L 21 17.85 20.57 -53.15
CA THR L 21 18.89 20.82 -52.15
C THR L 21 20.27 20.49 -52.69
N GLY L 22 20.39 19.35 -53.38
CA GLY L 22 21.68 18.97 -53.94
C GLY L 22 22.18 19.94 -54.98
N ALA L 23 21.34 20.26 -55.97
CA ALA L 23 21.74 21.22 -57.00
C ALA L 23 22.04 22.58 -56.40
N GLY L 24 21.17 23.05 -55.51
CA GLY L 24 21.37 24.38 -54.93
C GLY L 24 22.62 24.47 -54.09
N MET L 25 22.87 23.46 -53.26
CA MET L 25 24.05 23.50 -52.41
C MET L 25 25.32 23.38 -53.24
N ALA L 26 25.29 22.59 -54.31
CA ALA L 26 26.44 22.49 -55.20
C ALA L 26 26.71 23.82 -55.90
N LYS L 27 25.68 24.52 -56.34
CA LYS L 27 25.89 25.78 -57.09
C LYS L 27 26.41 26.89 -56.17
N VAL L 28 25.76 27.16 -55.03
CA VAL L 28 26.17 28.30 -54.16
C VAL L 28 27.59 28.06 -53.61
N ARG L 29 27.92 26.82 -53.25
CA ARG L 29 29.27 26.47 -52.74
C ARG L 29 30.31 26.73 -53.84
N HIS L 30 29.99 26.36 -55.08
CA HIS L 30 30.89 26.59 -56.25
C HIS L 30 31.11 28.08 -56.52
N MET L 31 30.07 28.91 -56.44
CA MET L 31 30.22 30.39 -56.59
C MET L 31 31.07 30.91 -55.44
N PHE L 32 30.85 30.40 -54.23
CA PHE L 32 31.63 30.81 -53.04
C PHE L 32 33.11 30.46 -53.24
N ASN L 33 33.39 29.33 -53.90
CA ASN L 33 34.80 28.87 -54.07
C ASN L 33 35.47 29.56 -55.26
N GLY L 34 34.79 30.50 -55.93
CA GLY L 34 35.37 31.19 -57.09
C GLY L 34 35.11 30.48 -58.41
N ASP L 35 33.96 29.81 -58.57
CA ASP L 35 33.59 29.12 -59.84
C ASP L 35 34.35 27.80 -59.99
N LYS L 36 34.89 27.24 -58.90
CA LYS L 36 35.51 25.93 -58.92
C LYS L 36 34.84 25.04 -57.87
N ARG L 37 34.97 23.74 -58.10
CA ARG L 37 34.38 22.74 -57.18
C ARG L 37 35.02 22.89 -55.81
N HIS L 38 34.25 22.60 -54.77
CA HIS L 38 34.70 22.82 -53.41
C HIS L 38 35.59 21.68 -52.92
N ARG L 39 36.07 21.90 -51.68
CA ARG L 39 36.90 20.88 -50.98
C ARG L 39 35.99 20.15 -49.99
N TRP L 40 36.43 18.98 -49.52
CA TRP L 40 35.71 18.19 -48.49
C TRP L 40 36.70 17.26 -47.78
N SER L 41 36.40 16.84 -46.56
CA SER L 41 37.32 15.98 -45.77
C SER L 41 38.61 16.76 -45.56
N VAL L 42 38.49 18.08 -45.43
CA VAL L 42 39.58 19.03 -45.21
C VAL L 42 40.21 18.76 -43.85
N ASP L 43 41.44 18.29 -43.84
CA ASP L 43 42.19 18.10 -42.60
C ASP L 43 43.12 19.30 -42.37
N GLN L 44 43.96 19.22 -41.33
CA GLN L 44 44.81 20.35 -40.97
C GLN L 44 45.81 20.67 -42.08
N TRP L 45 46.38 19.64 -42.71
CA TRP L 45 47.26 19.87 -43.85
C TRP L 45 46.54 20.61 -44.97
N ASP L 46 45.30 20.21 -45.25
CA ASP L 46 44.54 20.87 -46.30
C ASP L 46 44.26 22.34 -45.96
N LYS L 47 43.83 22.61 -44.72
CA LYS L 47 43.56 23.98 -44.31
C LYS L 47 44.81 24.84 -44.41
N GLN L 48 45.96 24.31 -43.97
CA GLN L 48 47.21 25.05 -44.04
C GLN L 48 47.59 25.36 -45.48
N GLN L 49 47.36 24.42 -46.39
CA GLN L 49 47.68 24.65 -47.80
C GLN L 49 46.79 25.73 -48.39
N MET L 50 45.56 25.85 -47.90
CA MET L 50 44.66 26.89 -48.40
C MET L 50 45.08 28.27 -47.87
N GLU L 51 45.50 28.35 -46.61
CA GLU L 51 46.03 29.61 -46.10
C GLU L 51 47.30 30.02 -46.84
N ARG L 52 48.15 29.05 -47.18
CA ARG L 52 49.33 29.37 -47.99
C ARG L 52 48.93 29.80 -49.40
N ASP L 53 47.81 29.28 -49.90
CA ASP L 53 47.33 29.72 -51.21
C ASP L 53 46.84 31.16 -51.16
N ARG L 54 46.21 31.55 -50.06
CA ARG L 54 45.71 32.92 -49.94
C ARG L 54 46.85 33.92 -49.83
N ARG L 55 47.95 33.56 -49.18
CA ARG L 55 49.04 34.52 -49.03
C ARG L 55 49.90 34.57 -50.28
N LEU L 56 49.55 33.79 -51.31
CA LEU L 56 50.14 33.94 -52.63
C LEU L 56 49.24 34.69 -53.61
N THR L 57 47.93 34.48 -53.53
CA THR L 57 47.00 35.07 -54.49
C THR L 57 45.97 36.01 -53.87
N GLY L 58 45.73 35.94 -52.57
CA GLY L 58 44.66 36.67 -51.93
C GLY L 58 43.40 35.86 -51.73
N HIS L 59 43.22 34.78 -52.49
CA HIS L 59 42.04 33.94 -52.43
C HIS L 59 42.41 32.57 -51.88
N LEU L 60 41.60 32.06 -50.96
CA LEU L 60 41.88 30.77 -50.33
C LEU L 60 41.89 29.61 -51.31
N ARG L 61 41.27 29.79 -52.49
CA ARG L 61 41.27 28.77 -53.53
C ARG L 61 42.16 29.15 -54.71
N GLY L 62 42.98 30.18 -54.56
CA GLY L 62 43.77 30.67 -55.69
C GLY L 62 44.97 29.78 -55.97
N GLN L 63 45.26 29.62 -57.26
CA GLN L 63 46.35 28.76 -57.72
C GLN L 63 47.36 29.57 -58.54
N THR L 64 48.63 29.20 -58.40
CA THR L 64 49.71 29.78 -59.24
C THR L 64 50.83 28.74 -59.45
N ASP L 65 51.31 28.60 -60.67
CA ASP L 65 52.38 27.62 -61.01
C ASP L 65 53.76 28.30 -60.92
N ASN L 66 53.81 29.58 -60.53
CA ASN L 66 55.08 30.35 -60.54
C ASN L 66 56.15 29.70 -59.67
N PRO L 67 57.36 29.46 -60.18
CA PRO L 67 58.43 28.97 -59.31
C PRO L 67 58.97 30.04 -58.35
N ILE L 68 58.73 31.29 -58.54
CA ILE L 68 59.30 32.34 -57.64
C ILE L 68 58.21 33.13 -56.94
N ALA L 69 58.23 33.14 -55.66
CA ALA L 69 57.25 33.86 -54.87
C ALA L 69 57.39 35.36 -55.10
N PRO L 70 56.30 36.11 -55.11
CA PRO L 70 56.40 37.56 -55.25
C PRO L 70 57.01 38.17 -54.01
N PRO L 71 57.56 39.39 -54.11
CA PRO L 71 58.10 40.05 -52.92
C PRO L 71 57.00 40.28 -51.89
N GLY L 72 57.38 40.16 -50.62
CA GLY L 72 56.42 40.23 -49.53
C GLY L 72 55.77 38.92 -49.16
N PHE L 73 56.01 37.84 -49.91
CA PHE L 73 55.54 36.53 -49.49
C PHE L 73 56.21 36.10 -48.20
N GLU L 74 57.50 36.36 -48.05
CA GLU L 74 58.23 36.00 -46.84
C GLU L 74 57.74 36.75 -45.62
N PHE L 75 56.74 37.62 -45.77
CA PHE L 75 56.30 38.48 -44.68
C PHE L 75 54.81 38.33 -44.36
N ASN L 76 54.09 37.57 -45.19
CA ASN L 76 52.61 37.50 -45.03
C ASN L 76 52.14 36.15 -44.49
N ASN L 77 52.97 35.44 -43.73
CA ASN L 77 52.51 34.16 -43.12
C ASN L 77 51.64 34.53 -41.94
N PRO L 78 50.35 34.17 -41.91
CA PRO L 78 49.55 34.65 -40.82
C PRO L 78 49.76 33.95 -39.47
N TRP L 79 50.27 34.69 -38.48
CA TRP L 79 50.20 34.14 -37.10
C TRP L 79 48.86 34.52 -36.48
N LYS L 80 48.05 33.53 -36.18
CA LYS L 80 46.68 33.77 -35.68
C LYS L 80 46.71 34.14 -34.19
N VAL L 81 45.99 35.10 -33.76
CA VAL L 81 45.95 35.58 -32.34
C VAL L 81 44.57 35.30 -31.75
N UNK L 82 44.50 34.92 -30.53
CA UNK L 82 43.24 34.60 -29.83
C UNK L 82 43.40 35.16 -28.40
N UNK L 83 42.31 35.33 -27.67
CA UNK L 83 42.40 35.86 -26.30
C UNK L 83 42.25 34.79 -25.22
N UNK L 84 41.47 33.69 -25.43
CA UNK L 84 41.24 32.81 -24.30
C UNK L 84 41.71 31.37 -24.53
N UNK L 85 41.20 30.69 -25.57
CA UNK L 85 41.27 29.23 -25.60
C UNK L 85 42.63 28.77 -26.13
N UNK L 86 43.47 28.33 -25.20
CA UNK L 86 44.75 27.73 -25.56
C UNK L 86 44.83 26.32 -24.97
N ILE M 26 -47.11 33.67 -9.02
CA ILE M 26 -47.46 32.74 -7.90
C ILE M 26 -48.73 31.97 -8.25
N SER M 27 -49.16 31.98 -9.51
CA SER M 27 -50.44 31.32 -9.80
C SER M 27 -50.60 30.94 -11.26
N ASP M 28 -51.72 30.29 -11.58
CA ASP M 28 -52.03 29.87 -12.95
C ASP M 28 -52.50 31.07 -13.78
N ILE M 29 -52.70 32.25 -13.17
CA ILE M 29 -53.05 33.48 -13.93
C ILE M 29 -52.07 34.63 -13.71
N HIS M 30 -51.57 35.20 -14.79
CA HIS M 30 -50.76 36.43 -14.71
C HIS M 30 -51.48 37.41 -15.62
N ILE M 31 -51.80 38.54 -15.24
CA ILE M 31 -52.38 39.56 -16.16
C ILE M 31 -51.29 40.58 -16.43
N THR M 32 -50.95 40.84 -17.61
CA THR M 32 -49.83 41.72 -18.04
C THR M 32 -50.27 43.18 -17.96
N ARG M 33 -49.31 44.11 -18.04
CA ARG M 33 -49.59 45.55 -17.92
C ARG M 33 -50.75 45.93 -18.83
N THR M 34 -50.72 45.46 -20.08
CA THR M 34 -51.74 45.77 -21.08
C THR M 34 -52.97 44.89 -20.94
N GLY M 35 -53.00 44.00 -19.96
CA GLY M 35 -54.22 43.23 -19.67
C GLY M 35 -54.23 41.79 -20.12
N LYS M 36 -53.25 41.36 -20.89
CA LYS M 36 -53.36 39.98 -21.45
C LYS M 36 -53.45 39.02 -20.28
N PRO M 37 -54.41 38.09 -20.27
CA PRO M 37 -54.42 37.09 -19.21
C PRO M 37 -53.51 35.94 -19.67
N LEU M 38 -52.62 35.51 -18.80
CA LEU M 38 -51.76 34.36 -19.16
C LEU M 38 -52.15 33.18 -18.29
N ILE M 39 -52.89 32.24 -18.87
CA ILE M 39 -53.25 31.03 -18.11
C ILE M 39 -52.02 30.15 -18.24
N ARG M 40 -51.36 29.89 -17.13
CA ARG M 40 -50.07 29.19 -17.19
C ARG M 40 -50.08 27.83 -16.55
N ILE M 41 -49.50 26.84 -17.20
CA ILE M 41 -49.33 25.50 -16.57
C ILE M 41 -47.91 25.42 -16.03
N GLN M 42 -47.71 25.58 -14.72
CA GLN M 42 -46.37 25.59 -14.10
C GLN M 42 -45.77 24.19 -14.10
N GLY M 43 -44.57 24.06 -14.62
CA GLY M 43 -43.91 22.76 -14.69
C GLY M 43 -42.49 22.93 -15.18
N GLY M 44 -42.05 21.97 -15.98
CA GLY M 44 -40.70 22.00 -16.49
C GLY M 44 -40.56 22.40 -17.94
N ARG M 45 -39.78 21.58 -18.67
CA ARG M 45 -39.38 21.92 -20.03
C ARG M 45 -40.58 22.00 -20.97
N SER M 46 -41.52 21.07 -20.85
CA SER M 46 -42.67 20.97 -21.75
C SER M 46 -43.86 21.81 -21.30
N SER M 47 -43.76 22.53 -20.19
CA SER M 47 -44.90 23.23 -19.64
C SER M 47 -45.13 24.56 -20.36
N LEU M 48 -46.18 25.25 -19.95
CA LEU M 48 -46.65 26.48 -20.60
C LEU M 48 -46.41 27.66 -19.68
N GLY M 49 -45.29 28.36 -19.88
CA GLY M 49 -45.03 29.55 -19.09
C GLY M 49 -45.81 30.77 -19.53
N GLU M 50 -46.20 30.81 -20.83
CA GLU M 50 -47.05 31.89 -21.45
C GLU M 50 -46.31 33.19 -21.83
N HIS M 51 -45.22 33.52 -21.15
CA HIS M 51 -44.47 34.75 -21.47
C HIS M 51 -43.66 34.64 -22.75
N THR M 52 -43.65 35.71 -23.54
CA THR M 52 -42.71 35.80 -24.66
C THR M 52 -41.69 36.88 -24.27
N ALA M 53 -40.42 36.52 -24.16
CA ALA M 53 -39.41 37.48 -23.71
C ALA M 53 -38.33 37.66 -24.77
N THR M 54 -37.87 38.89 -24.93
CA THR M 54 -36.66 39.20 -25.67
C THR M 54 -35.58 39.60 -24.68
N VAL M 55 -34.39 39.03 -24.82
CA VAL M 55 -33.27 39.32 -23.94
C VAL M 55 -32.12 39.80 -24.80
N PHE M 56 -31.91 41.12 -24.81
CA PHE M 56 -30.76 41.73 -25.54
C PHE M 56 -29.48 41.52 -24.75
N GLY M 57 -28.40 41.14 -25.42
CA GLY M 57 -27.16 40.84 -24.75
C GLY M 57 -27.24 39.62 -23.87
N ALA M 58 -27.85 38.55 -24.38
CA ALA M 58 -27.96 37.29 -23.63
C ALA M 58 -26.77 36.38 -23.85
N THR M 59 -25.83 36.79 -24.68
CA THR M 59 -24.66 35.95 -25.04
C THR M 59 -23.49 36.25 -24.12
N GLY M 60 -23.70 37.05 -23.08
CA GLY M 60 -22.67 37.39 -22.14
C GLY M 60 -22.75 36.60 -20.85
N GLN M 61 -22.06 37.09 -19.83
CA GLN M 61 -21.96 36.35 -18.58
C GLN M 61 -23.32 36.19 -17.90
N LEU M 62 -24.12 37.25 -17.84
CA LEU M 62 -25.37 37.22 -17.11
C LEU M 62 -26.56 36.74 -17.94
N GLY M 63 -26.52 36.88 -19.27
CA GLY M 63 -27.64 36.48 -20.09
C GLY M 63 -27.96 35.00 -19.97
N ARG M 64 -27.04 34.18 -19.54
CA ARG M 64 -27.36 32.74 -19.48
C ARG M 64 -28.28 32.43 -18.30
N TYR M 65 -28.30 33.27 -17.25
CA TYR M 65 -29.11 32.92 -16.10
C TYR M 65 -30.54 33.41 -16.22
N ILE M 66 -30.79 34.47 -16.98
CA ILE M 66 -32.17 34.88 -17.21
C ILE M 66 -32.80 34.02 -18.31
N VAL M 67 -32.07 33.77 -19.39
CA VAL M 67 -32.60 32.91 -20.45
C VAL M 67 -32.89 31.51 -19.92
N ASN M 68 -31.99 30.97 -19.11
CA ASN M 68 -32.19 29.64 -18.54
C ASN M 68 -33.44 29.59 -17.67
N ARG M 69 -33.64 30.63 -16.84
CA ARG M 69 -34.77 30.62 -15.92
C ARG M 69 -36.10 30.71 -16.67
N LEU M 70 -36.17 31.52 -17.72
CA LEU M 70 -37.41 31.65 -18.47
C LEU M 70 -37.70 30.39 -19.29
N ALA M 71 -36.70 29.90 -20.03
CA ALA M 71 -36.93 28.81 -20.97
C ALA M 71 -37.35 27.53 -20.27
N ARG M 72 -36.73 27.21 -19.14
CA ARG M 72 -37.04 25.98 -18.42
C ARG M 72 -38.40 26.01 -17.74
N GLN M 73 -39.05 27.17 -17.66
CA GLN M 73 -40.45 27.26 -17.25
C GLN M 73 -41.41 27.17 -18.43
N GLY M 74 -40.91 26.83 -19.62
CA GLY M 74 -41.74 26.84 -20.80
C GLY M 74 -42.18 28.20 -21.26
N CYS M 75 -41.28 29.19 -21.20
CA CYS M 75 -41.52 30.50 -21.77
C CYS M 75 -40.72 30.65 -23.06
N THR M 76 -41.24 31.47 -23.96
CA THR M 76 -40.59 31.71 -25.24
C THR M 76 -39.57 32.84 -25.09
N VAL M 77 -38.32 32.58 -25.42
CA VAL M 77 -37.24 33.54 -25.25
C VAL M 77 -36.68 33.89 -26.62
N ILE M 78 -36.72 35.17 -26.96
CA ILE M 78 -36.15 35.67 -28.20
C ILE M 78 -34.73 36.14 -27.91
N VAL M 79 -33.75 35.55 -28.59
CA VAL M 79 -32.35 35.86 -28.35
C VAL M 79 -31.75 36.52 -29.58
N PRO M 80 -31.58 37.86 -29.63
CA PRO M 80 -30.88 38.53 -30.73
C PRO M 80 -29.37 38.36 -30.55
N TYR M 81 -28.69 37.91 -31.58
CA TYR M 81 -27.26 37.58 -31.43
C TYR M 81 -26.45 38.22 -32.55
N ARG M 82 -25.14 38.22 -32.37
CA ARG M 82 -24.20 38.73 -33.39
C ARG M 82 -23.35 37.55 -33.90
N GLU M 83 -22.63 36.87 -33.04
CA GLU M 83 -21.86 35.67 -33.44
C GLU M 83 -22.71 34.39 -33.24
N GLU M 84 -22.86 33.58 -34.29
CA GLU M 84 -23.62 32.29 -34.21
C GLU M 84 -22.96 31.32 -33.25
N MET M 85 -21.64 31.16 -33.30
CA MET M 85 -21.00 30.14 -32.44
C MET M 85 -21.06 30.52 -30.97
N ALA M 86 -21.18 31.81 -30.67
CA ALA M 86 -21.25 32.30 -29.27
C ALA M 86 -22.57 31.95 -28.57
N LYS M 87 -23.71 31.97 -29.34
CA LYS M 87 -25.02 31.73 -28.67
C LYS M 87 -25.45 30.25 -28.61
N ARG M 88 -24.62 29.30 -29.04
CA ARG M 88 -25.05 27.88 -29.23
C ARG M 88 -25.53 27.22 -27.91
N HIS M 89 -24.90 27.52 -26.78
CA HIS M 89 -25.27 26.98 -25.44
C HIS M 89 -26.68 27.37 -24.98
N LEU M 90 -27.23 28.50 -25.43
CA LEU M 90 -28.56 29.00 -24.96
C LEU M 90 -29.70 28.06 -25.38
N LYS M 91 -29.56 27.36 -26.52
CA LYS M 91 -30.67 26.53 -27.04
C LYS M 91 -31.02 25.38 -26.09
N VAL M 92 -30.02 24.86 -25.37
CA VAL M 92 -30.24 23.73 -24.48
C VAL M 92 -31.25 24.05 -23.38
N SER M 93 -31.45 25.33 -23.06
CA SER M 93 -32.29 25.70 -21.93
C SER M 93 -33.74 25.27 -22.13
N GLY M 94 -34.29 25.51 -23.31
CA GLY M 94 -35.71 25.32 -23.55
C GLY M 94 -36.07 24.11 -24.38
N ASP M 95 -37.36 23.77 -24.34
CA ASP M 95 -37.94 22.77 -25.22
C ASP M 95 -37.86 23.25 -26.67
N LEU M 96 -38.24 22.35 -27.59
CA LEU M 96 -38.27 22.70 -29.00
C LEU M 96 -39.19 23.90 -29.24
N GLY M 97 -38.71 24.84 -30.04
CA GLY M 97 -39.46 26.03 -30.38
C GLY M 97 -39.49 27.11 -29.31
N ARG M 98 -38.77 26.93 -28.20
CA ARG M 98 -38.83 27.88 -27.05
C ARG M 98 -37.72 28.94 -27.13
N VAL M 99 -36.48 28.57 -27.46
CA VAL M 99 -35.41 29.54 -27.62
C VAL M 99 -35.29 29.88 -29.10
N ILE M 100 -35.54 31.14 -29.43
CA ILE M 100 -35.53 31.61 -30.81
C ILE M 100 -34.39 32.60 -30.98
N PHE M 101 -33.60 32.35 -32.04
CA PHE M 101 -32.42 33.20 -32.31
C PHE M 101 -32.72 34.23 -33.39
N MET M 102 -32.22 35.44 -33.27
CA MET M 102 -32.43 36.44 -34.33
C MET M 102 -31.12 37.14 -34.62
N GLU M 103 -30.78 37.17 -35.89
CA GLU M 103 -29.57 37.93 -36.28
C GLU M 103 -29.88 39.40 -36.05
N PHE M 104 -28.96 40.12 -35.43
CA PHE M 104 -29.25 41.53 -35.10
C PHE M 104 -28.01 42.37 -35.03
N ASP M 105 -28.16 43.64 -35.37
CA ASP M 105 -27.05 44.59 -35.11
C ASP M 105 -27.76 45.69 -34.31
N LEU M 106 -27.06 46.35 -33.42
CA LEU M 106 -27.68 47.43 -32.61
C LEU M 106 -27.88 48.65 -33.50
N ARG M 107 -27.20 48.73 -34.63
CA ARG M 107 -27.51 49.81 -35.57
C ARG M 107 -28.39 49.34 -36.72
N ASN M 108 -29.01 48.18 -36.60
CA ASN M 108 -30.04 47.73 -37.54
C ASN M 108 -31.38 47.76 -36.81
N THR M 109 -32.15 48.83 -37.04
CA THR M 109 -33.40 49.02 -36.32
C THR M 109 -34.41 47.93 -36.66
N GLN M 110 -34.50 47.56 -37.94
CA GLN M 110 -35.40 46.49 -38.36
C GLN M 110 -35.18 45.24 -37.54
N SER M 111 -33.92 44.91 -37.30
CA SER M 111 -33.56 43.68 -36.54
C SER M 111 -34.00 43.82 -35.08
N ILE M 112 -33.91 45.03 -34.50
CA ILE M 112 -34.22 45.23 -33.06
C ILE M 112 -35.73 45.06 -32.89
N GLU M 113 -36.50 45.69 -33.75
CA GLU M 113 -37.94 45.65 -33.56
C GLU M 113 -38.60 44.42 -34.15
N GLU M 114 -37.92 43.69 -35.03
CA GLU M 114 -38.39 42.35 -35.38
C GLU M 114 -38.23 41.40 -34.20
N SER M 115 -37.24 41.65 -33.34
CA SER M 115 -36.98 40.82 -32.19
C SER M 115 -37.88 41.16 -31.00
N VAL M 116 -38.69 42.21 -31.10
CA VAL M 116 -39.38 42.76 -29.94
C VAL M 116 -40.90 42.82 -30.11
N ARG M 117 -41.42 42.95 -31.28
CA ARG M 117 -42.86 43.20 -31.55
C ARG M 117 -43.82 42.11 -31.02
N HIS M 118 -43.27 40.92 -30.76
CA HIS M 118 -44.13 39.88 -30.21
C HIS M 118 -43.98 39.72 -28.71
N SER M 119 -42.98 40.36 -28.10
CA SER M 119 -42.66 40.10 -26.70
C SER M 119 -43.54 40.91 -25.75
N ASP M 120 -43.80 40.34 -24.58
CA ASP M 120 -44.44 41.05 -23.48
C ASP M 120 -43.45 41.54 -22.44
N VAL M 121 -42.19 41.11 -22.50
CA VAL M 121 -41.15 41.63 -21.62
C VAL M 121 -39.83 41.64 -22.40
N VAL M 122 -39.08 42.72 -22.25
CA VAL M 122 -37.81 42.90 -22.94
C VAL M 122 -36.74 43.23 -21.91
N TYR M 123 -35.68 42.44 -21.88
CA TYR M 123 -34.51 42.70 -21.04
C TYR M 123 -33.42 43.32 -21.89
N ASN M 124 -32.83 44.41 -21.42
CA ASN M 124 -31.69 45.04 -22.05
C ASN M 124 -30.46 44.77 -21.19
N LEU M 125 -29.66 43.80 -21.61
CA LEU M 125 -28.41 43.45 -20.93
C LEU M 125 -27.19 43.89 -21.72
N ILE M 126 -27.40 44.79 -22.69
CA ILE M 126 -26.29 45.23 -23.58
C ILE M 126 -25.38 46.24 -22.90
N GLY M 127 -24.15 45.86 -22.65
CA GLY M 127 -23.19 46.76 -22.08
C GLY M 127 -21.79 46.35 -22.46
N ARG M 128 -20.85 47.25 -22.22
CA ARG M 128 -19.45 47.01 -22.55
C ARG M 128 -18.60 47.93 -21.70
N ASP M 129 -17.57 47.37 -21.07
CA ASP M 129 -16.71 48.16 -20.18
C ASP M 129 -15.64 48.95 -20.92
N TYR M 130 -15.39 48.62 -22.20
CA TYR M 130 -14.36 49.29 -22.97
C TYR M 130 -14.94 49.81 -24.26
N PRO M 131 -14.39 50.89 -24.80
CA PRO M 131 -14.79 51.33 -26.14
C PRO M 131 -14.08 50.52 -27.22
N THR M 132 -14.71 50.45 -28.38
CA THR M 132 -14.19 49.69 -29.50
C THR M 132 -14.12 50.60 -30.72
N LYS M 133 -13.49 50.07 -31.78
CA LYS M 133 -13.40 50.81 -33.04
C LYS M 133 -14.78 51.14 -33.59
N ASN M 134 -15.77 50.29 -33.33
CA ASN M 134 -17.10 50.46 -33.88
C ASN M 134 -18.08 51.10 -32.90
N PHE M 135 -17.83 51.02 -31.59
CA PHE M 135 -18.77 51.49 -30.59
C PHE M 135 -18.03 52.24 -29.50
N SER M 136 -18.33 53.51 -29.35
CA SER M 136 -18.00 54.22 -28.12
C SER M 136 -18.93 53.75 -27.01
N LEU M 137 -18.53 54.03 -25.76
CA LEU M 137 -19.37 53.70 -24.63
C LEU M 137 -20.75 54.35 -24.77
N ALA M 138 -20.80 55.57 -25.32
CA ALA M 138 -22.07 56.21 -25.57
C ALA M 138 -22.83 55.54 -26.71
N ASP M 139 -22.12 55.02 -27.72
CA ASP M 139 -22.79 54.40 -28.85
C ASP M 139 -23.48 53.11 -28.44
N VAL M 140 -22.85 52.32 -27.57
CA VAL M 140 -23.42 51.03 -27.20
C VAL M 140 -24.45 51.18 -26.08
N HIS M 141 -24.23 52.13 -25.17
CA HIS M 141 -25.12 52.29 -24.02
C HIS M 141 -26.25 53.28 -24.30
N ILE M 142 -25.90 54.52 -24.62
CA ILE M 142 -26.91 55.55 -24.81
C ILE M 142 -27.69 55.30 -26.10
N GLU M 143 -26.98 55.29 -27.23
CA GLU M 143 -27.65 55.05 -28.50
C GLU M 143 -28.21 53.64 -28.58
N GLY M 144 -27.54 52.68 -27.94
CA GLY M 144 -28.03 51.31 -27.88
C GLY M 144 -29.37 51.20 -27.18
N THR M 145 -29.46 51.74 -25.97
CA THR M 145 -30.73 51.73 -25.24
C THR M 145 -31.80 52.49 -26.00
N GLU M 146 -31.45 53.64 -26.57
CA GLU M 146 -32.44 54.53 -27.16
C GLU M 146 -33.15 53.85 -28.33
N ARG M 147 -32.42 53.11 -29.16
CA ARG M 147 -33.07 52.36 -30.24
C ARG M 147 -33.94 51.23 -29.69
N ILE M 148 -33.48 50.55 -28.64
CA ILE M 148 -34.26 49.44 -28.09
C ILE M 148 -35.49 49.96 -27.38
N VAL M 149 -35.34 50.99 -26.55
CA VAL M 149 -36.45 51.48 -25.76
C VAL M 149 -37.55 52.07 -26.66
N GLU M 150 -37.10 52.67 -27.81
CA GLU M 150 -38.08 53.24 -28.77
C GLU M 150 -38.85 52.10 -29.44
N ALA M 151 -38.19 50.99 -29.68
CA ALA M 151 -38.89 49.82 -30.21
C ALA M 151 -39.89 49.28 -29.20
N VAL M 152 -39.53 49.31 -27.92
CA VAL M 152 -40.41 48.80 -26.87
C VAL M 152 -41.70 49.59 -26.82
N ALA M 153 -41.61 50.92 -26.90
CA ALA M 153 -42.80 51.77 -26.80
C ALA M 153 -43.66 51.68 -28.06
N LYS M 154 -43.01 51.36 -29.21
CA LYS M 154 -43.79 51.34 -30.47
C LYS M 154 -44.77 50.16 -30.44
N TYR M 155 -44.38 49.05 -29.89
CA TYR M 155 -45.19 47.85 -29.89
C TYR M 155 -45.88 47.60 -28.56
N ASP M 156 -45.79 48.55 -27.62
CA ASP M 156 -46.47 48.47 -26.33
C ASP M 156 -46.10 47.19 -25.57
N VAL M 157 -44.79 46.94 -25.48
CA VAL M 157 -44.32 45.87 -24.61
C VAL M 157 -44.73 46.18 -23.18
N ASP M 158 -45.08 45.14 -22.42
CA ASP M 158 -45.61 45.34 -21.08
C ASP M 158 -44.52 45.79 -20.11
N ARG M 159 -43.44 45.03 -20.01
CA ARG M 159 -42.35 45.32 -19.09
C ARG M 159 -41.07 45.48 -19.88
N PHE M 160 -40.38 46.60 -19.67
CA PHE M 160 -39.05 46.82 -20.23
C PHE M 160 -38.07 46.94 -19.06
N ILE M 161 -37.37 45.86 -18.78
CA ILE M 161 -36.36 45.86 -17.72
C ILE M 161 -35.02 46.25 -18.33
N GLN M 162 -34.49 47.39 -17.89
CA GLN M 162 -33.22 47.90 -18.38
C GLN M 162 -32.16 47.66 -17.32
N VAL M 163 -31.14 46.88 -17.67
CA VAL M 163 -30.04 46.60 -16.77
C VAL M 163 -29.01 47.70 -16.94
N SER M 164 -28.40 48.12 -15.83
CA SER M 164 -27.53 49.29 -15.79
C SER M 164 -26.36 48.91 -14.89
N THR M 165 -25.62 49.87 -14.38
CA THR M 165 -24.49 49.57 -13.51
C THR M 165 -24.72 50.18 -12.14
N TYR M 166 -24.08 49.57 -11.14
CA TYR M 166 -23.82 50.28 -9.90
C TYR M 166 -23.08 51.58 -10.20
N ASN M 167 -23.33 52.60 -9.37
CA ASN M 167 -22.78 53.94 -9.52
C ASN M 167 -23.29 54.64 -10.76
N ALA M 168 -24.31 54.11 -11.44
CA ALA M 168 -24.87 54.75 -12.62
C ALA M 168 -25.31 56.17 -12.28
N ASN M 169 -24.67 57.14 -12.93
CA ASN M 169 -24.92 58.55 -12.68
C ASN M 169 -24.49 59.34 -13.90
N PRO M 170 -25.37 60.15 -14.48
CA PRO M 170 -25.03 60.88 -15.70
C PRO M 170 -24.13 62.08 -15.49
N ASP M 171 -23.85 62.46 -14.24
CA ASP M 171 -22.93 63.55 -13.94
C ASP M 171 -21.52 63.06 -13.64
N SER M 172 -21.29 61.74 -13.70
CA SER M 172 -19.98 61.18 -13.43
C SER M 172 -18.99 61.53 -14.53
N THR M 173 -17.75 61.79 -14.13
CA THR M 173 -16.68 61.93 -15.11
C THR M 173 -16.45 60.62 -15.85
N CYS M 174 -16.47 59.51 -15.12
CA CYS M 174 -16.33 58.18 -15.72
C CYS M 174 -17.38 57.97 -16.79
N GLU M 175 -16.94 57.73 -18.02
CA GLU M 175 -17.88 57.57 -19.13
C GLU M 175 -18.78 56.36 -18.92
N PHE M 176 -18.21 55.25 -18.45
CA PHE M 176 -19.02 54.09 -18.09
C PHE M 176 -20.22 54.48 -17.23
N PHE M 177 -19.97 55.05 -16.06
CA PHE M 177 -21.05 55.46 -15.18
C PHE M 177 -21.92 56.52 -15.85
N ARG M 178 -21.28 57.46 -16.55
CA ARG M 178 -22.02 58.54 -17.21
C ARG M 178 -22.94 58.00 -18.30
N THR M 179 -22.43 57.15 -19.18
CA THR M 179 -23.27 56.65 -20.27
C THR M 179 -24.33 55.69 -19.76
N LYS M 180 -24.09 55.08 -18.60
CA LYS M 180 -25.14 54.30 -17.96
C LYS M 180 -26.17 55.20 -17.31
N GLY M 181 -25.82 56.46 -17.05
CA GLY M 181 -26.74 57.43 -16.50
C GLY M 181 -27.72 57.97 -17.52
N ILE M 182 -27.22 58.47 -18.65
CA ILE M 182 -28.10 59.00 -19.69
C ILE M 182 -29.04 57.92 -20.20
N ALA M 183 -28.53 56.71 -20.41
CA ALA M 183 -29.37 55.64 -20.93
C ALA M 183 -30.51 55.32 -19.97
N GLU M 184 -30.29 55.45 -18.67
CA GLU M 184 -31.39 55.36 -17.71
C GLU M 184 -32.41 56.46 -17.96
N LYS M 185 -31.94 57.69 -18.19
CA LYS M 185 -32.85 58.80 -18.39
C LYS M 185 -33.59 58.69 -19.72
N VAL M 186 -32.92 58.19 -20.75
CA VAL M 186 -33.60 57.98 -22.03
C VAL M 186 -34.67 56.91 -21.90
N ALA M 187 -34.31 55.78 -21.28
CA ALA M 187 -35.26 54.68 -21.14
C ALA M 187 -36.49 55.10 -20.36
N ARG M 188 -36.29 55.83 -19.25
CA ARG M 188 -37.41 56.28 -18.43
C ARG M 188 -38.24 57.35 -19.12
N HIS M 189 -37.68 58.03 -20.11
CA HIS M 189 -38.41 59.10 -20.79
C HIS M 189 -39.29 58.48 -21.87
N VAL M 190 -38.69 57.69 -22.76
CA VAL M 190 -39.46 57.00 -23.79
C VAL M 190 -40.49 56.06 -23.16
N PHE M 191 -40.07 55.32 -22.14
CA PHE M 191 -40.91 54.30 -21.50
C PHE M 191 -40.90 54.50 -20.00
N PRO M 192 -41.88 55.23 -19.46
CA PRO M 192 -41.85 55.58 -18.03
C PRO M 192 -41.88 54.38 -17.09
N GLU M 193 -42.41 53.24 -17.52
CA GLU M 193 -42.50 52.07 -16.67
C GLU M 193 -41.24 51.22 -16.68
N THR M 194 -40.14 51.76 -17.20
CA THR M 194 -38.89 51.02 -17.24
C THR M 194 -38.45 50.62 -15.84
N THR M 195 -38.03 49.37 -15.70
CA THR M 195 -37.45 48.87 -14.47
C THR M 195 -35.94 48.87 -14.63
N ILE M 196 -35.25 49.62 -13.77
CA ILE M 196 -33.80 49.76 -13.83
C ILE M 196 -33.19 48.88 -12.75
N VAL M 197 -32.19 48.09 -13.12
CA VAL M 197 -31.49 47.19 -12.21
C VAL M 197 -30.04 47.61 -12.17
N ARG M 198 -29.55 47.94 -10.97
CA ARG M 198 -28.17 48.34 -10.78
C ARG M 198 -27.43 47.21 -10.06
N PRO M 199 -26.77 46.30 -10.77
CA PRO M 199 -25.98 45.29 -10.08
C PRO M 199 -24.58 45.76 -9.76
N ALA M 200 -24.08 45.35 -8.61
CA ALA M 200 -22.68 45.53 -8.26
C ALA M 200 -21.87 44.53 -9.08
N PRO M 201 -20.55 44.63 -9.08
CA PRO M 201 -19.75 43.62 -9.79
C PRO M 201 -20.13 42.22 -9.33
N MET M 202 -20.48 41.35 -10.28
CA MET M 202 -20.95 40.02 -9.94
C MET M 202 -19.83 38.98 -10.06
N PHE M 203 -19.83 38.05 -9.13
CA PHE M 203 -18.97 36.89 -9.16
C PHE M 203 -19.78 35.68 -9.61
N GLY M 204 -19.16 34.51 -9.59
CA GLY M 204 -19.80 33.29 -10.02
C GLY M 204 -19.04 32.61 -11.14
N PHE M 205 -19.66 31.58 -11.69
CA PHE M 205 -19.12 30.91 -12.86
C PHE M 205 -18.95 31.92 -13.99
N GLU M 206 -17.84 31.78 -14.73
CA GLU M 206 -17.50 32.63 -15.89
C GLU M 206 -17.56 34.13 -15.56
N ASP M 207 -17.34 34.49 -14.30
CA ASP M 207 -17.36 35.90 -13.93
C ASP M 207 -16.04 36.56 -14.37
N ARG M 208 -15.98 37.87 -14.18
CA ARG M 208 -14.73 38.61 -14.34
C ARG M 208 -14.16 39.10 -13.01
N LEU M 209 -14.75 38.68 -11.88
CA LEU M 209 -14.16 39.00 -10.58
C LEU M 209 -13.31 37.86 -10.04
N LEU M 210 -13.94 36.71 -9.79
CA LEU M 210 -13.26 35.63 -9.09
C LEU M 210 -12.20 34.97 -9.97
N LEU M 211 -12.53 34.71 -11.24
CA LEU M 211 -11.59 34.03 -12.12
C LEU M 211 -10.52 34.97 -12.63
N LYS M 212 -10.85 36.26 -12.81
CA LYS M 212 -9.83 37.23 -13.20
C LYS M 212 -8.73 37.29 -12.16
N LEU M 213 -9.10 37.40 -10.89
CA LEU M 213 -8.10 37.36 -9.82
C LEU M 213 -7.38 36.02 -9.79
N ALA M 214 -8.11 34.93 -10.00
CA ALA M 214 -7.56 33.59 -9.82
C ALA M 214 -6.72 33.12 -11.00
N SER M 215 -6.72 33.82 -12.13
CA SER M 215 -6.10 33.28 -13.34
C SER M 215 -4.91 34.10 -13.83
N VAL M 216 -5.07 35.40 -14.01
CA VAL M 216 -4.02 36.20 -14.64
C VAL M 216 -2.80 36.25 -13.72
N THR M 217 -1.62 36.08 -14.31
CA THR M 217 -0.39 36.06 -13.51
C THR M 217 -0.14 37.42 -12.87
N ASN M 218 -0.33 38.50 -13.62
CA ASN M 218 -0.06 39.84 -13.12
C ASN M 218 -1.17 40.78 -13.53
N LEU M 219 -1.54 41.68 -12.62
CA LEU M 219 -2.55 42.70 -12.88
C LEU M 219 -1.92 44.08 -12.83
N PHE M 220 -2.35 44.95 -13.74
CA PHE M 220 -1.87 46.32 -13.81
C PHE M 220 -2.92 47.21 -13.16
N THR M 221 -2.87 47.30 -11.83
CA THR M 221 -3.87 48.01 -11.04
C THR M 221 -3.23 49.26 -10.44
N SER M 222 -3.69 50.44 -10.93
CA SER M 222 -3.09 51.74 -10.50
C SER M 222 -3.72 52.28 -9.21
N ASN M 223 -4.26 51.41 -8.35
CA ASN M 223 -4.86 51.87 -7.11
C ASN M 223 -4.57 50.95 -5.93
N HIS M 224 -3.66 49.99 -6.08
CA HIS M 224 -3.34 49.01 -5.03
C HIS M 224 -4.58 48.22 -4.60
N MET M 225 -5.51 48.00 -5.54
CA MET M 225 -6.71 47.21 -5.29
C MET M 225 -7.49 47.73 -4.08
N ARG M 226 -7.59 49.04 -3.97
CA ARG M 226 -8.25 49.68 -2.84
C ARG M 226 -9.68 50.11 -3.15
N GLU M 227 -10.18 49.82 -4.35
CA GLU M 227 -11.58 50.10 -4.64
C GLU M 227 -12.47 49.12 -3.91
N LYS M 228 -13.51 49.63 -3.28
CA LYS M 228 -14.43 48.82 -2.50
C LYS M 228 -15.77 48.71 -3.21
N PHE M 229 -16.48 47.63 -2.90
CA PHE M 229 -17.79 47.37 -3.49
C PHE M 229 -18.41 46.21 -2.73
N TRP M 230 -19.66 45.91 -3.07
CA TRP M 230 -20.39 44.81 -2.45
C TRP M 230 -20.69 43.77 -3.51
N PRO M 231 -19.82 42.78 -3.72
CA PRO M 231 -20.05 41.78 -4.77
C PRO M 231 -21.32 40.97 -4.51
N VAL M 232 -22.00 40.61 -5.59
CA VAL M 232 -23.25 39.88 -5.54
C VAL M 232 -23.19 38.74 -6.55
N HIS M 233 -23.72 37.58 -6.18
CA HIS M 233 -23.71 36.42 -7.06
C HIS M 233 -24.50 36.71 -8.34
N VAL M 234 -23.91 36.36 -9.48
CA VAL M 234 -24.60 36.50 -10.77
C VAL M 234 -25.86 35.65 -10.81
N ASN M 235 -25.87 34.53 -10.08
CA ASN M 235 -27.07 33.70 -10.00
C ASN M 235 -28.23 34.46 -9.38
N GLU M 236 -27.96 35.21 -8.32
CA GLU M 236 -29.02 35.95 -7.63
C GLU M 236 -29.52 37.10 -8.47
N VAL M 237 -28.65 37.75 -9.23
CA VAL M 237 -29.09 38.80 -10.15
C VAL M 237 -30.01 38.20 -11.22
N GLY M 238 -29.62 37.06 -11.78
CA GLY M 238 -30.48 36.39 -12.74
C GLY M 238 -31.81 35.98 -12.16
N GLU M 239 -31.79 35.46 -10.93
CA GLU M 239 -33.04 35.12 -10.25
C GLU M 239 -33.87 36.37 -9.97
N ALA M 240 -33.22 37.47 -9.58
CA ALA M 240 -33.94 38.71 -9.34
C ALA M 240 -34.64 39.19 -10.61
N LEU M 241 -33.95 39.16 -11.74
CA LEU M 241 -34.56 39.58 -13.01
C LEU M 241 -35.83 38.79 -13.28
N GLU M 242 -35.82 37.49 -12.98
CA GLU M 242 -37.01 36.68 -13.16
C GLU M 242 -38.13 37.12 -12.22
N ARG M 243 -37.79 37.48 -10.99
CA ARG M 243 -38.82 37.85 -10.02
C ARG M 243 -39.50 39.17 -10.34
N MET M 244 -38.85 40.04 -11.12
CA MET M 244 -39.50 41.29 -11.51
C MET M 244 -40.54 41.08 -12.60
N LEU M 245 -40.30 40.09 -13.44
CA LEU M 245 -41.32 39.71 -14.45
C LEU M 245 -42.62 39.36 -13.73
N TYR M 246 -42.54 38.46 -12.76
CA TYR M 246 -43.75 37.96 -12.05
C TYR M 246 -44.55 39.03 -11.27
N ASP M 247 -43.92 39.99 -10.59
CA ASP M 247 -44.68 41.06 -9.89
C ASP M 247 -44.80 42.36 -10.71
N ASP M 248 -46.04 42.82 -10.95
CA ASP M 248 -46.22 44.08 -11.69
C ASP M 248 -45.79 45.29 -10.88
N SER M 249 -45.45 45.12 -9.60
CA SER M 249 -45.08 46.23 -8.74
C SER M 249 -43.65 46.69 -8.96
N THR M 250 -42.87 45.99 -9.78
CA THR M 250 -41.48 46.35 -10.04
C THR M 250 -41.34 47.31 -11.22
N ALA M 251 -42.43 47.59 -11.93
CA ALA M 251 -42.37 48.54 -13.03
C ALA M 251 -42.19 49.96 -12.50
N GLY M 252 -41.45 50.77 -13.27
CA GLY M 252 -41.17 52.13 -12.85
C GLY M 252 -40.30 52.24 -11.63
N GLN M 253 -39.67 51.14 -11.21
CA GLN M 253 -38.83 51.10 -10.02
C GLN M 253 -37.36 51.07 -10.42
N THR M 254 -36.50 51.16 -9.41
CA THR M 254 -35.05 51.13 -9.60
C THR M 254 -34.45 50.21 -8.54
N PHE M 255 -33.53 49.35 -8.97
CA PHE M 255 -32.99 48.30 -8.11
C PHE M 255 -31.47 48.36 -8.09
N GLU M 256 -30.92 48.80 -6.96
CA GLU M 256 -29.53 48.52 -6.64
C GLU M 256 -29.44 47.11 -6.08
N LEU M 257 -28.55 46.29 -6.64
CA LEU M 257 -28.47 44.88 -6.30
C LEU M 257 -27.04 44.55 -5.91
N TYR M 258 -26.82 44.25 -4.64
CA TYR M 258 -25.48 44.08 -4.11
C TYR M 258 -25.49 43.03 -3.02
N GLY M 259 -24.30 42.54 -2.68
CA GLY M 259 -24.14 41.52 -1.67
C GLY M 259 -24.22 42.08 -0.27
N PRO M 260 -24.16 41.16 0.71
CA PRO M 260 -24.33 41.58 2.10
C PRO M 260 -23.20 42.44 2.64
N ARG M 261 -21.95 42.07 2.40
CA ARG M 261 -20.80 42.70 3.02
C ARG M 261 -19.93 43.39 1.98
N GLN M 262 -19.42 44.56 2.33
CA GLN M 262 -18.48 45.27 1.48
C GLN M 262 -17.11 44.59 1.50
N TYR M 263 -16.49 44.52 0.33
CA TYR M 263 -15.12 44.07 0.19
C TYR M 263 -14.33 45.12 -0.58
N SER M 264 -13.04 44.86 -0.74
CA SER M 264 -12.20 45.57 -1.69
C SER M 264 -11.48 44.55 -2.55
N MET M 265 -10.99 45.01 -3.70
CA MET M 265 -10.30 44.10 -4.62
C MET M 265 -9.14 43.38 -3.94
N ALA M 266 -8.52 44.02 -2.93
CA ALA M 266 -7.45 43.36 -2.20
C ALA M 266 -8.00 42.26 -1.29
N GLN M 267 -9.07 42.55 -0.56
CA GLN M 267 -9.62 41.57 0.37
C GLN M 267 -10.16 40.36 -0.37
N ILE M 268 -10.79 40.56 -1.52
CA ILE M 268 -11.26 39.43 -2.32
C ILE M 268 -10.07 38.66 -2.88
N ALA M 269 -9.02 39.37 -3.29
CA ALA M 269 -7.80 38.68 -3.74
C ALA M 269 -7.19 37.86 -2.62
N GLU M 270 -7.33 38.31 -1.37
CA GLU M 270 -6.91 37.49 -0.24
C GLU M 270 -7.66 36.16 -0.22
N LEU M 271 -8.98 36.21 -0.41
CA LEU M 271 -9.77 34.97 -0.48
C LEU M 271 -9.30 34.09 -1.63
N VAL M 272 -9.11 34.69 -2.81
CA VAL M 272 -8.67 33.93 -3.99
C VAL M 272 -7.35 33.24 -3.70
N ASP M 273 -6.37 33.99 -3.19
CA ASP M 273 -5.07 33.40 -2.88
C ASP M 273 -5.21 32.34 -1.78
N ARG M 274 -6.09 32.57 -0.82
CA ARG M 274 -6.30 31.61 0.25
C ARG M 274 -6.87 30.29 -0.25
N GLU M 275 -7.45 30.27 -1.45
CA GLU M 275 -8.10 29.09 -1.96
C GLU M 275 -7.30 28.35 -3.04
N ILE M 276 -6.41 29.04 -3.75
CA ILE M 276 -5.65 28.44 -4.83
C ILE M 276 -4.17 28.29 -4.50
N TYR M 277 -3.75 28.68 -3.29
CA TYR M 277 -2.37 28.51 -2.83
C TYR M 277 -1.36 29.16 -3.78
N LYS M 278 -1.72 30.34 -4.29
CA LYS M 278 -0.81 31.11 -5.12
C LYS M 278 -0.82 32.57 -4.65
N LYS M 279 0.30 33.26 -4.89
CA LYS M 279 0.50 34.61 -4.40
C LYS M 279 0.22 35.60 -5.51
N ARG M 280 -0.70 36.53 -5.22
CA ARG M 280 -1.06 37.58 -6.20
C ARG M 280 0.11 38.55 -6.33
N ARG M 281 0.36 39.03 -7.54
CA ARG M 281 1.39 40.02 -7.78
C ARG M 281 0.83 41.11 -8.70
N HIS M 282 0.73 42.32 -8.16
CA HIS M 282 0.23 43.47 -8.97
C HIS M 282 1.38 44.45 -9.19
N ILE M 283 1.58 44.91 -10.42
CA ILE M 283 2.66 45.82 -10.74
C ILE M 283 2.39 47.20 -10.14
N ASN M 284 1.16 47.68 -10.28
CA ASN M 284 0.72 48.97 -9.74
C ASN M 284 1.57 50.12 -10.28
N LEU M 285 1.48 50.30 -11.59
CA LEU M 285 2.01 51.50 -12.21
C LEU M 285 1.17 52.70 -11.79
N PRO M 286 1.76 53.90 -11.72
CA PRO M 286 0.99 55.06 -11.27
C PRO M 286 0.03 55.55 -12.34
N LYS M 287 -1.02 56.24 -11.88
CA LYS M 287 -2.12 56.61 -12.76
C LYS M 287 -1.72 57.43 -13.97
N PRO M 288 -0.91 58.49 -13.85
CA PRO M 288 -0.58 59.29 -15.06
C PRO M 288 0.19 58.51 -16.11
N ILE M 289 0.83 57.39 -15.75
CA ILE M 289 1.55 56.58 -16.72
C ILE M 289 0.70 55.42 -17.22
N LEU M 290 0.00 54.74 -16.33
CA LEU M 290 -0.78 53.57 -16.72
C LEU M 290 -1.92 53.95 -17.67
N GLN M 291 -2.67 54.99 -17.31
CA GLN M 291 -3.89 55.35 -18.06
C GLN M 291 -3.65 55.55 -19.55
N PRO M 292 -2.66 56.33 -20.02
CA PRO M 292 -2.44 56.40 -21.47
C PRO M 292 -2.02 55.08 -22.07
N LEU M 293 -1.23 54.28 -21.35
CA LEU M 293 -0.86 52.96 -21.84
C LEU M 293 -2.08 52.07 -21.98
N ALA M 294 -2.99 52.11 -21.00
CA ALA M 294 -4.23 51.36 -21.08
C ALA M 294 -5.01 51.72 -22.35
N GLU M 295 -4.99 52.99 -22.73
CA GLU M 295 -5.61 53.40 -23.98
C GLU M 295 -4.97 52.69 -25.17
N LEU M 296 -3.64 52.71 -25.23
CA LEU M 296 -2.93 52.12 -26.37
C LEU M 296 -3.26 50.64 -26.51
N ILE M 297 -3.23 49.89 -25.40
CA ILE M 297 -3.46 48.46 -25.45
C ILE M 297 -4.86 48.15 -25.96
N ASN M 298 -5.84 48.99 -25.61
CA ASN M 298 -7.21 48.75 -26.05
C ASN M 298 -7.40 49.06 -27.53
N ARG M 299 -6.59 49.96 -28.08
CA ARG M 299 -6.72 50.32 -29.49
C ARG M 299 -5.85 49.48 -30.42
N VAL M 300 -4.97 48.63 -29.90
CA VAL M 300 -4.14 47.78 -30.75
C VAL M 300 -4.43 46.30 -30.55
N LEU M 301 -4.93 45.88 -29.40
CA LEU M 301 -5.32 44.49 -29.20
C LEU M 301 -6.81 44.35 -29.47
N TRP M 302 -7.21 43.21 -30.02
CA TRP M 302 -8.54 43.04 -30.57
C TRP M 302 -9.51 42.34 -29.62
N TRP M 303 -9.16 42.20 -28.34
CA TRP M 303 -10.02 41.51 -27.39
C TRP M 303 -10.08 42.30 -26.09
N ASP M 304 -10.96 41.85 -25.20
CA ASP M 304 -11.01 42.40 -23.86
C ASP M 304 -9.73 42.07 -23.11
N THR M 305 -8.89 43.08 -22.93
CA THR M 305 -7.66 42.93 -22.17
C THR M 305 -7.85 43.17 -20.68
N GLY M 306 -9.07 43.48 -20.26
CA GLY M 306 -9.34 43.77 -18.87
C GLY M 306 -8.79 45.10 -18.38
N LEU M 307 -8.13 45.79 -19.48
CA LEU M 307 -7.38 47.06 -19.21
C LEU M 307 -7.69 48.13 -20.25
N SER M 308 -8.25 49.35 -19.70
CA SER M 308 -8.47 50.41 -20.68
C SER M 308 -8.49 51.72 -19.91
N ARG M 309 -8.53 52.84 -20.66
CA ARG M 309 -8.44 54.16 -20.03
C ARG M 309 -9.59 54.38 -19.06
N ASP M 310 -10.83 54.18 -19.51
CA ASP M 310 -11.97 54.37 -18.63
C ASP M 310 -12.05 53.30 -17.56
N GLN M 311 -11.33 52.18 -17.71
CA GLN M 311 -11.28 51.16 -16.67
C GLN M 311 -10.28 51.52 -15.58
N VAL M 312 -9.16 52.14 -15.94
CA VAL M 312 -8.23 52.65 -14.93
C VAL M 312 -8.89 53.74 -14.11
N GLU M 313 -9.62 54.64 -14.77
CA GLU M 313 -10.38 55.66 -14.05
C GLU M 313 -11.43 55.03 -13.15
N ARG M 314 -12.07 53.95 -13.63
CA ARG M 314 -13.13 53.30 -12.87
C ARG M 314 -12.62 52.70 -11.57
N GLU M 315 -11.32 52.40 -11.46
CA GLU M 315 -10.81 51.75 -10.26
C GLU M 315 -10.53 52.73 -9.12
N PHE M 316 -10.44 54.02 -9.41
CA PHE M 316 -10.40 55.02 -8.35
C PHE M 316 -11.77 55.27 -7.74
N HIS M 317 -12.83 55.15 -8.53
CA HIS M 317 -14.17 55.33 -8.01
C HIS M 317 -14.51 54.23 -7.01
N ASP M 318 -15.43 54.55 -6.10
CA ASP M 318 -15.80 53.57 -5.05
C ASP M 318 -17.33 53.42 -5.10
N GLN M 319 -17.84 52.20 -5.20
CA GLN M 319 -19.27 51.94 -5.31
C GLN M 319 -20.01 52.60 -4.16
N VAL M 320 -20.87 53.55 -4.50
CA VAL M 320 -21.73 54.22 -3.52
C VAL M 320 -23.17 53.78 -3.80
N ILE M 321 -23.82 53.23 -2.80
CA ILE M 321 -25.13 52.62 -2.95
C ILE M 321 -26.20 53.69 -2.74
N ASP M 322 -27.08 53.83 -3.72
CA ASP M 322 -28.19 54.77 -3.59
C ASP M 322 -29.11 54.32 -2.46
N PRO M 323 -29.49 55.21 -1.55
CA PRO M 323 -30.40 54.80 -0.46
C PRO M 323 -31.87 54.82 -0.84
N THR M 324 -32.22 55.42 -1.96
CA THR M 324 -33.62 55.51 -2.41
C THR M 324 -33.92 54.53 -3.54
N ALA M 325 -33.33 53.34 -3.49
CA ALA M 325 -33.48 52.35 -4.55
C ALA M 325 -33.87 51.01 -3.95
N LYS M 326 -34.76 50.30 -4.64
CA LYS M 326 -35.21 49.00 -4.20
C LYS M 326 -34.04 48.01 -4.15
N THR M 327 -34.08 47.10 -3.20
CA THR M 327 -33.03 46.11 -3.00
C THR M 327 -33.58 44.70 -3.18
N PHE M 328 -32.74 43.71 -2.88
CA PHE M 328 -33.20 42.33 -2.85
C PHE M 328 -34.31 42.12 -1.83
N LYS M 329 -34.32 42.94 -0.79
CA LYS M 329 -35.41 42.89 0.22
C LYS M 329 -36.76 42.91 -0.49
N ASP M 330 -36.93 43.89 -1.39
CA ASP M 330 -38.21 44.10 -2.10
C ASP M 330 -38.59 42.87 -2.90
N LEU M 331 -37.61 42.10 -3.31
CA LEU M 331 -37.82 40.91 -4.11
C LEU M 331 -37.89 39.65 -3.27
N GLY M 332 -37.68 39.74 -1.95
CA GLY M 332 -37.70 38.58 -1.11
C GLY M 332 -36.44 37.74 -1.16
N MET M 333 -35.30 38.36 -1.40
CA MET M 333 -34.05 37.64 -1.58
C MET M 333 -33.01 38.14 -0.58
N GLU M 334 -32.06 37.28 -0.24
CA GLU M 334 -30.99 37.59 0.68
C GLU M 334 -29.66 37.20 0.05
N PRO M 335 -28.91 38.17 -0.48
CA PRO M 335 -27.65 37.84 -1.16
C PRO M 335 -26.65 37.16 -0.22
N THR M 336 -25.89 36.23 -0.79
CA THR M 336 -24.84 35.54 -0.06
C THR M 336 -23.51 36.25 -0.22
N ASP M 337 -22.62 36.03 0.73
CA ASP M 337 -21.32 36.70 0.73
C ASP M 337 -20.35 35.96 -0.17
N ILE M 338 -19.49 36.72 -0.85
CA ILE M 338 -18.58 36.14 -1.84
C ILE M 338 -17.65 35.10 -1.23
N SER M 339 -17.27 35.27 0.04
CA SER M 339 -16.38 34.30 0.68
C SER M 339 -17.04 32.95 0.86
N LYS M 340 -18.36 32.86 0.69
CA LYS M 340 -19.05 31.57 0.68
C LYS M 340 -18.90 30.83 -0.63
N TRP M 341 -18.43 31.50 -1.68
CA TRP M 341 -18.45 30.95 -3.03
C TRP M 341 -17.07 30.76 -3.63
N THR M 342 -16.01 31.27 -3.00
CA THR M 342 -14.67 31.14 -3.56
C THR M 342 -14.24 29.68 -3.64
N TYR M 343 -14.49 28.91 -2.57
CA TYR M 343 -14.06 27.51 -2.55
C TYR M 343 -14.79 26.70 -3.62
N HIS M 344 -16.09 26.89 -3.75
CA HIS M 344 -16.86 26.19 -4.76
C HIS M 344 -16.34 26.50 -6.17
N TYR M 345 -16.20 27.79 -6.49
CA TYR M 345 -15.88 28.20 -7.85
C TYR M 345 -14.40 28.09 -8.17
N LEU M 346 -13.53 27.99 -7.17
CA LEU M 346 -12.10 27.94 -7.40
C LEU M 346 -11.48 26.58 -7.06
N LEU M 347 -12.28 25.63 -6.58
CA LEU M 347 -11.78 24.29 -6.31
C LEU M 347 -11.06 23.65 -7.49
N PRO M 348 -11.53 23.74 -8.74
CA PRO M 348 -10.78 23.13 -9.84
C PRO M 348 -9.47 23.83 -10.16
N TYR M 349 -9.09 24.87 -9.43
CA TYR M 349 -7.85 25.59 -9.67
C TYR M 349 -6.82 25.38 -8.57
N ARG M 350 -7.12 24.58 -7.57
CA ARG M 350 -6.15 24.24 -6.53
C ARG M 350 -5.38 22.98 -6.94
N PRO M 351 -4.05 23.03 -6.96
CA PRO M 351 -3.27 21.86 -7.38
C PRO M 351 -3.55 20.66 -6.49
N SER M 352 -3.64 19.48 -7.11
CA SER M 352 -3.91 18.24 -6.41
C SER M 352 -2.86 17.17 -6.70
N THR M 353 -1.71 17.57 -7.21
CA THR M 353 -0.63 16.63 -7.47
C THR M 353 -0.16 15.99 -6.17
N TYR M 354 0.31 14.75 -6.26
CA TYR M 354 0.88 14.11 -5.08
C TYR M 354 2.08 14.87 -4.55
N TYR M 355 2.76 15.63 -5.41
CA TYR M 355 3.94 16.37 -4.96
C TYR M 355 3.59 17.40 -3.90
N ASP M 356 2.32 17.80 -3.81
CA ASP M 356 1.93 18.98 -3.04
C ASP M 356 1.21 18.66 -1.73
N LEU M 357 1.03 17.40 -1.36
CA LEU M 357 0.42 17.15 -0.05
C LEU M 357 1.37 17.54 1.08
N PRO M 358 0.84 17.95 2.22
CA PRO M 358 1.70 18.27 3.36
C PRO M 358 2.35 17.01 3.91
N PRO M 359 3.40 17.16 4.72
CA PRO M 359 4.19 15.98 5.10
C PRO M 359 3.38 14.93 5.84
N SER M 360 3.82 13.69 5.70
CA SER M 360 3.12 12.56 6.28
C SER M 360 3.21 12.57 7.80
N THR M 361 2.10 12.24 8.44
CA THR M 361 2.09 12.09 9.89
C THR M 361 2.88 10.87 10.31
N GLU M 362 3.23 10.81 11.60
CA GLU M 362 3.84 9.60 12.14
C GLU M 362 2.91 8.41 11.97
N LYS M 363 1.60 8.64 12.03
CA LYS M 363 0.65 7.59 11.69
C LYS M 363 0.87 7.12 10.25
N GLU M 364 1.10 8.06 9.33
CA GLU M 364 1.36 7.71 7.94
C GLU M 364 2.73 7.07 7.77
N MET M 365 3.73 7.54 8.50
CA MET M 365 5.07 6.97 8.33
C MET M 365 5.08 5.50 8.74
N ARG M 366 4.29 5.13 9.75
CA ARG M 366 4.34 3.78 10.27
C ARG M 366 3.63 2.79 9.37
N GLU M 367 2.50 3.22 8.79
CA GLU M 367 1.70 2.29 7.93
C GLU M 367 2.43 2.02 6.62
N GLU M 368 3.32 2.89 6.19
CA GLU M 368 4.00 2.68 4.90
C GLU M 368 4.83 1.39 5.01
N ARG M 369 5.23 1.03 6.22
CA ARG M 369 6.08 -0.13 6.39
C ARG M 369 5.29 -1.43 6.35
N LYS M 370 3.99 -1.37 6.12
CA LYS M 370 3.19 -2.57 5.90
C LYS M 370 3.07 -2.94 4.43
N TYR M 371 3.63 -2.15 3.52
CA TYR M 371 3.52 -2.40 2.10
C TYR M 371 4.89 -2.48 1.43
N LEU M 372 4.92 -3.30 0.38
CA LEU M 372 6.09 -3.28 -0.50
C LEU M 372 5.79 -2.16 -1.49
N HIS M 373 6.78 -1.33 -1.76
CA HIS M 373 6.62 -0.16 -2.61
C HIS M 373 7.27 -0.31 -3.97
N VAL M 374 7.82 -1.49 -4.29
CA VAL M 374 8.31 -1.71 -5.69
C VAL M 374 7.92 -3.14 -6.10
N LEU M 375 7.49 -3.39 -7.34
CA LEU M 375 7.25 -4.81 -7.74
C LEU M 375 8.54 -5.42 -8.28
N ASP M 376 9.21 -6.23 -7.47
CA ASP M 376 10.52 -6.83 -7.83
C ASP M 376 10.36 -7.98 -8.84
N ASP M 377 9.19 -8.62 -8.84
CA ASP M 377 8.91 -9.68 -9.80
C ASP M 377 8.49 -9.13 -11.16
N GLN M 378 8.19 -7.85 -11.24
CA GLN M 378 7.81 -7.22 -12.50
C GLN M 378 8.79 -6.10 -12.83
N LYS N 24 4.40 -48.08 -28.28
CA LYS N 24 4.47 -46.63 -28.39
C LYS N 24 3.17 -45.99 -27.90
N GLY N 25 2.10 -46.18 -28.67
CA GLY N 25 0.80 -45.64 -28.32
C GLY N 25 -0.04 -46.63 -27.55
N LYS N 26 0.62 -47.63 -26.97
CA LYS N 26 -0.11 -48.67 -26.23
C LYS N 26 -0.83 -48.09 -25.03
N PHE N 27 -0.20 -47.17 -24.32
CA PHE N 27 -0.77 -46.55 -23.13
C PHE N 27 -0.86 -45.03 -23.35
N LEU N 28 -2.02 -44.47 -23.02
CA LEU N 28 -2.17 -43.03 -23.06
C LEU N 28 -1.28 -42.37 -22.02
N VAL N 29 -0.83 -41.16 -22.32
CA VAL N 29 0.12 -40.43 -21.49
C VAL N 29 -0.68 -39.58 -20.49
N PRO N 30 -0.49 -39.78 -19.19
CA PRO N 30 -1.16 -38.90 -18.22
C PRO N 30 -0.81 -37.44 -18.47
N GLY N 31 -1.83 -36.59 -18.40
CA GLY N 31 -1.67 -35.18 -18.69
C GLY N 31 -1.76 -34.80 -20.15
N ALA N 32 -1.70 -35.76 -21.06
CA ALA N 32 -1.83 -35.46 -22.48
C ALA N 32 -3.21 -34.86 -22.76
N PRO N 33 -3.30 -33.77 -23.52
CA PRO N 33 -4.61 -33.18 -23.82
C PRO N 33 -5.54 -34.18 -24.49
N THR N 34 -6.78 -34.19 -24.04
CA THR N 34 -7.80 -35.07 -24.59
C THR N 34 -8.48 -34.48 -25.82
N GLY N 35 -8.51 -33.16 -25.94
CA GLY N 35 -9.32 -32.50 -26.95
C GLY N 35 -10.25 -31.48 -26.35
N LEU N 36 -10.79 -31.79 -25.18
CA LEU N 36 -11.53 -30.82 -24.39
C LEU N 36 -10.55 -30.02 -23.57
N THR N 37 -10.56 -28.69 -23.75
CA THR N 37 -9.58 -27.84 -23.10
C THR N 37 -9.65 -27.97 -21.59
N GLY N 38 -8.49 -28.09 -20.96
CA GLY N 38 -8.40 -28.26 -19.52
C GLY N 38 -8.71 -29.65 -19.03
N LEU N 39 -9.06 -30.57 -19.91
CA LEU N 39 -9.32 -31.96 -19.55
C LEU N 39 -8.13 -32.78 -20.04
N GLY N 40 -7.23 -33.11 -19.14
CA GLY N 40 -6.08 -33.94 -19.48
C GLY N 40 -6.37 -35.41 -19.35
N THR N 41 -5.52 -36.22 -19.96
CA THR N 41 -5.64 -37.67 -19.83
C THR N 41 -5.45 -38.07 -18.37
N HIS N 42 -6.29 -38.99 -17.92
CA HIS N 42 -6.27 -39.41 -16.49
C HIS N 42 -5.07 -40.34 -16.16
N PRO N 43 -4.39 -40.22 -14.99
CA PRO N 43 -3.29 -41.13 -14.63
C PRO N 43 -3.63 -42.61 -14.42
N SER N 44 -4.73 -42.91 -13.73
CA SER N 44 -5.15 -44.30 -13.40
C SER N 44 -6.66 -44.26 -13.56
N PRO N 45 -7.25 -44.26 -14.78
CA PRO N 45 -8.68 -43.94 -14.87
C PRO N 45 -9.58 -45.05 -14.37
N ARG N 46 -9.20 -46.31 -14.56
CA ARG N 46 -10.08 -47.41 -14.17
C ARG N 46 -10.28 -47.47 -12.65
N SER N 47 -9.20 -47.30 -11.89
CA SER N 47 -9.33 -47.35 -10.44
C SER N 47 -10.03 -46.11 -9.90
N ALA N 48 -9.89 -44.98 -10.57
CA ALA N 48 -10.60 -43.77 -10.15
C ALA N 48 -12.10 -43.97 -10.26
N LEU N 49 -12.56 -44.62 -11.33
CA LEU N 49 -13.99 -44.89 -11.47
C LEU N 49 -14.47 -45.86 -10.40
N LEU N 50 -13.69 -46.92 -10.13
CA LEU N 50 -14.06 -47.86 -9.08
C LEU N 50 -14.14 -47.16 -7.73
N TYR N 51 -13.15 -46.31 -7.43
CA TYR N 51 -13.18 -45.54 -6.20
C TYR N 51 -14.44 -44.70 -6.09
N LEU N 52 -14.77 -43.98 -7.17
CA LEU N 52 -15.92 -43.08 -7.15
C LEU N 52 -17.23 -43.85 -7.03
N TYR N 53 -17.41 -44.89 -7.87
CA TYR N 53 -18.64 -45.66 -7.84
C TYR N 53 -18.86 -46.31 -6.48
N HIS N 54 -17.82 -46.94 -5.93
CA HIS N 54 -17.97 -47.58 -4.62
C HIS N 54 -18.22 -46.55 -3.53
N SER N 55 -17.54 -45.39 -3.61
CA SER N 55 -17.80 -44.32 -2.66
C SER N 55 -19.24 -43.83 -2.76
N THR N 56 -19.84 -43.92 -3.95
CA THR N 56 -21.23 -43.49 -4.13
C THR N 56 -22.19 -44.46 -3.48
N LEU N 57 -22.01 -45.77 -3.71
CA LEU N 57 -22.93 -46.76 -3.16
C LEU N 57 -22.91 -46.74 -1.64
N GLU N 58 -21.71 -46.64 -1.05
CA GLU N 58 -21.61 -46.54 0.41
C GLU N 58 -22.31 -45.29 0.91
N LYS N 59 -22.09 -44.14 0.28
CA LYS N 59 -22.74 -42.87 0.72
C LYS N 59 -24.28 -42.93 0.53
N LEU N 60 -24.79 -43.78 -0.36
CA LEU N 60 -26.24 -43.87 -0.54
C LEU N 60 -26.91 -44.79 0.48
N LYS N 61 -26.15 -45.47 1.33
CA LYS N 61 -26.73 -46.38 2.30
C LYS N 61 -27.46 -45.65 3.41
N GLN N 62 -27.27 -44.34 3.55
CA GLN N 62 -27.96 -43.55 4.54
C GLN N 62 -29.27 -42.96 4.02
N ILE N 63 -29.70 -43.36 2.83
CA ILE N 63 -30.98 -42.94 2.27
C ILE N 63 -31.94 -44.12 2.38
N PRO N 64 -33.22 -43.89 2.69
CA PRO N 64 -34.19 -44.99 2.76
C PRO N 64 -34.30 -45.75 1.45
N GLU N 65 -34.95 -46.91 1.53
CA GLU N 65 -35.10 -47.79 0.37
C GLU N 65 -36.26 -47.40 -0.54
N HIS N 66 -37.17 -46.55 -0.07
CA HIS N 66 -38.30 -46.11 -0.86
C HIS N 66 -38.00 -44.85 -1.66
N SER N 67 -36.81 -44.28 -1.53
CA SER N 67 -36.42 -43.12 -2.31
C SER N 67 -36.07 -43.57 -3.73
N VAL N 68 -36.80 -43.02 -4.70
CA VAL N 68 -36.48 -43.31 -6.09
C VAL N 68 -35.12 -42.75 -6.46
N TYR N 69 -34.76 -41.60 -5.89
CA TYR N 69 -33.44 -41.02 -6.13
C TYR N 69 -32.35 -42.03 -5.82
N ARG N 70 -32.42 -42.67 -4.66
CA ARG N 70 -31.44 -43.72 -4.32
C ARG N 70 -31.53 -44.89 -5.29
N GLN N 71 -32.76 -45.31 -5.61
CA GLN N 71 -32.95 -46.46 -6.53
C GLN N 71 -32.36 -46.13 -7.91
N SER N 72 -32.46 -44.87 -8.36
CA SER N 72 -31.96 -44.48 -9.68
C SER N 72 -30.44 -44.43 -9.71
N VAL N 73 -29.82 -43.78 -8.72
CA VAL N 73 -28.36 -43.69 -8.71
C VAL N 73 -27.75 -45.08 -8.59
N GLU N 74 -28.35 -45.93 -7.76
CA GLU N 74 -27.86 -47.30 -7.65
C GLU N 74 -27.86 -47.99 -9.01
N ALA N 75 -29.00 -47.96 -9.71
CA ALA N 75 -29.12 -48.64 -10.99
C ALA N 75 -28.05 -48.18 -11.97
N VAL N 76 -27.83 -46.88 -12.05
CA VAL N 76 -26.86 -46.35 -13.06
C VAL N 76 -25.45 -46.72 -12.63
N THR N 77 -25.11 -46.50 -11.36
CA THR N 77 -23.76 -46.78 -10.82
C THR N 77 -23.38 -48.28 -10.84
N ARG N 78 -24.26 -49.19 -10.42
CA ARG N 78 -23.95 -50.64 -10.32
C ARG N 78 -23.87 -51.20 -11.71
N HIS N 79 -24.57 -50.57 -12.64
CA HIS N 79 -24.50 -50.98 -14.04
C HIS N 79 -23.19 -50.52 -14.66
N ARG N 80 -22.79 -49.28 -14.40
CA ARG N 80 -21.51 -48.78 -14.88
C ARG N 80 -20.36 -49.44 -14.14
N LEU N 81 -20.54 -49.71 -12.85
CA LEU N 81 -19.54 -50.43 -12.07
C LEU N 81 -19.26 -51.80 -12.67
N ALA N 82 -20.32 -52.53 -13.04
CA ALA N 82 -20.15 -53.84 -13.66
C ALA N 82 -19.31 -53.75 -14.93
N LEU N 83 -19.47 -52.66 -15.68
CA LEU N 83 -18.73 -52.51 -16.93
C LEU N 83 -17.27 -52.15 -16.69
N VAL N 84 -17.00 -51.33 -15.66
CA VAL N 84 -15.61 -51.00 -15.34
C VAL N 84 -14.86 -52.25 -14.89
N GLU N 85 -15.53 -53.12 -14.12
CA GLU N 85 -14.89 -54.37 -13.72
C GLU N 85 -14.70 -55.31 -14.90
N SER N 86 -15.52 -55.17 -15.94
CA SER N 86 -15.43 -56.02 -17.12
C SER N 86 -14.15 -55.82 -17.93
N VAL N 87 -13.40 -54.74 -17.68
CA VAL N 87 -12.13 -54.48 -18.34
C VAL N 87 -11.03 -54.52 -17.30
N VAL N 88 -10.11 -55.50 -17.56
CA VAL N 88 -9.06 -55.76 -16.54
C VAL N 88 -7.69 -55.42 -17.14
N PRO N 89 -6.81 -54.57 -16.45
CA PRO N 89 -5.46 -54.35 -16.96
C PRO N 89 -4.67 -55.65 -17.04
N GLU N 90 -3.83 -55.75 -18.06
CA GLU N 90 -3.01 -56.95 -18.24
C GLU N 90 -2.11 -57.17 -17.04
N GLY N 91 -2.09 -58.40 -16.54
CA GLY N 91 -1.29 -58.72 -15.38
C GLY N 91 -1.85 -58.24 -14.06
N TYR N 92 -3.14 -57.95 -13.99
CA TYR N 92 -3.73 -57.45 -12.75
C TYR N 92 -3.60 -58.46 -11.62
N ASP N 93 -3.87 -59.74 -11.91
CA ASP N 93 -3.82 -60.76 -10.87
C ASP N 93 -2.43 -60.86 -10.25
N ALA N 94 -1.39 -60.81 -11.09
CA ALA N 94 -0.03 -60.85 -10.59
C ALA N 94 0.25 -59.68 -9.66
N TRP N 95 -0.21 -58.48 -10.02
CA TRP N 95 0.05 -57.30 -9.21
C TRP N 95 -0.70 -57.37 -7.88
N VAL N 96 -1.93 -57.88 -7.88
CA VAL N 96 -2.77 -57.80 -6.70
C VAL N 96 -2.20 -58.63 -5.56
N GLU N 97 -1.66 -59.81 -5.87
CA GLU N 97 -1.14 -60.68 -4.83
C GLU N 97 -0.01 -60.01 -4.06
N ARG N 98 0.97 -59.46 -4.78
CA ARG N 98 2.06 -58.75 -4.13
C ARG N 98 1.57 -57.51 -3.40
N ALA N 99 0.67 -56.75 -4.04
CA ALA N 99 0.19 -55.51 -3.44
C ALA N 99 -0.60 -55.79 -2.17
N LYS N 100 -1.44 -56.82 -2.18
CA LYS N 100 -2.09 -57.26 -0.96
C LYS N 100 -1.06 -57.72 0.06
N LYS N 101 -0.07 -58.50 -0.39
CA LYS N 101 0.99 -58.96 0.50
C LYS N 101 1.78 -57.80 1.08
N LEU N 102 1.88 -56.70 0.33
CA LEU N 102 2.67 -55.56 0.80
C LEU N 102 1.94 -54.75 1.86
N LEU N 103 0.61 -54.71 1.81
CA LEU N 103 -0.15 -53.93 2.79
C LEU N 103 -0.03 -54.53 4.18
N GLU N 104 -0.10 -55.86 4.29
CA GLU N 104 -0.11 -56.50 5.60
C GLU N 104 1.20 -56.28 6.36
N GLU N 105 2.33 -56.40 5.67
CA GLU N 105 3.62 -56.33 6.33
C GLU N 105 4.08 -54.91 6.63
N HIS N 106 3.43 -53.91 6.04
CA HIS N 106 3.85 -52.52 6.21
C HIS N 106 2.64 -51.62 6.41
N ALA N 107 1.67 -52.09 7.21
CA ALA N 107 0.42 -51.36 7.36
C ALA N 107 0.63 -49.97 7.96
N ASP N 108 1.63 -49.82 8.80
CA ASP N 108 1.94 -48.52 9.43
C ASP N 108 2.39 -47.50 8.38
N GLN N 109 2.82 -47.96 7.23
CA GLN N 109 3.29 -47.05 6.20
C GLN N 109 2.15 -46.43 5.38
N PHE N 110 0.99 -47.08 5.40
CA PHE N 110 -0.13 -46.64 4.53
C PHE N 110 -1.41 -46.32 5.31
N ASP N 111 -1.40 -46.37 6.65
CA ASP N 111 -2.64 -46.11 7.38
C ASP N 111 -2.82 -44.61 7.57
N PRO N 112 -3.97 -44.05 7.18
CA PRO N 112 -4.15 -42.60 7.27
C PRO N 112 -4.07 -42.05 8.68
N THR N 113 -4.38 -42.86 9.70
CA THR N 113 -4.38 -42.37 11.06
C THR N 113 -2.99 -41.98 11.56
N LYS N 114 -1.94 -42.40 10.86
CA LYS N 114 -0.57 -42.12 11.28
C LYS N 114 0.14 -41.13 10.36
N VAL N 115 0.04 -41.32 9.04
CA VAL N 115 0.73 -40.45 8.09
C VAL N 115 -0.15 -39.34 7.54
N GLY N 116 -1.43 -39.32 7.89
CA GLY N 116 -2.33 -38.30 7.41
C GLY N 116 -2.95 -38.68 6.07
N PRO N 117 -4.07 -38.03 5.72
CA PRO N 117 -4.75 -38.36 4.46
C PRO N 117 -3.94 -38.06 3.21
N GLU N 118 -2.92 -37.22 3.29
CA GLU N 118 -2.08 -36.93 2.14
C GLU N 118 -0.86 -37.84 2.05
N GLY N 119 -0.66 -38.72 3.03
CA GLY N 119 0.50 -39.59 3.04
C GLY N 119 1.72 -39.07 3.75
N GLY N 120 1.69 -37.80 4.16
CA GLY N 120 2.82 -37.23 4.93
C GLY N 120 3.20 -35.85 4.46
N GLU N 121 4.17 -35.22 5.13
CA GLU N 121 4.58 -33.82 4.79
C GLU N 121 5.76 -33.85 3.81
N GLU N 122 6.27 -35.04 3.47
CA GLU N 122 7.44 -35.12 2.57
C GLU N 122 6.92 -35.17 1.14
N VAL N 123 7.20 -34.12 0.37
CA VAL N 123 6.72 -34.06 -1.04
C VAL N 123 7.86 -34.55 -1.94
N GLN N 124 9.12 -34.33 -1.53
CA GLN N 124 10.25 -34.89 -2.33
C GLN N 124 10.13 -36.41 -2.44
N GLY N 125 9.43 -37.08 -1.51
CA GLY N 125 9.28 -38.52 -1.56
C GLY N 125 7.90 -38.95 -2.01
N ALA N 126 7.77 -40.27 -2.18
CA ALA N 126 6.51 -40.87 -2.59
C ALA N 126 5.65 -41.16 -1.37
N ARG N 127 4.36 -40.85 -1.47
CA ARG N 127 3.40 -41.11 -0.41
C ARG N 127 2.35 -42.09 -0.92
N ALA N 128 1.70 -42.76 0.02
CA ALA N 128 0.69 -43.78 -0.31
C ALA N 128 -0.14 -44.12 0.92
N VAL N 129 -1.46 -44.13 0.77
CA VAL N 129 -2.38 -44.33 1.90
C VAL N 129 -3.42 -45.37 1.52
N LYS N 130 -3.61 -46.37 2.37
CA LYS N 130 -4.73 -47.28 2.23
C LYS N 130 -6.01 -46.60 2.70
N VAL N 131 -7.11 -46.87 1.99
CA VAL N 131 -8.40 -46.28 2.32
C VAL N 131 -9.47 -47.32 2.03
N GLU N 132 -10.58 -47.23 2.75
CA GLU N 132 -11.64 -48.24 2.73
C GLU N 132 -12.95 -47.59 2.28
N ARG N 133 -13.53 -48.13 1.20
CA ARG N 133 -14.80 -47.66 0.68
C ARG N 133 -15.63 -48.85 0.24
N ASP N 134 -16.88 -48.92 0.70
CA ASP N 134 -17.89 -49.85 0.20
C ASP N 134 -17.43 -51.31 0.35
N GLY N 135 -16.65 -51.59 1.38
CA GLY N 135 -16.13 -52.92 1.59
C GLY N 135 -14.89 -53.25 0.78
N ARG N 136 -14.41 -52.32 -0.05
CA ARG N 136 -13.24 -52.54 -0.87
C ARG N 136 -12.16 -51.54 -0.48
N VAL N 137 -10.91 -51.95 -0.65
CA VAL N 137 -9.76 -51.17 -0.20
C VAL N 137 -9.06 -50.57 -1.40
N PHE N 138 -8.63 -49.32 -1.26
CA PHE N 138 -7.91 -48.60 -2.29
C PHE N 138 -6.66 -47.98 -1.68
N VAL N 139 -5.63 -47.85 -2.50
CA VAL N 139 -4.40 -47.15 -2.13
C VAL N 139 -4.29 -45.92 -3.01
N VAL N 140 -4.23 -44.75 -2.39
CA VAL N 140 -4.02 -43.49 -3.09
C VAL N 140 -2.54 -43.14 -2.99
N SER N 141 -1.93 -42.83 -4.14
CA SER N 141 -0.51 -42.55 -4.18
C SER N 141 -0.25 -41.15 -4.73
N ARG N 142 0.80 -40.52 -4.19
CA ARG N 142 1.24 -39.20 -4.62
C ARG N 142 2.73 -39.23 -4.90
N LEU N 143 3.14 -38.56 -5.97
CA LEU N 143 4.52 -38.60 -6.42
C LEU N 143 5.03 -37.18 -6.60
N PRO N 144 6.33 -36.96 -6.39
CA PRO N 144 6.91 -35.66 -6.71
C PRO N 144 6.69 -35.34 -8.19
N LYS N 145 6.38 -34.08 -8.45
CA LYS N 145 6.15 -33.65 -9.83
C LYS N 145 7.47 -33.67 -10.61
N GLU N 146 7.43 -34.23 -11.81
CA GLU N 146 8.61 -34.29 -12.65
C GLU N 146 8.99 -32.88 -13.09
N GLU N 147 10.06 -32.35 -12.51
CA GLU N 147 10.50 -30.99 -12.77
C GLU N 147 11.94 -31.01 -13.25
N ASP N 148 12.29 -29.99 -14.01
CA ASP N 148 13.65 -29.86 -14.54
C ASP N 148 14.65 -29.73 -13.41
N GLU N 149 15.74 -30.49 -13.50
CA GLU N 149 16.77 -30.44 -12.46
C GLU N 149 17.44 -29.07 -12.40
N ARG N 150 17.46 -28.31 -13.50
CA ARG N 150 18.07 -26.99 -13.46
C ARG N 150 17.31 -26.02 -12.56
N VAL N 151 16.06 -26.31 -12.21
CA VAL N 151 15.23 -25.35 -11.52
C VAL N 151 14.86 -25.80 -10.11
N LEU N 152 14.95 -27.09 -9.81
CA LEU N 152 14.59 -27.56 -8.48
C LEU N 152 15.69 -27.26 -7.48
N GLU N 153 15.31 -26.81 -6.29
CA GLU N 153 16.23 -26.53 -5.21
C GLU N 153 16.03 -27.56 -4.11
N TRP N 154 17.14 -28.19 -3.69
CA TRP N 154 17.12 -29.18 -2.61
C TRP N 154 16.14 -30.32 -2.89
N ASP N 155 15.99 -30.67 -4.17
CA ASP N 155 15.11 -31.74 -4.62
C ASP N 155 13.67 -31.51 -4.16
N GLY N 156 13.19 -30.28 -4.29
CA GLY N 156 11.80 -29.98 -4.06
C GLY N 156 11.37 -29.85 -2.62
N GLU N 157 12.31 -29.86 -1.67
CA GLU N 157 11.93 -29.75 -0.27
C GLU N 157 11.30 -28.39 0.00
N VAL N 158 10.21 -28.41 0.78
CA VAL N 158 9.47 -27.18 1.02
C VAL N 158 10.33 -26.19 1.81
N ASP N 159 10.33 -24.95 1.36
CA ASP N 159 11.05 -23.87 2.04
C ASP N 159 10.12 -23.24 3.07
N GLU N 160 10.43 -23.44 4.34
CA GLU N 160 9.69 -22.82 5.44
C GLU N 160 10.44 -21.64 6.02
N GLY N 161 11.17 -20.92 5.16
CA GLY N 161 12.03 -19.85 5.61
C GLY N 161 13.26 -20.38 6.29
N PRO N 162 14.04 -19.50 6.91
CA PRO N 162 15.16 -19.95 7.73
C PRO N 162 14.74 -20.19 9.17
N GLU N 163 15.60 -20.90 9.89
CA GLU N 163 15.34 -21.16 11.29
C GLU N 163 15.53 -19.88 12.10
N LEU N 164 14.96 -19.89 13.30
CA LEU N 164 15.04 -18.74 14.19
C LEU N 164 16.35 -18.80 14.97
N GLU N 165 17.30 -17.97 14.56
CA GLU N 165 18.57 -17.85 15.27
C GLU N 165 18.50 -16.68 16.25
N GLY N 166 19.46 -16.64 17.17
CA GLY N 166 19.55 -15.55 18.12
C GLY N 166 19.02 -15.88 19.49
N SER N 167 18.37 -14.91 20.13
CA SER N 167 17.80 -15.06 21.47
C SER N 167 16.28 -15.14 21.32
N ARG N 168 15.75 -16.36 21.40
CA ARG N 168 14.35 -16.62 21.14
C ARG N 168 13.67 -17.15 22.39
N THR N 169 12.39 -16.85 22.54
CA THR N 169 11.61 -17.49 23.58
C THR N 169 11.22 -18.91 23.16
N LEU N 170 10.84 -19.71 24.14
CA LEU N 170 10.37 -21.06 23.87
C LEU N 170 9.15 -21.04 22.96
N GLU N 171 8.27 -20.05 23.14
CA GLU N 171 7.01 -20.03 22.40
C GLU N 171 7.24 -19.90 20.90
N GLU N 172 8.12 -18.98 20.49
CA GLU N 172 8.37 -18.82 19.06
C GLU N 172 9.13 -20.00 18.47
N LYS N 173 9.89 -20.73 19.31
CA LYS N 173 10.54 -21.94 18.84
C LYS N 173 9.50 -23.00 18.46
N ILE N 174 8.48 -23.17 19.30
CA ILE N 174 7.44 -24.14 18.99
C ILE N 174 6.61 -23.69 17.80
N GLU N 175 6.38 -22.37 17.68
CA GLU N 175 5.71 -21.83 16.50
C GLU N 175 6.53 -21.98 15.24
N GLY N 176 7.82 -22.29 15.36
CA GLY N 176 8.68 -22.46 14.20
C GLY N 176 8.85 -23.92 13.82
N GLY N 177 8.00 -24.78 14.37
CA GLY N 177 8.06 -26.20 14.05
C GLY N 177 9.33 -26.89 14.48
N LEU N 178 9.85 -26.56 15.66
CA LEU N 178 11.04 -27.23 16.15
C LEU N 178 10.78 -28.72 16.39
N GLU N 179 9.56 -29.08 16.78
CA GLU N 179 9.22 -30.48 16.96
C GLU N 179 9.34 -31.28 15.67
N LYS N 180 9.33 -30.61 14.51
CA LYS N 180 9.52 -31.33 13.25
C LYS N 180 10.90 -31.97 13.15
N ILE N 181 11.86 -31.47 13.92
CA ILE N 181 13.20 -32.07 13.95
C ILE N 181 13.14 -33.52 14.39
N PHE N 182 12.23 -33.84 15.32
CA PHE N 182 12.13 -35.17 15.88
C PHE N 182 11.19 -36.08 15.11
N THR N 183 10.55 -35.59 14.05
CA THR N 183 9.59 -36.40 13.31
C THR N 183 9.75 -36.36 11.79
N ARG N 184 10.37 -35.35 11.22
CA ARG N 184 10.59 -35.35 9.78
C ARG N 184 11.70 -36.33 9.42
N ARG N 185 11.62 -36.87 8.20
CA ARG N 185 12.52 -37.90 7.73
C ARG N 185 13.27 -37.39 6.50
N ASP N 186 14.58 -37.66 6.46
CA ASP N 186 15.35 -37.34 5.28
C ASP N 186 14.87 -38.19 4.10
N VAL N 187 14.87 -37.58 2.91
CA VAL N 187 14.28 -38.23 1.74
C VAL N 187 15.04 -39.50 1.38
N LYS N 188 16.38 -39.49 1.62
CA LYS N 188 17.18 -40.71 1.34
C LYS N 188 16.90 -41.78 2.39
N ASP N 189 16.34 -41.45 3.52
CA ASP N 189 16.20 -42.38 4.64
C ASP N 189 15.02 -43.30 4.36
N THR N 190 15.28 -44.45 3.75
CA THR N 190 14.27 -45.48 3.53
C THR N 190 14.91 -46.82 3.92
N VAL N 191 14.76 -47.01 5.32
CA VAL N 191 15.33 -48.24 5.95
C VAL N 191 14.15 -49.11 6.34
N GLY N 192 13.22 -48.63 6.97
CA GLY N 192 12.09 -49.32 7.54
C GLY N 192 10.85 -49.32 6.66
N ARG N 193 10.89 -48.65 5.52
CA ARG N 193 9.73 -48.54 4.65
C ARG N 193 10.02 -49.19 3.30
N VAL N 194 8.97 -49.25 2.48
CA VAL N 194 8.98 -50.01 1.24
C VAL N 194 8.47 -49.12 0.11
N GLU N 195 8.83 -49.48 -1.11
CA GLU N 195 8.41 -48.75 -2.31
C GLU N 195 7.05 -49.27 -2.76
N TRP N 196 6.07 -48.37 -2.88
CA TRP N 196 4.76 -48.75 -3.39
C TRP N 196 4.83 -48.94 -4.90
N GLU N 197 4.32 -50.08 -5.37
CA GLU N 197 4.32 -50.40 -6.79
C GLU N 197 2.94 -50.10 -7.39
N PRO N 198 2.87 -49.38 -8.50
CA PRO N 198 1.55 -49.02 -9.04
C PRO N 198 0.87 -50.20 -9.72
N GLU N 199 -0.46 -50.16 -9.71
CA GLU N 199 -1.31 -51.05 -10.48
C GLU N 199 -0.96 -50.96 -11.97
N PRO N 200 -1.05 -52.07 -12.71
CA PRO N 200 -0.95 -51.97 -14.16
C PRO N 200 -2.11 -51.18 -14.74
N GLN N 201 -1.83 -50.51 -15.85
CA GLN N 201 -2.78 -49.61 -16.49
C GLN N 201 -3.51 -50.31 -17.63
N LEU N 202 -4.75 -49.88 -17.87
CA LEU N 202 -5.45 -50.28 -19.07
C LEU N 202 -4.73 -49.74 -20.29
N THR N 203 -4.68 -50.53 -21.36
CA THR N 203 -4.08 -50.04 -22.58
C THR N 203 -4.99 -49.00 -23.24
N ALA N 204 -4.45 -48.31 -24.24
CA ALA N 204 -5.26 -47.35 -24.99
C ALA N 204 -6.40 -48.06 -25.71
N GLU N 205 -6.13 -49.25 -26.25
CA GLU N 205 -7.20 -50.05 -26.85
C GLU N 205 -8.26 -50.42 -25.81
N GLN N 206 -7.82 -50.77 -24.60
CA GLN N 206 -8.76 -51.15 -23.56
C GLN N 206 -9.59 -49.96 -23.09
N VAL N 207 -9.00 -48.77 -23.04
CA VAL N 207 -9.73 -47.59 -22.62
C VAL N 207 -10.84 -47.26 -23.61
N ALA N 208 -10.53 -47.31 -24.90
CA ALA N 208 -11.52 -46.98 -25.92
C ALA N 208 -12.68 -47.95 -25.91
N GLU N 209 -12.40 -49.25 -25.79
CA GLU N 209 -13.46 -50.24 -25.82
C GLU N 209 -14.31 -50.20 -24.56
N LEU N 210 -13.70 -49.84 -23.42
CA LEU N 210 -14.47 -49.67 -22.19
C LEU N 210 -15.40 -48.47 -22.29
N GLU N 211 -14.88 -47.33 -22.72
CA GLU N 211 -15.76 -46.15 -22.85
C GLU N 211 -16.75 -46.31 -23.99
N ASN N 212 -16.45 -47.14 -25.00
CA ASN N 212 -17.47 -47.54 -25.94
C ASN N 212 -18.58 -48.34 -25.28
N LYS N 213 -18.24 -49.09 -24.22
CA LYS N 213 -19.25 -49.84 -23.48
C LYS N 213 -20.12 -48.92 -22.64
N ILE N 214 -19.50 -47.94 -21.96
CA ILE N 214 -20.26 -47.02 -21.13
C ILE N 214 -21.12 -46.12 -21.99
N GLY N 215 -20.61 -45.69 -23.14
CA GLY N 215 -21.36 -44.83 -24.03
C GLY N 215 -21.71 -43.48 -23.44
N ALA N 216 -20.78 -42.86 -22.72
CA ALA N 216 -21.01 -41.57 -22.08
C ALA N 216 -19.84 -40.64 -22.30
N GLY N 217 -19.21 -40.70 -23.47
CA GLY N 217 -18.09 -39.84 -23.77
C GLY N 217 -16.76 -40.45 -23.39
N LEU N 218 -15.74 -39.60 -23.41
CA LEU N 218 -14.39 -40.03 -23.06
C LEU N 218 -14.32 -40.46 -21.61
N ILE N 219 -13.38 -41.37 -21.31
CA ILE N 219 -13.18 -41.89 -19.93
C ILE N 219 -13.02 -40.72 -18.98
N GLU N 220 -12.36 -39.66 -19.43
CA GLU N 220 -12.13 -38.51 -18.57
C GLU N 220 -13.44 -37.80 -18.24
N GLU N 221 -14.32 -37.66 -19.22
CA GLU N 221 -15.64 -37.08 -18.97
C GLU N 221 -16.47 -37.97 -18.06
N VAL N 222 -16.37 -39.29 -18.24
CA VAL N 222 -17.13 -40.21 -17.41
C VAL N 222 -16.68 -40.11 -15.96
N ILE N 223 -15.38 -39.92 -15.73
CA ILE N 223 -14.88 -39.71 -14.39
C ILE N 223 -15.41 -38.40 -13.82
N GLN N 224 -15.46 -37.35 -14.64
CA GLN N 224 -16.02 -36.07 -14.20
C GLN N 224 -17.47 -36.22 -13.77
N VAL N 225 -18.25 -37.01 -14.50
CA VAL N 225 -19.65 -37.22 -14.14
C VAL N 225 -19.74 -38.03 -12.85
N ALA N 226 -18.84 -38.98 -12.65
CA ALA N 226 -18.82 -39.73 -11.40
C ALA N 226 -18.46 -38.84 -10.22
N GLU N 227 -17.50 -37.93 -10.40
CA GLU N 227 -17.15 -37.02 -9.31
C GLU N 227 -18.33 -36.13 -8.92
N GLY N 228 -19.04 -35.61 -9.92
CA GLY N 228 -20.23 -34.81 -9.63
C GLY N 228 -21.32 -35.62 -8.96
N GLU N 229 -21.55 -36.84 -9.43
CA GLU N 229 -22.57 -37.69 -8.84
C GLU N 229 -22.24 -38.05 -7.40
N LEU N 230 -20.96 -38.25 -7.10
CA LEU N 230 -20.55 -38.47 -5.71
C LEU N 230 -20.84 -37.26 -4.84
N LYS N 231 -20.52 -36.06 -5.34
CA LYS N 231 -20.84 -34.81 -4.66
C LYS N 231 -22.34 -34.63 -4.43
N LEU N 232 -23.19 -35.19 -5.31
CA LEU N 232 -24.62 -34.92 -5.25
C LEU N 232 -25.28 -35.59 -4.05
N VAL N 233 -24.79 -36.75 -3.63
CA VAL N 233 -25.44 -37.52 -2.57
C VAL N 233 -25.54 -36.71 -1.29
N ASP N 234 -24.44 -36.02 -0.93
CA ASP N 234 -24.44 -35.25 0.31
C ASP N 234 -25.50 -34.16 0.31
N THR N 235 -25.67 -33.47 -0.82
CA THR N 235 -26.74 -32.47 -0.92
C THR N 235 -28.11 -33.11 -0.78
N MET N 236 -28.32 -34.27 -1.41
CA MET N 236 -29.62 -34.93 -1.37
C MET N 236 -29.96 -35.42 0.04
N VAL N 237 -28.97 -35.95 0.76
CA VAL N 237 -29.22 -36.41 2.12
C VAL N 237 -29.51 -35.22 3.03
N LYS N 238 -28.70 -34.16 2.93
CA LYS N 238 -28.91 -32.99 3.76
C LYS N 238 -30.24 -32.32 3.46
N ALA N 239 -30.74 -32.44 2.23
CA ALA N 239 -32.02 -31.86 1.87
C ALA N 239 -33.19 -32.82 2.09
N ARG N 240 -32.93 -34.11 2.29
CA ARG N 240 -33.96 -35.12 2.53
C ARG N 240 -35.05 -35.04 1.46
N VAL N 241 -34.64 -35.16 0.21
CA VAL N 241 -35.48 -34.85 -0.94
C VAL N 241 -36.57 -35.90 -1.13
N TRP N 242 -36.53 -36.98 -0.34
CA TRP N 242 -37.47 -38.09 -0.50
C TRP N 242 -38.70 -37.98 0.39
N GLU N 243 -38.85 -36.91 1.16
CA GLU N 243 -39.94 -36.76 2.11
C GLU N 243 -41.05 -35.90 1.53
N PRO N 244 -42.21 -35.80 2.20
CA PRO N 244 -43.36 -35.11 1.61
C PRO N 244 -43.04 -33.70 1.11
N LEU N 245 -43.88 -33.23 0.18
CA LEU N 245 -43.70 -31.92 -0.44
C LEU N 245 -43.63 -30.83 0.63
N GLU N 246 -42.59 -30.00 0.52
CA GLU N 246 -42.28 -29.05 1.59
C GLU N 246 -43.32 -27.94 1.67
N GLU N 247 -43.85 -27.51 0.54
CA GLU N 247 -44.73 -26.34 0.50
C GLU N 247 -45.75 -26.53 -0.60
N GLN N 248 -47.03 -26.60 -0.23
CA GLN N 248 -48.07 -26.76 -1.22
C GLN N 248 -48.21 -25.49 -2.06
N PRO N 249 -48.52 -25.60 -3.35
CA PRO N 249 -48.78 -24.39 -4.15
C PRO N 249 -50.12 -23.80 -3.76
N ARG N 250 -50.11 -22.56 -3.31
CA ARG N 250 -51.35 -21.91 -2.91
C ARG N 250 -52.23 -21.67 -4.13
N PRO N 251 -53.55 -21.58 -3.94
CA PRO N 251 -54.45 -21.55 -5.10
C PRO N 251 -54.12 -20.41 -6.05
N GLY N 252 -54.17 -20.72 -7.35
CA GLY N 252 -53.84 -19.76 -8.38
C GLY N 252 -52.38 -19.49 -8.58
N GLN N 253 -51.49 -20.23 -7.89
CA GLN N 253 -50.02 -19.97 -7.99
C GLN N 253 -49.53 -20.22 -9.42
N TRP N 254 -50.00 -21.28 -10.06
CA TRP N 254 -49.53 -21.65 -11.38
C TRP N 254 -50.61 -21.48 -12.46
N GLU N 255 -51.50 -20.52 -12.28
CA GLU N 255 -52.56 -20.27 -13.24
C GLU N 255 -52.14 -19.14 -14.19
N TYR N 256 -52.00 -19.49 -15.46
CA TYR N 256 -51.72 -18.57 -16.56
C TYR N 256 -53.02 -18.14 -17.22
N PHE N 257 -52.95 -17.69 -18.46
CA PHE N 257 -54.10 -17.18 -19.20
C PHE N 257 -54.79 -18.24 -20.06
N GLU N 258 -54.85 -19.49 -19.60
CA GLU N 258 -55.40 -20.56 -20.43
C GLU N 258 -56.92 -20.47 -20.49
N ARG N 259 -57.47 -20.57 -21.70
CA ARG N 259 -58.91 -20.54 -21.88
C ARG N 259 -59.55 -21.82 -21.36
N LYS N 260 -60.76 -21.68 -20.85
CA LYS N 260 -61.50 -22.83 -20.32
C LYS N 260 -61.92 -23.74 -21.47
N PRO N 261 -61.56 -25.02 -21.47
CA PRO N 261 -61.88 -25.93 -22.57
C PRO N 261 -63.37 -26.27 -22.63
N VAL O 45 -16.40 -4.13 -70.68
CA VAL O 45 -15.28 -4.52 -69.79
C VAL O 45 -14.76 -5.91 -70.18
N ALA O 46 -13.54 -6.24 -69.80
CA ALA O 46 -12.97 -7.57 -70.06
C ALA O 46 -13.73 -8.64 -69.25
N LEU O 47 -14.52 -9.44 -69.92
CA LEU O 47 -15.31 -10.50 -69.27
C LEU O 47 -14.50 -11.76 -69.08
N PRO O 48 -14.88 -12.64 -68.13
CA PRO O 48 -14.25 -13.91 -67.96
C PRO O 48 -14.80 -14.88 -69.01
N LYS O 49 -13.94 -15.69 -69.62
CA LYS O 49 -14.37 -16.55 -70.76
C LYS O 49 -15.42 -17.59 -70.33
N ASP O 50 -15.29 -18.18 -69.16
CA ASP O 50 -16.19 -19.27 -68.70
C ASP O 50 -17.29 -18.78 -67.72
N ALA O 51 -17.44 -17.48 -67.54
CA ALA O 51 -18.51 -16.95 -66.66
C ALA O 51 -19.57 -16.31 -67.54
N PRO O 52 -20.58 -17.05 -68.10
CA PRO O 52 -21.65 -16.42 -68.88
C PRO O 52 -22.65 -15.71 -67.98
N ASN O 53 -23.51 -14.90 -68.61
CA ASN O 53 -24.49 -14.10 -67.90
C ASN O 53 -25.49 -15.04 -67.24
N PRO O 54 -25.56 -15.06 -65.90
CA PRO O 54 -26.49 -15.97 -65.22
C PRO O 54 -27.96 -15.57 -65.34
N ARG O 55 -28.26 -14.32 -65.68
CA ARG O 55 -29.63 -13.93 -66.00
C ARG O 55 -30.09 -14.42 -67.36
N ALA O 56 -29.16 -14.70 -68.26
CA ALA O 56 -29.50 -15.07 -69.64
C ALA O 56 -29.90 -16.53 -69.78
N ILE O 57 -29.80 -17.33 -68.73
CA ILE O 57 -30.21 -18.73 -68.78
C ILE O 57 -31.71 -18.81 -68.47
N PRO O 58 -32.52 -19.25 -69.42
CA PRO O 58 -33.97 -19.34 -69.18
C PRO O 58 -34.28 -20.38 -68.11
N ARG O 59 -35.34 -20.11 -67.36
CA ARG O 59 -35.74 -20.96 -66.25
C ARG O 59 -36.94 -21.81 -66.64
N GLU O 60 -36.96 -23.03 -66.14
CA GLU O 60 -38.06 -23.94 -66.42
C GLU O 60 -39.36 -23.39 -65.83
N PRO O 61 -40.48 -23.45 -66.56
CA PRO O 61 -41.70 -22.84 -66.06
C PRO O 61 -42.25 -23.58 -64.85
N VAL O 62 -42.92 -22.82 -63.98
CA VAL O 62 -43.54 -23.34 -62.77
C VAL O 62 -45.04 -23.22 -62.92
N GLY O 63 -45.77 -24.27 -62.55
CA GLY O 63 -47.20 -24.29 -62.74
C GLY O 63 -48.03 -24.32 -61.47
N GLU O 64 -48.66 -25.45 -61.20
CA GLU O 64 -49.63 -25.59 -60.10
C GLU O 64 -48.89 -26.07 -58.86
N ILE O 65 -48.45 -25.12 -58.04
CA ILE O 65 -47.70 -25.45 -56.83
C ILE O 65 -48.64 -26.09 -55.81
N LYS O 66 -48.21 -27.20 -55.22
CA LYS O 66 -49.00 -27.94 -54.26
C LYS O 66 -48.20 -28.13 -52.98
N GLN O 67 -48.74 -27.63 -51.87
CA GLN O 67 -48.11 -27.72 -50.56
C GLN O 67 -49.12 -28.29 -49.57
N ALA O 68 -48.77 -29.38 -48.91
CA ALA O 68 -49.66 -30.02 -47.97
C ALA O 68 -49.85 -29.18 -46.71
N LEU O 69 -50.98 -29.39 -46.06
CA LEU O 69 -51.30 -28.70 -44.81
C LEU O 69 -50.68 -29.46 -43.64
N VAL O 70 -49.89 -28.76 -42.84
CA VAL O 70 -49.09 -29.37 -41.78
C VAL O 70 -49.51 -28.75 -40.46
N ASN O 71 -49.88 -29.60 -39.50
CA ASN O 71 -49.95 -29.17 -38.11
C ASN O 71 -48.57 -29.34 -37.49
N PRO O 72 -47.89 -28.26 -37.11
CA PRO O 72 -46.51 -28.39 -36.61
C PRO O 72 -46.41 -29.03 -35.24
N ALA O 73 -47.52 -29.18 -34.51
CA ALA O 73 -47.48 -29.82 -33.21
C ALA O 73 -47.41 -31.34 -33.29
N ASP O 74 -47.74 -31.92 -34.45
CA ASP O 74 -47.82 -33.38 -34.56
C ASP O 74 -46.45 -34.04 -34.43
N LYS O 75 -45.39 -33.34 -34.86
CA LYS O 75 -44.08 -33.98 -34.89
C LYS O 75 -43.51 -34.19 -33.49
N TYR O 76 -44.05 -33.51 -32.48
CA TYR O 76 -43.58 -33.65 -31.12
C TYR O 76 -44.28 -34.76 -30.34
N GLN O 77 -45.30 -35.33 -30.72
CA GLN O 77 -46.01 -36.42 -30.00
C GLN O 77 -45.14 -37.67 -29.92
N SER O 78 -44.16 -37.79 -30.91
CA SER O 78 -43.24 -38.91 -30.82
C SER O 78 -42.47 -38.93 -29.51
N LYS O 79 -42.18 -37.77 -28.94
CA LYS O 79 -41.45 -37.67 -27.68
C LYS O 79 -42.33 -37.21 -26.52
N ALA O 80 -43.64 -37.05 -26.74
CA ALA O 80 -44.52 -36.57 -25.68
C ALA O 80 -44.51 -37.52 -24.49
N ASP O 81 -44.52 -38.83 -24.76
CA ASP O 81 -44.49 -39.81 -23.67
C ASP O 81 -43.18 -39.73 -22.91
N ASN O 82 -42.06 -39.62 -23.62
CA ASN O 82 -40.75 -39.60 -22.96
C ASN O 82 -40.58 -38.37 -22.08
N LEU O 83 -41.13 -37.22 -22.50
CA LEU O 83 -40.99 -36.01 -21.70
C LEU O 83 -41.81 -36.07 -20.42
N HIS O 84 -43.01 -36.67 -20.49
CA HIS O 84 -43.80 -36.91 -19.28
C HIS O 84 -43.10 -37.88 -18.35
N LYS O 85 -42.51 -38.95 -18.91
CA LYS O 85 -41.83 -39.92 -18.07
C LYS O 85 -40.63 -39.30 -17.38
N TYR O 86 -39.89 -38.44 -18.08
CA TYR O 86 -38.76 -37.77 -17.46
C TYR O 86 -39.21 -36.81 -16.36
N GLY O 87 -40.28 -36.05 -16.62
CA GLY O 87 -40.82 -35.19 -15.59
C GLY O 87 -41.36 -35.96 -14.40
N ALA O 88 -42.03 -37.09 -14.67
CA ALA O 88 -42.55 -37.92 -13.59
C ALA O 88 -41.42 -38.52 -12.75
N TRP O 89 -40.35 -38.98 -13.40
CA TRP O 89 -39.22 -39.54 -12.68
C TRP O 89 -38.55 -38.48 -11.81
N LEU O 90 -38.44 -37.25 -12.31
CA LEU O 90 -37.90 -36.15 -11.52
C LEU O 90 -38.77 -35.88 -10.30
N MET O 91 -40.09 -35.90 -10.50
CA MET O 91 -41.01 -35.70 -9.38
C MET O 91 -40.87 -36.81 -8.36
N SER O 92 -40.72 -38.06 -8.82
CA SER O 92 -40.52 -39.17 -7.91
C SER O 92 -39.19 -39.06 -7.18
N CYS O 93 -38.14 -38.59 -7.87
CA CYS O 93 -36.83 -38.48 -7.25
C CYS O 93 -36.73 -37.31 -6.28
N LEU O 94 -37.44 -36.21 -6.56
CA LEU O 94 -37.45 -35.04 -5.69
C LEU O 94 -38.89 -34.65 -5.35
N PRO O 95 -39.64 -35.52 -4.65
CA PRO O 95 -41.03 -35.18 -4.34
C PRO O 95 -41.18 -34.08 -3.32
N LYS O 96 -40.15 -33.81 -2.51
CA LYS O 96 -40.29 -32.82 -1.46
C LYS O 96 -40.37 -31.40 -2.02
N TYR O 97 -39.86 -31.17 -3.22
CA TYR O 97 -39.80 -29.82 -3.78
C TYR O 97 -40.51 -29.65 -5.11
N ILE O 98 -40.73 -30.70 -5.90
CA ILE O 98 -41.33 -30.57 -7.22
C ILE O 98 -42.84 -30.67 -7.08
N GLN O 99 -43.53 -29.57 -7.34
CA GLN O 99 -44.98 -29.51 -7.16
C GLN O 99 -45.72 -30.04 -8.38
N GLN O 100 -45.26 -29.71 -9.58
CA GLN O 100 -45.88 -30.19 -10.81
C GLN O 100 -44.87 -30.07 -11.93
N PHE O 101 -45.18 -30.73 -13.04
CA PHE O 101 -44.45 -30.54 -14.28
C PHE O 101 -45.43 -30.44 -15.44
N SER O 102 -45.00 -29.79 -16.52
CA SER O 102 -45.83 -29.62 -17.69
C SER O 102 -45.01 -29.83 -18.96
N VAL O 103 -45.66 -30.41 -19.97
CA VAL O 103 -45.07 -30.65 -21.28
C VAL O 103 -45.95 -29.97 -22.32
N TRP O 104 -45.37 -29.05 -23.10
CA TRP O 104 -46.14 -28.31 -24.10
C TRP O 104 -45.95 -28.84 -25.51
N LYS O 105 -44.76 -28.70 -26.11
CA LYS O 105 -44.47 -29.35 -27.38
C LYS O 105 -43.26 -30.26 -27.26
N ASP O 106 -42.09 -29.69 -26.99
CA ASP O 106 -40.87 -30.42 -26.68
C ASP O 106 -40.20 -29.81 -25.47
N GLU O 107 -40.92 -28.92 -24.79
CA GLU O 107 -40.41 -28.17 -23.65
C GLU O 107 -41.01 -28.76 -22.39
N LEU O 108 -40.13 -29.17 -21.46
CA LEU O 108 -40.54 -29.70 -20.18
C LEU O 108 -40.29 -28.63 -19.13
N THR O 109 -41.32 -28.29 -18.37
CA THR O 109 -41.22 -27.32 -17.29
C THR O 109 -41.41 -28.04 -15.96
N ILE O 110 -40.61 -27.64 -14.97
CA ILE O 110 -40.65 -28.20 -13.63
C ILE O 110 -40.97 -27.07 -12.68
N TYR O 111 -41.99 -27.27 -11.83
CA TYR O 111 -42.46 -26.24 -10.91
C TYR O 111 -42.09 -26.64 -9.49
N ILE O 112 -41.37 -25.75 -8.79
CA ILE O 112 -40.77 -26.06 -7.51
C ILE O 112 -41.03 -24.93 -6.52
N CYS O 113 -40.90 -25.28 -5.26
CA CYS O 113 -41.03 -24.30 -4.15
C CYS O 113 -39.68 -23.61 -3.93
N PRO O 114 -39.59 -22.35 -3.55
CA PRO O 114 -38.30 -21.63 -3.50
C PRO O 114 -37.23 -22.30 -2.65
N THR O 115 -37.61 -23.02 -1.58
CA THR O 115 -36.61 -23.59 -0.69
C THR O 115 -35.79 -24.67 -1.38
N GLY O 116 -36.37 -25.38 -2.34
CA GLY O 116 -35.67 -26.43 -3.04
C GLY O 116 -34.81 -26.01 -4.20
N VAL O 117 -34.55 -24.71 -4.35
CA VAL O 117 -33.83 -24.24 -5.53
C VAL O 117 -32.43 -24.86 -5.60
N ILE O 118 -31.72 -24.87 -4.48
CA ILE O 118 -30.38 -25.45 -4.46
C ILE O 118 -30.43 -26.97 -4.66
N PRO O 119 -31.24 -27.73 -3.90
CA PRO O 119 -31.28 -29.19 -4.13
C PRO O 119 -31.72 -29.58 -5.53
N VAL O 120 -32.68 -28.86 -6.12
CA VAL O 120 -33.19 -29.25 -7.42
C VAL O 120 -32.16 -28.98 -8.52
N PHE O 121 -31.48 -27.85 -8.46
CA PHE O 121 -30.50 -27.52 -9.49
C PHE O 121 -29.22 -28.32 -9.31
N SER O 122 -28.88 -28.69 -8.07
CA SER O 122 -27.80 -29.64 -7.86
C SER O 122 -28.08 -30.95 -8.58
N PHE O 123 -29.31 -31.46 -8.43
CA PHE O 123 -29.69 -32.70 -9.10
C PHE O 123 -29.64 -32.56 -10.61
N LEU O 124 -30.12 -31.43 -11.14
CA LEU O 124 -30.09 -31.23 -12.58
C LEU O 124 -28.68 -31.02 -13.09
N LYS O 125 -27.75 -30.59 -12.24
CA LYS O 125 -26.37 -30.42 -12.68
C LYS O 125 -25.59 -31.72 -12.63
N TYR O 126 -25.74 -32.50 -11.57
CA TYR O 126 -24.79 -33.57 -11.26
C TYR O 126 -25.31 -34.98 -11.51
N ASN O 127 -26.61 -35.18 -11.60
CA ASN O 127 -27.14 -36.52 -11.82
C ASN O 127 -26.70 -37.05 -13.18
N THR O 128 -26.38 -38.34 -13.22
CA THR O 128 -25.87 -38.94 -14.45
C THR O 128 -26.91 -38.97 -15.57
N ASN O 129 -28.20 -38.96 -15.22
CA ASN O 129 -29.27 -38.87 -16.21
C ASN O 129 -29.80 -37.46 -16.36
N ALA O 130 -29.17 -36.48 -15.71
CA ALA O 130 -29.53 -35.08 -15.82
C ALA O 130 -28.24 -34.28 -15.73
N GLU O 131 -27.66 -33.96 -16.90
CA GLU O 131 -26.38 -33.28 -16.93
C GLU O 131 -26.58 -31.89 -17.52
N PHE O 132 -27.62 -31.20 -17.05
CA PHE O 132 -27.91 -29.83 -17.45
C PHE O 132 -26.87 -28.93 -16.81
N THR O 133 -25.69 -28.90 -17.45
CA THR O 133 -24.53 -28.23 -16.88
C THR O 133 -24.38 -26.78 -17.34
N GLN O 134 -25.35 -26.26 -18.09
CA GLN O 134 -25.34 -24.86 -18.48
C GLN O 134 -26.68 -24.22 -18.13
N VAL O 135 -26.62 -22.99 -17.64
CA VAL O 135 -27.79 -22.15 -17.48
C VAL O 135 -27.91 -21.28 -18.72
N SER O 136 -28.86 -21.59 -19.60
CA SER O 136 -29.08 -20.75 -20.76
C SER O 136 -29.55 -19.36 -20.33
N ASP O 137 -30.53 -19.29 -19.44
CA ASP O 137 -31.14 -18.02 -19.10
C ASP O 137 -31.85 -18.12 -17.75
N ILE O 138 -31.79 -17.02 -16.99
CA ILE O 138 -32.64 -16.80 -15.82
C ILE O 138 -33.36 -15.48 -16.01
N THR O 139 -34.67 -15.48 -15.81
CA THR O 139 -35.45 -14.26 -15.92
C THR O 139 -36.68 -14.37 -15.03
N ALA O 140 -37.50 -13.33 -15.03
CA ALA O 140 -38.69 -13.26 -14.20
C ALA O 140 -39.86 -12.74 -15.02
N VAL O 141 -41.06 -13.08 -14.56
CA VAL O 141 -42.31 -12.57 -15.09
C VAL O 141 -43.14 -12.08 -13.92
N ASP O 142 -43.86 -10.97 -14.10
CA ASP O 142 -44.67 -10.39 -13.05
C ASP O 142 -46.14 -10.72 -13.26
N PHE O 143 -46.78 -11.16 -12.20
CA PHE O 143 -48.24 -11.49 -12.22
C PHE O 143 -48.87 -10.83 -10.99
N PRO O 144 -49.30 -9.55 -11.05
CA PRO O 144 -49.87 -8.86 -9.87
C PRO O 144 -51.07 -9.57 -9.24
N THR O 145 -51.89 -10.25 -10.03
CA THR O 145 -53.04 -11.05 -9.52
C THR O 145 -52.55 -12.20 -8.62
N ARG O 146 -51.27 -12.57 -8.66
CA ARG O 146 -50.81 -13.62 -7.77
C ARG O 146 -50.32 -13.04 -6.45
N GLU O 147 -50.48 -13.75 -5.36
CA GLU O 147 -49.86 -13.28 -4.08
C GLU O 147 -48.35 -13.31 -4.26
N MET O 148 -47.78 -14.42 -4.76
CA MET O 148 -46.37 -14.39 -5.15
C MET O 148 -46.33 -13.86 -6.58
N ARG O 149 -46.16 -12.55 -6.70
CA ARG O 149 -46.34 -11.87 -7.99
C ARG O 149 -45.24 -12.20 -8.98
N PHE O 150 -44.07 -12.61 -8.49
CA PHE O 150 -42.91 -12.82 -9.36
C PHE O 150 -42.74 -14.30 -9.64
N GLU O 151 -42.72 -14.66 -10.91
CA GLU O 151 -42.41 -16.01 -11.37
C GLU O 151 -40.98 -16.02 -11.89
N ILE O 152 -40.14 -16.85 -11.28
CA ILE O 152 -38.72 -16.94 -11.64
C ILE O 152 -38.55 -18.15 -12.57
N VAL O 153 -37.93 -17.91 -13.72
CA VAL O 153 -37.85 -18.91 -14.78
C VAL O 153 -36.38 -19.17 -15.09
N TYR O 154 -35.99 -20.44 -14.98
CA TYR O 154 -34.63 -20.89 -15.30
C TYR O 154 -34.70 -21.82 -16.52
N ASN O 155 -33.85 -21.56 -17.50
CA ASN O 155 -33.73 -22.42 -18.67
C ASN O 155 -32.34 -23.06 -18.65
N LEU O 156 -32.31 -24.39 -18.70
CA LEU O 156 -31.07 -25.16 -18.61
C LEU O 156 -30.81 -25.92 -19.91
N LEU O 157 -29.54 -26.23 -20.15
CA LEU O 157 -29.11 -26.94 -21.35
C LEU O 157 -28.19 -28.10 -20.94
N SER O 158 -28.47 -29.27 -21.49
CA SER O 158 -27.64 -30.46 -21.31
C SER O 158 -27.03 -30.83 -22.66
N VAL O 159 -25.76 -30.45 -22.86
CA VAL O 159 -25.09 -30.72 -24.12
C VAL O 159 -24.92 -32.23 -24.33
N ARG O 160 -24.64 -32.96 -23.25
CA ARG O 160 -24.43 -34.41 -23.37
C ARG O 160 -25.67 -35.11 -23.90
N HIS O 161 -26.84 -34.77 -23.35
CA HIS O 161 -28.10 -35.38 -23.76
C HIS O 161 -28.82 -34.60 -24.84
N ASN O 162 -28.27 -33.46 -25.27
CA ASN O 162 -28.89 -32.58 -26.26
C ASN O 162 -30.35 -32.32 -25.87
N ALA O 163 -30.52 -31.73 -24.69
CA ALA O 163 -31.84 -31.54 -24.11
C ALA O 163 -31.88 -30.22 -23.37
N ARG O 164 -33.10 -29.71 -23.18
CA ARG O 164 -33.35 -28.49 -22.44
C ARG O 164 -34.43 -28.75 -21.42
N ILE O 165 -34.39 -28.00 -20.32
CA ILE O 165 -35.40 -28.09 -19.28
C ILE O 165 -35.69 -26.70 -18.75
N ARG O 166 -36.91 -26.50 -18.26
CA ARG O 166 -37.32 -25.25 -17.65
C ARG O 166 -37.72 -25.50 -16.21
N VAL O 167 -37.23 -24.66 -15.31
CA VAL O 167 -37.55 -24.74 -13.89
C VAL O 167 -38.17 -23.42 -13.47
N LYS O 168 -39.35 -23.48 -12.87
CA LYS O 168 -40.06 -22.31 -12.39
C LYS O 168 -40.22 -22.37 -10.88
N THR O 169 -39.88 -21.26 -10.22
CA THR O 169 -40.22 -21.04 -8.83
C THR O 169 -40.93 -19.71 -8.70
N TYR O 170 -41.19 -19.24 -7.49
CA TYR O 170 -41.90 -17.98 -7.32
C TYR O 170 -41.29 -17.21 -6.17
N ALA O 171 -41.54 -15.90 -6.18
CA ALA O 171 -40.96 -15.00 -5.20
C ALA O 171 -41.94 -13.85 -4.97
N ASP O 172 -41.62 -13.02 -3.99
CA ASP O 172 -42.42 -11.86 -3.66
C ASP O 172 -41.56 -10.61 -3.54
N GLU O 173 -42.17 -9.50 -3.17
CA GLU O 173 -41.41 -8.28 -2.92
C GLU O 173 -40.47 -8.44 -1.73
N VAL O 174 -40.81 -9.32 -0.78
CA VAL O 174 -40.03 -9.45 0.45
C VAL O 174 -39.63 -10.90 0.69
N THR O 175 -39.90 -11.78 -0.27
CA THR O 175 -39.54 -13.19 -0.11
C THR O 175 -38.40 -13.54 -1.06
N PRO O 176 -37.17 -13.72 -0.56
CA PRO O 176 -36.05 -13.99 -1.47
C PRO O 176 -36.04 -15.40 -2.04
N VAL O 177 -35.09 -15.66 -2.92
CA VAL O 177 -34.88 -16.93 -3.60
C VAL O 177 -33.43 -17.31 -3.38
N PRO O 178 -33.10 -18.59 -3.25
CA PRO O 178 -31.67 -18.95 -3.16
C PRO O 178 -30.95 -18.66 -4.46
N SER O 179 -29.79 -18.02 -4.35
CA SER O 179 -28.91 -17.85 -5.49
C SER O 179 -28.31 -19.18 -5.91
N ILE O 180 -28.22 -19.41 -7.22
CA ILE O 180 -27.55 -20.58 -7.75
C ILE O 180 -26.15 -20.25 -8.25
N THR O 181 -25.56 -19.16 -7.76
CA THR O 181 -24.20 -18.81 -8.17
C THR O 181 -23.17 -19.84 -7.73
N SER O 182 -23.45 -20.59 -6.67
CA SER O 182 -22.50 -21.61 -6.23
C SER O 182 -22.49 -22.83 -7.15
N LEU O 183 -23.53 -23.00 -7.96
CA LEU O 183 -23.58 -24.10 -8.92
C LEU O 183 -23.25 -23.68 -10.34
N TYR O 184 -23.47 -22.41 -10.65
CA TYR O 184 -23.27 -21.94 -12.04
C TYR O 184 -22.68 -20.55 -11.96
N MET O 185 -21.49 -20.37 -12.51
CA MET O 185 -20.85 -19.03 -12.56
C MET O 185 -21.64 -18.09 -13.50
N GLY O 186 -22.13 -18.61 -14.62
CA GLY O 186 -22.89 -17.81 -15.59
C GLY O 186 -24.13 -17.20 -14.98
N ALA O 187 -24.64 -17.80 -13.92
CA ALA O 187 -25.86 -17.31 -13.29
C ALA O 187 -25.69 -15.96 -12.62
N ASN O 188 -24.46 -15.49 -12.44
CA ASN O 188 -24.20 -14.31 -11.61
C ASN O 188 -24.90 -13.07 -12.17
N TRP O 189 -24.71 -12.79 -13.46
CA TRP O 189 -25.30 -11.59 -14.05
C TRP O 189 -26.79 -11.73 -14.30
N TYR O 190 -27.27 -12.95 -14.57
CA TYR O 190 -28.69 -13.16 -14.78
C TYR O 190 -29.49 -12.83 -13.54
N GLU O 191 -28.97 -13.18 -12.36
CA GLU O 191 -29.65 -12.86 -11.12
C GLU O 191 -29.59 -11.38 -10.79
N ARG O 192 -28.49 -10.71 -11.16
CA ARG O 192 -28.42 -9.27 -11.02
C ARG O 192 -29.46 -8.58 -11.90
N GLU O 193 -29.67 -9.12 -13.11
CA GLU O 193 -30.69 -8.56 -14.00
C GLU O 193 -32.09 -8.75 -13.42
N VAL O 194 -32.37 -9.92 -12.86
CA VAL O 194 -33.68 -10.15 -12.24
C VAL O 194 -33.87 -9.21 -11.05
N TYR O 195 -32.82 -9.03 -10.26
CA TYR O 195 -32.88 -8.10 -9.13
C TYR O 195 -33.04 -6.66 -9.60
N ASP O 196 -32.38 -6.29 -10.69
CA ASP O 196 -32.47 -4.93 -11.19
C ASP O 196 -33.87 -4.63 -11.75
N MET O 197 -34.38 -5.53 -12.59
CA MET O 197 -35.65 -5.29 -13.28
C MET O 197 -36.86 -5.55 -12.38
N PHE O 198 -36.76 -6.48 -11.44
CA PHE O 198 -37.92 -6.92 -10.67
C PHE O 198 -37.81 -6.71 -9.16
N GLY O 199 -36.61 -6.42 -8.64
CA GLY O 199 -36.46 -6.25 -7.20
C GLY O 199 -36.43 -7.52 -6.39
N VAL O 200 -36.09 -8.64 -7.00
CA VAL O 200 -36.08 -9.94 -6.31
C VAL O 200 -34.71 -10.16 -5.70
N LEU O 201 -34.67 -10.47 -4.41
CA LEU O 201 -33.42 -10.75 -3.72
C LEU O 201 -33.00 -12.19 -3.93
N PHE O 202 -31.71 -12.40 -4.13
CA PHE O 202 -31.13 -13.73 -4.21
C PHE O 202 -30.15 -13.89 -3.06
N VAL O 203 -30.55 -14.67 -2.06
CA VAL O 203 -29.73 -14.87 -0.87
C VAL O 203 -28.58 -15.81 -1.22
N GLY O 204 -27.38 -15.46 -0.77
CA GLY O 204 -26.18 -16.14 -1.19
C GLY O 204 -25.50 -15.54 -2.40
N HIS O 205 -26.15 -14.61 -3.08
CA HIS O 205 -25.51 -13.94 -4.20
C HIS O 205 -24.38 -13.03 -3.70
N PRO O 206 -23.18 -13.15 -4.25
CA PRO O 206 -22.16 -12.13 -3.99
C PRO O 206 -22.34 -10.97 -4.96
N ASP O 207 -22.35 -9.75 -4.42
CA ASP O 207 -22.39 -8.53 -5.23
C ASP O 207 -23.71 -8.40 -6.01
N LEU O 208 -24.83 -8.48 -5.30
CA LEU O 208 -26.13 -8.25 -5.90
C LEU O 208 -26.36 -6.75 -6.02
N ARG O 209 -26.09 -6.20 -7.20
CA ARG O 209 -26.29 -4.79 -7.47
C ARG O 209 -26.97 -4.62 -8.82
N ARG O 210 -27.36 -3.39 -9.11
CA ARG O 210 -27.96 -3.08 -10.40
C ARG O 210 -26.98 -3.37 -11.53
N ILE O 211 -27.51 -3.75 -12.68
CA ILE O 211 -26.68 -4.08 -13.83
C ILE O 211 -27.08 -3.26 -15.06
N MET O 212 -28.35 -2.86 -15.12
CA MET O 212 -28.89 -2.18 -16.28
C MET O 212 -29.29 -0.73 -16.02
N THR O 213 -29.94 -0.46 -14.90
CA THR O 213 -30.43 0.88 -14.63
C THR O 213 -29.30 1.81 -14.21
N ASP O 214 -29.58 3.10 -14.28
CA ASP O 214 -28.63 4.11 -13.85
C ASP O 214 -28.39 4.03 -12.35
N TYR O 215 -27.23 4.52 -11.92
CA TYR O 215 -26.93 4.56 -10.49
C TYR O 215 -27.91 5.48 -9.78
N GLY O 216 -28.41 5.02 -8.63
CA GLY O 216 -29.43 5.78 -7.94
C GLY O 216 -30.78 5.77 -8.60
N PHE O 217 -31.05 4.80 -9.48
CA PHE O 217 -32.35 4.70 -10.11
C PHE O 217 -33.34 4.08 -9.14
N GLU O 218 -34.54 4.65 -9.10
CA GLU O 218 -35.57 4.24 -8.15
C GLU O 218 -36.68 3.51 -8.90
N GLY O 219 -36.95 2.29 -8.49
CA GLY O 219 -37.99 1.48 -9.09
C GLY O 219 -37.43 0.29 -9.85
N HIS O 220 -38.34 -0.61 -10.18
CA HIS O 220 -37.99 -1.84 -10.90
C HIS O 220 -38.80 -1.88 -12.19
N PRO O 221 -38.18 -1.53 -13.32
CA PRO O 221 -38.97 -1.16 -14.52
C PRO O 221 -39.79 -2.29 -15.11
N LEU O 222 -39.46 -3.56 -14.87
CA LEU O 222 -40.22 -4.64 -15.49
C LEU O 222 -41.42 -5.08 -14.65
N ARG O 223 -41.68 -4.41 -13.53
CA ARG O 223 -42.94 -4.59 -12.82
C ARG O 223 -44.08 -4.01 -13.65
N LYS O 224 -45.23 -4.69 -13.63
CA LYS O 224 -46.35 -4.25 -14.44
C LYS O 224 -46.86 -2.88 -13.98
N ASP O 225 -46.70 -2.56 -12.70
CA ASP O 225 -47.13 -1.29 -12.14
C ASP O 225 -46.13 -0.16 -12.37
N PHE O 226 -44.93 -0.46 -12.86
CA PHE O 226 -43.99 0.57 -13.23
C PHE O 226 -44.39 1.14 -14.59
N PRO O 227 -44.57 2.45 -14.73
CA PRO O 227 -45.03 3.00 -16.00
C PRO O 227 -43.92 3.02 -17.05
N LEU O 228 -44.35 3.06 -18.31
CA LEU O 228 -43.44 2.85 -19.44
C LEU O 228 -42.30 3.88 -19.46
N THR O 229 -42.64 5.16 -19.36
CA THR O 229 -41.66 6.23 -19.37
C THR O 229 -41.10 6.53 -17.99
N GLY O 230 -41.50 5.76 -16.98
CA GLY O 230 -40.97 5.94 -15.64
C GLY O 230 -41.46 7.20 -14.97
N TYR O 231 -40.68 7.70 -14.03
CA TYR O 231 -41.09 8.82 -13.19
C TYR O 231 -40.29 10.09 -13.42
N THR O 232 -39.06 9.99 -13.87
CA THR O 232 -38.17 11.14 -13.95
C THR O 232 -37.45 11.16 -15.30
N GLU O 233 -36.74 12.26 -15.53
CA GLU O 233 -35.93 12.45 -16.73
C GLU O 233 -34.84 13.44 -16.40
N ILE O 234 -33.84 13.45 -17.26
CA ILE O 234 -32.64 14.28 -17.04
C ILE O 234 -32.51 15.37 -18.10
N ARG O 235 -31.68 16.35 -17.83
CA ARG O 235 -31.30 17.40 -18.77
C ARG O 235 -30.07 18.08 -18.22
N TYR O 236 -29.43 18.88 -19.06
CA TYR O 236 -28.31 19.71 -18.64
C TYR O 236 -28.82 21.09 -18.27
N ASP O 237 -28.51 21.53 -17.05
CA ASP O 237 -28.92 22.85 -16.58
C ASP O 237 -27.73 23.80 -16.65
N GLU O 238 -27.95 24.96 -17.25
CA GLU O 238 -26.85 25.88 -17.50
C GLU O 238 -26.48 26.71 -16.28
N GLU O 239 -27.33 26.73 -15.25
CA GLU O 239 -26.94 27.36 -13.99
C GLU O 239 -26.08 26.44 -13.15
N LYS O 240 -26.53 25.20 -12.94
CA LYS O 240 -25.76 24.25 -12.14
C LYS O 240 -24.54 23.73 -12.87
N LYS O 241 -24.45 23.94 -14.18
CA LYS O 241 -23.33 23.48 -15.00
C LYS O 241 -23.16 21.97 -14.88
N ARG O 242 -24.28 21.26 -14.81
CA ARG O 242 -24.26 19.81 -14.66
C ARG O 242 -25.64 19.26 -15.04
N ILE O 243 -25.74 17.94 -15.04
CA ILE O 243 -27.01 17.27 -15.42
C ILE O 243 -27.88 17.20 -14.16
N VAL O 244 -29.17 17.35 -14.34
CA VAL O 244 -30.09 17.36 -13.17
C VAL O 244 -31.25 16.41 -13.44
N VAL O 245 -31.68 15.70 -12.43
CA VAL O 245 -32.90 14.88 -12.55
C VAL O 245 -34.09 15.78 -12.24
N GLU O 246 -35.21 15.60 -12.94
CA GLU O 246 -36.42 16.38 -12.79
C GLU O 246 -37.62 15.45 -12.98
N PRO O 247 -38.80 15.84 -12.50
CA PRO O 247 -40.00 15.03 -12.76
C PRO O 247 -40.28 14.92 -14.26
N LEU O 248 -40.73 13.75 -14.67
CA LEU O 248 -40.91 13.46 -16.09
C LEU O 248 -42.00 14.34 -16.68
N GLU O 249 -41.74 14.87 -17.88
CA GLU O 249 -42.69 15.72 -18.58
C GLU O 249 -42.53 15.45 -20.08
N LEU O 250 -43.57 14.91 -20.70
CA LEU O 250 -43.51 14.52 -22.10
C LEU O 250 -44.19 15.57 -22.97
N THR O 251 -43.49 16.02 -24.02
CA THR O 251 -44.08 16.97 -24.95
C THR O 251 -45.29 16.37 -25.65
N GLN O 252 -45.20 15.09 -26.04
CA GLN O 252 -46.34 14.33 -26.51
C GLN O 252 -46.52 13.14 -25.59
N ALA O 253 -47.71 13.02 -24.99
CA ALA O 253 -48.00 11.93 -24.09
C ALA O 253 -48.07 10.60 -24.85
N PHE O 254 -47.65 9.53 -24.18
CA PHE O 254 -47.77 8.21 -24.76
C PHE O 254 -49.22 7.87 -25.05
N ARG O 255 -49.47 7.34 -26.23
CA ARG O 255 -50.81 6.93 -26.66
C ARG O 255 -50.88 5.41 -26.63
N ASN O 256 -51.71 4.88 -25.75
CA ASN O 256 -51.84 3.45 -25.56
C ASN O 256 -53.07 2.98 -26.34
N PHE O 257 -52.85 2.17 -27.38
CA PHE O 257 -53.93 1.61 -28.18
C PHE O 257 -54.35 0.23 -27.67
N GLU O 258 -54.14 -0.05 -26.39
CA GLU O 258 -54.54 -1.34 -25.82
C GLU O 258 -56.04 -1.55 -25.91
N GLY O 259 -56.82 -0.47 -25.87
CA GLY O 259 -58.27 -0.57 -25.96
C GLY O 259 -58.78 -1.09 -27.29
N GLY O 260 -57.94 -1.13 -28.32
CA GLY O 260 -58.31 -1.72 -29.57
C GLY O 260 -58.25 -3.23 -29.62
N SER O 261 -57.97 -3.87 -28.49
CA SER O 261 -57.97 -5.33 -28.43
C SER O 261 -59.33 -5.87 -28.80
N SER O 262 -59.33 -6.98 -29.54
CA SER O 262 -60.56 -7.53 -30.11
C SER O 262 -61.59 -7.80 -29.03
N ALA O 263 -62.82 -7.37 -29.30
CA ALA O 263 -63.94 -7.64 -28.39
C ALA O 263 -64.34 -9.10 -28.38
N TRP O 264 -63.81 -9.90 -29.30
CA TRP O 264 -64.06 -11.33 -29.36
C TRP O 264 -62.75 -12.08 -29.13
N ASP O 265 -62.82 -13.18 -28.38
CA ASP O 265 -61.66 -14.04 -28.25
C ASP O 265 -61.30 -14.64 -29.60
N GLN O 266 -60.01 -14.62 -29.93
CA GLN O 266 -59.57 -14.96 -31.31
C GLN O 266 -58.78 -16.27 -31.38
N VAL O 267 -58.46 -16.89 -30.25
CA VAL O 267 -57.61 -18.08 -30.26
C VAL O 267 -58.40 -19.34 -29.91
N GLY O 268 -59.28 -19.27 -28.91
CA GLY O 268 -60.03 -20.42 -28.48
C GLY O 268 -59.31 -21.19 -27.38
N PRO O 269 -59.84 -22.38 -27.04
CA PRO O 269 -59.28 -23.13 -25.90
C PRO O 269 -58.14 -24.05 -26.26
N GLY O 270 -57.97 -24.36 -27.54
CA GLY O 270 -56.89 -25.24 -27.95
C GLY O 270 -57.27 -26.72 -27.90
N ILE O 271 -56.24 -27.55 -27.93
CA ILE O 271 -56.39 -29.00 -28.07
C ILE O 271 -55.61 -29.69 -26.95
N ASP O 272 -56.20 -30.74 -26.39
CA ASP O 272 -55.54 -31.56 -25.39
C ASP O 272 -54.67 -32.61 -26.07
N ARG O 273 -53.40 -32.71 -25.66
CA ARG O 273 -52.46 -33.64 -26.27
C ARG O 273 -51.71 -34.47 -25.23
N THR O 274 -52.29 -34.64 -24.04
CA THR O 274 -51.71 -35.53 -23.05
C THR O 274 -51.61 -36.95 -23.61
N PRO O 275 -50.47 -37.61 -23.50
CA PRO O 275 -50.35 -38.99 -23.98
C PRO O 275 -51.26 -39.93 -23.19
N ASP O 276 -51.39 -41.15 -23.72
CA ASP O 276 -52.33 -42.10 -23.05
C ASP O 276 -51.68 -42.68 -21.81
N THR O 277 -50.36 -42.75 -21.82
CA THR O 277 -49.64 -43.30 -20.67
C THR O 277 -49.68 -42.37 -19.46
N PHE O 278 -50.26 -41.19 -19.59
CA PHE O 278 -50.38 -40.26 -18.48
C PHE O 278 -51.81 -39.75 -18.31
N LYS O 279 -52.78 -40.43 -18.91
CA LYS O 279 -54.19 -40.23 -18.64
C LYS O 279 -54.71 -41.43 -17.86
N LEU O 280 -55.64 -41.17 -16.95
CA LEU O 280 -56.14 -42.22 -16.09
C LEU O 280 -56.94 -43.26 -16.88
N PRO O 281 -56.96 -44.50 -16.42
CA PRO O 281 -57.83 -45.50 -17.05
C PRO O 281 -59.29 -45.18 -16.81
N THR O 282 -60.14 -45.78 -17.63
CA THR O 282 -61.57 -45.55 -17.54
C THR O 282 -62.30 -46.86 -17.28
N PRO O 283 -63.36 -46.84 -16.47
CA PRO O 283 -64.08 -48.09 -16.17
C PRO O 283 -64.79 -48.61 -17.40
N LYS O 284 -64.66 -49.91 -17.64
CA LYS O 284 -65.32 -50.55 -18.75
C LYS O 284 -66.83 -50.63 -18.50
N PRO O 285 -67.64 -50.67 -19.55
CA PRO O 285 -69.09 -50.78 -19.35
C PRO O 285 -69.48 -52.11 -18.71
N GLU O 286 -70.60 -52.08 -18.01
CA GLU O 286 -71.12 -53.24 -17.29
C GLU O 286 -70.12 -53.75 -16.25
N SER P 98 -86.76 -3.89 -63.87
CA SER P 98 -85.88 -3.10 -64.71
C SER P 98 -85.17 -2.02 -63.89
N ASP P 99 -85.83 -0.86 -63.75
CA ASP P 99 -85.30 0.26 -63.00
C ASP P 99 -86.28 0.72 -61.93
N THR P 100 -87.00 -0.22 -61.34
CA THR P 100 -87.95 0.12 -60.29
C THR P 100 -87.21 0.52 -59.02
N LEU P 101 -87.46 1.75 -58.57
CA LEU P 101 -86.84 2.22 -57.34
C LEU P 101 -87.57 1.65 -56.14
N MET P 102 -86.82 1.48 -55.04
CA MET P 102 -87.41 1.00 -53.80
C MET P 102 -87.60 2.13 -52.79
N VAL P 103 -87.36 3.36 -53.21
CA VAL P 103 -87.62 4.54 -52.40
C VAL P 103 -88.58 5.44 -53.17
N HIS P 104 -89.23 6.34 -52.44
CA HIS P 104 -90.17 7.26 -53.06
C HIS P 104 -89.41 8.38 -53.76
N ARG P 105 -89.95 8.82 -54.89
CA ARG P 105 -89.45 9.96 -55.63
C ARG P 105 -90.60 10.97 -55.73
N ASN P 106 -90.37 12.18 -55.23
CA ASN P 106 -91.42 13.18 -55.18
C ASN P 106 -91.56 13.87 -56.53
N THR P 107 -92.68 13.65 -57.19
CA THR P 107 -92.98 14.18 -58.51
C THR P 107 -94.33 14.90 -58.45
N PRO P 108 -94.62 15.76 -59.42
CA PRO P 108 -95.92 16.46 -59.40
C PRO P 108 -97.11 15.53 -59.41
N GLU P 109 -96.99 14.34 -59.99
CA GLU P 109 -98.04 13.34 -59.94
C GLU P 109 -97.93 12.40 -58.75
N ASN P 110 -96.88 12.60 -57.95
CA ASN P 110 -96.64 11.69 -56.81
C ASN P 110 -96.07 12.42 -55.58
N ASN P 111 -96.91 12.94 -54.70
CA ASN P 111 -96.49 13.47 -53.41
C ASN P 111 -97.69 13.45 -52.48
N PRO P 112 -97.46 13.50 -51.17
CA PRO P 112 -98.60 13.47 -50.23
C PRO P 112 -99.54 14.65 -50.38
N ASP P 113 -99.18 15.68 -51.16
CA ASP P 113 -100.03 16.86 -51.26
C ASP P 113 -101.31 16.57 -52.06
N ILE P 114 -101.22 15.78 -53.12
CA ILE P 114 -102.43 15.44 -53.87
C ILE P 114 -103.31 14.58 -52.97
N PRO P 115 -104.55 14.99 -52.72
CA PRO P 115 -105.43 14.16 -51.90
C PRO P 115 -106.01 13.00 -52.70
N PHE P 116 -106.13 11.86 -52.02
CA PHE P 116 -106.86 10.72 -52.55
C PHE P 116 -108.01 10.38 -51.62
N LYS P 117 -109.19 10.21 -52.20
CA LYS P 117 -110.36 9.73 -51.47
C LYS P 117 -110.97 8.59 -52.26
N PHE P 118 -111.36 7.53 -51.55
CA PHE P 118 -112.12 6.47 -52.18
C PHE P 118 -113.53 6.97 -52.50
N THR P 119 -114.01 6.62 -53.69
CA THR P 119 -115.33 7.08 -54.12
C THR P 119 -116.41 6.45 -53.25
N PRO P 120 -117.58 7.09 -53.15
CA PRO P 120 -118.68 6.47 -52.42
C PRO P 120 -119.05 5.10 -52.97
N GLU P 121 -118.90 4.89 -54.27
CA GLU P 121 -119.02 3.55 -54.83
C GLU P 121 -117.91 2.65 -54.31
N ASN P 122 -116.69 3.16 -54.25
CA ASN P 122 -115.55 2.28 -53.84
C ASN P 122 -115.63 1.97 -52.34
N GLU P 123 -116.22 2.88 -51.55
CA GLU P 123 -116.32 2.62 -50.11
C GLU P 123 -117.19 1.40 -49.83
N LYS P 124 -118.22 1.19 -50.63
CA LYS P 124 -119.12 0.03 -50.41
C LYS P 124 -118.29 -1.25 -50.55
N ILE P 125 -117.41 -1.30 -51.57
CA ILE P 125 -116.50 -2.47 -51.72
C ILE P 125 -115.69 -2.63 -50.43
N ILE P 126 -115.12 -1.55 -49.90
CA ILE P 126 -114.26 -1.65 -48.72
C ILE P 126 -115.03 -2.20 -47.54
N GLU P 127 -116.27 -1.77 -47.35
CA GLU P 127 -117.06 -2.22 -46.20
C GLU P 127 -117.24 -3.72 -46.22
N GLN P 128 -117.57 -4.28 -47.36
CA GLN P 128 -117.65 -5.76 -47.49
C GLN P 128 -116.27 -6.39 -47.26
N ILE P 129 -115.21 -5.78 -47.77
CA ILE P 129 -113.87 -6.33 -47.61
C ILE P 129 -113.52 -6.45 -46.13
N LEU P 130 -113.76 -5.39 -45.36
CA LEU P 130 -113.39 -5.41 -43.95
C LEU P 130 -114.19 -6.44 -43.17
N LYS P 131 -115.33 -6.87 -43.70
CA LYS P 131 -116.16 -7.85 -42.98
C LYS P 131 -115.50 -9.22 -42.92
N ARG P 132 -114.62 -9.51 -43.88
CA ARG P 132 -114.08 -10.89 -44.01
C ARG P 132 -112.77 -11.05 -43.25
N TYR P 133 -112.50 -10.20 -42.27
CA TYR P 133 -111.32 -10.30 -41.42
C TYR P 133 -111.74 -10.01 -39.98
N PRO P 134 -111.02 -10.55 -39.01
CA PRO P 134 -111.27 -10.17 -37.61
C PRO P 134 -111.14 -8.67 -37.44
N PRO P 135 -112.05 -8.05 -36.68
CA PRO P 135 -112.09 -6.58 -36.66
C PRO P 135 -110.83 -5.93 -36.13
N GLN P 136 -110.17 -6.54 -35.15
CA GLN P 136 -108.92 -5.97 -34.65
C GLN P 136 -107.74 -6.25 -35.57
N TYR P 137 -107.91 -7.13 -36.55
CA TYR P 137 -106.92 -7.34 -37.61
C TYR P 137 -107.37 -6.71 -38.92
N LYS P 138 -107.98 -5.52 -38.83
CA LYS P 138 -108.28 -4.72 -40.01
C LYS P 138 -107.10 -4.59 -40.96
N LYS P 139 -105.87 -4.61 -40.44
CA LYS P 139 -104.68 -4.42 -41.27
C LYS P 139 -104.50 -5.55 -42.28
N ALA P 140 -105.22 -6.65 -42.12
CA ALA P 140 -105.20 -7.73 -43.10
C ALA P 140 -105.84 -7.33 -44.43
N ALA P 141 -106.54 -6.21 -44.47
CA ALA P 141 -107.20 -5.72 -45.67
C ALA P 141 -106.34 -4.73 -46.45
N VAL P 142 -105.08 -4.54 -46.07
CA VAL P 142 -104.23 -3.57 -46.76
C VAL P 142 -104.01 -3.98 -48.21
N MET P 143 -103.76 -5.27 -48.44
CA MET P 143 -103.60 -5.75 -49.81
C MET P 143 -104.85 -5.56 -50.65
N PRO P 144 -106.06 -5.92 -50.19
CA PRO P 144 -107.25 -5.56 -50.97
C PRO P 144 -107.40 -4.07 -51.22
N LEU P 145 -107.12 -3.23 -50.21
CA LEU P 145 -107.42 -1.81 -50.34
C LEU P 145 -106.40 -1.09 -51.21
N LEU P 146 -105.15 -1.55 -51.20
CA LEU P 146 -104.17 -1.02 -52.15
C LEU P 146 -104.61 -1.31 -53.59
N ASP P 147 -105.17 -2.50 -53.81
CA ASP P 147 -105.65 -2.87 -55.14
C ASP P 147 -106.76 -1.92 -55.60
N LEU P 148 -107.68 -1.55 -54.71
CA LEU P 148 -108.75 -0.65 -55.10
C LEU P 148 -108.23 0.75 -55.37
N GLY P 149 -107.31 1.25 -54.55
CA GLY P 149 -106.72 2.55 -54.81
C GLY P 149 -105.95 2.58 -56.12
N GLN P 150 -105.30 1.46 -56.45
CA GLN P 150 -104.65 1.36 -57.76
C GLN P 150 -105.66 1.43 -58.89
N ARG P 151 -106.81 0.80 -58.69
CA ARG P 151 -107.79 0.74 -59.80
C ARG P 151 -108.50 2.09 -59.93
N GLN P 152 -108.81 2.74 -58.80
CA GLN P 152 -109.44 4.05 -58.87
C GLN P 152 -108.50 5.10 -59.43
N HIS P 153 -107.28 5.18 -58.89
CA HIS P 153 -106.36 6.30 -59.23
C HIS P 153 -105.50 6.00 -60.48
N GLY P 154 -105.31 4.73 -60.80
CA GLY P 154 -104.48 4.39 -61.94
C GLY P 154 -103.18 3.71 -61.56
N PHE P 155 -102.63 4.15 -60.42
CA PHE P 155 -101.33 3.64 -59.92
C PHE P 155 -101.35 3.71 -58.39
N CYS P 156 -100.45 2.99 -57.74
CA CYS P 156 -100.35 3.04 -56.28
C CYS P 156 -99.53 4.27 -55.90
N SER P 157 -100.17 5.42 -55.85
CA SER P 157 -99.50 6.66 -55.43
C SER P 157 -99.26 6.64 -53.91
N ILE P 158 -98.37 7.48 -53.43
CA ILE P 158 -98.08 7.62 -51.99
C ILE P 158 -99.34 8.16 -51.30
N SER P 159 -100.16 8.93 -52.00
CA SER P 159 -101.47 9.42 -51.48
C SER P 159 -102.47 8.27 -51.28
N VAL P 160 -102.51 7.30 -52.21
CA VAL P 160 -103.38 6.10 -52.04
C VAL P 160 -102.83 5.34 -50.83
N MET P 161 -101.51 5.24 -50.77
CA MET P 161 -100.84 4.56 -49.65
C MET P 161 -101.18 5.25 -48.34
N ASN P 162 -101.25 6.59 -48.34
CA ASN P 162 -101.52 7.31 -47.10
C ASN P 162 -102.96 7.17 -46.67
N GLU P 163 -103.89 7.12 -47.62
CA GLU P 163 -105.30 6.97 -47.27
C GLU P 163 -105.61 5.55 -46.82
N VAL P 164 -104.95 4.55 -47.43
CA VAL P 164 -105.13 3.17 -46.99
C VAL P 164 -104.64 3.01 -45.55
N ALA P 165 -103.51 3.64 -45.23
CA ALA P 165 -102.99 3.60 -43.86
C ALA P 165 -103.97 4.24 -42.89
N ARG P 166 -104.56 5.37 -43.28
CA ARG P 166 -105.48 6.08 -42.40
C ARG P 166 -106.75 5.27 -42.14
N ILE P 167 -107.25 4.57 -43.15
CA ILE P 167 -108.47 3.79 -43.00
C ILE P 167 -108.26 2.64 -42.02
N LEU P 168 -107.10 2.00 -42.08
CA LEU P 168 -106.80 0.83 -41.25
C LEU P 168 -105.99 1.17 -40.01
N GLU P 169 -105.80 2.46 -39.71
CA GLU P 169 -104.93 2.95 -38.65
C GLU P 169 -103.61 2.20 -38.62
N MET P 170 -103.03 1.96 -39.78
CA MET P 170 -101.66 1.50 -39.74
C MET P 170 -100.71 2.68 -39.92
N PRO P 171 -99.55 2.67 -39.30
CA PRO P 171 -98.53 3.66 -39.64
C PRO P 171 -98.20 3.56 -41.12
N PRO P 172 -98.00 4.71 -41.79
CA PRO P 172 -97.82 4.67 -43.26
C PRO P 172 -96.63 3.84 -43.71
N MET P 173 -95.57 3.74 -42.89
CA MET P 173 -94.43 2.92 -43.29
C MET P 173 -94.83 1.46 -43.44
N ARG P 174 -95.76 0.99 -42.60
CA ARG P 174 -96.23 -0.39 -42.71
C ARG P 174 -96.97 -0.61 -44.02
N VAL P 175 -97.57 0.44 -44.58
CA VAL P 175 -98.21 0.30 -45.89
C VAL P 175 -97.17 0.43 -47.00
N TYR P 176 -96.18 1.31 -46.83
CA TYR P 176 -95.11 1.42 -47.81
C TYR P 176 -94.36 0.11 -47.97
N GLU P 177 -94.22 -0.66 -46.87
CA GLU P 177 -93.52 -1.93 -46.93
C GLU P 177 -94.30 -2.95 -47.76
N VAL P 178 -95.62 -3.01 -47.55
CA VAL P 178 -96.45 -3.93 -48.32
C VAL P 178 -96.43 -3.56 -49.80
N ALA P 179 -96.62 -2.28 -50.10
CA ALA P 179 -96.74 -1.86 -51.49
C ALA P 179 -95.45 -2.07 -52.27
N SER P 180 -94.30 -1.90 -51.63
CA SER P 180 -93.02 -2.06 -52.29
C SER P 180 -92.53 -3.51 -52.32
N PHE P 181 -93.13 -4.40 -51.53
CA PHE P 181 -92.74 -5.80 -51.55
C PHE P 181 -93.42 -6.56 -52.67
N TYR P 182 -94.65 -6.19 -53.00
CA TYR P 182 -95.44 -6.89 -54.01
C TYR P 182 -95.37 -6.13 -55.32
N THR P 183 -95.06 -6.86 -56.40
CA THR P 183 -94.76 -6.23 -57.69
C THR P 183 -95.99 -5.79 -58.45
N MET P 184 -97.17 -6.30 -58.11
CA MET P 184 -98.38 -5.90 -58.83
C MET P 184 -98.80 -4.47 -58.52
N TYR P 185 -98.29 -3.88 -57.44
CA TYR P 185 -98.63 -2.51 -57.11
C TYR P 185 -97.74 -1.59 -57.95
N ASN P 186 -98.36 -0.87 -58.88
CA ASN P 186 -97.62 0.04 -59.75
C ASN P 186 -97.37 1.34 -58.99
N ARG P 187 -96.23 1.44 -58.34
CA ARG P 187 -95.89 2.64 -57.58
C ARG P 187 -95.44 3.78 -58.47
N THR P 188 -95.25 3.53 -59.76
CA THR P 188 -95.05 4.51 -60.80
C THR P 188 -96.21 4.43 -61.79
N PRO P 189 -96.65 5.57 -62.34
CA PRO P 189 -97.78 5.52 -63.28
C PRO P 189 -97.48 4.65 -64.49
N VAL P 190 -98.50 3.92 -64.94
CA VAL P 190 -98.39 3.08 -66.12
C VAL P 190 -99.32 3.62 -67.21
N GLY P 191 -99.28 2.99 -68.39
CA GLY P 191 -100.16 3.35 -69.47
C GLY P 191 -101.51 2.64 -69.37
N LYS P 192 -102.32 2.85 -70.41
CA LYS P 192 -103.67 2.30 -70.42
C LYS P 192 -103.65 0.77 -70.37
N PHE P 193 -102.75 0.14 -71.11
CA PHE P 193 -102.64 -1.31 -71.13
C PHE P 193 -101.27 -1.72 -70.63
N HIS P 194 -101.29 -2.72 -69.75
CA HIS P 194 -100.04 -3.23 -69.13
C HIS P 194 -99.64 -4.56 -69.77
N VAL P 195 -98.91 -4.51 -70.87
CA VAL P 195 -98.48 -5.74 -71.51
C VAL P 195 -97.45 -6.43 -70.63
N GLN P 196 -97.69 -7.70 -70.31
CA GLN P 196 -96.83 -8.46 -69.42
C GLN P 196 -96.60 -9.83 -70.05
N ALA P 197 -95.36 -10.07 -70.51
CA ALA P 197 -95.01 -11.28 -71.24
C ALA P 197 -94.18 -12.20 -70.36
N CYS P 198 -94.68 -13.42 -70.20
CA CYS P 198 -93.95 -14.37 -69.36
C CYS P 198 -92.73 -14.90 -70.12
N THR P 199 -91.57 -14.77 -69.50
CA THR P 199 -90.34 -15.17 -70.14
C THR P 199 -89.55 -16.16 -69.28
N THR P 200 -90.23 -16.70 -68.26
CA THR P 200 -89.61 -17.82 -67.49
C THR P 200 -89.43 -19.00 -68.44
N THR P 201 -88.64 -20.01 -68.06
CA THR P 201 -88.22 -21.09 -68.96
C THR P 201 -89.36 -21.82 -69.66
N PRO P 202 -90.44 -22.32 -68.99
CA PRO P 202 -91.54 -22.97 -69.70
C PRO P 202 -92.11 -22.20 -70.91
N CYS P 203 -92.19 -20.87 -70.83
CA CYS P 203 -92.80 -20.08 -71.93
C CYS P 203 -91.70 -19.86 -72.95
N GLN P 204 -90.47 -19.78 -72.47
CA GLN P 204 -89.38 -19.71 -73.45
C GLN P 204 -89.41 -20.91 -74.38
N LEU P 205 -89.55 -22.10 -73.82
CA LEU P 205 -89.50 -23.34 -74.61
C LEU P 205 -90.79 -23.57 -75.39
N GLY P 206 -91.93 -23.34 -74.74
CA GLY P 206 -93.19 -23.91 -75.23
C GLY P 206 -93.72 -23.20 -76.47
N GLY P 207 -94.22 -24.02 -77.40
CA GLY P 207 -94.81 -23.48 -78.62
C GLY P 207 -93.82 -22.66 -79.40
N CYS P 208 -94.24 -21.49 -79.85
CA CYS P 208 -93.29 -20.54 -80.40
C CYS P 208 -92.44 -19.95 -79.28
N GLY P 209 -91.27 -19.44 -79.65
CA GLY P 209 -90.41 -18.84 -78.65
C GLY P 209 -91.09 -17.66 -77.98
N SER P 210 -91.01 -17.63 -76.64
CA SER P 210 -91.38 -16.41 -75.94
C SER P 210 -90.43 -15.27 -76.29
N ASP P 211 -89.24 -15.59 -76.81
CA ASP P 211 -88.37 -14.57 -77.38
C ASP P 211 -89.03 -13.89 -78.58
N ALA P 212 -89.83 -14.62 -79.34
CA ALA P 212 -90.50 -14.03 -80.50
C ALA P 212 -91.65 -13.14 -80.10
N ILE P 213 -92.37 -13.49 -79.03
CA ILE P 213 -93.45 -12.63 -78.55
C ILE P 213 -92.92 -11.26 -78.17
N VAL P 214 -91.80 -11.23 -77.44
CA VAL P 214 -91.14 -9.96 -77.14
C VAL P 214 -90.68 -9.29 -78.42
N LYS P 215 -90.13 -10.08 -79.35
CA LYS P 215 -89.68 -9.51 -80.63
C LYS P 215 -90.86 -8.89 -81.38
N ALA P 216 -92.01 -9.55 -81.37
CA ALA P 216 -93.20 -8.97 -81.99
C ALA P 216 -93.64 -7.71 -81.25
N ILE P 217 -93.77 -7.82 -79.92
CA ILE P 217 -94.23 -6.69 -79.13
C ILE P 217 -93.29 -5.50 -79.28
N LYS P 218 -91.97 -5.75 -79.23
CA LYS P 218 -91.01 -4.67 -79.32
C LYS P 218 -91.01 -3.97 -80.67
N GLU P 219 -91.55 -4.62 -81.71
CA GLU P 219 -91.67 -3.98 -83.00
C GLU P 219 -93.07 -3.44 -83.27
N HIS P 220 -94.08 -3.91 -82.54
CA HIS P 220 -95.41 -3.33 -82.66
C HIS P 220 -95.47 -1.94 -82.04
N LEU P 221 -94.94 -1.78 -80.83
CA LEU P 221 -94.93 -0.50 -80.15
C LEU P 221 -93.63 0.27 -80.35
N GLY P 222 -92.55 -0.41 -80.71
CA GLY P 222 -91.27 0.26 -80.86
C GLY P 222 -90.68 0.78 -79.57
N ILE P 223 -90.77 0.01 -78.50
CA ILE P 223 -90.21 0.40 -77.20
C ILE P 223 -89.73 -0.85 -76.48
N ASN P 224 -88.60 -0.74 -75.81
CA ASN P 224 -88.02 -1.87 -75.11
C ASN P 224 -88.78 -2.15 -73.81
N GLN P 225 -88.36 -3.18 -73.10
CA GLN P 225 -88.94 -3.51 -71.82
C GLN P 225 -88.79 -2.35 -70.84
N GLY P 226 -89.88 -2.02 -70.14
CA GLY P 226 -89.82 -1.00 -69.12
C GLY P 226 -90.64 0.24 -69.40
N GLU P 227 -90.65 0.70 -70.64
CA GLU P 227 -91.22 1.99 -70.98
C GLU P 227 -92.62 1.84 -71.57
N THR P 228 -93.26 2.99 -71.76
CA THR P 228 -94.62 3.07 -72.27
C THR P 228 -94.62 3.82 -73.60
N THR P 229 -95.64 3.56 -74.41
CA THR P 229 -95.74 4.20 -75.71
C THR P 229 -95.94 5.71 -75.53
N PRO P 230 -95.51 6.51 -76.52
CA PRO P 230 -95.76 7.96 -76.45
C PRO P 230 -97.22 8.31 -76.35
N ASP P 231 -98.08 7.44 -76.90
CA ASP P 231 -99.55 7.65 -76.85
C ASP P 231 -100.03 7.34 -75.44
N GLY P 232 -99.22 6.65 -74.66
CA GLY P 232 -99.60 6.22 -73.32
C GLY P 232 -100.70 5.18 -73.29
N LEU P 233 -100.66 4.21 -74.19
CA LEU P 233 -101.60 3.10 -74.19
C LEU P 233 -101.00 1.77 -73.83
N PHE P 234 -99.68 1.62 -73.90
CA PHE P 234 -99.03 0.32 -73.66
C PHE P 234 -97.72 0.53 -72.91
N THR P 235 -97.75 0.30 -71.60
CA THR P 235 -96.52 0.03 -70.86
C THR P 235 -96.20 -1.45 -70.98
N PHE P 236 -94.94 -1.76 -71.25
CA PHE P 236 -94.54 -3.13 -71.57
C PHE P 236 -93.35 -3.55 -70.71
N ILE P 237 -93.50 -4.69 -70.03
CA ILE P 237 -92.42 -5.26 -69.21
C ILE P 237 -92.56 -6.78 -69.22
N GLU P 238 -91.41 -7.44 -69.14
CA GLU P 238 -91.38 -8.88 -68.93
C GLU P 238 -91.71 -9.21 -67.47
N VAL P 239 -92.39 -10.33 -67.27
CA VAL P 239 -92.78 -10.79 -65.94
C VAL P 239 -92.30 -12.21 -65.73
N GLU P 240 -92.52 -12.70 -64.53
CA GLU P 240 -92.18 -14.04 -64.12
C GLU P 240 -93.38 -14.96 -64.36
N CYS P 241 -93.17 -16.26 -64.27
CA CYS P 241 -94.22 -17.28 -64.53
C CYS P 241 -95.62 -16.80 -64.13
N LEU P 242 -96.54 -16.79 -65.08
CA LEU P 242 -97.91 -16.28 -64.84
C LEU P 242 -98.91 -17.43 -64.61
N GLY P 243 -98.47 -18.68 -64.58
CA GLY P 243 -99.36 -19.83 -64.30
C GLY P 243 -100.05 -20.44 -65.52
N ALA P 244 -99.60 -20.11 -66.73
CA ALA P 244 -100.24 -20.58 -67.98
C ALA P 244 -99.15 -21.23 -68.82
N CYS P 245 -98.38 -22.14 -68.24
CA CYS P 245 -97.19 -22.70 -68.91
C CYS P 245 -97.59 -23.72 -69.96
N VAL P 246 -98.59 -24.57 -69.70
CA VAL P 246 -99.10 -25.50 -70.76
C VAL P 246 -99.57 -24.70 -71.98
N ASN P 247 -100.03 -23.45 -71.79
CA ASN P 247 -100.44 -22.60 -72.89
C ASN P 247 -99.35 -21.63 -73.34
N ALA P 248 -98.09 -21.95 -73.06
CA ALA P 248 -97.00 -21.07 -73.46
C ALA P 248 -96.89 -21.00 -74.98
N PRO P 249 -96.45 -19.84 -75.52
CA PRO P 249 -96.19 -18.62 -74.76
C PRO P 249 -97.45 -17.79 -74.57
N MET P 250 -97.42 -16.97 -73.53
CA MET P 250 -98.66 -16.25 -73.17
C MET P 250 -98.36 -14.84 -72.70
N VAL P 251 -99.35 -14.08 -72.43
CA VAL P 251 -99.12 -12.66 -72.05
C VAL P 251 -100.34 -12.19 -71.27
N GLN P 252 -100.18 -11.30 -70.34
CA GLN P 252 -101.25 -10.62 -69.61
C GLN P 252 -101.23 -9.14 -69.96
N ILE P 253 -102.40 -8.52 -69.99
CA ILE P 253 -102.49 -7.09 -70.28
C ILE P 253 -103.04 -6.34 -69.08
N ASN P 254 -104.31 -6.54 -68.75
CA ASN P 254 -104.86 -5.93 -67.53
C ASN P 254 -105.28 -7.01 -66.54
N ASP P 255 -106.18 -7.91 -66.92
CA ASP P 255 -106.63 -9.00 -66.07
C ASP P 255 -106.86 -10.25 -66.89
N ASP P 256 -106.18 -10.29 -68.04
CA ASP P 256 -106.50 -11.34 -69.03
C ASP P 256 -105.27 -12.11 -69.46
N TYR P 257 -105.44 -13.40 -69.68
CA TYR P 257 -104.35 -14.28 -70.12
C TYR P 257 -104.58 -14.66 -71.58
N TYR P 258 -104.04 -13.84 -72.48
CA TYR P 258 -103.98 -14.22 -73.89
C TYR P 258 -102.85 -15.23 -74.09
N GLU P 259 -103.19 -16.43 -74.54
CA GLU P 259 -102.29 -17.57 -74.50
C GLU P 259 -102.20 -18.24 -75.86
N ASP P 260 -101.28 -19.20 -75.96
CA ASP P 260 -101.01 -19.94 -77.20
C ASP P 260 -100.62 -18.98 -78.32
N LEU P 261 -99.61 -18.21 -78.02
CA LEU P 261 -99.34 -17.07 -78.90
C LEU P 261 -98.35 -17.30 -80.02
N THR P 262 -98.48 -16.46 -81.03
CA THR P 262 -97.61 -16.51 -82.22
C THR P 262 -97.29 -15.03 -82.52
N PRO P 263 -96.12 -14.62 -83.06
CA PRO P 263 -95.81 -13.19 -83.25
C PRO P 263 -96.88 -12.44 -84.04
N GLU P 264 -97.61 -13.12 -84.92
CA GLU P 264 -98.73 -12.47 -85.58
C GLU P 264 -99.93 -12.33 -84.65
N THR P 265 -100.16 -13.35 -83.80
CA THR P 265 -101.34 -13.34 -82.95
C THR P 265 -101.24 -12.25 -81.88
N ILE P 266 -100.08 -12.13 -81.23
CA ILE P 266 -99.91 -11.06 -80.25
C ILE P 266 -99.96 -9.70 -80.93
N LYS P 267 -99.46 -9.61 -82.16
CA LYS P 267 -99.50 -8.35 -82.90
C LYS P 267 -100.94 -7.89 -83.09
N GLN P 268 -101.83 -8.79 -83.54
CA GLN P 268 -103.21 -8.41 -83.78
C GLN P 268 -104.00 -8.21 -82.50
N VAL P 269 -103.52 -8.75 -81.38
CA VAL P 269 -104.18 -8.52 -80.10
C VAL P 269 -104.00 -7.08 -79.67
N LEU P 270 -102.78 -6.56 -79.80
CA LEU P 270 -102.51 -5.18 -79.44
C LEU P 270 -103.33 -4.22 -80.28
N THR P 271 -103.51 -4.52 -81.57
CA THR P 271 -104.37 -3.70 -82.40
C THR P 271 -105.81 -3.73 -81.90
N ALA P 272 -106.32 -4.93 -81.59
CA ALA P 272 -107.68 -5.05 -81.09
C ALA P 272 -107.84 -4.32 -79.77
N LEU P 273 -106.84 -4.41 -78.89
CA LEU P 273 -106.86 -3.62 -77.66
C LEU P 273 -106.74 -2.13 -77.96
N LYS P 274 -105.99 -1.76 -79.01
CA LYS P 274 -105.82 -0.35 -79.34
C LYS P 274 -107.12 0.24 -79.88
N GLU P 275 -107.80 -0.46 -80.78
CA GLU P 275 -109.06 0.03 -81.31
C GLU P 275 -110.18 -0.01 -80.28
N SER P 276 -110.02 -0.77 -79.20
CA SER P 276 -111.07 -0.91 -78.20
C SER P 276 -111.27 0.35 -77.38
N VAL P 277 -110.33 1.30 -77.41
CA VAL P 277 -110.50 2.53 -76.65
C VAL P 277 -111.61 3.41 -77.23
N ASN P 278 -112.01 3.17 -78.48
CA ASN P 278 -113.10 3.91 -79.10
C ASN P 278 -114.39 3.11 -79.16
N ASP P 279 -114.33 1.86 -79.61
CA ASP P 279 -115.49 0.97 -79.67
C ASP P 279 -115.23 -0.22 -78.76
N VAL P 280 -116.12 -0.43 -77.80
CA VAL P 280 -115.94 -1.52 -76.83
C VAL P 280 -116.05 -2.89 -77.51
N SER P 281 -116.91 -3.01 -78.51
CA SER P 281 -117.15 -4.30 -79.16
C SER P 281 -115.94 -4.83 -79.91
N LYS P 282 -114.92 -4.01 -80.16
CA LYS P 282 -113.73 -4.44 -80.88
C LYS P 282 -112.67 -5.03 -79.97
N ALA P 283 -112.95 -5.17 -78.68
CA ALA P 283 -111.97 -5.72 -77.76
C ALA P 283 -111.69 -7.18 -78.08
N PRO P 284 -110.43 -7.62 -78.00
CA PRO P 284 -110.12 -9.03 -78.29
C PRO P 284 -110.70 -9.95 -77.23
N LYS P 285 -110.98 -11.18 -77.64
CA LYS P 285 -111.47 -12.17 -76.70
C LYS P 285 -110.35 -12.62 -75.77
N PRO P 286 -110.67 -12.90 -74.50
CA PRO P 286 -109.65 -13.43 -73.58
C PRO P 286 -109.18 -14.82 -73.95
N GLY P 287 -108.31 -15.39 -73.11
CA GLY P 287 -107.95 -16.78 -73.22
C GLY P 287 -106.92 -17.06 -74.30
N PRO P 288 -106.74 -18.34 -74.62
CA PRO P 288 -105.77 -18.71 -75.65
C PRO P 288 -106.35 -18.54 -77.04
N GLN P 289 -105.46 -18.30 -77.99
CA GLN P 289 -105.82 -18.24 -79.40
C GLN P 289 -105.46 -19.56 -80.07
N SER P 290 -105.55 -19.58 -81.41
CA SER P 290 -105.21 -20.76 -82.21
C SER P 290 -106.11 -21.96 -81.88
N GLY P 291 -107.37 -21.68 -81.55
CA GLY P 291 -108.38 -22.72 -81.46
C GLY P 291 -108.50 -23.43 -80.14
N ARG P 292 -107.38 -23.65 -79.45
CA ARG P 292 -107.41 -24.40 -78.20
C ARG P 292 -108.28 -23.68 -77.17
N GLN P 293 -109.09 -24.45 -76.43
CA GLN P 293 -110.05 -23.84 -75.49
C GLN P 293 -109.35 -23.33 -74.23
N SER P 294 -108.93 -24.23 -73.33
CA SER P 294 -108.17 -23.77 -72.19
C SER P 294 -106.82 -24.47 -72.04
N CYS P 295 -106.86 -25.80 -71.85
CA CYS P 295 -105.62 -26.53 -71.61
C CYS P 295 -105.63 -27.93 -72.21
N GLU P 296 -106.66 -28.33 -72.94
CA GLU P 296 -106.74 -29.70 -73.46
C GLU P 296 -105.75 -29.87 -74.61
N ASN P 297 -105.71 -31.08 -75.14
CA ASN P 297 -104.88 -31.35 -76.31
C ASN P 297 -105.47 -30.67 -77.53
N SER P 298 -104.60 -30.08 -78.36
CA SER P 298 -105.05 -29.47 -79.61
C SER P 298 -105.36 -30.51 -80.68
N ALA P 299 -105.02 -31.78 -80.44
CA ALA P 299 -105.25 -32.85 -81.41
C ALA P 299 -106.27 -33.86 -80.87
N GLY P 300 -107.31 -33.37 -80.20
CA GLY P 300 -108.35 -34.24 -79.71
C GLY P 300 -108.14 -34.63 -78.25
N LEU P 301 -109.26 -34.83 -77.55
CA LEU P 301 -109.21 -35.16 -76.14
C LEU P 301 -108.81 -36.62 -75.93
N THR P 302 -107.82 -36.83 -75.07
CA THR P 302 -107.45 -38.17 -74.63
C THR P 302 -108.07 -38.54 -73.30
N SER P 303 -108.90 -37.67 -72.73
CA SER P 303 -109.52 -37.91 -71.43
C SER P 303 -110.84 -37.16 -71.37
N LEU P 304 -111.69 -37.57 -70.43
CA LEU P 304 -113.00 -36.97 -70.21
C LEU P 304 -113.83 -37.00 -71.49
N THR P 305 -113.81 -38.15 -72.17
CA THR P 305 -114.60 -38.35 -73.38
C THR P 305 -115.95 -38.99 -73.07
N SER P 306 -115.99 -39.92 -72.13
CA SER P 306 -117.22 -40.56 -71.72
C SER P 306 -118.06 -39.64 -70.85
N GLU P 307 -119.31 -40.02 -70.65
CA GLU P 307 -120.20 -39.23 -69.80
C GLU P 307 -119.68 -39.23 -68.36
N PRO P 308 -119.67 -38.07 -67.70
CA PRO P 308 -119.13 -38.02 -66.34
C PRO P 308 -119.98 -38.79 -65.36
N TRP P 309 -119.33 -39.29 -64.31
CA TRP P 309 -120.02 -39.99 -63.23
C TRP P 309 -120.39 -39.02 -62.13
N GLY P 310 -121.52 -39.29 -61.48
CA GLY P 310 -122.01 -38.44 -60.42
C GLY P 310 -122.24 -39.19 -59.13
N PRO P 311 -123.33 -38.83 -58.43
CA PRO P 311 -123.62 -39.47 -57.13
C PRO P 311 -124.15 -40.90 -57.25
N GLU P 312 -124.24 -41.46 -58.46
CA GLU P 312 -124.82 -42.79 -58.61
C GLU P 312 -123.97 -43.88 -57.96
N LYS P 313 -122.68 -43.62 -57.74
CA LYS P 313 -121.80 -44.57 -57.08
C LYS P 313 -121.18 -43.91 -55.86
N THR P 314 -121.34 -44.56 -54.71
CA THR P 314 -120.91 -44.04 -53.42
C THR P 314 -120.78 -45.20 -52.47
N ARG P 315 -119.94 -45.05 -51.46
CA ARG P 315 -119.82 -46.10 -50.45
C ARG P 315 -121.17 -46.31 -49.77
N PRO P 316 -121.64 -47.55 -49.63
CA PRO P 316 -122.98 -47.76 -49.07
C PRO P 316 -123.15 -47.29 -47.64
N ASP P 317 -122.07 -47.15 -46.89
CA ASP P 317 -122.15 -46.72 -45.49
C ASP P 317 -122.14 -45.20 -45.36
N LEU P 318 -123.04 -44.55 -46.08
CA LEU P 318 -123.21 -43.09 -46.03
C LEU P 318 -121.92 -42.33 -46.36
N ALA Q 39 -20.04 -32.56 -22.74
CA ALA Q 39 -19.31 -31.98 -23.86
C ALA Q 39 -19.54 -32.77 -25.14
N THR Q 40 -19.18 -34.04 -25.13
CA THR Q 40 -19.52 -34.88 -26.26
C THR Q 40 -20.94 -35.40 -26.13
N PRO Q 41 -21.59 -35.72 -27.24
CA PRO Q 41 -22.96 -36.25 -27.16
C PRO Q 41 -22.98 -37.65 -26.55
N ALA Q 42 -24.12 -37.99 -25.98
CA ALA Q 42 -24.28 -39.29 -25.33
C ALA Q 42 -24.17 -40.41 -26.36
N GLY Q 43 -23.63 -41.54 -25.92
CA GLY Q 43 -23.25 -42.60 -26.81
C GLY Q 43 -21.74 -42.76 -26.77
N PRO Q 44 -21.19 -43.61 -27.64
CA PRO Q 44 -19.75 -43.83 -27.60
C PRO Q 44 -18.97 -42.64 -28.12
N PRO Q 45 -17.75 -42.44 -27.65
CA PRO Q 45 -16.97 -41.28 -28.06
C PRO Q 45 -16.82 -41.23 -29.57
N PRO Q 46 -16.91 -40.04 -30.16
CA PRO Q 46 -16.75 -39.93 -31.62
C PRO Q 46 -15.40 -40.49 -32.05
N LYS Q 47 -15.41 -41.19 -33.18
CA LYS Q 47 -14.21 -41.85 -33.67
C LYS Q 47 -13.07 -40.86 -33.81
N ASN Q 48 -11.98 -41.10 -33.14
CA ASN Q 48 -10.75 -40.28 -33.28
C ASN Q 48 -10.96 -38.92 -32.63
N PHE Q 49 -11.92 -38.81 -31.69
CA PHE Q 49 -12.11 -37.53 -31.01
C PHE Q 49 -10.88 -37.21 -30.17
N ARG Q 50 -10.35 -38.21 -29.47
CA ARG Q 50 -9.15 -38.02 -28.67
C ARG Q 50 -7.97 -37.69 -29.58
N LEU Q 51 -7.31 -36.57 -29.31
CA LEU Q 51 -6.12 -36.21 -30.06
C LEU Q 51 -4.96 -37.13 -29.73
N PRO Q 52 -4.07 -37.37 -30.70
CA PRO Q 52 -2.86 -38.13 -30.41
C PRO Q 52 -1.95 -37.33 -29.49
N PRO Q 53 -1.00 -37.98 -28.83
CA PRO Q 53 -0.17 -37.28 -27.84
C PRO Q 53 0.68 -36.21 -28.49
N PRO Q 54 1.07 -35.17 -27.75
CA PRO Q 54 1.88 -34.10 -28.35
C PRO Q 54 3.21 -34.63 -28.85
N LYS Q 55 3.73 -33.96 -29.87
CA LYS Q 55 4.99 -34.34 -30.50
C LYS Q 55 6.12 -33.51 -29.91
N ASN Q 56 7.23 -34.18 -29.60
CA ASN Q 56 8.39 -33.49 -29.06
C ASN Q 56 9.12 -32.73 -30.18
N TRP Q 57 10.02 -31.84 -29.76
CA TRP Q 57 10.80 -31.05 -30.71
C TRP Q 57 11.55 -31.95 -31.70
N ASP Q 58 11.99 -33.16 -31.02
CA ASP Q 58 12.82 -34.15 -31.76
C ASP Q 58 12.02 -34.75 -32.91
N GLU Q 59 10.77 -34.90 -32.78
CA GLU Q 59 9.88 -35.62 -33.69
C GLU Q 59 9.23 -34.71 -34.73
N GLU Q 60 9.55 -33.43 -34.74
CA GLU Q 60 8.93 -32.52 -35.69
C GLU Q 60 9.43 -32.83 -37.11
N SER Q 61 8.49 -32.94 -38.04
CA SER Q 61 8.80 -33.36 -39.40
C SER Q 61 9.06 -32.14 -40.28
N GLU Q 62 10.09 -31.35 -39.90
CA GLU Q 62 10.42 -30.09 -40.61
C GLU Q 62 11.91 -29.82 -40.38
N SER Q 63 12.68 -29.55 -41.43
CA SER Q 63 14.13 -29.48 -41.34
C SER Q 63 14.60 -28.20 -40.64
N THR Q 64 15.79 -28.28 -40.05
CA THR Q 64 16.34 -27.15 -39.30
C THR Q 64 16.57 -25.94 -40.20
N ILE Q 65 17.12 -26.15 -41.40
CA ILE Q 65 17.43 -25.04 -42.28
C ILE Q 65 16.17 -24.27 -42.65
N ASP Q 66 15.09 -24.98 -42.98
CA ASP Q 66 13.82 -24.33 -43.21
C ASP Q 66 13.32 -23.63 -41.96
N LYS Q 67 13.44 -24.29 -40.81
CA LYS Q 67 12.98 -23.70 -39.56
C LYS Q 67 13.76 -22.45 -39.21
N VAL Q 68 15.09 -22.51 -39.34
CA VAL Q 68 15.92 -21.34 -39.04
C VAL Q 68 15.70 -20.25 -40.09
N GLY Q 69 15.53 -20.64 -41.35
CA GLY Q 69 15.35 -19.65 -42.40
C GLY Q 69 14.09 -18.83 -42.25
N LYS Q 70 12.97 -19.48 -41.98
CA LYS Q 70 11.72 -18.74 -41.79
C LYS Q 70 11.82 -17.79 -40.60
N TYR Q 71 12.47 -18.23 -39.52
CA TYR Q 71 12.59 -17.40 -38.33
C TYR Q 71 13.37 -16.13 -38.63
N PHE Q 72 14.56 -16.26 -39.21
CA PHE Q 72 15.43 -15.11 -39.41
C PHE Q 72 15.02 -14.26 -40.61
N LEU Q 73 14.41 -14.87 -41.62
CA LEU Q 73 14.02 -14.15 -42.82
C LEU Q 73 12.59 -13.65 -42.78
N MET Q 74 11.80 -14.10 -41.80
CA MET Q 74 10.43 -13.63 -41.64
C MET Q 74 9.61 -13.92 -42.90
N THR Q 75 9.68 -15.16 -43.39
CA THR Q 75 9.03 -15.53 -44.69
C THR Q 75 7.53 -15.22 -44.72
N GLU Q 76 6.78 -15.55 -43.68
CA GLU Q 76 5.34 -15.30 -43.78
C GLU Q 76 5.02 -13.82 -43.71
N MET Q 77 5.87 -13.01 -43.07
CA MET Q 77 5.64 -11.57 -43.08
C MET Q 77 5.93 -10.97 -44.44
N LEU Q 78 6.99 -11.46 -45.10
CA LEU Q 78 7.28 -11.04 -46.47
C LEU Q 78 6.13 -11.39 -47.41
N ARG Q 79 5.55 -12.58 -47.23
CA ARG Q 79 4.42 -12.98 -48.07
C ARG Q 79 3.22 -12.07 -47.86
N GLY Q 80 2.95 -11.67 -46.62
CA GLY Q 80 1.86 -10.76 -46.36
C GLY Q 80 2.08 -9.39 -46.98
N MET Q 81 3.32 -8.91 -46.93
CA MET Q 81 3.65 -7.64 -47.58
C MET Q 81 3.44 -7.72 -49.09
N TYR Q 82 3.81 -8.85 -49.69
CA TYR Q 82 3.63 -9.02 -51.13
C TYR Q 82 2.16 -8.97 -51.51
N VAL Q 83 1.26 -9.39 -50.62
CA VAL Q 83 -0.17 -9.32 -50.88
C VAL Q 83 -0.61 -7.87 -51.03
N LEU Q 84 -0.06 -6.98 -50.19
CA LEU Q 84 -0.43 -5.57 -50.25
C LEU Q 84 -0.03 -4.93 -51.58
N LEU Q 85 1.16 -5.26 -52.09
CA LEU Q 85 1.55 -4.77 -53.41
C LEU Q 85 0.60 -5.23 -54.50
N GLU Q 86 0.10 -6.46 -54.38
CA GLU Q 86 -0.90 -6.93 -55.34
C GLU Q 86 -2.15 -6.07 -55.29
N GLN Q 87 -2.58 -5.70 -54.08
CA GLN Q 87 -3.73 -4.81 -53.93
C GLN Q 87 -3.40 -3.40 -54.36
N PHE Q 88 -2.12 -3.00 -54.22
CA PHE Q 88 -1.71 -1.65 -54.62
C PHE Q 88 -1.91 -1.41 -56.11
N PHE Q 89 -1.87 -2.47 -56.91
CA PHE Q 89 -2.06 -2.36 -58.35
C PHE Q 89 -3.42 -2.86 -58.81
N ARG Q 90 -4.35 -3.05 -57.89
CA ARG Q 90 -5.74 -3.43 -58.26
C ARG Q 90 -6.59 -2.15 -58.26
N PRO Q 91 -7.72 -2.07 -58.99
CA PRO Q 91 -8.55 -0.86 -58.93
C PRO Q 91 -9.17 -0.64 -57.54
N PRO Q 92 -9.18 0.60 -57.03
CA PRO Q 92 -9.81 0.94 -55.76
C PRO Q 92 -11.33 0.84 -55.90
N TYR Q 93 -12.04 0.71 -54.80
CA TYR Q 93 -13.52 0.57 -54.79
C TYR Q 93 -14.15 1.94 -54.59
N THR Q 94 -13.38 3.01 -54.42
CA THR Q 94 -13.95 4.28 -54.03
C THR Q 94 -14.74 4.93 -55.15
N ILE Q 95 -15.89 5.48 -54.76
CA ILE Q 95 -16.71 6.31 -55.70
C ILE Q 95 -16.61 7.76 -55.21
N TYR Q 96 -16.77 8.73 -56.10
CA TYR Q 96 -16.55 10.16 -55.72
C TYR Q 96 -17.90 10.80 -55.38
N TYR Q 97 -18.38 10.58 -54.17
CA TYR Q 97 -19.67 11.16 -53.73
C TYR Q 97 -19.43 12.64 -53.43
N PRO Q 98 -20.30 13.63 -53.74
CA PRO Q 98 -21.67 13.46 -54.25
C PRO Q 98 -21.80 13.49 -55.76
N PHE Q 99 -20.68 13.42 -56.48
CA PHE Q 99 -20.74 13.39 -57.94
C PHE Q 99 -21.20 12.03 -58.45
N GLU Q 100 -20.92 10.97 -57.71
CA GLU Q 100 -21.46 9.65 -57.96
C GLU Q 100 -22.18 9.15 -56.72
N LYS Q 101 -23.12 8.23 -56.91
CA LYS Q 101 -23.96 7.72 -55.84
C LYS Q 101 -23.90 6.21 -55.79
N GLY Q 102 -24.07 5.66 -54.58
CA GLY Q 102 -24.21 4.24 -54.40
C GLY Q 102 -25.59 3.77 -54.79
N PRO Q 103 -25.74 2.46 -54.98
CA PRO Q 103 -27.01 1.93 -55.51
C PRO Q 103 -28.08 1.85 -54.44
N ILE Q 104 -29.32 2.17 -54.84
CA ILE Q 104 -30.49 1.97 -54.01
C ILE Q 104 -31.56 1.25 -54.83
N SER Q 105 -32.49 0.62 -54.14
CA SER Q 105 -33.53 -0.21 -54.72
C SER Q 105 -34.86 0.53 -54.70
N PRO Q 106 -35.87 0.08 -55.52
CA PRO Q 106 -37.24 0.64 -55.45
C PRO Q 106 -37.86 0.50 -54.05
N ARG Q 107 -37.28 -0.33 -53.20
CA ARG Q 107 -37.86 -0.61 -51.87
C ARG Q 107 -37.25 0.35 -50.85
N PHE Q 108 -36.28 1.15 -51.25
CA PHE Q 108 -35.52 1.95 -50.30
C PHE Q 108 -36.41 2.90 -49.50
N ARG Q 109 -36.18 2.94 -48.19
CA ARG Q 109 -37.02 3.67 -47.24
C ARG Q 109 -36.29 4.94 -46.81
N GLY Q 110 -36.71 6.09 -47.35
CA GLY Q 110 -36.16 7.38 -46.96
C GLY Q 110 -37.18 8.38 -46.47
N GLU Q 111 -37.16 9.59 -47.03
CA GLU Q 111 -38.01 10.68 -46.55
C GLU Q 111 -39.46 10.46 -46.92
N HIS Q 112 -40.33 10.65 -45.95
CA HIS Q 112 -41.79 10.43 -46.12
C HIS Q 112 -42.44 11.47 -47.03
N ALA Q 113 -43.51 11.10 -47.72
CA ALA Q 113 -44.27 11.97 -48.60
C ALA Q 113 -45.74 11.55 -48.59
N LEU Q 114 -46.64 12.52 -48.82
CA LEU Q 114 -48.09 12.29 -49.00
C LEU Q 114 -48.39 12.44 -50.49
N ARG Q 115 -49.17 11.56 -51.08
CA ARG Q 115 -49.37 11.48 -52.52
C ARG Q 115 -50.79 11.89 -52.91
N ARG Q 116 -50.96 12.18 -54.20
CA ARG Q 116 -52.24 12.52 -54.79
C ARG Q 116 -52.67 11.47 -55.81
N TYR Q 117 -53.94 11.59 -56.22
CA TYR Q 117 -54.43 10.93 -57.42
C TYR Q 117 -53.98 11.73 -58.64
N PRO Q 118 -54.10 11.15 -59.84
CA PRO Q 118 -53.78 11.93 -61.05
C PRO Q 118 -54.60 13.21 -61.16
N SER Q 119 -55.82 13.23 -60.61
CA SER Q 119 -56.64 14.43 -60.62
C SER Q 119 -56.13 15.51 -59.67
N GLY Q 120 -55.32 15.14 -58.68
CA GLY Q 120 -54.84 16.07 -57.69
C GLY Q 120 -55.52 15.98 -56.34
N GLU Q 121 -56.60 15.20 -56.22
CA GLU Q 121 -57.18 14.92 -54.92
C GLU Q 121 -56.18 14.18 -54.05
N GLU Q 122 -56.21 14.48 -52.75
CA GLU Q 122 -55.37 13.76 -51.80
C GLU Q 122 -55.72 12.27 -51.80
N ARG Q 123 -54.69 11.43 -51.67
CA ARG Q 123 -54.94 10.01 -51.54
C ARG Q 123 -55.41 9.65 -50.13
N CYS Q 124 -55.02 10.44 -49.16
CA CYS Q 124 -55.30 10.14 -47.75
C CYS Q 124 -56.78 10.34 -47.36
N ILE Q 125 -57.34 9.37 -46.67
CA ILE Q 125 -58.78 9.37 -46.26
C ILE Q 125 -58.84 9.18 -44.75
N ALA Q 126 -57.76 9.43 -44.01
CA ALA Q 126 -57.80 9.46 -42.52
C ALA Q 126 -58.27 8.14 -41.88
N CYS Q 127 -57.86 7.01 -42.43
CA CYS Q 127 -58.18 5.67 -41.88
C CYS Q 127 -57.48 5.48 -40.55
N LYS Q 128 -56.34 6.11 -40.35
CA LYS Q 128 -55.51 6.02 -39.14
C LYS Q 128 -54.80 4.66 -39.09
N LEU Q 129 -54.71 3.93 -40.19
CA LEU Q 129 -53.99 2.64 -40.13
C LEU Q 129 -52.50 2.90 -39.88
N CYS Q 130 -51.95 3.95 -40.45
CA CYS Q 130 -50.50 4.21 -40.30
C CYS Q 130 -50.21 4.71 -38.88
N GLU Q 131 -51.13 5.47 -38.30
CA GLU Q 131 -50.99 5.92 -36.92
C GLU Q 131 -51.08 4.77 -35.93
N ALA Q 132 -51.86 3.74 -36.24
CA ALA Q 132 -52.01 2.61 -35.33
C ALA Q 132 -50.85 1.63 -35.43
N VAL Q 133 -50.36 1.36 -36.64
CA VAL Q 133 -49.32 0.37 -36.80
C VAL Q 133 -47.94 0.92 -36.42
N CYS Q 134 -47.72 2.23 -36.53
CA CYS Q 134 -46.41 2.89 -36.30
C CYS Q 134 -45.68 2.37 -35.08
N PRO Q 135 -44.52 1.69 -35.21
CA PRO Q 135 -43.89 1.08 -33.99
C PRO Q 135 -43.37 2.15 -33.03
N ALA Q 136 -43.12 3.35 -33.49
CA ALA Q 136 -42.51 4.44 -32.69
C ALA Q 136 -43.50 5.55 -32.29
N GLN Q 137 -44.78 5.43 -32.62
CA GLN Q 137 -45.78 6.47 -32.38
C GLN Q 137 -45.34 7.82 -32.95
N ALA Q 138 -44.90 7.83 -34.21
CA ALA Q 138 -44.32 9.04 -34.84
C ALA Q 138 -45.39 9.83 -35.59
N ILE Q 139 -46.53 9.20 -35.80
CA ILE Q 139 -47.60 9.84 -36.60
C ILE Q 139 -48.73 10.33 -35.70
N THR Q 140 -49.20 11.54 -35.92
CA THR Q 140 -50.36 12.10 -35.23
C THR Q 140 -51.34 12.60 -36.29
N ILE Q 141 -52.55 12.12 -36.17
CA ILE Q 141 -53.60 12.50 -37.16
C ILE Q 141 -54.88 13.03 -36.55
N GLU Q 142 -55.43 14.08 -37.12
CA GLU Q 142 -56.78 14.53 -36.83
C GLU Q 142 -57.57 14.66 -38.13
N ALA Q 143 -58.88 14.45 -38.04
CA ALA Q 143 -59.70 14.40 -39.24
C ALA Q 143 -61.15 14.77 -38.93
N GLU Q 144 -61.82 15.36 -39.92
CA GLU Q 144 -63.26 15.51 -39.93
C GLU Q 144 -63.74 15.44 -41.37
N GLU Q 145 -65.03 15.71 -41.57
CA GLU Q 145 -65.54 15.90 -42.91
C GLU Q 145 -65.04 17.22 -43.48
N ARG Q 146 -64.56 17.18 -44.72
CA ARG Q 146 -64.18 18.41 -45.42
C ARG Q 146 -65.44 19.18 -45.81
N ALA Q 147 -65.24 20.40 -46.31
CA ALA Q 147 -66.37 21.25 -46.68
C ALA Q 147 -67.29 20.57 -47.68
N ASP Q 148 -66.73 19.76 -48.57
CA ASP Q 148 -67.50 18.98 -49.52
C ASP Q 148 -67.99 17.65 -48.95
N GLY Q 149 -67.73 17.38 -47.68
CA GLY Q 149 -68.16 16.16 -47.04
C GLY Q 149 -67.23 14.97 -47.20
N SER Q 150 -66.03 15.18 -47.73
CA SER Q 150 -65.10 14.10 -47.95
C SER Q 150 -64.30 13.80 -46.69
N ARG Q 151 -63.97 12.53 -46.48
CA ARG Q 151 -63.20 12.10 -45.32
C ARG Q 151 -61.72 12.42 -45.58
N ARG Q 152 -61.20 13.44 -44.90
CA ARG Q 152 -59.87 13.95 -45.13
C ARG Q 152 -59.23 14.33 -43.80
N THR Q 153 -57.91 14.46 -43.80
CA THR Q 153 -57.19 14.84 -42.59
C THR Q 153 -57.14 16.36 -42.44
N THR Q 154 -57.10 16.80 -41.19
CA THR Q 154 -56.80 18.17 -40.84
C THR Q 154 -55.40 18.31 -40.27
N ARG Q 155 -54.90 17.29 -39.57
CA ARG Q 155 -53.53 17.22 -39.12
C ARG Q 155 -52.94 15.89 -39.58
N TYR Q 156 -51.75 15.95 -40.16
CA TYR Q 156 -50.97 14.75 -40.57
C TYR Q 156 -49.51 15.09 -40.23
N ASP Q 157 -49.02 14.81 -39.01
CA ASP Q 157 -47.65 15.08 -38.63
C ASP Q 157 -46.86 13.79 -38.50
N ILE Q 158 -45.61 13.90 -38.91
CA ILE Q 158 -44.64 12.81 -38.68
C ILE Q 158 -43.45 13.41 -37.96
N ASP Q 159 -43.16 12.91 -36.78
CA ASP Q 159 -41.97 13.32 -36.05
C ASP Q 159 -40.80 12.52 -36.60
N MET Q 160 -40.01 13.14 -37.47
CA MET Q 160 -38.86 12.45 -38.08
C MET Q 160 -37.76 12.13 -37.09
N THR Q 161 -37.81 12.68 -35.88
CA THR Q 161 -36.89 12.29 -34.82
C THR Q 161 -37.47 11.20 -33.92
N LYS Q 162 -38.68 10.74 -34.20
CA LYS Q 162 -39.20 9.51 -33.61
C LYS Q 162 -39.22 8.34 -34.58
N CYS Q 163 -39.30 8.60 -35.90
CA CYS Q 163 -39.50 7.58 -36.95
C CYS Q 163 -38.31 6.65 -37.16
N ILE Q 164 -38.57 5.39 -37.25
CA ILE Q 164 -37.47 4.40 -37.33
C ILE Q 164 -37.35 3.95 -38.79
N TYR Q 165 -38.07 4.61 -39.71
CA TYR Q 165 -37.87 4.33 -41.16
C TYR Q 165 -38.10 2.85 -41.50
N CYS Q 166 -39.18 2.23 -40.98
CA CYS Q 166 -39.41 0.78 -41.15
C CYS Q 166 -40.34 0.45 -42.32
N GLY Q 167 -41.06 1.43 -42.89
CA GLY Q 167 -42.03 1.22 -43.99
C GLY Q 167 -43.39 0.65 -43.60
N PHE Q 168 -43.70 0.48 -42.31
CA PHE Q 168 -44.97 -0.13 -41.82
C PHE Q 168 -46.17 0.71 -42.25
N CYS Q 169 -46.11 2.03 -42.09
CA CYS Q 169 -47.17 2.92 -42.59
C CYS Q 169 -47.42 2.69 -44.07
N GLN Q 170 -46.40 2.68 -44.91
CA GLN Q 170 -46.51 2.45 -46.37
C GLN Q 170 -47.08 1.05 -46.65
N GLU Q 171 -46.76 0.09 -45.79
CA GLU Q 171 -47.35 -1.23 -45.98
C GLU Q 171 -48.82 -1.25 -45.56
N SER Q 172 -49.19 -0.48 -44.54
CA SER Q 172 -50.55 -0.51 -44.02
C SER Q 172 -51.52 0.35 -44.80
N CYS Q 173 -51.04 1.34 -45.54
CA CYS Q 173 -51.91 2.27 -46.27
C CYS Q 173 -52.68 1.55 -47.40
N PRO Q 174 -54.02 1.60 -47.40
CA PRO Q 174 -54.84 0.90 -48.43
C PRO Q 174 -54.96 1.69 -49.75
N VAL Q 175 -54.45 2.91 -49.78
CA VAL Q 175 -54.61 3.81 -50.95
C VAL Q 175 -53.27 4.32 -51.46
N ASP Q 176 -52.16 3.83 -50.94
CA ASP Q 176 -50.83 4.29 -51.33
C ASP Q 176 -50.64 5.77 -51.02
N ALA Q 177 -51.18 6.29 -49.92
CA ALA Q 177 -51.10 7.73 -49.57
C ALA Q 177 -49.73 8.06 -48.94
N ILE Q 178 -49.31 7.30 -47.94
CA ILE Q 178 -48.01 7.50 -47.25
C ILE Q 178 -46.97 6.59 -47.86
N VAL Q 179 -45.91 7.20 -48.29
CA VAL Q 179 -44.82 6.42 -48.85
C VAL Q 179 -43.52 7.01 -48.34
N GLU Q 180 -42.50 6.17 -48.42
CA GLU Q 180 -41.13 6.68 -48.14
C GLU Q 180 -40.48 6.96 -49.49
N SER Q 181 -40.00 8.19 -49.71
CA SER Q 181 -39.27 8.52 -50.92
C SER Q 181 -37.86 7.93 -50.86
N PRO Q 182 -37.19 7.82 -52.01
CA PRO Q 182 -35.77 7.43 -51.99
C PRO Q 182 -34.85 8.48 -51.40
N ASN Q 183 -35.33 9.69 -51.13
CA ASN Q 183 -34.45 10.76 -50.68
C ASN Q 183 -33.88 10.45 -49.29
N ALA Q 184 -32.57 10.69 -49.14
CA ALA Q 184 -31.91 10.57 -47.86
C ALA Q 184 -31.10 11.81 -47.49
N GLU Q 185 -30.96 12.79 -48.39
CA GLU Q 185 -30.12 13.96 -48.17
C GLU Q 185 -31.00 15.14 -47.76
N TYR Q 186 -31.48 15.12 -46.52
CA TYR Q 186 -32.28 16.21 -45.99
C TYR Q 186 -31.90 16.50 -44.53
N ALA Q 187 -30.59 16.47 -44.23
CA ALA Q 187 -30.13 16.89 -42.91
C ALA Q 187 -30.43 18.37 -42.69
N THR Q 188 -30.78 18.72 -41.45
CA THR Q 188 -31.30 20.04 -41.14
C THR Q 188 -30.47 20.72 -40.07
N GLU Q 189 -30.58 22.05 -40.04
CA GLU Q 189 -29.87 22.84 -39.03
C GLU Q 189 -30.49 22.69 -37.65
N THR Q 190 -31.82 22.67 -37.57
CA THR Q 190 -32.51 22.58 -36.29
C THR Q 190 -33.41 21.37 -36.25
N ARG Q 191 -33.67 20.90 -35.03
CA ARG Q 191 -34.56 19.77 -34.81
C ARG Q 191 -36.01 20.09 -35.18
N GLU Q 192 -36.42 21.34 -35.01
CA GLU Q 192 -37.78 21.73 -35.38
C GLU Q 192 -38.06 21.54 -36.86
N GLU Q 193 -37.03 21.62 -37.70
CA GLU Q 193 -37.22 21.38 -39.13
C GLU Q 193 -37.56 19.93 -39.44
N LEU Q 194 -37.40 19.02 -38.49
CA LEU Q 194 -37.72 17.61 -38.69
C LEU Q 194 -39.09 17.24 -38.13
N LEU Q 195 -39.90 18.21 -37.74
CA LEU Q 195 -41.29 17.96 -37.33
C LEU Q 195 -42.17 18.30 -38.54
N TYR Q 196 -42.47 17.28 -39.34
CA TYR Q 196 -43.20 17.48 -40.57
C TYR Q 196 -44.69 17.56 -40.30
N ASN Q 197 -45.35 18.60 -40.79
CA ASN Q 197 -46.79 18.68 -40.75
C ASN Q 197 -47.34 18.30 -42.13
N LYS Q 198 -48.66 18.45 -42.31
CA LYS Q 198 -49.28 18.01 -43.54
C LYS Q 198 -48.80 18.83 -44.74
N GLU Q 199 -48.54 20.12 -44.53
CA GLU Q 199 -48.04 20.96 -45.63
C GLU Q 199 -46.69 20.47 -46.13
N LYS Q 200 -45.78 20.16 -45.21
CA LYS Q 200 -44.46 19.69 -45.60
C LYS Q 200 -44.53 18.35 -46.33
N LEU Q 201 -45.43 17.47 -45.90
CA LEU Q 201 -45.52 16.14 -46.49
C LEU Q 201 -46.20 16.16 -47.85
N LEU Q 202 -47.23 16.99 -48.03
CA LEU Q 202 -47.86 17.08 -49.33
C LEU Q 202 -46.95 17.77 -50.35
N ALA Q 203 -46.15 18.74 -49.91
CA ALA Q 203 -45.17 19.34 -50.80
C ALA Q 203 -44.11 18.33 -51.21
N ASN Q 204 -43.69 17.46 -50.27
CA ASN Q 204 -42.73 16.42 -50.59
C ASN Q 204 -43.28 15.47 -51.64
N GLY Q 205 -44.56 15.11 -51.53
CA GLY Q 205 -45.18 14.24 -52.53
C GLY Q 205 -45.29 14.89 -53.89
N ASP Q 206 -45.59 16.20 -53.92
CA ASP Q 206 -45.66 16.92 -55.18
C ASP Q 206 -44.31 16.94 -55.89
N LYS Q 207 -43.23 17.12 -55.13
CA LYS Q 207 -41.90 17.21 -55.73
C LYS Q 207 -41.39 15.84 -56.17
N TRP Q 208 -41.67 14.80 -55.40
CA TRP Q 208 -41.06 13.49 -55.62
C TRP Q 208 -41.95 12.51 -56.37
N GLU Q 209 -43.14 12.93 -56.82
CA GLU Q 209 -44.13 12.00 -57.38
C GLU Q 209 -43.60 11.10 -58.49
N PRO Q 210 -42.85 11.59 -59.49
CA PRO Q 210 -42.36 10.65 -60.52
C PRO Q 210 -41.46 9.55 -59.98
N GLU Q 211 -40.60 9.82 -58.99
CA GLU Q 211 -39.91 8.73 -58.31
C GLU Q 211 -40.87 7.84 -57.55
N LEU Q 212 -41.84 8.44 -56.85
CA LEU Q 212 -42.76 7.65 -56.05
C LEU Q 212 -43.55 6.69 -56.91
N ALA Q 213 -44.00 7.15 -58.07
CA ALA Q 213 -44.74 6.27 -58.98
C ALA Q 213 -43.83 5.21 -59.58
N ALA Q 214 -42.59 5.57 -59.92
CA ALA Q 214 -41.66 4.60 -60.49
C ALA Q 214 -41.31 3.51 -59.47
N ALA Q 215 -41.03 3.89 -58.23
CA ALA Q 215 -40.74 2.90 -57.20
C ALA Q 215 -41.96 2.01 -56.94
N ILE Q 216 -43.16 2.58 -56.91
CA ILE Q 216 -44.41 1.79 -56.75
C ILE Q 216 -44.59 0.90 -57.99
N ARG Q 217 -44.29 1.43 -59.16
CA ARG Q 217 -44.45 0.65 -60.39
C ARG Q 217 -43.56 -0.60 -60.37
N ALA Q 218 -42.32 -0.45 -59.93
CA ALA Q 218 -41.38 -1.57 -59.97
C ALA Q 218 -41.72 -2.63 -58.92
N ASP Q 219 -42.10 -2.23 -57.70
CA ASP Q 219 -42.28 -3.18 -56.54
C ASP Q 219 -43.72 -3.62 -56.20
N ALA Q 220 -44.74 -2.98 -56.77
CA ALA Q 220 -46.17 -3.27 -56.45
C ALA Q 220 -46.50 -4.76 -56.70
N PRO Q 221 -45.95 -5.45 -57.73
CA PRO Q 221 -46.19 -6.88 -57.95
C PRO Q 221 -45.78 -7.71 -56.73
N TYR Q 222 -44.74 -7.28 -56.01
CA TYR Q 222 -44.24 -8.00 -54.81
C TYR Q 222 -44.96 -7.55 -53.52
N ARG Q 223 -45.82 -6.55 -53.62
CA ARG Q 223 -46.51 -6.02 -52.43
C ARG Q 223 -47.95 -6.57 -52.43
N PRO R 13 61.75 40.87 22.55
CA PRO R 13 60.42 41.22 23.07
C PRO R 13 59.32 40.95 22.05
N LYS R 14 58.06 41.09 22.46
CA LYS R 14 56.93 40.87 21.58
C LYS R 14 55.76 41.72 22.06
N ASP R 15 54.85 42.01 21.12
CA ASP R 15 53.68 42.81 21.43
C ASP R 15 52.60 41.90 22.01
N ALA R 16 52.36 42.03 23.31
CA ALA R 16 51.39 41.14 23.98
C ALA R 16 49.98 41.37 23.45
N VAL R 17 49.59 42.63 23.26
CA VAL R 17 48.23 42.92 22.79
C VAL R 17 48.05 42.49 21.35
N HIS R 18 49.04 42.78 20.49
CA HIS R 18 48.92 42.42 19.08
C HIS R 18 48.88 40.90 18.89
N LEU R 19 49.72 40.17 19.61
CA LEU R 19 49.71 38.72 19.51
C LEU R 19 48.41 38.13 20.01
N GLY R 20 47.87 38.68 21.11
CA GLY R 20 46.60 38.19 21.63
C GLY R 20 45.46 38.37 20.64
N LEU R 21 45.43 39.51 19.95
CA LEU R 21 44.40 39.74 18.94
C LEU R 21 44.46 38.69 17.84
N LYS R 22 45.68 38.39 17.35
CA LYS R 22 45.84 37.30 16.40
C LYS R 22 45.43 35.98 17.03
N GLY R 23 45.80 35.77 18.30
CA GLY R 23 45.36 34.57 18.99
C GLY R 23 43.85 34.51 19.12
N ALA R 24 43.22 35.64 19.48
CA ALA R 24 41.77 35.67 19.59
C ALA R 24 41.10 35.44 18.25
N ALA R 25 41.69 35.95 17.17
CA ALA R 25 41.04 35.86 15.86
C ALA R 25 41.09 34.44 15.30
N VAL R 26 42.26 33.79 15.41
CA VAL R 26 42.46 32.52 14.71
C VAL R 26 41.55 31.45 15.28
N VAL R 27 41.54 31.28 16.60
CA VAL R 27 40.71 30.24 17.22
C VAL R 27 39.28 30.71 17.45
N GLY R 28 39.02 32.02 17.36
CA GLY R 28 37.66 32.49 17.30
C GLY R 28 37.03 32.29 15.95
N GLY R 29 37.82 32.29 14.89
CA GLY R 29 37.29 32.02 13.56
C GLY R 29 36.77 30.61 13.41
N ILE R 30 37.43 29.65 14.05
CA ILE R 30 36.92 28.27 14.04
C ILE R 30 35.64 28.19 14.86
N GLY R 31 35.57 28.92 15.98
CA GLY R 31 34.33 29.00 16.72
C GLY R 31 33.20 29.57 15.88
N LEU R 32 33.50 30.59 15.08
CA LEU R 32 32.53 31.08 14.11
C LEU R 32 32.15 30.02 13.11
N LEU R 33 33.09 29.14 12.75
CA LEU R 33 32.77 28.00 11.89
C LEU R 33 31.83 27.04 12.59
N PHE R 34 32.17 26.64 13.82
CA PHE R 34 31.31 25.74 14.58
C PHE R 34 29.96 26.38 14.91
N ALA R 35 29.91 27.70 15.01
CA ALA R 35 28.64 28.37 15.27
C ALA R 35 27.72 28.28 14.06
N ALA R 36 28.28 28.38 12.85
CA ALA R 36 27.45 28.27 11.64
C ALA R 36 26.90 26.87 11.45
N VAL R 37 27.64 25.84 11.87
CA VAL R 37 27.16 24.47 11.74
C VAL R 37 25.98 24.24 12.66
N ARG R 38 26.05 24.77 13.89
CA ARG R 38 24.91 24.69 14.79
C ARG R 38 23.69 25.38 14.20
N THR R 39 23.88 26.56 13.61
CA THR R 39 22.78 27.25 12.95
C THR R 39 22.27 26.45 11.76
N SER R 40 23.18 25.89 10.96
CA SER R 40 22.78 25.03 9.85
C SER R 40 22.06 23.78 10.32
N LEU R 41 22.52 23.15 11.39
CA LEU R 41 21.89 21.95 11.93
C LEU R 41 20.72 22.27 12.85
N ALA R 42 20.42 23.54 13.07
CA ALA R 42 19.24 23.91 13.83
C ALA R 42 18.00 23.40 13.13
N ARG R 43 17.06 22.85 13.91
CA ARG R 43 15.87 22.23 13.33
C ARG R 43 14.80 23.26 13.03
N LYS R 44 14.40 24.05 14.02
CA LYS R 44 13.41 25.09 13.80
C LYS R 44 13.99 26.22 12.96
N ASN R 45 13.12 26.85 12.18
CA ASN R 45 13.52 27.95 11.30
C ASN R 45 13.90 29.16 12.16
N VAL R 46 15.20 29.42 12.27
CA VAL R 46 15.72 30.55 13.03
C VAL R 46 16.36 31.60 12.16
N GLY R 47 16.40 31.40 10.84
CA GLY R 47 16.96 32.36 9.94
C GLY R 47 18.47 32.33 9.92
N PRO R 48 19.09 33.24 9.16
CA PRO R 48 20.55 33.29 9.09
C PRO R 48 21.22 34.11 10.18
N TRP R 49 20.46 34.89 10.93
CA TRP R 49 21.03 35.79 11.94
C TRP R 49 21.17 35.12 13.30
N ALA R 50 20.87 33.83 13.42
CA ALA R 50 21.13 33.08 14.64
C ALA R 50 22.58 32.64 14.75
N ILE R 51 23.43 33.07 13.82
CA ILE R 51 24.87 32.83 13.93
C ILE R 51 25.44 33.56 15.15
N PHE R 52 24.97 34.78 15.40
CA PHE R 52 25.44 35.57 16.53
C PHE R 52 24.42 35.69 17.65
N THR R 53 23.18 35.24 17.45
CA THR R 53 22.14 35.38 18.45
C THR R 53 22.11 34.17 19.40
N ARG R 54 21.92 32.97 18.85
CA ARG R 54 21.87 31.77 19.66
C ARG R 54 23.22 31.10 19.82
N ASN R 55 24.12 31.27 18.86
CA ASN R 55 25.45 30.67 18.90
C ASN R 55 26.56 31.70 18.96
N GLY R 56 26.23 32.99 19.06
CA GLY R 56 27.26 34.00 19.22
C GLY R 56 28.08 33.82 20.48
N LYS R 57 27.47 33.24 21.52
CA LYS R 57 28.22 32.93 22.74
C LYS R 57 29.31 31.91 22.46
N LEU R 58 29.00 30.92 21.61
CA LEU R 58 29.99 29.88 21.29
C LEU R 58 31.20 30.49 20.60
N ALA R 59 30.98 31.28 19.54
CA ALA R 59 32.08 31.93 18.85
C ALA R 59 32.80 32.93 19.77
N ALA R 60 32.05 33.62 20.62
CA ALA R 60 32.68 34.55 21.56
C ALA R 60 33.61 33.83 22.52
N THR R 61 33.20 32.66 23.01
CA THR R 61 34.04 31.91 23.94
C THR R 61 35.36 31.50 23.28
N PHE R 62 35.29 31.01 22.04
CA PHE R 62 36.52 30.63 21.33
C PHE R 62 37.45 31.82 21.18
N ALA R 63 36.91 32.97 20.76
CA ALA R 63 37.74 34.16 20.61
C ALA R 63 38.34 34.60 21.94
N ALA R 64 37.71 34.23 23.05
CA ALA R 64 38.23 34.60 24.37
C ALA R 64 39.38 33.69 24.80
N VAL R 65 39.22 32.38 24.65
CA VAL R 65 40.28 31.44 25.03
C VAL R 65 41.52 31.69 24.19
N GLY R 66 41.36 31.80 22.87
CA GLY R 66 42.50 32.06 22.01
C GLY R 66 43.16 33.39 22.29
N GLY R 67 42.39 34.40 22.69
CA GLY R 67 42.97 35.67 23.07
C GLY R 67 43.71 35.59 24.39
N ALA R 68 43.08 34.96 25.39
CA ALA R 68 43.73 34.82 26.70
C ALA R 68 45.01 34.01 26.58
N TYR R 69 44.98 32.94 25.79
CA TYR R 69 46.15 32.08 25.66
C TYR R 69 47.32 32.82 25.05
N ASP R 70 47.19 33.43 23.94
CA ASP R 70 48.32 34.06 23.20
C ASP R 70 48.78 35.34 23.86
N PHE R 71 47.83 36.01 24.59
CA PHE R 71 48.24 37.18 25.36
C PHE R 71 49.25 36.78 26.43
N THR R 72 48.90 35.77 27.24
CA THR R 72 49.64 35.51 28.46
C THR R 72 51.00 34.89 28.18
N ARG R 73 51.08 34.00 27.27
CA ARG R 73 52.37 33.36 26.94
C ARG R 73 53.31 34.48 26.50
N ALA R 74 52.85 35.31 25.52
CA ALA R 74 53.64 36.47 25.12
C ALA R 74 53.98 37.33 26.33
N ALA R 75 52.99 37.55 27.21
CA ALA R 75 53.23 38.29 28.44
C ALA R 75 54.20 37.56 29.36
N ALA R 76 54.00 36.25 29.53
CA ALA R 76 54.93 35.46 30.32
C ALA R 76 56.33 35.48 29.72
N ALA R 77 56.43 35.51 28.39
CA ALA R 77 57.74 35.63 27.75
C ALA R 77 58.39 36.96 28.06
N ASN R 78 57.61 38.04 28.05
CA ASN R 78 58.16 39.36 28.37
C ASN R 78 58.60 39.42 29.83
N LEU R 79 57.79 38.88 30.75
CA LEU R 79 58.12 38.94 32.16
C LEU R 79 59.36 38.10 32.48
N ARG R 80 59.44 36.90 31.92
CA ARG R 80 60.57 36.01 32.17
C ARG R 80 61.77 36.31 31.30
N GLU R 81 61.60 37.09 30.22
CA GLU R 81 62.65 37.36 29.26
C GLU R 81 63.28 36.06 28.76
N LYS R 82 62.42 35.10 28.43
CA LYS R 82 62.86 33.79 27.95
C LYS R 82 61.77 33.18 27.09
N GLU R 83 62.17 32.21 26.28
CA GLU R 83 61.25 31.48 25.41
C GLU R 83 61.48 29.99 25.63
N ASP R 84 60.55 29.34 26.33
CA ASP R 84 60.67 27.92 26.64
C ASP R 84 59.27 27.36 26.83
N TRP R 85 59.20 26.13 27.38
CA TRP R 85 57.94 25.41 27.46
C TRP R 85 57.02 25.96 28.54
N VAL R 86 57.71 26.67 29.55
CA VAL R 86 56.97 27.24 30.71
C VAL R 86 55.87 28.18 30.22
N ASN R 87 56.05 28.90 29.17
CA ASN R 87 55.15 29.97 28.74
C ASN R 87 53.86 29.40 28.14
N ASN R 88 53.95 28.29 27.42
CA ASN R 88 52.74 27.70 26.85
C ASN R 88 51.85 27.10 27.95
N GLY R 89 52.46 26.44 28.94
CA GLY R 89 51.70 25.98 30.08
C GLY R 89 51.06 27.11 30.84
N ILE R 90 51.81 28.20 31.06
CA ILE R 90 51.23 29.40 31.64
C ILE R 90 50.15 29.96 30.74
N GLY R 91 50.44 30.03 29.44
CA GLY R 91 49.41 30.42 28.49
C GLY R 91 48.19 29.52 28.55
N GLY R 92 48.41 28.20 28.68
CA GLY R 92 47.31 27.28 28.82
C GLY R 92 46.60 27.38 30.16
N LEU R 93 47.28 27.90 31.19
CA LEU R 93 46.64 28.06 32.50
C LEU R 93 45.50 29.05 32.44
N PHE R 94 45.76 30.25 31.91
CA PHE R 94 44.68 31.22 31.75
C PHE R 94 43.73 30.81 30.63
N ALA R 95 44.26 30.20 29.57
CA ALA R 95 43.39 29.65 28.53
C ALA R 95 42.40 28.65 29.14
N GLY R 96 42.91 27.74 29.96
CA GLY R 96 42.03 26.82 30.66
C GLY R 96 41.11 27.53 31.65
N ALA R 97 41.65 28.51 32.37
CA ALA R 97 40.85 29.27 33.32
C ALA R 97 39.70 29.98 32.63
N THR R 98 39.96 30.56 31.45
CA THR R 98 38.92 31.30 30.74
C THR R 98 37.73 30.41 30.41
N MET R 99 37.98 29.19 29.93
CA MET R 99 36.87 28.29 29.63
C MET R 99 36.07 27.95 30.88
N GLY R 100 36.75 27.73 32.00
CA GLY R 100 36.05 27.45 33.24
C GLY R 100 35.16 28.59 33.69
N LEU R 101 35.56 29.83 33.40
CA LEU R 101 34.76 30.98 33.80
C LEU R 101 33.39 30.98 33.13
N THR R 102 33.28 30.39 31.95
CA THR R 102 31.99 30.36 31.26
C THR R 102 30.99 29.47 31.98
N THR R 103 31.45 28.38 32.59
CA THR R 103 30.56 27.50 33.34
C THR R 103 30.20 28.05 34.70
N GLY R 104 30.95 29.02 35.21
CA GLY R 104 30.66 29.59 36.52
C GLY R 104 30.80 28.61 37.66
N ARG R 105 31.82 27.75 37.60
CA ARG R 105 32.07 26.76 38.65
C ARG R 105 33.56 26.76 38.96
N ILE R 106 33.92 27.15 40.19
CA ILE R 106 35.33 27.26 40.56
C ILE R 106 36.11 25.98 40.29
N PRO R 107 35.63 24.78 40.66
CA PRO R 107 36.38 23.57 40.29
C PRO R 107 36.54 23.41 38.79
N ARG R 108 35.50 23.95 38.03
CA ARG R 108 35.67 23.91 36.55
C ARG R 108 36.78 24.89 36.15
N VAL R 109 36.90 26.00 36.81
CA VAL R 109 37.92 26.98 36.49
C VAL R 109 39.31 26.38 36.72
N LEU R 110 39.51 25.77 37.88
CA LEU R 110 40.84 25.23 38.21
C LEU R 110 41.15 24.00 37.38
N GLY R 111 40.20 23.08 37.27
CA GLY R 111 40.48 21.82 36.60
C GLY R 111 40.77 21.98 35.12
N PHE R 112 39.96 22.77 34.41
CA PHE R 112 40.21 22.99 33.00
C PHE R 112 41.47 23.82 32.78
N ALA R 113 41.80 24.70 33.72
CA ALA R 113 43.10 25.38 33.67
C ALA R 113 44.22 24.38 33.84
N ALA R 114 44.08 23.44 34.78
CA ALA R 114 45.12 22.43 34.99
C ALA R 114 45.25 21.52 33.78
N LEU R 115 44.12 21.05 33.25
CA LEU R 115 44.18 20.19 32.07
C LEU R 115 44.90 20.88 30.92
N THR R 116 44.46 22.09 30.58
CA THR R 116 45.02 22.79 29.42
C THR R 116 46.49 23.13 29.63
N GLY R 117 46.82 23.68 30.79
CA GLY R 117 48.19 24.07 31.06
C GLY R 117 49.15 22.89 31.05
N VAL R 118 48.67 21.70 31.40
CA VAL R 118 49.54 20.53 31.43
C VAL R 118 49.76 19.98 30.01
N VAL R 119 48.67 19.78 29.26
CA VAL R 119 48.81 19.24 27.91
C VAL R 119 49.59 20.20 27.03
N LEU R 120 49.29 21.49 27.11
CA LEU R 120 49.96 22.48 26.28
C LEU R 120 51.42 22.69 26.68
N ALA R 121 51.79 22.32 27.92
CA ALA R 121 53.18 22.42 28.33
C ALA R 121 53.98 21.20 27.92
N THR R 122 53.45 20.00 28.15
CA THR R 122 54.14 18.80 27.70
C THR R 122 54.20 18.75 26.19
N ALA R 123 53.28 19.43 25.51
CA ALA R 123 53.35 19.52 24.06
C ALA R 123 54.56 20.33 23.61
N GLU R 124 54.92 21.37 24.36
CA GLU R 124 56.04 22.20 23.97
C GLU R 124 57.37 21.66 24.49
N TYR R 125 57.39 21.05 25.67
CA TYR R 125 58.59 20.38 26.15
C TYR R 125 58.97 19.23 25.24
N ALA R 126 58.01 18.35 24.96
CA ALA R 126 58.27 17.23 24.07
C ALA R 126 58.35 17.63 22.61
N GLY R 127 57.63 18.67 22.21
CA GLY R 127 57.62 19.10 20.83
C GLY R 127 56.90 18.12 19.93
N SER R 128 55.58 18.02 20.11
CA SER R 128 54.79 17.05 19.36
C SER R 128 54.97 17.23 17.86
N GLY R 129 55.13 16.11 17.16
CA GLY R 129 55.37 16.10 15.74
C GLY R 129 54.20 16.50 14.87
N LEU R 130 53.14 17.07 15.45
CA LEU R 130 51.97 17.43 14.66
C LEU R 130 52.33 18.43 13.55
N ARG R 131 53.37 19.23 13.78
CA ARG R 131 53.97 20.02 12.72
C ARG R 131 55.31 19.46 12.24
N GLY R 132 55.84 18.45 12.94
CA GLY R 132 57.07 17.81 12.53
C GLY R 132 58.17 17.87 13.56
N VAL R 133 58.76 16.73 13.90
CA VAL R 133 59.86 16.70 14.84
C VAL R 133 61.12 17.26 14.19
N PHE R 134 62.05 17.71 15.02
CA PHE R 134 63.30 18.28 14.54
C PHE R 134 64.22 17.18 14.05
N LYS R 135 64.74 17.35 12.83
CA LYS R 135 65.65 16.37 12.26
C LYS R 135 67.07 16.63 12.75
N ARG R 136 67.70 15.60 13.29
CA ARG R 136 69.06 15.75 13.80
C ARG R 136 70.06 16.02 12.68
N ASP R 137 69.84 15.44 11.51
CA ASP R 137 70.72 15.61 10.34
C ASP R 137 72.16 15.21 10.66
N VAL R 138 72.33 14.16 11.45
CA VAL R 138 73.63 13.63 11.81
C VAL R 138 73.60 12.12 11.67
N ASP R 139 74.78 11.50 11.76
CA ASP R 139 74.88 10.04 11.70
C ASP R 139 74.21 9.48 12.94
N GLU R 140 72.99 8.96 12.78
CA GLU R 140 72.17 8.60 13.93
C GLU R 140 72.64 7.27 14.51
N TYR R 141 73.36 6.47 13.72
CA TYR R 141 74.13 5.33 14.20
C TYR R 141 75.16 5.78 15.23
N GLU R 142 75.83 6.91 14.99
CA GLU R 142 76.91 7.34 15.86
C GLU R 142 76.41 7.79 17.23
N ARG R 143 75.29 8.51 17.28
CA ARG R 143 74.75 8.95 18.55
C ARG R 143 74.37 7.76 19.43
N LYS R 144 73.76 6.74 18.84
CA LYS R 144 73.40 5.54 19.60
C LYS R 144 74.64 4.83 20.11
N GLU R 145 75.67 4.70 19.27
CA GLU R 145 76.88 4.01 19.68
C GLU R 145 77.56 4.74 20.84
N PHE R 146 77.62 6.07 20.77
CA PHE R 146 78.19 6.84 21.86
C PHE R 146 77.38 6.65 23.14
N LEU R 147 76.05 6.70 23.04
CA LEU R 147 75.20 6.49 24.21
C LEU R 147 75.30 5.06 24.70
N ARG R 148 75.57 4.11 23.79
CA ARG R 148 75.61 2.70 24.16
C ARG R 148 76.85 2.36 24.97
N LYS R 149 78.01 2.90 24.58
CA LYS R 149 79.28 2.48 25.15
C LYS R 149 79.92 3.53 26.04
N ASN R 150 79.21 4.61 26.38
CA ASN R 150 79.72 5.61 27.33
C ASN R 150 79.59 5.06 28.74
N ARG R 151 80.32 3.96 28.99
CA ARG R 151 80.08 3.17 30.18
C ARG R 151 80.92 3.67 31.36
N ARG R 152 81.89 4.53 31.12
CA ARG R 152 82.68 5.12 32.19
C ARG R 152 82.96 6.56 31.84
N ARG R 153 82.78 7.44 32.82
CA ARG R 153 82.78 8.88 32.62
C ARG R 153 83.73 9.55 33.60
N PRO R 154 84.28 10.77 33.38
CA PRO R 154 85.08 11.42 34.42
C PRO R 154 84.26 11.69 35.68
N ILE R 155 84.87 11.52 36.87
CA ILE R 155 84.15 11.65 38.16
C ILE R 155 83.62 13.07 38.35
N GLU R 156 84.26 14.06 37.74
CA GLU R 156 83.83 15.47 37.91
C GLU R 156 82.42 15.65 37.37
N GLU R 157 82.09 15.01 36.24
CA GLU R 157 80.75 15.23 35.63
C GLU R 157 79.69 14.75 36.61
N THR R 158 79.92 13.60 37.23
CA THR R 158 78.95 13.05 38.22
C THR R 158 78.89 13.98 39.43
N LEU R 159 80.05 14.46 39.90
CA LEU R 159 80.09 15.31 41.11
C LEU R 159 79.30 16.59 40.85
N ALA R 160 79.29 17.10 39.61
CA ALA R 160 78.46 18.29 39.33
C ALA R 160 76.98 17.97 39.55
N GLU R 161 76.51 16.87 38.99
CA GLU R 161 75.07 16.49 39.11
C GLU R 161 74.70 16.01 40.52
N ILE R 162 75.53 15.19 41.14
CA ILE R 162 75.12 14.58 42.44
C ILE R 162 75.79 15.26 43.63
N GLY R 163 76.90 15.95 43.42
CA GLY R 163 77.53 16.69 44.52
C GLY R 163 78.44 15.83 45.39
N GLU R 164 78.69 16.27 46.61
CA GLU R 164 79.59 15.58 47.51
C GLU R 164 78.82 15.09 48.73
N GLY R 165 79.32 14.02 49.35
CA GLY R 165 78.63 13.46 50.49
C GLY R 165 77.44 12.60 50.09
N ARG R 166 76.54 12.40 51.07
CA ARG R 166 75.43 11.46 50.94
C ARG R 166 75.94 10.07 50.53
N GLY R 167 77.05 9.66 51.13
CA GLY R 167 77.70 8.41 50.76
C GLY R 167 78.64 8.52 49.59
N ILE R 168 78.65 9.64 48.88
CA ILE R 168 79.55 9.86 47.76
C ILE R 168 80.73 10.65 48.31
N LYS R 169 81.80 9.93 48.66
CA LYS R 169 82.96 10.50 49.35
C LYS R 169 84.19 10.20 48.50
N PRO R 170 84.43 10.96 47.45
CA PRO R 170 85.59 10.72 46.59
C PRO R 170 86.89 10.91 47.36
N PRO R 171 87.98 10.32 46.89
CA PRO R 171 89.27 10.53 47.56
C PRO R 171 89.57 12.01 47.70
N GLY R 172 90.03 12.39 48.90
CA GLY R 172 90.19 13.78 49.23
C GLY R 172 88.98 14.43 49.85
N TYR R 173 88.01 13.63 50.32
CA TYR R 173 86.82 14.20 50.95
C TYR R 173 87.15 14.88 52.27
N TYR R 174 88.02 14.27 53.07
CA TYR R 174 88.22 14.75 54.44
C TYR R 174 88.97 16.07 54.47
N GLU R 175 89.91 16.27 53.53
CA GLU R 175 90.67 17.52 53.50
C GLU R 175 89.75 18.70 53.20
N ARG R 176 88.96 18.60 52.12
CA ARG R 176 88.04 19.67 51.79
C ARG R 176 86.92 19.78 52.81
N ARG R 177 86.59 18.67 53.49
CA ARG R 177 85.57 18.73 54.53
C ARG R 177 85.99 19.65 55.66
N ALA R 178 87.25 19.56 56.08
CA ALA R 178 87.75 20.47 57.12
C ALA R 178 87.74 21.91 56.64
N GLN R 179 88.14 22.15 55.38
CA GLN R 179 88.16 23.50 54.85
C GLN R 179 86.76 24.11 54.80
N ARG R 180 85.77 23.32 54.39
CA ARG R 180 84.40 23.82 54.35
C ARG R 180 83.89 24.17 55.74
N LEU R 181 84.19 23.32 56.73
CA LEU R 181 83.74 23.57 58.09
C LEU R 181 84.41 24.79 58.69
N LYS R 182 85.70 24.98 58.41
CA LYS R 182 86.42 26.14 58.91
C LYS R 182 85.83 27.43 58.33
N GLU R 183 85.46 27.40 57.05
CA GLU R 183 84.94 28.63 56.39
C GLU R 183 83.56 28.97 56.95
N LYS R 184 82.76 27.96 57.31
CA LYS R 184 81.39 28.20 57.76
C LYS R 184 81.30 28.35 59.28
N TYR R 185 81.99 27.52 60.04
CA TYR R 185 81.87 27.52 61.49
C TYR R 185 83.09 28.08 62.20
N GLY R 186 84.21 28.27 61.50
CA GLY R 186 85.41 28.78 62.15
C GLY R 186 85.95 27.84 63.22
N VAL R 187 85.91 26.54 62.96
CA VAL R 187 86.37 25.54 63.92
C VAL R 187 87.37 24.63 63.22
N ASP R 188 88.56 24.51 63.79
CA ASP R 188 89.56 23.61 63.23
C ASP R 188 89.17 22.16 63.46
N ILE R 189 89.43 21.32 62.47
CA ILE R 189 89.11 19.90 62.55
C ILE R 189 90.33 19.16 63.06
N ASN R 190 90.19 18.47 64.18
CA ASN R 190 91.27 17.70 64.77
C ASN R 190 90.73 16.62 65.70
N PRO R 191 90.39 15.44 65.17
CA PRO R 191 89.93 14.35 66.04
C PRO R 191 91.01 13.96 67.04
N VAL R 192 90.57 13.63 68.25
CA VAL R 192 91.49 13.30 69.33
C VAL R 192 91.97 11.86 69.18
N CYS R 193 93.23 11.64 69.54
CA CYS R 193 93.78 10.29 69.51
C CYS R 193 93.12 9.42 70.58
N ALA R 194 92.81 8.18 70.21
CA ALA R 194 92.15 7.24 71.11
C ALA R 194 93.12 6.39 71.91
N ASP R 195 94.42 6.57 71.73
CA ASP R 195 95.42 5.81 72.45
C ASP R 195 96.12 6.68 73.47
N PRO R 196 96.18 6.27 74.74
CA PRO R 196 96.91 7.07 75.73
C PRO R 196 98.38 7.25 75.38
N ASP R 197 99.02 6.22 74.82
CA ASP R 197 100.42 6.35 74.41
C ASP R 197 100.59 7.35 73.28
N GLN R 198 99.68 7.33 72.31
CA GLN R 198 99.72 8.23 71.16
C GLN R 198 101.05 8.15 70.42
N VAL S 49 -39.05 66.70 -22.44
CA VAL S 49 -38.05 67.66 -21.87
C VAL S 49 -36.70 67.32 -22.53
N GLU S 50 -36.73 66.59 -23.65
CA GLU S 50 -35.48 66.24 -24.40
C GLU S 50 -34.38 65.71 -23.47
N PRO S 51 -34.52 64.53 -22.82
CA PRO S 51 -33.54 63.98 -21.88
C PRO S 51 -32.19 64.70 -21.98
N TYR S 52 -31.37 64.36 -22.97
CA TYR S 52 -30.15 65.12 -23.22
C TYR S 52 -30.42 66.14 -24.31
N PRO S 53 -29.68 67.26 -24.32
CA PRO S 53 -30.10 68.41 -25.14
C PRO S 53 -30.29 68.13 -26.62
N GLY S 54 -29.46 67.27 -27.21
CA GLY S 54 -29.56 67.02 -28.64
C GLY S 54 -30.36 65.78 -28.99
N TYR S 55 -31.18 65.30 -28.06
CA TYR S 55 -31.86 64.02 -28.25
C TYR S 55 -32.84 64.06 -29.41
N GLU S 56 -33.63 65.14 -29.51
CA GLU S 56 -34.68 65.21 -30.52
C GLU S 56 -34.10 65.22 -31.93
N LEU S 57 -33.03 65.98 -32.15
CA LEU S 57 -32.48 66.11 -33.49
C LEU S 57 -31.66 64.88 -33.91
N ARG S 58 -31.11 64.15 -32.94
CA ARG S 58 -30.24 63.02 -33.26
C ARG S 58 -30.99 61.82 -33.81
N LYS S 59 -32.32 61.80 -33.71
CA LYS S 59 -33.08 60.67 -34.25
C LYS S 59 -33.09 60.64 -35.78
N SER S 60 -32.64 61.71 -36.45
CA SER S 60 -32.67 61.77 -37.89
C SER S 60 -31.32 61.47 -38.54
N LEU S 61 -30.26 61.32 -37.75
CA LEU S 61 -28.92 61.05 -38.28
C LEU S 61 -28.40 59.68 -37.86
N ARG S 62 -29.28 58.77 -37.45
CA ARG S 62 -28.88 57.45 -36.98
C ARG S 62 -28.59 56.55 -38.17
N LYS S 63 -27.32 56.21 -38.37
CA LYS S 63 -26.94 55.35 -39.48
C LYS S 63 -27.44 53.93 -39.24
N GLU S 64 -28.07 53.36 -40.26
CA GLU S 64 -28.61 52.00 -40.20
C GLU S 64 -27.67 51.06 -40.93
N VAL S 65 -27.01 50.17 -40.19
CA VAL S 65 -26.01 49.29 -40.77
C VAL S 65 -26.66 47.98 -41.19
N PRO S 66 -26.21 47.37 -42.29
CA PRO S 66 -26.82 46.12 -42.75
C PRO S 66 -26.46 44.94 -41.85
N LEU S 67 -27.36 43.98 -41.87
CA LEU S 67 -27.15 42.74 -41.09
C LEU S 67 -26.01 41.92 -41.68
N PRO S 68 -25.23 41.17 -40.85
CA PRO S 68 -24.10 40.41 -41.37
C PRO S 68 -24.47 39.46 -42.51
N SER S 69 -25.68 38.90 -42.50
CA SER S 69 -26.07 37.96 -43.55
C SER S 69 -26.22 38.63 -44.90
N GLN S 70 -26.48 39.93 -44.95
CA GLN S 70 -26.65 40.64 -46.22
C GLN S 70 -25.63 41.76 -46.36
N GLU S 71 -24.45 41.58 -45.80
CA GLU S 71 -23.37 42.54 -45.91
C GLU S 71 -22.41 42.14 -47.03
N GLY S 72 -21.62 43.10 -47.48
CA GLY S 72 -20.68 42.87 -48.55
C GLY S 72 -19.26 43.28 -48.16
N THR S 73 -18.34 43.02 -49.07
CA THR S 73 -16.93 43.35 -48.88
C THR S 73 -16.56 44.47 -49.84
N LYS S 74 -16.12 45.60 -49.30
CA LYS S 74 -15.74 46.75 -50.10
C LYS S 74 -14.50 47.39 -49.52
N GLY S 75 -13.44 47.48 -50.31
CA GLY S 75 -12.19 48.08 -49.89
C GLY S 75 -11.06 47.07 -49.90
N LEU S 76 -10.09 47.30 -49.01
CA LEU S 76 -8.95 46.40 -48.85
C LEU S 76 -8.92 45.74 -47.49
N VAL S 77 -9.06 46.52 -46.41
CA VAL S 77 -9.08 45.94 -45.07
C VAL S 77 -10.23 44.95 -44.95
N GLN S 78 -11.39 45.31 -45.50
CA GLN S 78 -12.48 44.34 -45.59
C GLN S 78 -12.05 43.12 -46.39
N TYR S 79 -11.51 43.33 -47.59
CA TYR S 79 -11.12 42.22 -48.45
C TYR S 79 -10.06 41.35 -47.79
N ALA S 80 -9.10 41.98 -47.11
CA ALA S 80 -8.10 41.22 -46.37
C ALA S 80 -8.77 40.29 -45.36
N LEU S 81 -9.67 40.84 -44.54
CA LEU S 81 -10.30 40.03 -43.50
C LEU S 81 -11.15 38.90 -44.07
N THR S 82 -11.74 39.09 -45.26
CA THR S 82 -12.39 37.95 -45.90
C THR S 82 -11.38 36.91 -46.35
N THR S 83 -10.21 37.36 -46.82
CA THR S 83 -9.19 36.41 -47.29
C THR S 83 -8.74 35.49 -46.15
N LEU S 84 -8.40 36.07 -45.00
CA LEU S 84 -8.13 35.26 -43.82
C LEU S 84 -9.36 34.42 -43.46
N ASP S 85 -10.55 34.98 -43.59
CA ASP S 85 -11.76 34.20 -43.36
C ASP S 85 -11.83 32.99 -44.28
N ILE S 86 -11.55 33.19 -45.58
CA ILE S 86 -11.54 32.06 -46.50
C ILE S 86 -10.44 31.07 -46.12
N ILE S 87 -9.25 31.60 -45.80
CA ILE S 87 -8.12 30.73 -45.49
C ILE S 87 -8.39 29.90 -44.25
N THR S 88 -8.82 30.55 -43.16
CA THR S 88 -9.08 29.83 -41.92
C THR S 88 -10.23 28.83 -42.07
N ASN S 89 -11.22 29.15 -42.91
CA ASN S 89 -12.33 28.23 -43.11
C ASN S 89 -11.94 27.07 -44.01
N TRP S 90 -11.07 27.33 -44.99
CA TRP S 90 -10.57 26.25 -45.84
C TRP S 90 -9.84 25.20 -45.03
N ALA S 91 -9.11 25.63 -44.00
CA ALA S 91 -8.39 24.70 -43.14
C ALA S 91 -9.34 23.91 -42.26
N ARG S 92 -10.40 24.55 -41.76
CA ARG S 92 -11.38 23.85 -40.94
C ARG S 92 -12.13 22.81 -41.76
N GLN S 93 -12.45 23.12 -43.01
CA GLN S 93 -13.11 22.14 -43.87
C GLN S 93 -12.14 21.06 -44.33
N GLY S 94 -10.90 21.44 -44.64
CA GLY S 94 -9.97 20.51 -45.26
C GLY S 94 -9.46 19.43 -44.31
N SER S 95 -9.45 19.72 -43.01
CA SER S 95 -9.05 18.74 -42.00
C SER S 95 -10.20 18.66 -40.98
N PHE S 96 -11.18 17.81 -41.29
CA PHE S 96 -12.39 17.67 -40.50
C PHE S 96 -12.21 16.40 -39.67
N TRP S 97 -11.94 16.57 -38.38
CA TRP S 97 -11.59 15.45 -37.51
C TRP S 97 -12.69 15.17 -36.50
N PRO S 98 -13.56 14.20 -36.73
CA PRO S 98 -14.62 13.91 -35.77
C PRO S 98 -14.16 13.00 -34.65
N MET S 99 -14.76 13.21 -33.47
CA MET S 99 -14.65 12.27 -32.36
C MET S 99 -15.95 11.47 -32.33
N THR S 100 -15.89 10.28 -32.91
CA THR S 100 -17.09 9.44 -33.09
C THR S 100 -17.51 8.86 -31.75
N PHE S 101 -18.50 9.36 -31.13
CA PHE S 101 -19.07 8.71 -29.92
C PHE S 101 -20.04 7.66 -30.50
N GLY S 102 -19.60 6.53 -30.92
CA GLY S 102 -20.33 5.44 -31.55
C GLY S 102 -21.14 4.62 -30.57
N LEU S 103 -22.29 5.18 -30.16
CA LEU S 103 -23.07 4.58 -29.09
C LEU S 103 -23.71 3.27 -29.52
N ALA S 104 -24.24 3.22 -30.73
CA ALA S 104 -24.93 1.98 -31.16
C ALA S 104 -24.85 1.68 -32.67
N CYS S 105 -25.94 1.23 -33.28
CA CYS S 105 -25.99 0.80 -34.72
C CYS S 105 -25.73 1.95 -35.69
N CYS S 106 -26.03 3.18 -35.35
CA CYS S 106 -25.60 4.30 -36.23
C CYS S 106 -24.06 4.30 -36.37
N ALA S 107 -23.32 3.86 -35.35
CA ALA S 107 -21.87 3.80 -35.52
C ALA S 107 -21.44 2.86 -36.62
N VAL S 108 -22.28 1.87 -36.98
CA VAL S 108 -21.92 0.96 -38.06
C VAL S 108 -21.97 1.69 -39.40
N GLU S 109 -23.00 2.50 -39.62
CA GLU S 109 -23.06 3.32 -40.82
C GLU S 109 -21.97 4.39 -40.81
N MET S 110 -21.69 4.95 -39.63
CA MET S 110 -20.60 5.89 -39.48
C MET S 110 -19.25 5.23 -39.77
N MET S 111 -19.07 3.99 -39.31
CA MET S 111 -17.85 3.25 -39.59
C MET S 111 -17.70 2.93 -41.07
N HIS S 112 -18.80 2.86 -41.82
CA HIS S 112 -18.74 2.58 -43.24
C HIS S 112 -18.32 3.81 -44.06
N LEU S 113 -18.20 4.98 -43.44
CA LEU S 113 -17.71 6.15 -44.15
C LEU S 113 -16.19 6.16 -44.29
N SER S 114 -15.48 5.40 -43.47
CA SER S 114 -14.04 5.28 -43.55
C SER S 114 -13.58 4.14 -44.44
N THR S 115 -14.51 3.34 -44.95
CA THR S 115 -14.22 2.15 -45.73
C THR S 115 -14.00 2.53 -47.19
N PRO S 116 -13.50 1.60 -48.02
CA PRO S 116 -13.08 1.97 -49.37
C PRO S 116 -14.16 2.62 -50.24
N ARG S 117 -15.43 2.22 -50.12
CA ARG S 117 -16.43 2.75 -51.05
C ARG S 117 -16.55 4.27 -50.95
N TYR S 118 -16.50 4.80 -49.73
CA TYR S 118 -16.67 6.24 -49.53
C TYR S 118 -15.39 6.97 -49.14
N ASP S 119 -14.51 6.31 -48.38
CA ASP S 119 -13.16 6.80 -48.10
C ASP S 119 -13.15 8.26 -47.69
N GLN S 120 -13.69 8.52 -46.49
CA GLN S 120 -13.73 9.88 -45.96
C GLN S 120 -12.34 10.52 -45.93
N ASP S 121 -11.30 9.70 -45.80
CA ASP S 121 -9.93 10.21 -45.79
C ASP S 121 -9.59 10.94 -47.08
N ARG S 122 -10.22 10.55 -48.20
CA ARG S 122 -10.01 11.27 -49.46
C ARG S 122 -10.42 12.73 -49.36
N LEU S 123 -11.38 13.05 -48.49
CA LEU S 123 -11.82 14.42 -48.30
C LEU S 123 -11.11 15.11 -47.13
N GLY S 124 -10.28 14.39 -46.39
CA GLY S 124 -9.59 14.94 -45.24
C GLY S 124 -10.18 14.58 -43.90
N ILE S 125 -11.18 13.70 -43.86
CA ILE S 125 -11.80 13.32 -42.60
C ILE S 125 -10.97 12.21 -41.95
N ILE S 126 -10.52 12.45 -40.72
CA ILE S 126 -9.82 11.46 -39.93
C ILE S 126 -10.55 11.32 -38.61
N PHE S 127 -10.93 10.08 -38.27
CA PHE S 127 -11.57 9.85 -36.98
C PHE S 127 -10.53 9.93 -35.86
N ARG S 128 -10.92 10.53 -34.74
CA ARG S 128 -10.01 10.73 -33.62
C ARG S 128 -10.62 10.11 -32.37
N ALA S 129 -9.78 9.43 -31.58
CA ALA S 129 -10.26 8.73 -30.39
C ALA S 129 -10.53 9.68 -29.23
N SER S 130 -9.72 10.72 -29.05
CA SER S 130 -9.96 11.56 -27.90
C SER S 130 -10.58 12.90 -28.30
N PRO S 131 -11.41 13.47 -27.44
CA PRO S 131 -11.96 14.80 -27.72
C PRO S 131 -10.92 15.89 -27.84
N ARG S 132 -9.74 15.72 -27.23
CA ARG S 132 -8.72 16.76 -27.26
C ARG S 132 -8.23 17.04 -28.67
N GLN S 133 -8.18 16.03 -29.53
CA GLN S 133 -7.67 16.16 -30.87
C GLN S 133 -8.77 16.42 -31.90
N SER S 134 -10.00 16.60 -31.46
CA SER S 134 -11.17 16.54 -32.34
C SER S 134 -11.82 17.90 -32.48
N ASP S 135 -12.47 18.10 -33.62
CA ASP S 135 -13.21 19.37 -33.89
C ASP S 135 -14.73 19.13 -33.85
N VAL S 136 -15.18 17.93 -34.20
CA VAL S 136 -16.62 17.66 -34.29
C VAL S 136 -16.97 16.44 -33.47
N MET S 137 -18.09 16.52 -32.76
CA MET S 137 -18.68 15.39 -32.07
C MET S 137 -19.84 14.84 -32.90
N ILE S 138 -19.76 13.57 -33.27
CA ILE S 138 -20.86 12.88 -33.92
C ILE S 138 -21.48 11.94 -32.90
N VAL S 139 -22.68 12.29 -32.44
CA VAL S 139 -23.44 11.45 -31.51
C VAL S 139 -24.21 10.45 -32.37
N ALA S 140 -23.70 9.21 -32.43
CA ALA S 140 -24.22 8.18 -33.33
C ALA S 140 -24.71 7.02 -32.49
N GLY S 141 -25.93 7.19 -32.00
CA GLY S 141 -26.43 6.16 -31.10
C GLY S 141 -27.39 6.67 -30.08
N THR S 142 -28.00 5.73 -29.37
CA THR S 142 -29.00 6.07 -28.35
C THR S 142 -28.29 6.52 -27.09
N LEU S 143 -28.62 7.69 -26.62
CA LEU S 143 -28.04 8.25 -25.41
C LEU S 143 -28.93 7.88 -24.23
N THR S 144 -28.43 7.00 -23.37
CA THR S 144 -29.16 6.66 -22.16
C THR S 144 -28.85 7.67 -21.06
N ASN S 145 -29.72 7.69 -20.05
CA ASN S 145 -29.48 8.55 -18.89
C ASN S 145 -28.17 8.19 -18.22
N LYS S 146 -27.88 6.89 -18.11
CA LYS S 146 -26.66 6.43 -17.47
C LYS S 146 -25.42 6.91 -18.23
N MET S 147 -25.54 7.15 -19.53
CA MET S 147 -24.41 7.53 -20.36
C MET S 147 -24.27 9.05 -20.54
N ALA S 148 -25.34 9.80 -20.31
CA ALA S 148 -25.30 11.24 -20.56
C ALA S 148 -24.18 11.99 -19.83
N PRO S 149 -23.88 11.73 -18.54
CA PRO S 149 -22.77 12.46 -17.92
C PRO S 149 -21.45 12.29 -18.66
N ALA S 150 -21.19 11.09 -19.20
CA ALA S 150 -19.97 10.86 -19.97
C ALA S 150 -19.95 11.69 -21.25
N LEU S 151 -21.10 11.79 -21.93
CA LEU S 151 -21.16 12.57 -23.17
C LEU S 151 -20.91 14.05 -22.90
N ARG S 152 -21.50 14.58 -21.82
CA ARG S 152 -21.28 15.97 -21.45
C ARG S 152 -19.82 16.21 -21.11
N GLN S 153 -19.17 15.24 -20.47
CA GLN S 153 -17.78 15.38 -20.08
C GLN S 153 -16.86 15.47 -21.29
N VAL S 154 -17.06 14.61 -22.30
CA VAL S 154 -16.18 14.66 -23.47
C VAL S 154 -16.46 15.89 -24.31
N TYR S 155 -17.71 16.37 -24.33
CA TYR S 155 -18.01 17.62 -25.02
C TYR S 155 -17.30 18.78 -24.36
N ASP S 156 -17.23 18.79 -23.03
CA ASP S 156 -16.54 19.85 -22.30
C ASP S 156 -15.04 19.84 -22.53
N GLN S 157 -14.48 18.70 -22.90
CA GLN S 157 -13.05 18.57 -23.14
C GLN S 157 -12.67 18.82 -24.59
N MET S 158 -13.60 19.31 -25.40
CA MET S 158 -13.26 19.57 -26.80
C MET S 158 -12.80 21.01 -26.97
N PRO S 159 -11.63 21.25 -27.54
CA PRO S 159 -11.17 22.62 -27.75
C PRO S 159 -11.99 23.33 -28.82
N ASP S 160 -12.09 24.64 -28.68
CA ASP S 160 -12.75 25.44 -29.70
C ASP S 160 -11.80 25.73 -30.86
N PRO S 161 -12.33 25.88 -32.08
CA PRO S 161 -13.74 25.74 -32.46
C PRO S 161 -14.21 24.30 -32.46
N ARG S 162 -15.48 24.08 -32.12
CA ARG S 162 -16.02 22.74 -32.01
C ARG S 162 -17.46 22.73 -32.52
N TRP S 163 -17.91 21.55 -32.94
CA TRP S 163 -19.26 21.37 -33.45
C TRP S 163 -19.78 20.01 -33.02
N VAL S 164 -21.10 19.89 -32.99
CA VAL S 164 -21.76 18.63 -32.67
C VAL S 164 -22.70 18.28 -33.81
N ILE S 165 -22.61 17.04 -34.29
CA ILE S 165 -23.56 16.49 -35.25
C ILE S 165 -24.36 15.41 -34.56
N SER S 166 -25.67 15.62 -34.47
CA SER S 166 -26.57 14.58 -34.01
C SER S 166 -26.94 13.70 -35.19
N MET S 167 -26.63 12.41 -35.12
CA MET S 167 -26.87 11.49 -36.21
C MET S 167 -27.83 10.40 -35.74
N GLY S 168 -28.93 10.27 -36.45
CA GLY S 168 -29.90 9.23 -36.11
C GLY S 168 -31.08 9.68 -35.30
N SER S 169 -32.18 8.98 -35.43
CA SER S 169 -33.45 9.34 -34.75
C SER S 169 -33.28 9.34 -33.23
N CYS S 170 -32.55 8.38 -32.67
CA CYS S 170 -32.32 8.27 -31.23
C CYS S 170 -31.57 9.46 -30.71
N ALA S 171 -30.45 9.78 -31.35
CA ALA S 171 -29.73 10.98 -30.93
C ALA S 171 -30.56 12.24 -31.16
N ASN S 172 -31.41 12.24 -32.18
CA ASN S 172 -32.17 13.44 -32.51
C ASN S 172 -33.28 13.70 -31.49
N GLY S 173 -34.23 12.78 -31.38
CA GLY S 173 -35.36 13.02 -30.49
C GLY S 173 -35.73 11.86 -29.59
N GLY S 174 -34.89 10.83 -29.54
CA GLY S 174 -35.15 9.63 -28.78
C GLY S 174 -35.42 8.41 -29.64
N GLY S 175 -36.09 8.60 -30.76
CA GLY S 175 -36.19 7.54 -31.76
C GLY S 175 -37.20 6.47 -31.38
N TYR S 176 -36.87 5.21 -31.46
CA TYR S 176 -37.74 4.05 -31.11
C TYR S 176 -37.89 3.91 -29.59
N TYR S 177 -37.05 4.63 -28.86
CA TYR S 177 -37.02 4.47 -27.40
C TYR S 177 -37.42 5.77 -26.75
N HIS S 178 -38.10 6.68 -27.46
CA HIS S 178 -38.51 7.97 -26.92
C HIS S 178 -39.36 7.82 -25.66
N TYR S 179 -40.08 6.72 -25.54
CA TYR S 179 -40.98 6.50 -24.41
C TYR S 179 -40.38 5.59 -23.36
N SER S 180 -39.07 5.40 -23.40
CA SER S 180 -38.36 4.56 -22.44
C SER S 180 -38.00 5.35 -21.19
N TYR S 181 -37.97 4.64 -20.06
CA TYR S 181 -37.58 5.21 -18.78
C TYR S 181 -36.09 5.52 -18.69
N SER S 182 -35.26 4.99 -19.59
CA SER S 182 -33.81 5.08 -19.46
C SER S 182 -33.15 5.87 -20.59
N VAL S 183 -33.92 6.58 -21.41
CA VAL S 183 -33.41 7.17 -22.64
C VAL S 183 -33.60 8.68 -22.59
N VAL S 184 -32.58 9.42 -23.00
CA VAL S 184 -32.67 10.86 -23.18
C VAL S 184 -33.36 11.15 -24.50
N ARG S 185 -34.42 11.96 -24.47
CA ARG S 185 -35.23 12.22 -25.65
C ARG S 185 -34.56 13.28 -26.54
N GLY S 186 -33.37 12.93 -27.02
CA GLY S 186 -32.59 13.79 -27.86
C GLY S 186 -31.37 14.38 -27.17
N CYS S 187 -30.19 14.21 -27.78
CA CYS S 187 -28.97 14.69 -27.17
C CYS S 187 -28.92 16.21 -27.04
N ASP S 188 -29.80 16.92 -27.74
CA ASP S 188 -29.84 18.38 -27.58
C ASP S 188 -30.40 18.81 -26.23
N ARG S 189 -30.89 17.88 -25.42
CA ARG S 189 -31.13 18.16 -24.01
C ARG S 189 -29.83 18.26 -23.22
N ILE S 190 -28.73 17.73 -23.76
CA ILE S 190 -27.46 17.64 -23.06
C ILE S 190 -26.40 18.55 -23.66
N VAL S 191 -26.29 18.55 -25.00
CA VAL S 191 -25.27 19.35 -25.69
C VAL S 191 -25.94 20.15 -26.80
N PRO S 192 -25.40 21.30 -27.19
CA PRO S 192 -25.94 21.99 -28.37
C PRO S 192 -25.51 21.30 -29.65
N VAL S 193 -26.42 21.26 -30.62
CA VAL S 193 -26.26 20.48 -31.83
C VAL S 193 -26.23 21.43 -33.02
N ASP S 194 -25.27 21.22 -33.93
CA ASP S 194 -25.13 22.04 -35.11
C ASP S 194 -25.89 21.49 -36.31
N VAL S 195 -25.85 20.17 -36.51
CA VAL S 195 -26.52 19.52 -37.64
C VAL S 195 -27.24 18.28 -37.14
N TYR S 196 -28.48 18.10 -37.59
CA TYR S 196 -29.26 16.89 -37.31
C TYR S 196 -29.37 16.08 -38.59
N VAL S 197 -28.96 14.82 -38.53
CA VAL S 197 -28.99 13.91 -39.68
C VAL S 197 -30.11 12.90 -39.44
N PRO S 198 -31.12 12.85 -40.31
CA PRO S 198 -32.25 11.93 -40.08
C PRO S 198 -32.03 10.56 -40.72
N GLY S 199 -32.81 9.60 -40.24
CA GLY S 199 -32.67 8.20 -40.61
C GLY S 199 -32.42 7.33 -39.40
N CYS S 200 -32.85 6.08 -39.40
CA CYS S 200 -32.62 5.07 -38.32
C CYS S 200 -32.26 3.71 -38.91
N PRO S 201 -31.06 3.45 -39.41
CA PRO S 201 -29.97 4.47 -39.48
C PRO S 201 -29.85 5.36 -40.72
N PRO S 202 -29.35 6.62 -40.66
CA PRO S 202 -29.05 7.32 -41.91
C PRO S 202 -28.04 6.51 -42.70
N THR S 203 -28.16 6.57 -44.03
CA THR S 203 -27.18 5.89 -44.85
C THR S 203 -25.83 6.58 -44.74
N SER S 204 -24.78 5.87 -45.14
CA SER S 204 -23.45 6.46 -45.15
C SER S 204 -23.42 7.73 -45.98
N GLU S 205 -24.17 7.74 -47.09
CA GLU S 205 -24.27 8.95 -47.90
C GLU S 205 -25.04 10.05 -47.17
N ALA S 206 -26.07 9.67 -46.40
CA ALA S 206 -26.82 10.65 -45.63
C ALA S 206 -25.95 11.28 -44.54
N LEU S 207 -25.10 10.50 -43.91
CA LEU S 207 -24.12 11.06 -42.97
C LEU S 207 -23.16 11.99 -43.69
N MET S 208 -22.69 11.59 -44.87
CA MET S 208 -21.79 12.44 -45.64
C MET S 208 -22.46 13.74 -46.03
N TYR S 209 -23.75 13.69 -46.38
CA TYR S 209 -24.48 14.91 -46.71
C TYR S 209 -24.51 15.87 -45.53
N GLY S 210 -24.72 15.36 -44.33
CA GLY S 210 -24.72 16.21 -43.15
C GLY S 210 -23.36 16.82 -42.87
N ILE S 211 -22.28 16.04 -43.06
CA ILE S 211 -20.94 16.58 -42.91
C ILE S 211 -20.69 17.68 -43.92
N PHE S 212 -21.18 17.50 -45.15
CA PHE S 212 -21.09 18.55 -46.15
C PHE S 212 -21.82 19.81 -45.71
N GLN S 213 -22.99 19.66 -45.08
CA GLN S 213 -23.72 20.82 -44.58
C GLN S 213 -22.93 21.55 -43.51
N LEU S 214 -22.28 20.81 -42.61
CA LEU S 214 -21.47 21.45 -41.59
C LEU S 214 -20.26 22.14 -42.19
N GLN S 215 -19.65 21.54 -43.23
CA GLN S 215 -18.55 22.22 -43.91
C GLN S 215 -19.04 23.49 -44.61
N ARG S 216 -20.21 23.43 -45.24
CA ARG S 216 -20.79 24.64 -45.81
C ARG S 216 -21.11 25.65 -44.73
N LYS S 217 -21.45 25.17 -43.53
CA LYS S 217 -21.64 26.07 -42.39
C LYS S 217 -20.33 26.74 -41.98
N MET S 218 -19.25 25.95 -41.90
CA MET S 218 -17.94 26.53 -41.63
C MET S 218 -17.53 27.49 -42.74
N ARG S 219 -17.79 27.12 -43.99
CA ARG S 219 -17.38 27.94 -45.12
C ARG S 219 -18.05 29.31 -45.10
N ASN S 220 -19.26 29.40 -44.53
CA ASN S 220 -19.96 30.67 -44.41
C ASN S 220 -19.78 31.33 -43.05
N THR S 221 -18.97 30.75 -42.16
CA THR S 221 -18.72 31.34 -40.86
C THR S 221 -17.84 32.58 -41.03
N LYS S 222 -18.27 33.69 -40.46
CA LYS S 222 -17.52 34.94 -40.50
C LYS S 222 -16.75 35.08 -39.20
N ILE S 223 -15.42 35.16 -39.30
CA ILE S 223 -14.58 35.14 -38.11
C ILE S 223 -13.86 36.47 -37.95
N THR S 224 -13.02 36.83 -38.93
CA THR S 224 -12.35 38.12 -38.87
C THR S 224 -13.28 39.27 -39.25
N ARG S 225 -14.32 39.00 -40.04
CA ARG S 225 -15.29 40.04 -40.34
C ARG S 225 -16.31 40.21 -39.22
N MET S 226 -16.52 39.17 -38.40
CA MET S 226 -17.42 39.31 -37.27
C MET S 226 -16.84 40.23 -36.22
N TRP S 227 -15.55 40.06 -35.91
CA TRP S 227 -14.87 40.99 -35.02
C TRP S 227 -14.80 42.38 -35.64
N TYR S 228 -14.66 42.45 -36.96
CA TYR S 228 -14.58 43.74 -37.63
C TYR S 228 -15.90 44.50 -37.62
N ARG S 229 -17.02 43.80 -37.60
CA ARG S 229 -18.30 44.48 -37.43
C ARG S 229 -18.42 45.07 -36.03
N LYS S 230 -18.01 44.30 -35.02
CA LYS S 230 -18.03 44.71 -33.63
C LYS S 230 -17.48 43.60 -32.75
N ASN T 2 38.38 28.12 -13.91
CA ASN T 2 37.73 29.00 -12.94
C ASN T 2 36.27 28.61 -12.78
N ILE T 3 35.58 28.44 -13.91
CA ILE T 3 34.21 27.93 -13.89
C ILE T 3 34.17 26.57 -13.21
N THR T 4 35.17 25.72 -13.48
CA THR T 4 35.20 24.39 -12.86
C THR T 4 35.26 24.50 -11.35
N LEU T 5 35.98 25.49 -10.82
CA LEU T 5 36.05 25.69 -9.39
C LEU T 5 34.69 26.09 -8.83
N ILE T 6 34.01 27.04 -9.49
CA ILE T 6 32.69 27.48 -9.04
C ILE T 6 31.72 26.32 -9.02
N LEU T 7 31.81 25.43 -10.02
CA LEU T 7 30.93 24.27 -10.07
C LEU T 7 31.17 23.33 -8.90
N PHE T 8 32.45 23.14 -8.52
CA PHE T 8 32.75 22.31 -7.37
C PHE T 8 32.11 22.88 -6.10
N LEU T 9 32.12 24.20 -5.96
CA LEU T 9 31.43 24.84 -4.83
C LEU T 9 29.93 24.55 -4.85
N ILE T 10 29.31 24.59 -6.04
CA ILE T 10 27.89 24.32 -6.13
C ILE T 10 27.59 22.90 -5.65
N GLY T 11 28.43 21.94 -6.04
CA GLY T 11 28.27 20.59 -5.52
C GLY T 11 28.57 20.50 -4.03
N ILE T 12 29.58 21.23 -3.57
CA ILE T 12 29.84 21.33 -2.13
C ILE T 12 28.65 21.95 -1.42
N LEU T 13 28.16 23.07 -1.92
CA LEU T 13 27.05 23.78 -1.30
C LEU T 13 25.78 22.95 -1.26
N GLY T 14 25.67 21.94 -2.13
CA GLY T 14 24.52 21.06 -2.08
C GLY T 14 24.42 20.29 -0.78
N PHE T 15 25.56 20.01 -0.16
CA PHE T 15 25.58 19.23 1.10
C PHE T 15 25.37 20.17 2.27
N VAL T 16 25.75 21.45 2.14
CA VAL T 16 25.58 22.41 3.22
C VAL T 16 24.10 22.75 3.40
N LEU T 17 23.42 23.04 2.30
CA LEU T 17 22.07 23.58 2.37
C LEU T 17 21.01 22.52 2.57
N ASN T 18 21.33 21.24 2.42
CA ASN T 18 20.35 20.18 2.32
C ASN T 18 20.37 19.31 3.58
N ARG T 19 19.29 19.37 4.35
CA ARG T 19 19.09 18.53 5.51
C ARG T 19 18.27 17.28 5.24
N LYS T 20 17.37 17.30 4.27
CA LYS T 20 16.35 16.27 4.14
C LYS T 20 16.23 15.64 2.77
N ASN T 21 16.88 16.21 1.74
CA ASN T 21 16.76 15.69 0.35
C ASN T 21 17.97 14.79 0.07
N ILE T 22 17.77 13.47 0.14
CA ILE T 22 18.88 12.50 -0.07
C ILE T 22 19.12 12.35 -1.57
N ILE T 23 18.09 12.67 -2.34
CA ILE T 23 18.27 12.64 -3.79
C ILE T 23 19.21 13.75 -4.21
N LEU T 24 19.12 14.91 -3.56
CA LEU T 24 20.04 16.00 -3.83
C LEU T 24 21.47 15.61 -3.48
N MET T 25 21.66 14.73 -2.50
CA MET T 25 23.04 14.26 -2.18
C MET T 25 23.62 13.51 -3.38
N LEU T 26 22.80 12.70 -4.04
CA LEU T 26 23.26 11.93 -5.23
C LEU T 26 23.57 12.91 -6.37
N ILE T 27 22.77 13.96 -6.51
CA ILE T 27 22.96 14.93 -7.59
C ILE T 27 24.21 15.76 -7.32
N SER T 28 24.48 16.11 -6.07
CA SER T 28 25.64 16.94 -5.76
C SER T 28 26.94 16.21 -6.01
N ILE T 29 26.95 14.87 -5.90
CA ILE T 29 28.12 14.10 -6.27
C ILE T 29 28.32 14.15 -7.78
N GLU T 30 27.22 14.11 -8.55
CA GLU T 30 27.32 14.21 -9.99
C GLU T 30 27.88 15.56 -10.41
N ILE T 31 27.50 16.63 -9.71
CA ILE T 31 28.03 17.96 -10.01
C ILE T 31 29.52 18.03 -9.70
N MET T 32 29.93 17.51 -8.54
CA MET T 32 31.34 17.50 -8.18
C MET T 32 32.17 16.73 -9.22
N LEU T 33 31.70 15.54 -9.60
CA LEU T 33 32.46 14.72 -10.52
C LEU T 33 32.58 15.40 -11.89
N LEU T 34 31.51 16.05 -12.38
CA LEU T 34 31.56 16.80 -13.66
C LEU T 34 32.53 17.98 -13.55
N SER T 35 32.56 18.64 -12.42
CA SER T 35 33.43 19.82 -12.22
C SER T 35 34.90 19.40 -12.30
N ILE T 36 35.23 18.22 -11.75
CA ILE T 36 36.63 17.75 -11.70
C ILE T 36 37.08 17.26 -13.08
N THR T 37 36.07 16.67 -13.80
CA THR T 37 36.33 16.16 -15.17
C THR T 37 36.51 17.33 -16.13
N PHE T 38 35.79 18.39 -15.95
CA PHE T 38 35.86 19.62 -16.78
C PHE T 38 37.24 20.24 -16.56
N LEU T 39 37.72 20.26 -15.32
CA LEU T 39 39.05 20.82 -14.98
C LEU T 39 40.16 20.02 -15.69
N ILE T 40 40.05 18.70 -15.65
CA ILE T 40 41.03 17.81 -16.31
C ILE T 40 41.00 18.06 -17.83
N LEU T 41 39.82 18.20 -18.43
CA LEU T 41 39.66 18.41 -19.88
C LEU T 41 40.36 19.69 -20.34
N LEU T 42 40.07 20.80 -19.66
CA LEU T 42 40.68 22.12 -19.99
C LEU T 42 42.20 22.10 -19.80
N SER T 43 42.68 21.52 -18.72
CA SER T 43 44.13 21.37 -18.48
C SER T 43 44.78 20.50 -19.56
N SER T 44 44.09 19.44 -19.94
CA SER T 44 44.62 18.55 -21.00
C SER T 44 44.73 19.33 -22.30
N LEU T 45 43.78 20.23 -22.59
CA LEU T 45 43.88 21.11 -23.76
C LEU T 45 45.12 22.04 -23.63
N ASN T 46 45.37 22.65 -22.48
CA ASN T 46 46.52 23.55 -22.27
C ASN T 46 47.84 22.80 -22.42
N MET T 47 47.89 21.56 -21.96
CA MET T 47 49.15 20.80 -22.00
C MET T 47 49.18 19.85 -23.19
N ASP T 48 48.28 19.99 -24.18
CA ASP T 48 48.28 19.16 -25.43
C ASP T 48 48.50 17.68 -25.09
N ASP T 49 47.65 17.10 -24.26
CA ASP T 49 47.85 15.76 -23.75
C ASP T 49 46.56 14.96 -23.91
N ILE T 50 46.59 13.95 -24.78
CA ILE T 50 45.42 13.10 -24.98
C ILE T 50 45.12 12.21 -23.79
N ILE T 51 46.10 12.02 -22.89
CA ILE T 51 45.87 11.22 -21.69
C ILE T 51 44.84 11.88 -20.78
N GLY T 52 44.82 13.22 -20.73
CA GLY T 52 43.78 13.91 -19.98
C GLY T 52 42.39 13.58 -20.48
N GLN T 53 42.21 13.54 -21.81
CA GLN T 53 40.92 13.16 -22.37
C GLN T 53 40.58 11.71 -22.05
N THR T 54 41.58 10.84 -22.07
CA THR T 54 41.37 9.44 -21.73
C THR T 54 40.95 9.29 -20.27
N TYR T 55 41.63 10.01 -19.38
CA TYR T 55 41.25 10.00 -17.96
C TYR T 55 39.82 10.48 -17.77
N ALA T 56 39.42 11.52 -18.49
CA ALA T 56 38.05 12.02 -18.39
C ALA T 56 37.04 11.01 -18.89
N ILE T 57 37.38 10.25 -19.92
CA ILE T 57 36.46 9.25 -20.45
C ILE T 57 36.23 8.14 -19.43
N TYR T 58 37.27 7.74 -18.71
CA TYR T 58 37.10 6.70 -17.69
C TYR T 58 36.38 7.23 -16.46
N ILE T 59 36.50 8.52 -16.16
CA ILE T 59 35.68 9.11 -15.10
C ILE T 59 34.21 9.11 -15.50
N ILE T 60 33.90 9.45 -16.74
CA ILE T 60 32.50 9.40 -17.24
C ILE T 60 32.00 7.95 -17.14
N VAL T 61 32.82 6.98 -17.55
CA VAL T 61 32.39 5.58 -17.49
C VAL T 61 32.13 5.17 -16.04
N VAL T 62 33.06 5.50 -15.15
CA VAL T 62 32.95 5.05 -13.76
C VAL T 62 31.85 5.80 -13.04
N ALA T 63 31.72 7.10 -13.28
CA ALA T 63 30.66 7.87 -12.62
C ALA T 63 29.29 7.47 -13.15
N GLY T 64 29.20 7.08 -14.42
CA GLY T 64 27.96 6.51 -14.92
C GLY T 64 27.68 5.15 -14.30
N ALA T 65 28.72 4.35 -14.09
CA ALA T 65 28.55 3.05 -13.45
C ALA T 65 28.10 3.19 -12.01
N GLU T 66 28.63 4.19 -11.30
CA GLU T 66 28.31 4.34 -9.89
C GLU T 66 26.96 5.00 -9.69
N SER T 67 26.51 5.80 -10.67
CA SER T 67 25.15 6.32 -10.62
C SER T 67 24.13 5.19 -10.67
N ALA T 68 24.38 4.18 -11.50
CA ALA T 68 23.47 3.05 -11.60
C ALA T 68 23.44 2.23 -10.32
N ILE T 69 24.61 2.00 -9.70
CA ILE T 69 24.66 1.29 -8.43
C ILE T 69 23.90 2.08 -7.37
N GLY T 70 24.13 3.40 -7.32
CA GLY T 70 23.46 4.23 -6.33
C GLY T 70 21.96 4.26 -6.49
N LEU T 71 21.48 4.30 -7.73
CA LEU T 71 20.03 4.24 -7.95
C LEU T 71 19.47 2.88 -7.58
N GLY T 72 20.19 1.81 -7.91
CA GLY T 72 19.77 0.48 -7.50
C GLY T 72 19.69 0.33 -5.99
N ILE T 73 20.69 0.86 -5.28
CA ILE T 73 20.67 0.84 -3.82
C ILE T 73 19.50 1.66 -3.30
N LEU T 74 19.24 2.82 -3.90
CA LEU T 74 18.07 3.60 -3.52
C LEU T 74 16.77 2.85 -3.78
N VAL T 75 16.71 2.07 -4.86
CA VAL T 75 15.48 1.33 -5.15
C VAL T 75 15.25 0.22 -4.14
N ALA T 76 16.31 -0.49 -3.75
CA ALA T 76 16.17 -1.48 -2.69
C ALA T 76 15.78 -0.84 -1.37
N PHE T 77 16.30 0.35 -1.09
CA PHE T 77 15.92 1.10 0.10
C PHE T 77 14.45 1.50 0.04
N TYR T 78 14.02 2.05 -1.09
CA TYR T 78 12.66 2.61 -1.19
C TYR T 78 11.61 1.50 -1.23
N ARG T 79 11.92 0.35 -1.84
CA ARG T 79 11.01 -0.83 -1.79
C ARG T 79 10.53 -1.11 -0.36
N LEU T 80 11.41 -1.01 0.63
CA LEU T 80 11.02 -1.32 2.05
C LEU T 80 10.45 -0.09 2.79
N ARG T 81 10.98 1.09 2.57
CA ARG T 81 10.54 2.31 3.31
C ARG T 81 9.34 3.04 2.68
N GLY T 82 9.28 3.16 1.35
CA GLY T 82 8.22 3.93 0.65
C GLY T 82 8.44 5.41 0.72
N SER T 83 9.63 5.84 1.12
CA SER T 83 9.92 7.29 1.12
C SER T 83 11.40 7.53 0.98
N ILE T 84 11.80 8.61 0.33
CA ILE T 84 13.18 9.05 0.31
C ILE T 84 13.39 10.30 1.16
N ALA T 85 12.45 10.58 2.07
CA ALA T 85 12.50 11.77 2.91
C ALA T 85 13.07 11.42 4.27
N ILE T 86 14.01 12.24 4.75
CA ILE T 86 14.50 12.13 6.12
C ILE T 86 13.56 12.90 7.03
N GLU T 87 13.01 12.22 8.02
CA GLU T 87 12.30 12.93 9.08
C GLU T 87 13.30 13.70 9.94
N TYR T 88 13.12 15.01 10.01
CA TYR T 88 14.11 15.87 10.65
C TYR T 88 13.45 16.89 11.57
N THR U 51 -47.52 37.60 -38.51
CA THR U 51 -46.11 37.65 -38.90
C THR U 51 -45.96 37.60 -40.42
N GLY U 52 -47.08 37.62 -41.15
CA GLY U 52 -47.02 37.51 -42.59
C GLY U 52 -47.80 38.56 -43.37
N ARG U 53 -47.09 39.37 -44.14
CA ARG U 53 -47.66 40.26 -45.13
C ARG U 53 -47.86 39.61 -46.50
N PRO U 54 -46.89 38.87 -47.04
CA PRO U 54 -47.04 38.38 -48.41
C PRO U 54 -48.17 37.37 -48.56
N ALA U 55 -48.56 37.16 -49.82
CA ALA U 55 -49.71 36.31 -50.14
C ALA U 55 -49.47 34.86 -49.78
N SER U 56 -48.20 34.42 -49.77
CA SER U 56 -47.91 33.06 -49.33
C SER U 56 -48.20 32.87 -47.85
N ALA U 57 -48.21 33.96 -47.08
CA ALA U 57 -48.44 33.91 -45.65
C ALA U 57 -49.90 34.07 -45.27
N VAL U 58 -50.79 34.35 -46.22
CA VAL U 58 -52.19 34.60 -45.91
C VAL U 58 -53.07 33.58 -46.61
N MET U 59 -52.83 33.38 -47.91
CA MET U 59 -53.58 32.40 -48.67
C MET U 59 -53.41 31.01 -48.05
N GLN U 60 -54.54 30.33 -47.83
CA GLN U 60 -54.47 28.96 -47.31
C GLN U 60 -53.73 28.07 -48.29
N ALA U 61 -53.89 28.31 -49.59
CA ALA U 61 -53.18 27.59 -50.62
C ALA U 61 -53.09 28.51 -51.84
N PRO U 62 -52.16 28.24 -52.75
CA PRO U 62 -52.09 29.07 -53.97
C PRO U 62 -53.38 29.11 -54.75
N ASN U 63 -54.15 28.03 -54.75
CA ASN U 63 -55.39 27.94 -55.50
C ASN U 63 -56.65 28.10 -54.64
N ARG U 64 -56.51 28.50 -53.37
CA ARG U 64 -57.67 28.70 -52.51
C ARG U 64 -57.29 29.58 -51.33
N ALA U 65 -58.04 30.66 -51.14
CA ALA U 65 -57.75 31.58 -50.04
C ALA U 65 -58.21 31.02 -48.70
N GLU U 66 -59.36 30.33 -48.68
CA GLU U 66 -60.07 30.01 -47.46
C GLU U 66 -59.78 28.59 -46.99
N VAL U 67 -59.91 28.38 -45.68
CA VAL U 67 -59.84 27.02 -45.14
C VAL U 67 -60.97 26.17 -45.73
N TRP U 68 -60.77 24.86 -45.73
CA TRP U 68 -61.76 23.92 -46.25
C TRP U 68 -62.23 22.93 -45.20
N SER U 69 -61.91 23.15 -43.93
CA SER U 69 -62.49 22.40 -42.82
C SER U 69 -62.59 23.31 -41.61
N ARG U 70 -63.54 23.01 -40.72
CA ARG U 70 -63.82 23.92 -39.62
C ARG U 70 -62.71 23.94 -38.58
N SER U 71 -62.01 22.83 -38.40
CA SER U 71 -60.92 22.78 -37.44
C SER U 71 -59.58 23.10 -38.07
N GLN U 72 -59.56 23.52 -39.33
CA GLN U 72 -58.33 23.92 -40.00
C GLN U 72 -57.88 25.27 -39.49
N ARG U 73 -56.63 25.37 -39.10
CA ARG U 73 -56.09 26.65 -38.67
C ARG U 73 -55.81 27.52 -39.89
N PRO U 74 -56.35 28.73 -39.94
CA PRO U 74 -56.00 29.64 -41.04
C PRO U 74 -54.50 29.92 -41.06
N ARG U 75 -53.92 29.93 -42.26
CA ARG U 75 -52.48 30.10 -42.40
C ARG U 75 -52.01 31.41 -41.77
N SER U 76 -52.84 32.46 -41.84
CA SER U 76 -52.46 33.74 -41.28
C SER U 76 -52.21 33.66 -39.77
N GLU U 77 -53.00 32.87 -39.06
CA GLU U 77 -52.74 32.66 -37.64
C GLU U 77 -51.70 31.58 -37.38
N ALA U 78 -51.66 30.54 -38.21
CA ALA U 78 -50.71 29.46 -38.00
C ALA U 78 -49.27 29.95 -38.16
N MET U 79 -49.01 30.70 -39.23
CA MET U 79 -47.68 31.24 -39.48
C MET U 79 -47.58 32.67 -38.97
N ALA U 80 -47.85 32.79 -37.68
CA ALA U 80 -47.74 34.05 -36.95
C ALA U 80 -47.10 33.75 -35.62
N GLY U 81 -46.39 34.75 -35.09
CA GLY U 81 -45.64 34.57 -33.87
C GLY U 81 -44.16 34.75 -34.08
N PRO U 82 -43.40 34.64 -33.00
CA PRO U 82 -41.95 34.91 -33.09
C PRO U 82 -41.20 34.00 -34.04
N ARG U 83 -41.61 32.74 -34.20
CA ARG U 83 -40.83 31.79 -35.00
C ARG U 83 -40.89 32.10 -36.49
N PHE U 84 -41.74 33.02 -36.93
CA PHE U 84 -41.89 33.33 -38.35
C PHE U 84 -41.37 34.73 -38.68
N GLU U 85 -40.46 35.26 -37.86
CA GLU U 85 -40.07 36.66 -38.01
C GLU U 85 -39.11 36.87 -39.19
N GLN U 86 -37.93 36.28 -39.12
CA GLN U 86 -36.92 36.45 -40.17
C GLN U 86 -36.95 35.29 -41.16
N THR U 87 -38.07 35.14 -41.88
CA THR U 87 -38.26 33.98 -42.73
C THR U 87 -38.80 34.37 -44.10
N ASP U 88 -38.37 33.62 -45.10
CA ASP U 88 -38.93 33.69 -46.44
C ASP U 88 -40.23 32.89 -46.46
N PHE U 89 -41.32 33.52 -46.88
CA PHE U 89 -42.61 32.87 -46.85
C PHE U 89 -42.94 32.15 -48.15
N ASP U 90 -42.40 32.61 -49.28
CA ASP U 90 -42.57 31.87 -50.53
C ASP U 90 -41.83 30.54 -50.50
N ALA U 91 -40.80 30.43 -49.66
CA ALA U 91 -40.04 29.20 -49.54
C ALA U 91 -40.77 28.14 -48.70
N GLN U 92 -41.81 28.53 -47.99
CA GLN U 92 -42.50 27.58 -47.12
C GLN U 92 -43.33 26.60 -47.95
N PRO U 93 -43.50 25.36 -47.49
CA PRO U 93 -44.36 24.40 -48.21
C PRO U 93 -45.80 24.87 -48.25
N ARG U 94 -46.32 25.06 -49.46
CA ARG U 94 -47.72 25.43 -49.66
C ARG U 94 -48.28 24.61 -50.81
N PRO U 95 -48.65 23.36 -50.54
CA PRO U 95 -49.27 22.54 -51.58
C PRO U 95 -50.63 23.11 -51.98
N TRP U 96 -51.05 22.76 -53.20
CA TRP U 96 -52.35 23.20 -53.68
C TRP U 96 -53.46 22.48 -52.92
N ALA U 97 -54.59 23.18 -52.75
CA ALA U 97 -55.74 22.59 -52.08
C ALA U 97 -56.34 21.51 -52.95
N ALA U 98 -56.44 20.29 -52.41
CA ALA U 98 -57.01 19.18 -53.15
C ALA U 98 -58.50 19.36 -53.41
N ILE U 99 -59.19 20.10 -52.53
CA ILE U 99 -60.63 20.30 -52.70
C ILE U 99 -60.93 21.11 -53.96
N GLU U 100 -60.07 22.07 -54.30
CA GLU U 100 -60.31 22.86 -55.50
C GLU U 100 -59.99 22.09 -56.77
N LEU U 101 -59.00 21.18 -56.72
CA LEU U 101 -58.59 20.46 -57.91
C LEU U 101 -59.58 19.38 -58.32
N ILE U 102 -60.13 18.65 -57.34
CA ILE U 102 -61.05 17.56 -57.66
C ILE U 102 -62.33 18.08 -58.28
N HIS U 103 -62.71 19.31 -57.98
CA HIS U 103 -63.96 19.86 -58.49
C HIS U 103 -63.82 20.44 -59.89
N LYS U 104 -62.61 20.48 -60.44
CA LYS U 104 -62.43 20.74 -61.85
C LYS U 104 -62.68 19.50 -62.70
N GLN U 105 -62.76 18.34 -62.09
CA GLN U 105 -62.94 17.10 -62.82
C GLN U 105 -64.34 17.04 -63.42
N PRO U 106 -64.49 16.78 -64.71
CA PRO U 106 -65.82 16.70 -65.32
C PRO U 106 -66.56 15.44 -64.89
N VAL U 107 -67.88 15.52 -64.99
CA VAL U 107 -68.74 14.41 -64.62
C VAL U 107 -68.60 13.28 -65.64
N ARG U 108 -68.26 12.08 -65.12
CA ARG U 108 -68.21 10.88 -66.00
C ARG U 108 -69.63 10.34 -66.13
N TRP U 109 -70.26 10.54 -67.32
CA TRP U 109 -71.62 10.11 -67.53
C TRP U 109 -71.68 8.61 -67.82
N THR U 110 -72.74 7.98 -67.33
CA THR U 110 -72.96 6.55 -67.54
C THR U 110 -74.44 6.27 -67.66
N HIS U 111 -74.77 5.18 -68.35
CA HIS U 111 -76.13 4.69 -68.39
C HIS U 111 -76.40 3.64 -67.33
N ASP U 112 -75.38 2.91 -66.91
CA ASP U 112 -75.55 1.87 -65.92
C ASP U 112 -75.83 2.47 -64.55
N ARG U 113 -76.64 1.75 -63.77
CA ARG U 113 -77.04 2.22 -62.44
C ARG U 113 -75.86 2.19 -61.46
N ILE U 114 -75.06 1.14 -61.51
CA ILE U 114 -73.94 0.94 -60.60
C ILE U 114 -72.63 1.10 -61.38
N VAL U 115 -71.70 1.85 -60.81
CA VAL U 115 -70.41 2.12 -61.45
C VAL U 115 -69.29 1.74 -60.48
N ALA U 116 -68.29 1.03 -60.99
CA ALA U 116 -67.11 0.70 -60.20
C ALA U 116 -66.06 1.79 -60.30
N CYS U 117 -65.38 2.04 -59.20
CA CYS U 117 -64.25 2.96 -59.15
C CYS U 117 -63.15 2.37 -58.28
N ASP U 118 -61.93 2.34 -58.82
CA ASP U 118 -60.78 1.89 -58.06
C ASP U 118 -59.61 2.86 -58.18
N GLY U 119 -59.86 4.07 -58.67
CA GLY U 119 -58.83 5.08 -58.83
C GLY U 119 -58.14 5.09 -60.16
N GLY U 120 -58.28 4.03 -60.97
CA GLY U 120 -57.73 4.02 -62.34
C GLY U 120 -56.30 3.49 -62.47
N GLY U 121 -55.62 3.24 -61.36
CA GLY U 121 -54.27 2.65 -61.42
C GLY U 121 -54.29 1.13 -61.37
N GLY U 122 -55.47 0.51 -61.39
CA GLY U 122 -55.53 -0.95 -61.17
C GLY U 122 -55.07 -1.24 -59.76
N PRO U 123 -53.98 -2.01 -59.55
CA PRO U 123 -53.44 -2.23 -58.21
C PRO U 123 -52.86 -0.95 -57.58
N HIS U 124 -52.65 0.11 -58.36
CA HIS U 124 -52.03 1.37 -57.87
C HIS U 124 -53.06 2.37 -57.33
N GLY U 125 -54.34 2.02 -57.32
CA GLY U 125 -55.38 2.95 -56.87
C GLY U 125 -55.90 2.69 -55.46
N HIS U 126 -57.20 2.56 -55.30
CA HIS U 126 -57.82 2.31 -54.01
C HIS U 126 -58.69 1.07 -54.12
N PRO U 127 -59.18 0.54 -53.00
CA PRO U 127 -60.05 -0.64 -53.08
C PRO U 127 -61.28 -0.35 -53.92
N LYS U 128 -61.69 -1.35 -54.70
CA LYS U 128 -62.79 -1.18 -55.63
C LYS U 128 -64.11 -1.08 -54.88
N ILE U 129 -64.85 -0.01 -55.14
CA ILE U 129 -66.17 0.19 -54.55
C ILE U 129 -67.17 0.45 -55.67
N TYR U 130 -68.44 0.31 -55.34
CA TYR U 130 -69.51 0.41 -56.32
C TYR U 130 -70.44 1.55 -55.91
N ILE U 131 -70.71 2.44 -56.86
CA ILE U 131 -71.42 3.68 -56.58
C ILE U 131 -72.78 3.64 -57.26
N ASN U 132 -73.81 4.04 -56.53
CA ASN U 132 -75.17 4.09 -57.04
C ASN U 132 -75.45 5.49 -57.60
N THR U 133 -75.96 5.53 -58.84
CA THR U 133 -76.24 6.80 -59.52
C THR U 133 -77.74 7.07 -59.66
N ASP U 134 -78.58 6.43 -58.84
CA ASP U 134 -80.01 6.55 -59.04
C ASP U 134 -80.58 7.87 -58.55
N LYS U 135 -80.03 8.48 -57.51
CA LYS U 135 -80.50 9.85 -57.12
C LYS U 135 -80.19 10.87 -58.22
N PRO U 136 -81.02 11.93 -58.39
CA PRO U 136 -80.80 12.93 -59.43
C PRO U 136 -79.77 13.95 -58.94
N GLU U 137 -78.51 13.52 -58.94
CA GLU U 137 -77.45 14.36 -58.38
C GLU U 137 -76.14 13.80 -58.91
N ILE U 138 -75.03 14.48 -58.64
CA ILE U 138 -73.72 13.89 -59.01
C ILE U 138 -73.26 12.92 -57.90
N ALA U 139 -73.04 11.65 -58.21
CA ALA U 139 -72.48 10.71 -57.26
C ALA U 139 -70.95 10.78 -57.29
N THR U 140 -70.35 10.72 -56.11
CA THR U 140 -68.91 10.91 -55.97
C THR U 140 -68.30 9.69 -55.28
N CYS U 141 -67.17 9.22 -55.81
CA CYS U 141 -66.44 8.14 -55.17
C CYS U 141 -65.92 8.59 -53.81
N ASN U 142 -66.17 7.78 -52.79
CA ASN U 142 -65.79 8.14 -51.44
C ASN U 142 -64.29 8.01 -51.20
N TYR U 143 -63.55 7.37 -52.11
CA TYR U 143 -62.10 7.34 -52.00
C TYR U 143 -61.45 8.48 -52.78
N CYS U 144 -61.68 8.55 -54.10
CA CYS U 144 -60.93 9.47 -54.95
C CYS U 144 -61.71 10.74 -55.30
N GLY U 145 -62.98 10.83 -54.93
CA GLY U 145 -63.75 12.03 -55.19
C GLY U 145 -64.22 12.22 -56.62
N LEU U 146 -64.09 11.20 -57.46
CA LEU U 146 -64.45 11.35 -58.86
C LEU U 146 -65.97 11.47 -59.00
N PRO U 147 -66.45 12.39 -59.83
CA PRO U 147 -67.90 12.55 -60.01
C PRO U 147 -68.48 11.60 -61.05
N PHE U 148 -69.67 11.09 -60.74
CA PHE U 148 -70.39 10.18 -61.63
C PHE U 148 -71.86 10.58 -61.67
N ALA U 149 -72.48 10.46 -62.84
CA ALA U 149 -73.90 10.77 -62.95
C ALA U 149 -74.53 9.87 -64.01
N ASN U 150 -75.79 9.53 -63.78
CA ASN U 150 -76.57 8.78 -64.75
C ASN U 150 -77.10 9.71 -65.83
N GLU U 151 -77.25 9.16 -67.04
CA GLU U 151 -77.74 9.93 -68.20
C GLU U 151 -79.23 10.26 -68.07
N HIS U 152 -79.97 9.50 -67.27
CA HIS U 152 -81.40 9.77 -66.99
C HIS U 152 -81.53 11.16 -66.38
N HIS U 153 -80.57 11.58 -65.55
CA HIS U 153 -80.64 12.89 -64.83
C HIS U 153 -79.94 14.04 -65.56
N ARG U 154 -79.55 13.87 -66.82
CA ARG U 154 -78.78 14.91 -67.50
C ARG U 154 -79.59 16.19 -67.67
N LYS U 155 -80.87 16.11 -68.04
CA LYS U 155 -81.65 17.34 -68.27
C LYS U 155 -81.82 18.08 -66.93
N TYR U 156 -82.25 17.40 -65.86
CA TYR U 156 -82.34 18.10 -64.54
C TYR U 156 -80.98 18.63 -64.06
N LEU U 157 -79.90 17.88 -64.21
CA LEU U 157 -78.57 18.43 -63.81
C LEU U 157 -78.20 19.64 -64.67
N GLU U 158 -78.46 19.60 -65.98
CA GLU U 158 -78.22 20.79 -66.87
C GLU U 158 -79.12 21.97 -66.46
N SER U 159 -80.34 21.69 -66.00
CA SER U 159 -81.21 22.76 -65.48
C SER U 159 -80.58 23.42 -64.26
N LEU U 160 -79.89 22.67 -63.40
CA LEU U 160 -79.40 23.25 -62.12
C LEU U 160 -78.57 24.49 -62.37
N PRO U 161 -78.82 25.58 -61.61
CA PRO U 161 -78.05 26.81 -61.73
C PRO U 161 -76.53 26.61 -61.63
N GLN U 162 -76.09 25.96 -60.58
CA GLN U 162 -74.68 25.66 -60.36
C GLN U 162 -74.57 24.24 -59.85
N THR U 163 -73.57 23.51 -60.33
CA THR U 163 -73.31 22.17 -59.86
C THR U 163 -71.98 22.11 -59.12
N SER U 164 -71.79 21.01 -58.41
CA SER U 164 -70.55 20.78 -57.64
C SER U 164 -69.43 20.45 -58.63
N TYR U 165 -69.78 19.91 -59.79
CA TYR U 165 -68.80 19.53 -60.79
C TYR U 165 -69.19 20.14 -62.14
N PRO U 166 -68.21 20.34 -63.03
CA PRO U 166 -68.45 21.17 -64.22
C PRO U 166 -69.58 20.71 -65.12
N LEU U 167 -69.85 19.41 -65.20
CA LEU U 167 -70.80 18.75 -66.09
C LEU U 167 -70.29 18.65 -67.51
N ASN U 168 -69.14 19.25 -67.83
CA ASN U 168 -68.57 19.19 -69.18
C ASN U 168 -67.06 19.42 -69.13
N LYS V 61 -7.33 8.39 32.53
CA LYS V 61 -6.76 9.73 32.38
C LYS V 61 -7.84 10.80 32.52
N VAL V 62 -7.39 12.05 32.70
CA VAL V 62 -8.30 13.17 32.83
C VAL V 62 -8.37 14.01 31.56
N GLU V 63 -7.31 14.01 30.73
CA GLU V 63 -7.32 14.79 29.51
C GLU V 63 -8.42 14.34 28.55
N VAL V 64 -8.80 13.06 28.60
CA VAL V 64 -9.84 12.57 27.71
C VAL V 64 -11.20 13.16 28.09
N TYR V 65 -11.47 13.27 29.40
CA TYR V 65 -12.79 13.76 29.83
C TYR V 65 -13.02 15.20 29.42
N GLU V 66 -12.00 16.06 29.58
CA GLU V 66 -12.16 17.45 29.19
C GLU V 66 -12.42 17.59 27.69
N ARG V 67 -11.93 16.64 26.89
CA ARG V 67 -12.29 16.60 25.48
C ARG V 67 -13.66 16.01 25.27
N ILE V 68 -14.09 15.10 26.16
CA ILE V 68 -15.42 14.52 26.05
C ILE V 68 -16.50 15.57 26.23
N LYS V 69 -16.32 16.49 27.19
CA LYS V 69 -17.28 17.57 27.37
C LYS V 69 -17.33 18.48 26.15
N SER V 70 -16.24 18.56 25.40
CA SER V 70 -16.16 19.51 24.28
C SER V 70 -17.14 19.17 23.16
N LEU V 71 -17.60 17.87 23.17
CA LEU V 71 -18.49 17.41 22.07
C LEU V 71 -19.90 17.11 22.60
N LEU V 72 -20.04 16.50 23.75
CA LEU V 72 -21.35 16.22 24.32
C LEU V 72 -22.08 17.51 24.68
N ALA V 73 -21.38 18.49 25.24
CA ALA V 73 -22.00 19.78 25.52
C ALA V 73 -22.38 20.49 24.22
N GLY V 74 -21.59 20.27 23.17
CA GLY V 74 -21.90 20.85 21.85
C GLY V 74 -22.99 20.08 21.12
N PHE V 75 -23.24 18.84 21.54
CA PHE V 75 -24.31 18.02 20.92
C PHE V 75 -25.65 18.71 21.17
N ASP V 76 -26.52 18.76 20.16
CA ASP V 76 -27.80 19.50 20.30
C ASP V 76 -28.91 18.54 20.76
N LYS V 77 -28.58 17.27 20.95
CA LYS V 77 -29.65 16.29 21.30
C LYS V 77 -29.58 15.95 22.79
N VAL V 78 -28.73 16.65 23.56
CA VAL V 78 -28.68 16.44 25.03
C VAL V 78 -29.93 17.06 25.67
N ASN V 79 -30.52 16.37 26.66
CA ASN V 79 -31.77 16.87 27.30
C ASN V 79 -31.47 18.17 28.04
N ASP V 80 -30.33 18.23 28.72
CA ASP V 80 -29.92 19.42 29.46
C ASP V 80 -28.42 19.36 29.71
N PRO V 81 -27.67 20.42 29.38
CA PRO V 81 -26.23 20.42 29.65
C PRO V 81 -25.95 20.35 31.15
N ASN V 82 -24.67 20.16 31.46
CA ASN V 82 -24.17 19.97 32.82
C ASN V 82 -24.73 18.73 33.50
N ASN V 83 -25.45 17.89 32.76
CA ASN V 83 -25.93 16.62 33.28
C ASN V 83 -24.91 15.50 33.12
N ILE V 84 -23.75 15.89 32.50
CA ILE V 84 -22.66 14.90 32.23
C ILE V 84 -21.93 14.57 33.54
N THR V 85 -21.55 13.28 33.73
CA THR V 85 -20.80 12.87 34.91
C THR V 85 -19.58 12.06 34.46
N GLU V 86 -18.83 11.55 35.44
CA GLU V 86 -17.75 10.63 35.15
C GLU V 86 -18.25 9.25 34.75
N THR V 87 -19.52 8.92 35.04
CA THR V 87 -20.07 7.63 34.71
C THR V 87 -21.49 7.73 34.16
N ALA V 88 -21.86 8.87 33.58
CA ALA V 88 -23.22 9.04 33.08
C ALA V 88 -23.46 8.17 31.86
N HIS V 89 -24.70 7.70 31.71
CA HIS V 89 -25.12 6.89 30.59
C HIS V 89 -25.87 7.74 29.58
N PHE V 90 -25.67 7.43 28.29
CA PHE V 90 -26.32 8.18 27.23
C PHE V 90 -27.84 8.00 27.26
N ALA V 91 -28.30 6.78 27.52
CA ALA V 91 -29.73 6.50 27.44
C ALA V 91 -30.46 6.91 28.72
N ASN V 92 -30.07 6.33 29.85
CA ASN V 92 -30.82 6.54 31.09
C ASN V 92 -30.72 7.98 31.57
N ASP V 93 -29.49 8.51 31.66
CA ASP V 93 -29.28 9.82 32.26
C ASP V 93 -29.39 10.95 31.26
N LEU V 94 -28.82 10.79 30.07
CA LEU V 94 -28.74 11.87 29.11
C LEU V 94 -29.88 11.89 28.09
N GLY V 95 -30.76 10.90 28.12
CA GLY V 95 -31.91 10.89 27.24
C GLY V 95 -31.60 10.79 25.76
N LEU V 96 -30.66 9.91 25.40
CA LEU V 96 -30.31 9.68 24.00
C LEU V 96 -30.92 8.37 23.54
N ASP V 97 -31.58 8.39 22.38
CA ASP V 97 -32.16 7.19 21.82
C ASP V 97 -31.08 6.37 21.13
N SER V 98 -31.44 5.43 20.27
CA SER V 98 -30.38 4.54 19.69
C SER V 98 -29.40 5.28 18.75
N LEU V 99 -29.88 5.86 17.65
CA LEU V 99 -29.01 6.50 16.63
C LEU V 99 -28.25 7.72 17.18
N ASP V 100 -28.87 8.49 18.08
CA ASP V 100 -28.14 9.64 18.68
C ASP V 100 -26.90 9.08 19.38
N THR V 101 -27.03 7.94 20.05
CA THR V 101 -25.85 7.27 20.67
C THR V 101 -24.85 6.86 19.57
N VAL V 102 -25.33 6.38 18.42
CA VAL V 102 -24.39 5.91 17.37
C VAL V 102 -23.54 7.12 16.96
N GLU V 103 -24.22 8.26 16.80
CA GLU V 103 -23.52 9.51 16.41
C GLU V 103 -22.53 9.93 17.50
N VAL V 104 -22.90 9.82 18.78
CA VAL V 104 -21.96 10.33 19.82
C VAL V 104 -20.65 9.55 19.74
N VAL V 105 -20.71 8.22 19.60
CA VAL V 105 -19.45 7.42 19.63
C VAL V 105 -18.64 7.80 18.38
N MET V 106 -19.33 8.03 17.26
CA MET V 106 -18.63 8.47 16.02
C MET V 106 -17.93 9.81 16.25
N ALA V 107 -18.58 10.76 16.94
CA ALA V 107 -17.88 12.03 17.25
C ALA V 107 -16.64 11.80 18.13
N ILE V 108 -16.73 10.92 19.14
CA ILE V 108 -15.54 10.59 19.99
C ILE V 108 -14.44 9.97 19.11
N GLU V 109 -14.82 9.10 18.19
CA GLU V 109 -13.82 8.40 17.33
C GLU V 109 -13.05 9.47 16.57
N GLU V 110 -13.74 10.50 16.09
CA GLU V 110 -13.06 11.61 15.35
C GLU V 110 -12.08 12.34 16.27
N GLU V 111 -12.47 12.59 17.52
CA GLU V 111 -11.61 13.40 18.43
C GLU V 111 -10.29 12.69 18.68
N PHE V 112 -10.34 11.37 18.90
CA PHE V 112 -9.10 10.63 19.23
C PHE V 112 -8.49 10.09 17.93
N SER V 113 -9.14 10.36 16.79
CA SER V 113 -8.60 9.95 15.47
C SER V 113 -8.34 8.44 15.46
N ILE V 114 -9.17 7.66 16.14
CA ILE V 114 -9.04 6.18 16.11
C ILE V 114 -10.40 5.60 15.70
N GLU V 115 -10.42 4.73 14.68
CA GLU V 115 -11.69 4.08 14.26
C GLU V 115 -12.12 3.08 15.35
N ILE V 116 -13.42 2.99 15.62
CA ILE V 116 -13.93 2.08 16.68
C ILE V 116 -14.71 0.94 16.01
N PRO V 117 -14.38 -0.34 16.29
CA PRO V 117 -15.09 -1.48 15.71
C PRO V 117 -16.56 -1.50 16.13
N ASP V 118 -17.45 -2.02 15.29
CA ASP V 118 -18.91 -1.97 15.58
C ASP V 118 -19.22 -2.71 16.88
N LYS V 119 -18.59 -3.87 17.11
CA LYS V 119 -18.81 -4.61 18.38
C LYS V 119 -18.34 -3.75 19.55
N ASP V 120 -17.17 -3.12 19.42
CA ASP V 120 -16.63 -2.27 20.50
C ASP V 120 -17.58 -1.10 20.72
N ALA V 121 -18.12 -0.57 19.62
CA ALA V 121 -19.05 0.59 19.69
C ALA V 121 -20.31 0.20 20.44
N ASP V 122 -20.80 -1.03 20.22
CA ASP V 122 -22.02 -1.51 20.94
C ASP V 122 -21.71 -1.58 22.43
N GLN V 123 -20.50 -1.99 22.78
CA GLN V 123 -20.10 -2.08 24.22
C GLN V 123 -20.15 -0.67 24.82
N ILE V 124 -19.83 0.37 24.03
CA ILE V 124 -19.76 1.74 24.61
C ILE V 124 -21.16 2.33 24.76
N HIS V 125 -21.65 2.44 26.01
CA HIS V 125 -23.00 3.02 26.28
C HIS V 125 -22.94 4.11 27.37
N SER V 126 -21.76 4.40 27.91
CA SER V 126 -21.64 5.38 29.02
C SER V 126 -20.36 6.24 28.86
N VAL V 127 -20.34 7.41 29.51
CA VAL V 127 -19.18 8.36 29.37
C VAL V 127 -17.92 7.66 29.88
N ASP V 128 -18.05 6.92 30.98
CA ASP V 128 -16.90 6.15 31.52
C ASP V 128 -16.50 5.05 30.54
N LYS V 129 -17.46 4.39 29.92
CA LYS V 129 -17.10 3.25 29.03
C LYS V 129 -16.22 3.79 27.91
N ALA V 130 -16.56 4.95 27.36
CA ALA V 130 -15.73 5.56 26.30
C ALA V 130 -14.35 5.95 26.86
N ILE V 131 -14.31 6.53 28.07
CA ILE V 131 -13.02 7.01 28.65
C ILE V 131 -12.13 5.79 28.81
N GLU V 132 -12.69 4.69 29.32
CA GLU V 132 -11.92 3.44 29.46
C GLU V 132 -11.52 2.93 28.09
N TYR V 133 -12.43 2.93 27.12
CA TYR V 133 -12.12 2.34 25.79
C TYR V 133 -10.99 3.10 25.09
N ILE V 134 -11.01 4.43 25.11
CA ILE V 134 -9.97 5.21 24.37
C ILE V 134 -8.58 4.94 24.98
N LEU V 135 -8.49 4.80 26.30
CA LEU V 135 -7.17 4.60 26.97
C LEU V 135 -6.55 3.30 26.47
N ARG V 136 -7.36 2.25 26.32
CA ARG V 136 -6.84 0.92 25.89
C ARG V 136 -6.25 1.05 24.48
N GLN V 137 -6.91 1.83 23.61
CA GLN V 137 -6.42 1.99 22.21
C GLN V 137 -5.11 2.80 22.21
N PRO V 138 -4.06 2.33 21.51
CA PRO V 138 -2.77 3.04 21.49
C PRO V 138 -2.87 4.44 20.84
N ASP V 139 -3.61 4.55 19.74
CA ASP V 139 -3.70 5.84 19.00
C ASP V 139 -4.54 6.85 19.79
N ALA V 140 -4.19 8.12 19.73
CA ALA V 140 -4.94 9.20 20.43
C ALA V 140 -4.49 10.56 19.89
N VAL W 3 -17.00 -7.61 -0.64
CA VAL W 3 -15.62 -7.87 -0.28
C VAL W 3 -14.88 -8.52 -1.45
N GLN W 4 -15.06 -9.83 -1.61
CA GLN W 4 -14.36 -10.56 -2.66
C GLN W 4 -14.72 -10.10 -4.07
N PRO W 5 -16.01 -9.97 -4.46
CA PRO W 5 -16.29 -9.57 -5.85
C PRO W 5 -15.79 -8.18 -6.18
N THR W 6 -16.18 -7.19 -5.39
CA THR W 6 -15.72 -5.81 -5.55
C THR W 6 -15.68 -5.17 -4.17
N LYS W 7 -15.19 -3.92 -4.14
CA LYS W 7 -14.73 -3.28 -2.91
C LYS W 7 -15.70 -3.46 -1.74
N PHE W 8 -16.90 -2.92 -1.85
CA PHE W 8 -17.86 -2.90 -0.76
C PHE W 8 -19.01 -3.88 -0.98
N ALA W 9 -18.72 -5.05 -1.55
CA ALA W 9 -19.74 -6.04 -1.87
C ALA W 9 -20.10 -6.84 -0.62
N VAL W 10 -21.38 -6.91 -0.31
CA VAL W 10 -21.90 -7.64 0.84
C VAL W 10 -22.79 -8.75 0.32
N THR W 11 -22.45 -10.00 0.65
CA THR W 11 -23.28 -11.14 0.26
C THR W 11 -24.68 -11.00 0.87
N VAL W 12 -25.69 -11.33 0.07
CA VAL W 12 -27.08 -11.21 0.51
C VAL W 12 -27.39 -12.35 1.47
N ARG W 13 -27.75 -11.99 2.71
CA ARG W 13 -28.15 -12.96 3.72
C ARG W 13 -29.37 -12.45 4.46
N GLN W 14 -30.21 -13.38 4.89
CA GLN W 14 -31.33 -13.02 5.76
C GLN W 14 -30.83 -12.79 7.18
N SER W 15 -31.57 -11.98 7.92
CA SER W 15 -31.34 -11.83 9.35
C SER W 15 -31.95 -13.02 10.09
N ARG W 16 -31.24 -13.50 11.11
CA ARG W 16 -31.71 -14.65 11.86
C ARG W 16 -32.87 -14.29 12.79
N ASN W 17 -32.83 -13.10 13.35
CA ASN W 17 -33.80 -12.68 14.35
C ASN W 17 -33.76 -11.16 14.44
N TRP W 18 -34.63 -10.60 15.27
CA TRP W 18 -34.69 -9.14 15.42
C TRP W 18 -33.43 -8.58 16.05
N ALA W 19 -32.78 -9.34 16.94
CA ALA W 19 -31.50 -8.91 17.48
C ALA W 19 -30.45 -8.82 16.39
N ASP W 20 -30.42 -9.79 15.49
CA ASP W 20 -29.49 -9.76 14.36
C ASP W 20 -29.77 -8.57 13.46
N ALA W 21 -31.04 -8.31 13.16
CA ALA W 21 -31.39 -7.21 12.26
C ALA W 21 -30.97 -5.86 12.84
N LYS W 22 -31.19 -5.65 14.13
CA LYS W 22 -30.87 -4.35 14.74
C LYS W 22 -29.38 -4.05 14.64
N GLN W 23 -28.54 -5.07 14.84
CA GLN W 23 -27.10 -4.86 14.71
C GLN W 23 -26.73 -4.39 13.31
N ARG W 24 -27.31 -5.02 12.29
CA ARG W 24 -27.02 -4.62 10.91
C ARG W 24 -27.49 -3.19 10.65
N VAL W 25 -28.67 -2.83 11.16
CA VAL W 25 -29.19 -1.49 10.93
C VAL W 25 -28.27 -0.44 11.56
N ILE W 26 -27.85 -0.68 12.80
CA ILE W 26 -26.90 0.21 13.45
C ILE W 26 -25.55 0.16 12.74
N ALA W 27 -25.12 -1.02 12.31
CA ALA W 27 -23.89 -1.12 11.55
C ALA W 27 -23.99 -0.33 10.25
N ALA W 28 -25.14 -0.43 9.57
CA ALA W 28 -25.33 0.31 8.32
C ALA W 28 -25.34 1.81 8.56
N TYR W 29 -26.00 2.27 9.63
CA TYR W 29 -26.01 3.69 9.92
C TYR W 29 -24.61 4.19 10.25
N ARG W 30 -23.86 3.41 11.03
CA ARG W 30 -22.51 3.79 11.45
C ARG W 30 -21.61 3.98 10.24
N ALA W 31 -21.65 3.05 9.28
CA ALA W 31 -20.85 3.19 8.07
C ALA W 31 -21.27 4.43 7.28
N TRP W 32 -22.57 4.72 7.23
CA TRP W 32 -23.05 5.85 6.44
C TRP W 32 -22.56 7.18 7.01
N ILE W 33 -22.79 7.42 8.31
CA ILE W 33 -22.44 8.72 8.86
C ILE W 33 -20.94 8.86 9.02
N ARG W 34 -20.22 7.74 9.16
CA ARG W 34 -18.75 7.80 9.15
C ARG W 34 -18.24 8.26 7.79
N ALA W 35 -18.84 7.77 6.70
CA ALA W 35 -18.39 8.09 5.36
C ALA W 35 -18.77 9.50 4.93
N ALA W 36 -19.58 10.20 5.72
CA ALA W 36 -20.06 11.52 5.29
C ALA W 36 -18.94 12.51 5.00
N PRO W 37 -17.88 12.63 5.80
CA PRO W 37 -16.77 13.50 5.38
C PRO W 37 -16.19 13.14 4.03
N GLU W 38 -15.93 11.85 3.78
CA GLU W 38 -15.40 11.43 2.49
C GLU W 38 -16.36 11.74 1.36
N ILE W 39 -17.66 11.49 1.59
CA ILE W 39 -18.67 11.73 0.56
C ILE W 39 -18.64 13.18 0.10
N GLN W 40 -18.46 14.11 1.09
CA GLN W 40 -18.44 15.56 0.75
C GLN W 40 -17.28 15.84 -0.20
N THR W 41 -16.08 15.49 0.16
CA THR W 41 -14.93 15.84 -0.66
C THR W 41 -14.82 15.00 -1.93
N MET W 42 -15.50 13.85 -1.98
CA MET W 42 -15.39 12.97 -3.12
C MET W 42 -16.34 13.38 -4.24
N TYR W 43 -17.47 13.99 -3.91
CA TYR W 43 -18.39 14.53 -4.90
C TYR W 43 -18.46 16.04 -4.86
N SER W 44 -17.56 16.68 -4.10
CA SER W 44 -17.53 18.14 -3.96
C SER W 44 -18.91 18.69 -3.66
N ILE W 45 -19.55 18.13 -2.64
CA ILE W 45 -20.90 18.54 -2.28
C ILE W 45 -20.86 19.94 -1.64
N PRO W 46 -21.70 20.86 -2.07
CA PRO W 46 -21.70 22.22 -1.48
C PRO W 46 -22.56 22.31 -0.22
N PHE W 47 -22.31 21.42 0.73
CA PHE W 47 -23.01 21.38 2.00
C PHE W 47 -22.04 20.89 3.06
N PRO W 48 -22.25 21.24 4.32
CA PRO W 48 -21.38 20.72 5.38
C PRO W 48 -21.75 19.30 5.76
N VAL W 49 -20.77 18.58 6.32
CA VAL W 49 -20.98 17.20 6.73
C VAL W 49 -22.15 17.09 7.69
N SER W 50 -22.39 18.14 8.47
CA SER W 50 -23.56 18.16 9.35
C SER W 50 -24.84 18.04 8.56
N HIS W 51 -24.95 18.79 7.45
CA HIS W 51 -26.18 18.77 6.66
C HIS W 51 -26.42 17.42 6.01
N ILE W 52 -25.17 16.73 5.72
CA ILE W 52 -25.23 15.45 4.98
C ILE W 52 -25.65 14.38 5.98
N ARG W 53 -25.16 14.44 7.12
CA ARG W 53 -25.40 13.45 8.17
C ARG W 53 -26.83 13.52 8.67
N THR W 54 -27.45 14.70 8.63
CA THR W 54 -28.86 14.80 8.96
C THR W 54 -29.71 14.02 7.95
N ARG W 55 -29.38 14.15 6.66
CA ARG W 55 -30.10 13.41 5.64
C ARG W 55 -29.99 11.91 5.86
N ILE W 56 -28.84 11.44 6.35
CA ILE W 56 -28.67 10.01 6.62
C ILE W 56 -29.65 9.55 7.69
N ARG W 57 -29.79 10.34 8.76
CA ARG W 57 -30.68 9.95 9.84
C ARG W 57 -32.14 9.93 9.38
N GLN W 58 -32.55 10.92 8.60
CA GLN W 58 -33.93 10.97 8.12
C GLN W 58 -34.25 9.77 7.24
N GLU W 59 -33.30 9.38 6.38
CA GLU W 59 -33.49 8.18 5.57
C GLU W 59 -33.69 6.95 6.44
N PHE W 60 -32.95 6.86 7.55
CA PHE W 60 -33.14 5.76 8.48
C PHE W 60 -34.40 5.93 9.31
N GLU W 61 -34.92 7.15 9.45
CA GLU W 61 -36.12 7.39 10.24
C GLU W 61 -37.40 7.17 9.47
N ARG W 62 -37.35 7.25 8.13
CA ARG W 62 -38.53 6.88 7.35
C ARG W 62 -38.92 5.43 7.58
N HIS W 63 -37.95 4.58 7.93
CA HIS W 63 -38.18 3.16 8.13
C HIS W 63 -37.99 2.72 9.57
N ARG W 64 -38.08 3.67 10.51
CA ARG W 64 -37.91 3.34 11.92
C ARG W 64 -39.05 2.48 12.44
N TYR W 65 -40.24 2.62 11.88
CA TYR W 65 -41.43 1.96 12.39
C TYR W 65 -41.69 0.60 11.77
N VAL W 66 -40.79 0.10 10.93
CA VAL W 66 -40.97 -1.21 10.32
C VAL W 66 -40.85 -2.28 11.38
N ASN W 67 -41.89 -3.19 11.37
CA ASN W 67 -41.98 -4.28 12.36
C ASN W 67 -41.97 -5.64 11.66
N LYS W 68 -41.46 -5.70 10.42
CA LYS W 68 -41.45 -6.93 9.64
C LYS W 68 -40.02 -7.26 9.26
N LEU W 69 -39.60 -8.49 9.57
CA LEU W 69 -38.20 -8.88 9.40
C LEU W 69 -37.81 -8.96 7.94
N ASN W 70 -38.69 -9.50 7.09
CA ASN W 70 -38.36 -9.62 5.68
C ASN W 70 -38.20 -8.26 5.02
N VAL W 71 -39.01 -7.29 5.42
CA VAL W 71 -38.91 -5.95 4.87
C VAL W 71 -37.60 -5.30 5.27
N VAL W 72 -37.12 -5.57 6.49
CA VAL W 72 -35.85 -5.03 6.94
C VAL W 72 -34.71 -5.56 6.07
N ASP W 73 -34.72 -6.86 5.79
CA ASP W 73 -33.71 -7.46 4.92
C ASP W 73 -33.66 -6.77 3.56
N VAL W 74 -34.83 -6.38 3.04
CA VAL W 74 -34.87 -5.67 1.77
C VAL W 74 -34.24 -4.29 1.91
N LEU W 75 -34.60 -3.57 2.96
CA LEU W 75 -34.05 -2.23 3.18
C LEU W 75 -32.54 -2.29 3.44
N LEU W 76 -32.08 -3.33 4.17
CA LEU W 76 -30.65 -3.48 4.41
C LEU W 76 -29.90 -3.73 3.12
N GLN W 77 -30.45 -4.57 2.24
CA GLN W 77 -29.80 -4.83 0.96
C GLN W 77 -29.73 -3.56 0.11
N GLN W 78 -30.80 -2.77 0.11
CA GLN W 78 -30.77 -1.50 -0.61
C GLN W 78 -29.69 -0.58 -0.04
N SER W 79 -29.58 -0.51 1.29
CA SER W 79 -28.59 0.37 1.90
C SER W 79 -27.17 -0.04 1.52
N ASN W 80 -26.89 -1.34 1.53
CA ASN W 80 -25.56 -1.79 1.13
C ASN W 80 -25.29 -1.48 -0.33
N ALA W 81 -26.28 -1.66 -1.21
CA ALA W 81 -26.09 -1.36 -2.62
C ALA W 81 -25.84 0.14 -2.84
N ASP W 82 -26.62 1.00 -2.17
CA ASP W 82 -26.36 2.43 -2.27
C ASP W 82 -25.01 2.80 -1.68
N PHE W 83 -24.63 2.18 -0.56
CA PHE W 83 -23.35 2.49 0.06
C PHE W 83 -22.19 2.11 -0.85
N GLN W 84 -22.24 0.94 -1.47
CA GLN W 84 -21.16 0.50 -2.35
C GLN W 84 -21.02 1.42 -3.55
N GLU W 85 -22.12 1.75 -4.21
CA GLU W 85 -22.07 2.58 -5.41
C GLU W 85 -21.75 4.03 -5.09
N THR W 86 -21.78 4.43 -3.82
CA THR W 86 -21.30 5.74 -3.40
C THR W 86 -19.82 5.73 -3.04
N MET W 87 -19.37 4.76 -2.23
CA MET W 87 -17.98 4.74 -1.80
C MET W 87 -17.04 4.35 -2.93
N ASN W 88 -17.45 3.40 -3.76
CA ASN W 88 -16.88 3.34 -5.10
C ASN W 88 -17.36 4.54 -5.89
N PHE W 89 -16.51 5.14 -6.70
CA PHE W 89 -16.94 6.38 -7.40
C PHE W 89 -17.75 5.96 -8.63
N TRP W 90 -18.81 5.21 -8.43
CA TRP W 90 -19.74 4.78 -9.46
C TRP W 90 -20.84 5.80 -9.69
N ARG W 91 -21.40 6.34 -8.62
CA ARG W 91 -22.28 7.49 -8.73
C ARG W 91 -21.51 8.69 -9.27
N GLN W 92 -22.23 9.58 -9.91
CA GLN W 92 -21.69 10.86 -10.36
C GLN W 92 -22.28 11.96 -9.50
N GLN W 93 -21.66 13.14 -9.56
CA GLN W 93 -22.14 14.25 -8.75
C GLN W 93 -23.60 14.54 -8.98
N SER W 94 -24.08 14.31 -10.20
CA SER W 94 -25.52 14.52 -10.50
C SER W 94 -26.40 13.57 -9.68
N HIS W 95 -25.95 12.33 -9.48
CA HIS W 95 -26.75 11.35 -8.74
C HIS W 95 -26.82 11.71 -7.27
N VAL W 96 -25.67 12.00 -6.65
CA VAL W 96 -25.66 12.35 -5.23
C VAL W 96 -26.33 13.69 -4.99
N MET W 97 -26.12 14.66 -5.90
CA MET W 97 -26.72 15.97 -5.71
C MET W 97 -28.25 15.89 -5.82
N ALA W 98 -28.75 15.03 -6.68
CA ALA W 98 -30.19 14.82 -6.78
C ALA W 98 -30.78 14.27 -5.49
N PHE W 99 -29.96 13.61 -4.66
CA PHE W 99 -30.46 13.12 -3.38
C PHE W 99 -30.79 14.26 -2.42
N PHE W 100 -30.13 15.40 -2.56
CA PHE W 100 -30.43 16.56 -1.71
C PHE W 100 -31.56 17.34 -2.37
N LYS W 101 -32.74 17.33 -1.73
CA LYS W 101 -33.95 17.86 -2.34
C LYS W 101 -33.92 19.39 -2.47
N GLU W 102 -32.96 20.06 -1.84
CA GLU W 102 -32.90 21.52 -1.93
C GLU W 102 -32.45 21.99 -3.32
N GLU W 103 -31.68 21.18 -4.03
CA GLU W 103 -31.12 21.59 -5.33
C GLU W 103 -32.02 21.19 -6.49
N HIS W 104 -33.30 21.57 -6.39
CA HIS W 104 -34.22 21.56 -7.52
C HIS W 104 -34.73 22.99 -7.69
N PHE W 105 -34.76 23.47 -8.94
CA PHE W 105 -34.98 24.88 -9.15
C PHE W 105 -36.37 25.35 -8.73
N ARG W 106 -37.25 24.39 -8.39
CA ARG W 106 -38.61 24.75 -7.87
C ARG W 106 -38.61 24.68 -6.35
N GLY W 107 -37.46 24.45 -5.73
CA GLY W 107 -37.36 24.44 -4.29
C GLY W 107 -37.48 23.04 -3.70
N GLU W 108 -37.43 23.01 -2.36
CA GLU W 108 -37.62 21.76 -1.62
C GLU W 108 -39.05 21.60 -1.12
N LYS W 109 -39.72 22.70 -0.76
CA LYS W 109 -41.14 22.66 -0.40
C LYS W 109 -41.95 22.53 -1.68
N ARG W 110 -41.87 21.35 -2.29
CA ARG W 110 -42.48 21.10 -3.59
C ARG W 110 -43.96 20.76 -3.49
N LEU W 111 -44.51 20.72 -2.30
CA LEU W 111 -45.94 20.56 -2.08
C LEU W 111 -46.50 21.80 -1.39
N PRO W 112 -47.79 22.10 -1.60
CA PRO W 112 -48.36 23.29 -0.96
C PRO W 112 -48.31 23.19 0.55
N SER W 113 -48.14 24.34 1.20
CA SER W 113 -48.08 24.38 2.66
C SER W 113 -49.42 23.99 3.27
N ASN W 114 -50.52 24.47 2.70
CA ASN W 114 -51.86 24.21 3.20
C ASN W 114 -52.82 24.20 2.03
N PHE W 115 -54.12 24.22 2.32
CA PHE W 115 -55.11 24.15 1.24
C PHE W 115 -55.08 25.40 0.38
N ILE W 116 -55.05 26.59 0.99
CA ILE W 116 -55.31 27.80 0.24
C ILE W 116 -54.14 28.26 -0.61
N THR W 117 -52.91 27.89 -0.24
CA THR W 117 -51.79 28.23 -1.11
C THR W 117 -51.79 27.36 -2.35
N GLY W 118 -52.06 26.07 -2.19
CA GLY W 118 -52.17 25.19 -3.34
C GLY W 118 -53.35 25.54 -4.23
N PHE W 119 -54.45 26.00 -3.64
CA PHE W 119 -55.63 26.36 -4.43
C PHE W 119 -55.38 27.63 -5.22
N LEU W 120 -54.72 28.62 -4.62
CA LEU W 120 -54.52 29.88 -5.31
C LEU W 120 -53.53 29.74 -6.46
N GLU W 121 -52.54 28.87 -6.30
CA GLU W 121 -51.56 28.56 -7.38
C GLU W 121 -52.11 27.52 -8.38
N GLY W 122 -53.01 26.61 -7.98
CA GLY W 122 -53.56 25.66 -8.96
C GLY W 122 -53.00 24.28 -8.72
N ARG W 123 -53.44 23.60 -7.66
CA ARG W 123 -52.87 22.31 -7.20
C ARG W 123 -51.37 22.47 -7.16
N ASN W 124 -50.87 23.34 -6.29
CA ASN W 124 -49.39 23.45 -6.10
C ASN W 124 -48.75 24.13 -7.31
N GLU X 57 24.55 -21.94 99.27
CA GLU X 57 25.71 -21.55 98.48
C GLU X 57 25.91 -20.04 98.49
N GLY X 58 24.81 -19.30 98.42
CA GLY X 58 24.86 -17.86 98.44
C GLY X 58 24.22 -17.25 99.66
N LEU X 59 23.18 -16.45 99.45
CA LEU X 59 22.44 -15.81 100.53
C LEU X 59 21.05 -16.41 100.62
N GLN X 60 20.68 -16.86 101.82
CA GLN X 60 19.36 -17.51 102.03
C GLN X 60 18.39 -16.52 102.69
N LYS X 61 17.09 -16.81 102.66
CA LYS X 61 16.07 -15.86 103.19
C LYS X 61 16.26 -15.64 104.69
N VAL X 62 16.54 -16.70 105.44
CA VAL X 62 16.67 -16.60 106.92
C VAL X 62 17.72 -15.55 107.27
N GLU X 63 18.89 -15.59 106.63
CA GLU X 63 20.01 -14.68 106.96
C GLU X 63 19.60 -13.24 106.61
N VAL X 64 18.98 -13.04 105.46
CA VAL X 64 18.64 -11.66 105.00
C VAL X 64 17.65 -11.05 106.00
N TYR X 65 16.66 -11.83 106.45
CA TYR X 65 15.62 -11.25 107.35
C TYR X 65 16.30 -10.81 108.65
N GLU X 66 17.21 -11.62 109.17
CA GLU X 66 17.85 -11.28 110.47
C GLU X 66 18.61 -9.96 110.31
N ARG X 67 19.47 -9.85 109.30
CA ARG X 67 20.20 -8.60 109.07
C ARG X 67 19.25 -7.43 108.90
N ILE X 68 18.14 -7.63 108.19
CA ILE X 68 17.18 -6.56 107.97
C ILE X 68 16.44 -6.24 109.28
N LYS X 69 15.99 -7.28 109.98
CA LYS X 69 15.26 -7.07 111.23
C LYS X 69 16.12 -6.37 112.27
N SER X 70 17.37 -6.80 112.41
CA SER X 70 18.29 -6.13 113.33
C SER X 70 18.64 -4.72 112.86
N LEU X 71 18.50 -4.44 111.56
CA LEU X 71 18.76 -3.11 111.07
C LEU X 71 17.66 -2.13 111.49
N LEU X 72 16.41 -2.54 111.36
CA LEU X 72 15.29 -1.68 111.74
C LEU X 72 15.12 -1.58 113.25
N ALA X 73 15.66 -2.53 114.01
CA ALA X 73 15.58 -2.45 115.46
C ALA X 73 16.32 -1.25 116.02
N GLY X 74 17.33 -0.75 115.30
CA GLY X 74 18.07 0.42 115.69
C GLY X 74 17.52 1.74 115.18
N PHE X 75 16.35 1.72 114.56
CA PHE X 75 15.74 2.92 114.01
C PHE X 75 14.67 3.45 114.97
N ASP X 76 14.77 4.73 115.31
CA ASP X 76 13.81 5.32 116.24
C ASP X 76 12.49 5.63 115.56
N LYS X 77 12.51 5.98 114.28
CA LYS X 77 11.29 6.35 113.58
C LYS X 77 10.32 5.17 113.46
N VAL X 78 10.81 3.94 113.56
CA VAL X 78 9.91 2.79 113.59
C VAL X 78 9.05 2.85 114.84
N ASN X 79 7.76 2.55 114.69
CA ASN X 79 6.82 2.65 115.80
C ASN X 79 7.25 1.75 116.96
N ASP X 80 7.55 0.49 116.67
CA ASP X 80 8.06 -0.43 117.67
C ASP X 80 8.73 -1.60 116.98
N PRO X 81 9.68 -2.29 117.65
CA PRO X 81 10.29 -3.47 117.05
C PRO X 81 9.32 -4.64 116.91
N ASN X 82 8.21 -4.65 117.64
CA ASN X 82 7.31 -5.79 117.65
C ASN X 82 6.42 -5.86 116.42
N ASN X 83 6.29 -4.77 115.67
CA ASN X 83 5.46 -4.74 114.48
C ASN X 83 6.20 -5.20 113.22
N ILE X 84 7.46 -5.58 113.35
CA ILE X 84 8.25 -6.03 112.20
C ILE X 84 7.88 -7.47 111.90
N THR X 85 7.63 -7.83 110.73
CA THR X 85 7.33 -9.23 110.35
C THR X 85 7.75 -9.38 108.88
N GLU X 86 7.38 -10.45 108.23
CA GLU X 86 7.80 -10.75 106.87
C GLU X 86 7.08 -9.86 105.86
N THR X 87 5.77 -9.70 106.02
CA THR X 87 4.95 -8.92 105.09
C THR X 87 4.77 -7.47 105.54
N ALA X 88 5.66 -6.97 106.38
CA ALA X 88 5.52 -5.60 106.88
C ALA X 88 5.75 -4.58 105.77
N HIS X 89 5.00 -3.48 105.84
CA HIS X 89 5.15 -2.36 104.92
C HIS X 89 5.64 -1.15 105.70
N PHE X 90 6.64 -0.45 105.15
CA PHE X 90 7.17 0.73 105.83
C PHE X 90 6.12 1.83 105.95
N ALA X 91 5.22 1.93 104.97
CA ALA X 91 4.31 3.06 104.91
C ALA X 91 3.32 3.06 106.07
N ASN X 92 2.65 1.92 106.31
CA ASN X 92 1.57 1.87 107.27
C ASN X 92 1.85 1.01 108.49
N ASP X 93 2.62 -0.07 108.35
CA ASP X 93 2.87 -0.94 109.50
C ASP X 93 3.87 -0.32 110.46
N LEU X 94 5.03 0.09 109.95
CA LEU X 94 6.04 0.74 110.78
C LEU X 94 5.91 2.25 110.81
N GLY X 95 5.04 2.82 109.98
CA GLY X 95 4.76 4.25 110.02
C GLY X 95 5.94 5.15 109.77
N LEU X 96 6.49 5.07 108.54
CA LEU X 96 7.69 5.87 108.19
C LEU X 96 7.34 6.89 107.10
N ASP X 97 7.98 8.05 107.12
CA ASP X 97 7.75 9.10 106.10
C ASP X 97 8.46 8.70 104.82
N SER X 98 8.15 9.37 103.70
CA SER X 98 8.85 9.08 102.42
C SER X 98 10.36 9.22 102.63
N LEU X 99 10.78 10.25 103.35
CA LEU X 99 12.23 10.48 103.61
C LEU X 99 12.79 9.31 104.43
N ASP X 100 12.02 8.81 105.41
CA ASP X 100 12.50 7.71 106.28
C ASP X 100 12.74 6.45 105.43
N THR X 101 11.85 6.17 104.48
CA THR X 101 12.00 4.97 103.62
C THR X 101 13.29 5.09 102.79
N VAL X 102 13.59 6.30 102.30
CA VAL X 102 14.85 6.52 101.54
C VAL X 102 16.04 6.24 102.45
N GLU X 103 15.97 6.68 103.71
CA GLU X 103 17.07 6.39 104.66
C GLU X 103 17.18 4.88 104.85
N VAL X 104 16.04 4.18 104.97
CA VAL X 104 16.05 2.72 105.22
C VAL X 104 16.71 2.02 104.03
N VAL X 105 16.36 2.41 102.79
CA VAL X 105 16.91 1.69 101.61
C VAL X 105 18.42 1.91 101.54
N MET X 106 18.89 3.12 101.87
CA MET X 106 20.35 3.39 101.88
C MET X 106 21.03 2.48 102.91
N ALA X 107 20.41 2.33 104.08
CA ALA X 107 20.99 1.47 105.13
C ALA X 107 21.04 0.02 104.64
N ILE X 108 19.98 -0.43 103.95
CA ILE X 108 19.95 -1.83 103.42
C ILE X 108 21.08 -1.98 102.40
N GLU X 109 21.24 -1.00 101.52
CA GLU X 109 22.27 -1.11 100.45
C GLU X 109 23.67 -1.15 101.08
N GLU X 110 23.92 -0.31 102.09
CA GLU X 110 25.25 -0.30 102.77
C GLU X 110 25.47 -1.64 103.46
N GLU X 111 24.44 -2.17 104.11
CA GLU X 111 24.56 -3.44 104.88
C GLU X 111 24.90 -4.60 103.94
N PHE X 112 24.27 -4.66 102.77
CA PHE X 112 24.48 -5.81 101.85
C PHE X 112 25.54 -5.47 100.80
N SER X 113 26.20 -4.31 100.92
CA SER X 113 27.29 -3.91 99.99
C SER X 113 26.81 -3.93 98.54
N ILE X 114 25.61 -3.40 98.28
CA ILE X 114 25.09 -3.34 96.87
C ILE X 114 24.62 -1.91 96.58
N GLU X 115 24.53 -1.56 95.30
CA GLU X 115 23.98 -0.23 94.92
C GLU X 115 22.60 -0.46 94.30
N ILE X 116 21.58 0.22 94.84
CA ILE X 116 20.20 0.03 94.33
C ILE X 116 19.91 1.14 93.32
N PRO X 117 19.41 0.84 92.11
CA PRO X 117 19.02 1.91 91.17
C PRO X 117 17.77 2.61 91.71
N ASP X 118 17.54 3.86 91.27
CA ASP X 118 16.39 4.64 91.81
C ASP X 118 15.09 3.91 91.50
N LYS X 119 14.96 3.33 90.31
CA LYS X 119 13.71 2.64 89.90
C LYS X 119 13.43 1.48 90.86
N ASP X 120 14.47 0.68 91.17
CA ASP X 120 14.31 -0.46 92.12
C ASP X 120 13.96 0.04 93.52
N ALA X 121 14.54 1.17 93.93
CA ALA X 121 14.26 1.73 95.28
C ALA X 121 12.78 2.06 95.41
N ASP X 122 12.17 2.60 94.35
CA ASP X 122 10.72 2.91 94.37
C ASP X 122 9.93 1.62 94.55
N GLN X 123 10.36 0.53 93.92
CA GLN X 123 9.66 -0.77 94.01
C GLN X 123 9.66 -1.28 95.46
N ILE X 124 10.71 -0.98 96.23
CA ILE X 124 10.82 -1.54 97.61
C ILE X 124 9.95 -0.70 98.56
N HIS X 125 8.66 -1.01 98.64
CA HIS X 125 7.74 -0.31 99.59
C HIS X 125 7.43 -1.22 100.78
N SER X 126 7.98 -2.44 100.78
CA SER X 126 7.66 -3.42 101.85
C SER X 126 8.94 -4.15 102.29
N VAL X 127 8.94 -4.66 103.54
CA VAL X 127 10.12 -5.43 104.05
C VAL X 127 10.28 -6.69 103.18
N ASP X 128 9.18 -7.32 102.80
CA ASP X 128 9.24 -8.53 101.94
C ASP X 128 9.86 -8.16 100.60
N LYS X 129 9.49 -6.99 100.05
CA LYS X 129 10.02 -6.57 98.74
C LYS X 129 11.54 -6.42 98.84
N ALA X 130 12.02 -5.86 99.95
CA ALA X 130 13.49 -5.69 100.15
C ALA X 130 14.15 -7.06 100.19
N ILE X 131 13.55 -8.02 100.90
CA ILE X 131 14.18 -9.37 101.03
C ILE X 131 14.28 -9.99 99.64
N GLU X 132 13.21 -9.85 98.83
CA GLU X 132 13.21 -10.45 97.47
C GLU X 132 14.29 -9.79 96.62
N TYR X 133 14.45 -8.46 96.74
CA TYR X 133 15.46 -7.74 95.91
C TYR X 133 16.86 -8.25 96.25
N ILE X 134 17.14 -8.42 97.55
CA ILE X 134 18.49 -8.89 97.98
C ILE X 134 18.71 -10.30 97.40
N LEU X 135 17.68 -11.15 97.46
CA LEU X 135 17.81 -12.54 96.96
C LEU X 135 18.06 -12.52 95.45
N ARG X 136 17.36 -11.64 94.72
CA ARG X 136 17.49 -11.58 93.24
C ARG X 136 18.92 -11.20 92.85
N GLN X 137 19.56 -10.28 93.59
CA GLN X 137 20.90 -9.80 93.18
C GLN X 137 21.96 -10.83 93.59
N PRO X 138 22.72 -11.42 92.63
CA PRO X 138 23.80 -12.35 92.95
C PRO X 138 24.95 -11.64 93.69
N ASP X 139 25.22 -10.39 93.33
CA ASP X 139 26.37 -9.63 93.92
C ASP X 139 26.18 -9.37 95.41
N ALA X 140 24.96 -9.50 95.94
CA ALA X 140 24.73 -9.14 97.37
C ALA X 140 25.68 -9.93 98.27
N HIS X 141 26.29 -9.24 99.24
CA HIS X 141 27.28 -9.90 100.13
C HIS X 141 26.83 -9.75 101.60
N SER Y 2 7.28 12.16 88.39
CA SER Y 2 7.62 13.56 88.16
C SER Y 2 7.32 14.40 89.39
N ASN Y 3 8.34 15.10 89.89
CA ASN Y 3 8.31 15.97 91.06
C ASN Y 3 8.11 15.21 92.35
N ARG Y 4 7.94 13.89 92.25
CA ARG Y 4 7.83 13.05 93.48
C ARG Y 4 9.01 12.08 93.45
N GLN Y 5 9.14 11.30 92.39
CA GLN Y 5 10.30 10.41 92.26
C GLN Y 5 11.60 11.20 92.24
N ALA Y 6 11.61 12.35 91.56
CA ALA Y 6 12.82 13.16 91.48
C ALA Y 6 13.23 13.68 92.84
N ALA Y 7 12.26 14.12 93.65
CA ALA Y 7 12.59 14.64 94.97
C ALA Y 7 13.20 13.55 95.87
N LEU Y 8 12.65 12.34 95.79
CA LEU Y 8 13.16 11.24 96.64
C LEU Y 8 14.54 10.81 96.15
N SER Y 9 14.72 10.66 94.83
CA SER Y 9 16.00 10.25 94.29
C SER Y 9 17.07 11.31 94.54
N LEU Y 10 16.73 12.58 94.32
CA LEU Y 10 17.68 13.66 94.56
C LEU Y 10 18.04 13.75 96.04
N TYR Y 11 17.10 13.42 96.92
CA TYR Y 11 17.40 13.38 98.34
C TYR Y 11 18.44 12.32 98.65
N ARG Y 12 18.32 11.14 98.03
CA ARG Y 12 19.28 10.06 98.27
C ARG Y 12 20.68 10.45 97.81
N ARG Y 13 20.78 11.12 96.65
CA ARG Y 13 22.08 11.53 96.16
C ARG Y 13 22.74 12.55 97.10
N ALA Y 14 21.94 13.37 97.77
CA ALA Y 14 22.50 14.28 98.76
C ALA Y 14 23.14 13.53 99.91
N LEU Y 15 22.49 12.46 100.38
CA LEU Y 15 23.07 11.65 101.44
C LEU Y 15 24.35 10.97 100.99
N LYS Y 16 24.36 10.44 99.76
CA LYS Y 16 25.55 9.78 99.24
C LYS Y 16 26.71 10.76 99.13
N LEU Y 17 26.49 11.90 98.48
CA LEU Y 17 27.56 12.85 98.24
C LEU Y 17 28.10 13.41 99.55
N ALA Y 18 27.21 13.69 100.51
CA ALA Y 18 27.66 14.18 101.81
C ALA Y 18 28.59 13.18 102.47
N LEU Y 19 28.28 11.89 102.37
CA LEU Y 19 29.16 10.87 102.93
C LEU Y 19 30.39 10.64 102.05
N ASP Y 20 30.30 10.95 100.75
CA ASP Y 20 31.45 10.74 99.88
C ASP Y 20 32.64 11.62 100.29
N TRP Y 21 32.37 12.89 100.59
CA TRP Y 21 33.46 13.78 100.97
C TRP Y 21 33.93 13.56 102.40
N THR Y 22 33.06 13.04 103.28
CA THR Y 22 33.38 12.84 104.68
C THR Y 22 33.60 11.35 104.93
N VAL Y 23 34.86 10.98 105.18
CA VAL Y 23 35.19 9.57 105.40
C VAL Y 23 34.55 9.06 106.68
N HIS Y 24 34.65 9.83 107.76
CA HIS Y 24 34.17 9.39 109.06
C HIS Y 24 32.64 9.37 109.10
N ARG Y 25 32.09 8.25 109.58
CA ARG Y 25 30.63 8.09 109.61
C ARG Y 25 30.00 8.88 110.75
N ASN Y 26 30.67 8.98 111.90
CA ASN Y 26 30.10 9.70 113.03
C ASN Y 26 29.87 11.17 112.69
N LEU Y 27 30.82 11.80 112.00
CA LEU Y 27 30.62 13.17 111.56
C LEU Y 27 29.59 13.25 110.44
N TRP Y 28 29.41 12.17 109.69
CA TRP Y 28 28.39 12.15 108.64
C TRP Y 28 26.98 12.06 109.20
N ARG Y 29 26.81 11.49 110.39
CA ARG Y 29 25.48 11.36 110.96
C ARG Y 29 24.86 12.73 111.20
N GLY Y 30 25.49 13.55 112.04
CA GLY Y 30 25.02 14.91 112.24
C GLY Y 30 25.05 15.72 110.96
N GLN Y 31 25.92 15.34 110.02
CA GLN Y 31 25.94 15.95 108.70
C GLN Y 31 24.65 15.68 107.93
N ALA Y 32 23.93 14.61 108.30
CA ALA Y 32 22.74 14.17 107.58
C ALA Y 32 21.45 14.79 108.09
N LEU Y 33 21.36 15.06 109.39
CA LEU Y 33 20.13 15.66 109.93
C LEU Y 33 19.87 17.01 109.30
N TYR Y 34 20.92 17.79 109.03
CA TYR Y 34 20.74 19.05 108.31
C TYR Y 34 20.16 18.79 106.92
N ILE Y 35 20.71 17.79 106.21
CA ILE Y 35 20.22 17.48 104.87
C ILE Y 35 18.75 17.09 104.92
N ARG Y 36 18.39 16.30 105.95
CA ARG Y 36 16.97 15.88 106.10
C ARG Y 36 16.13 17.08 106.48
N SER Y 37 16.68 17.97 107.32
CA SER Y 37 15.90 19.09 107.84
C SER Y 37 15.42 20.03 106.74
N LEU Y 38 16.29 20.32 105.78
CA LEU Y 38 15.92 21.23 104.70
C LEU Y 38 14.76 20.68 103.87
N PHE Y 39 14.69 19.35 103.74
CA PHE Y 39 13.56 18.76 103.03
C PHE Y 39 12.27 18.91 103.80
N GLU Y 40 12.34 18.88 105.14
CA GLU Y 40 11.15 19.13 105.95
C GLU Y 40 10.67 20.58 105.79
N LYS Y 41 11.61 21.52 105.71
CA LYS Y 41 11.25 22.93 105.64
C LYS Y 41 10.49 23.26 104.36
N ASN Y 42 10.66 22.44 103.33
CA ASN Y 42 10.00 22.72 102.02
C ASN Y 42 9.01 21.60 101.67
N ARG Y 43 8.41 20.98 102.69
CA ARG Y 43 7.43 19.90 102.46
C ARG Y 43 6.06 20.49 102.11
N ASN Y 44 5.82 21.77 102.40
CA ASN Y 44 4.52 22.39 102.19
C ASN Y 44 4.41 23.12 100.86
N VAL Y 45 5.47 23.14 100.05
CA VAL Y 45 5.40 23.81 98.76
C VAL Y 45 4.61 22.97 97.78
N THR Y 46 3.60 23.58 97.15
CA THR Y 46 2.76 22.88 96.19
C THR Y 46 2.65 23.58 94.84
N ASP Y 47 3.26 24.75 94.68
CA ASP Y 47 3.14 25.50 93.43
C ASP Y 47 4.05 24.86 92.38
N PRO Y 48 3.52 24.41 91.25
CA PRO Y 48 4.39 23.78 90.23
C PRO Y 48 5.46 24.72 89.69
N ARG Y 49 5.16 26.02 89.58
CA ARG Y 49 6.15 26.97 89.07
C ARG Y 49 7.34 27.11 89.99
N LEU Y 50 7.20 26.75 91.26
CA LEU Y 50 8.31 26.76 92.21
C LEU Y 50 8.86 25.37 92.49
N GLN Y 51 8.01 24.34 92.41
CA GLN Y 51 8.47 22.98 92.68
C GLN Y 51 9.56 22.56 91.70
N ARG Y 52 9.34 22.83 90.41
CA ARG Y 52 10.36 22.50 89.42
C ARG Y 52 11.56 23.43 89.52
N ALA Y 53 11.35 24.67 89.93
CA ALA Y 53 12.47 25.59 90.11
C ALA Y 53 13.33 25.18 91.31
N LEU Y 54 12.69 24.62 92.33
CA LEU Y 54 13.46 24.28 93.55
C LEU Y 54 14.32 23.06 93.23
N LEU Y 55 13.80 22.12 92.43
CA LEU Y 55 14.59 20.94 92.07
C LEU Y 55 15.81 21.33 91.23
N LYS Y 56 15.69 22.38 90.42
CA LYS Y 56 16.82 22.82 89.61
C LYS Y 56 17.96 23.34 90.48
N GLU Y 57 17.60 24.10 91.52
CA GLU Y 57 18.62 24.72 92.40
C GLU Y 57 19.46 23.64 93.07
N THR Y 58 18.82 22.64 93.66
CA THR Y 58 19.55 21.60 94.38
C THR Y 58 20.32 20.69 93.43
N GLU Y 59 19.92 20.39 92.30
CA GLU Y 59 20.73 19.57 91.37
C GLU Y 59 21.93 20.42 90.94
N LYS Y 60 21.65 21.77 90.62
CA LYS Y 60 22.82 22.60 90.38
C LYS Y 60 23.75 22.60 91.58
N LEU Y 61 23.19 22.63 92.78
CA LEU Y 61 24.01 22.58 93.99
C LEU Y 61 24.67 21.22 94.15
N LEU Y 62 23.99 20.15 93.74
CA LEU Y 62 24.60 18.82 93.79
C LEU Y 62 25.83 18.75 92.89
N GLU Y 63 25.74 19.36 91.71
CA GLU Y 63 26.90 19.40 90.78
C GLU Y 63 27.94 20.37 91.33
N LYS Y 64 27.49 21.38 92.09
CA LYS Y 64 28.43 22.38 92.62
C LYS Y 64 29.49 21.75 93.51
N TRP Y 65 29.15 20.70 94.24
CA TRP Y 65 30.06 20.06 95.18
C TRP Y 65 30.27 18.59 94.86
N LYS Y 66 30.43 18.26 93.57
CA LYS Y 66 30.61 16.87 93.18
C LYS Y 66 31.98 16.35 93.58
N HIS Y 67 31.99 15.12 94.10
CA HIS Y 67 33.26 14.47 94.53
C HIS Y 67 34.08 14.09 93.29
N PRO Y 68 35.42 14.30 93.24
CA PRO Y 68 36.23 13.88 92.09
C PRO Y 68 36.02 12.43 91.71
N ASP Y 69 35.84 11.56 92.69
CA ASP Y 69 35.49 10.17 92.43
C ASP Y 69 34.58 9.66 93.54
N PRO Y 70 33.28 9.59 93.29
CA PRO Y 70 32.36 9.03 94.30
C PRO Y 70 32.62 7.56 94.52
N TYR Y 71 32.24 7.10 95.72
CA TYR Y 71 32.33 5.68 96.04
C TYR Y 71 31.37 4.87 95.18
N CYS Y 72 31.76 3.62 94.93
CA CYS Y 72 30.93 2.64 94.25
C CYS Y 72 31.31 1.28 94.81
N PRO Y 73 30.34 0.43 95.12
CA PRO Y 73 30.68 -0.93 95.54
C PRO Y 73 31.38 -1.68 94.42
N PRO Y 74 32.27 -2.62 94.77
CA PRO Y 74 33.09 -3.26 93.73
C PRO Y 74 32.29 -3.94 92.65
N THR Y 75 31.18 -4.60 93.00
CA THR Y 75 30.36 -5.32 92.04
C THR Y 75 29.30 -4.45 91.38
N ALA Y 76 29.46 -3.13 91.44
CA ALA Y 76 28.53 -2.21 90.83
C ALA Y 76 29.20 -1.47 89.67
N PRO Y 77 28.41 -0.97 88.71
CA PRO Y 77 29.00 -0.20 87.60
C PRO Y 77 30.00 0.85 88.06
N GLY Y 78 31.23 0.71 87.62
CA GLY Y 78 32.32 1.54 88.08
C GLY Y 78 33.17 0.92 89.16
N GLY Y 79 32.74 -0.20 89.72
CA GLY Y 79 33.51 -0.86 90.76
C GLY Y 79 34.72 -1.60 90.20
N SER Y 80 35.54 -2.11 91.12
CA SER Y 80 36.76 -2.79 90.73
C SER Y 80 36.51 -4.21 90.22
N LYS Y 81 35.51 -4.89 90.76
CA LYS Y 81 35.22 -6.26 90.40
C LYS Y 81 34.15 -6.39 89.32
N TYR Y 82 33.61 -5.26 88.85
CA TYR Y 82 32.62 -5.29 87.79
C TYR Y 82 33.13 -6.06 86.58
N GLU Y 83 32.34 -7.06 86.17
CA GLU Y 83 32.60 -7.87 84.97
C GLU Y 83 34.03 -8.43 84.96
N ARG Y 84 34.47 -8.93 86.11
CA ARG Y 84 35.83 -9.47 86.23
C ARG Y 84 35.94 -10.84 85.57
N ASN Y 85 34.95 -11.70 85.75
CA ASN Y 85 34.91 -13.04 85.17
C ASN Y 85 33.54 -13.33 84.58
N LEU Y 86 33.09 -12.47 83.67
CA LEU Y 86 31.81 -12.67 83.01
C LEU Y 86 31.73 -14.07 82.41
N PRO Y 87 30.61 -14.77 82.58
CA PRO Y 87 30.46 -16.08 81.95
C PRO Y 87 30.22 -15.96 80.45
N VAL Y 88 30.43 -17.07 79.75
CA VAL Y 88 30.12 -17.14 78.33
C VAL Y 88 28.60 -17.07 78.19
N PRO Y 89 28.07 -16.12 77.43
CA PRO Y 89 26.62 -15.92 77.36
C PRO Y 89 25.87 -17.16 76.91
N ASN Y 90 26.19 -17.67 75.72
CA ASN Y 90 25.54 -18.86 75.19
C ASN Y 90 26.34 -20.09 75.62
N LEU Y 91 25.75 -20.88 76.52
CA LEU Y 91 26.37 -22.13 76.95
C LEU Y 91 26.01 -23.30 76.03
N GLU Y 92 25.07 -23.10 75.10
CA GLU Y 92 24.61 -24.18 74.25
C GLU Y 92 25.64 -24.43 73.14
N PRO Y 93 25.97 -25.69 72.88
CA PRO Y 93 27.05 -25.99 71.93
C PRO Y 93 26.75 -25.41 70.55
N PRO Y 94 27.79 -25.06 69.80
CA PRO Y 94 27.56 -24.52 68.46
C PRO Y 94 26.87 -25.55 67.58
N PRO Y 95 26.02 -25.10 66.66
CA PRO Y 95 25.33 -26.05 65.79
C PRO Y 95 26.31 -26.70 64.83
N PRO Y 96 26.01 -27.91 64.33
CA PRO Y 96 26.95 -28.59 63.45
C PRO Y 96 27.11 -27.92 62.09
N LEU Y 97 28.29 -27.36 61.85
CA LEU Y 97 28.64 -26.75 60.57
C LEU Y 97 30.04 -27.17 60.19
N LYS Y 98 30.43 -26.86 58.96
CA LYS Y 98 31.74 -27.22 58.44
C LYS Y 98 32.52 -25.97 58.05
N PHE Y 99 33.77 -25.91 58.47
CA PHE Y 99 34.65 -24.79 58.13
C PHE Y 99 36.08 -25.28 57.88
N GLN Z 67 37.93 -27.80 94.77
CA GLN Z 67 37.43 -28.73 93.75
C GLN Z 67 37.77 -28.22 92.36
N TYR Z 68 38.04 -29.15 91.45
CA TYR Z 68 38.42 -28.81 90.08
C TYR Z 68 37.61 -29.64 89.10
N ASP Z 69 37.35 -29.06 87.93
CA ASP Z 69 36.65 -29.79 86.89
C ASP Z 69 37.62 -30.67 86.10
N PRO Z 70 37.12 -31.75 85.52
CA PRO Z 70 37.93 -32.53 84.57
C PRO Z 70 38.12 -31.75 83.28
N PRO Z 71 39.29 -31.83 82.66
CA PRO Z 71 39.51 -31.10 81.41
C PRO Z 71 38.52 -31.51 80.33
N THR Z 72 37.93 -30.51 79.67
CA THR Z 72 36.89 -30.75 78.68
C THR Z 72 37.24 -30.05 77.37
N GLY Z 73 36.29 -30.01 76.45
CA GLY Z 73 36.46 -29.29 75.21
C GLY Z 73 36.68 -30.21 74.03
N TRP Z 74 36.24 -29.75 72.86
CA TRP Z 74 36.38 -30.50 71.61
C TRP Z 74 37.51 -29.92 70.79
N LEU Z 75 38.57 -30.70 70.59
CA LEU Z 75 39.67 -30.29 69.73
C LEU Z 75 39.24 -30.43 68.28
N TRP Z 76 39.53 -29.40 67.48
CA TRP Z 76 39.11 -29.30 66.08
C TRP Z 76 37.60 -29.39 65.94
N GLY Z 77 36.85 -29.16 67.02
CA GLY Z 77 35.41 -29.24 66.97
C GLY Z 77 34.85 -30.64 66.97
N VAL Z 78 35.69 -31.66 67.12
CA VAL Z 78 35.24 -33.04 67.06
C VAL Z 78 34.52 -33.38 68.36
N ARG Z 79 33.25 -33.78 68.26
CA ARG Z 79 32.51 -34.22 69.43
C ARG Z 79 33.09 -35.52 69.95
N PRO Z 80 32.91 -35.80 71.25
CA PRO Z 80 33.52 -37.01 71.82
C PRO Z 80 33.01 -38.30 71.19
N GLY Z 81 31.84 -38.29 70.55
CA GLY Z 81 31.33 -39.50 69.95
C GLY Z 81 32.15 -39.97 68.76
N GLU Z 82 32.60 -39.05 67.92
CA GLU Z 82 33.20 -39.41 66.63
C GLU Z 82 34.66 -38.96 66.59
N LYS Z 83 35.21 -39.23 65.30
CA LYS Z 83 36.63 -38.91 65.01
C LYS Z 83 36.72 -37.81 63.95
N TYR Z 84 37.90 -37.08 63.95
CA TYR Z 84 38.09 -36.03 62.95
C TYR Z 84 38.02 -36.60 61.54
N GLN Z 85 37.20 -35.98 60.70
CA GLN Z 85 37.10 -36.37 59.30
C GLN Z 85 38.12 -35.62 58.46
N ASN Z 86 38.64 -36.30 57.44
CA ASN Z 86 39.69 -35.76 56.59
C ASN Z 86 39.09 -35.15 55.34
N GLU Z 87 39.50 -33.93 55.01
CA GLU Z 87 39.06 -33.26 53.80
C GLU Z 87 39.93 -33.55 52.59
N GLY Z 88 41.07 -34.21 52.78
CA GLY Z 88 41.96 -34.56 51.68
C GLY Z 88 43.19 -33.68 51.57
N TRP Z 89 43.22 -32.54 52.25
CA TRP Z 89 44.40 -31.70 52.27
C TRP Z 89 45.47 -32.23 53.22
N GLU Z 90 45.10 -33.08 54.17
CA GLU Z 90 46.01 -33.49 55.24
C GLU Z 90 47.18 -34.29 54.70
N GLY Z 91 46.93 -35.17 53.74
CA GLY Z 91 47.97 -35.97 53.13
C GLY Z 91 49.09 -35.15 52.55
N PRO Z 92 48.81 -34.37 51.49
CA PRO Z 92 49.88 -33.55 50.90
C PRO Z 92 50.47 -32.52 51.83
N PHE Z 93 49.67 -31.96 52.74
CA PHE Z 93 50.17 -30.86 53.57
C PHE Z 93 51.15 -31.35 54.63
N PHE Z 94 50.80 -32.44 55.34
CA PHE Z 94 51.64 -32.92 56.43
C PHE Z 94 52.87 -33.68 55.96
N TYR Z 95 52.82 -34.30 54.79
CA TYR Z 95 53.93 -35.11 54.29
C TYR Z 95 54.65 -34.49 53.12
N GLY Z 96 53.94 -33.79 52.25
CA GLY Z 96 54.58 -33.11 51.14
C GLY Z 96 55.11 -31.74 51.53
N PHE Z 97 54.30 -30.95 52.23
CA PHE Z 97 54.69 -29.58 52.55
C PHE Z 97 55.61 -29.54 53.76
N TRP Z 98 55.12 -29.97 54.92
CA TRP Z 98 55.96 -29.97 56.11
C TRP Z 98 57.08 -31.00 55.99
N GLY Z 99 56.75 -32.20 55.54
CA GLY Z 99 57.73 -33.24 55.30
C GLY Z 99 58.96 -32.75 54.56
N SER Z 100 58.75 -32.19 53.36
CA SER Z 100 59.86 -31.63 52.60
C SER Z 100 60.54 -30.48 53.34
N LEU Z 101 59.82 -29.80 54.24
CA LEU Z 101 60.41 -28.71 54.99
C LEU Z 101 61.33 -29.20 56.11
N ILE Z 102 61.13 -30.41 56.63
CA ILE Z 102 62.10 -30.99 57.55
C ILE Z 102 63.27 -31.60 56.79
N VAL Z 103 63.00 -32.28 55.68
CA VAL Z 103 64.07 -32.84 54.86
C VAL Z 103 65.04 -31.74 54.42
N PHE Z 104 64.49 -30.60 53.97
CA PHE Z 104 65.34 -29.47 53.52
C PHE Z 104 66.16 -28.98 54.69
N ALA Z 105 65.54 -28.93 55.88
CA ALA Z 105 66.27 -28.47 57.05
C ALA Z 105 67.46 -29.36 57.35
N ILE Z 106 67.30 -30.68 57.16
CA ILE Z 106 68.41 -31.60 57.38
C ILE Z 106 69.52 -31.34 56.38
N ALA Z 107 69.18 -31.23 55.09
CA ALA Z 107 70.18 -30.94 54.08
C ALA Z 107 70.87 -29.60 54.33
N TYR Z 108 70.21 -28.67 55.02
CA TYR Z 108 70.81 -27.37 55.26
C TYR Z 108 71.94 -27.46 56.29
N ALA Z 109 71.88 -28.44 57.19
CA ALA Z 109 72.98 -28.64 58.12
C ALA Z 109 74.25 -29.10 57.42
N TYR Z 110 74.11 -29.87 56.34
CA TYR Z 110 75.24 -30.36 55.59
C TYR Z 110 75.64 -29.43 54.44
N LYS Z 111 74.88 -28.37 54.21
CA LYS Z 111 75.19 -27.46 53.11
C LYS Z 111 76.53 -26.76 53.37
N PRO Z 112 77.39 -26.64 52.36
CA PRO Z 112 78.62 -25.88 52.54
C PRO Z 112 78.32 -24.39 52.74
N ASP Z 113 79.20 -23.75 53.48
CA ASP Z 113 79.03 -22.35 53.86
C ASP Z 113 79.71 -21.46 52.83
N THR Z 114 78.91 -20.78 52.01
CA THR Z 114 79.41 -19.94 50.94
C THR Z 114 79.10 -18.46 51.15
N SER Z 115 78.78 -18.06 52.38
CA SER Z 115 78.53 -16.66 52.67
C SER Z 115 79.82 -15.85 52.55
N ILE Z 116 79.69 -14.61 52.08
CA ILE Z 116 80.85 -13.74 51.87
C ILE Z 116 81.57 -13.46 53.18
N GLN Z 117 80.84 -13.49 54.31
CA GLN Z 117 81.43 -13.06 55.57
C GLN Z 117 82.55 -14.00 56.01
N THR Z 118 82.28 -15.31 56.04
CA THR Z 118 83.28 -16.24 56.54
C THR Z 118 84.49 -16.31 55.62
N TRP Z 119 84.28 -16.22 54.31
CA TRP Z 119 85.41 -16.05 53.40
C TRP Z 119 86.20 -14.80 53.75
N ALA Z 120 85.51 -13.72 54.14
CA ALA Z 120 86.21 -12.47 54.45
C ALA Z 120 86.87 -12.49 55.81
N LEU Z 121 86.28 -13.15 56.81
CA LEU Z 121 86.91 -13.22 58.13
C LEU Z 121 88.24 -13.95 58.06
N GLU Z 122 88.32 -15.00 57.23
CA GLU Z 122 89.57 -15.73 57.09
C GLU Z 122 90.67 -14.83 56.54
N GLU Z 123 90.34 -14.04 55.51
CA GLU Z 123 91.32 -13.09 55.00
C GLU Z 123 91.59 -11.97 56.00
N ALA Z 124 90.53 -11.47 56.64
CA ALA Z 124 90.72 -10.45 57.67
C ALA Z 124 91.62 -10.94 58.80
N ARG Z 125 91.54 -12.24 59.12
CA ARG Z 125 92.38 -12.79 60.17
C ARG Z 125 93.86 -12.67 59.83
N ARG Z 126 94.25 -13.25 58.69
CA ARG Z 126 95.66 -13.19 58.28
C ARG Z 126 96.16 -11.77 58.20
N ARG Z 127 95.37 -10.90 57.54
CA ARG Z 127 95.76 -9.50 57.39
C ARG Z 127 95.90 -8.82 58.74
N LEU Z 128 95.15 -9.28 59.74
CA LEU Z 128 95.35 -8.79 61.11
C LEU Z 128 96.54 -9.47 61.78
N GLU Z 129 96.82 -10.72 61.44
CA GLU Z 129 97.99 -11.40 61.99
C GLU Z 129 99.30 -10.79 61.50
N ALA Z 130 99.29 -10.15 60.34
CA ALA Z 130 100.47 -9.43 59.88
C ALA Z 130 100.81 -8.25 60.78
N GLU Z 131 99.86 -7.78 61.58
CA GLU Z 131 100.08 -6.76 62.58
C GLU Z 131 100.10 -7.41 63.97
N GLY Z 132 100.21 -6.59 65.00
CA GLY Z 132 100.28 -7.08 66.35
C GLY Z 132 98.96 -7.36 67.04
N ILE Z 133 97.84 -7.19 66.33
CA ILE Z 133 96.53 -7.36 66.95
C ILE Z 133 96.27 -8.83 67.28
N LEU Z 134 96.57 -9.72 66.34
CA LEU Z 134 96.34 -11.15 66.52
C LEU Z 134 97.66 -11.91 66.55
N GLU Z 135 97.59 -13.16 66.97
CA GLU Z 135 98.75 -14.03 67.10
C GLU Z 135 98.64 -15.15 66.08
N ASP Z 136 99.74 -15.33 65.38
CA ASP Z 136 99.83 -16.34 64.31
C ASP Z 136 99.92 -17.74 64.92
N PRO Z 137 98.97 -18.69 64.70
CA PRO Z 137 99.19 -20.05 65.22
C PRO Z 137 100.42 -20.73 64.63
N ASN Z 138 100.75 -20.45 63.37
CA ASN Z 138 101.89 -21.03 62.67
C ASN Z 138 102.76 -19.89 62.13
N PRO Z 139 103.56 -19.26 63.00
CA PRO Z 139 104.40 -18.15 62.54
C PRO Z 139 105.46 -18.62 61.55
N THR Z 140 105.79 -17.72 60.62
CA THR Z 140 106.81 -17.97 59.60
C THR Z 140 106.53 -19.24 58.81
N MET AA 1 55.29 30.73 -33.08
CA MET AA 1 54.01 30.56 -32.40
C MET AA 1 53.65 29.08 -32.28
N ALA AA 2 52.69 28.78 -31.41
CA ALA AA 2 52.41 27.39 -31.03
C ALA AA 2 51.75 26.62 -32.17
N THR AA 3 51.91 25.32 -32.12
CA THR AA 3 51.33 24.44 -33.16
C THR AA 3 49.94 23.98 -32.75
N ARG AA 4 49.36 24.61 -31.73
CA ARG AA 4 47.97 24.32 -31.30
C ARG AA 4 46.97 24.71 -32.38
N LYS AA 5 45.89 23.94 -32.52
CA LYS AA 5 44.82 24.33 -33.46
C LYS AA 5 44.01 25.45 -32.81
N PRO AA 6 43.91 26.67 -33.40
CA PRO AA 6 43.10 27.73 -32.80
C PRO AA 6 41.61 27.42 -32.90
N ALA AA 7 40.86 28.01 -31.96
CA ALA AA 7 39.40 27.93 -31.98
C ALA AA 7 38.71 29.28 -31.87
N PHE AA 8 39.43 30.35 -31.49
CA PHE AA 8 38.80 31.64 -31.30
C PHE AA 8 39.61 32.80 -31.88
N ASN AA 9 40.46 32.52 -32.86
CA ASN AA 9 41.25 33.57 -33.55
C ASN AA 9 40.31 34.55 -34.25
N GLN AA 10 40.53 35.85 -34.09
CA GLN AA 10 39.74 36.86 -34.82
C GLN AA 10 40.73 37.81 -35.49
N HIS AA 11 42.03 37.58 -35.28
CA HIS AA 11 43.03 38.54 -35.77
C HIS AA 11 44.27 37.81 -36.33
N VAL AA 12 45.02 38.51 -37.17
CA VAL AA 12 46.28 37.96 -37.74
C VAL AA 12 47.39 38.93 -37.35
N LEU AA 13 48.51 38.41 -36.86
CA LEU AA 13 49.65 39.26 -36.50
C LEU AA 13 50.80 39.04 -37.50
N LEU AA 14 51.27 40.10 -38.17
CA LEU AA 14 52.38 40.02 -39.11
C LEU AA 14 53.56 40.81 -38.58
N ASP AA 15 54.75 40.45 -39.05
CA ASP AA 15 55.97 41.15 -38.67
C ASP AA 15 56.79 41.43 -39.92
N THR AA 16 57.06 42.71 -40.18
CA THR AA 16 57.76 43.11 -41.40
C THR AA 16 59.27 43.11 -41.26
N THR AA 17 59.80 42.83 -40.06
CA THR AA 17 61.24 42.80 -39.88
C THR AA 17 61.83 41.66 -40.71
N PRO AA 18 62.82 41.95 -41.55
CA PRO AA 18 63.41 40.92 -42.41
C PRO AA 18 64.42 40.08 -41.63
N LEU AA 19 65.02 39.13 -42.33
CA LEU AA 19 66.10 38.35 -41.76
C LEU AA 19 67.38 39.18 -41.73
N PRO AA 20 68.27 38.94 -40.78
CA PRO AA 20 69.55 39.64 -40.76
C PRO AA 20 70.37 39.34 -42.01
N ASP AA 21 71.16 40.33 -42.42
CA ASP AA 21 71.96 40.18 -43.63
C ASP AA 21 72.96 39.05 -43.52
N SER AA 22 73.37 38.70 -42.29
CA SER AA 22 74.32 37.60 -42.11
C SER AA 22 73.78 36.29 -42.67
N ILE AA 23 72.46 36.12 -42.67
CA ILE AA 23 71.85 34.94 -43.26
C ILE AA 23 71.72 35.15 -44.77
N PRO AA 24 72.26 34.25 -45.58
CA PRO AA 24 72.06 34.34 -47.03
C PRO AA 24 70.57 34.35 -47.38
N LYS AA 25 70.22 35.15 -48.38
CA LYS AA 25 68.84 35.25 -48.80
C LYS AA 25 68.42 34.00 -49.57
N VAL AA 26 67.11 33.90 -49.81
CA VAL AA 26 66.55 32.82 -50.62
C VAL AA 26 65.20 33.28 -51.13
N LYS AA 27 64.91 32.96 -52.38
CA LYS AA 27 63.58 33.19 -52.93
C LYS AA 27 62.67 32.06 -52.48
N GLU AA 28 61.59 32.40 -51.76
CA GLU AA 28 60.65 31.38 -51.34
C GLU AA 28 59.94 30.79 -52.55
N ILE AA 29 59.52 29.53 -52.41
CA ILE AA 29 58.78 28.87 -53.48
C ILE AA 29 57.43 29.57 -53.66
N GLY AA 30 57.13 29.90 -54.92
CA GLY AA 30 55.90 30.65 -55.19
C GLY AA 30 54.86 29.82 -55.89
N ALA AA 31 54.75 28.56 -55.53
CA ALA AA 31 53.79 27.66 -56.18
C ALA AA 31 52.69 27.31 -55.20
N SER AA 32 51.46 27.23 -55.70
CA SER AA 32 50.30 26.94 -54.83
C SER AA 32 50.24 25.45 -54.53
N SER AA 33 49.30 25.03 -53.71
CA SER AA 33 49.19 23.65 -53.27
C SER AA 33 48.99 22.69 -54.44
N ALA AA 34 48.02 22.98 -55.32
CA ALA AA 34 47.74 22.07 -56.42
C ALA AA 34 48.91 21.89 -57.37
N PRO AA 35 49.60 22.94 -57.84
CA PRO AA 35 50.82 22.70 -58.63
C PRO AA 35 51.89 21.95 -57.87
N LEU AA 36 52.10 22.26 -56.60
CA LEU AA 36 53.12 21.54 -55.77
C LEU AA 36 52.79 20.06 -55.74
N LEU AA 37 51.51 19.73 -55.58
CA LEU AA 37 51.05 18.34 -55.52
C LEU AA 37 51.21 17.58 -56.83
N SER AA 38 50.95 18.21 -57.98
CA SER AA 38 51.19 17.57 -59.29
C SER AA 38 52.70 17.40 -59.51
N ALA AA 39 53.51 18.24 -58.89
CA ALA AA 39 54.98 18.18 -59.02
C ALA AA 39 55.64 17.55 -57.79
N SER AA 40 54.89 16.92 -56.88
CA SER AA 40 55.50 16.43 -55.64
C SER AA 40 56.43 15.24 -55.88
N PHE AA 41 55.97 14.25 -56.65
CA PHE AA 41 56.82 13.09 -56.91
C PHE AA 41 58.03 13.42 -57.78
N PHE AA 42 57.92 14.49 -58.56
CA PHE AA 42 59.02 14.98 -59.41
C PHE AA 42 60.05 15.64 -58.48
N ILE AA 43 59.59 16.48 -57.54
CA ILE AA 43 60.44 17.07 -56.51
C ILE AA 43 61.06 15.96 -55.67
N GLY AA 44 60.26 14.95 -55.31
CA GLY AA 44 60.79 13.82 -54.58
C GLY AA 44 61.86 13.06 -55.35
N ALA AA 45 61.69 12.95 -56.67
CA ALA AA 45 62.66 12.23 -57.49
C ALA AA 45 64.02 12.92 -57.52
N ARG AA 46 64.03 14.25 -57.63
CA ARG AA 46 65.29 14.97 -57.76
C ARG AA 46 65.88 15.39 -56.40
N CYS AA 47 65.04 15.78 -55.45
CA CYS AA 47 65.57 16.39 -54.20
C CYS AA 47 65.47 15.49 -52.98
N LYS AA 48 65.27 14.20 -53.17
CA LYS AA 48 65.08 13.32 -52.02
C LYS AA 48 66.27 13.36 -51.08
N ASP AA 49 67.48 13.41 -51.63
CA ASP AA 49 68.67 13.42 -50.79
C ASP AA 49 68.75 14.71 -49.96
N TYR AA 50 68.53 15.85 -50.59
CA TYR AA 50 68.55 17.12 -49.86
C TYR AA 50 67.40 17.20 -48.87
N ASN AA 51 66.23 16.69 -49.22
CA ASN AA 51 65.10 16.65 -48.27
C ASN AA 51 65.50 15.79 -47.07
N ASP AA 52 66.05 14.60 -47.33
CA ASP AA 52 66.47 13.74 -46.23
C ASP AA 52 67.56 14.40 -45.39
N ASP AA 53 68.54 15.02 -46.05
CA ASP AA 53 69.63 15.67 -45.32
C ASP AA 53 69.10 16.78 -44.42
N TYR AA 54 68.17 17.57 -44.92
CA TYR AA 54 67.61 18.67 -44.11
C TYR AA 54 66.89 18.08 -42.88
N MET AA 55 66.06 17.06 -43.08
CA MET AA 55 65.36 16.46 -41.96
C MET AA 55 66.32 15.80 -40.99
N GLN AA 56 67.36 15.14 -41.51
CA GLN AA 56 68.37 14.54 -40.64
C GLN AA 56 69.15 15.60 -39.87
N CYS AA 57 69.40 16.75 -40.49
CA CYS AA 57 70.08 17.83 -39.79
C CYS AA 57 69.29 18.28 -38.57
N LYS AA 58 67.97 18.37 -38.73
CA LYS AA 58 67.12 18.85 -37.62
C LYS AA 58 67.12 17.80 -36.51
N ASN AA 59 66.98 16.53 -36.88
CA ASN AA 59 67.00 15.45 -35.89
C ASN AA 59 68.33 15.38 -35.17
N GLU AA 60 69.41 15.83 -35.80
CA GLU AA 60 70.71 15.83 -35.15
C GLU AA 60 70.82 16.94 -34.11
N ASN AA 61 69.99 17.96 -34.21
CA ASN AA 61 70.01 19.11 -33.30
C ASN AA 61 68.63 19.31 -32.69
N PRO AA 62 68.24 18.45 -31.75
CA PRO AA 62 66.89 18.53 -31.18
C PRO AA 62 66.69 19.82 -30.40
N GLY AA 63 65.54 20.45 -30.62
CA GLY AA 63 65.23 21.74 -30.03
C GLY AA 63 65.92 22.91 -30.68
N ARG AA 64 66.81 22.66 -31.64
CA ARG AA 64 67.59 23.71 -32.28
C ARG AA 64 67.56 23.59 -33.79
N GLY AA 65 66.65 22.80 -34.34
CA GLY AA 65 66.70 22.48 -35.76
C GLY AA 65 66.30 23.64 -36.65
N GLU AA 66 65.47 24.54 -36.15
CA GLU AA 66 65.13 25.75 -36.94
C GLU AA 66 66.45 26.44 -37.25
N PHE AA 67 67.17 26.91 -36.22
CA PHE AA 67 68.50 27.44 -36.43
C PHE AA 67 69.45 26.30 -36.81
N GLU AA 68 70.67 26.68 -37.20
CA GLU AA 68 71.79 25.76 -37.45
C GLU AA 68 71.42 24.60 -38.38
N CYS AA 69 70.30 24.73 -39.11
CA CYS AA 69 70.02 23.91 -40.26
C CYS AA 69 69.59 24.79 -41.43
N LEU AA 70 69.75 26.11 -41.31
CA LEU AA 70 69.26 27.04 -42.31
C LEU AA 70 69.91 26.82 -43.66
N LYS AA 71 71.22 26.59 -43.69
CA LYS AA 71 71.91 26.35 -44.95
C LYS AA 71 71.36 25.12 -45.66
N GLU AA 72 71.01 24.08 -44.90
CA GLU AA 72 70.39 22.91 -45.50
C GLU AA 72 68.94 23.17 -45.87
N GLY AA 73 68.27 24.06 -45.14
CA GLY AA 73 66.95 24.49 -45.55
C GLY AA 73 66.96 25.23 -46.87
N ARG AA 74 68.00 26.04 -47.11
CA ARG AA 74 68.08 26.79 -48.36
C ARG AA 74 68.25 25.86 -49.56
N ARG AA 75 69.00 24.77 -49.41
CA ARG AA 75 69.23 23.80 -50.52
C ARG AA 75 67.91 23.19 -50.98
N VAL AA 76 67.08 22.81 -50.02
CA VAL AA 76 65.79 22.12 -50.31
C VAL AA 76 64.89 23.06 -51.10
N THR AA 77 65.01 24.36 -50.90
CA THR AA 77 64.14 25.33 -51.59
C THR AA 77 64.67 25.51 -53.01
N ARG AA 78 65.99 25.49 -53.17
CA ARG AA 78 66.56 25.68 -54.49
C ARG AA 78 66.33 24.47 -55.38
N CYS AA 79 66.55 23.26 -54.85
CA CYS AA 79 66.29 22.02 -55.62
C CYS AA 79 64.83 21.92 -56.06
N ALA AA 80 63.88 22.07 -55.15
CA ALA AA 80 62.44 22.07 -55.53
C ALA AA 80 62.20 23.15 -56.60
N ARG AA 81 62.80 24.33 -56.46
CA ARG AA 81 62.62 25.40 -57.43
C ARG AA 81 63.16 24.99 -58.81
N SER AA 82 64.25 24.22 -58.85
CA SER AA 82 64.75 23.71 -60.12
C SER AA 82 63.75 22.78 -60.78
N VAL AA 83 62.96 22.05 -60.00
CA VAL AA 83 62.02 21.09 -60.66
C VAL AA 83 60.83 21.87 -61.21
N LEU AA 84 60.43 22.95 -60.55
CA LEU AA 84 59.24 23.73 -61.00
C LEU AA 84 59.66 24.68 -62.10
N LYS AA 85 60.96 24.90 -62.25
CA LYS AA 85 61.47 25.74 -63.36
C LYS AA 85 61.55 24.80 -64.56
N ASP AA 86 62.15 23.60 -64.36
CA ASP AA 86 62.30 22.70 -65.49
C ASP AA 86 60.96 22.25 -66.04
N ILE AA 87 60.02 21.89 -65.16
CA ILE AA 87 58.67 21.46 -65.62
C ILE AA 87 57.99 22.60 -66.40
N ASN AA 88 58.02 23.83 -65.90
CA ASN AA 88 57.38 25.00 -66.57
C ASN AA 88 58.05 25.37 -67.90
N THR AA 89 59.24 24.84 -68.19
CA THR AA 89 59.93 25.10 -69.47
C THR AA 89 59.81 23.92 -70.44
N HIS AA 90 59.19 22.83 -70.04
CA HIS AA 90 59.16 21.63 -70.88
C HIS AA 90 57.83 20.92 -70.89
N CYS AA 91 56.96 21.11 -69.89
CA CYS AA 91 55.72 20.36 -69.77
C CYS AA 91 54.59 21.28 -69.32
N LEU AA 92 54.65 22.55 -69.72
CA LEU AA 92 53.74 23.55 -69.16
C LEU AA 92 52.27 23.19 -69.40
N GLU AA 93 51.93 22.85 -70.65
CA GLU AA 93 50.54 22.56 -70.97
C GLU AA 93 50.04 21.32 -70.22
N GLN AA 94 50.85 20.27 -70.19
CA GLN AA 94 50.48 19.06 -69.47
C GLN AA 94 50.51 19.28 -67.95
N PHE AA 95 51.44 20.11 -67.48
CA PHE AA 95 51.47 20.45 -66.07
C PHE AA 95 50.21 21.20 -65.64
N ARG AA 96 49.82 22.21 -66.42
CA ARG AA 96 48.62 22.98 -66.07
C ARG AA 96 47.37 22.12 -66.14
N ALA AA 97 47.30 21.17 -67.06
CA ALA AA 97 46.17 20.24 -67.17
C ALA AA 97 46.02 19.44 -65.86
N HIS AA 98 47.10 18.84 -65.39
CA HIS AA 98 47.04 17.99 -64.17
C HIS AA 98 46.72 18.81 -62.91
N TRP AA 99 47.32 19.98 -62.73
CA TRP AA 99 47.09 20.69 -61.44
C TRP AA 99 45.75 21.41 -61.47
N GLN AA 100 45.24 21.74 -62.64
CA GLN AA 100 43.91 22.33 -62.73
C GLN AA 100 42.83 21.28 -62.49
N CYS AA 101 43.09 20.05 -62.98
CA CYS AA 101 42.17 18.92 -62.67
C CYS AA 101 42.23 18.65 -61.16
N LEU AA 102 43.42 18.62 -60.59
CA LEU AA 102 43.60 18.33 -59.14
C LEU AA 102 42.86 19.38 -58.30
N ASP AA 103 42.90 20.63 -58.73
CA ASP AA 103 42.31 21.74 -57.94
C ASP AA 103 40.80 21.64 -58.03
N ASN AA 104 40.30 21.07 -59.12
CA ASN AA 104 38.87 20.89 -59.29
C ASN AA 104 38.36 19.57 -58.71
N ASN AA 105 39.23 18.70 -58.23
CA ASN AA 105 38.82 17.37 -57.78
C ASN AA 105 39.30 17.10 -56.36
N ASN AA 106 39.10 18.07 -55.47
CA ASN AA 106 39.43 17.93 -54.05
C ASN AA 106 40.88 17.52 -53.83
N GLN AA 107 41.75 17.90 -54.78
CA GLN AA 107 43.18 17.53 -54.71
C GLN AA 107 43.35 16.03 -54.49
N GLN AA 108 42.47 15.23 -55.11
CA GLN AA 108 42.51 13.75 -54.99
C GLN AA 108 43.23 13.20 -56.21
N LEU AA 109 44.44 12.66 -56.06
CA LEU AA 109 45.30 12.22 -57.18
C LEU AA 109 44.61 11.17 -58.06
N TRP AA 110 43.77 10.31 -57.48
CA TRP AA 110 43.08 9.24 -58.25
C TRP AA 110 41.92 9.77 -59.11
N GLN AA 111 41.57 11.05 -59.01
CA GLN AA 111 40.51 11.66 -59.85
C GLN AA 111 41.08 12.21 -61.16
N CYS AA 112 42.41 12.32 -61.27
CA CYS AA 112 43.01 12.97 -62.47
C CYS AA 112 44.02 12.08 -63.19
N ARG AA 113 43.82 10.76 -63.22
CA ARG AA 113 44.80 9.85 -63.80
C ARG AA 113 45.12 10.16 -65.26
N PRO AA 114 44.15 10.41 -66.15
CA PRO AA 114 44.52 10.75 -67.54
C PRO AA 114 45.44 11.96 -67.64
N ALA AA 115 45.17 13.01 -66.87
CA ALA AA 115 46.05 14.17 -66.88
C ALA AA 115 47.40 13.84 -66.26
N GLU AA 116 47.42 12.96 -65.27
CA GLU AA 116 48.69 12.57 -64.60
C GLU AA 116 49.52 11.75 -65.59
N TRP AA 117 48.89 10.78 -66.24
CA TRP AA 117 49.64 9.95 -67.18
C TRP AA 117 50.25 10.77 -68.31
N LYS AA 118 49.54 11.79 -68.79
CA LYS AA 118 50.10 12.67 -69.82
C LYS AA 118 51.32 13.41 -69.30
N LEU AA 119 51.25 13.96 -68.08
CA LEU AA 119 52.37 14.73 -67.50
C LEU AA 119 53.54 13.78 -67.17
N ASN AA 120 53.26 12.67 -66.47
CA ASN AA 120 54.28 11.65 -66.14
C ASN AA 120 55.08 11.35 -67.39
N LYS AA 121 54.46 11.07 -68.53
CA LYS AA 121 55.18 10.75 -69.79
C LYS AA 121 56.04 11.92 -70.28
N CYS AA 122 55.46 13.11 -70.29
CA CYS AA 122 56.22 14.25 -70.80
C CYS AA 122 57.42 14.57 -69.91
N VAL AA 123 57.22 14.54 -68.59
CA VAL AA 123 58.30 14.83 -67.66
C VAL AA 123 59.43 13.82 -67.83
N TYR AA 124 59.09 12.54 -67.95
CA TYR AA 124 60.11 11.51 -68.08
C TYR AA 124 60.93 11.66 -69.35
N GLU AA 125 60.31 12.15 -70.41
CA GLU AA 125 60.98 12.25 -71.70
C GLU AA 125 61.76 13.55 -71.87
N ASN AA 126 61.78 14.42 -70.85
CA ASN AA 126 62.59 15.63 -70.94
C ASN AA 126 63.49 15.80 -69.71
N LEU AA 127 63.04 15.32 -68.55
CA LEU AA 127 63.76 15.53 -67.30
C LEU AA 127 64.31 14.26 -66.68
N LYS AA 128 63.95 13.08 -67.18
CA LYS AA 128 64.39 11.80 -66.63
C LYS AA 128 64.04 11.67 -65.16
N LEU AA 129 62.95 12.29 -64.74
CA LEU AA 129 62.42 12.14 -63.39
C LEU AA 129 61.17 11.26 -63.45
N GLU AA 130 61.16 10.20 -62.67
CA GLU AA 130 60.12 9.18 -62.73
C GLU AA 130 59.44 9.04 -61.39
N LYS AA 131 58.11 8.87 -61.42
CA LYS AA 131 57.33 8.71 -60.20
C LYS AA 131 57.55 7.33 -59.59
N VAL AA 132 57.79 7.29 -58.29
CA VAL AA 132 58.03 6.04 -57.57
C VAL AA 132 57.34 6.10 -56.22
N ILE AA 133 56.71 4.99 -55.83
CA ILE AA 133 56.08 4.87 -54.52
C ILE AA 133 56.64 3.62 -53.83
N PRO AA 134 57.39 3.77 -52.74
CA PRO AA 134 57.98 2.60 -52.09
C PRO AA 134 56.93 1.64 -51.52
N ASP AA 135 57.22 0.34 -51.66
CA ASP AA 135 56.56 -0.75 -50.95
C ASP AA 135 55.12 -1.01 -51.36
N GLN AA 136 54.79 -0.78 -52.62
CA GLN AA 136 53.44 -1.14 -53.11
C GLN AA 136 53.36 -2.67 -53.23
N PRO AA 137 52.20 -3.30 -52.98
CA PRO AA 137 52.13 -4.75 -53.00
C PRO AA 137 52.55 -5.36 -54.35
N LYS AA 138 53.56 -6.24 -54.33
CA LYS AA 138 54.09 -6.79 -55.58
C LYS AA 138 53.11 -7.71 -56.28
N ASN AA 139 52.03 -8.12 -55.62
CA ASN AA 139 51.07 -9.05 -56.20
C ASN AA 139 49.93 -8.34 -56.93
N SER AA 140 50.01 -7.01 -57.03
CA SER AA 140 48.97 -6.20 -57.70
C SER AA 140 49.66 -5.16 -58.58
N THR AA 141 48.92 -4.58 -59.52
CA THR AA 141 49.47 -3.48 -60.33
C THR AA 141 49.61 -2.27 -59.40
N PRO AA 142 50.65 -1.41 -59.50
CA PRO AA 142 50.71 -0.17 -58.70
C PRO AA 142 49.44 0.68 -58.87
N VAL AA 143 48.86 1.22 -57.79
CA VAL AA 143 47.55 1.87 -57.80
C VAL AA 143 47.51 3.05 -58.76
N HIS AA 144 48.64 3.73 -58.94
CA HIS AA 144 48.69 4.87 -59.84
C HIS AA 144 48.86 4.46 -61.29
N LEU AA 145 49.10 3.17 -61.55
CA LEU AA 145 49.22 2.64 -62.89
C LEU AA 145 48.09 1.66 -63.21
N ARG AA 146 46.96 1.78 -62.51
CA ARG AA 146 45.80 0.93 -62.71
C ARG AA 146 44.85 1.59 -63.69
N GLN AA 147 44.41 0.83 -64.70
CA GLN AA 147 43.57 1.39 -65.74
C GLN AA 147 42.23 1.86 -65.18
N ARG AA 148 41.66 1.11 -64.25
CA ARG AA 148 40.41 1.48 -63.60
C ARG AA 148 40.67 1.96 -62.18
N GLN AA 149 39.96 3.00 -61.78
CA GLN AA 149 39.99 3.50 -60.42
C GLN AA 149 38.62 3.26 -59.77
N ILE AA 150 38.59 2.58 -58.63
CA ILE AA 150 37.32 2.28 -57.92
C ILE AA 150 36.71 3.58 -57.39
N PHE AA 151 37.50 4.42 -56.72
CA PHE AA 151 37.00 5.65 -56.06
C PHE AA 151 36.88 6.87 -56.98
N ALA AA 152 37.13 6.71 -58.28
CA ALA AA 152 37.00 7.84 -59.24
C ALA AA 152 35.53 8.19 -59.53
N HIS AA 153 35.17 9.47 -59.43
CA HIS AA 153 33.77 9.92 -59.67
C HIS AA 153 33.39 9.67 -61.12
N HIS AA 154 34.27 9.97 -62.07
CA HIS AA 154 34.02 9.66 -63.50
C HIS AA 154 34.94 8.51 -63.90
N ALA AA 155 34.41 7.51 -64.62
CA ALA AA 155 35.21 6.35 -65.07
C ALA AA 155 36.32 6.78 -66.04
N ILE AA 156 37.51 6.22 -65.87
CA ILE AA 156 38.67 6.56 -66.75
C ILE AA 156 38.37 6.00 -68.16
N PRO AA 157 38.36 6.81 -69.25
CA PRO AA 157 38.09 6.27 -70.58
C PRO AA 157 39.06 5.15 -70.91
N PRO AA 158 38.70 4.26 -71.84
CA PRO AA 158 39.59 3.16 -72.21
C PRO AA 158 40.64 3.50 -73.24
N TRP AA 159 40.65 4.72 -73.77
CA TRP AA 159 41.68 5.16 -74.68
C TRP AA 159 42.79 5.96 -74.00
N GLU AA 160 42.71 6.14 -72.68
CA GLU AA 160 43.73 6.85 -71.91
C GLU AA 160 44.49 5.82 -71.09
N ARG AA 161 45.77 5.64 -71.40
CA ARG AA 161 46.53 4.53 -70.85
C ARG AA 161 47.56 5.03 -69.84
N PRO AA 162 47.89 4.21 -68.84
CA PRO AA 162 48.97 4.58 -67.92
C PRO AA 162 50.31 4.64 -68.60
N PHE AA 163 51.18 5.50 -68.08
CA PHE AA 163 52.54 5.63 -68.60
C PHE AA 163 53.46 4.71 -67.81
N ILE AA 164 53.90 3.64 -68.45
CA ILE AA 164 54.93 2.75 -67.92
C ILE AA 164 56.20 3.02 -68.70
N PRO AA 165 57.24 3.57 -68.10
CA PRO AA 165 58.49 3.79 -68.84
C PRO AA 165 59.09 2.49 -69.34
N GLY AA 166 59.77 2.57 -70.48
CA GLY AA 166 60.34 1.40 -71.12
C GLY AA 166 59.41 0.66 -72.05
N GLN AA 167 58.23 1.22 -72.33
CA GLN AA 167 57.28 0.58 -73.25
C GLN AA 167 57.00 1.49 -74.45
N PRO BA 2 -42.80 -15.36 -63.35
CA PRO BA 2 -42.38 -16.35 -62.36
C PRO BA 2 -41.66 -15.73 -61.17
N GLN BA 3 -40.95 -16.56 -60.41
CA GLN BA 3 -40.18 -16.12 -59.27
C GLN BA 3 -38.69 -16.28 -59.56
N ASP BA 4 -37.87 -15.56 -58.80
CA ASP BA 4 -36.43 -15.76 -58.86
C ASP BA 4 -36.07 -17.20 -58.49
N MET BA 5 -35.56 -17.94 -59.46
CA MET BA 5 -35.28 -19.36 -59.30
C MET BA 5 -33.85 -19.64 -59.75
N PRO BA 6 -33.27 -20.75 -59.29
CA PRO BA 6 -31.94 -21.14 -59.80
C PRO BA 6 -32.02 -21.56 -61.26
N PRO BA 7 -30.90 -21.58 -61.97
CA PRO BA 7 -30.93 -22.06 -63.35
C PRO BA 7 -31.29 -23.52 -63.40
N PRO BA 8 -31.85 -23.98 -64.51
CA PRO BA 8 -32.30 -25.39 -64.58
C PRO BA 8 -31.22 -26.39 -64.23
N GLY BA 9 -29.99 -26.19 -64.69
CA GLY BA 9 -28.90 -27.07 -64.30
C GLY BA 9 -28.51 -26.93 -62.86
N GLY BA 10 -28.61 -25.72 -62.31
CA GLY BA 10 -28.07 -25.41 -61.00
C GLY BA 10 -26.80 -24.61 -61.14
N TYR BA 11 -26.57 -23.66 -60.24
CA TYR BA 11 -25.35 -22.87 -60.28
C TYR BA 11 -24.14 -23.77 -60.09
N GLU BA 12 -23.07 -23.44 -60.79
CA GLU BA 12 -21.84 -24.21 -60.67
C GLU BA 12 -21.23 -24.02 -59.27
N ALA BA 13 -20.38 -24.96 -58.89
CA ALA BA 13 -19.73 -24.89 -57.59
C ALA BA 13 -18.78 -23.70 -57.52
N VAL BA 14 -18.70 -23.11 -56.34
CA VAL BA 14 -17.84 -21.95 -56.13
C VAL BA 14 -16.76 -22.32 -55.12
N GLN BA 15 -15.63 -21.62 -55.23
CA GLN BA 15 -14.50 -21.89 -54.36
C GLN BA 15 -14.78 -21.41 -52.94
N TYR BA 16 -14.62 -22.31 -51.97
CA TYR BA 16 -14.70 -21.94 -50.56
C TYR BA 16 -13.59 -22.53 -49.70
N LYS BA 17 -12.96 -23.62 -50.11
CA LYS BA 17 -11.88 -24.23 -49.32
C LYS BA 17 -10.64 -23.34 -49.32
N ARG BA 18 -9.82 -23.49 -48.28
CA ARG BA 18 -8.63 -22.67 -48.14
C ARG BA 18 -7.71 -22.81 -49.35
N ASN BA 19 -7.26 -21.66 -49.88
CA ASN BA 19 -6.32 -21.61 -51.00
C ASN BA 19 -5.26 -20.58 -50.66
N LEU BA 20 -4.20 -21.02 -50.00
CA LEU BA 20 -3.02 -20.20 -49.74
C LEU BA 20 -1.80 -20.97 -50.22
N PRO BA 21 -1.67 -21.18 -51.53
CA PRO BA 21 -0.62 -22.06 -52.05
C PRO BA 21 0.78 -21.55 -51.75
N SER BA 22 1.68 -22.49 -51.47
CA SER BA 22 3.08 -22.16 -51.29
C SER BA 22 3.68 -21.63 -52.58
N ARG BA 23 4.62 -20.70 -52.45
CA ARG BA 23 5.33 -20.15 -53.59
C ARG BA 23 6.83 -20.15 -53.30
N GLY BA 24 7.62 -20.20 -54.37
CA GLY BA 24 9.06 -20.27 -54.24
C GLY BA 24 9.69 -18.97 -53.79
N LEU BA 25 9.07 -17.86 -53.92
CA LEU BA 25 9.59 -16.53 -53.54
C LEU BA 25 9.69 -16.40 -52.03
N PHE BA 26 8.97 -17.26 -51.30
CA PHE BA 26 9.04 -17.22 -49.85
C PHE BA 26 9.57 -18.51 -49.24
N ARG BA 27 10.05 -19.45 -50.05
CA ARG BA 27 10.69 -20.56 -49.37
C ARG BA 27 12.04 -20.12 -48.82
N PRO BA 28 12.42 -20.56 -47.62
CA PRO BA 28 13.63 -20.04 -46.97
C PRO BA 28 14.93 -20.54 -47.60
N ARG BA 29 14.99 -21.74 -48.08
CA ARG BA 29 16.24 -22.29 -48.66
C ARG BA 29 16.75 -21.42 -49.85
N PRO BA 30 15.92 -21.06 -50.93
CA PRO BA 30 16.46 -20.14 -51.94
C PRO BA 30 16.75 -18.76 -51.40
N LEU BA 31 15.95 -18.29 -50.44
CA LEU BA 31 16.21 -16.98 -49.83
C LEU BA 31 17.52 -16.97 -49.07
N LEU BA 32 17.81 -18.05 -48.33
CA LEU BA 32 19.09 -18.16 -47.63
C LEU BA 32 20.24 -18.23 -48.61
N ALA BA 33 20.09 -19.00 -49.68
CA ALA BA 33 21.11 -19.04 -50.73
C ALA BA 33 21.28 -17.68 -51.37
N GLY BA 34 20.16 -16.99 -51.65
CA GLY BA 34 20.25 -15.66 -52.23
C GLY BA 34 20.98 -14.67 -51.33
N ALA BA 35 20.66 -14.69 -50.04
CA ALA BA 35 21.30 -13.77 -49.11
C ALA BA 35 22.80 -14.05 -48.99
N ALA BA 36 23.18 -15.32 -48.97
CA ALA BA 36 24.59 -15.69 -48.86
C ALA BA 36 25.39 -15.21 -50.05
N VAL BA 37 24.82 -15.24 -51.25
CA VAL BA 37 25.54 -14.83 -52.44
C VAL BA 37 25.82 -13.33 -52.41
N LEU BA 38 24.81 -12.53 -52.01
CA LEU BA 38 25.01 -11.09 -51.92
C LEU BA 38 26.09 -10.74 -50.90
N MET BA 39 26.08 -11.40 -49.75
CA MET BA 39 27.11 -11.17 -48.75
C MET BA 39 28.48 -11.59 -49.24
N LEU BA 40 28.57 -12.74 -49.90
CA LEU BA 40 29.85 -13.21 -50.41
C LEU BA 40 30.37 -12.30 -51.50
N TYR BA 41 29.50 -11.90 -52.43
CA TYR BA 41 29.89 -10.94 -53.47
C TYR BA 41 30.29 -9.61 -52.86
N GLY BA 42 29.56 -9.14 -51.85
CA GLY BA 42 29.88 -7.87 -51.24
C GLY BA 42 31.21 -7.86 -50.54
N TRP BA 43 31.56 -8.95 -49.85
CA TRP BA 43 32.85 -9.02 -49.18
C TRP BA 43 34.00 -9.16 -50.18
N TYR BA 44 33.74 -9.81 -51.30
CA TYR BA 44 34.75 -9.85 -52.37
C TYR BA 44 35.03 -8.44 -52.89
N LYS BA 45 33.97 -7.67 -53.13
CA LYS BA 45 34.15 -6.29 -53.56
C LYS BA 45 34.73 -5.42 -52.46
N LEU BA 46 34.42 -5.71 -51.20
CA LEU BA 46 34.93 -4.89 -50.10
C LEU BA 46 36.42 -5.13 -49.87
N VAL BA 47 36.89 -6.37 -50.03
CA VAL BA 47 38.32 -6.63 -49.90
C VAL BA 47 39.09 -5.88 -50.98
N LYS BA 48 38.61 -5.96 -52.22
CA LYS BA 48 39.22 -5.23 -53.32
C LYS BA 48 39.11 -3.73 -53.14
N GLY BA 49 37.99 -3.26 -52.61
CA GLY BA 49 37.82 -1.83 -52.38
C GLY BA 49 38.78 -1.27 -51.34
N ILE BA 50 38.82 -1.90 -50.16
CA ILE BA 50 39.62 -1.35 -49.07
C ILE BA 50 41.11 -1.47 -49.39
N ARG BA 51 41.52 -2.54 -50.06
CA ARG BA 51 42.91 -2.68 -50.44
C ARG BA 51 43.33 -1.59 -51.42
N GLU BA 52 42.44 -1.22 -52.34
CA GLU BA 52 42.74 -0.12 -53.25
C GLU BA 52 42.83 1.20 -52.51
N GLN BA 53 41.77 1.46 -51.62
CA GLN BA 53 41.72 2.67 -50.75
C GLN BA 53 42.99 2.77 -49.90
N ASN BA 54 43.50 1.64 -49.45
CA ASN BA 54 44.71 1.62 -48.65
C ASN BA 54 45.92 2.01 -49.48
N GLU BA 55 45.94 1.62 -50.75
CA GLU BA 55 47.03 2.02 -51.63
C GLU BA 55 46.95 3.50 -52.00
N LEU BA 56 45.74 4.06 -52.05
CA LEU BA 56 45.60 5.48 -52.32
C LEU BA 56 46.15 6.32 -51.17
N ALA BA 57 45.93 5.88 -49.93
CA ALA BA 57 46.51 6.56 -48.78
C ALA BA 57 48.03 6.53 -48.83
N ARG BA 58 48.60 5.44 -49.34
CA ARG BA 58 50.06 5.37 -49.47
C ARG BA 58 50.58 6.42 -50.43
N GLU BA 59 49.93 6.55 -51.59
CA GLU BA 59 50.34 7.54 -52.57
C GLU BA 59 50.16 8.96 -52.04
N LYS BA 60 49.04 9.23 -51.37
CA LYS BA 60 48.79 10.56 -50.83
C LYS BA 60 49.81 10.92 -49.76
N MET BA 61 50.17 9.96 -48.90
CA MET BA 61 51.12 10.24 -47.83
C MET BA 61 52.52 10.51 -48.39
N TRP BA 62 52.94 9.75 -49.40
CA TRP BA 62 54.24 9.98 -50.01
C TRP BA 62 54.29 11.29 -50.78
N ALA BA 63 53.16 11.70 -51.36
CA ALA BA 63 53.11 13.01 -52.00
C ALA BA 63 53.34 14.13 -50.99
N ARG BA 64 52.74 14.01 -49.79
CA ARG BA 64 52.95 15.02 -48.76
C ARG BA 64 54.38 14.95 -48.21
N ILE BA 65 54.96 13.76 -48.15
CA ILE BA 65 56.30 13.60 -47.61
C ILE BA 65 57.32 14.38 -48.43
N HIS BA 66 57.24 14.23 -49.76
CA HIS BA 66 58.14 14.97 -50.68
C HIS BA 66 58.01 16.48 -50.52
N LEU BA 67 56.81 16.98 -50.15
CA LEU BA 67 56.57 18.40 -50.00
C LEU BA 67 56.94 18.94 -48.61
N ILE BA 68 57.09 18.05 -47.63
CA ILE BA 68 57.28 18.51 -46.25
C ILE BA 68 58.55 19.35 -46.07
N PRO BA 69 59.74 18.91 -46.52
CA PRO BA 69 60.93 19.71 -46.25
C PRO BA 69 60.91 21.11 -46.85
N LEU BA 70 60.33 21.29 -48.04
CA LEU BA 70 60.30 22.62 -48.64
C LEU BA 70 59.30 23.51 -47.91
N LEU BA 71 58.20 22.93 -47.43
CA LEU BA 71 57.26 23.70 -46.61
C LEU BA 71 57.80 23.93 -45.21
N GLN BA 72 58.54 22.98 -44.64
CA GLN BA 72 59.05 23.11 -43.25
C GLN BA 72 60.14 24.18 -43.22
N ALA BA 73 61.08 24.09 -44.16
CA ALA BA 73 62.16 25.08 -44.29
C ALA BA 73 61.60 26.50 -44.46
N GLU BA 74 60.54 26.69 -45.24
CA GLU BA 74 59.92 28.05 -45.33
C GLU BA 74 59.36 28.51 -43.98
N GLU BA 75 58.63 27.65 -43.25
CA GLU BA 75 58.14 27.97 -41.90
C GLU BA 75 59.31 28.19 -40.91
N ASP BA 76 60.39 27.41 -41.03
CA ASP BA 76 61.55 27.56 -40.12
C ASP BA 76 62.18 28.96 -40.27
N ARG BA 77 62.33 29.49 -41.48
CA ARG BA 77 62.88 30.86 -41.73
C ARG BA 77 61.93 31.91 -41.16
N ASP BA 78 60.62 31.73 -41.31
CA ASP BA 78 59.68 32.68 -40.65
C ASP BA 78 59.86 32.69 -39.13
N HIS BA 79 59.99 31.52 -38.49
CA HIS BA 79 60.16 31.44 -37.02
C HIS BA 79 61.48 32.09 -36.61
N VAL BA 80 62.51 31.88 -37.41
CA VAL BA 80 63.85 32.45 -37.11
C VAL BA 80 63.74 33.95 -37.29
N ARG BA 81 63.11 34.36 -38.40
CA ARG BA 81 62.94 35.80 -38.64
C ARG BA 81 62.22 36.48 -37.47
N ARG BA 82 61.08 35.94 -37.07
CA ARG BA 82 60.26 36.63 -36.08
C ARG BA 82 60.82 36.48 -34.67
N TYR BA 83 61.62 35.44 -34.42
CA TYR BA 83 62.26 35.29 -33.12
C TYR BA 83 63.40 36.28 -32.93
N LEU BA 84 64.21 36.48 -33.96
CA LEU BA 84 65.27 37.48 -33.89
C LEU BA 84 64.68 38.88 -33.74
N ALA BA 85 63.58 39.16 -34.46
CA ALA BA 85 62.95 40.47 -34.37
C ALA BA 85 62.43 40.74 -32.97
N ASP BA 86 61.79 39.75 -32.34
CA ASP BA 86 61.31 39.96 -30.98
C ASP BA 86 62.46 40.09 -29.99
N GLN BA 87 63.61 39.49 -30.31
CA GLN BA 87 64.81 39.69 -29.49
C GLN BA 87 65.31 41.12 -29.60
N ALA BA 88 65.46 41.62 -30.83
CA ALA BA 88 65.94 42.98 -31.02
C ALA BA 88 65.00 44.01 -30.43
N ARG BA 89 63.68 43.79 -30.59
CA ARG BA 89 62.70 44.69 -29.99
C ARG BA 89 62.84 44.72 -28.47
N GLU BA 90 63.03 43.54 -27.86
CA GLU BA 90 63.14 43.46 -26.40
C GLU BA 90 64.34 44.25 -25.89
N LYS BA 91 65.51 44.07 -26.52
CA LYS BA 91 66.71 44.77 -26.07
C LYS BA 91 66.55 46.28 -26.22
N GLY BA 92 65.94 46.73 -27.31
CA GLY BA 92 65.73 48.15 -27.50
C GLY BA 92 64.60 48.74 -26.69
N LEU BA 93 63.86 47.92 -25.93
CA LEU BA 93 62.76 48.42 -25.11
C LEU BA 93 63.01 48.18 -23.63
N LEU BA 94 63.47 47.00 -23.24
CA LEU BA 94 63.74 46.68 -21.86
C LEU BA 94 65.22 46.78 -21.50
N GLY BA 95 66.10 46.86 -22.49
CA GLY BA 95 67.52 46.95 -22.26
C GLY BA 95 68.24 45.63 -22.19
N GLU BA 96 67.53 44.52 -22.03
CA GLU BA 96 68.14 43.20 -21.99
C GLU BA 96 67.07 42.17 -22.30
N ASN BA 97 67.52 40.96 -22.62
CA ASN BA 97 66.61 39.89 -23.02
C ASN BA 97 66.24 39.05 -21.81
N ILE BA 98 64.94 39.00 -21.51
CA ILE BA 98 64.45 38.20 -20.38
C ILE BA 98 64.54 36.72 -20.75
N LYS BA 99 65.11 35.93 -19.85
CA LYS BA 99 65.32 34.51 -20.09
C LYS BA 99 64.11 33.73 -19.59
N VAL BA 100 63.39 33.09 -20.50
CA VAL BA 100 62.23 32.27 -20.12
C VAL BA 100 62.64 30.82 -19.87
N TYR BA 101 63.56 30.29 -20.66
CA TYR BA 101 64.01 28.93 -20.52
C TYR BA 101 65.50 28.89 -20.22
N ASN BA 102 65.88 28.03 -19.27
CA ASN BA 102 67.30 27.82 -19.01
C ASN BA 102 67.95 27.03 -20.13
N SER BA 103 67.17 26.20 -20.83
CA SER BA 103 67.68 25.50 -21.99
C SER BA 103 67.91 26.48 -23.14
N ASP BA 104 68.73 26.05 -24.09
CA ASP BA 104 69.06 26.85 -25.26
C ASP BA 104 68.19 26.49 -26.46
N ARG BA 105 67.27 25.55 -26.29
CA ARG BA 105 66.43 25.12 -27.40
C ARG BA 105 65.45 26.22 -27.80
N TYR BA 106 65.01 26.17 -29.05
CA TYR BA 106 63.98 27.08 -29.52
C TYR BA 106 62.60 26.56 -29.11
N VAL BA 107 61.85 27.41 -28.42
CA VAL BA 107 60.49 27.09 -28.02
C VAL BA 107 59.55 28.02 -28.77
N ARG BA 108 58.56 27.44 -29.42
CA ARG BA 108 57.62 28.25 -30.20
C ARG BA 108 56.84 29.13 -29.24
N PRO BA 109 56.70 30.43 -29.53
CA PRO BA 109 56.01 31.32 -28.59
C PRO BA 109 54.57 30.89 -28.34
N THR BA 110 54.12 31.12 -27.10
CA THR BA 110 52.72 30.95 -26.74
C THR BA 110 51.97 32.27 -26.70
N PHE BA 111 52.62 33.32 -26.23
CA PHE BA 111 52.11 34.67 -26.27
C PHE BA 111 52.93 35.51 -27.24
N ALA BA 112 52.35 36.61 -27.69
CA ALA BA 112 53.06 37.54 -28.57
C ALA BA 112 52.65 38.96 -28.25
N VAL BA 113 53.62 39.86 -28.23
CA VAL BA 113 53.32 41.28 -28.14
C VAL BA 113 52.55 41.71 -29.38
N THR BA 114 51.39 42.31 -29.12
CA THR BA 114 50.53 42.76 -30.23
C THR BA 114 50.26 44.27 -30.08
N PRO BA 115 50.11 45.07 -31.17
CA PRO BA 115 49.70 46.47 -31.05
C PRO BA 115 48.37 46.59 -30.33
N SER BA 116 48.21 47.69 -29.60
CA SER BA 116 46.99 47.91 -28.82
C SER BA 116 45.75 48.00 -29.69
N LYS BA 117 45.90 48.34 -30.97
CA LYS BA 117 44.76 48.47 -31.86
C LYS BA 117 44.97 47.65 -33.11
N PRO BA 118 43.88 47.12 -33.69
CA PRO BA 118 43.99 46.44 -34.98
C PRO BA 118 44.17 47.42 -36.11
N ALA BA 119 44.30 46.88 -37.32
CA ALA BA 119 44.37 47.71 -38.52
C ALA BA 119 43.08 48.51 -38.67
N GLN BA 120 43.22 49.74 -39.15
CA GLN BA 120 42.08 50.67 -39.17
C GLN BA 120 40.97 50.18 -40.08
N GLU BA 121 41.29 49.84 -41.33
CA GLU BA 121 40.29 49.43 -42.29
C GLU BA 121 39.70 48.07 -41.93
N ASN CA 3 77.90 -9.39 -38.68
CA ASN CA 3 76.46 -9.26 -38.54
C ASN CA 3 76.10 -8.56 -37.24
N THR CA 4 77.12 -8.06 -36.54
CA THR CA 4 76.90 -7.36 -35.28
C THR CA 4 76.36 -5.97 -35.56
N PRO CA 5 75.21 -5.59 -35.02
CA PRO CA 5 74.63 -4.28 -35.31
C PRO CA 5 75.22 -3.12 -34.50
N THR CA 6 76.30 -3.36 -33.76
CA THR CA 6 77.00 -2.35 -32.97
C THR CA 6 76.10 -1.77 -31.87
N GLN CA 7 74.89 -2.28 -31.74
CA GLN CA 7 73.97 -1.91 -30.66
C GLN CA 7 73.29 -3.19 -30.20
N THR CA 8 73.91 -3.88 -29.25
CA THR CA 8 73.35 -5.11 -28.71
C THR CA 8 72.42 -4.86 -27.53
N TYR CA 9 72.31 -3.60 -27.10
CA TYR CA 9 71.40 -3.21 -25.99
C TYR CA 9 70.74 -1.93 -26.48
N GLN CA 10 69.45 -2.21 -27.08
CA GLN CA 10 68.81 -1.08 -27.79
C GLN CA 10 67.93 -0.24 -26.86
N PHE CA 11 67.36 -0.74 -25.85
CA PHE CA 11 66.33 -0.09 -25.01
C PHE CA 11 66.70 -0.15 -23.54
N PRO CA 12 66.27 0.86 -22.76
CA PRO CA 12 66.50 0.86 -21.32
C PRO CA 12 65.59 -0.13 -20.58
N SER CA 13 66.19 -1.21 -20.11
CA SER CA 13 65.45 -2.26 -19.43
C SER CA 13 65.52 -2.05 -17.92
N LYS CA 14 64.67 -2.78 -17.21
CA LYS CA 14 64.62 -2.71 -15.75
C LYS CA 14 65.48 -3.84 -15.19
N THR CA 15 66.48 -3.48 -14.39
CA THR CA 15 67.37 -4.46 -13.79
C THR CA 15 66.82 -4.85 -12.42
N VAL CA 16 66.61 -6.16 -12.26
CA VAL CA 16 66.01 -6.67 -11.01
C VAL CA 16 67.02 -7.59 -10.34
N LYS CA 17 67.23 -7.39 -9.03
CA LYS CA 17 68.14 -8.28 -8.27
C LYS CA 17 67.54 -9.68 -8.11
N THR CA 18 68.19 -10.67 -8.69
CA THR CA 18 67.78 -12.07 -8.55
C THR CA 18 69.03 -12.90 -8.27
N ASP CA 19 68.89 -14.20 -8.22
CA ASP CA 19 70.04 -15.07 -7.98
C ASP CA 19 70.74 -15.51 -9.26
N TYR CA 20 69.97 -15.89 -10.27
CA TYR CA 20 70.54 -16.52 -11.45
C TYR CA 20 70.49 -15.58 -12.64
N PRO CA 21 71.37 -15.78 -13.63
CA PRO CA 21 71.43 -14.84 -14.77
C PRO CA 21 70.12 -14.70 -15.52
N LEU CA 22 69.82 -13.48 -15.95
CA LEU CA 22 68.62 -13.23 -16.75
C LEU CA 22 68.80 -13.75 -18.16
N ILE CA 23 67.83 -14.53 -18.62
CA ILE CA 23 67.86 -15.06 -19.98
C ILE CA 23 67.00 -14.19 -20.88
N ASP CA 24 65.80 -13.85 -20.41
CA ASP CA 24 64.83 -13.16 -21.25
C ASP CA 24 63.78 -12.45 -20.39
N ASN CA 25 63.67 -11.13 -20.45
CA ASN CA 25 62.69 -10.44 -19.55
C ASN CA 25 61.28 -10.80 -20.00
N ASP CA 26 61.11 -11.16 -21.26
CA ASP CA 26 59.78 -11.44 -21.84
C ASP CA 26 59.85 -12.58 -22.84
N PRO CA 27 60.09 -13.86 -22.48
CA PRO CA 27 60.20 -14.90 -23.53
C PRO CA 27 58.90 -15.15 -24.28
N HIS CA 28 59.01 -15.63 -25.50
CA HIS CA 28 57.82 -15.96 -26.27
C HIS CA 28 57.09 -17.14 -25.64
N PHE CA 29 55.76 -17.13 -25.76
CA PHE CA 29 54.91 -18.23 -25.24
C PHE CA 29 55.54 -19.57 -25.61
N THR CA 30 55.89 -19.75 -26.87
CA THR CA 30 56.38 -21.05 -27.32
C THR CA 30 57.73 -21.39 -26.70
N ARG CA 31 58.56 -20.38 -26.42
CA ARG CA 31 59.82 -20.65 -25.74
C ARG CA 31 59.58 -21.13 -24.31
N VAL CA 32 58.51 -20.65 -23.70
CA VAL CA 32 58.28 -21.00 -22.28
C VAL CA 32 57.70 -22.41 -22.23
N ILE CA 33 57.04 -22.85 -23.31
CA ILE CA 33 56.52 -24.24 -23.38
C ILE CA 33 57.66 -25.20 -23.73
N ARG CA 34 58.58 -24.78 -24.60
CA ARG CA 34 59.64 -25.66 -25.05
C ARG CA 34 60.77 -25.83 -24.04
N TYR CA 35 60.95 -24.87 -23.12
CA TYR CA 35 61.94 -24.97 -22.07
C TYR CA 35 61.35 -25.51 -20.77
N ALA CA 36 60.10 -25.93 -20.78
CA ALA CA 36 59.50 -26.53 -19.60
C ALA CA 36 60.18 -27.87 -19.29
N ARG CA 37 60.33 -28.16 -18.00
CA ARG CA 37 60.91 -29.42 -17.57
C ARG CA 37 59.81 -30.46 -17.36
N PRO CA 38 60.17 -31.74 -17.34
CA PRO CA 38 59.16 -32.78 -17.02
C PRO CA 38 58.51 -32.57 -15.67
N SER CA 39 59.26 -32.04 -14.68
CA SER CA 39 58.67 -31.73 -13.39
C SER CA 39 57.64 -30.62 -13.50
N ASP CA 40 57.86 -29.66 -14.40
CA ASP CA 40 56.89 -28.59 -14.60
C ASP CA 40 55.54 -29.15 -15.04
N TYR CA 41 55.54 -30.13 -15.95
CA TYR CA 41 54.31 -30.81 -16.30
C TYR CA 41 53.75 -31.57 -15.09
N ALA CA 42 54.62 -32.29 -14.37
CA ALA CA 42 54.19 -33.01 -13.18
C ALA CA 42 53.54 -32.07 -12.18
N HIS CA 43 54.19 -30.93 -11.91
CA HIS CA 43 53.58 -29.94 -11.04
C HIS CA 43 52.33 -29.34 -11.64
N GLY CA 44 52.27 -29.25 -12.97
CA GLY CA 44 51.13 -28.62 -13.62
C GLY CA 44 49.84 -29.39 -13.43
N LEU CA 45 49.84 -30.69 -13.74
CA LEU CA 45 48.60 -31.46 -13.57
C LEU CA 45 48.29 -31.70 -12.10
N ALA CA 46 49.30 -31.94 -11.27
CA ALA CA 46 49.06 -32.19 -9.86
C ALA CA 46 48.36 -31.00 -9.20
N ALA CA 47 48.81 -29.78 -9.50
CA ALA CA 47 48.12 -28.59 -9.04
C ALA CA 47 46.72 -28.49 -9.65
N ALA CA 48 46.60 -28.85 -10.93
CA ALA CA 48 45.30 -28.80 -11.59
C ALA CA 48 44.33 -29.80 -11.01
N ALA CA 49 44.83 -30.97 -10.59
CA ALA CA 49 43.96 -31.97 -9.97
C ALA CA 49 43.52 -31.54 -8.57
N ALA CA 50 44.29 -30.68 -7.92
CA ALA CA 50 44.00 -30.31 -6.54
C ALA CA 50 42.64 -29.64 -6.40
N GLY CA 51 42.29 -28.78 -7.35
CA GLY CA 51 41.05 -28.05 -7.31
C GLY CA 51 39.81 -28.91 -7.18
N PRO CA 52 39.50 -29.69 -8.22
CA PRO CA 52 38.35 -30.61 -8.11
C PRO CA 52 38.51 -31.64 -7.01
N ALA CA 53 39.73 -32.04 -6.68
CA ALA CA 53 39.93 -32.98 -5.58
C ALA CA 53 39.58 -32.35 -4.24
N ALA CA 54 39.91 -31.07 -4.05
CA ALA CA 54 39.53 -30.38 -2.82
C ALA CA 54 38.02 -30.23 -2.72
N LEU CA 55 37.37 -29.87 -3.83
CA LEU CA 55 35.91 -29.79 -3.83
C LEU CA 55 35.28 -31.14 -3.57
N TRP CA 56 35.87 -32.21 -4.13
CA TRP CA 56 35.40 -33.56 -3.86
C TRP CA 56 35.56 -33.93 -2.40
N LEU CA 57 36.72 -33.63 -1.82
CA LEU CA 57 36.94 -33.92 -0.40
C LEU CA 57 36.02 -33.07 0.48
N MET CA 58 35.69 -31.87 0.02
CA MET CA 58 34.77 -31.02 0.76
C MET CA 58 33.33 -31.50 0.62
N GLU CA 59 33.07 -32.45 -0.28
CA GLU CA 59 31.74 -33.02 -0.39
C GLU CA 59 31.61 -34.31 0.39
N ARG CA 60 32.72 -35.04 0.53
CA ARG CA 60 32.77 -36.34 1.25
C ARG CA 60 32.72 -36.14 2.76
N ILE CA 61 33.47 -35.18 3.30
CA ILE CA 61 33.49 -34.88 4.77
C ILE CA 61 32.32 -34.02 5.25
N SER CA 62 31.96 -32.99 4.49
CA SER CA 62 30.89 -32.04 4.87
C SER CA 62 29.92 -31.93 3.70
N PRO CA 63 28.95 -32.85 3.53
CA PRO CA 63 28.10 -32.85 2.36
C PRO CA 63 27.33 -31.53 2.18
N SER CA 64 27.25 -31.02 0.95
CA SER CA 64 26.63 -29.68 0.69
C SER CA 64 25.10 -29.74 0.74
N GLN CA 65 24.50 -30.93 0.69
CA GLN CA 65 23.04 -31.09 0.65
C GLN CA 65 22.43 -30.49 -0.60
N VAL CA 66 23.20 -30.38 -1.68
CA VAL CA 66 22.71 -29.80 -2.93
C VAL CA 66 21.77 -30.79 -3.63
N GLY CA 67 21.00 -30.27 -4.57
CA GLY CA 67 20.09 -31.07 -5.35
C GLY CA 67 20.79 -32.05 -6.29
N ARG CA 68 19.97 -32.70 -7.12
CA ARG CA 68 20.39 -33.86 -7.90
C ARG CA 68 21.61 -33.61 -8.77
N GLY CA 69 21.60 -32.55 -9.56
CA GLY CA 69 22.70 -32.24 -10.47
C GLY CA 69 23.58 -31.09 -10.07
N GLY CA 70 23.46 -30.57 -8.85
CA GLY CA 70 24.25 -29.42 -8.46
C GLY CA 70 25.74 -29.70 -8.36
N PHE CA 71 26.09 -30.87 -7.83
CA PHE CA 71 27.50 -31.17 -7.61
C PHE CA 71 28.26 -31.34 -8.91
N ALA CA 72 27.63 -31.94 -9.92
CA ALA CA 72 28.28 -32.07 -11.22
C ALA CA 72 28.57 -30.72 -11.84
N LYS CA 73 27.63 -29.78 -11.70
CA LYS CA 73 27.84 -28.42 -12.19
C LYS CA 73 28.99 -27.74 -11.46
N ALA CA 74 29.03 -27.89 -10.13
CA ALA CA 74 30.11 -27.29 -9.35
C ALA CA 74 31.47 -27.89 -9.72
N MET CA 75 31.52 -29.21 -9.91
CA MET CA 75 32.77 -29.85 -10.27
C MET CA 75 33.27 -29.38 -11.63
N ARG CA 76 32.35 -29.14 -12.57
CA ARG CA 76 32.74 -28.64 -13.88
C ARG CA 76 33.44 -27.29 -13.76
N LEU CA 77 32.92 -26.40 -12.92
CA LEU CA 77 33.57 -25.11 -12.71
C LEU CA 77 34.87 -25.27 -11.94
N ALA CA 78 34.90 -26.17 -10.95
CA ALA CA 78 36.12 -26.42 -10.20
C ALA CA 78 37.19 -27.02 -11.10
N GLY CA 79 36.82 -27.94 -11.98
CA GLY CA 79 37.80 -28.54 -12.87
C GLY CA 79 38.40 -27.53 -13.84
N PHE CA 80 37.58 -26.58 -14.30
CA PHE CA 80 38.11 -25.53 -15.17
C PHE CA 80 38.99 -24.56 -14.39
N ILE CA 81 38.59 -24.23 -13.15
CA ILE CA 81 39.40 -23.37 -12.30
C ILE CA 81 40.76 -23.99 -12.05
N GLY CA 82 40.78 -25.28 -11.70
CA GLY CA 82 42.04 -25.97 -11.47
C GLY CA 82 42.90 -26.07 -12.72
N LEU CA 83 42.28 -26.25 -13.88
CA LEU CA 83 43.05 -26.30 -15.12
C LEU CA 83 43.66 -24.95 -15.44
N ALA CA 84 42.89 -23.87 -15.29
CA ALA CA 84 43.45 -22.53 -15.47
C ALA CA 84 44.52 -22.23 -14.44
N GLY CA 85 44.24 -22.51 -13.17
CA GLY CA 85 45.23 -22.32 -12.13
C GLY CA 85 46.45 -23.21 -12.31
N GLY CA 86 46.22 -24.47 -12.67
CA GLY CA 86 47.33 -25.38 -12.86
C GLY CA 86 48.23 -24.99 -14.02
N PHE CA 87 47.63 -24.45 -15.10
CA PHE CA 87 48.41 -24.07 -16.30
C PHE CA 87 49.28 -22.86 -15.99
N LEU CA 88 48.72 -21.88 -15.30
CA LEU CA 88 49.44 -20.65 -14.91
C LEU CA 88 50.62 -21.01 -14.01
N TYR CA 89 50.44 -21.99 -13.10
CA TYR CA 89 51.54 -22.48 -12.22
C TYR CA 89 52.63 -23.11 -13.07
N PHE CA 90 52.25 -23.91 -14.08
CA PHE CA 90 53.22 -24.55 -15.00
C PHE CA 90 54.00 -23.49 -15.77
N TYR CA 91 53.28 -22.48 -16.28
CA TYR CA 91 53.94 -21.39 -17.03
C TYR CA 91 54.89 -20.61 -16.12
N GLN CA 92 54.49 -20.33 -14.89
CA GLN CA 92 55.31 -19.55 -13.96
C GLN CA 92 56.63 -20.30 -13.68
N ARG CA 93 56.55 -21.60 -13.47
CA ARG CA 93 57.75 -22.41 -13.14
C ARG CA 93 58.77 -22.36 -14.28
N SER CA 94 58.33 -22.52 -15.53
CA SER CA 94 59.23 -22.35 -16.69
C SER CA 94 59.70 -20.90 -16.87
N ILE CA 95 58.81 -19.91 -16.79
CA ILE CA 95 59.20 -18.49 -17.07
C ILE CA 95 60.05 -17.92 -15.93
N LEU CA 96 59.94 -18.47 -14.72
CA LEU CA 96 60.78 -17.95 -13.65
C LEU CA 96 62.26 -18.24 -13.90
N ARG CA 97 62.56 -19.28 -14.67
CA ARG CA 97 63.94 -19.57 -15.05
C ARG CA 97 64.46 -18.59 -16.09
N PHE CA 98 63.60 -18.14 -17.00
CA PHE CA 98 64.00 -17.09 -17.93
C PHE CA 98 64.30 -15.78 -17.18
N TYR CA 99 63.49 -15.47 -16.17
CA TYR CA 99 63.66 -14.26 -15.37
C TYR CA 99 64.92 -14.30 -14.51
N GLY CA 100 65.55 -15.46 -14.34
CA GLY CA 100 66.65 -15.58 -13.42
C GLY CA 100 66.23 -15.65 -11.97
N MET CA 101 64.95 -15.89 -11.70
CA MET CA 101 64.43 -15.99 -10.34
C MET CA 101 64.32 -17.43 -9.86
N SER CA 102 64.77 -18.38 -10.67
CA SER CA 102 64.82 -19.79 -10.30
C SER CA 102 66.02 -20.40 -11.00
N GLU CA 103 66.54 -21.48 -10.41
CA GLU CA 103 67.74 -22.13 -10.92
C GLU CA 103 67.57 -22.52 -12.38
N ASN CA 104 68.47 -22.04 -13.24
CA ASN CA 104 68.23 -22.10 -14.68
C ASN CA 104 69.48 -22.46 -15.47
N ALA CA 105 70.35 -23.30 -14.92
CA ALA CA 105 71.58 -23.66 -15.63
C ALA CA 105 71.27 -24.39 -16.94
N ARG CA 106 70.34 -25.34 -16.91
CA ARG CA 106 69.95 -26.04 -18.13
C ARG CA 106 69.34 -25.09 -19.15
N GLU CA 107 68.52 -24.15 -18.67
CA GLU CA 107 67.88 -23.20 -19.59
C GLU CA 107 68.88 -22.19 -20.14
N VAL CA 108 69.86 -21.79 -19.34
CA VAL CA 108 70.90 -20.89 -19.84
C VAL CA 108 71.66 -21.53 -20.98
N GLU CA 109 71.99 -22.83 -20.82
CA GLU CA 109 72.78 -23.52 -21.84
C GLU CA 109 72.03 -23.59 -23.17
N MET CA 110 70.78 -24.06 -23.14
CA MET CA 110 70.07 -24.29 -24.40
C MET CA 110 69.71 -22.97 -25.08
N ASP CA 111 69.50 -21.92 -24.30
CA ASP CA 111 69.30 -20.60 -24.90
C ASP CA 111 70.56 -20.13 -25.60
N MET CA 112 71.72 -20.31 -24.96
CA MET CA 112 72.98 -19.94 -25.59
C MET CA 112 73.16 -20.72 -26.88
N ARG CA 113 72.84 -22.01 -26.87
CA ARG CA 113 72.89 -22.81 -28.08
C ARG CA 113 71.87 -22.33 -29.11
N GLU CA 114 70.60 -22.21 -28.70
CA GLU CA 114 69.53 -21.94 -29.65
C GLU CA 114 69.73 -20.60 -30.36
N MET CA 115 70.12 -19.56 -29.62
CA MET CA 115 70.25 -18.24 -30.21
C MET CA 115 71.49 -18.14 -31.09
N THR CA 116 72.55 -18.86 -30.74
CA THR CA 116 73.76 -18.84 -31.55
C THR CA 116 73.51 -19.42 -32.94
N ASP CA 117 72.73 -20.49 -33.00
CA ASP CA 117 72.39 -21.12 -34.29
C ASP CA 117 71.64 -20.13 -35.19
N ARG CA 118 70.77 -19.30 -34.62
CA ARG CA 118 70.05 -18.30 -35.38
C ARG CA 118 70.98 -17.22 -35.93
N VAL CA 119 71.98 -16.81 -35.14
CA VAL CA 119 72.91 -15.78 -35.59
C VAL CA 119 73.60 -16.21 -36.87
N LYS CA 120 74.19 -17.41 -36.87
CA LYS CA 120 74.93 -17.89 -38.02
C LYS CA 120 74.03 -18.27 -39.19
N ALA CA 121 72.80 -18.67 -38.92
CA ALA CA 121 71.84 -18.92 -39.98
C ALA CA 121 71.31 -17.65 -40.61
N GLY CA 122 71.56 -16.48 -40.00
CA GLY CA 122 71.13 -15.21 -40.53
C GLY CA 122 69.82 -14.70 -40.01
N LEU CA 123 69.00 -15.57 -39.39
CA LEU CA 123 67.69 -15.17 -38.92
C LEU CA 123 67.82 -14.18 -37.76
N PRO CA 124 66.80 -13.34 -37.55
CA PRO CA 124 66.82 -12.44 -36.40
C PRO CA 124 66.78 -13.22 -35.09
N LEU CA 125 67.37 -12.65 -34.05
CA LEU CA 125 67.48 -13.37 -32.74
C LEU CA 125 66.12 -13.78 -32.18
N TYR CA 126 65.10 -12.95 -32.33
CA TYR CA 126 63.80 -13.25 -31.68
C TYR CA 126 62.73 -13.47 -32.75
N GLY CA 127 63.10 -13.29 -34.02
CA GLY CA 127 62.19 -13.55 -35.15
C GLY CA 127 61.55 -12.35 -35.82
N GLU CA 128 60.55 -12.57 -36.66
CA GLU CA 128 59.97 -11.50 -37.46
C GLU CA 128 58.54 -11.25 -37.01
N SER CA 129 58.16 -9.98 -36.98
CA SER CA 129 56.87 -9.57 -36.45
C SER CA 129 56.04 -8.87 -37.52
N ARG CA 130 54.74 -9.13 -37.48
CA ARG CA 130 53.79 -8.36 -38.28
C ARG CA 130 53.44 -7.03 -37.64
N LEU CA 131 53.91 -6.77 -36.44
CA LEU CA 131 53.59 -5.53 -35.74
C LEU CA 131 54.59 -4.45 -36.10
N SER CA 132 54.07 -3.21 -36.14
CA SER CA 132 54.95 -2.03 -36.31
C SER CA 132 55.99 -2.00 -35.17
N PRO CA 133 57.21 -1.45 -35.34
CA PRO CA 133 58.19 -1.35 -34.25
C PRO CA 133 57.69 -0.63 -33.02
N ALA CA 134 56.93 0.44 -33.21
CA ALA CA 134 56.29 1.11 -32.07
C ALA CA 134 55.35 0.13 -31.34
N MET CA 135 54.61 -0.70 -32.07
CA MET CA 135 53.63 -1.56 -31.36
C MET CA 135 54.38 -2.73 -30.71
N GLN CA 136 55.56 -3.04 -31.22
CA GLN CA 136 56.42 -4.08 -30.61
C GLN CA 136 56.90 -3.56 -29.25
N GLY CA 137 57.23 -2.27 -29.14
CA GLY CA 137 57.61 -1.64 -27.87
C GLY CA 137 56.46 -1.74 -26.89
N VAL CA 138 55.23 -1.53 -27.36
CA VAL CA 138 54.03 -1.61 -26.50
C VAL CA 138 53.87 -3.03 -25.98
N ALA CA 139 54.05 -4.02 -26.86
CA ALA CA 139 53.92 -5.41 -26.43
C ALA CA 139 55.03 -5.74 -25.43
N ALA CA 140 56.25 -5.28 -25.71
CA ALA CA 140 57.39 -5.56 -24.84
C ALA CA 140 57.16 -4.94 -23.45
N ARG CA 141 56.57 -3.76 -23.42
CA ARG CA 141 56.39 -3.05 -22.14
C ARG CA 141 55.09 -3.52 -21.46
N GLN CA 142 54.33 -4.37 -22.12
CA GLN CA 142 53.15 -4.90 -21.44
C GLN CA 142 53.41 -6.26 -20.78
N SER CA 143 54.10 -7.17 -21.46
CA SER CA 143 54.28 -8.52 -20.97
C SER CA 143 55.61 -8.75 -20.27
N ARG CA 144 56.53 -7.79 -20.35
CA ARG CA 144 57.78 -7.79 -19.61
C ARG CA 144 57.55 -8.08 -18.13
N TYR CA 145 58.13 -9.16 -17.62
CA TYR CA 145 58.00 -9.62 -16.24
C TYR CA 145 56.54 -9.79 -15.81
N SER CA 146 55.63 -10.02 -16.76
CA SER CA 146 54.21 -10.01 -16.43
C SER CA 146 53.77 -11.25 -15.66
N ALA CA 147 54.53 -12.34 -15.73
CA ALA CA 147 54.14 -13.56 -15.03
C ALA CA 147 54.28 -13.44 -13.51
N LEU CA 148 54.95 -12.41 -13.01
CA LEU CA 148 54.98 -12.16 -11.58
C LEU CA 148 53.66 -11.62 -11.06
N PHE CA 149 52.76 -11.21 -11.96
CA PHE CA 149 51.45 -10.70 -11.61
C PHE CA 149 50.35 -11.74 -11.85
N PHE CA 150 50.72 -12.99 -12.10
CA PHE CA 150 49.75 -14.06 -12.48
C PHE CA 150 48.70 -14.40 -11.42
N GLY CA 151 48.92 -14.03 -10.17
CA GLY CA 151 47.88 -14.27 -9.20
C GLY CA 151 46.72 -13.31 -9.28
N VAL CA 152 46.87 -12.24 -10.04
CA VAL CA 152 45.82 -11.23 -10.23
C VAL CA 152 45.33 -11.22 -11.68
N MET CA 153 46.24 -11.00 -12.62
CA MET CA 153 45.88 -10.86 -14.02
C MET CA 153 46.86 -11.64 -14.90
N PRO CA 154 46.35 -12.49 -15.80
CA PRO CA 154 47.24 -13.24 -16.69
C PRO CA 154 47.59 -12.47 -17.94
N TRP CA 155 48.76 -12.78 -18.48
CA TRP CA 155 49.21 -12.20 -19.74
C TRP CA 155 50.28 -13.09 -20.34
N PHE CA 156 50.27 -13.16 -21.66
CA PHE CA 156 51.27 -13.97 -22.39
C PHE CA 156 51.82 -13.19 -23.56
N ASN CA 157 53.10 -13.41 -23.87
CA ASN CA 157 53.76 -12.76 -25.00
C ASN CA 157 53.61 -13.61 -26.24
N PHE CA 158 52.80 -13.15 -27.19
CA PHE CA 158 52.67 -13.79 -28.49
C PHE CA 158 53.25 -12.93 -29.61
N VAL CA 159 54.08 -11.96 -29.24
CA VAL CA 159 54.58 -11.03 -30.29
C VAL CA 159 56.04 -11.41 -30.53
N ASN CA 160 56.59 -11.11 -31.69
CA ASN CA 160 58.02 -11.40 -31.96
C ASN CA 160 58.72 -10.06 -31.97
N HIS CA 161 59.23 -9.65 -30.82
CA HIS CA 161 59.84 -8.32 -30.70
C HIS CA 161 61.31 -8.48 -30.33
N ASN CA 162 62.08 -7.40 -30.32
CA ASN CA 162 63.54 -7.43 -29.99
C ASN CA 162 63.89 -6.72 -28.68
N GLN CA 163 62.86 -6.78 -27.67
CA GLN CA 163 63.15 -6.09 -26.38
C GLN CA 163 63.07 -7.13 -25.27
N HIS CA 164 64.25 -7.90 -25.07
CA HIS CA 164 64.22 -9.05 -24.13
C HIS CA 164 64.98 -8.76 -22.84
N GLY CA 165 65.46 -7.54 -22.67
CA GLY CA 165 66.14 -7.14 -21.44
C GLY CA 165 67.59 -7.52 -21.36
N VAL CA 166 68.12 -8.17 -22.38
CA VAL CA 166 69.50 -8.73 -22.31
C VAL CA 166 70.44 -8.16 -23.36
N ASP CA 167 71.65 -7.81 -22.97
CA ASP CA 167 72.63 -7.41 -23.97
C ASP CA 167 72.95 -8.60 -24.86
N THR CA 168 72.79 -8.42 -26.17
CA THR CA 168 72.85 -9.52 -27.12
C THR CA 168 74.24 -9.74 -27.70
N ALA CA 169 75.26 -9.11 -27.11
CA ALA CA 169 76.62 -9.32 -27.60
C ALA CA 169 77.09 -10.75 -27.37
N LYS CA 170 76.62 -11.37 -26.31
CA LYS CA 170 77.09 -12.72 -25.95
C LYS CA 170 76.74 -13.71 -27.08
N TYR CA 171 75.59 -13.53 -27.74
CA TYR CA 171 75.19 -14.46 -28.79
C TYR CA 171 76.03 -14.29 -30.05
N TYR CA 172 76.56 -13.09 -30.28
CA TYR CA 172 77.35 -12.86 -31.49
C TYR CA 172 78.80 -13.26 -31.30
N GLN CA 173 79.33 -13.11 -30.08
CA GLN CA 173 80.70 -13.55 -29.82
C GLN CA 173 80.85 -15.05 -30.01
N GLN CA 174 79.91 -15.83 -29.49
CA GLN CA 174 80.00 -17.29 -29.65
C GLN CA 174 79.86 -17.68 -31.12
N ALA CA 175 78.93 -17.06 -31.83
CA ALA CA 175 78.65 -17.47 -33.19
C ALA CA 175 79.85 -17.30 -34.10
N GLU CA 176 80.52 -16.02 -33.77
CA GLU CA 176 81.72 -15.67 -34.53
C GLU CA 176 82.81 -16.66 -34.13
N ARG CA 177 82.93 -16.97 -32.93
CA ARG CA 177 84.00 -17.78 -32.35
C ARG CA 177 83.96 -19.21 -32.88
N GLU CA 178 82.77 -19.78 -33.00
CA GLU CA 178 82.63 -21.14 -33.52
C GLU CA 178 82.36 -21.15 -35.03
N LEU CA 179 82.25 -19.98 -35.67
CA LEU CA 179 82.29 -19.95 -37.12
C LEU CA 179 83.70 -20.13 -37.64
N GLU CA 180 84.70 -19.64 -36.89
CA GLU CA 180 86.08 -19.85 -37.26
C GLU CA 180 86.55 -21.27 -36.96
N ALA CA 181 86.00 -21.89 -35.91
CA ALA CA 181 86.36 -23.28 -35.60
C ALA CA 181 85.94 -24.21 -36.73
N GLU CA 182 84.74 -24.00 -37.29
CA GLU CA 182 84.33 -24.77 -38.46
C GLU CA 182 85.10 -24.37 -39.71
N ARG CA 183 85.64 -23.15 -39.75
CA ARG CA 183 86.45 -22.75 -40.89
C ARG CA 183 87.81 -23.44 -40.87
N LEU CA 184 88.45 -23.50 -39.70
CA LEU CA 184 89.73 -24.18 -39.59
C LEU CA 184 89.59 -25.67 -39.81
N ALA CA 185 88.50 -26.27 -39.30
CA ALA CA 185 88.27 -27.69 -39.50
C ALA CA 185 88.04 -28.01 -40.97
N ARG CA 186 87.34 -27.11 -41.67
CA ARG CA 186 87.05 -27.33 -43.11
C ARG CA 186 88.36 -27.32 -43.89
N GLU CA 187 89.25 -26.37 -43.57
CA GLU CA 187 90.52 -26.28 -44.28
C GLU CA 187 91.37 -27.51 -44.04
N GLN CA 188 91.39 -28.02 -42.80
CA GLN CA 188 92.18 -29.20 -42.45
C GLN CA 188 91.39 -30.46 -42.82
N ALA CA 189 91.23 -30.66 -44.13
CA ALA CA 189 90.51 -31.81 -44.65
C ALA CA 189 91.02 -32.19 -46.03
N PRO DA 57 -55.40 12.18 10.96
CA PRO DA 57 -56.52 12.85 11.62
C PRO DA 57 -57.81 12.77 10.82
N ARG DA 58 -58.28 11.53 10.55
CA ARG DA 58 -59.54 11.27 9.86
C ARG DA 58 -59.55 11.93 8.48
N ASN DA 59 -58.68 11.40 7.62
CA ASN DA 59 -58.56 11.76 6.21
C ASN DA 59 -57.97 13.16 6.01
N ALA DA 60 -57.26 13.67 6.99
CA ALA DA 60 -56.59 14.95 6.82
C ALA DA 60 -55.38 14.80 5.90
N PRO DA 61 -55.13 15.79 5.03
CA PRO DA 61 -53.95 15.70 4.14
C PRO DA 61 -52.69 16.10 4.89
N ASP DA 62 -51.67 15.24 4.82
CA ASP DA 62 -50.41 15.44 5.53
C ASP DA 62 -49.50 16.36 4.71
N TYR DA 63 -49.61 17.65 5.00
CA TYR DA 63 -48.88 18.67 4.26
C TYR DA 63 -47.39 18.64 4.55
N ASN DA 64 -46.96 17.78 5.48
CA ASN DA 64 -45.56 17.68 5.86
C ASN DA 64 -44.94 16.34 5.47
N VAL DA 65 -45.53 15.64 4.50
CA VAL DA 65 -44.93 14.39 4.06
C VAL DA 65 -43.59 14.68 3.37
N PRO DA 66 -42.55 13.88 3.59
CA PRO DA 66 -41.31 14.08 2.83
C PRO DA 66 -41.53 13.85 1.35
N ILE DA 67 -40.88 14.70 0.54
CA ILE DA 67 -40.96 14.60 -0.92
C ILE DA 67 -39.86 13.69 -1.44
N ASP DA 68 -39.99 13.25 -2.69
CA ASP DA 68 -38.90 12.56 -3.37
C ASP DA 68 -38.59 13.28 -4.68
N ILE DA 69 -37.72 12.70 -5.51
CA ILE DA 69 -37.25 13.43 -6.68
C ILE DA 69 -38.30 13.51 -7.77
N ALA DA 70 -39.34 12.67 -7.73
CA ALA DA 70 -40.41 12.70 -8.71
C ALA DA 70 -41.59 13.55 -8.24
N THR DA 71 -41.50 14.18 -7.09
CA THR DA 71 -42.57 15.08 -6.65
C THR DA 71 -42.56 16.33 -7.50
N SER DA 72 -43.69 16.63 -8.11
CA SER DA 72 -43.81 17.74 -9.04
C SER DA 72 -44.88 18.71 -8.54
N THR DA 73 -45.12 19.76 -9.34
CA THR DA 73 -46.20 20.69 -9.08
C THR DA 73 -47.57 20.07 -9.30
N PHE DA 74 -47.65 18.89 -9.92
CA PHE DA 74 -48.91 18.23 -10.17
C PHE DA 74 -49.18 17.10 -9.20
N THR DA 75 -48.30 16.89 -8.23
CA THR DA 75 -48.46 15.80 -7.27
C THR DA 75 -49.47 16.20 -6.19
N PRO DA 76 -50.48 15.39 -5.93
CA PRO DA 76 -51.42 15.68 -4.84
C PRO DA 76 -50.81 15.41 -3.48
N VAL DA 77 -51.35 16.10 -2.48
CA VAL DA 77 -50.90 15.93 -1.09
C VAL DA 77 -51.51 14.63 -0.54
N PRO DA 78 -50.69 13.73 -0.01
CA PRO DA 78 -51.23 12.44 0.46
C PRO DA 78 -51.92 12.55 1.81
N LYS DA 79 -52.72 11.53 2.10
CA LYS DA 79 -53.30 11.34 3.43
C LYS DA 79 -52.50 10.35 4.26
N ASN DA 80 -52.17 9.21 3.67
CA ASN DA 80 -51.61 8.08 4.41
C ASN DA 80 -50.50 7.45 3.58
N VAL DA 81 -49.28 7.65 4.00
CA VAL DA 81 -48.13 6.98 3.40
C VAL DA 81 -47.79 5.77 4.27
N GLN DA 82 -47.36 4.69 3.63
CA GLN DA 82 -46.96 3.50 4.37
C GLN DA 82 -45.70 3.76 5.19
N ASP DA 83 -45.66 3.16 6.38
CA ASP DA 83 -44.46 3.22 7.21
C ASP DA 83 -43.86 1.84 7.51
N GLY DA 84 -44.51 0.77 7.07
CA GLY DA 84 -44.05 -0.57 7.40
C GLY DA 84 -44.53 -1.09 8.73
N SER DA 85 -45.54 -0.46 9.33
CA SER DA 85 -46.10 -0.92 10.58
C SER DA 85 -47.56 -1.33 10.46
N GLU DA 86 -48.15 -1.15 9.27
CA GLU DA 86 -49.55 -1.61 9.07
C GLU DA 86 -49.67 -3.07 9.47
N GLU DA 87 -50.78 -3.44 10.08
CA GLU DA 87 -51.04 -4.83 10.47
C GLU DA 87 -51.36 -5.67 9.23
N ASN DA 88 -50.69 -6.80 9.11
CA ASN DA 88 -51.01 -7.91 8.21
C ASN DA 88 -50.79 -7.60 6.73
N VAL DA 89 -50.28 -6.42 6.39
CA VAL DA 89 -50.18 -6.01 4.99
C VAL DA 89 -48.70 -5.81 4.65
N VAL DA 90 -48.25 -6.46 3.59
CA VAL DA 90 -46.89 -6.23 3.09
C VAL DA 90 -46.77 -4.80 2.58
N PRO DA 91 -45.80 -4.01 3.03
CA PRO DA 91 -45.66 -2.63 2.56
C PRO DA 91 -44.79 -2.51 1.31
N ALA DA 92 -45.34 -2.98 0.18
CA ALA DA 92 -44.61 -2.92 -1.08
C ALA DA 92 -44.34 -1.48 -1.49
N GLY DA 93 -45.30 -0.58 -1.30
CA GLY DA 93 -45.12 0.81 -1.66
C GLY DA 93 -44.00 1.50 -0.93
N LEU DA 94 -43.58 0.96 0.21
CA LEU DA 94 -42.46 1.53 0.96
C LEU DA 94 -41.12 1.18 0.31
N ILE DA 95 -41.01 -0.01 -0.27
CA ILE DA 95 -39.74 -0.50 -0.82
C ILE DA 95 -39.73 -0.59 -2.34
N SER DA 96 -40.86 -0.33 -3.01
CA SER DA 96 -40.93 -0.54 -4.45
C SER DA 96 -40.02 0.41 -5.22
N GLY DA 97 -39.71 1.57 -4.65
CA GLY DA 97 -39.07 2.63 -5.38
C GLY DA 97 -40.03 3.58 -6.05
N ALA DA 98 -41.33 3.28 -6.02
CA ALA DA 98 -42.31 4.15 -6.62
C ALA DA 98 -42.42 5.46 -5.85
N PRO DA 99 -42.72 6.57 -6.53
CA PRO DA 99 -42.80 7.86 -5.85
C PRO DA 99 -43.90 7.90 -4.80
N MET DA 100 -43.77 8.88 -3.90
CA MET DA 100 -44.81 9.16 -2.92
C MET DA 100 -46.16 9.40 -3.56
N GLU DA 101 -46.18 9.91 -4.79
CA GLU DA 101 -47.42 10.30 -5.45
C GLU DA 101 -48.42 9.14 -5.56
N LEU DA 102 -47.95 7.92 -5.77
CA LEU DA 102 -48.86 6.80 -5.96
C LEU DA 102 -49.60 6.40 -4.69
N GLN DA 103 -49.12 6.82 -3.52
CA GLN DA 103 -49.89 6.65 -2.29
C GLN DA 103 -50.81 7.83 -2.03
N ALA DA 104 -50.75 8.87 -2.86
CA ALA DA 104 -51.64 10.01 -2.76
C ALA DA 104 -52.78 9.98 -3.76
N ARG DA 105 -52.67 9.14 -4.79
CA ARG DA 105 -53.64 9.09 -5.87
C ARG DA 105 -54.55 7.87 -5.71
N THR DA 106 -55.72 7.97 -6.32
CA THR DA 106 -56.75 6.94 -6.20
C THR DA 106 -56.81 6.13 -7.49
N VAL DA 107 -56.88 4.82 -7.36
CA VAL DA 107 -57.09 3.94 -8.51
C VAL DA 107 -58.54 3.47 -8.49
N ARG DA 108 -59.05 3.17 -9.68
CA ARG DA 108 -60.38 2.60 -9.83
C ARG DA 108 -60.24 1.11 -10.12
N ILE DA 109 -61.01 0.30 -9.41
CA ILE DA 109 -61.04 -1.15 -9.60
C ILE DA 109 -62.44 -1.51 -10.09
N TYR DA 110 -62.53 -2.07 -11.29
CA TYR DA 110 -63.82 -2.29 -11.93
C TYR DA 110 -63.69 -3.37 -12.99
N LYS DA 111 -64.83 -3.94 -13.35
CA LYS DA 111 -64.93 -4.76 -14.56
C LYS DA 111 -65.35 -3.86 -15.72
N PRO DA 112 -64.55 -3.73 -16.77
CA PRO DA 112 -64.96 -2.89 -17.90
C PRO DA 112 -66.28 -3.36 -18.50
N ALA DA 113 -67.17 -2.41 -18.73
CA ALA DA 113 -68.46 -2.73 -19.32
C ALA DA 113 -68.32 -3.10 -20.79
N LYS DA 114 -69.26 -3.91 -21.27
CA LYS DA 114 -69.25 -4.27 -22.69
C LYS DA 114 -69.52 -3.02 -23.53
N PRO DA 115 -68.75 -2.78 -24.58
CA PRO DA 115 -69.02 -1.63 -25.45
C PRO DA 115 -70.42 -1.72 -26.04
N ALA DA 116 -71.06 -0.55 -26.18
CA ALA DA 116 -72.40 -0.53 -26.74
C ALA DA 116 -72.40 -0.78 -28.24
N THR DA 117 -71.22 -0.79 -28.88
CA THR DA 117 -71.09 -0.89 -30.32
C THR DA 117 -70.82 -2.31 -30.81
N GLN DA 118 -70.67 -3.27 -29.91
CA GLN DA 118 -70.29 -4.63 -30.28
C GLN DA 118 -70.96 -5.60 -29.33
N SER DA 119 -71.02 -6.87 -29.73
CA SER DA 119 -71.61 -7.91 -28.90
C SER DA 119 -70.57 -8.78 -28.22
N GLY DA 120 -69.33 -8.74 -28.66
CA GLY DA 120 -68.25 -9.47 -28.00
C GLY DA 120 -68.02 -9.03 -26.58
N GLU DA 121 -67.84 -9.99 -25.67
CA GLU DA 121 -67.67 -9.71 -24.26
C GLU DA 121 -66.26 -10.05 -23.76
N LYS DA 122 -65.29 -10.12 -24.66
CA LYS DA 122 -63.94 -10.55 -24.29
C LYS DA 122 -63.30 -9.61 -23.28
N ASN DA 123 -63.48 -8.30 -23.44
CA ASN DA 123 -62.83 -7.33 -22.57
C ASN DA 123 -63.59 -7.08 -21.28
N THR DA 124 -64.67 -7.83 -21.01
CA THR DA 124 -65.36 -7.67 -19.74
C THR DA 124 -65.00 -8.77 -18.75
N GLN DA 125 -64.10 -9.67 -19.14
CA GLN DA 125 -63.85 -10.86 -18.34
C GLN DA 125 -62.96 -10.56 -17.14
N LEU DA 126 -62.04 -9.61 -17.28
CA LEU DA 126 -61.02 -9.36 -16.27
C LEU DA 126 -61.32 -8.08 -15.49
N TRP DA 127 -60.69 -7.95 -14.32
CA TRP DA 127 -60.80 -6.75 -13.51
C TRP DA 127 -59.68 -5.78 -13.87
N ARG DA 128 -60.04 -4.52 -14.04
CA ARG DA 128 -59.12 -3.47 -14.45
C ARG DA 128 -58.79 -2.56 -13.27
N MET DA 129 -57.52 -2.19 -13.14
CA MET DA 129 -57.08 -1.18 -12.19
C MET DA 129 -56.57 0.03 -12.98
N ASP DA 130 -57.16 1.19 -12.73
CA ASP DA 130 -56.90 2.39 -13.51
C ASP DA 130 -56.71 3.58 -12.58
N TRP DA 131 -55.85 4.51 -12.99
CA TRP DA 131 -55.62 5.73 -12.21
C TRP DA 131 -56.56 6.83 -12.68
N ASP DA 132 -57.20 7.49 -11.72
CA ASP DA 132 -58.06 8.63 -12.03
C ASP DA 132 -57.24 9.80 -12.56
N VAL DA 133 -57.82 10.53 -13.50
CA VAL DA 133 -57.13 11.69 -14.07
C VAL DA 133 -57.26 12.85 -13.10
N LEU DA 134 -56.15 13.53 -12.83
CA LEU DA 134 -56.11 14.67 -11.94
C LEU DA 134 -56.67 15.91 -12.62
N GLY DA 135 -56.91 16.95 -11.80
CA GLY DA 135 -57.45 18.18 -12.34
C GLY DA 135 -56.48 18.91 -13.23
N LYS DA 136 -55.20 18.90 -12.88
CA LYS DA 136 -54.15 19.57 -13.64
C LYS DA 136 -53.09 18.56 -14.05
N GLY DA 137 -52.52 18.76 -15.23
CA GLY DA 137 -51.37 18.01 -15.67
C GLY DA 137 -51.64 16.76 -16.47
N HIS DA 138 -52.90 16.38 -16.65
CA HIS DA 138 -53.19 15.18 -17.45
C HIS DA 138 -52.91 15.42 -18.93
N ARG DA 139 -53.37 16.54 -19.46
CA ARG DA 139 -53.16 16.88 -20.86
C ARG DA 139 -53.07 18.39 -21.00
N TRP DA 140 -52.26 18.85 -21.94
CA TRP DA 140 -52.34 20.22 -22.43
C TRP DA 140 -51.75 20.29 -23.83
N GLU DA 141 -52.12 21.34 -24.54
CA GLU DA 141 -51.72 21.50 -25.93
C GLU DA 141 -50.31 22.07 -26.02
N ASN DA 142 -49.44 21.35 -26.71
CA ASN DA 142 -48.09 21.85 -26.97
C ASN DA 142 -48.16 23.01 -27.95
N PRO DA 143 -47.61 24.18 -27.61
CA PRO DA 143 -47.77 25.33 -28.50
C PRO DA 143 -47.10 25.17 -29.86
N LEU DA 144 -46.05 24.36 -29.95
CA LEU DA 144 -45.32 24.23 -31.20
C LEU DA 144 -46.12 23.42 -32.23
N MET DA 145 -46.38 22.15 -31.94
CA MET DA 145 -47.02 21.26 -32.89
C MET DA 145 -48.51 21.07 -32.64
N GLY DA 146 -49.03 21.52 -31.50
CA GLY DA 146 -50.37 21.18 -31.12
C GLY DA 146 -50.53 19.80 -30.55
N TRP DA 147 -49.43 19.11 -30.27
CA TRP DA 147 -49.48 17.80 -29.63
C TRP DA 147 -50.00 17.93 -28.20
N GLN DA 148 -50.28 16.79 -27.60
CA GLN DA 148 -50.89 16.76 -26.26
C GLN DA 148 -49.85 16.28 -25.26
N SER DA 149 -49.32 17.22 -24.48
CA SER DA 149 -48.35 16.94 -23.46
C SER DA 149 -49.03 16.42 -22.19
N SER DA 150 -48.26 15.71 -21.37
CA SER DA 150 -48.75 15.20 -20.10
C SER DA 150 -47.67 15.33 -19.03
N ALA DA 151 -48.13 15.54 -17.80
CA ALA DA 151 -47.30 15.43 -16.62
C ALA DA 151 -47.66 14.24 -15.75
N ASP DA 152 -48.61 13.41 -16.20
CA ASP DA 152 -49.10 12.26 -15.43
C ASP DA 152 -48.37 11.02 -15.93
N PHE DA 153 -47.41 10.53 -15.15
CA PHE DA 153 -46.67 9.36 -15.59
C PHE DA 153 -47.49 8.07 -15.51
N MET DA 154 -48.67 8.09 -14.92
CA MET DA 154 -49.55 6.92 -14.84
C MET DA 154 -50.64 6.92 -15.90
N GLN DA 155 -50.64 7.88 -16.82
CA GLN DA 155 -51.80 8.07 -17.70
C GLN DA 155 -52.01 6.87 -18.63
N GLY DA 156 -50.94 6.27 -19.12
CA GLY DA 156 -51.05 5.14 -20.03
C GLY DA 156 -50.83 3.79 -19.39
N THR DA 157 -51.07 3.68 -18.08
CA THR DA 157 -50.83 2.45 -17.35
C THR DA 157 -52.15 1.91 -16.80
N HIS DA 158 -52.39 0.62 -16.99
CA HIS DA 158 -53.50 -0.07 -16.34
C HIS DA 158 -53.04 -1.48 -15.99
N LEU DA 159 -53.67 -2.05 -14.97
CA LEU DA 159 -53.36 -3.38 -14.48
C LEU DA 159 -54.58 -4.27 -14.59
N THR DA 160 -54.32 -5.54 -14.89
CA THR DA 160 -55.41 -6.51 -15.09
C THR DA 160 -55.39 -7.58 -14.00
N PHE DA 161 -56.52 -7.93 -13.41
CA PHE DA 161 -56.61 -8.89 -12.33
C PHE DA 161 -57.72 -9.90 -12.61
N LYS DA 162 -57.53 -11.15 -12.14
CA LYS DA 162 -58.50 -12.24 -12.36
C LYS DA 162 -59.72 -12.10 -11.45
N THR DA 163 -59.53 -11.49 -10.29
CA THR DA 163 -60.61 -11.32 -9.29
C THR DA 163 -60.45 -9.95 -8.62
N LYS DA 164 -61.35 -9.37 -8.03
CA LYS DA 164 -61.25 -8.01 -7.43
C LYS DA 164 -60.53 -8.08 -6.09
N GLU DA 165 -60.64 -9.30 -5.39
CA GLU DA 165 -59.85 -9.48 -4.14
C GLU DA 165 -58.37 -9.40 -4.49
N ASP DA 166 -57.99 -9.93 -5.64
CA ASP DA 166 -56.61 -9.79 -6.14
C ASP DA 166 -56.29 -8.30 -6.37
N ALA DA 167 -57.15 -7.58 -7.08
CA ALA DA 167 -56.93 -6.16 -7.31
C ALA DA 167 -56.86 -5.39 -6.00
N ILE DA 168 -57.78 -5.67 -5.08
CA ILE DA 168 -57.75 -5.00 -3.77
C ILE DA 168 -56.48 -5.37 -3.02
N ALA DA 169 -56.08 -6.65 -3.07
CA ALA DA 169 -54.88 -7.08 -2.37
C ALA DA 169 -53.63 -6.38 -2.91
N PHE DA 170 -53.53 -6.24 -4.24
CA PHE DA 170 -52.40 -5.53 -4.81
C PHE DA 170 -52.43 -4.05 -4.44
N ALA DA 171 -53.62 -3.45 -4.45
CA ALA DA 171 -53.72 -2.02 -4.15
C ALA DA 171 -53.38 -1.72 -2.69
N GLU DA 172 -53.84 -2.58 -1.76
CA GLU DA 172 -53.53 -2.42 -0.32
C GLU DA 172 -52.02 -2.59 -0.13
N LYS DA 173 -51.41 -3.53 -0.85
CA LYS DA 173 -49.99 -3.82 -0.68
C LYS DA 173 -49.12 -2.66 -1.17
N GLN DA 174 -49.51 -2.03 -2.29
CA GLN DA 174 -48.76 -0.89 -2.78
C GLN DA 174 -49.09 0.41 -2.05
N GLY DA 175 -50.25 0.47 -1.39
CA GLY DA 175 -50.66 1.68 -0.73
C GLY DA 175 -51.44 2.65 -1.58
N TYR DA 176 -52.00 2.20 -2.70
CA TYR DA 176 -52.89 3.05 -3.47
C TYR DA 176 -54.20 3.26 -2.73
N GLU DA 177 -54.71 4.48 -2.78
CA GLU DA 177 -56.12 4.68 -2.53
C GLU DA 177 -56.91 4.07 -3.68
N TYR DA 178 -58.01 3.40 -3.36
CA TYR DA 178 -58.78 2.72 -4.39
C TYR DA 178 -60.27 2.88 -4.15
N PHE DA 179 -61.01 2.73 -5.24
CA PHE DA 179 -62.47 2.75 -5.22
C PHE DA 179 -62.94 1.58 -6.08
N VAL DA 180 -63.79 0.73 -5.51
CA VAL DA 180 -64.25 -0.48 -6.19
C VAL DA 180 -65.63 -0.21 -6.78
N GLN DA 181 -65.72 -0.31 -8.11
CA GLN DA 181 -66.99 -0.18 -8.82
C GLN DA 181 -67.45 -1.58 -9.21
N GLU DA 182 -68.53 -2.05 -8.58
CA GLU DA 182 -69.04 -3.37 -8.90
C GLU DA 182 -69.70 -3.37 -10.27
N PRO DA 183 -69.67 -4.50 -10.98
CA PRO DA 183 -70.23 -4.53 -12.34
C PRO DA 183 -71.74 -4.66 -12.30
N ASN DA 184 -72.41 -3.87 -13.13
CA ASN DA 184 -73.84 -4.08 -13.35
C ASN DA 184 -74.04 -5.36 -14.14
N GLU DA 185 -74.95 -6.20 -13.66
CA GLU DA 185 -75.25 -7.48 -14.28
C GLU DA 185 -76.59 -7.41 -15.00
N ARG DA 186 -76.71 -8.20 -16.06
CA ARG DA 186 -77.97 -8.27 -16.79
C ARG DA 186 -79.03 -8.97 -15.94
N HIS DA 187 -80.27 -8.50 -16.05
CA HIS DA 187 -81.39 -9.16 -15.42
C HIS DA 187 -82.02 -10.15 -16.40
N PHE DA 188 -81.97 -11.43 -16.07
CA PHE DA 188 -82.41 -12.47 -16.99
C PHE DA 188 -83.91 -12.39 -17.23
N ARG DA 189 -84.30 -12.63 -18.49
CA ARG DA 189 -85.68 -12.71 -18.90
C ARG DA 189 -85.72 -13.66 -20.09
N PRO DA 190 -86.53 -14.71 -20.05
CA PRO DA 190 -86.59 -15.62 -21.20
C PRO DA 190 -87.18 -14.94 -22.42
N LYS DA 191 -86.66 -15.32 -23.58
CA LYS DA 191 -87.09 -14.76 -24.86
C LYS DA 191 -87.58 -15.90 -25.74
N ALA DA 192 -88.64 -15.64 -26.49
CA ALA DA 192 -89.23 -16.65 -27.37
C ALA DA 192 -89.58 -16.00 -28.70
N TYR DA 193 -89.24 -16.70 -29.78
CA TYR DA 193 -89.56 -16.19 -31.12
C TYR DA 193 -91.08 -16.11 -31.33
N ALA DA 194 -91.81 -17.10 -30.82
CA ALA DA 194 -93.26 -17.15 -31.02
C ALA DA 194 -93.99 -15.97 -30.37
N ASN DA 195 -93.36 -15.23 -29.46
CA ASN DA 195 -93.99 -14.05 -28.90
C ASN DA 195 -94.18 -12.93 -29.91
N ASN DA 196 -93.50 -12.98 -31.06
CA ASN DA 196 -93.74 -12.02 -32.12
C ASN DA 196 -95.11 -12.17 -32.76
N PHE DA 197 -95.80 -13.30 -32.54
CA PHE DA 197 -97.04 -13.60 -33.25
C PHE DA 197 -98.18 -13.97 -32.31
N LEU DA 198 -98.18 -13.44 -31.08
CA LEU DA 198 -99.27 -13.73 -30.15
C LEU DA 198 -100.59 -13.18 -30.66
N TYR DA 199 -101.66 -13.94 -30.43
CA TYR DA 199 -103.01 -13.48 -30.75
C TYR DA 199 -103.39 -12.29 -29.89
N SER DA 200 -103.99 -11.28 -30.53
CA SER DA 200 -104.46 -10.06 -29.81
C SER DA 200 -105.98 -10.07 -29.70
N PRO DA 201 -106.60 -10.43 -28.55
CA PRO DA 201 -108.07 -10.33 -28.41
C PRO DA 201 -108.59 -8.91 -28.58
N GLY DA 202 -107.76 -7.90 -28.36
CA GLY DA 202 -108.22 -6.53 -28.46
C GLY DA 202 -107.49 -5.69 -29.50
N LYS DA 203 -107.65 -4.38 -29.42
CA LYS DA 203 -106.96 -3.46 -30.32
C LYS DA 203 -105.46 -3.75 -30.31
N LEU DA 204 -104.86 -3.70 -31.50
CA LEU DA 204 -103.56 -4.33 -31.72
C LEU DA 204 -102.48 -3.73 -30.84
N LYS DA 205 -102.55 -2.43 -30.59
CA LYS DA 205 -101.67 -1.71 -29.66
C LYS DA 205 -100.27 -1.49 -30.21
N HIS DA 206 -99.91 -2.20 -31.27
CA HIS DA 206 -98.64 -2.02 -31.96
C HIS DA 206 -98.64 -2.92 -33.19
N ILE DA 207 -98.10 -2.42 -34.29
CA ILE DA 207 -98.05 -3.18 -35.54
C ILE DA 207 -96.61 -3.59 -35.78
N ARG DA 208 -96.37 -4.90 -35.73
CA ARG DA 208 -95.03 -5.45 -35.83
C ARG DA 208 -94.62 -5.62 -37.28
N THR DA 209 -93.31 -5.47 -37.55
CA THR DA 209 -92.76 -5.50 -38.90
C THR DA 209 -91.56 -6.46 -38.97
N LYS DA 210 -91.76 -7.67 -38.48
CA LYS DA 210 -90.74 -8.73 -38.52
C LYS DA 210 -89.55 -8.38 -37.64
N SER EA 11 -6.81 -29.21 -57.04
CA SER EA 11 -6.36 -28.03 -56.31
C SER EA 11 -7.52 -27.33 -55.62
N ASN EA 12 -7.22 -26.33 -54.82
CA ASN EA 12 -8.29 -25.66 -54.06
C ASN EA 12 -8.93 -24.58 -54.94
N ALA EA 13 -8.14 -23.93 -55.79
CA ALA EA 13 -8.61 -22.73 -56.46
C ALA EA 13 -9.47 -23.05 -57.69
N VAL EA 14 -10.51 -22.27 -57.87
CA VAL EA 14 -11.28 -22.26 -59.10
C VAL EA 14 -10.61 -21.30 -60.08
N SER EA 15 -10.76 -21.63 -61.38
CA SER EA 15 -10.18 -20.79 -62.45
C SER EA 15 -10.67 -19.33 -62.42
N ILE EA 16 -9.76 -18.37 -62.57
CA ILE EA 16 -10.10 -16.91 -62.70
C ILE EA 16 -11.09 -16.71 -63.86
N THR EA 17 -11.09 -17.62 -64.83
CA THR EA 17 -11.96 -17.50 -66.04
C THR EA 17 -13.43 -17.81 -65.68
N LYS EA 18 -13.68 -18.31 -64.47
CA LYS EA 18 -15.08 -18.55 -64.02
C LYS EA 18 -15.48 -17.75 -62.76
N LYS EA 19 -14.96 -16.54 -62.49
CA LYS EA 19 -15.22 -15.92 -61.19
C LYS EA 19 -15.88 -14.55 -61.26
N TYR EA 20 -16.63 -14.17 -62.30
CA TYR EA 20 -17.47 -12.92 -62.30
C TYR EA 20 -16.78 -11.64 -61.81
N THR EA 21 -15.55 -11.42 -62.25
CA THR EA 21 -14.77 -10.22 -61.91
C THR EA 21 -14.06 -9.75 -63.18
N VAL EA 22 -13.83 -8.45 -63.25
CA VAL EA 22 -13.04 -7.87 -64.38
C VAL EA 22 -11.71 -8.60 -64.49
N GLN EA 23 -11.37 -8.98 -65.72
CA GLN EA 23 -10.12 -9.71 -65.96
C GLN EA 23 -9.07 -8.78 -66.57
N SER EA 24 -7.81 -9.19 -66.55
CA SER EA 24 -6.77 -8.48 -67.29
C SER EA 24 -6.64 -9.08 -68.69
N THR EA 25 -6.00 -8.31 -69.58
CA THR EA 25 -5.95 -8.67 -70.98
C THR EA 25 -4.57 -8.38 -71.55
N GLY EA 26 -4.25 -9.08 -72.63
CA GLY EA 26 -3.05 -8.78 -73.41
C GLY EA 26 -1.78 -8.94 -72.62
N ILE EA 27 -0.91 -7.92 -72.73
CA ILE EA 27 0.37 -7.94 -72.03
C ILE EA 27 0.19 -7.86 -70.53
N TRP EA 28 -0.93 -7.31 -70.06
CA TRP EA 28 -1.12 -7.12 -68.63
C TRP EA 28 -1.57 -8.38 -67.93
N GLU EA 29 -2.28 -9.27 -68.64
CA GLU EA 29 -2.64 -10.56 -68.05
C GLU EA 29 -1.40 -11.45 -67.90
N ARG EA 30 -0.51 -11.43 -68.88
CA ARG EA 30 0.73 -12.19 -68.76
C ARG EA 30 1.60 -11.65 -67.63
N ILE EA 31 1.65 -10.33 -67.49
CA ILE EA 31 2.34 -9.71 -66.36
C ILE EA 31 1.71 -10.16 -65.04
N ARG EA 32 0.37 -10.16 -64.99
CA ARG EA 32 -0.32 -10.55 -63.76
C ARG EA 32 -0.04 -12.01 -63.40
N ARG EA 33 -0.09 -12.91 -64.39
CA ARG EA 33 0.13 -14.33 -64.11
C ARG EA 33 1.58 -14.60 -63.75
N ALA EA 34 2.47 -13.66 -64.04
CA ALA EA 34 3.89 -13.87 -63.77
C ALA EA 34 4.29 -13.32 -62.41
N LEU EA 35 3.52 -12.39 -61.85
CA LEU EA 35 3.93 -11.69 -60.65
C LEU EA 35 3.09 -12.00 -59.41
N VAL EA 36 1.78 -12.23 -59.56
CA VAL EA 36 0.94 -12.36 -58.37
C VAL EA 36 1.18 -13.72 -57.69
N ILE EA 37 0.72 -13.82 -56.45
CA ILE EA 37 0.93 -15.03 -55.66
C ILE EA 37 0.09 -16.18 -56.20
N ASP EA 38 -1.14 -15.89 -56.62
CA ASP EA 38 -2.00 -16.91 -57.20
C ASP EA 38 -2.80 -16.30 -58.35
N PRO EA 39 -2.51 -16.66 -59.59
CA PRO EA 39 -3.21 -16.04 -60.72
C PRO EA 39 -4.70 -16.34 -60.77
N ASN EA 40 -5.17 -17.38 -60.07
CA ASN EA 40 -6.60 -17.69 -60.06
C ASN EA 40 -7.38 -16.78 -59.12
N ARG EA 41 -6.70 -15.93 -58.35
CA ARG EA 41 -7.37 -15.08 -57.39
C ARG EA 41 -7.96 -13.85 -58.08
N SER EA 42 -9.24 -13.60 -57.83
CA SER EA 42 -9.91 -12.45 -58.40
C SER EA 42 -9.52 -11.18 -57.64
N ASN EA 43 -9.90 -10.04 -58.21
CA ASN EA 43 -9.67 -8.74 -57.59
C ASN EA 43 -10.91 -8.16 -56.94
N GLY EA 44 -12.03 -8.88 -56.98
CA GLY EA 44 -13.28 -8.43 -56.34
C GLY EA 44 -14.01 -7.32 -57.08
N VAL EA 45 -13.56 -6.95 -58.27
CA VAL EA 45 -14.33 -5.94 -59.03
C VAL EA 45 -15.43 -6.64 -59.84
N PRO EA 46 -16.72 -6.34 -59.58
CA PRO EA 46 -17.84 -6.92 -60.31
C PRO EA 46 -17.96 -6.44 -61.77
N LEU EA 47 -18.56 -7.23 -62.63
CA LEU EA 47 -18.70 -6.89 -64.06
C LEU EA 47 -19.96 -6.04 -64.28
N ASN EA 48 -19.86 -4.94 -65.02
CA ASN EA 48 -20.99 -3.99 -65.16
C ASN EA 48 -22.08 -4.57 -66.07
N PRO EA 49 -21.81 -5.38 -67.14
CA PRO EA 49 -22.91 -5.95 -67.93
C PRO EA 49 -23.68 -7.05 -67.22
N TYR EA 50 -23.15 -7.65 -66.16
CA TYR EA 50 -23.82 -8.78 -65.52
C TYR EA 50 -24.35 -8.48 -64.14
N ASN EA 51 -23.63 -7.67 -63.36
CA ASN EA 51 -23.94 -7.35 -61.95
C ASN EA 51 -25.05 -6.30 -61.81
N ARG EA 52 -26.19 -6.66 -61.22
CA ARG EA 52 -27.28 -5.70 -61.00
C ARG EA 52 -27.67 -5.01 -62.30
N ASN EA 53 -27.72 -5.80 -63.37
CA ASN EA 53 -28.04 -5.33 -64.71
C ASN EA 53 -29.06 -6.29 -65.31
N PRO EA 54 -30.31 -5.87 -65.47
CA PRO EA 54 -30.80 -4.53 -65.20
C PRO EA 54 -30.99 -4.23 -63.71
N SER EA 55 -31.03 -2.89 -63.44
CA SER EA 55 -31.36 -2.42 -62.08
C SER EA 55 -32.72 -2.98 -61.66
N PRO EA 56 -32.90 -3.36 -60.33
CA PRO EA 56 -34.20 -3.92 -59.92
C PRO EA 56 -35.37 -2.99 -60.17
N GLY EA 57 -35.12 -1.69 -60.28
CA GLY EA 57 -36.17 -0.74 -60.61
C GLY EA 57 -36.63 -0.80 -62.05
N ASP EA 58 -35.92 -1.52 -62.91
CA ASP EA 58 -36.36 -1.74 -64.28
C ASP EA 58 -36.66 -3.21 -64.55
N ASN EA 59 -36.89 -4.01 -63.51
CA ASN EA 59 -37.46 -5.34 -63.71
C ASN EA 59 -38.91 -5.18 -64.15
N PRO EA 60 -39.31 -5.81 -65.25
CA PRO EA 60 -40.69 -5.67 -65.74
C PRO EA 60 -41.69 -6.20 -64.73
N PRO EA 61 -42.59 -5.35 -64.25
CA PRO EA 61 -43.51 -5.77 -63.18
C PRO EA 61 -44.44 -6.90 -63.59
N LEU EA 62 -44.77 -7.01 -64.88
CA LEU EA 62 -45.75 -7.99 -65.31
C LEU EA 62 -45.22 -9.41 -65.26
N GLU EA 63 -43.90 -9.59 -65.30
CA GLU EA 63 -43.33 -10.93 -65.33
C GLU EA 63 -43.52 -11.65 -63.99
N TYR EA 64 -43.22 -10.98 -62.89
CA TYR EA 64 -43.32 -11.64 -61.59
C TYR EA 64 -44.76 -11.99 -61.28
N THR EA 65 -44.98 -13.21 -60.78
CA THR EA 65 -46.29 -13.69 -60.41
C THR EA 65 -46.31 -14.02 -58.93
N ASP EA 66 -47.29 -13.48 -58.22
CA ASP EA 66 -47.43 -13.80 -56.81
C ASP EA 66 -47.96 -15.22 -56.68
N PRO EA 67 -47.23 -16.14 -56.07
CA PRO EA 67 -47.64 -17.55 -56.10
C PRO EA 67 -48.69 -17.86 -55.06
N VAL EA 68 -49.53 -18.82 -55.41
CA VAL EA 68 -50.54 -19.31 -54.44
C VAL EA 68 -50.53 -20.83 -54.48
N THR EA 69 -50.36 -21.47 -53.35
CA THR EA 69 -50.44 -22.92 -53.22
C THR EA 69 -51.90 -23.36 -53.19
N ILE EA 70 -52.23 -24.36 -54.00
CA ILE EA 70 -53.63 -24.58 -54.35
C ILE EA 70 -54.46 -25.15 -53.19
N PRO EA 71 -53.94 -25.98 -52.27
CA PRO EA 71 -54.78 -26.30 -51.11
C PRO EA 71 -55.16 -25.04 -50.35
N ALA EA 72 -54.18 -24.25 -49.93
CA ALA EA 72 -54.47 -23.02 -49.19
C ALA EA 72 -55.18 -21.99 -50.06
N GLY EA 73 -54.88 -21.96 -51.35
CA GLY EA 73 -55.41 -20.96 -52.25
C GLY EA 73 -56.48 -21.40 -53.23
N ASP EA 74 -57.07 -22.58 -53.05
CA ASP EA 74 -58.12 -23.02 -53.97
C ASP EA 74 -59.39 -22.21 -53.75
N ILE EA 75 -60.21 -22.18 -54.79
CA ILE EA 75 -61.55 -21.61 -54.69
C ILE EA 75 -62.62 -22.68 -54.46
N ALA EA 76 -62.25 -23.96 -54.44
CA ALA EA 76 -63.27 -25.00 -54.38
C ALA EA 76 -63.25 -25.80 -53.08
N ASP EA 77 -62.17 -26.58 -52.86
CA ASP EA 77 -62.14 -27.53 -51.70
C ASP EA 77 -61.20 -27.15 -50.54
N ASN EA 78 -61.22 -25.91 -50.03
CA ASN EA 78 -60.45 -25.57 -48.83
C ASN EA 78 -61.32 -24.82 -47.83
N PRO EA 79 -62.02 -25.54 -46.95
CA PRO EA 79 -62.62 -24.89 -45.78
C PRO EA 79 -61.53 -24.42 -44.82
N TYR EA 80 -61.65 -23.19 -44.32
CA TYR EA 80 -60.64 -22.60 -43.39
C TYR EA 80 -60.40 -23.44 -42.13
N TRP EA 81 -61.44 -24.07 -41.60
CA TRP EA 81 -61.28 -24.74 -40.31
C TRP EA 81 -60.37 -25.96 -40.41
N LYS EA 82 -60.26 -26.57 -41.59
CA LYS EA 82 -59.36 -27.71 -41.75
C LYS EA 82 -57.90 -27.30 -41.73
N ARG EA 83 -57.57 -26.08 -42.13
CA ARG EA 83 -56.19 -25.57 -42.16
C ARG EA 83 -55.98 -24.52 -41.05
N ASP EA 84 -56.93 -24.38 -40.11
CA ASP EA 84 -56.82 -23.42 -39.01
C ASP EA 84 -55.95 -24.05 -37.92
N PHE EA 85 -54.65 -24.09 -38.19
CA PHE EA 85 -53.73 -24.72 -37.25
C PHE EA 85 -53.43 -23.84 -36.05
N ARG EA 86 -53.72 -22.55 -36.13
CA ARG EA 86 -53.56 -21.65 -34.95
C ARG EA 86 -54.54 -22.00 -33.83
N ARG EA 87 -55.79 -22.28 -34.19
CA ARG EA 87 -56.85 -22.59 -33.20
C ARG EA 87 -56.74 -24.05 -32.76
N ASN EA 88 -55.92 -24.82 -33.45
CA ASN EA 88 -55.67 -26.19 -33.01
C ASN EA 88 -54.36 -26.30 -32.25
N TYR EA 89 -54.00 -25.25 -31.52
CA TYR EA 89 -52.74 -25.24 -30.78
C TYR EA 89 -52.82 -26.18 -29.60
N PRO EA 90 -51.72 -26.87 -29.27
CA PRO EA 90 -51.74 -27.81 -28.14
C PRO EA 90 -51.79 -27.07 -26.81
N ARG EA 91 -52.70 -27.48 -25.94
CA ARG EA 91 -52.67 -27.03 -24.57
C ARG EA 91 -51.53 -27.71 -23.82
N PRO EA 92 -50.90 -27.00 -22.88
CA PRO EA 92 -49.88 -27.65 -22.05
C PRO EA 92 -50.47 -28.78 -21.21
N SER EA 93 -49.76 -29.90 -21.16
CA SER EA 93 -50.18 -31.06 -20.41
C SER EA 93 -49.55 -31.00 -19.02
N VAL EA 94 -50.38 -30.82 -17.99
CA VAL EA 94 -49.94 -30.54 -16.64
C VAL EA 94 -50.21 -31.76 -15.76
N ILE EA 95 -49.20 -32.18 -15.00
CA ILE EA 95 -49.31 -33.28 -14.04
C ILE EA 95 -48.86 -32.79 -12.69
N ALA EA 96 -49.73 -32.89 -11.70
CA ALA EA 96 -49.41 -32.53 -10.32
C ALA EA 96 -49.09 -33.78 -9.51
N GLN EA 97 -48.72 -33.58 -8.24
CA GLN EA 97 -48.35 -34.70 -7.39
C GLN EA 97 -49.52 -35.66 -7.18
N ALA EA 98 -50.74 -35.13 -7.09
CA ALA EA 98 -51.91 -35.99 -6.95
C ALA EA 98 -52.10 -36.88 -8.17
N GLN EA 99 -51.86 -36.34 -9.36
CA GLN EA 99 -52.09 -37.12 -10.59
C GLN EA 99 -51.07 -38.26 -10.70
N GLN EA 100 -49.81 -38.02 -10.32
CA GLN EA 100 -48.83 -39.09 -10.43
C GLN EA 100 -49.11 -40.22 -9.45
N VAL EA 101 -49.58 -39.89 -8.25
CA VAL EA 101 -49.95 -40.94 -7.31
C VAL EA 101 -51.08 -41.79 -7.88
N ALA EA 102 -52.07 -41.14 -8.49
CA ALA EA 102 -53.14 -41.90 -9.14
C ALA EA 102 -52.59 -42.73 -10.30
N LEU EA 103 -51.67 -42.16 -11.09
CA LEU EA 103 -51.07 -42.91 -12.18
C LEU EA 103 -50.23 -44.08 -11.67
N LEU EA 104 -49.70 -43.97 -10.45
CA LEU EA 104 -48.97 -45.08 -9.85
C LEU EA 104 -49.90 -46.10 -9.20
N SER EA 105 -51.01 -45.64 -8.62
CA SER EA 105 -51.90 -46.54 -7.90
C SER EA 105 -52.69 -47.44 -8.86
N VAL EA 106 -53.24 -46.86 -9.94
CA VAL EA 106 -54.16 -47.58 -10.80
C VAL EA 106 -53.71 -47.58 -12.26
N GLY EA 107 -52.51 -47.13 -12.54
CA GLY EA 107 -52.01 -47.14 -13.90
C GLY EA 107 -52.62 -46.03 -14.76
N SER EA 108 -52.56 -46.25 -16.07
CA SER EA 108 -52.95 -45.24 -17.04
C SER EA 108 -53.97 -45.83 -18.00
N ALA EA 109 -54.43 -45.00 -18.94
CA ALA EA 109 -55.36 -45.45 -19.96
C ALA EA 109 -54.67 -46.32 -21.01
N ALA EA 110 -53.37 -46.12 -21.24
CA ALA EA 110 -52.63 -47.02 -22.11
C ALA EA 110 -52.28 -48.33 -21.41
N GLN EA 111 -52.16 -48.29 -20.08
CA GLN EA 111 -51.80 -49.47 -19.31
C GLN EA 111 -52.35 -49.37 -17.90
N PRO EA 112 -53.50 -49.98 -17.62
CA PRO EA 112 -54.06 -49.94 -16.26
C PRO EA 112 -53.31 -50.87 -15.32
N ARG EA 113 -53.52 -50.66 -14.02
CA ARG EA 113 -52.96 -51.52 -13.00
C ARG EA 113 -53.90 -52.66 -12.63
N VAL EA 114 -55.20 -52.38 -12.56
CA VAL EA 114 -56.21 -53.37 -12.22
C VAL EA 114 -57.29 -53.33 -13.29
N GLU EA 115 -58.31 -54.18 -13.12
CA GLU EA 115 -59.35 -54.32 -14.14
C GLU EA 115 -60.18 -53.05 -14.27
N LEU EA 116 -60.69 -52.54 -13.14
CA LEU EA 116 -61.59 -51.38 -13.12
C LEU EA 116 -62.76 -51.59 -14.08
N ILE EA 117 -63.60 -52.59 -13.77
CA ILE EA 117 -64.73 -52.92 -14.69
C ILE EA 117 -66.03 -52.31 -14.17
N GLY EA 118 -66.49 -51.22 -14.79
CA GLY EA 118 -67.78 -50.63 -14.43
C GLY EA 118 -67.90 -50.26 -12.98
N GLU EA 119 -68.98 -50.70 -12.33
CA GLU EA 119 -69.22 -50.35 -10.92
C GLU EA 119 -68.14 -50.95 -10.03
N GLU EA 120 -67.99 -50.42 -8.82
CA GLU EA 120 -66.98 -50.86 -7.85
C GLU EA 120 -65.58 -50.59 -8.40
N GLY EA 121 -65.51 -50.10 -9.64
CA GLY EA 121 -64.26 -49.65 -10.22
C GLY EA 121 -64.25 -48.16 -10.40
N THR EA 122 -65.43 -47.59 -10.67
CA THR EA 122 -65.56 -46.14 -10.70
C THR EA 122 -65.28 -45.54 -9.33
N LYS EA 123 -65.82 -46.16 -8.28
CA LYS EA 123 -65.51 -45.73 -6.93
C LYS EA 123 -64.07 -46.08 -6.56
N ALA EA 124 -63.56 -47.21 -7.05
CA ALA EA 124 -62.16 -47.55 -6.82
C ALA EA 124 -61.23 -46.56 -7.50
N LEU EA 125 -61.59 -46.13 -8.73
CA LEU EA 125 -60.78 -45.14 -9.42
C LEU EA 125 -60.77 -43.81 -8.67
N VAL EA 126 -61.84 -43.35 -8.18
CA VAL EA 126 -61.90 -42.03 -7.47
C VAL EA 126 -61.20 -42.17 -6.12
N ALA EA 127 -61.14 -43.43 -5.58
CA ALA EA 127 -60.33 -43.60 -4.36
C ALA EA 127 -58.87 -43.29 -4.64
N ALA EA 128 -58.35 -43.70 -5.80
CA ALA EA 128 -56.97 -43.40 -6.16
C ALA EA 128 -56.75 -41.90 -6.37
N GLU EA 129 -57.81 -41.14 -6.64
CA GLU EA 129 -57.67 -39.70 -6.81
C GLU EA 129 -57.57 -39.00 -5.47
N GLU EA 130 -58.51 -39.28 -4.55
CA GLU EA 130 -58.50 -38.61 -3.26
C GLU EA 130 -57.30 -39.02 -2.43
N GLU EA 131 -56.80 -40.25 -2.61
CA GLU EA 131 -55.56 -40.65 -1.96
C GLU EA 131 -54.39 -39.84 -2.49
N GLY EA 132 -54.34 -39.64 -3.82
CA GLY EA 132 -53.28 -38.82 -4.38
C GLY EA 132 -53.29 -37.40 -3.86
N LYS EA 133 -54.48 -36.83 -3.70
CA LYS EA 133 -54.60 -35.49 -3.15
C LYS EA 133 -54.11 -35.42 -1.71
N GLU EA 134 -54.45 -36.43 -0.90
CA GLU EA 134 -54.16 -36.36 0.53
C GLU EA 134 -52.67 -36.61 0.80
N LYS EA 135 -52.14 -37.73 0.34
CA LYS EA 135 -50.72 -38.03 0.45
C LYS EA 135 -50.05 -37.79 -0.90
N GLY EA 136 -48.92 -37.10 -0.88
CA GLY EA 136 -48.19 -36.83 -2.10
C GLY EA 136 -47.47 -38.04 -2.62
N VAL EA 137 -46.48 -37.82 -3.50
CA VAL EA 137 -45.72 -38.94 -4.04
C VAL EA 137 -44.84 -39.57 -2.98
N ALA EA 138 -44.21 -38.74 -2.13
CA ALA EA 138 -43.27 -39.24 -1.14
C ALA EA 138 -43.97 -40.15 -0.13
N LYS EA 139 -45.05 -39.67 0.48
CA LYS EA 139 -45.76 -40.47 1.46
C LYS EA 139 -46.30 -41.76 0.85
N TYR EA 140 -46.85 -41.67 -0.36
CA TYR EA 140 -47.33 -42.86 -1.06
C TYR EA 140 -46.22 -43.90 -1.19
N LEU EA 141 -45.06 -43.48 -1.68
CA LEU EA 141 -43.94 -44.41 -1.83
C LEU EA 141 -43.48 -44.96 -0.50
N GLU EA 142 -43.47 -44.12 0.55
CA GLU EA 142 -42.98 -44.56 1.85
C GLU EA 142 -43.86 -45.66 2.44
N GLU EA 143 -45.19 -45.51 2.35
CA GLU EA 143 -46.07 -46.58 2.80
C GLU EA 143 -45.87 -47.86 2.00
N LYS EA 144 -45.76 -47.74 0.68
CA LYS EA 144 -45.67 -48.92 -0.17
C LYS EA 144 -44.28 -49.55 -0.15
N GLY EA 145 -43.24 -48.75 0.07
CA GLY EA 145 -41.90 -49.29 0.25
C GLY EA 145 -41.06 -49.32 -1.00
N ALA EA 146 -39.94 -50.04 -0.88
CA ALA EA 146 -38.94 -50.07 -1.95
C ALA EA 146 -39.48 -50.69 -3.24
N GLU EA 147 -40.46 -51.59 -3.13
CA GLU EA 147 -41.02 -52.22 -4.32
C GLU EA 147 -41.65 -51.19 -5.24
N GLU EA 148 -42.34 -50.20 -4.67
CA GLU EA 148 -42.90 -49.12 -5.47
C GLU EA 148 -41.79 -48.32 -6.14
N ALA EA 149 -40.69 -48.06 -5.43
CA ALA EA 149 -39.57 -47.35 -6.02
C ALA EA 149 -39.04 -48.10 -7.24
N LYS EA 150 -38.88 -49.42 -7.12
CA LYS EA 150 -38.49 -50.21 -8.28
C LYS EA 150 -39.55 -50.16 -9.37
N ARG EA 151 -40.81 -49.98 -8.99
CA ARG EA 151 -41.88 -49.87 -9.98
C ARG EA 151 -41.80 -48.57 -10.77
N VAL EA 152 -41.40 -47.48 -10.13
CA VAL EA 152 -41.23 -46.21 -10.85
C VAL EA 152 -40.16 -46.36 -11.91
N LEU EA 153 -39.04 -46.98 -11.55
CA LEU EA 153 -37.99 -47.24 -12.52
C LEU EA 153 -38.39 -48.34 -13.49
N ALA EA 154 -39.29 -49.24 -13.08
CA ALA EA 154 -39.82 -50.23 -14.02
C ALA EA 154 -40.63 -49.56 -15.13
N LEU EA 155 -41.20 -48.39 -14.86
CA LEU EA 155 -41.90 -47.65 -15.90
C LEU EA 155 -40.95 -47.29 -17.04
N THR EA 156 -39.75 -46.83 -16.69
CA THR EA 156 -38.71 -46.50 -17.66
C THR EA 156 -37.80 -47.67 -17.99
N GLY EA 157 -38.24 -48.90 -17.76
CA GLY EA 157 -37.45 -50.06 -18.12
C GLY EA 157 -36.32 -50.39 -17.18
N GLY EA 158 -36.49 -50.17 -15.88
CA GLY EA 158 -35.47 -50.51 -14.92
C GLY EA 158 -34.51 -49.38 -14.63
N LEU EA 159 -33.87 -48.86 -15.66
CA LEU EA 159 -33.00 -47.70 -15.52
C LEU EA 159 -33.83 -46.42 -15.54
N PRO EA 160 -33.32 -45.35 -14.94
CA PRO EA 160 -34.02 -44.08 -15.04
C PRO EA 160 -34.01 -43.57 -16.47
N PRO EA 161 -34.99 -42.77 -16.85
CA PRO EA 161 -35.09 -42.34 -18.25
C PRO EA 161 -34.00 -41.36 -18.63
N THR EA 162 -33.83 -41.18 -19.91
CA THR EA 162 -32.89 -40.18 -20.36
C THR EA 162 -33.63 -39.02 -21.00
N PRO EA 163 -33.09 -37.79 -20.92
CA PRO EA 163 -33.78 -36.66 -21.53
C PRO EA 163 -33.90 -36.82 -23.04
N SER EA 164 -35.02 -36.38 -23.59
CA SER EA 164 -35.24 -36.46 -25.02
C SER EA 164 -34.29 -35.55 -25.77
N GLY EA 165 -33.85 -36.00 -26.95
CA GLY EA 165 -33.04 -35.18 -27.82
C GLY EA 165 -33.88 -34.17 -28.58
N GLN EA 166 -33.20 -33.26 -29.27
CA GLN EA 166 -33.86 -32.14 -29.93
C GLN EA 166 -33.72 -32.13 -31.44
N THR EA 167 -33.13 -33.17 -32.04
CA THR EA 167 -33.05 -33.27 -33.49
C THR EA 167 -33.68 -34.59 -33.94
N MET EA 168 -34.39 -34.52 -35.07
CA MET EA 168 -35.09 -35.67 -35.63
C MET EA 168 -34.56 -36.05 -37.01
N VAL EA 169 -33.30 -35.72 -37.31
CA VAL EA 169 -32.76 -35.98 -38.64
C VAL EA 169 -32.78 -37.47 -38.96
N THR EA 170 -32.42 -38.31 -37.99
CA THR EA 170 -32.44 -39.75 -38.18
C THR EA 170 -33.85 -40.32 -38.13
N GLY EA 171 -34.87 -39.49 -37.94
CA GLY EA 171 -36.25 -39.93 -37.85
C GLY EA 171 -36.80 -39.99 -36.44
N GLN EA 172 -35.93 -40.06 -35.43
CA GLN EA 172 -36.33 -40.04 -34.04
C GLN EA 172 -35.62 -38.90 -33.33
N TRP EA 173 -36.25 -38.42 -32.27
CA TRP EA 173 -35.61 -37.42 -31.41
C TRP EA 173 -34.42 -38.04 -30.69
N ASP EA 174 -33.28 -37.36 -30.77
CA ASP EA 174 -32.02 -37.93 -30.30
C ASP EA 174 -30.96 -36.84 -30.21
N VAL EA 175 -29.77 -37.19 -29.70
CA VAL EA 175 -28.63 -36.29 -29.82
C VAL EA 175 -28.16 -36.26 -31.27
N HIS EA 176 -27.50 -35.18 -31.64
CA HIS EA 176 -26.80 -35.11 -32.92
C HIS EA 176 -25.43 -35.75 -32.76
N LYS EA 177 -25.11 -36.71 -33.64
CA LYS EA 177 -23.90 -37.51 -33.49
C LYS EA 177 -22.74 -36.78 -34.18
N TYR EA 178 -22.19 -35.81 -33.46
CA TYR EA 178 -21.03 -35.07 -33.96
C TYR EA 178 -19.87 -36.00 -34.22
N GLY EA 179 -19.33 -35.94 -35.42
CA GLY EA 179 -18.15 -36.71 -35.76
C GLY EA 179 -17.24 -35.88 -36.64
N LEU EA 180 -15.95 -36.19 -36.57
CA LEU EA 180 -14.97 -35.46 -37.36
C LEU EA 180 -15.26 -35.63 -38.85
N ALA EA 181 -15.21 -34.52 -39.58
CA ALA EA 181 -15.41 -34.57 -41.01
C ALA EA 181 -14.24 -35.28 -41.68
N GLU EA 182 -14.55 -36.06 -42.73
CA GLU EA 182 -13.51 -36.74 -43.48
C GLU EA 182 -12.53 -35.77 -44.11
N GLU EA 183 -12.91 -34.51 -44.30
CA GLU EA 183 -12.06 -33.48 -44.88
C GLU EA 183 -11.80 -32.44 -43.81
N GLN EA 184 -10.57 -32.39 -43.31
CA GLN EA 184 -10.17 -31.37 -42.34
C GLN EA 184 -9.66 -30.15 -43.09
N SER EA 185 -10.36 -29.02 -42.93
CA SER EA 185 -10.07 -27.82 -43.71
C SER EA 185 -8.66 -27.30 -43.43
N TYR EA 186 -8.24 -27.31 -42.17
CA TYR EA 186 -6.88 -26.94 -41.82
C TYR EA 186 -5.92 -28.12 -41.89
N GLY EA 187 -6.41 -29.30 -42.27
CA GLY EA 187 -5.57 -30.48 -42.18
C GLY EA 187 -5.24 -30.74 -40.72
N GLY EA 188 -3.96 -30.82 -40.42
CA GLY EA 188 -3.51 -30.95 -39.04
C GLY EA 188 -2.54 -29.87 -38.65
N SER EA 189 -2.32 -28.92 -39.55
CA SER EA 189 -1.30 -27.87 -39.30
C SER EA 189 -1.78 -26.80 -38.32
N TYR EA 190 -3.07 -26.78 -37.96
CA TYR EA 190 -3.59 -25.75 -37.09
C TYR EA 190 -4.50 -26.39 -36.05
N PRO EA 191 -4.65 -25.75 -34.89
CA PRO EA 191 -5.48 -26.31 -33.80
C PRO EA 191 -6.96 -26.01 -33.96
N CYS EA 192 -7.55 -26.51 -35.04
CA CYS EA 192 -8.98 -26.40 -35.27
C CYS EA 192 -9.42 -27.60 -36.10
N ARG EA 193 -10.45 -28.30 -35.62
CA ARG EA 193 -10.91 -29.53 -36.24
C ARG EA 193 -12.32 -29.35 -36.79
N SER EA 194 -12.55 -29.91 -37.97
CA SER EA 194 -13.84 -29.82 -38.64
C SER EA 194 -14.73 -30.98 -38.18
N PHE EA 195 -15.85 -30.65 -37.55
CA PHE EA 195 -16.85 -31.64 -37.19
C PHE EA 195 -18.04 -31.55 -38.13
N VAL EA 196 -18.49 -32.72 -38.59
CA VAL EA 196 -19.62 -32.77 -39.51
C VAL EA 196 -20.91 -33.09 -38.75
N PHE FA 32 17.83 7.50 9.23
CA PHE FA 32 17.21 6.34 8.58
C PHE FA 32 17.29 5.09 9.44
N LEU FA 33 17.90 5.20 10.62
CA LEU FA 33 18.01 4.05 11.49
C LEU FA 33 17.10 4.20 12.72
N PRO FA 34 16.65 3.09 13.29
CA PRO FA 34 15.74 3.16 14.44
C PRO FA 34 16.40 3.78 15.67
N GLU FA 35 15.57 4.22 16.60
CA GLU FA 35 16.02 4.87 17.86
C GLU FA 35 16.67 3.87 18.79
N ALA FA 36 16.21 2.62 18.74
CA ALA FA 36 16.73 1.63 19.70
C ALA FA 36 18.13 1.18 19.23
N MET FA 37 18.58 1.65 18.08
CA MET FA 37 19.94 1.31 17.67
C MET FA 37 20.91 2.47 17.74
N VAL FA 38 20.44 3.72 17.58
CA VAL FA 38 21.34 4.87 17.54
C VAL FA 38 20.94 5.98 18.48
N GLY FA 39 19.71 5.96 18.99
CA GLY FA 39 19.21 7.04 19.87
C GLY FA 39 20.00 7.23 21.15
N ARG FA 40 20.20 8.48 21.58
CA ARG FA 40 20.88 8.77 22.87
C ARG FA 40 19.89 8.33 23.97
N SER FA 41 18.62 8.20 23.61
CA SER FA 41 17.58 7.79 24.57
C SER FA 41 17.88 6.43 25.18
N LYS FA 42 18.28 5.44 24.38
CA LYS FA 42 18.64 4.11 24.93
C LYS FA 42 19.93 4.20 25.74
N ILE FA 43 20.88 5.04 25.31
CA ILE FA 43 22.13 5.26 26.10
C ILE FA 43 21.75 5.86 27.45
N ASP FA 44 20.83 6.82 27.45
CA ASP FA 44 20.35 7.41 28.73
C ASP FA 44 19.74 6.31 29.64
N GLU FA 45 18.98 5.37 29.09
CA GLU FA 45 18.45 4.25 29.93
C GLU FA 45 19.57 3.35 30.44
N LYS FA 46 20.56 3.07 29.60
CA LYS FA 46 21.68 2.15 29.97
C LYS FA 46 22.63 2.84 30.93
N TYR FA 47 22.76 4.16 30.81
CA TYR FA 47 23.60 4.94 31.72
C TYR FA 47 22.83 6.13 32.25
N PRO FA 48 21.91 5.91 33.20
CA PRO FA 48 21.17 7.05 33.78
C PRO FA 48 22.12 8.05 34.42
N ASP FA 49 21.79 9.34 34.26
CA ASP FA 49 22.48 10.35 35.03
C ASP FA 49 22.21 10.20 36.52
N SER FA 50 21.09 9.56 36.89
CA SER FA 50 20.76 9.32 38.29
C SER FA 50 21.69 8.33 38.95
N ASP FA 51 22.41 7.52 38.18
CA ASP FA 51 23.30 6.46 38.78
C ASP FA 51 24.45 7.13 39.53
N TYR FA 52 24.70 8.39 39.26
CA TYR FA 52 25.74 9.13 39.98
C TYR FA 52 25.07 10.18 40.84
N PRO FA 53 24.90 9.92 42.14
CA PRO FA 53 24.09 10.81 42.98
C PRO FA 53 24.72 12.17 43.22
N THR FA 54 24.06 13.22 42.74
CA THR FA 54 24.48 14.60 43.00
C THR FA 54 23.48 15.22 43.95
N LEU FA 55 23.99 15.87 45.00
CA LEU FA 55 23.15 16.47 46.02
C LEU FA 55 23.69 17.85 46.42
N THR FA 56 22.99 18.35 47.53
CA THR FA 56 23.30 19.72 48.03
C THR FA 56 23.55 19.70 49.54
N ASP FA 57 24.34 20.73 50.04
CA ASP FA 57 24.49 20.84 51.48
C ASP FA 57 23.14 20.86 52.19
N LYS FA 58 22.08 21.32 51.51
CA LYS FA 58 20.76 21.37 52.13
C LYS FA 58 20.30 19.98 52.54
N GLU FA 59 20.18 19.07 51.59
CA GLU FA 59 19.69 17.72 51.88
C GLU FA 59 20.79 16.78 52.33
N ASP FA 60 22.05 17.03 51.95
CA ASP FA 60 23.18 16.21 52.37
C ASP FA 60 24.33 17.12 52.78
N PRO FA 61 24.24 17.72 53.97
CA PRO FA 61 25.35 18.56 54.44
C PRO FA 61 26.60 17.75 54.76
N ASP FA 62 26.45 16.60 55.40
CA ASP FA 62 27.59 15.81 55.85
C ASP FA 62 28.23 15.00 54.73
N MET FA 63 27.73 15.11 53.49
CA MET FA 63 28.27 14.40 52.34
C MET FA 63 28.28 12.90 52.52
N ASN FA 64 27.46 12.39 53.43
CA ASN FA 64 27.38 10.96 53.70
C ASN FA 64 26.15 10.33 53.07
N GLY FA 65 25.49 11.01 52.13
CA GLY FA 65 24.35 10.46 51.43
C GLY FA 65 23.01 10.69 52.09
N GLY FA 66 22.90 11.67 52.98
CA GLY FA 66 21.66 11.90 53.69
C GLY FA 66 21.46 11.02 54.91
N TYR FA 67 22.54 10.45 55.44
CA TYR FA 67 22.46 9.58 56.61
C TYR FA 67 22.16 10.42 57.84
N ILE FA 68 20.96 10.24 58.41
CA ILE FA 68 20.61 10.96 59.63
C ILE FA 68 21.47 10.45 60.77
N ASN FA 69 22.00 11.39 61.56
CA ASN FA 69 22.86 11.00 62.67
C ASN FA 69 22.19 11.33 63.99
N PRO FA 70 22.26 10.44 64.97
CA PRO FA 70 21.83 10.79 66.32
C PRO FA 70 22.82 11.76 66.94
N PRO FA 71 22.42 12.49 67.97
CA PRO FA 71 23.40 13.33 68.69
C PRO FA 71 24.53 12.45 69.21
N ARG FA 72 25.74 12.76 68.91
CA ARG FA 72 26.94 11.93 69.25
C ARG FA 72 27.35 12.15 70.70
N ILE FA 73 27.10 11.25 71.55
CA ILE FA 73 27.50 11.25 72.96
C ILE FA 73 28.24 9.95 73.23
N LYS FA 74 29.31 10.03 74.01
CA LYS FA 74 29.97 8.82 74.47
C LYS FA 74 28.97 7.94 75.20
N ARG FA 75 28.98 6.65 74.90
CA ARG FA 75 27.99 5.76 75.49
C ARG FA 75 28.19 5.58 76.99
N GLN FA 76 29.25 6.16 77.52
CA GLN FA 76 29.56 6.07 78.97
C GLN FA 76 28.61 6.98 79.73
N PHE FA 77 28.09 7.99 79.05
CA PHE FA 77 27.15 8.91 79.68
C PHE FA 77 25.75 8.34 79.81
N ARG FA 78 25.60 7.06 79.12
CA ARG FA 78 24.31 6.30 79.31
C ARG FA 78 24.26 5.81 80.74
N ASP FA 79 22.99 5.47 81.23
CA ASP FA 79 23.02 4.98 82.61
C ASP FA 79 23.14 3.46 82.63
N PRO FA 80 23.88 2.93 83.61
CA PRO FA 80 24.10 1.47 83.65
C PRO FA 80 22.96 0.70 84.29
N HIS FA 81 21.80 1.35 84.49
CA HIS FA 81 20.64 0.71 85.11
C HIS FA 81 19.43 0.95 84.22
N ALA FA 82 19.61 0.72 82.93
CA ALA FA 82 18.55 0.85 81.94
C ALA FA 82 18.35 -0.49 81.25
N ASP FA 83 17.15 -0.70 80.72
CA ASP FA 83 16.90 -1.94 80.01
C ASP FA 83 17.78 -1.96 78.75
N TRP FA 84 18.86 -2.71 78.82
CA TRP FA 84 19.85 -2.75 77.74
C TRP FA 84 19.86 -4.14 77.14
N TRP FA 85 19.60 -4.22 75.83
CA TRP FA 85 19.80 -5.48 75.13
C TRP FA 85 21.23 -5.97 75.29
N ASP FA 86 22.17 -5.03 75.36
CA ASP FA 86 23.57 -5.31 75.70
C ASP FA 86 23.93 -4.42 76.87
N LYS FA 87 24.30 -5.00 78.00
CA LYS FA 87 24.56 -4.13 79.17
C LYS FA 87 25.97 -3.56 79.04
N GLN FA 88 26.88 -4.36 78.48
CA GLN FA 88 28.27 -3.91 78.50
C GLN FA 88 28.46 -2.61 77.75
N GLU FA 89 27.83 -2.45 76.59
CA GLU FA 89 27.93 -1.24 75.81
C GLU FA 89 26.73 -0.31 75.98
N ARG FA 90 25.76 -0.69 76.80
CA ARG FA 90 24.62 0.17 77.11
C ARG FA 90 23.88 0.61 75.85
N ARG FA 91 23.52 -0.37 75.02
CA ARG FA 91 22.83 -0.11 73.77
C ARG FA 91 21.66 -1.07 73.62
N ASN FA 92 20.51 -0.55 73.20
CA ASN FA 92 19.43 -1.41 72.72
C ASN FA 92 19.81 -1.99 71.36
N PHE FA 93 19.17 -3.11 71.02
CA PHE FA 93 19.59 -3.89 69.86
C PHE FA 93 19.67 -3.05 68.59
N GLY FA 94 18.59 -2.32 68.28
CA GLY FA 94 18.52 -1.61 67.02
C GLY FA 94 18.49 -0.11 67.15
N GLU FA 95 19.20 0.42 68.14
CA GLU FA 95 19.27 1.86 68.31
C GLU FA 95 19.97 2.49 67.12
N PRO FA 96 19.47 3.61 66.59
CA PRO FA 96 20.22 4.32 65.55
C PRO FA 96 21.59 4.74 66.07
N VAL FA 97 22.59 4.63 65.21
CA VAL FA 97 23.99 4.76 65.62
C VAL FA 97 24.61 5.95 64.92
N HIS FA 98 25.43 6.69 65.66
CA HIS FA 98 26.24 7.75 65.08
C HIS FA 98 27.31 7.13 64.19
N GLU FA 99 27.66 7.83 63.11
CA GLU FA 99 28.66 7.32 62.18
C GLU FA 99 30.02 7.14 62.83
N ASP FA 100 30.25 7.78 63.98
CA ASP FA 100 31.44 7.54 64.80
C ASP FA 100 31.20 6.49 65.88
N HIS FA 101 30.35 5.51 65.62
CA HIS FA 101 30.03 4.46 66.63
C HIS FA 101 31.32 3.82 67.12
N ASP FA 102 32.27 3.61 66.20
CA ASP FA 102 33.50 2.90 66.53
C ASP FA 102 34.32 3.59 67.62
N ILE FA 103 34.13 4.90 67.83
CA ILE FA 103 34.90 5.61 68.86
C ILE FA 103 33.97 6.33 69.81
N LEU FA 104 32.76 5.81 70.00
CA LEU FA 104 31.80 6.42 70.91
C LEU FA 104 31.31 5.49 72.00
N GLY FA 105 31.74 4.24 71.99
CA GLY FA 105 31.29 3.25 72.95
C GLY FA 105 32.10 3.25 74.21
N MET FA 106 31.96 2.14 74.95
CA MET FA 106 32.65 2.03 76.25
C MET FA 106 34.15 1.87 76.00
N PHE FA 107 34.53 0.96 75.10
CA PHE FA 107 35.96 0.77 74.80
C PHE FA 107 36.32 1.97 73.94
N SER FA 108 36.92 2.96 74.58
CA SER FA 108 37.19 4.21 73.84
C SER FA 108 37.92 5.15 74.81
N PRO FA 109 38.50 6.28 74.39
CA PRO FA 109 39.11 7.21 75.35
C PRO FA 109 38.09 7.76 76.32
N TYR FA 110 38.38 7.61 77.61
CA TYR FA 110 37.50 8.12 78.65
C TYR FA 110 37.42 9.63 78.60
N GLU FA 111 36.21 10.17 78.72
CA GLU FA 111 35.99 11.60 78.76
C GLU FA 111 35.91 12.04 80.21
N TYR FA 112 37.04 12.52 80.75
CA TYR FA 112 37.05 13.05 82.10
C TYR FA 112 36.30 14.37 82.15
N THR FA 113 35.52 14.56 83.22
CA THR FA 113 34.64 15.73 83.33
C THR FA 113 34.78 16.37 84.71
N TRP FA 114 35.99 16.41 85.25
CA TRP FA 114 36.19 17.07 86.54
C TRP FA 114 36.13 18.60 86.39
N ILE FA 115 36.78 19.15 85.37
CA ILE FA 115 36.84 20.57 85.11
C ILE FA 115 36.72 20.83 83.62
N THR FA 116 36.59 21.99 83.23
CA THR FA 116 36.46 22.33 81.80
C THR FA 116 37.86 22.69 81.27
N PRO FA 117 38.21 22.60 80.03
CA PRO FA 117 39.59 22.78 79.53
C PRO FA 117 40.19 24.13 79.85
N GLY FA 118 39.41 25.20 79.80
CA GLY FA 118 39.94 26.51 80.12
C GLY FA 118 40.34 26.64 81.58
N LYS FA 119 39.49 26.16 82.49
CA LYS FA 119 39.79 26.29 83.91
C LYS FA 119 40.93 25.36 84.32
N GLY FA 120 41.03 24.19 83.71
CA GLY FA 120 42.08 23.26 84.06
C GLY FA 120 43.47 23.78 83.77
N LEU FA 121 43.63 24.45 82.63
CA LEU FA 121 44.94 25.01 82.27
C LEU FA 121 45.34 26.11 83.25
N PHE FA 122 44.38 26.86 83.78
CA PHE FA 122 44.69 27.88 84.77
C PHE FA 122 45.26 27.25 86.04
N GLN FA 123 44.70 26.12 86.47
CA GLN FA 123 45.16 25.48 87.70
C GLN FA 123 46.59 24.94 87.55
N ILE FA 124 46.92 24.41 86.38
CA ILE FA 124 48.28 23.93 86.16
C ILE FA 124 49.28 25.07 86.21
N GLY FA 125 48.92 26.22 85.65
CA GLY FA 125 49.80 27.37 85.72
C GLY FA 125 50.08 27.81 87.15
N LEU FA 126 49.13 27.62 88.05
CA LEU FA 126 49.35 27.93 89.46
C LEU FA 126 50.45 27.05 90.04
N PHE FA 127 50.42 25.75 89.72
CA PHE FA 127 51.45 24.85 90.24
C PHE FA 127 52.81 25.18 89.64
N ILE FA 128 52.86 25.47 88.34
CA ILE FA 128 54.12 25.83 87.71
C ILE FA 128 54.66 27.13 88.30
N ALA FA 129 53.79 28.11 88.51
CA ALA FA 129 54.20 29.35 89.16
C ALA FA 129 54.69 29.08 90.58
N SER FA 130 53.98 28.22 91.32
CA SER FA 130 54.43 27.84 92.65
C SER FA 130 55.75 27.09 92.57
N PHE FA 131 55.89 26.19 91.59
CA PHE FA 131 57.16 25.50 91.38
C PHE FA 131 58.25 26.48 90.99
N LEU FA 132 57.94 27.44 90.13
CA LEU FA 132 58.91 28.46 89.75
C LEU FA 132 59.27 29.34 90.94
N GLY FA 133 58.28 29.70 91.75
CA GLY FA 133 58.57 30.51 92.94
C GLY FA 133 59.47 29.79 93.93
N LEU FA 134 59.28 28.47 94.07
CA LEU FA 134 60.15 27.70 94.95
C LEU FA 134 61.59 27.71 94.44
N CYS FA 135 61.78 27.59 93.12
CA CYS FA 135 63.13 27.59 92.55
C CYS FA 135 63.81 28.94 92.76
N TYR FA 136 63.07 30.04 92.62
CA TYR FA 136 63.66 31.36 92.75
C TYR FA 136 64.20 31.59 94.16
N VAL FA 137 63.46 31.12 95.18
CA VAL FA 137 63.91 31.30 96.56
C VAL FA 137 65.22 30.57 96.80
N VAL FA 138 65.33 29.35 96.29
CA VAL FA 138 66.55 28.56 96.48
C VAL FA 138 67.74 29.22 95.78
N LYS FA 139 67.51 29.86 94.63
CA LYS FA 139 68.61 30.50 93.92
C LYS FA 139 69.22 31.62 94.75
N LEU FA 140 68.40 32.38 95.46
CA LEU FA 140 68.90 33.44 96.32
C LEU FA 140 69.44 32.93 97.65
N THR FA 141 69.10 31.70 98.05
CA THR FA 141 69.54 31.13 99.32
C THR FA 141 69.91 29.67 99.10
N TYR FA 142 71.19 29.42 98.80
CA TYR FA 142 71.72 28.07 98.75
C TYR FA 142 73.21 28.15 99.06
N PRO FA 143 73.74 27.21 99.89
CA PRO FA 143 75.11 27.31 100.36
C PRO FA 143 76.20 27.20 99.31
N ASP FA 144 77.22 28.04 99.46
CA ASP FA 144 78.38 27.91 98.59
C ASP FA 144 79.11 26.61 98.90
N ARG FA 145 79.92 26.16 97.94
CA ARG FA 145 80.68 24.93 98.14
C ARG FA 145 81.62 25.08 99.34
N VAL FA 146 81.61 24.09 100.22
CA VAL FA 146 82.37 24.17 101.46
C VAL FA 146 83.56 23.23 101.39
N SER FA 147 84.06 22.99 100.19
CA SER FA 147 85.23 22.14 100.01
C SER FA 147 85.87 22.45 98.67
N TYR FA 148 87.19 22.61 98.67
CA TYR FA 148 87.91 22.77 97.41
C TYR FA 148 87.82 21.48 96.60
N PRO FA 149 87.69 21.58 95.28
CA PRO FA 149 87.62 20.37 94.46
C PRO FA 149 88.88 19.52 94.63
N ARG FA 150 88.68 18.21 94.69
CA ARG FA 150 89.79 17.29 94.91
C ARG FA 150 90.72 17.28 93.70
N GLU FA 151 92.02 17.16 93.97
CA GLU FA 151 93.05 17.13 92.93
C GLU FA 151 93.71 15.76 92.92
N PHE FA 152 93.78 15.16 91.74
CA PHE FA 152 94.44 13.88 91.56
C PHE FA 152 95.80 14.10 90.92
N GLU FA 153 96.81 13.46 91.52
CA GLU FA 153 98.20 13.61 91.01
C GLU FA 153 98.18 13.26 89.53
N GLY FA 154 98.92 14.04 88.74
CA GLY FA 154 99.02 13.75 87.32
C GLY FA 154 97.75 13.93 86.55
N GLY FA 155 96.65 14.30 87.20
CA GLY FA 155 95.38 14.50 86.54
C GLY FA 155 94.67 13.23 86.14
N LEU FA 156 95.22 12.06 86.45
CA LEU FA 156 94.69 10.77 86.01
C LEU FA 156 94.51 10.72 84.50
N GLU FA 157 95.39 11.42 83.77
CA GLU FA 157 95.25 11.53 82.32
C GLU FA 157 95.40 10.17 81.66
N ARG FA 158 96.39 9.38 82.09
CA ARG FA 158 96.61 8.07 81.47
C ARG FA 158 95.48 7.10 81.82
N GLU FA 159 95.02 7.14 83.07
CA GLU FA 159 94.00 6.16 83.54
C GLU FA 159 92.63 6.46 82.94
N LEU FA 160 92.36 7.71 82.58
CA LEU FA 160 91.08 8.07 82.00
C LEU FA 160 91.06 8.01 80.48
N GLY FA 161 92.19 7.71 79.84
CA GLY FA 161 92.20 7.56 78.40
C GLY FA 161 93.14 8.48 77.65
N GLY FA 162 94.19 8.95 78.32
CA GLY FA 162 95.13 9.82 77.66
C GLY FA 162 94.60 11.24 77.48
N ALA FA 163 95.38 12.03 76.74
CA ALA FA 163 95.01 13.41 76.48
C ALA FA 163 93.79 13.55 75.60
N GLY FA 164 93.37 12.49 74.91
CA GLY FA 164 92.21 12.55 74.06
C GLY FA 164 90.87 12.42 74.75
N ALA FA 165 90.88 12.22 76.07
CA ALA FA 165 89.66 12.11 76.86
C ALA FA 165 89.63 13.22 77.90
N VAL FA 166 88.63 13.17 78.77
CA VAL FA 166 88.46 14.15 79.83
C VAL FA 166 89.19 13.65 81.07
N ARG FA 167 90.02 14.50 81.66
CA ARG FA 167 90.80 14.18 82.85
C ARG FA 167 90.25 14.95 84.05
N ALA FA 168 90.86 14.72 85.21
CA ALA FA 168 90.38 15.27 86.47
C ALA FA 168 91.12 16.57 86.80
N PHE FA 169 90.87 17.08 88.01
CA PHE FA 169 91.49 18.37 88.43
C PHE FA 169 92.99 18.18 88.67
N LEU FA 170 93.82 19.03 88.06
CA LEU FA 170 95.26 18.97 88.24
C LEU FA 170 95.81 20.38 88.05
N CYS FA 171 96.04 21.08 89.18
CA CYS FA 171 96.63 22.42 89.17
C CYS FA 171 95.93 23.34 88.19
N LEU FA 172 94.61 23.27 88.16
CA LEU FA 172 93.80 23.94 87.16
C LEU FA 172 93.26 25.26 87.70
N ASP FA 173 92.39 25.89 86.92
CA ASP FA 173 91.80 27.17 87.33
C ASP FA 173 90.92 26.98 88.57
N ASP FA 174 90.98 27.95 89.47
CA ASP FA 174 90.22 27.87 90.71
C ASP FA 174 88.71 27.92 90.42
N GLU FA 175 87.95 27.20 91.24
CA GLU FA 175 86.50 27.16 91.09
C GLU FA 175 85.84 26.84 92.43
N MET GA 1 64.50 -22.53 25.13
CA MET GA 1 63.51 -23.62 24.91
C MET GA 1 62.56 -23.26 23.77
N VAL GA 2 63.13 -22.98 22.58
CA VAL GA 2 62.32 -22.62 21.38
C VAL GA 2 62.72 -23.58 20.25
N ASN GA 3 62.12 -24.79 20.21
CA ASN GA 3 62.37 -25.74 19.15
C ASN GA 3 61.20 -25.72 18.18
N ARG GA 4 61.49 -25.46 16.91
CA ARG GA 4 60.44 -25.19 15.95
C ARG GA 4 59.50 -26.37 15.79
N ILE GA 5 60.05 -27.58 15.73
CA ILE GA 5 59.22 -28.76 15.47
C ILE GA 5 58.48 -29.18 16.74
N LEU GA 6 59.18 -29.22 17.87
CA LEU GA 6 58.52 -29.57 19.12
C LEU GA 6 57.43 -28.58 19.46
N PHE GA 7 57.72 -27.28 19.33
CA PHE GA 7 56.69 -26.27 19.62
C PHE GA 7 55.50 -26.40 18.68
N TRP GA 8 55.75 -26.56 17.38
CA TRP GA 8 54.67 -26.59 16.42
C TRP GA 8 53.95 -27.92 16.36
N THR GA 9 54.60 -29.02 16.75
CA THR GA 9 53.87 -30.25 17.01
C THR GA 9 52.89 -30.05 18.16
N GLY GA 10 53.36 -29.39 19.24
CA GLY GA 10 52.48 -29.12 20.36
C GLY GA 10 51.39 -28.11 20.02
N PHE GA 11 51.72 -27.11 19.19
CA PHE GA 11 50.71 -26.14 18.78
C PHE GA 11 49.54 -26.82 18.09
N GLY GA 12 49.84 -27.74 17.16
CA GLY GA 12 48.79 -28.49 16.51
C GLY GA 12 48.01 -29.37 17.47
N LEU GA 13 48.69 -29.95 18.47
CA LEU GA 13 48.01 -30.68 19.52
C LEU GA 13 47.10 -29.77 20.32
N ALA GA 14 47.56 -28.56 20.62
CA ALA GA 14 46.74 -27.62 21.39
C ALA GA 14 45.56 -27.11 20.58
N VAL GA 15 45.71 -26.99 19.26
CA VAL GA 15 44.60 -26.55 18.42
C VAL GA 15 43.44 -27.54 18.49
N ARG GA 16 43.76 -28.83 18.39
CA ARG GA 16 42.72 -29.86 18.51
C ARG GA 16 42.08 -29.83 19.89
N PHE GA 17 42.88 -29.68 20.94
CA PHE GA 17 42.35 -29.64 22.29
C PHE GA 17 41.40 -28.46 22.47
N TRP GA 18 41.83 -27.26 22.08
CA TRP GA 18 40.97 -26.08 22.22
C TRP GA 18 39.73 -26.21 21.36
N GLN GA 19 39.87 -26.77 20.15
CA GLN GA 19 38.73 -26.95 19.27
C GLN GA 19 37.66 -27.82 19.91
N LEU GA 20 38.06 -28.98 20.44
CA LEU GA 20 37.08 -29.88 21.06
C LEU GA 20 36.44 -29.23 22.28
N GLY GA 21 37.24 -28.48 23.06
CA GLY GA 21 36.67 -27.75 24.18
C GLY GA 21 35.70 -26.67 23.75
N ILE GA 22 35.97 -26.02 22.62
CA ILE GA 22 35.07 -24.99 22.11
C ILE GA 22 33.75 -25.61 21.68
N GLU GA 23 33.81 -26.76 21.00
CA GLU GA 23 32.61 -27.49 20.63
C GLU GA 23 31.93 -28.15 21.81
N MET GA 24 32.56 -28.13 22.99
CA MET GA 24 32.07 -28.84 24.17
C MET GA 24 31.84 -30.31 23.86
N ARG GA 25 32.79 -30.89 23.13
CA ARG GA 25 32.92 -32.29 22.76
C ARG GA 25 34.00 -32.93 23.62
N PRO GA 26 33.86 -34.21 23.95
CA PRO GA 26 34.83 -34.86 24.85
C PRO GA 26 36.25 -34.80 24.30
N PHE GA 27 37.20 -34.58 25.20
CA PHE GA 27 38.58 -34.37 24.78
C PHE GA 27 39.22 -35.63 24.24
N PHE GA 28 38.89 -36.81 24.82
CA PHE GA 28 39.49 -38.07 24.39
C PHE GA 28 38.41 -39.14 24.34
N ASN GA 29 37.81 -39.29 23.16
CA ASN GA 29 37.04 -40.48 22.82
C ASN GA 29 37.85 -41.31 21.84
N ARG GA 30 37.91 -42.62 22.10
CA ARG GA 30 38.93 -43.47 21.49
C ARG GA 30 38.80 -43.55 19.97
N LYS GA 31 37.58 -43.39 19.44
CA LYS GA 31 37.40 -43.44 18.00
C LYS GA 31 37.89 -42.17 17.31
N SER GA 32 38.01 -41.06 18.04
CA SER GA 32 38.48 -39.80 17.49
C SER GA 32 39.97 -39.59 17.70
N LEU GA 33 40.68 -40.57 18.28
CA LEU GA 33 42.05 -40.35 18.72
C LEU GA 33 43.03 -40.20 17.57
N TRP GA 34 42.65 -40.55 16.35
CA TRP GA 34 43.53 -40.34 15.20
C TRP GA 34 43.82 -38.87 14.95
N ALA GA 35 42.97 -37.97 15.48
CA ALA GA 35 43.05 -36.55 15.14
C ALA GA 35 44.26 -35.88 15.76
N TYR GA 36 44.62 -36.25 16.99
CA TYR GA 36 45.81 -35.66 17.60
C TYR GA 36 47.10 -35.93 16.83
N PRO GA 37 47.38 -37.16 16.39
CA PRO GA 37 48.51 -37.33 15.46
C PRO GA 37 48.36 -36.52 14.19
N LEU GA 38 47.14 -36.41 13.67
CA LEU GA 38 46.91 -35.64 12.45
C LEU GA 38 47.17 -34.16 12.70
N PHE GA 39 46.55 -33.59 13.74
CA PHE GA 39 46.75 -32.18 14.05
C PHE GA 39 48.21 -31.90 14.38
N GLY GA 40 48.85 -32.79 15.16
CA GLY GA 40 50.26 -32.61 15.45
C GLY GA 40 51.16 -32.92 14.28
N GLY GA 41 50.72 -33.78 13.37
CA GLY GA 41 51.48 -34.03 12.16
C GLY GA 41 51.49 -32.84 11.23
N VAL GA 42 50.31 -32.25 11.00
CA VAL GA 42 50.23 -31.02 10.22
C VAL GA 42 50.96 -29.90 10.93
N GLY GA 43 50.88 -29.86 12.25
CA GLY GA 43 51.64 -28.88 13.01
C GLY GA 43 53.14 -29.05 12.85
N ALA GA 44 53.61 -30.29 12.83
CA ALA GA 44 55.04 -30.53 12.63
C ALA GA 44 55.47 -30.11 11.23
N SER GA 45 54.60 -30.30 10.24
CA SER GA 45 54.90 -29.92 8.83
C SER GA 45 55.05 -28.41 8.75
N PHE GA 46 54.23 -27.70 9.52
CA PHE GA 46 54.32 -26.25 9.62
C PHE GA 46 55.29 -25.93 10.76
N GLY GA 47 56.55 -25.74 10.40
CA GLY GA 47 57.62 -25.66 11.37
C GLY GA 47 58.85 -26.34 10.81
N TYR GA 48 58.62 -27.37 10.00
CA TYR GA 48 59.62 -27.75 9.01
C TYR GA 48 59.68 -26.71 7.89
N TRP GA 49 58.51 -26.26 7.44
CA TRP GA 49 58.46 -25.15 6.50
C TRP GA 49 59.00 -23.87 7.13
N LEU GA 50 58.63 -23.60 8.39
CA LEU GA 50 59.15 -22.42 9.06
C LEU GA 50 60.65 -22.51 9.29
N GLN GA 51 61.18 -23.74 9.38
CA GLN GA 51 62.62 -23.93 9.45
C GLN GA 51 63.31 -23.37 8.21
N SER GA 52 62.84 -23.77 7.02
CA SER GA 52 63.45 -23.31 5.78
C SER GA 52 63.29 -21.82 5.60
N ILE GA 53 62.13 -21.27 5.98
CA ILE GA 53 61.93 -19.83 5.88
C ILE GA 53 62.90 -19.09 6.79
N ASP GA 54 63.07 -19.57 8.02
CA ASP GA 54 63.99 -18.92 8.94
C ASP GA 54 65.42 -18.96 8.43
N GLU GA 55 65.80 -20.07 7.80
CA GLU GA 55 67.15 -20.18 7.23
C GLU GA 55 67.37 -19.14 6.15
N LYS GA 56 66.41 -18.99 5.23
CA LYS GA 56 66.56 -18.00 4.16
C LYS GA 56 66.50 -16.58 4.71
N GLN GA 57 65.66 -16.35 5.73
CA GLN GA 57 65.59 -15.03 6.34
C GLN GA 57 66.92 -14.67 7.01
N THR GA 58 67.54 -15.63 7.69
CA THR GA 58 68.82 -15.37 8.33
C THR GA 58 69.90 -15.02 7.31
N LYS GA 59 69.95 -15.77 6.20
CA LYS GA 59 70.92 -15.48 5.16
C LYS GA 59 70.71 -14.09 4.58
N MET GA 60 69.45 -13.71 4.34
CA MET GA 60 69.17 -12.43 3.71
C MET GA 60 69.44 -11.27 4.67
N LEU GA 61 69.07 -11.41 5.94
CA LEU GA 61 69.39 -10.38 6.92
C LEU GA 61 70.89 -10.26 7.12
N GLU GA 62 71.60 -11.39 7.14
CA GLU GA 62 73.05 -11.34 7.25
C GLU GA 62 73.67 -10.64 6.04
N GLU GA 63 73.12 -10.88 4.85
CA GLU GA 63 73.58 -10.17 3.65
C GLU GA 63 73.32 -8.68 3.75
N ARG GA 64 72.17 -8.29 4.30
CA ARG GA 64 71.86 -6.86 4.40
C ARG GA 64 72.81 -6.14 5.35
N LYS GA 65 73.16 -6.78 6.48
CA LYS GA 65 74.08 -6.13 7.41
C LYS GA 65 75.42 -5.83 6.76
N GLN GA 66 75.95 -6.77 5.98
CA GLN GA 66 77.20 -6.54 5.26
C GLN GA 66 77.09 -5.34 4.33
N ALA GA 67 75.98 -5.25 3.60
CA ALA GA 67 75.76 -4.09 2.73
C ALA GA 67 75.70 -2.80 3.53
N ILE GA 68 75.34 -2.86 4.81
CA ILE GA 68 75.22 -1.65 5.60
C ILE GA 68 76.57 -1.20 6.12
N LEU GA 69 77.41 -2.13 6.60
CA LEU GA 69 78.78 -1.74 6.92
C LEU GA 69 79.54 -1.36 5.66
N GLU GA 70 79.26 -2.02 4.55
CA GLU GA 70 79.90 -1.67 3.29
C GLU GA 70 79.57 -0.23 2.89
N LYS GA 71 78.30 0.16 3.02
CA LYS GA 71 77.92 1.53 2.68
C LYS GA 71 78.57 2.54 3.62
N ARG GA 72 78.65 2.21 4.90
CA ARG GA 72 79.27 3.14 5.85
C ARG GA 72 80.77 3.27 5.60
N ALA GA 73 81.42 2.18 5.20
CA ALA GA 73 82.85 2.22 4.93
C ALA GA 73 83.17 3.17 3.78
N ARG GA 74 82.58 2.90 2.61
CA ARG GA 74 82.92 3.69 1.43
C ARG GA 74 82.46 5.14 1.54
N ARG GA 75 81.49 5.42 2.40
CA ARG GA 75 81.16 6.81 2.70
C ARG GA 75 82.22 7.43 3.61
N ALA GA 76 82.66 6.68 4.63
CA ALA GA 76 83.69 7.20 5.53
C ALA GA 76 85.02 7.36 4.82
N GLN GA 77 85.39 6.40 3.97
CA GLN GA 77 86.63 6.51 3.21
C GLN GA 77 86.60 7.68 2.25
N ARG GA 78 85.43 7.97 1.67
CA ARG GA 78 85.29 9.13 0.79
C ARG GA 78 85.48 10.44 1.58
N GLN GA 79 85.14 10.43 2.86
CA GLN GA 79 85.32 11.62 3.69
C GLN GA 79 86.77 11.83 4.12
N ALA GA 80 87.64 10.84 3.91
CA ALA GA 80 89.05 11.00 4.29
C ALA GA 80 89.75 12.08 3.49
N GLU GA 81 89.25 12.42 2.30
CA GLU GA 81 89.87 13.45 1.48
C GLU GA 81 89.62 14.84 2.05
N LYS HA 13 23.88 36.20 99.58
CA LYS HA 13 22.98 35.81 98.51
C LYS HA 13 22.28 34.48 98.83
N PRO HA 14 21.16 34.43 99.59
CA PRO HA 14 20.56 33.15 99.96
C PRO HA 14 19.86 32.42 98.79
N ASN HA 15 19.99 31.09 98.74
CA ASN HA 15 19.40 30.28 97.64
C ASN HA 15 17.91 30.06 97.89
N ILE HA 16 17.16 29.60 96.88
CA ILE HA 16 15.72 29.29 97.10
C ILE HA 16 15.66 28.19 98.15
N THR HA 17 16.55 27.21 98.06
CA THR HA 17 16.67 26.17 99.12
C THR HA 17 17.46 26.80 100.26
N GLY HA 18 17.08 26.56 101.52
CA GLY HA 18 17.80 27.26 102.59
C GLY HA 18 19.10 26.55 102.94
N PHE HA 19 20.01 26.44 101.98
CA PHE HA 19 21.28 25.72 102.22
C PHE HA 19 22.38 26.76 102.46
N ASP HA 20 22.91 26.79 103.68
CA ASP HA 20 23.95 27.80 104.02
C ASP HA 20 25.24 27.03 104.31
N MET HA 21 26.32 27.40 103.63
CA MET HA 21 27.58 26.65 103.80
C MET HA 21 28.15 26.89 105.20
N ARG HA 22 27.86 28.03 105.84
CA ARG HA 22 28.50 28.25 107.13
C ARG HA 22 27.93 27.33 108.20
N GLU HA 23 26.61 27.21 108.27
CA GLU HA 23 26.01 26.28 109.23
C GLU HA 23 26.16 24.84 108.77
N PHE HA 24 26.25 24.62 107.45
CA PHE HA 24 26.61 23.30 106.95
C PHE HA 24 28.02 22.93 107.38
N LEU HA 25 28.92 23.90 107.36
CA LEU HA 25 30.25 23.72 107.96
C LEU HA 25 30.13 23.46 109.46
N ARG HA 26 29.26 24.20 110.13
CA ARG HA 26 29.13 24.07 111.58
C ARG HA 26 28.55 22.73 111.98
N HIS HA 27 27.52 22.27 111.27
CA HIS HA 27 26.77 21.03 111.66
C HIS HA 27 27.65 19.77 111.70
N THR HA 28 28.81 19.79 111.05
CA THR HA 28 29.63 18.59 110.97
C THR HA 28 30.17 18.31 112.38
N LYS HA 29 29.47 17.41 113.09
CA LYS HA 29 29.81 17.05 114.46
C LYS HA 29 28.90 15.91 114.93
N THR HA 30 29.35 15.15 115.93
CA THR HA 30 28.53 14.08 116.49
C THR HA 30 27.24 14.65 117.06
N PRO HA 31 26.10 14.32 116.47
CA PRO HA 31 24.84 14.94 116.92
C PRO HA 31 24.45 14.48 118.32
N THR HA 32 23.78 15.38 119.03
CA THR HA 32 23.26 15.04 120.36
C THR HA 32 22.19 13.95 120.27
N TYR HA 33 21.30 14.06 119.30
CA TYR HA 33 20.26 13.07 119.05
C TYR HA 33 20.32 12.62 117.60
N ASP HA 34 20.17 11.31 117.39
CA ASP HA 34 20.21 10.75 116.05
C ASP HA 34 19.28 9.54 115.97
N PRO HA 35 18.35 9.51 115.02
CA PRO HA 35 17.46 8.35 114.90
C PRO HA 35 18.17 7.05 114.61
N TRP HA 36 19.39 7.10 114.07
CA TRP HA 36 20.15 5.90 113.72
C TRP HA 36 21.24 5.58 114.74
N GLU HA 37 21.22 6.26 115.89
CA GLU HA 37 22.30 6.07 116.90
C GLU HA 37 22.38 4.60 117.31
N ARG HA 38 21.23 3.99 117.64
CA ARG HA 38 21.24 2.62 118.14
C ARG HA 38 21.78 1.66 117.09
N HIS HA 39 21.39 1.84 115.83
CA HIS HA 39 21.88 0.96 114.77
C HIS HA 39 23.38 1.12 114.55
N GLU HA 40 23.88 2.35 114.60
CA GLU HA 40 25.27 2.66 114.31
C GLU HA 40 26.08 2.93 115.57
N ALA HA 41 25.81 2.22 116.65
CA ALA HA 41 26.56 2.39 117.89
C ALA HA 41 27.67 1.37 118.08
N TRP HA 42 27.65 0.28 117.32
CA TRP HA 42 28.66 -0.77 117.47
C TRP HA 42 30.03 -0.35 116.94
N ARG HA 43 30.12 0.76 116.23
CA ARG HA 43 31.39 1.22 115.67
C ARG HA 43 32.25 1.96 116.70
N TYR HA 44 31.72 2.21 117.90
CA TYR HA 44 32.46 2.91 118.94
C TYR HA 44 32.36 2.17 120.28
N THR HA 45 32.05 0.89 120.25
CA THR HA 45 31.89 0.10 121.46
C THR HA 45 33.26 -0.36 121.96
N GLY HA 46 33.27 -1.30 122.91
CA GLY HA 46 34.52 -1.75 123.49
C GLY HA 46 35.48 -2.36 122.49
N ARG HA 47 34.94 -3.07 121.49
CA ARG HA 47 35.80 -3.67 120.47
C ARG HA 47 36.53 -2.60 119.67
N PHE HA 48 35.82 -1.53 119.29
CA PHE HA 48 36.38 -0.45 118.50
C PHE HA 48 36.44 0.86 119.28
N SER HA 49 36.78 0.79 120.55
CA SER HA 49 36.92 1.99 121.36
C SER HA 49 38.21 2.73 120.99
N ARG HA 50 38.32 3.96 121.48
CA ARG HA 50 39.51 4.76 121.21
C ARG HA 50 40.77 4.10 121.77
N PHE HA 51 40.68 3.53 122.98
CA PHE HA 51 41.84 2.89 123.59
C PHE HA 51 42.15 1.55 122.93
N ASN HA 52 41.12 0.74 122.66
CA ASN HA 52 41.35 -0.60 122.13
C ASN HA 52 41.96 -0.56 120.74
N ARG HA 53 41.49 0.35 119.88
CA ARG HA 53 42.00 0.42 118.52
C ARG HA 53 43.47 0.82 118.49
N PHE HA 54 43.86 1.77 119.33
CA PHE HA 54 45.24 2.20 119.40
C PHE HA 54 46.08 1.40 120.38
N LYS HA 55 45.48 0.40 121.04
CA LYS HA 55 46.24 -0.44 121.96
C LYS HA 55 47.32 -1.24 121.23
N GLY HA 56 46.99 -1.79 120.07
CA GLY HA 56 47.93 -2.60 119.33
C GLY HA 56 48.54 -1.89 118.14
N ALA HA 57 48.62 -0.56 118.21
CA ALA HA 57 49.20 0.21 117.11
C ALA HA 57 50.65 -0.17 116.86
N LEU HA 58 51.42 -0.33 117.94
CA LEU HA 58 52.81 -0.78 117.83
C LEU HA 58 52.91 -2.14 118.52
N PRO HA 59 52.95 -3.23 117.75
CA PRO HA 59 52.80 -4.57 118.35
C PRO HA 59 53.85 -4.94 119.38
N GLY HA 60 55.12 -4.91 118.98
CA GLY HA 60 56.16 -5.45 119.83
C GLY HA 60 56.94 -4.43 120.63
N PHE HA 61 56.37 -3.23 120.78
CA PHE HA 61 57.06 -2.17 121.56
C PHE HA 61 57.30 -2.68 122.97
N GLY HA 62 56.26 -3.23 123.62
CA GLY HA 62 56.40 -3.67 125.00
C GLY HA 62 57.45 -4.75 125.17
N ILE HA 63 57.43 -5.75 124.28
CA ILE HA 63 58.40 -6.83 124.36
C ILE HA 63 59.81 -6.31 124.09
N ALA HA 64 59.97 -5.47 123.06
CA ALA HA 64 61.29 -4.98 122.70
C ALA HA 64 61.87 -4.11 123.81
N THR HA 65 61.05 -3.24 124.40
CA THR HA 65 61.54 -2.36 125.47
C THR HA 65 62.00 -3.18 126.68
N VAL HA 66 61.25 -4.21 127.05
CA VAL HA 66 61.65 -5.08 128.15
C VAL HA 66 62.94 -5.81 127.80
N ALA HA 67 63.03 -6.34 126.57
CA ALA HA 67 64.21 -7.08 126.16
C ALA HA 67 65.44 -6.17 126.08
N PHE HA 68 65.26 -4.95 125.56
CA PHE HA 68 66.40 -4.03 125.43
C PHE HA 68 66.97 -3.66 126.79
N THR HA 69 66.09 -3.42 127.77
CA THR HA 69 66.55 -3.10 129.12
C THR HA 69 67.33 -4.27 129.72
N ALA HA 70 66.88 -5.50 129.47
CA ALA HA 70 67.62 -6.66 129.93
C ALA HA 70 69.00 -6.74 129.28
N TYR HA 71 69.07 -6.43 127.98
CA TYR HA 71 70.35 -6.40 127.28
C TYR HA 71 71.24 -5.25 127.75
N CYS HA 72 70.70 -4.22 128.31
CA CYS HA 72 71.50 -3.03 128.71
C CYS HA 72 72.02 -3.19 130.15
N VAL HA 73 72.21 -4.43 130.62
CA VAL HA 73 72.86 -4.66 131.91
C VAL HA 73 74.23 -5.29 131.69
N PRO IA 2 101.16 -17.36 59.65
CA PRO IA 2 99.84 -17.01 59.11
C PRO IA 2 98.91 -18.21 59.00
N THR IA 3 97.62 -17.96 59.02
CA THR IA 3 96.64 -19.04 58.89
C THR IA 3 96.71 -19.61 57.47
N PRO IA 4 96.85 -20.93 57.32
CA PRO IA 4 96.89 -21.51 55.96
C PRO IA 4 95.61 -21.23 55.20
N GLU IA 5 95.76 -21.03 53.89
CA GLU IA 5 94.62 -20.75 53.02
C GLU IA 5 93.83 -22.03 52.81
N SER IA 6 92.59 -22.06 53.29
CA SER IA 6 91.78 -23.25 53.22
C SER IA 6 91.35 -23.54 51.79
N GLU IA 7 90.88 -24.77 51.57
CA GLU IA 7 90.41 -25.17 50.24
C GLU IA 7 89.25 -24.29 49.79
N ALA IA 8 88.37 -23.92 50.72
CA ALA IA 8 87.30 -22.99 50.40
C ALA IA 8 87.85 -21.65 49.97
N PHE IA 9 88.84 -21.13 50.70
CA PHE IA 9 89.49 -19.88 50.32
C PHE IA 9 90.56 -20.18 49.28
N LEU IA 10 90.20 -20.94 48.26
CA LEU IA 10 90.92 -21.04 46.99
C LEU IA 10 89.99 -20.81 45.81
N ALA IA 11 88.75 -21.31 45.89
CA ALA IA 11 87.80 -21.20 44.79
C ALA IA 11 87.18 -19.82 44.69
N LYS IA 12 87.40 -18.94 45.68
CA LYS IA 12 86.80 -17.62 45.66
C LYS IA 12 87.82 -16.50 45.76
N LYS IA 13 89.11 -16.82 45.69
CA LYS IA 13 90.11 -15.76 45.63
C LYS IA 13 89.98 -15.00 44.32
N PRO IA 14 89.98 -13.67 44.35
CA PRO IA 14 89.96 -12.89 43.10
C PRO IA 14 91.32 -12.98 42.40
N GLN IA 15 91.31 -13.55 41.20
CA GLN IA 15 92.51 -13.62 40.37
C GLN IA 15 92.89 -12.27 39.78
N VAL IA 16 92.13 -11.23 40.07
CA VAL IA 16 92.33 -9.91 39.46
C VAL IA 16 92.47 -8.89 40.57
N PRO IA 17 93.14 -7.77 40.29
CA PRO IA 17 93.22 -6.70 41.28
C PRO IA 17 91.88 -6.02 41.46
N PRO IA 18 91.66 -5.36 42.59
CA PRO IA 18 90.42 -4.58 42.80
C PRO IA 18 90.46 -3.20 42.13
N THR IA 19 90.16 -3.19 40.83
CA THR IA 19 90.17 -1.95 40.06
C THR IA 19 89.40 -2.17 38.76
N PHE IA 20 89.16 -1.07 38.05
CA PHE IA 20 88.53 -1.11 36.74
C PHE IA 20 89.42 -0.56 35.63
N ASP IA 21 90.63 -0.12 35.95
CA ASP IA 21 91.56 0.31 34.92
C ASP IA 21 92.08 -0.89 34.16
N GLY IA 22 92.10 -0.80 32.83
CA GLY IA 22 92.55 -1.88 31.99
C GLY IA 22 91.50 -2.91 31.65
N VAL IA 23 90.30 -2.78 32.19
CA VAL IA 23 89.21 -3.72 31.92
C VAL IA 23 88.47 -3.29 30.66
N ASP IA 24 88.30 -4.22 29.73
CA ASP IA 24 87.48 -4.01 28.54
C ASP IA 24 86.06 -4.42 28.91
N TYR IA 25 85.17 -3.43 29.01
CA TYR IA 25 83.81 -3.69 29.48
C TYR IA 25 83.03 -4.58 28.51
N GLU IA 26 83.49 -4.69 27.26
CA GLU IA 26 82.87 -5.64 26.34
C GLU IA 26 83.06 -7.07 26.82
N ASP IA 27 84.26 -7.39 27.32
CA ASP IA 27 84.55 -8.75 27.76
C ASP IA 27 83.94 -8.96 29.13
N ASN IA 28 83.01 -9.91 29.22
CA ASN IA 28 82.17 -10.06 30.39
C ASN IA 28 82.92 -10.67 31.57
N LYS IA 29 83.72 -11.71 31.31
CA LYS IA 29 84.43 -12.40 32.38
C LYS IA 29 85.29 -11.43 33.19
N ARG IA 30 86.05 -10.57 32.51
CA ARG IA 30 86.99 -9.70 33.20
C ARG IA 30 86.29 -8.57 33.96
N LEU IA 31 85.21 -8.03 33.40
CA LEU IA 31 84.43 -7.03 34.13
C LEU IA 31 83.82 -7.63 35.38
N LYS IA 32 83.24 -8.83 35.26
CA LYS IA 32 82.63 -9.48 36.41
C LYS IA 32 83.67 -9.79 37.48
N GLN IA 33 84.87 -10.19 37.06
CA GLN IA 33 85.96 -10.41 38.00
C GLN IA 33 86.32 -9.12 38.72
N ALA IA 34 86.36 -8.00 37.98
CA ALA IA 34 86.67 -6.71 38.59
C ALA IA 34 85.63 -6.34 39.64
N GLN IA 35 84.34 -6.53 39.34
CA GLN IA 35 83.29 -6.26 40.32
C GLN IA 35 83.43 -7.17 41.53
N ASP IA 36 83.78 -8.43 41.30
CA ASP IA 36 84.03 -9.36 42.40
C ASP IA 36 85.17 -8.87 43.28
N ALA IA 37 86.25 -8.38 42.67
CA ALA IA 37 87.39 -7.92 43.45
C ALA IA 37 87.05 -6.67 44.26
N ILE IA 38 86.21 -5.79 43.72
CA ILE IA 38 85.82 -4.59 44.47
C ILE IA 38 85.08 -4.99 45.73
N ILE IA 39 84.06 -5.84 45.59
CA ILE IA 39 83.19 -6.16 46.71
C ILE IA 39 83.96 -6.92 47.78
N ARG IA 40 84.73 -7.93 47.36
CA ARG IA 40 85.42 -8.79 48.31
C ARG IA 40 86.46 -8.02 49.11
N GLU IA 41 87.14 -7.06 48.48
CA GLU IA 41 88.07 -6.21 49.23
C GLU IA 41 87.33 -5.39 50.27
N GLN IA 42 86.17 -4.84 49.91
CA GLN IA 42 85.40 -4.05 50.86
C GLN IA 42 84.95 -4.90 52.04
N TRP IA 43 84.49 -6.13 51.77
CA TRP IA 43 84.04 -7.00 52.84
C TRP IA 43 85.21 -7.50 53.68
N VAL IA 44 86.34 -7.80 53.04
CA VAL IA 44 87.53 -8.22 53.77
C VAL IA 44 87.97 -7.12 54.73
N GLN IA 45 87.95 -5.86 54.26
CA GLN IA 45 88.36 -4.75 55.10
C GLN IA 45 87.41 -4.57 56.28
N VAL IA 46 86.15 -4.92 56.11
CA VAL IA 46 85.16 -4.67 57.15
C VAL IA 46 85.20 -5.77 58.22
N MET IA 47 85.44 -7.02 57.82
CA MET IA 47 85.55 -8.09 58.82
C MET IA 47 86.79 -7.92 59.69
N MET IA 48 87.76 -7.15 59.23
CA MET IA 48 88.84 -6.69 60.12
C MET IA 48 88.26 -5.94 61.31
N GLY IA 49 87.34 -5.02 61.06
CA GLY IA 49 86.68 -4.33 62.15
C GLY IA 49 85.92 -5.28 63.05
N ARG IA 50 85.33 -6.32 62.48
CA ARG IA 50 84.62 -7.32 63.27
C ARG IA 50 85.56 -8.05 64.23
N LEU IA 51 86.76 -8.40 63.74
CA LEU IA 51 87.71 -9.09 64.60
C LEU IA 51 88.31 -8.15 65.63
N VAL IA 52 88.61 -6.90 65.23
CA VAL IA 52 89.09 -5.90 66.17
C VAL IA 52 88.03 -5.62 67.23
N ARG IA 53 86.78 -5.42 66.80
CA ARG IA 53 85.67 -5.27 67.73
C ARG IA 53 85.62 -6.46 68.69
N GLU IA 54 85.73 -7.68 68.15
CA GLU IA 54 85.74 -8.87 68.97
C GLU IA 54 86.84 -8.82 70.02
N GLU IA 55 88.05 -8.47 69.60
CA GLU IA 55 89.20 -8.46 70.53
C GLU IA 55 89.03 -7.39 71.58
N LEU IA 56 88.54 -6.23 71.15
CA LEU IA 56 88.31 -5.15 72.10
C LEU IA 56 87.31 -5.55 73.17
N SER IA 57 86.31 -6.36 72.81
CA SER IA 57 85.35 -6.85 73.80
C SER IA 57 86.03 -7.68 74.87
N LYS IA 58 86.84 -8.66 74.45
CA LYS IA 58 87.58 -9.47 75.40
C LYS IA 58 88.55 -8.63 76.21
N CYS IA 59 89.19 -7.64 75.57
CA CYS IA 59 90.06 -6.73 76.29
C CYS IA 59 89.29 -5.96 77.35
N TYR IA 60 88.11 -5.45 76.99
CA TYR IA 60 87.36 -4.58 77.88
C TYR IA 60 87.00 -5.29 79.18
N TYR IA 61 86.43 -6.48 79.04
CA TYR IA 61 86.05 -7.29 80.21
C TYR IA 61 87.31 -7.68 81.00
N ARG IA 62 88.35 -8.18 80.30
CA ARG IA 62 89.57 -8.58 80.98
C ARG IA 62 90.17 -7.44 81.79
N GLU IA 63 90.00 -6.20 81.33
CA GLU IA 63 90.63 -5.06 81.96
C GLU IA 63 89.72 -4.33 82.93
N GLY IA 64 88.40 -4.54 82.84
CA GLY IA 64 87.49 -3.93 83.80
C GLY IA 64 87.61 -2.42 83.79
N VAL IA 65 87.82 -1.85 84.98
CA VAL IA 65 87.96 -0.41 85.11
C VAL IA 65 89.18 0.09 84.36
N ASN IA 66 90.19 -0.78 84.20
CA ASN IA 66 91.44 -0.39 83.56
C ASN IA 66 91.33 -0.38 82.04
N HIS IA 67 90.12 -0.58 81.52
CA HIS IA 67 89.91 -0.58 80.08
C HIS IA 67 90.25 0.78 79.45
N LEU IA 68 90.03 1.87 80.17
CA LEU IA 68 90.37 3.19 79.67
C LEU IA 68 91.87 3.42 79.52
N GLU IA 69 92.72 2.54 80.06
CA GLU IA 69 94.16 2.75 80.00
C GLU IA 69 94.92 1.61 79.35
N LYS IA 70 94.37 0.40 79.32
CA LYS IA 70 95.09 -0.76 78.80
C LYS IA 70 94.69 -1.15 77.39
N CYS IA 71 93.43 -0.93 77.00
CA CYS IA 71 92.94 -1.34 75.69
C CYS IA 71 93.07 -0.25 74.63
N GLY IA 72 94.05 0.65 74.78
CA GLY IA 72 94.13 1.80 73.90
C GLY IA 72 94.43 1.44 72.46
N LYS IA 73 95.43 0.59 72.24
CA LYS IA 73 95.80 0.22 70.88
C LYS IA 73 94.66 -0.45 70.14
N LEU IA 74 93.90 -1.28 70.85
CA LEU IA 74 92.77 -1.97 70.25
C LEU IA 74 91.61 -1.01 70.00
N ARG IA 75 91.50 0.02 70.84
CA ARG IA 75 90.48 1.06 70.64
C ARG IA 75 90.70 1.81 69.33
N GLU IA 76 91.91 2.32 69.13
CA GLU IA 76 92.19 3.15 67.95
C GLU IA 76 92.06 2.35 66.67
N ARG IA 77 92.55 1.11 66.66
CA ARG IA 77 92.53 0.30 65.45
C ARG IA 77 91.11 0.12 64.94
N TYR IA 78 90.16 -0.13 65.85
CA TYR IA 78 88.75 -0.19 65.46
C TYR IA 78 88.27 1.16 64.94
N LEU IA 79 88.66 2.25 65.60
CA LEU IA 79 88.18 3.56 65.20
C LEU IA 79 88.65 3.91 63.80
N GLN IA 80 89.90 3.59 63.47
CA GLN IA 80 90.38 3.79 62.11
C GLN IA 80 89.55 2.97 61.11
N LEU IA 81 89.30 1.71 61.45
CA LEU IA 81 88.49 0.86 60.58
C LEU IA 81 87.07 1.40 60.47
N LEU IA 82 86.49 1.83 61.59
CA LEU IA 82 85.16 2.43 61.55
C LEU IA 82 85.13 3.69 60.68
N ALA IA 83 86.26 4.39 60.58
CA ALA IA 83 86.30 5.59 59.77
C ALA IA 83 86.36 5.28 58.28
N ASN IA 84 86.99 4.16 57.90
CA ASN IA 84 87.27 3.86 56.51
C ASN IA 84 86.41 2.76 55.93
N ALA IA 85 86.24 1.64 56.63
CA ALA IA 85 85.69 0.44 56.03
C ALA IA 85 84.17 0.54 55.91
N LYS IA 86 83.66 0.33 54.70
CA LYS IA 86 82.23 0.29 54.42
C LYS IA 86 82.03 -0.30 53.04
N VAL IA 87 81.22 -1.36 52.95
CA VAL IA 87 80.86 -1.88 51.64
C VAL IA 87 80.05 -0.84 50.88
N LYS IA 88 80.65 -0.30 49.82
CA LYS IA 88 80.03 0.76 49.03
C LYS IA 88 79.67 0.31 47.63
N GLY IA 89 79.99 -0.92 47.26
CA GLY IA 89 79.69 -1.43 45.94
C GLY IA 89 80.75 -1.05 44.92
N TYR IA 90 80.60 -1.63 43.73
CA TYR IA 90 81.48 -1.34 42.61
C TYR IA 90 80.93 -0.29 41.66
N LEU IA 91 79.64 0.03 41.77
CA LEU IA 91 78.94 0.71 40.67
C LEU IA 91 79.50 2.10 40.41
N PHE IA 92 79.77 2.87 41.45
CA PHE IA 92 80.39 4.21 41.28
C PHE IA 92 81.73 4.09 40.54
N GLU IA 93 82.62 3.20 41.01
CA GLU IA 93 84.00 3.11 40.47
C GLU IA 93 83.96 2.54 39.06
N GLN IA 94 83.00 1.68 38.78
CA GLN IA 94 82.82 1.17 37.42
C GLN IA 94 82.44 2.28 36.46
N GLN IA 95 81.59 3.21 36.91
CA GLN IA 95 81.03 4.24 36.06
C GLN IA 95 81.80 5.56 36.11
N ASN IA 96 82.76 5.68 37.01
CA ASN IA 96 83.46 6.97 37.19
C ASN IA 96 84.96 6.76 37.37
N TYR IA 97 85.75 7.04 36.34
CA TYR IA 97 87.23 6.96 36.47
C TYR IA 97 87.76 8.18 37.21
N TRP IA 98 88.84 7.99 37.95
CA TRP IA 98 89.50 9.10 38.60
C TRP IA 98 91.00 8.88 38.54
N SER IA 99 91.75 9.98 38.58
CA SER IA 99 93.21 9.92 38.53
C SER IA 99 93.80 10.74 39.66
N LYS IA 100 94.91 10.25 40.20
CA LYS IA 100 95.60 10.96 41.28
C LYS IA 100 96.39 12.15 40.73
N GLU IA 101 96.91 12.03 39.51
CA GLU IA 101 97.66 13.11 38.87
C GLU IA 101 96.69 14.09 38.24
N ASN IA 102 95.97 14.81 39.11
CA ASN IA 102 94.99 15.78 38.67
C ASN IA 102 95.15 17.10 39.43
N SER JA 9 42.81 -18.08 114.87
CA SER JA 9 44.21 -18.42 114.66
C SER JA 9 45.09 -17.77 115.72
N ARG JA 10 46.05 -18.53 116.24
CA ARG JA 10 46.97 -18.06 117.26
C ARG JA 10 48.39 -17.84 116.77
N VAL JA 11 48.81 -18.55 115.72
CA VAL JA 11 50.17 -18.37 115.22
C VAL JA 11 50.34 -17.01 114.55
N HIS JA 12 49.24 -16.42 114.07
CA HIS JA 12 49.32 -15.10 113.45
C HIS JA 12 49.69 -14.02 114.47
N ARG JA 13 49.12 -14.12 115.67
CA ARG JA 13 49.46 -13.16 116.72
C ARG JA 13 50.93 -13.29 117.13
N PHE JA 14 51.44 -14.52 117.17
CA PHE JA 14 52.85 -14.72 117.49
C PHE JA 14 53.75 -14.08 116.44
N LEU JA 15 53.44 -14.31 115.16
CA LEU JA 15 54.26 -13.73 114.10
C LEU JA 15 54.13 -12.21 114.06
N ALA JA 16 52.92 -11.69 114.25
CA ALA JA 16 52.72 -10.24 114.25
C ALA JA 16 53.50 -9.59 115.39
N THR JA 17 53.42 -10.17 116.58
CA THR JA 17 54.18 -9.64 117.71
C THR JA 17 55.67 -9.94 117.55
N GLY JA 18 56.01 -11.13 117.04
CA GLY JA 18 57.40 -11.49 116.88
C GLY JA 18 58.13 -10.59 115.89
N LEU JA 19 57.50 -10.32 114.75
CA LEU JA 19 58.08 -9.37 113.80
C LEU JA 19 58.17 -7.98 114.41
N GLY JA 20 57.15 -7.57 115.15
CA GLY JA 20 57.20 -6.31 115.86
C GLY JA 20 58.11 -6.31 117.07
N ALA JA 21 58.54 -7.48 117.52
CA ALA JA 21 59.51 -7.57 118.61
C ALA JA 21 60.95 -7.55 118.10
N SER JA 22 61.23 -8.25 116.99
CA SER JA 22 62.52 -8.11 116.35
C SER JA 22 62.73 -6.69 115.86
N MET JA 23 61.71 -6.10 115.24
CA MET JA 23 61.68 -4.66 115.03
C MET JA 23 61.45 -3.96 116.35
N TRP JA 24 61.83 -2.68 116.40
CA TRP JA 24 61.77 -1.86 117.61
C TRP JA 24 62.84 -2.30 118.60
N PHE JA 25 63.52 -3.40 118.29
CA PHE JA 25 64.74 -3.82 118.97
C PHE JA 25 65.97 -3.64 118.10
N TRP JA 26 65.82 -3.86 116.79
CA TRP JA 26 66.87 -3.49 115.85
C TRP JA 26 67.09 -1.99 115.85
N ILE JA 27 66.01 -1.21 115.96
CA ILE JA 27 66.13 0.24 116.03
C ILE JA 27 66.88 0.65 117.30
N PHE JA 28 66.51 0.05 118.44
CA PHE JA 28 67.16 0.41 119.69
C PHE JA 28 68.62 -0.03 119.71
N TYR JA 29 68.92 -1.21 119.16
CA TYR JA 29 70.30 -1.68 119.09
C TYR JA 29 71.13 -0.72 118.25
N ARG JA 30 70.65 -0.38 117.05
CA ARG JA 30 71.42 0.51 116.18
C ARG JA 30 71.50 1.92 116.75
N ALA JA 31 70.43 2.37 117.42
CA ALA JA 31 70.47 3.69 118.06
C ALA JA 31 71.50 3.73 119.17
N LYS JA 32 71.64 2.64 119.93
CA LYS JA 32 72.62 2.61 121.01
C LYS JA 32 74.04 2.72 120.47
N LYS JA 33 74.32 2.07 119.34
CA LYS JA 33 75.67 2.08 118.77
C LYS JA 33 75.88 3.24 117.81
N ASP JA 34 75.05 3.32 116.76
CA ASP JA 34 75.22 4.30 115.70
C ASP JA 34 74.56 5.64 115.99
N GLY JA 35 73.89 5.78 117.12
CA GLY JA 35 73.23 7.01 117.47
C GLY JA 35 74.15 8.21 117.62
N PRO JA 36 75.24 8.07 118.37
CA PRO JA 36 76.21 9.19 118.46
C PRO JA 36 76.76 9.62 117.11
N VAL JA 37 77.00 8.67 116.19
CA VAL JA 37 77.53 9.03 114.89
C VAL JA 37 76.49 9.79 114.08
N LEU JA 38 75.25 9.30 114.06
CA LEU JA 38 74.21 9.94 113.27
C LEU JA 38 73.89 11.34 113.78
N LEU JA 39 73.85 11.50 115.10
CA LEU JA 39 73.52 12.79 115.70
C LEU JA 39 74.70 13.75 115.74
N GLY JA 40 75.89 13.31 115.36
CA GLY JA 40 77.05 14.18 115.30
C GLY JA 40 77.77 14.39 116.60
N TRP JA 41 77.38 13.70 117.67
CA TRP JA 41 78.08 13.84 118.95
C TRP JA 41 79.50 13.29 118.85
N LYS JA 42 79.64 12.06 118.34
CA LYS JA 42 80.92 11.38 118.26
C LYS JA 42 81.16 10.92 116.83
N HIS JA 43 82.35 11.20 116.32
CA HIS JA 43 82.71 10.75 114.99
C HIS JA 43 82.88 9.23 114.98
N PRO JA 44 82.69 8.58 113.83
CA PRO JA 44 82.67 7.11 113.81
C PRO JA 44 83.95 6.44 114.28
N TRP JA 45 85.10 7.12 114.11
CA TRP JA 45 86.39 6.48 114.45
C TRP JA 45 86.58 6.33 115.96
N ASP JA 46 86.07 7.27 116.76
CA ASP JA 46 86.21 7.23 118.21
C ASP JA 46 85.36 6.12 118.83
N ARG KA 4 -92.97 17.46 23.64
CA ARG KA 4 -94.05 17.89 22.76
C ARG KA 4 -94.19 19.41 22.75
N TYR KA 5 -93.05 20.09 22.62
CA TYR KA 5 -93.01 21.54 22.59
C TYR KA 5 -92.01 22.00 21.54
N ALA KA 6 -92.19 23.23 21.07
CA ALA KA 6 -91.26 23.83 20.13
C ALA KA 6 -89.90 23.99 20.79
N PHE KA 7 -88.85 23.91 19.97
CA PHE KA 7 -87.48 23.93 20.52
C PHE KA 7 -87.05 25.37 20.62
N ALA KA 8 -85.86 25.56 21.15
CA ALA KA 8 -85.35 26.91 21.31
C ALA KA 8 -85.12 27.55 19.95
N LYS KA 9 -84.88 28.87 19.96
CA LYS KA 9 -84.63 29.59 18.73
C LYS KA 9 -83.30 29.20 18.09
N GLY KA 10 -82.44 28.47 18.80
CA GLY KA 10 -81.18 28.07 18.23
C GLY KA 10 -81.30 26.89 17.28
N VAL KA 11 -82.30 26.03 17.49
CA VAL KA 11 -82.42 24.80 16.72
C VAL KA 11 -82.76 25.16 15.28
N LYS KA 12 -81.79 24.88 14.39
CA LYS KA 12 -82.00 25.16 12.93
C LYS KA 12 -82.60 23.91 12.28
N GLU KA 13 -82.13 22.72 12.67
CA GLU KA 13 -82.62 21.48 12.09
C GLU KA 13 -82.24 20.33 13.02
N LEU KA 14 -82.94 19.22 12.84
CA LEU KA 14 -82.62 17.97 13.50
C LEU KA 14 -82.32 16.91 12.45
N ARG KA 15 -81.34 16.05 12.73
CA ARG KA 15 -80.97 14.97 11.81
C ARG KA 15 -80.90 13.67 12.60
N PHE KA 16 -81.73 12.71 12.22
CA PHE KA 16 -81.73 11.37 12.81
C PHE KA 16 -81.20 10.38 11.79
N LEU KA 17 -80.17 9.63 12.18
CA LEU KA 17 -79.58 8.60 11.34
C LEU KA 17 -79.78 7.26 12.02
N PHE KA 18 -80.33 6.29 11.28
CA PHE KA 18 -80.60 4.97 11.81
C PHE KA 18 -80.51 3.95 10.68
N CYS KA 19 -80.80 2.70 11.00
CA CYS KA 19 -80.79 1.62 10.03
C CYS KA 19 -82.20 1.04 9.90
N GLN KA 20 -82.34 0.06 9.00
CA GLN KA 20 -83.63 -0.55 8.73
C GLN KA 20 -83.78 -1.92 9.40
N THR KA 21 -82.69 -2.54 9.82
CA THR KA 21 -82.72 -3.88 10.38
C THR KA 21 -82.67 -3.82 11.90
N SER KA 22 -82.58 -5.00 12.52
CA SER KA 22 -82.49 -5.13 13.96
C SER KA 22 -81.06 -5.36 14.43
N GLN KA 23 -80.07 -4.93 13.65
CA GLN KA 23 -78.68 -4.99 14.10
C GLN KA 23 -78.51 -4.19 15.38
N HIS KA 24 -78.99 -2.95 15.37
CA HIS KA 24 -79.17 -2.16 16.57
C HIS KA 24 -80.61 -2.38 17.06
N SER KA 25 -81.07 -1.58 18.02
CA SER KA 25 -82.40 -1.80 18.56
C SER KA 25 -83.44 -1.28 17.56
N ALA KA 26 -84.72 -1.42 17.91
CA ALA KA 26 -85.80 -0.75 17.23
C ALA KA 26 -86.32 0.43 18.03
N GLU KA 27 -85.56 0.87 19.03
CA GLU KA 27 -86.01 1.94 19.90
C GLU KA 27 -86.00 3.29 19.16
N ALA KA 28 -84.97 3.54 18.35
CA ALA KA 28 -84.95 4.75 17.56
C ALA KA 28 -86.10 4.75 16.56
N ARG KA 29 -86.39 3.60 15.95
CA ARG KA 29 -87.48 3.53 14.98
C ARG KA 29 -88.83 3.73 15.65
N SER KA 30 -89.05 3.07 16.80
CA SER KA 30 -90.30 3.27 17.54
C SER KA 30 -90.41 4.71 18.02
N PHE KA 31 -89.31 5.28 18.53
CA PHE KA 31 -89.33 6.66 18.98
C PHE KA 31 -89.68 7.62 17.85
N LEU KA 32 -89.06 7.42 16.68
CA LEU KA 32 -89.39 8.26 15.53
C LEU KA 32 -90.80 8.01 15.05
N ASN KA 33 -91.27 6.76 15.15
CA ASN KA 33 -92.66 6.46 14.83
C ASN KA 33 -93.62 7.32 15.63
N ARG KA 34 -93.27 7.63 16.88
CA ARG KA 34 -94.10 8.44 17.75
C ARG KA 34 -93.67 9.91 17.77
N ALA KA 35 -92.39 10.18 18.02
CA ALA KA 35 -91.96 11.55 18.25
C ALA KA 35 -92.17 12.42 17.03
N TYR KA 36 -91.77 11.95 15.84
CA TYR KA 36 -91.71 12.81 14.68
C TYR KA 36 -93.03 13.50 14.33
N PRO KA 37 -94.20 12.84 14.36
CA PRO KA 37 -95.44 13.59 14.06
C PRO KA 37 -95.70 14.74 15.01
N ILE KA 38 -95.64 14.52 16.32
CA ILE KA 38 -95.79 15.62 17.27
C ILE KA 38 -94.58 16.56 17.21
N MET KA 39 -93.44 16.24 17.02
CA MET KA 39 -92.32 17.20 17.01
C MET KA 39 -92.47 18.07 15.77
N LYS KA 40 -92.79 17.34 14.57
CA LYS KA 40 -92.99 18.21 13.43
C LYS KA 40 -94.19 19.13 13.61
N LYS KA 41 -95.11 18.79 14.51
CA LYS KA 41 -96.35 19.56 14.64
C LYS KA 41 -96.11 20.88 15.35
N HIS KA 42 -95.55 20.83 16.57
CA HIS KA 42 -95.57 22.00 17.44
C HIS KA 42 -94.73 23.14 16.87
N ASN KA 43 -93.64 22.82 16.19
CA ASN KA 43 -92.82 23.81 15.49
C ASN KA 43 -92.65 23.38 14.05
N PRO KA 44 -93.47 23.89 13.13
CA PRO KA 44 -93.55 23.31 11.78
C PRO KA 44 -92.46 23.75 10.81
N THR KA 45 -91.54 24.62 11.21
CA THR KA 45 -90.57 25.17 10.28
C THR KA 45 -89.15 24.65 10.50
N ILE KA 46 -88.98 23.61 11.30
CA ILE KA 46 -87.66 23.06 11.60
C ILE KA 46 -87.47 21.79 10.77
N PRO KA 47 -86.55 21.77 9.83
CA PRO KA 47 -86.25 20.52 9.12
C PRO KA 47 -85.86 19.39 10.05
N ILE KA 48 -86.67 18.34 10.11
CA ILE KA 48 -86.35 17.16 10.89
C ILE KA 48 -85.99 16.04 9.93
N LEU KA 49 -84.72 15.91 9.58
CA LEU KA 49 -84.29 15.00 8.53
C LEU KA 49 -84.12 13.60 9.08
N LEU KA 50 -84.87 12.66 8.52
CA LEU KA 50 -84.72 11.24 8.88
C LEU KA 50 -84.02 10.55 7.72
N ARG KA 51 -82.74 10.27 7.87
CA ARG KA 51 -81.95 9.63 6.82
C ARG KA 51 -81.49 8.26 7.35
N GLU KA 52 -81.76 7.20 6.61
CA GLU KA 52 -81.42 5.82 7.03
C GLU KA 52 -80.44 5.18 6.04
N ALA KA 53 -79.80 4.08 6.44
CA ALA KA 53 -78.88 3.35 5.59
C ALA KA 53 -78.48 2.08 6.31
N GLN KA 54 -78.27 1.01 5.55
CA GLN KA 54 -77.94 -0.28 6.14
C GLN KA 54 -76.66 -0.19 6.95
N GLY KA 55 -76.71 -0.69 8.18
CA GLY KA 55 -75.55 -0.71 9.06
C GLY KA 55 -75.29 0.58 9.81
N THR KA 56 -76.22 1.54 9.77
CA THR KA 56 -75.99 2.84 10.38
C THR KA 56 -76.28 2.81 11.87
N ILE KA 57 -75.27 3.11 12.67
CA ILE KA 57 -75.46 3.26 14.12
C ILE KA 57 -76.45 4.39 14.37
N PRO KA 58 -77.41 4.24 15.27
CA PRO KA 58 -78.33 5.34 15.55
C PRO KA 58 -77.62 6.55 16.14
N ARG KA 59 -77.91 7.72 15.58
CA ARG KA 59 -77.42 8.99 16.10
C ARG KA 59 -78.49 10.04 15.89
N VAL KA 60 -78.30 11.19 16.53
CA VAL KA 60 -79.11 12.37 16.29
C VAL KA 60 -78.18 13.58 16.23
N TYR KA 61 -78.42 14.44 15.24
CA TYR KA 61 -77.69 15.69 15.10
C TYR KA 61 -78.66 16.86 15.27
N ALA KA 62 -78.22 17.88 15.99
CA ALA KA 62 -78.99 19.11 16.15
C ALA KA 62 -78.14 20.28 15.67
N ARG KA 63 -78.62 20.97 14.65
CA ARG KA 63 -77.91 22.15 14.17
C ARG KA 63 -78.33 23.38 14.96
N TYR KA 64 -77.36 24.10 15.46
CA TYR KA 64 -77.56 25.35 16.16
C TYR KA 64 -77.18 26.51 15.23
N GLU KA 65 -77.16 27.72 15.78
CA GLU KA 65 -76.88 28.89 14.96
C GLU KA 65 -75.46 28.84 14.40
N PHE KA 66 -75.29 29.48 13.24
CA PHE KA 66 -73.99 29.69 12.60
C PHE KA 66 -73.27 28.38 12.27
N GLY KA 67 -74.01 27.29 12.13
CA GLY KA 67 -73.42 26.03 11.74
C GLY KA 67 -72.92 25.16 12.87
N ARG KA 68 -73.33 25.43 14.11
CA ARG KA 68 -72.91 24.63 15.25
C ARG KA 68 -73.81 23.41 15.37
N GLU KA 69 -73.20 22.26 15.62
CA GLU KA 69 -73.91 20.99 15.68
C GLU KA 69 -73.49 20.22 16.92
N LYS KA 70 -74.43 19.43 17.43
CA LYS KA 70 -74.15 18.47 18.49
C LYS KA 70 -74.75 17.13 18.09
N MET KA 71 -73.97 16.07 18.25
CA MET KA 71 -74.45 14.73 17.94
C MET KA 71 -74.50 13.89 19.21
N GLU KA 72 -75.46 12.97 19.26
CA GLU KA 72 -75.63 12.07 20.39
C GLU KA 72 -75.93 10.67 19.87
N SER KA 73 -75.17 9.69 20.35
CA SER KA 73 -75.38 8.31 19.92
C SER KA 73 -76.61 7.72 20.61
N LEU KA 74 -77.45 7.05 19.83
CA LEU KA 74 -78.66 6.41 20.33
C LEU KA 74 -78.51 4.90 20.46
N GLU KA 75 -77.31 4.37 20.31
CA GLU KA 75 -77.09 2.93 20.36
C GLU KA 75 -77.30 2.41 21.77
N GLY KA 76 -77.89 1.21 21.88
CA GLY KA 76 -78.14 0.61 23.17
C GLY KA 76 -79.04 1.42 24.06
N LEU KA 77 -79.80 2.35 23.50
CA LEU KA 77 -80.63 3.28 24.25
C LEU KA 77 -82.10 2.99 23.97
N THR KA 78 -82.89 2.85 25.02
CA THR KA 78 -84.32 2.68 24.83
C THR KA 78 -84.96 4.00 24.39
N ASP KA 79 -86.18 3.91 23.87
CA ASP KA 79 -86.86 5.07 23.32
C ASP KA 79 -86.99 6.18 24.36
N LYS KA 80 -87.30 5.83 25.60
CA LYS KA 80 -87.45 6.84 26.63
C LYS KA 80 -86.16 7.62 26.84
N GLN KA 81 -85.03 6.92 26.91
CA GLN KA 81 -83.74 7.60 26.98
C GLN KA 81 -83.46 8.36 25.69
N ILE KA 82 -83.83 7.78 24.55
CA ILE KA 82 -83.76 8.51 23.28
C ILE KA 82 -84.60 9.79 23.36
N GLU KA 83 -85.79 9.69 23.95
CA GLU KA 83 -86.64 10.86 24.13
C GLU KA 83 -85.95 11.91 24.99
N GLU KA 84 -85.28 11.48 26.07
CA GLU KA 84 -84.59 12.42 26.94
C GLU KA 84 -83.30 12.92 26.30
N THR KA 85 -82.63 12.08 25.52
CA THR KA 85 -81.42 12.51 24.83
C THR KA 85 -81.70 13.68 23.90
N VAL KA 86 -82.83 13.62 23.18
CA VAL KA 86 -83.22 14.73 22.33
C VAL KA 86 -83.60 15.94 23.16
N ALA KA 87 -84.22 15.71 24.33
CA ALA KA 87 -84.70 16.82 25.15
C ALA KA 87 -83.56 17.75 25.55
N LYS KA 88 -82.38 17.21 25.84
CA LYS KA 88 -81.25 18.05 26.19
C LYS KA 88 -80.83 18.94 25.02
N LEU KA 89 -80.86 18.39 23.80
CA LEU KA 89 -80.35 19.11 22.63
C LEU KA 89 -81.26 20.25 22.19
N VAL KA 90 -82.46 20.38 22.77
CA VAL KA 90 -83.50 21.23 22.20
C VAL KA 90 -84.09 22.21 23.20
N LYS KA 91 -83.71 22.14 24.47
CA LYS KA 91 -84.33 22.98 25.50
C LYS KA 91 -83.27 23.80 26.21
N THR KA 92 -83.51 25.10 26.33
CA THR KA 92 -82.60 26.00 27.05
C THR KA 92 -83.32 27.26 27.47
N THR LA 4 11.95 -32.37 -20.91
CA THR LA 4 11.84 -32.63 -22.34
C THR LA 4 13.00 -31.98 -23.10
N THR LA 5 13.41 -30.80 -22.65
CA THR LA 5 14.54 -30.14 -23.28
C THR LA 5 15.82 -30.93 -22.99
N PRO LA 6 16.68 -31.12 -24.00
CA PRO LA 6 17.87 -31.96 -23.81
C PRO LA 6 18.87 -31.30 -22.88
N ARG LA 7 19.80 -31.96 -22.34
CA ARG LA 7 20.79 -31.38 -21.41
C ARG LA 7 22.09 -31.41 -22.18
N PHE LA 8 22.86 -30.41 -22.08
CA PHE LA 8 24.05 -30.22 -22.89
C PHE LA 8 25.18 -31.16 -22.48
N TRP LA 9 25.45 -31.28 -21.18
CA TRP LA 9 26.64 -32.01 -20.75
C TRP LA 9 26.47 -33.51 -20.88
N SER LA 10 25.24 -34.01 -20.89
CA SER LA 10 25.05 -35.45 -21.11
C SER LA 10 25.04 -35.78 -22.60
N THR LA 11 24.23 -35.06 -23.38
CA THR LA 11 24.14 -35.25 -24.83
C THR LA 11 24.44 -33.93 -25.54
N PRO LA 12 25.73 -33.67 -25.84
CA PRO LA 12 26.08 -32.35 -26.42
C PRO LA 12 25.51 -32.12 -27.81
N LEU LA 13 25.49 -33.13 -28.67
CA LEU LA 13 25.02 -32.92 -30.03
C LEU LA 13 23.51 -32.73 -30.11
N LYS LA 14 22.76 -33.51 -29.32
CA LYS LA 14 21.31 -33.35 -29.30
C LYS LA 14 20.91 -31.96 -28.82
N TYR LA 15 21.61 -31.44 -27.81
CA TYR LA 15 21.35 -30.08 -27.34
C TYR LA 15 21.59 -29.06 -28.45
N CYS LA 16 22.66 -29.24 -29.22
CA CYS LA 16 23.00 -28.30 -30.28
C CYS LA 16 21.90 -28.22 -31.33
N ARG LA 17 21.36 -29.36 -31.75
CA ARG LA 17 20.25 -29.35 -32.70
C ARG LA 17 19.02 -28.67 -32.12
N TRP LA 18 18.71 -28.95 -30.86
CA TRP LA 18 17.55 -28.32 -30.22
C TRP LA 18 17.71 -26.81 -30.15
N ALA LA 19 18.91 -26.35 -29.77
CA ALA LA 19 19.15 -24.91 -29.63
C ALA LA 19 19.05 -24.22 -30.99
N ALA LA 20 19.54 -24.86 -32.05
CA ALA LA 20 19.40 -24.28 -33.39
C ALA LA 20 17.93 -24.12 -33.76
N ARG LA 21 17.08 -25.03 -33.32
CA ARG LA 21 15.68 -25.02 -33.71
C ARG LA 21 14.79 -24.28 -32.72
N GLU LA 22 15.14 -24.25 -31.44
CA GLU LA 22 14.25 -23.70 -30.43
C GLU LA 22 14.73 -22.39 -29.83
N ARG LA 23 16.03 -22.09 -29.90
CA ARG LA 23 16.56 -20.79 -29.50
C ARG LA 23 17.49 -20.27 -30.60
N PRO LA 24 16.94 -20.06 -31.81
CA PRO LA 24 17.82 -19.73 -32.94
C PRO LA 24 18.64 -18.46 -32.76
N ALA LA 25 18.05 -17.42 -32.18
CA ALA LA 25 18.77 -16.17 -32.00
C ALA LA 25 19.93 -16.33 -31.03
N LEU LA 26 19.70 -17.04 -29.91
CA LEU LA 26 20.77 -17.25 -28.95
C LEU LA 26 21.82 -18.22 -29.48
N PHE LA 27 21.38 -19.29 -30.14
CA PHE LA 27 22.32 -20.30 -30.62
C PHE LA 27 23.26 -19.73 -31.67
N PHE LA 28 22.73 -18.99 -32.64
CA PHE LA 28 23.55 -18.52 -33.74
C PHE LA 28 24.36 -17.27 -33.40
N SER LA 29 24.00 -16.56 -32.33
CA SER LA 29 24.89 -15.54 -31.79
C SER LA 29 26.19 -16.18 -31.30
N VAL LA 30 26.08 -17.32 -30.60
CA VAL LA 30 27.25 -18.04 -30.15
C VAL LA 30 28.05 -18.57 -31.34
N VAL LA 31 27.35 -18.99 -32.40
CA VAL LA 31 28.05 -19.50 -33.58
C VAL LA 31 28.79 -18.39 -34.31
N ILE LA 32 28.13 -17.25 -34.51
CA ILE LA 32 28.78 -16.12 -35.16
C ILE LA 32 29.90 -15.57 -34.28
N GLY LA 33 29.68 -15.50 -32.98
CA GLY LA 33 30.71 -15.01 -32.08
C GLY LA 33 31.95 -15.89 -32.09
N ALA LA 34 31.76 -17.20 -32.24
CA ALA LA 34 32.89 -18.12 -32.30
C ALA LA 34 33.57 -18.12 -33.66
N LEU LA 35 32.94 -17.58 -34.69
CA LEU LA 35 33.58 -17.49 -36.00
C LEU LA 35 34.67 -16.44 -36.03
N GLY LA 36 34.64 -15.46 -35.14
CA GLY LA 36 35.70 -14.50 -35.01
C GLY LA 36 37.04 -15.17 -34.80
N PRO LA 37 37.17 -15.90 -33.69
CA PRO LA 37 38.42 -16.67 -33.46
C PRO LA 37 38.73 -17.68 -34.55
N VAL LA 38 37.71 -18.30 -35.16
CA VAL LA 38 37.98 -19.34 -36.14
C VAL LA 38 38.66 -18.75 -37.39
N THR LA 39 38.14 -17.62 -37.88
CA THR LA 39 38.80 -16.97 -39.01
C THR LA 39 40.14 -16.36 -38.61
N LEU LA 40 40.32 -16.01 -37.33
CA LEU LA 40 41.62 -15.53 -36.88
C LEU LA 40 42.69 -16.62 -36.89
N ALA LA 41 42.28 -17.88 -36.98
CA ALA LA 41 43.21 -19.01 -36.99
C ALA LA 41 43.36 -19.65 -38.36
N THR LA 42 42.34 -19.55 -39.21
CA THR LA 42 42.34 -20.24 -40.49
C THR LA 42 42.83 -19.37 -41.64
N VAL LA 43 42.22 -18.21 -41.83
CA VAL LA 43 42.43 -17.40 -43.03
C VAL LA 43 43.87 -16.92 -43.17
N PRO LA 44 44.49 -16.28 -42.16
CA PRO LA 44 45.85 -15.76 -42.34
C PRO LA 44 46.87 -16.84 -42.67
N PRO LA 45 46.77 -18.05 -42.09
CA PRO LA 45 47.58 -19.15 -42.64
C PRO LA 45 47.22 -19.50 -44.06
N LEU LA 46 45.87 -19.60 -44.33
CA LEU LA 46 45.42 -19.83 -45.74
C LEU LA 46 46.00 -18.77 -46.65
N ARG LA 47 45.92 -17.51 -46.32
CA ARG LA 47 46.35 -16.43 -47.20
C ARG LA 47 47.83 -16.51 -47.51
N ARG LA 48 48.64 -16.91 -46.53
CA ARG LA 48 50.07 -17.08 -46.75
C ARG LA 48 50.34 -18.15 -47.81
N LEU LA 49 49.64 -19.29 -47.72
CA LEU LA 49 49.87 -20.39 -48.64
C LEU LA 49 49.56 -19.99 -50.08
N ILE LA 50 48.43 -19.31 -50.30
CA ILE LA 50 48.06 -18.89 -51.65
C ILE LA 50 48.91 -17.74 -52.17
N GLY LA 51 49.66 -17.07 -51.30
CA GLY LA 51 50.45 -15.93 -51.71
C GLY LA 51 49.81 -14.58 -51.49
N ASP LA 52 48.69 -14.51 -50.77
CA ASP LA 52 48.08 -13.24 -50.43
C ASP LA 52 48.89 -12.56 -49.33
N VAL LA 53 49.82 -11.72 -49.72
CA VAL LA 53 50.76 -11.12 -48.78
C VAL LA 53 50.15 -9.87 -48.18
N ASP LA 54 50.55 -9.56 -46.95
CA ASP LA 54 50.07 -8.36 -46.29
C ASP LA 54 50.79 -7.13 -46.84
N ALA LA 55 50.03 -6.06 -47.04
CA ALA LA 55 50.60 -4.79 -47.45
C ALA LA 55 51.43 -4.21 -46.30
N ALA LA 56 52.51 -3.54 -46.67
CA ALA LA 56 53.31 -2.84 -45.69
C ALA LA 56 52.52 -1.65 -45.13
N PRO LA 57 52.77 -1.26 -43.89
CA PRO LA 57 52.10 -0.07 -43.34
C PRO LA 57 52.48 1.17 -44.13
N ILE LA 58 51.48 2.05 -44.31
CA ILE LA 58 51.72 3.33 -44.98
C ILE LA 58 52.46 4.23 -43.99
N PRO LA 59 53.25 5.20 -44.45
CA PRO LA 59 53.92 6.10 -43.51
C PRO LA 59 52.92 7.04 -42.86
N LEU LA 60 52.99 7.15 -41.54
CA LEU LA 60 52.22 8.13 -40.80
C LEU LA 60 53.10 9.16 -40.11
N THR LA 61 54.40 9.15 -40.41
CA THR LA 61 55.35 10.15 -39.97
C THR LA 61 56.40 10.27 -41.06
N TYR LA 62 57.21 11.33 -41.00
CA TYR LA 62 58.25 11.49 -41.98
C TYR LA 62 59.23 10.32 -41.88
N PRO LA 63 59.55 9.65 -42.97
CA PRO LA 63 60.44 8.49 -42.91
C PRO LA 63 61.91 8.88 -42.90
N ILE LA 64 62.41 9.24 -41.72
CA ILE LA 64 63.83 9.68 -41.57
C ILE LA 64 64.76 8.56 -42.05
N PRO LA 65 65.70 8.84 -42.97
CA PRO LA 65 66.61 7.81 -43.45
C PRO LA 65 67.58 7.34 -42.36
N PRO LA 66 67.73 6.02 -42.16
CA PRO LA 66 68.70 5.50 -41.20
C PRO LA 66 70.14 5.71 -41.69
N GLY LA 67 71.09 6.01 -40.77
CA GLY LA 67 72.51 6.08 -41.17
C GLY LA 67 73.10 7.49 -41.08
N PRO LA 68 74.42 7.74 -41.31
CA PRO LA 68 74.93 9.11 -41.29
C PRO LA 68 74.49 9.89 -42.51
N ARG LA 69 74.57 11.21 -42.39
CA ARG LA 69 74.20 12.10 -43.49
C ARG LA 69 75.17 11.93 -44.66
N LYS LA 70 74.65 12.13 -45.87
CA LYS LA 70 75.33 11.75 -47.09
C LYS LA 70 76.37 12.76 -47.56
N GLN LA 71 76.45 13.93 -46.94
CA GLN LA 71 77.40 14.98 -47.33
C GLN LA 71 77.21 15.39 -48.79
N LEU LA 72 76.04 15.93 -49.07
CA LEU LA 72 75.71 16.39 -50.41
C LEU LA 72 76.44 17.69 -50.74
N LYS LA 73 76.76 17.87 -52.02
CA LYS LA 73 77.36 19.09 -52.54
C LYS LA 73 76.54 19.56 -53.73
N GLY LA 74 75.64 20.50 -53.49
CA GLY LA 74 74.77 21.00 -54.56
C GLY LA 74 73.75 22.00 -54.07
N TYR LA 75 73.38 22.96 -54.93
CA TYR LA 75 72.40 23.99 -54.63
C TYR LA 75 72.82 24.86 -53.46
N ASP LA 76 74.13 25.10 -53.33
CA ASP LA 76 74.62 25.98 -52.28
C ASP LA 76 74.22 27.42 -52.57
N ASP LA 77 74.67 28.33 -51.69
CA ASP LA 77 74.23 29.71 -51.77
C ASP LA 77 74.72 30.39 -53.05
N ASP LA 78 75.93 30.04 -53.49
CA ASP LA 78 76.46 30.60 -54.73
C ASP LA 78 75.62 30.22 -55.95
N THR LA 79 74.79 29.17 -55.84
CA THR LA 79 73.92 28.76 -56.93
C THR LA 79 72.68 29.64 -57.06
N GLU LA 80 72.36 30.44 -56.04
CA GLU LA 80 71.21 31.33 -56.12
C GLU LA 80 71.46 32.41 -57.17
N ASP LA 81 70.39 32.78 -57.87
CA ASP LA 81 70.44 33.77 -58.95
C ASP LA 81 71.46 33.39 -60.01
N MET MA 1 -8.55 7.12 -58.20
CA MET MA 1 -7.32 6.51 -58.71
C MET MA 1 -7.45 6.36 -60.20
N SER MA 2 -7.08 7.39 -60.92
CA SER MA 2 -6.99 7.13 -62.35
C SER MA 2 -5.61 6.47 -62.48
N TYR MA 3 -5.36 5.92 -63.62
CA TYR MA 3 -4.06 5.30 -63.88
C TYR MA 3 -3.59 6.08 -65.11
N PRO MA 4 -2.29 6.13 -65.42
CA PRO MA 4 -1.82 6.93 -66.57
C PRO MA 4 -2.60 6.84 -67.90
N THR MA 5 -2.83 5.65 -68.41
CA THR MA 5 -3.47 5.49 -69.71
C THR MA 5 -4.91 6.01 -69.69
N ARG MA 6 -5.64 5.77 -68.60
CA ARG MA 6 -6.97 6.33 -68.47
C ARG MA 6 -6.95 7.85 -68.48
N THR MA 7 -6.11 8.46 -67.63
CA THR MA 7 -6.10 9.95 -67.53
C THR MA 7 -5.60 10.58 -68.83
N LEU MA 8 -4.59 10.01 -69.46
CA LEU MA 8 -4.00 10.55 -70.71
C LEU MA 8 -5.06 10.56 -71.81
N ALA MA 9 -5.82 9.46 -71.93
CA ALA MA 9 -6.90 9.36 -72.93
C ALA MA 9 -8.00 10.37 -72.68
N ASN MA 10 -8.45 10.53 -71.44
CA ASN MA 10 -9.58 11.42 -71.11
C ASN MA 10 -9.16 12.87 -71.34
N LEU MA 11 -7.87 13.17 -71.00
CA LEU MA 11 -7.28 14.50 -71.29
C LEU MA 11 -7.43 14.79 -72.80
N ARG MA 12 -7.04 13.87 -73.65
CA ARG MA 12 -7.10 14.06 -75.11
C ARG MA 12 -8.55 14.25 -75.57
N LYS MA 13 -9.48 13.48 -75.02
CA LYS MA 13 -10.91 13.58 -75.36
C LYS MA 13 -11.53 14.88 -74.80
N ILE MA 14 -10.95 15.48 -73.76
CA ILE MA 14 -11.61 16.67 -73.15
C ILE MA 14 -10.83 18.00 -73.25
N GLY MA 15 -9.49 18.01 -73.34
CA GLY MA 15 -8.67 19.26 -73.35
C GLY MA 15 -8.21 19.69 -71.97
N LEU MA 16 -7.24 20.58 -71.85
CA LEU MA 16 -6.62 20.86 -70.53
C LEU MA 16 -7.49 21.76 -69.68
N LYS MA 17 -8.15 22.72 -70.29
CA LYS MA 17 -9.11 23.59 -69.57
C LYS MA 17 -10.18 22.74 -68.89
N GLU MA 18 -10.87 21.88 -69.68
CA GLU MA 18 -11.90 21.03 -69.07
C GLU MA 18 -11.28 20.12 -68.02
N TYR MA 19 -10.09 19.59 -68.33
CA TYR MA 19 -9.38 18.70 -67.40
C TYR MA 19 -9.16 19.41 -66.05
N PHE MA 20 -8.65 20.64 -66.07
CA PHE MA 20 -8.37 21.35 -64.84
C PHE MA 20 -9.66 21.70 -64.10
N ARG MA 21 -10.68 22.14 -64.82
CA ARG MA 21 -11.99 22.39 -64.18
C ARG MA 21 -12.49 21.09 -63.50
N GLN MA 22 -12.48 19.96 -64.20
CA GLN MA 22 -12.91 18.71 -63.58
C GLN MA 22 -12.07 18.41 -62.34
N LEU MA 23 -10.77 18.70 -62.41
CA LEU MA 23 -9.91 18.52 -61.25
C LEU MA 23 -10.26 19.49 -60.13
N LEU MA 24 -11.02 20.48 -60.34
CA LEU MA 24 -11.36 21.48 -59.31
C LEU MA 24 -12.60 21.07 -58.51
N TYR MA 25 -13.50 20.21 -59.10
CA TYR MA 25 -14.67 19.78 -58.33
C TYR MA 25 -14.66 18.28 -58.03
N ILE MA 26 -14.64 17.42 -59.05
CA ILE MA 26 -14.74 16.00 -58.78
C ILE MA 26 -13.39 15.42 -58.37
N GLY MA 27 -12.30 16.07 -58.75
CA GLY MA 27 -10.99 15.56 -58.44
C GLY MA 27 -10.58 14.35 -59.25
N ASP MA 28 -11.21 14.14 -60.40
CA ASP MA 28 -10.88 13.03 -61.27
C ASP MA 28 -10.95 13.51 -62.71
N THR MA 29 -10.52 12.65 -63.62
CA THR MA 29 -10.55 12.95 -65.07
C THR MA 29 -11.56 11.98 -65.67
N LYS MA 30 -12.79 12.43 -65.80
CA LYS MA 30 -13.88 11.58 -66.27
C LYS MA 30 -14.39 12.11 -67.61
N TYR MA 31 -14.74 11.16 -68.48
CA TYR MA 31 -15.32 11.50 -69.79
C TYR MA 31 -16.42 10.50 -70.12
N GLY MA 32 -17.51 11.00 -70.69
CA GLY MA 32 -18.59 10.11 -71.06
C GLY MA 32 -19.58 10.82 -71.95
N GLU MA 33 -20.67 10.13 -72.24
CA GLU MA 33 -21.71 10.68 -73.09
C GLU MA 33 -22.74 11.41 -72.24
N LEU MA 34 -23.22 12.53 -72.74
CA LEU MA 34 -24.20 13.34 -72.03
C LEU MA 34 -25.56 12.65 -72.09
N VAL MA 35 -26.07 12.23 -70.93
CA VAL MA 35 -27.36 11.57 -70.87
C VAL MA 35 -28.50 12.58 -70.89
N GLY MA 36 -28.30 13.74 -70.30
CA GLY MA 36 -29.33 14.76 -70.25
C GLY MA 36 -29.02 15.81 -69.22
N VAL MA 37 -29.92 16.80 -69.15
CA VAL MA 37 -29.79 17.93 -68.23
C VAL MA 37 -31.09 18.03 -67.44
N ASP MA 38 -30.97 18.37 -66.15
CA ASP MA 38 -32.14 18.53 -65.30
C ASP MA 38 -32.57 20.00 -65.23
N LYS MA 39 -33.68 20.23 -64.52
CA LYS MA 39 -34.24 21.57 -64.45
C LYS MA 39 -33.28 22.57 -63.81
N PHE MA 40 -32.46 22.13 -62.86
CA PHE MA 40 -31.54 23.02 -62.19
C PHE MA 40 -30.29 23.32 -63.00
N GLY MA 41 -30.06 22.58 -64.09
CA GLY MA 41 -28.88 22.77 -64.90
C GLY MA 41 -27.78 21.76 -64.69
N ASN MA 42 -27.98 20.76 -63.83
CA ASN MA 42 -27.01 19.71 -63.67
C ASN MA 42 -26.95 18.84 -64.92
N LYS MA 43 -25.73 18.47 -65.32
CA LYS MA 43 -25.50 17.61 -66.47
C LYS MA 43 -25.17 16.20 -66.02
N PHE MA 44 -25.78 15.21 -66.64
CA PHE MA 44 -25.63 13.81 -66.27
C PHE MA 44 -24.99 13.03 -67.40
N TYR MA 45 -24.02 12.18 -67.05
CA TYR MA 45 -23.21 11.47 -68.01
C TYR MA 45 -23.20 9.98 -67.70
N GLU MA 46 -22.96 9.18 -68.74
CA GLU MA 46 -22.83 7.74 -68.60
C GLU MA 46 -21.61 7.26 -69.37
N ASN MA 47 -20.90 6.29 -68.79
CA ASN MA 47 -19.86 5.55 -69.47
C ASN MA 47 -19.82 4.16 -68.87
N LYS MA 48 -20.14 3.14 -69.65
CA LYS MA 48 -20.30 1.76 -69.11
C LYS MA 48 -18.97 1.01 -69.03
N GLU MA 49 -17.86 1.65 -69.38
CA GLU MA 49 -16.56 1.03 -69.21
C GLU MA 49 -15.84 1.50 -67.96
N GLU MA 50 -16.47 2.33 -67.15
CA GLU MA 50 -15.90 2.74 -65.88
C GLU MA 50 -15.98 1.61 -64.86
N LEU MA 51 -15.45 1.87 -63.68
CA LEU MA 51 -15.59 0.94 -62.58
C LEU MA 51 -17.06 0.89 -62.14
N PRO MA 52 -17.50 -0.25 -61.54
CA PRO MA 52 -18.85 -0.35 -61.01
C PRO MA 52 -19.21 0.81 -60.09
N LEU MA 53 -20.43 1.32 -60.23
CA LEU MA 53 -21.00 2.43 -59.48
C LEU MA 53 -20.39 3.76 -59.88
N ARG MA 54 -19.40 3.78 -60.77
CA ARG MA 54 -18.84 5.00 -61.31
C ARG MA 54 -19.26 5.22 -62.76
N THR MA 55 -20.19 4.43 -63.27
CA THR MA 55 -20.62 4.52 -64.66
C THR MA 55 -21.59 5.68 -64.91
N ARG MA 56 -22.17 6.24 -63.86
CA ARG MA 56 -23.03 7.42 -63.97
C ARG MA 56 -22.50 8.49 -63.03
N TRP MA 57 -22.58 9.74 -63.46
CA TRP MA 57 -22.11 10.83 -62.62
C TRP MA 57 -22.75 12.14 -63.08
N VAL MA 58 -22.70 13.14 -62.22
CA VAL MA 58 -23.33 14.43 -62.45
C VAL MA 58 -22.26 15.51 -62.41
N ASP MA 59 -22.38 16.49 -63.31
CA ASP MA 59 -21.63 17.74 -63.25
C ASP MA 59 -22.61 18.80 -62.78
N TYR MA 60 -22.38 19.33 -61.57
CA TYR MA 60 -23.35 20.22 -60.97
C TYR MA 60 -23.33 21.60 -61.62
N ALA MA 61 -24.52 22.18 -61.79
CA ALA MA 61 -24.62 23.51 -62.38
C ALA MA 61 -23.98 24.59 -61.51
N LYS MA 62 -23.91 24.36 -60.21
CA LYS MA 62 -23.57 25.40 -59.26
C LYS MA 62 -22.23 25.12 -58.59
N HIS MA 63 -21.45 26.18 -58.39
CA HIS MA 63 -20.12 26.02 -57.80
C HIS MA 63 -20.19 25.40 -56.41
N ASP MA 64 -21.03 25.97 -55.55
CA ASP MA 64 -21.31 25.35 -54.25
C ASP MA 64 -22.24 24.18 -54.45
N TYR MA 65 -21.73 23.11 -55.07
CA TYR MA 65 -22.56 21.95 -55.37
C TYR MA 65 -23.07 21.31 -54.08
N ASP MA 66 -24.33 20.92 -54.10
CA ASP MA 66 -24.95 20.19 -53.01
C ASP MA 66 -25.76 19.04 -53.60
N ALA MA 67 -25.77 17.91 -52.91
CA ALA MA 67 -26.41 16.71 -53.44
C ALA MA 67 -27.93 16.86 -53.58
N ALA MA 68 -28.55 17.79 -52.87
CA ALA MA 68 -29.99 18.00 -52.96
C ALA MA 68 -30.40 18.81 -54.18
N HIS MA 69 -29.44 19.32 -54.96
CA HIS MA 69 -29.75 20.09 -56.16
C HIS MA 69 -30.26 19.21 -57.30
N ILE MA 70 -30.18 17.90 -57.18
CA ILE MA 70 -30.54 17.00 -58.27
C ILE MA 70 -32.06 16.92 -58.38
N GLU MA 71 -32.56 17.04 -59.61
CA GLU MA 71 -33.98 16.88 -59.86
C GLU MA 71 -34.43 15.49 -59.41
N PRO MA 72 -35.63 15.37 -58.82
CA PRO MA 72 -36.11 14.07 -58.34
C PRO MA 72 -35.90 12.89 -59.27
N MET MA 73 -36.45 12.89 -60.49
CA MET MA 73 -36.37 11.68 -61.30
C MET MA 73 -34.93 11.35 -61.66
N TRP MA 74 -34.10 12.38 -61.88
CA TRP MA 74 -32.68 12.13 -62.11
C TRP MA 74 -32.00 11.55 -60.88
N HIS MA 75 -32.51 11.88 -59.68
CA HIS MA 75 -31.95 11.31 -58.46
C HIS MA 75 -32.06 9.79 -58.47
N ALA MA 76 -33.20 9.26 -58.96
CA ALA MA 76 -33.34 7.82 -59.10
C ALA MA 76 -32.34 7.26 -60.10
N TRP MA 77 -32.12 7.96 -61.21
CA TRP MA 77 -31.25 7.46 -62.26
C TRP MA 77 -29.80 7.38 -61.80
N ILE MA 78 -29.28 8.46 -61.20
CA ILE MA 78 -27.89 8.46 -60.79
C ILE MA 78 -27.62 7.49 -59.64
N SER MA 79 -28.63 7.15 -58.85
CA SER MA 79 -28.46 6.20 -57.76
C SER MA 79 -28.77 4.77 -58.19
N TYR MA 80 -28.87 4.52 -59.49
CA TYR MA 80 -29.11 3.20 -60.07
C TYR MA 80 -30.41 2.57 -59.60
N GLN MA 81 -31.36 3.39 -59.13
CA GLN MA 81 -32.66 2.87 -58.77
C GLN MA 81 -33.50 2.57 -60.01
N VAL MA 82 -33.23 3.26 -61.12
CA VAL MA 82 -33.81 2.95 -62.42
C VAL MA 82 -32.68 2.93 -63.44
N ASP MA 83 -32.97 2.35 -64.60
CA ASP MA 83 -32.04 2.37 -65.73
C ASP MA 83 -32.48 3.32 -66.83
N THR MA 84 -33.76 3.61 -66.95
CA THR MA 84 -34.24 4.53 -67.96
C THR MA 84 -34.03 5.96 -67.48
N PRO MA 85 -33.29 6.78 -68.20
CA PRO MA 85 -33.12 8.18 -67.80
C PRO MA 85 -34.42 8.95 -67.91
N PRO MA 86 -34.58 10.03 -67.16
CA PRO MA 86 -35.82 10.82 -67.25
C PRO MA 86 -36.13 11.31 -68.65
N THR MA 87 -35.11 11.46 -69.50
CA THR MA 87 -35.35 11.86 -70.89
C THR MA 87 -36.25 10.86 -71.62
N ARG MA 88 -36.27 9.60 -71.17
CA ARG MA 88 -37.13 8.58 -71.76
C ARG MA 88 -38.15 8.02 -70.77
N GLU MA 89 -38.46 8.76 -69.70
CA GLU MA 89 -39.28 8.21 -68.63
C GLU MA 89 -40.69 8.75 -68.75
N PRO MA 90 -41.67 7.93 -69.12
CA PRO MA 90 -43.05 8.44 -69.30
C PRO MA 90 -43.66 9.06 -68.06
N LEU MA 91 -43.32 8.59 -66.86
CA LEU MA 91 -43.91 9.15 -65.65
C LEU MA 91 -43.51 10.61 -65.43
N THR MA 92 -42.47 11.09 -66.13
CA THR MA 92 -42.08 12.48 -66.06
C THR MA 92 -42.91 13.36 -66.99
N GLN MA 93 -43.82 12.73 -67.69
CA GLN MA 93 -44.59 13.47 -68.72
C GLN MA 93 -46.03 13.74 -68.28
N ILE MA 94 -46.49 13.15 -67.18
CA ILE MA 94 -47.84 13.39 -66.66
C ILE MA 94 -47.92 14.84 -66.22
N GLU MA 95 -48.95 15.55 -66.68
CA GLU MA 95 -49.08 16.98 -66.41
C GLU MA 95 -49.74 17.17 -65.05
N ARG MA 96 -49.00 17.71 -64.10
CA ARG MA 96 -49.53 18.01 -62.77
C ARG MA 96 -49.42 19.50 -62.52
N PRO MA 97 -50.50 20.26 -62.72
CA PRO MA 97 -50.42 21.72 -62.54
C PRO MA 97 -50.05 22.14 -61.12
N TRP MA 98 -50.21 21.26 -60.12
CA TRP MA 98 -49.80 21.56 -58.76
C TRP MA 98 -48.33 21.29 -58.51
N ALA MA 99 -47.66 20.60 -59.42
CA ALA MA 99 -46.26 20.25 -59.21
C ALA MA 99 -45.40 21.50 -59.09
N PRO MA 100 -44.43 21.53 -58.19
CA PRO MA 100 -43.55 22.70 -58.10
C PRO MA 100 -42.85 22.97 -59.42
N LYS MA 101 -42.86 24.23 -59.84
CA LYS MA 101 -42.32 24.59 -61.14
C LYS MA 101 -40.81 24.75 -61.09
N GLU MA 102 -40.32 25.60 -60.19
CA GLU MA 102 -38.89 25.70 -59.95
C GLU MA 102 -38.43 24.59 -59.00
N HIS MA 103 -37.15 24.25 -59.10
CA HIS MA 103 -36.60 23.17 -58.29
C HIS MA 103 -36.61 23.55 -56.81
N VAL MA 104 -36.81 22.54 -55.97
CA VAL MA 104 -36.82 22.74 -54.52
C VAL MA 104 -35.58 22.07 -53.95
N PRO MA 105 -34.55 22.82 -53.60
CA PRO MA 105 -33.39 22.26 -52.93
C PRO MA 105 -33.64 22.22 -51.43
N ASN MA 106 -32.68 21.66 -50.69
CA ASN MA 106 -32.74 21.73 -49.23
C ASN MA 106 -32.59 23.18 -48.80
N ARG MA 107 -33.50 23.65 -47.96
CA ARG MA 107 -33.52 25.05 -47.55
C ARG MA 107 -33.01 25.26 -46.14
N SER MA 108 -32.50 24.22 -45.48
CA SER MA 108 -31.90 24.39 -44.17
C SER MA 108 -30.68 25.30 -44.26
N PHE MA 109 -30.38 25.96 -43.15
CA PHE MA 109 -29.28 26.92 -42.99
C PHE MA 109 -29.51 28.22 -43.74
N THR MA 110 -30.70 28.43 -44.28
CA THR MA 110 -31.11 29.68 -44.90
C THR MA 110 -32.34 30.21 -44.18
N ARG MA 111 -32.89 31.32 -44.68
CA ARG MA 111 -34.12 31.86 -44.15
C ARG MA 111 -35.35 31.27 -44.82
N GLY MA 112 -35.16 30.39 -45.79
CA GLY MA 112 -36.22 29.61 -46.37
C GLY MA 112 -36.45 28.28 -45.69
N ALA MA 113 -35.78 28.03 -44.57
CA ALA MA 113 -35.91 26.76 -43.88
C ALA MA 113 -37.35 26.55 -43.43
N TYR MA 114 -37.81 25.31 -43.51
CA TYR MA 114 -39.19 24.98 -43.18
C TYR MA 114 -39.48 25.24 -41.71
N LYS MA 115 -40.56 25.97 -41.45
CA LYS MA 115 -41.04 26.21 -40.11
C LYS MA 115 -42.29 25.40 -39.85
N PRO MA 116 -42.28 24.45 -38.93
CA PRO MA 116 -43.50 23.70 -38.60
C PRO MA 116 -44.49 24.56 -37.83
N TYR MA 117 -45.75 24.11 -37.82
CA TYR MA 117 -46.78 24.76 -37.02
C TYR MA 117 -47.97 23.82 -36.86
N ASN MA 118 -48.77 24.10 -35.84
CA ASN MA 118 -50.07 23.46 -35.70
C ASN MA 118 -50.97 23.81 -36.88
N THR MA 119 -51.56 22.80 -37.49
CA THR MA 119 -52.48 23.01 -38.60
C THR MA 119 -53.94 22.96 -38.18
N THR MA 120 -54.22 22.83 -36.89
CA THR MA 120 -55.58 22.70 -36.39
C THR MA 120 -55.90 23.83 -35.42
N GLN MA 121 -57.18 23.99 -35.16
CA GLN MA 121 -57.69 25.00 -34.24
C GLN MA 121 -57.58 24.53 -32.79
N PRO MA 122 -57.65 25.44 -31.84
CA PRO MA 122 -57.65 25.03 -30.43
C PRO MA 122 -58.82 24.11 -30.11
N LYS MA 123 -58.58 23.17 -29.20
CA LYS MA 123 -59.58 22.15 -28.87
C LYS MA 123 -60.71 22.71 -28.02
N ILE MA 124 -60.51 23.84 -27.36
CA ILE MA 124 -61.46 24.40 -26.42
C ILE MA 124 -61.57 25.89 -26.69
N GLN MA 125 -62.79 26.42 -26.56
CA GLN MA 125 -63.05 27.84 -26.73
C GLN MA 125 -63.64 28.39 -25.45
N SER MA 126 -63.02 29.45 -24.92
CA SER MA 126 -63.53 30.08 -23.72
C SER MA 126 -64.75 30.93 -24.05
N TRP MA 127 -65.55 31.19 -23.02
CA TRP MA 127 -66.66 32.12 -23.15
C TRP MA 127 -66.17 33.50 -23.51
N GLU MA 128 -66.92 34.14 -24.41
CA GLU MA 128 -66.66 35.58 -24.71
C GLU MA 128 -67.49 36.35 -23.67
N PRO MA 129 -66.89 37.06 -22.66
CA PRO MA 129 -67.68 37.67 -21.58
C PRO MA 129 -68.61 38.75 -22.10
N LYS MA 130 -69.87 38.67 -21.68
CA LYS MA 130 -70.91 39.63 -22.07
C LYS MA 130 -71.61 40.08 -20.80
N ALA MA 131 -71.13 41.18 -20.21
CA ALA MA 131 -71.72 41.71 -19.00
C ALA MA 131 -73.11 42.24 -19.31
N ALA MA 132 -74.14 41.53 -18.83
CA ALA MA 132 -75.51 41.98 -19.04
C ALA MA 132 -75.72 43.33 -18.35
N PRO MA 133 -76.40 44.26 -19.00
CA PRO MA 133 -76.61 45.58 -18.38
C PRO MA 133 -77.61 45.51 -17.23
N ARG MA 134 -77.47 46.47 -16.33
CA ARG MA 134 -78.38 46.58 -15.19
C ARG MA 134 -79.59 47.43 -15.54
N PRO NA 5 31.28 -20.06 94.93
CA PRO NA 5 30.74 -20.75 93.76
C PRO NA 5 31.65 -20.64 92.54
N LYS NA 6 31.40 -21.48 91.54
CA LYS NA 6 32.19 -21.51 90.32
C LYS NA 6 31.32 -21.06 89.14
N ILE NA 7 31.84 -20.13 88.35
CA ILE NA 7 31.05 -19.57 87.25
C ILE NA 7 30.78 -20.66 86.21
N PRO NA 8 29.59 -20.71 85.61
CA PRO NA 8 29.34 -21.68 84.55
C PRO NA 8 30.18 -21.39 83.32
N TYR NA 9 30.51 -22.43 82.57
CA TYR NA 9 31.39 -22.26 81.44
C TYR NA 9 31.04 -23.29 80.37
N PRO NA 10 31.24 -22.96 79.10
CA PRO NA 10 30.91 -23.92 78.03
C PRO NA 10 31.80 -25.14 78.08
N LYS NA 11 31.19 -26.31 77.94
CA LYS NA 11 31.94 -27.56 77.95
C LYS NA 11 32.56 -27.87 76.59
N HIS NA 12 32.13 -27.20 75.53
CA HIS NA 12 32.59 -27.51 74.18
C HIS NA 12 33.86 -26.79 73.79
N VAL NA 13 34.38 -25.92 74.67
CA VAL NA 13 35.57 -25.11 74.29
C VAL NA 13 36.86 -25.84 74.71
N TRP NA 14 37.79 -26.03 73.79
CA TRP NA 14 39.06 -26.72 74.09
C TRP NA 14 40.16 -25.67 74.12
N SER NA 15 40.80 -25.49 75.21
CA SER NA 15 41.92 -24.54 75.38
C SER NA 15 43.16 -25.32 75.84
N PRO NA 16 44.36 -25.20 75.34
CA PRO NA 16 45.54 -25.98 75.73
C PRO NA 16 45.98 -25.65 77.16
N ALA NA 17 45.64 -24.47 77.65
CA ALA NA 17 45.97 -24.01 79.02
C ALA NA 17 45.08 -24.74 80.01
N GLY NA 18 44.07 -25.45 79.51
CA GLY NA 18 43.22 -26.30 80.35
C GLY NA 18 41.82 -25.77 80.51
N GLY NA 19 41.65 -24.48 80.50
CA GLY NA 19 40.26 -23.98 80.52
C GLY NA 19 39.82 -23.38 81.84
N TRP NA 20 38.71 -23.85 82.40
CA TRP NA 20 38.11 -23.15 83.54
C TRP NA 20 38.49 -23.74 84.89
N TYR NA 21 38.39 -25.05 85.07
CA TYR NA 21 38.86 -25.59 86.33
C TYR NA 21 39.59 -26.90 86.11
N ALA NA 22 40.29 -27.00 84.97
CA ALA NA 22 40.85 -28.27 84.54
C ALA NA 22 41.88 -28.78 85.52
N GLN NA 23 41.72 -30.04 85.91
CA GLN NA 23 42.76 -30.77 86.64
C GLN NA 23 42.53 -32.24 86.35
N PRO NA 24 43.27 -32.80 85.40
CA PRO NA 24 43.06 -34.20 85.03
C PRO NA 24 43.32 -35.13 86.21
N ALA NA 25 42.62 -36.26 86.21
CA ALA NA 25 42.81 -37.25 87.27
C ALA NA 25 44.26 -37.71 87.34
N ASN NA 26 44.97 -37.69 86.21
CA ASN NA 26 46.38 -38.06 86.15
C ASN NA 26 47.31 -36.87 86.22
N TRP NA 27 46.92 -35.81 86.94
CA TRP NA 27 47.72 -34.58 86.95
C TRP NA 27 49.07 -34.82 87.62
N LYS NA 28 49.11 -35.65 88.66
CA LYS NA 28 50.39 -35.94 89.32
C LYS NA 28 51.35 -36.62 88.37
N GLN NA 29 50.85 -37.58 87.59
CA GLN NA 29 51.72 -38.30 86.65
C GLN NA 29 52.25 -37.37 85.57
N ASN NA 30 51.36 -36.59 84.93
CA ASN NA 30 51.79 -35.71 83.86
C ASN NA 30 52.73 -34.63 84.38
N THR NA 31 52.49 -34.15 85.60
CA THR NA 31 53.40 -33.16 86.20
C THR NA 31 54.78 -33.73 86.44
N ALA NA 32 54.92 -35.05 86.52
CA ALA NA 32 56.23 -35.65 86.70
C ALA NA 32 56.94 -35.84 85.37
N ILE NA 33 56.22 -36.25 84.33
CA ILE NA 33 56.82 -36.42 83.02
C ILE NA 33 57.32 -35.08 82.48
N PHE NA 34 56.50 -34.04 82.61
CA PHE NA 34 56.91 -32.72 82.13
C PHE NA 34 58.09 -32.18 82.92
N GLY NA 35 58.12 -32.45 84.23
CA GLY NA 35 59.29 -32.09 85.02
C GLY NA 35 60.55 -32.75 84.50
N LEU NA 36 60.46 -34.03 84.14
CA LEU NA 36 61.63 -34.72 83.59
C LEU NA 36 62.06 -34.11 82.26
N VAL NA 37 61.09 -33.77 81.40
CA VAL NA 37 61.43 -33.08 80.15
C VAL NA 37 62.05 -31.72 80.45
N ILE NA 38 61.51 -31.01 81.45
CA ILE NA 38 62.09 -29.74 81.87
C ILE NA 38 63.50 -29.95 82.40
N PHE NA 39 63.69 -31.02 83.19
CA PHE NA 39 65.00 -31.28 83.77
C PHE NA 39 66.05 -31.56 82.71
N GLY NA 40 65.71 -32.38 81.72
CA GLY NA 40 66.69 -32.78 80.72
C GLY NA 40 67.19 -31.62 79.89
N ILE NA 41 66.31 -30.68 79.54
CA ILE NA 41 66.73 -29.51 78.78
C ILE NA 41 67.69 -28.66 79.60
N THR NA 42 67.39 -28.47 80.88
CA THR NA 42 68.28 -27.71 81.76
C THR NA 42 69.65 -28.38 81.85
N ALA NA 43 69.67 -29.71 81.98
CA ALA NA 43 70.93 -30.44 81.93
C ALA NA 43 71.65 -30.19 80.60
N MET NA 44 70.89 -30.22 79.50
CA MET NA 44 71.47 -29.91 78.20
C MET NA 44 72.00 -28.48 78.15
N VAL NA 45 71.26 -27.54 78.73
CA VAL NA 45 71.71 -26.16 78.79
C VAL NA 45 72.88 -26.00 79.75
N TRP NA 46 72.84 -26.68 80.91
CA TRP NA 46 73.94 -26.60 81.86
C TRP NA 46 75.24 -27.11 81.26
N LYS NA 47 75.17 -28.24 80.52
CA LYS NA 47 76.36 -28.74 79.85
C LYS NA 47 76.89 -27.73 78.84
N TYR NA 48 75.98 -27.07 78.10
CA TYR NA 48 76.41 -26.02 77.19
C TYR NA 48 77.07 -24.87 77.94
N SER NA 49 76.41 -24.37 78.98
CA SER NA 49 76.94 -23.21 79.69
C SER NA 49 78.24 -23.51 80.40
N ALA NA 50 78.45 -24.74 80.84
CA ALA NA 50 79.75 -25.11 81.39
C ALA NA 50 80.84 -25.05 80.32
N GLU NA 51 80.54 -25.49 79.12
CA GLU NA 51 81.54 -25.55 78.06
C GLU NA 51 81.93 -24.15 77.56
N HIS NA 52 80.91 -23.32 77.31
CA HIS NA 52 81.14 -22.03 76.62
C HIS NA 52 81.12 -20.79 77.50
N GLU NA 53 81.14 -20.94 78.82
CA GLU NA 53 81.27 -19.71 79.63
C GLU NA 53 82.68 -19.16 79.39
N VAL NA 54 82.84 -17.85 79.40
CA VAL NA 54 84.20 -17.28 79.25
C VAL NA 54 84.54 -16.42 80.47
N ARG NA 55 85.70 -16.64 81.06
CA ARG NA 55 86.17 -15.82 82.17
C ARG NA 55 87.63 -15.48 81.95
N HIS NA 56 87.97 -14.20 82.15
CA HIS NA 56 89.35 -13.74 82.08
C HIS NA 56 90.02 -13.68 83.45
N LYS NA 57 89.32 -14.06 84.52
CA LYS NA 57 89.87 -14.08 85.86
C LYS NA 57 89.56 -15.42 86.51
N MET NA 58 90.52 -15.94 87.28
CA MET NA 58 90.33 -17.24 87.88
C MET NA 58 90.09 -17.12 89.38
N PRO NA 59 89.10 -17.82 89.92
CA PRO NA 59 88.82 -17.72 91.36
C PRO NA 59 89.94 -18.30 92.20
N GLU NA 60 90.12 -17.75 93.39
CA GLU NA 60 91.10 -18.29 94.32
C GLU NA 60 90.59 -19.62 94.88
N PRO NA 61 91.51 -20.54 95.20
CA PRO NA 61 91.07 -21.89 95.62
C PRO NA 61 90.20 -21.91 96.86
N ASP NA 62 90.46 -21.02 97.82
CA ASP NA 62 89.75 -21.09 99.09
C ASP NA 62 88.32 -20.55 98.98
N ARG NA 63 88.08 -19.63 98.04
CA ARG NA 63 86.80 -18.95 97.98
C ARG NA 63 85.68 -19.89 97.54
N PHE NA 64 84.46 -19.56 97.93
CA PHE NA 64 83.27 -20.32 97.58
C PHE NA 64 82.88 -19.96 96.16
N TYR NA 65 83.36 -20.77 95.20
CA TYR NA 65 83.05 -20.62 93.78
C TYR NA 65 82.59 -21.98 93.26
N PRO NA 66 81.34 -22.36 93.53
CA PRO NA 66 80.90 -23.73 93.21
C PRO NA 66 80.96 -24.08 91.73
N SER NA 67 81.16 -23.12 90.84
CA SER NA 67 81.22 -23.45 89.42
C SER NA 67 82.52 -24.14 89.03
N ARG NA 68 83.54 -24.11 89.88
CA ARG NA 68 84.82 -24.73 89.53
C ARG NA 68 84.68 -26.23 89.36
N TYR NA 69 83.60 -26.81 89.88
CA TYR NA 69 83.43 -28.26 89.83
C TYR NA 69 82.98 -28.73 88.45
N TRP NA 70 82.20 -27.93 87.73
CA TRP NA 70 81.55 -28.40 86.52
C TRP NA 70 81.93 -27.64 85.25
N VAL NA 71 82.64 -26.52 85.34
CA VAL NA 71 83.01 -25.77 84.15
C VAL NA 71 84.36 -26.28 83.65
N LYS NA 72 84.57 -26.16 82.33
CA LYS NA 72 85.78 -26.70 81.71
C LYS NA 72 86.94 -25.73 81.81
N GLN NA 73 86.69 -24.43 81.65
CA GLN NA 73 87.77 -23.45 81.62
C GLN NA 73 88.53 -23.42 82.94
N ILE NA 74 87.81 -23.44 84.06
CA ILE NA 74 88.46 -23.42 85.36
C ILE NA 74 89.10 -24.77 85.67
N LYS NA 75 88.40 -25.87 85.35
CA LYS NA 75 88.94 -27.20 85.63
C LYS NA 75 90.24 -27.45 84.89
N ASP NA 76 90.31 -27.02 83.62
CA ASP NA 76 91.56 -27.16 82.87
C ASP NA 76 92.66 -26.30 83.50
N TYR NA 77 92.31 -25.11 83.97
CA TYR NA 77 93.29 -24.24 84.60
C TYR NA 77 93.78 -24.83 85.92
N GLU NA 78 92.85 -25.29 86.76
CA GLU NA 78 93.23 -25.85 88.05
C GLU NA 78 94.03 -27.13 87.88
N ARG NA 79 93.67 -27.95 86.89
CA ARG NA 79 94.43 -29.17 86.61
C ARG NA 79 95.86 -28.84 86.22
N ALA NA 80 96.03 -27.82 85.37
CA ALA NA 80 97.37 -27.42 84.95
C ALA NA 80 98.13 -26.74 86.09
N GLN NA 81 97.42 -25.94 86.91
CA GLN NA 81 98.07 -25.21 87.98
C GLN NA 81 98.52 -26.11 89.13
N LYS NA 82 97.95 -27.31 89.23
CA LYS NA 82 98.36 -28.23 90.30
C LYS NA 82 99.81 -28.69 90.14
N GLU NA 83 100.34 -28.68 88.92
CA GLU NA 83 101.72 -29.07 88.68
C GLU NA 83 102.64 -27.96 89.18
N LYS NA 84 103.28 -28.19 90.32
CA LYS NA 84 104.17 -27.23 90.94
C LYS NA 84 105.59 -27.82 91.04
N GLN NA 85 106.47 -27.07 91.69
CA GLN NA 85 107.87 -27.47 91.87
C GLN NA 85 108.55 -27.76 90.54
N MET OA 1 23.61 -16.15 53.62
CA MET OA 1 23.68 -15.05 52.67
C MET OA 1 24.78 -15.27 51.64
N ALA OA 2 25.94 -15.72 52.11
CA ALA OA 2 27.08 -15.97 51.24
C ALA OA 2 26.98 -17.37 50.62
N GLY OA 3 28.04 -17.76 49.91
CA GLY OA 3 28.04 -19.06 49.27
C GLY OA 3 28.07 -20.21 50.26
N LEU OA 4 28.83 -20.07 51.34
CA LEU OA 4 28.95 -21.08 52.38
C LEU OA 4 28.15 -20.66 53.59
N GLN OA 5 27.29 -21.56 54.08
CA GLN OA 5 26.43 -21.25 55.20
C GLN OA 5 27.25 -20.92 56.44
N HIS OA 6 26.92 -19.80 57.07
CA HIS OA 6 27.57 -19.34 58.29
C HIS OA 6 26.62 -19.50 59.47
N TYR OA 7 27.09 -19.10 60.65
CA TYR OA 7 26.24 -19.11 61.82
C TYR OA 7 25.17 -18.02 61.73
N LYS OA 8 24.12 -18.18 62.53
CA LYS OA 8 23.07 -17.18 62.60
C LYS OA 8 23.52 -16.02 63.47
N ILE OA 9 23.57 -14.83 62.90
CA ILE OA 9 23.94 -13.62 63.61
C ILE OA 9 22.70 -12.76 63.77
N ALA OA 10 22.71 -11.93 64.81
CA ALA OA 10 21.68 -10.91 65.00
C ALA OA 10 22.11 -9.69 64.20
N MET OA 11 21.84 -9.74 62.90
CA MET OA 11 22.28 -8.68 61.99
C MET OA 11 21.48 -7.43 62.30
N ASP OA 12 22.08 -6.53 63.06
CA ASP OA 12 21.37 -5.33 63.48
C ASP OA 12 21.14 -4.41 62.29
N PRO OA 13 19.90 -4.03 62.00
CA PRO OA 13 19.65 -3.12 60.87
C PRO OA 13 20.43 -1.81 60.95
N ALA OA 14 20.53 -1.23 62.14
CA ALA OA 14 21.23 0.05 62.28
C ALA OA 14 22.70 -0.09 61.92
N LEU OA 15 23.35 -1.15 62.40
CA LEU OA 15 24.77 -1.34 62.10
C LEU OA 15 24.98 -1.70 60.63
N VAL OA 16 24.06 -2.47 60.06
CA VAL OA 16 24.11 -2.77 58.63
C VAL OA 16 23.98 -1.49 57.82
N ARG OA 17 23.03 -0.63 58.20
CA ARG OA 17 22.85 0.64 57.52
C ARG OA 17 24.08 1.54 57.66
N LEU OA 18 24.78 1.47 58.80
CA LEU OA 18 25.96 2.29 58.98
C LEU OA 18 27.09 1.81 58.08
N GLY OA 19 27.29 0.49 57.99
CA GLY OA 19 28.36 -0.04 57.16
C GLY OA 19 28.12 0.09 55.67
N SER OA 20 26.94 0.41 55.25
CA SER OA 20 26.61 0.59 53.82
C SER OA 20 26.84 2.06 53.49
N MET OA 21 26.46 2.95 54.44
CA MET OA 21 26.71 4.37 54.26
C MET OA 21 28.19 4.65 54.06
N ILE OA 22 29.04 3.97 54.84
CA ILE OA 22 30.48 4.17 54.71
C ILE OA 22 30.97 3.71 53.33
N SER OA 23 30.49 2.54 52.88
CA SER OA 23 30.95 2.00 51.61
C SER OA 23 30.47 2.82 50.41
N ASN OA 24 29.38 3.65 50.68
CA ASN OA 24 28.82 4.41 49.56
C ASN OA 24 29.18 5.89 49.69
N ARG OA 25 29.91 6.28 50.71
CA ARG OA 25 30.11 7.69 51.02
C ARG OA 25 30.84 8.43 49.90
N TYR OA 26 31.74 7.75 49.18
CA TYR OA 26 32.52 8.41 48.13
C TYR OA 26 31.63 9.03 47.06
N LYS OA 27 30.44 8.46 46.85
CA LYS OA 27 29.56 8.97 45.82
C LYS OA 27 29.00 10.35 46.16
N TYR OA 28 29.06 10.78 47.42
CA TYR OA 28 28.42 12.01 47.86
C TYR OA 28 29.42 13.11 48.23
N PHE OA 29 30.71 12.92 47.98
CA PHE OA 29 31.67 13.97 48.27
C PHE OA 29 31.42 15.16 47.34
N ARG OA 30 31.65 16.36 47.87
CA ARG OA 30 31.47 17.59 47.10
C ARG OA 30 32.60 18.55 47.42
N TRP OA 31 32.91 19.41 46.47
CA TRP OA 31 33.89 20.47 46.68
C TRP OA 31 33.23 21.65 47.38
N THR OA 32 33.69 21.94 48.59
CA THR OA 32 33.24 23.10 49.35
C THR OA 32 34.46 23.77 49.96
N LYS OA 33 34.23 24.86 50.70
CA LYS OA 33 35.34 25.57 51.31
C LYS OA 33 36.10 24.66 52.27
N ARG OA 34 35.30 23.92 53.09
CA ARG OA 34 35.89 23.00 54.06
C ARG OA 34 36.64 21.87 53.34
N THR OA 35 36.00 21.18 52.47
CA THR OA 35 36.57 20.01 51.82
C THR OA 35 37.73 20.37 50.91
N ALA OA 36 37.77 21.60 50.40
CA ALA OA 36 38.91 22.03 49.61
C ALA OA 36 40.12 22.34 50.49
N LEU OA 37 39.90 22.94 51.66
CA LEU OA 37 41.01 23.29 52.53
C LEU OA 37 41.65 22.05 53.14
N VAL OA 38 40.82 21.15 53.70
CA VAL OA 38 41.34 19.91 54.27
C VAL OA 38 42.08 19.11 53.21
N SER OA 39 41.48 18.95 52.04
CA SER OA 39 42.12 18.21 50.97
C SER OA 39 43.38 18.90 50.46
N PHE OA 40 43.53 20.19 50.71
CA PHE OA 40 44.74 20.91 50.31
C PHE OA 40 45.80 20.86 51.41
N MET OA 41 45.36 20.84 52.66
CA MET OA 41 46.29 20.67 53.79
C MET OA 41 47.00 19.32 53.71
N TYR OA 42 46.23 18.24 53.58
CA TYR OA 42 46.80 16.89 53.67
C TYR OA 42 47.62 16.54 52.43
N VAL OA 43 47.19 16.98 51.26
CA VAL OA 43 47.80 16.50 50.02
C VAL OA 43 48.99 17.33 49.60
N VAL OA 44 48.96 18.64 49.83
CA VAL OA 44 49.98 19.56 49.31
C VAL OA 44 50.91 20.05 50.42
N VAL OA 45 50.37 20.76 51.41
CA VAL OA 45 51.20 21.54 52.33
C VAL OA 45 52.06 20.62 53.18
N VAL OA 46 51.44 19.73 53.94
CA VAL OA 46 52.14 18.85 54.87
C VAL OA 46 53.15 18.00 54.09
N PRO OA 47 52.79 17.39 52.96
CA PRO OA 47 53.83 16.69 52.17
C PRO OA 47 54.92 17.61 51.66
N SER OA 48 54.57 18.81 51.18
CA SER OA 48 55.60 19.72 50.68
C SER OA 48 56.47 20.24 51.82
N THR OA 49 55.92 20.36 53.02
CA THR OA 49 56.72 20.73 54.19
C THR OA 49 57.79 19.67 54.44
N ILE OA 50 57.38 18.40 54.54
CA ILE OA 50 58.34 17.32 54.75
C ILE OA 50 59.36 17.28 53.63
N GLY OA 51 58.90 17.45 52.39
CA GLY OA 51 59.81 17.51 51.26
C GLY OA 51 60.78 18.67 51.36
N TYR OA 52 60.34 19.80 51.90
CA TYR OA 52 61.24 20.93 52.11
C TYR OA 52 62.30 20.59 53.15
N LEU OA 53 61.88 20.05 54.29
CA LEU OA 53 62.83 19.67 55.33
C LEU OA 53 63.76 18.55 54.87
N ALA OA 54 63.21 17.56 54.17
CA ALA OA 54 64.05 16.49 53.65
C ALA OA 54 65.06 17.02 52.64
N TYR OA 55 64.62 17.90 51.73
CA TYR OA 55 65.52 18.49 50.76
C TYR OA 55 66.58 19.35 51.44
N LYS OA 56 66.16 20.19 52.39
CA LYS OA 56 67.07 21.17 52.98
C LYS OA 56 68.17 20.51 53.80
N THR OA 57 67.83 19.38 54.43
CA THR OA 57 68.76 18.71 55.38
C THR OA 57 69.38 17.43 54.80
N ASP OA 58 69.24 17.11 53.58
CA ASP OA 58 69.86 15.92 52.94
C ASP OA 58 71.38 16.10 52.94
N GLY OA 59 72.12 15.33 53.60
CA GLY OA 59 73.58 15.43 53.71
C GLY OA 59 74.05 16.35 54.83
N LEU OA 60 73.15 16.89 55.65
CA LEU OA 60 73.56 17.86 56.69
C LEU OA 60 74.40 17.18 57.75
N TRP OA 61 74.29 15.86 57.92
CA TRP OA 61 74.96 15.24 59.04
C TRP OA 61 75.52 13.88 58.65
N ASP OA 62 76.55 13.47 59.39
CA ASP OA 62 77.01 12.08 59.41
C ASP OA 62 77.49 11.78 60.81
N LEU OA 63 77.00 10.68 61.37
CA LEU OA 63 77.33 10.31 62.74
C LEU OA 63 78.49 9.33 62.83
N ARG OA 64 78.88 8.74 61.70
CA ARG OA 64 79.84 7.64 61.68
C ARG OA 64 81.18 8.05 62.27
N ALA OA 65 81.54 7.39 63.39
CA ALA OA 65 82.87 7.51 63.99
C ALA OA 65 83.24 8.95 64.30
N LYS OA 66 82.26 9.74 64.71
CA LYS OA 66 82.51 11.13 65.09
C LYS OA 66 83.10 11.19 66.49
N ARG OA 67 84.05 12.11 66.67
CA ARG OA 67 84.82 12.20 67.91
C ARG OA 67 84.72 13.61 68.46
N ARG OA 68 85.33 13.82 69.64
CA ARG OA 68 85.47 15.16 70.18
C ARG OA 68 86.38 15.99 69.29
N GLY OA 69 86.06 17.28 69.16
CA GLY OA 69 86.77 18.15 68.25
C GLY OA 69 86.37 18.01 66.80
N ASP OA 70 85.41 17.14 66.50
CA ASP OA 70 84.90 16.95 65.15
C ASP OA 70 83.38 17.05 65.21
N LEU OA 71 82.81 17.90 64.36
CA LEU OA 71 81.40 18.19 64.42
C LEU OA 71 80.57 17.10 63.73
N ILE OA 72 79.26 17.17 63.95
CA ILE OA 72 78.33 16.31 63.22
C ILE OA 72 77.90 16.96 61.91
N SER OA 73 77.90 18.30 61.85
CA SER OA 73 77.53 19.00 60.63
C SER OA 73 78.43 18.59 59.48
N GLU OA 74 77.83 18.24 58.35
CA GLU OA 74 78.57 17.72 57.21
C GLU OA 74 78.65 18.71 56.05
N ARG OA 75 77.81 19.73 56.03
CA ARG OA 75 77.74 20.65 54.90
C ARG OA 75 78.13 22.06 55.29
N ASN PA 46 36.51 -38.53 87.10
CA ASN PA 46 37.89 -39.02 87.16
C ASN PA 46 38.44 -39.25 85.76
N VAL PA 47 38.09 -38.36 84.83
CA VAL PA 47 38.57 -38.46 83.46
C VAL PA 47 40.05 -38.13 83.41
N GLU PA 48 40.80 -38.91 82.64
CA GLU PA 48 42.25 -38.75 82.52
C GLU PA 48 42.58 -38.06 81.20
N GLU PA 49 43.47 -37.08 81.26
CA GLU PA 49 43.88 -36.35 80.07
C GLU PA 49 45.13 -36.98 79.48
N PRO PA 50 45.08 -37.50 78.25
CA PRO PA 50 46.29 -38.06 77.64
C PRO PA 50 47.28 -36.99 77.26
N LEU PA 51 48.52 -37.42 77.02
CA LEU PA 51 49.59 -36.49 76.69
C LEU PA 51 49.33 -35.80 75.35
N GLY PA 52 48.83 -36.55 74.36
CA GLY PA 52 48.56 -35.98 73.05
C GLY PA 52 49.78 -35.99 72.15
N ALA PA 53 49.58 -35.42 70.95
CA ALA PA 53 50.64 -35.44 69.94
C ALA PA 53 51.55 -34.22 70.05
N ALA PA 54 51.05 -33.13 70.65
CA ALA PA 54 51.87 -31.93 70.79
C ALA PA 54 53.11 -32.20 71.64
N PHE PA 55 52.94 -32.97 72.71
CA PHE PA 55 54.07 -33.28 73.59
C PHE PA 55 55.16 -34.04 72.85
N TYR PA 56 54.76 -35.01 72.02
CA TYR PA 56 55.75 -35.86 71.37
C TYR PA 56 56.49 -35.10 70.27
N ILE PA 57 55.79 -34.24 69.53
CA ILE PA 57 56.43 -33.47 68.47
C ILE PA 57 57.48 -32.53 69.05
N ALA PA 58 57.15 -31.86 70.15
CA ALA PA 58 58.10 -30.94 70.77
C ALA PA 58 59.30 -31.70 71.34
N VAL PA 59 59.04 -32.75 72.11
CA VAL PA 59 60.14 -33.55 72.66
C VAL PA 59 60.90 -34.24 71.53
N GLY PA 60 60.19 -34.80 70.56
CA GLY PA 60 60.84 -35.40 69.41
C GLY PA 60 61.63 -34.38 68.60
N GLY PA 61 61.07 -33.17 68.43
CA GLY PA 61 61.78 -32.13 67.73
C GLY PA 61 63.05 -31.71 68.44
N ILE PA 62 62.98 -31.58 69.76
CA ILE PA 62 64.17 -31.24 70.54
C ILE PA 62 65.18 -32.38 70.47
N ALA PA 63 64.72 -33.62 70.62
CA ALA PA 63 65.61 -34.77 70.53
C ALA PA 63 66.23 -34.89 69.14
N SER PA 64 65.41 -34.71 68.10
CA SER PA 64 65.94 -34.77 66.74
C SER PA 64 66.94 -33.66 66.49
N SER PA 65 66.64 -32.44 66.97
CA SER PA 65 67.55 -31.33 66.78
C SER PA 65 68.90 -31.60 67.45
N PHE PA 66 68.88 -32.16 68.65
CA PHE PA 66 70.12 -32.53 69.32
C PHE PA 66 70.86 -33.62 68.56
N VAL PA 67 70.14 -34.62 68.06
CA VAL PA 67 70.77 -35.73 67.36
C VAL PA 67 71.33 -35.26 66.03
N ILE PA 68 70.54 -34.53 65.25
CA ILE PA 68 70.96 -34.13 63.91
C ILE PA 68 72.17 -33.19 63.97
N TYR PA 69 72.16 -32.24 64.91
CA TYR PA 69 73.28 -31.32 65.02
C TYR PA 69 74.57 -32.04 65.39
N ASN PA 70 74.50 -33.00 66.30
CA ASN PA 70 75.70 -33.71 66.74
C ASN PA 70 76.33 -34.51 65.60
N ILE PA 71 75.49 -35.21 64.81
CA ILE PA 71 76.02 -36.04 63.73
C ILE PA 71 76.44 -35.25 62.51
N SER PA 72 76.06 -33.97 62.42
CA SER PA 72 76.44 -33.12 61.30
C SER PA 72 77.72 -32.32 61.56
N ARG PA 73 78.32 -32.46 62.74
CA ARG PA 73 79.52 -31.71 63.05
C ARG PA 73 80.70 -32.21 62.21
N PRO PA 74 81.65 -31.33 61.89
CA PRO PA 74 82.84 -31.76 61.13
C PRO PA 74 83.77 -32.66 61.94
N GLY PA 75 83.56 -32.80 63.24
CA GLY PA 75 84.39 -33.66 64.05
C GLY PA 75 85.61 -32.94 64.60
N PRO PA 76 86.39 -33.62 65.43
CA PRO PA 76 87.61 -33.00 65.98
C PRO PA 76 88.57 -32.53 64.90
N ASN PA 77 88.70 -33.29 63.81
CA ASN PA 77 89.52 -32.89 62.68
C ASN PA 77 88.70 -32.08 61.69
N GLY PA 78 89.40 -31.37 60.81
CA GLY PA 78 88.75 -30.56 59.81
C GLY PA 78 88.19 -31.31 58.61
N GLU PA 79 88.43 -32.61 58.54
CA GLU PA 79 87.93 -33.39 57.41
C GLU PA 79 86.41 -33.42 57.43
N PRO PA 80 85.76 -33.11 56.31
CA PRO PA 80 84.29 -33.18 56.27
C PRO PA 80 83.78 -34.61 56.36
N SER PA 81 82.37 -34.57 56.68
CA SER PA 81 81.66 -35.86 56.85
C SER PA 81 81.48 -36.57 55.50
N SER PA 82 80.99 -37.84 55.55
CA SER PA 82 80.67 -38.53 54.31
C SER PA 82 79.61 -37.78 53.52
N LEU PA 83 78.54 -37.36 54.20
CA LEU PA 83 77.48 -36.62 53.51
C LEU PA 83 77.88 -35.19 53.18
N HIS PA 84 78.87 -34.64 53.90
CA HIS PA 84 79.33 -33.28 53.60
C HIS PA 84 79.98 -33.21 52.23
N LYS PA 85 80.70 -34.25 51.82
CA LYS PA 85 81.38 -34.23 50.53
C LYS PA 85 80.41 -34.39 49.36
N TRP PA 86 79.27 -35.06 49.58
CA TRP PA 86 78.30 -35.21 48.50
C TRP PA 86 77.68 -33.87 48.13
N PHE PA 87 77.29 -33.08 49.14
CA PHE PA 87 76.66 -31.79 48.87
C PHE PA 87 77.62 -30.76 48.29
N SER PA 88 78.92 -31.03 48.31
CA SER PA 88 79.89 -30.16 47.65
C SER PA 88 80.17 -30.61 46.22
N LYS PA 89 80.17 -31.92 46.00
CA LYS PA 89 80.43 -32.46 44.64
C LYS PA 89 79.29 -32.08 43.72
N ILE PA 90 78.05 -32.21 44.18
CA ILE PA 90 76.89 -31.94 43.33
C ILE PA 90 76.84 -30.46 42.97
N SER PA 91 77.10 -29.59 43.95
CA SER PA 91 77.10 -28.14 43.72
C SER PA 91 78.53 -27.64 43.49
N ASP PA 92 79.15 -28.16 42.43
CA ASP PA 92 80.51 -27.74 42.11
C ASP PA 92 80.51 -26.42 41.35
N TYR PA 93 79.96 -26.42 40.13
CA TYR PA 93 79.86 -25.23 39.27
C TYR PA 93 81.09 -24.35 39.37
N LYS PA 94 82.26 -24.96 39.12
CA LYS PA 94 83.52 -24.24 39.29
C LYS PA 94 83.59 -23.01 38.38
N ASP PA 95 83.21 -23.16 37.12
CA ASP PA 95 83.12 -22.03 36.20
C ASP PA 95 81.91 -22.12 35.29
N GLU PA 96 80.96 -23.03 35.56
CA GLU PA 96 79.87 -23.29 34.63
C GLU PA 96 78.99 -22.06 34.46
N TRP PA 97 78.57 -21.44 35.57
CA TRP PA 97 77.79 -20.21 35.44
C TRP PA 97 78.63 -19.09 34.85
N GLU PA 98 79.96 -19.12 35.04
CA GLU PA 98 80.80 -18.10 34.46
C GLU PA 98 80.95 -18.29 32.96
N THR PA 99 80.92 -19.53 32.47
CA THR PA 99 81.07 -19.78 31.04
C THR PA 99 79.78 -19.48 30.30
N ARG PA 100 78.70 -20.11 30.75
CA ARG PA 100 77.36 -19.94 30.13
C ARG PA 100 76.96 -18.45 30.10
N ASN PA 101 77.14 -17.70 31.18
CA ASN PA 101 76.76 -16.30 31.25
C ASN PA 101 77.54 -15.46 30.25
N THR PA 102 78.84 -15.72 30.12
CA THR PA 102 79.67 -14.93 29.21
C THR PA 102 79.21 -15.06 27.77
N LEU PA 103 78.90 -16.28 27.34
CA LEU PA 103 78.45 -16.47 25.96
C LEU PA 103 77.10 -15.83 25.72
N MET PA 104 76.19 -15.94 26.70
CA MET PA 104 74.89 -15.29 26.56
C MET PA 104 75.01 -13.78 26.45
N ALA PA 105 75.85 -13.18 27.29
CA ALA PA 105 76.00 -11.73 27.26
C ALA PA 105 76.62 -11.26 25.94
N ALA PA 106 77.64 -11.97 25.47
CA ALA PA 106 78.29 -11.60 24.21
C ALA PA 106 77.36 -11.79 23.03
N ALA PA 107 76.57 -12.87 23.03
CA ALA PA 107 75.65 -13.11 21.93
C ALA PA 107 74.57 -12.03 21.85
N LEU PA 108 73.99 -11.65 22.99
CA LEU PA 108 72.98 -10.62 22.99
C LEU PA 108 73.56 -9.24 22.71
N GLU PA 109 74.82 -9.01 23.09
CA GLU PA 109 75.47 -7.76 22.74
C GLU PA 109 75.64 -7.64 21.23
N GLN PA 110 76.04 -8.72 20.57
CA GLN PA 110 76.08 -8.73 19.11
C GLN PA 110 74.69 -8.57 18.51
N ALA PA 111 73.69 -9.25 19.10
CA ALA PA 111 72.33 -9.14 18.60
C ALA PA 111 71.81 -7.71 18.70
N ALA PA 112 72.11 -7.03 19.80
CA ALA PA 112 71.75 -5.62 19.90
C ALA PA 112 72.48 -4.78 18.86
N HIS PA 113 73.70 -5.21 18.52
CA HIS PA 113 74.51 -4.48 17.51
C HIS PA 113 73.87 -4.60 16.12
N ASP PA 114 73.42 -5.81 15.75
CA ASP PA 114 72.83 -6.02 14.43
C ASP PA 114 71.54 -5.22 14.26
N LYS PA 115 70.73 -5.14 15.32
CA LYS PA 115 69.52 -4.34 15.25
C LYS PA 115 69.84 -2.85 15.15
N HIS PA 116 70.85 -2.41 15.90
CA HIS PA 116 71.30 -1.03 15.83
C HIS PA 116 71.73 -0.67 14.41
N LEU PA 117 72.37 -1.61 13.70
CA LEU PA 117 72.71 -1.38 12.30
C LEU PA 117 71.47 -1.24 11.43
N LEU PA 118 70.53 -2.19 11.55
CA LEU PA 118 69.35 -2.17 10.70
C LEU PA 118 68.45 -0.99 11.02
N LEU PA 119 68.32 -0.65 12.31
CA LEU PA 119 67.41 0.39 12.73
C LEU PA 119 67.92 1.80 12.41
N THR PA 120 69.22 1.95 12.16
CA THR PA 120 69.80 3.26 11.90
C THR PA 120 70.30 3.40 10.47
N ALA PA 121 69.87 2.51 9.57
CA ALA PA 121 70.35 2.56 8.19
C ALA PA 121 69.86 3.81 7.49
N GLU PA 122 70.68 4.34 6.61
CA GLU PA 122 70.37 5.59 5.92
C GLU PA 122 69.20 5.40 4.96
N ARG PA 123 68.22 6.29 5.05
CA ARG PA 123 67.08 6.24 4.14
C ARG PA 123 67.51 6.66 2.74
N SER PA 124 67.00 5.94 1.74
CA SER PA 124 67.29 6.29 0.35
C SER PA 124 66.67 7.64 0.00
N ARG PA 125 67.52 8.50 -0.62
CA ARG PA 125 67.01 9.79 -1.14
C ARG PA 125 66.88 9.67 -2.67
N HIS PA 126 67.67 8.86 -3.32
CA HIS PA 126 67.65 8.73 -4.77
C HIS PA 126 66.53 7.82 -5.21
N ILE PA 127 65.68 8.31 -6.11
CA ILE PA 127 64.55 7.53 -6.62
C ILE PA 127 65.03 6.68 -7.77
N GLU PA 128 64.68 5.39 -7.73
CA GLU PA 128 65.00 4.46 -8.81
C GLU PA 128 63.71 4.10 -9.54
N LEU PA 129 63.71 4.28 -10.84
CA LEU PA 129 62.49 4.08 -11.63
C LEU PA 129 62.09 2.62 -11.61
N LYS PA 130 60.83 2.36 -11.27
CA LYS PA 130 60.29 1.01 -11.44
C LYS PA 130 59.99 0.70 -12.89
N TYR PA 131 59.85 1.73 -13.72
CA TYR PA 131 59.48 1.59 -15.12
C TYR PA 131 60.43 2.43 -15.96
N PRO PA 132 61.69 2.01 -16.07
CA PRO PA 132 62.65 2.78 -16.89
C PRO PA 132 62.27 2.80 -18.36
N GLU PA 133 61.42 1.88 -18.80
CA GLU PA 133 60.98 1.79 -20.18
C GLU PA 133 60.13 2.97 -20.62
N VAL PA 134 59.72 3.84 -19.69
CA VAL PA 134 59.01 5.07 -19.98
C VAL PA 134 59.84 5.96 -20.91
N PHE PA 135 61.15 5.70 -20.99
CA PHE PA 135 62.00 6.39 -21.95
C PHE PA 135 61.72 6.00 -23.39
N SER PA 136 60.93 4.94 -23.61
CA SER PA 136 60.54 4.52 -24.94
C SER PA 136 59.13 4.95 -25.31
N HIS PA 137 58.45 5.67 -24.42
CA HIS PA 137 57.12 6.17 -24.71
C HIS PA 137 57.18 7.29 -25.76
N GLY PA 138 56.01 7.60 -26.32
CA GLY PA 138 55.93 8.65 -27.31
C GLY PA 138 55.23 8.20 -28.59
N SER PA 139 54.42 9.08 -29.16
CA SER PA 139 53.70 8.75 -30.38
C SER PA 139 54.68 8.60 -31.54
N PRO PA 140 54.61 7.51 -32.37
CA PRO PA 140 55.47 7.40 -33.54
C PRO PA 140 54.85 8.10 -34.75
N PHE PA 141 53.71 8.74 -34.58
CA PHE PA 141 53.01 9.43 -35.68
C PHE PA 141 53.27 10.93 -35.65
N ASN PA 142 53.37 11.60 -36.80
CA ASN PA 142 53.41 13.06 -36.89
C ASN PA 142 54.55 13.64 -36.05
N VAL PA 143 55.72 13.00 -36.12
CA VAL PA 143 56.88 13.40 -35.34
C VAL PA 143 57.61 14.54 -36.05
N PRO PA 144 57.71 15.72 -35.44
CA PRO PA 144 58.52 16.79 -36.05
C PRO PA 144 60.00 16.42 -36.04
N ALA PA 145 60.70 16.87 -37.09
CA ALA PA 145 62.14 16.67 -37.13
C ALA PA 145 62.81 17.40 -35.98
N GLY PA 146 63.68 16.71 -35.27
CA GLY PA 146 64.34 17.26 -34.11
C GLY PA 146 63.49 17.34 -32.86
N PHE PA 147 62.37 16.62 -32.81
CA PHE PA 147 61.50 16.71 -31.64
C PHE PA 147 62.08 15.94 -30.46
N TYR PA 148 62.36 14.66 -30.63
CA TYR PA 148 62.74 13.80 -29.51
C TYR PA 148 64.18 14.07 -29.12
N PRO PA 149 64.47 14.35 -27.85
CA PRO PA 149 65.85 14.56 -27.44
C PRO PA 149 66.66 13.29 -27.54
N ASN PA 150 67.98 13.45 -27.63
CA ASN PA 150 68.88 12.31 -27.70
C ASN PA 150 68.95 11.63 -26.33
N LEU PA 151 68.80 10.30 -26.33
CA LEU PA 151 68.75 9.52 -25.11
C LEU PA 151 69.90 8.51 -25.02
N ASP PA 152 70.94 8.67 -25.83
CA ASP PA 152 72.00 7.66 -25.87
C ASP PA 152 72.65 7.49 -24.50
N HIS PA 153 72.91 8.59 -23.79
CA HIS PA 153 73.46 8.47 -22.44
C HIS PA 153 72.50 7.73 -21.52
N VAL PA 154 71.19 7.97 -21.68
CA VAL PA 154 70.20 7.24 -20.89
C VAL PA 154 70.28 5.75 -21.17
N ILE PA 155 70.37 5.39 -22.46
CA ILE PA 155 70.49 3.98 -22.83
C ILE PA 155 71.76 3.39 -22.22
N GLU PA 156 72.86 4.13 -22.33
CA GLU PA 156 74.13 3.64 -21.80
C GLU PA 156 74.08 3.41 -20.30
N HIS PA 157 73.38 4.29 -19.58
CA HIS PA 157 73.24 4.14 -18.13
C HIS PA 157 72.66 2.78 -17.78
N TYR PA 158 71.65 2.32 -18.53
CA TYR PA 158 71.00 1.07 -18.21
C TYR PA 158 71.73 -0.14 -18.80
N ARG PA 159 72.55 0.06 -19.84
CA ARG PA 159 73.45 -1.00 -20.26
C ARG PA 159 74.48 -1.30 -19.17
N LYS PA 160 75.04 -0.26 -18.56
CA LYS PA 160 75.98 -0.46 -17.47
C LYS PA 160 75.31 -1.18 -16.30
N GLN PA 161 74.12 -0.72 -15.90
CA GLN PA 161 73.44 -1.32 -14.76
C GLN PA 161 73.10 -2.78 -15.02
N HIS PA 162 72.74 -3.11 -16.26
CA HIS PA 162 72.45 -4.50 -16.60
C HIS PA 162 73.71 -5.35 -16.60
N LEU PA 163 74.81 -4.82 -17.12
CA LEU PA 163 76.03 -5.61 -17.27
C LEU PA 163 76.69 -5.89 -15.92
N GLU PA 164 76.73 -4.91 -15.03
CA GLU PA 164 77.25 -5.13 -13.69
C GLU PA 164 76.50 -6.25 -12.98
N GLU PA 165 75.17 -6.15 -12.99
CA GLU PA 165 74.28 -7.13 -12.31
C GLU PA 165 74.51 -8.54 -12.87
N GLU PA 166 74.56 -8.64 -14.19
CA GLU PA 166 74.84 -9.91 -14.84
C GLU PA 166 76.24 -10.40 -14.49
N GLU PA 167 77.21 -9.49 -14.40
CA GLU PA 167 78.54 -9.87 -13.97
C GLU PA 167 78.60 -10.22 -12.50
N ARG PA 168 77.77 -9.61 -11.67
CA ARG PA 168 77.79 -9.84 -10.20
C ARG PA 168 77.25 -11.23 -9.91
N LYS PA 169 76.29 -11.69 -10.70
CA LYS PA 169 75.78 -13.05 -10.57
C LYS PA 169 76.82 -13.99 -11.18
N ALA PA 170 77.50 -13.56 -12.24
CA ALA PA 170 78.42 -14.46 -12.92
C ALA PA 170 79.57 -14.89 -12.02
N LYS PA 171 79.97 -14.02 -11.09
CA LYS PA 171 81.07 -14.33 -10.20
C LYS PA 171 80.62 -15.05 -8.93
N LYS PA 172 79.42 -14.74 -8.44
CA LYS PA 172 78.95 -15.36 -7.21
C LYS PA 172 78.76 -16.86 -7.38
N LEU PA 173 78.25 -17.29 -8.54
CA LEU PA 173 78.06 -18.72 -8.77
C LEU PA 173 79.31 -19.39 -9.29
N ALA PA 174 80.20 -18.64 -9.95
CA ALA PA 174 81.45 -19.22 -10.42
C ALA PA 174 82.45 -19.39 -9.29
N ALA PA 175 82.45 -18.47 -8.32
CA ALA PA 175 83.37 -18.56 -7.19
C ALA PA 175 82.79 -19.38 -6.04
N ALA PA 176 81.56 -19.08 -5.63
CA ALA PA 176 80.87 -19.82 -4.59
C ALA PA 176 79.93 -20.83 -5.23
N ALA PA 177 79.77 -21.98 -4.58
CA ALA PA 177 78.99 -23.14 -5.02
C ALA PA 177 79.59 -23.82 -6.24
N ALA PA 178 80.67 -23.30 -6.80
CA ALA PA 178 81.39 -23.94 -7.89
C ALA PA 178 82.87 -23.60 -7.74
N ALA PA 179 83.72 -24.61 -7.97
CA ALA PA 179 85.16 -24.50 -7.77
C ALA PA 179 85.48 -24.21 -6.30
N ALA PA 180 84.47 -24.34 -5.43
CA ALA PA 180 84.65 -24.17 -4.00
C ALA PA 180 83.93 -25.21 -3.17
N SER PA 181 83.07 -26.03 -3.77
CA SER PA 181 82.35 -27.06 -3.03
C SER PA 181 81.98 -28.22 -3.96
N ARG QA 26 -92.85 12.70 -70.14
CA ARG QA 26 -93.29 13.08 -71.48
C ARG QA 26 -94.61 12.42 -71.91
N PRO QA 27 -94.72 11.09 -71.84
CA PRO QA 27 -95.96 10.45 -72.31
C PRO QA 27 -97.06 10.55 -71.27
N SER QA 28 -98.29 10.73 -71.76
CA SER QA 28 -99.45 10.77 -70.88
C SER QA 28 -99.70 9.38 -70.28
N PHE QA 29 -100.14 9.37 -69.03
CA PHE QA 29 -100.40 8.16 -68.29
C PHE QA 29 -101.89 8.08 -67.92
N ALA QA 30 -102.23 7.09 -67.10
CA ALA QA 30 -103.60 6.89 -66.65
C ALA QA 30 -103.68 7.24 -65.16
N ILE QA 31 -103.90 8.53 -64.89
CA ILE QA 31 -104.18 9.02 -63.55
C ILE QA 31 -105.55 9.69 -63.57
N ALA QA 32 -106.33 9.45 -62.52
CA ALA QA 32 -107.66 10.06 -62.40
C ALA QA 32 -107.58 11.57 -62.44
N ARG QA 33 -108.09 12.16 -63.52
CA ARG QA 33 -108.09 13.62 -63.64
C ARG QA 33 -109.07 14.25 -62.65
N SER QA 34 -110.22 13.62 -62.45
CA SER QA 34 -111.21 14.06 -61.48
C SER QA 34 -111.17 13.17 -60.24
N PRO QA 35 -111.48 13.73 -59.07
CA PRO QA 35 -111.46 12.92 -57.84
C PRO QA 35 -112.45 11.77 -57.85
N ASN QA 36 -113.50 11.85 -58.67
CA ASN QA 36 -114.53 10.81 -58.73
C ASN QA 36 -114.42 9.98 -60.00
N GLU QA 37 -113.20 9.72 -60.45
CA GLU QA 37 -112.94 8.98 -61.68
C GLU QA 37 -112.33 7.62 -61.36
N GLN QA 38 -112.89 6.58 -61.98
CA GLN QA 38 -112.35 5.22 -61.86
C GLN QA 38 -111.48 4.95 -63.08
N VAL QA 39 -110.17 4.95 -62.88
CA VAL QA 39 -109.25 4.76 -64.00
C VAL QA 39 -109.38 3.35 -64.57
N PHE QA 40 -109.43 2.35 -63.69
CA PHE QA 40 -109.47 0.93 -64.16
C PHE QA 40 -110.79 0.29 -63.73
N PRO QA 41 -111.42 -0.57 -64.57
CA PRO QA 41 -112.70 -1.16 -64.22
C PRO QA 41 -112.43 -1.99 -62.97
N ALA QA 42 -113.35 -1.99 -62.00
CA ALA QA 42 -113.07 -2.68 -60.72
C ALA QA 42 -112.85 -4.17 -60.94
N GLY QA 43 -113.70 -4.85 -61.72
CA GLY QA 43 -113.44 -6.27 -62.04
C GLY QA 43 -114.57 -7.21 -61.64
N ALA QA 44 -114.65 -8.39 -62.27
CA ALA QA 44 -115.70 -9.36 -61.94
C ALA QA 44 -115.59 -9.81 -60.49
N PHE QA 45 -114.37 -10.02 -60.00
CA PHE QA 45 -114.20 -10.52 -58.64
C PHE QA 45 -114.73 -9.56 -57.58
N TYR QA 46 -114.66 -8.26 -57.85
CA TYR QA 46 -115.08 -7.25 -56.85
C TYR QA 46 -116.59 -7.00 -56.94
N GLU QA 47 -117.26 -7.65 -57.89
CA GLU QA 47 -118.73 -7.49 -58.04
C GLU QA 47 -119.34 -8.66 -57.29
N SER QA 48 -118.57 -9.75 -57.23
CA SER QA 48 -119.01 -10.89 -56.44
C SER QA 48 -118.77 -10.70 -54.96
N ILE QA 49 -118.32 -9.51 -54.55
CA ILE QA 49 -118.21 -9.17 -53.13
C ILE QA 49 -119.41 -8.36 -52.66
N LEU QA 50 -119.85 -7.39 -53.46
CA LEU QA 50 -121.11 -6.72 -53.16
C LEU QA 50 -122.28 -7.67 -53.25
N ARG QA 51 -122.16 -8.75 -54.04
CA ARG QA 51 -123.17 -9.80 -54.08
C ARG QA 51 -123.03 -10.79 -52.94
N TRP QA 52 -121.90 -10.79 -52.24
CA TRP QA 52 -121.69 -11.74 -51.15
C TRP QA 52 -122.65 -11.44 -50.00
N ASN QA 53 -123.24 -12.50 -49.46
CA ASN QA 53 -124.16 -12.40 -48.34
C ASN QA 53 -124.09 -13.69 -47.53
N PRO QA 54 -123.55 -13.65 -46.31
CA PRO QA 54 -123.36 -14.88 -45.53
C PRO QA 54 -124.62 -15.42 -44.89
N ASN QA 55 -125.80 -14.91 -45.25
CA ASN QA 55 -127.06 -15.38 -44.72
C ASN QA 55 -127.87 -16.08 -45.81
N PRO QA 56 -128.47 -17.22 -45.51
CA PRO QA 56 -129.25 -17.94 -46.53
C PRO QA 56 -130.50 -17.15 -46.93
N VAL QA 57 -130.91 -17.34 -48.17
CA VAL QA 57 -132.08 -16.66 -48.71
C VAL QA 57 -133.33 -17.49 -48.46
P 3PE RA . 31.24 22.49 -35.10
N 3PE RA . 30.38 27.45 -34.69
O11 3PE RA . 29.62 22.27 -34.96
O12 3PE RA . 31.98 21.43 -34.33
O13 3PE RA . 31.59 23.98 -34.48
O14 3PE RA . 31.64 22.44 -36.56
C11 3PE RA . 31.00 25.11 -35.06
C12 3PE RA . 31.00 26.28 -34.08
C1 3PE RA . 29.14 21.20 -34.19
C2 3PE RA . 28.43 21.78 -32.95
C3 3PE RA . 28.21 23.28 -33.14
O31 3PE RA . 28.52 23.93 -31.94
O32 3PE RA . 27.11 25.64 -32.21
C31 3PE RA . 27.51 24.79 -31.49
C32 3PE RA . 26.91 24.64 -30.10
C33 3PE RA . 26.94 26.01 -29.43
C34 3PE RA . 26.13 25.98 -28.14
C35 3PE RA . 24.66 26.19 -28.48
C36 3PE RA . 23.91 26.66 -27.24
O21 3PE RA . 27.21 21.16 -32.71
O22 3PE RA . 28.33 19.58 -31.60
C21 3PE RA . 27.30 20.14 -31.75
C22 3PE RA . 26.12 19.77 -30.85
C23 3PE RA . 24.88 20.59 -31.12
C24 3PE RA . 23.92 20.34 -29.95
C25 3PE RA . 22.64 21.18 -30.05
C26 3PE RA . 22.96 22.67 -30.15
C27 3PE RA . 21.69 23.49 -29.94
C28 3PE RA . 21.32 23.44 -28.45
C29 3PE RA . 20.09 24.29 -28.16
C2A 3PE RA . 18.88 23.69 -28.85
C2B 3PE RA . 17.61 24.21 -28.19
O12 PC1 SA . -10.29 24.04 -53.07
P PC1 SA . -9.04 23.21 -53.08
O14 PC1 SA . -9.00 22.39 -51.82
O13 PC1 SA . -9.00 22.24 -54.42
C11 PC1 SA . -10.20 22.01 -55.09
C12 PC1 SA . -10.05 20.85 -56.08
N PC1 SA . -10.62 19.63 -55.53
C13 PC1 SA . -11.43 18.85 -56.42
C14 PC1 SA . -11.46 19.96 -54.40
C15 PC1 SA . -9.50 18.77 -55.27
O11 PC1 SA . -7.73 24.20 -53.17
C1 PC1 SA . -7.81 25.19 -54.15
C2 PC1 SA . -6.43 25.68 -54.56
O21 PC1 SA . -6.60 26.77 -55.43
C21 PC1 SA . -5.93 27.94 -55.04
O22 PC1 SA . -6.52 28.80 -54.47
C22 PC1 SA . -4.45 28.11 -55.37
C23 PC1 SA . -4.02 29.56 -55.12
C24 PC1 SA . -3.28 29.62 -53.79
C25 PC1 SA . -2.24 28.50 -53.78
C26 PC1 SA . -1.73 28.28 -52.36
C27 PC1 SA . -0.97 26.95 -52.33
C28 PC1 SA . 0.12 27.00 -53.40
C29 PC1 SA . 1.13 25.89 -53.15
C2A PC1 SA . 2.18 25.93 -54.25
C2B PC1 SA . 2.77 27.34 -54.34
C3 PC1 SA . -5.67 24.56 -55.26
O31 PC1 SA . -4.30 24.77 -55.06
C31 PC1 SA . -3.47 23.93 -55.81
O32 PC1 SA . -3.78 22.81 -55.99
C32 PC1 SA . -2.17 24.47 -56.38
C33 PC1 SA . -1.05 23.44 -56.35
C34 PC1 SA . -0.69 23.07 -54.90
C35 PC1 SA . 0.14 21.79 -54.90
C36 PC1 SA . 1.58 22.10 -55.32
C37 PC1 SA . 2.41 20.81 -55.29
C38 PC1 SA . 3.89 21.15 -55.22
C39 PC1 SA . 4.19 21.87 -53.91
C3A PC1 SA . 5.59 22.48 -53.95
C3B PC1 SA . 5.88 23.14 -52.60
C3C PC1 SA . 4.68 23.98 -52.18
C3D PC1 SA . 4.92 24.54 -50.78
C3E PC1 SA . 3.66 25.25 -50.29
C1 CDL TA . 32.97 -33.42 11.72
O1 CDL TA . 32.45 -34.68 12.05
CA2 CDL TA . 32.25 -32.99 10.47
OA2 CDL TA . 33.09 -32.11 9.78
PA1 CDL TA . 32.59 -30.57 9.56
OA3 CDL TA . 31.36 -30.51 8.70
OA4 CDL TA . 32.23 -29.93 10.86
OA5 CDL TA . 33.82 -29.79 8.78
CA3 CDL TA . 34.16 -30.32 7.53
CA4 CDL TA . 35.66 -30.41 7.38
OA6 CDL TA . 36.22 -29.97 8.58
CA5 CDL TA . 37.49 -29.37 8.57
OA7 CDL TA . 38.45 -29.95 8.20
C11 CDL TA . 37.65 -27.95 9.10
C12 CDL TA . 39.08 -27.50 8.86
C13 CDL TA . 39.20 -26.03 9.24
C14 CDL TA . 40.58 -25.51 8.89
C15 CDL TA . 40.45 -24.00 8.71
C16 CDL TA . 41.69 -23.46 8.02
C17 CDL TA . 42.68 -23.01 9.07
C18 CDL TA . 41.95 -22.14 10.09
CA6 CDL TA . 36.06 -29.63 6.14
OA8 CDL TA . 36.42 -30.52 5.14
CA7 CDL TA . 37.80 -30.54 4.87
OA9 CDL TA . 38.51 -31.34 5.37
C31 CDL TA . 38.39 -29.49 3.93
C32 CDL TA . 39.24 -30.18 2.87
C33 CDL TA . 39.68 -29.14 1.86
C34 CDL TA . 40.88 -29.63 1.05
C35 CDL TA . 42.09 -29.86 1.96
C36 CDL TA . 43.04 -30.80 1.23
C37 CDL TA . 43.61 -30.08 0.01
C38 CDL TA . 44.10 -31.13 -0.98
C39 CDL TA . 42.88 -31.85 -1.55
C40 CDL TA . 43.33 -32.90 -2.55
CB2 CDL TA . 34.47 -33.51 11.44
OB2 CDL TA . 35.09 -34.30 12.40
PB2 CDL TA . 36.43 -33.74 13.18
OB3 CDL TA . 37.31 -34.93 13.53
OB4 CDL TA . 36.06 -33.04 14.46
OB5 CDL TA . 37.28 -32.70 12.24
CB3 CDL TA . 38.52 -33.12 11.74
CB4 CDL TA . 38.81 -32.37 10.44
OB6 CDL TA . 38.15 -32.94 9.32
CB5 CDL TA . 37.90 -34.32 9.28
OB7 CDL TA . 36.84 -34.74 9.59
C51 CDL TA . 38.95 -35.31 8.77
C52 CDL TA . 39.65 -34.74 7.55
C53 CDL TA . 41.02 -35.40 7.40
C54 CDL TA . 41.72 -34.74 6.22
C55 CDL TA . 41.54 -33.23 6.32
C56 CDL TA . 41.83 -32.60 4.98
C57 CDL TA . 43.33 -32.64 4.69
C58 CDL TA . 44.04 -31.59 5.54
C59 CDL TA . 45.50 -31.50 5.10
C60 CDL TA . 46.18 -30.35 5.82
C61 CDL TA . 47.59 -30.17 5.26
C62 CDL TA . 48.26 -31.54 5.13
CB6 CDL TA . 40.32 -32.31 10.21
OB8 CDL TA . 40.82 -31.10 10.72
CB7 CDL TA . 42.03 -30.69 10.16
OB9 CDL TA . 42.67 -31.44 9.49
C71 CDL TA . 42.54 -29.27 10.40
C72 CDL TA . 43.98 -29.32 10.92
C73 CDL TA . 44.43 -27.90 11.22
C74 CDL TA . 45.38 -27.90 12.41
C75 CDL TA . 46.73 -27.35 12.02
C76 CDL TA . 47.57 -27.15 13.27
C77 CDL TA . 48.24 -25.77 13.22
C78 CDL TA . 49.26 -25.76 12.09
C79 CDL TA . 49.16 -24.46 11.30
C80 CDL TA . 49.45 -23.26 12.21
C81 CDL TA . 49.11 -21.97 11.46
C82 CDL TA . 49.34 -20.78 12.38
C1 LMN UA . 59.49 -13.67 1.10
O1 LMN UA . 59.18 -14.81 1.72
C2 LMN UA . 60.72 -13.82 0.18
O2 LMN UA . 60.44 -14.74 -0.87
C3 LMN UA . 61.08 -12.49 -0.42
O3 LMN UA . 62.23 -12.64 -1.32
C4 LMN UA . 61.41 -11.54 0.62
O4 LMN UA . 61.75 -10.20 0.02
C5 LMN UA . 60.28 -11.34 1.56
O5 LMN UA . 59.83 -12.62 2.16
C6 LMN UA . 60.75 -10.42 2.65
O6 LMN UA . 59.96 -10.56 3.80
CAA LMN UA . 53.04 -17.41 12.98
CAB LMN UA . 51.27 -14.21 10.08
OAJ LMN UA . 58.81 -19.55 -5.71
OAL LMN UA . 57.90 -23.17 0.04
OAN LMN UA . 60.60 -19.07 -2.92
OAP LMN UA . 58.49 -17.78 -1.89
OAR LMN UA . 58.14 -23.79 -6.60
OAT LMN UA . 59.69 -25.47 -5.01
OAV LMN UA . 59.70 -24.35 -2.18
CAW LMN UA . 53.43 -17.92 11.56
CAX LMN UA . 51.73 -13.57 8.75
CAY LMN UA . 54.84 -17.37 11.19
CAZ LMN UA . 50.74 -14.01 7.61
CBA LMN UA . 54.74 -16.46 9.94
CBB LMN UA . 51.57 -14.38 6.34
CBC LMN UA . 54.08 -17.23 8.78
CBD LMN UA . 51.72 -13.13 5.40
CBE LMN UA . 54.74 -16.77 7.45
CBF LMN UA . 52.30 -13.61 4.04
CBG LMN UA . 55.89 -15.75 7.79
CBH LMN UA . 53.01 -14.99 4.21
CBI LMN UA . 57.16 -16.08 6.87
CBJ LMN UA . 53.40 -15.57 2.83
CBK LMN UA . 56.65 -16.30 5.38
CBL LMN UA . 54.92 -15.22 2.47
CBN LMN UA . 59.40 -20.81 -5.96
CBP LMN UA . 57.51 -21.97 -0.57
CBQ LMN UA . 57.78 -15.87 4.34
CBR LMN UA . 55.77 -16.49 2.76
CBS LMN UA . 57.72 -14.87 1.99
CBT LMN UA . 58.12 -17.48 2.30
OBV LMN UA . 58.14 -17.50 0.84
OBX LMN UA . 57.90 -19.72 0.18
OBZ LMN UA . 58.75 -21.65 -3.77
OCB LMN UA . 60.18 -21.85 -1.95
CCD LMN UA . 58.61 -21.87 -5.22
CCF LMN UA . 58.57 -20.93 -0.35
CCH LMN UA . 60.18 -19.45 -1.58
CCJ LMN UA . 58.85 -18.61 0.34
CCL LMN UA . 59.49 -18.26 -0.98
CCM LMN UA . 57.34 -16.17 2.86
CCO LMN UA . 59.09 -23.26 -5.65
CCQ LMN UA . 59.32 -20.66 -1.64
CCS LMN UA . 60.04 -22.21 -3.27
CCU LMN UA . 59.18 -24.21 -4.51
CCW LMN UA . 60.09 -23.73 -3.42
O12 PC1 VA . -10.41 34.78 -28.62
P PC1 VA . -9.80 35.49 -29.80
O14 PC1 VA . -10.44 36.84 -29.98
O13 PC1 VA . -8.18 35.68 -29.54
C11 PC1 VA . -7.74 35.80 -28.22
C12 PC1 VA . -6.43 36.57 -28.19
N PC1 VA . -5.74 36.17 -26.99
C13 PC1 VA . -4.44 36.79 -26.90
C14 PC1 VA . -6.54 36.50 -25.83
C15 PC1 VA . -5.56 34.72 -27.02
O11 PC1 VA . -10.01 34.61 -31.17
C1 PC1 VA . -9.18 34.89 -32.26
C2 PC1 VA . -9.76 34.31 -33.54
O21 PC1 VA . -8.97 34.69 -34.63
C21 PC1 VA . -8.55 33.67 -35.47
O22 PC1 VA . -9.03 32.58 -35.40
C22 PC1 VA . -7.42 33.94 -36.45
C23 PC1 VA . -7.99 34.25 -37.82
C24 PC1 VA . -6.96 35.06 -38.61
C25 PC1 VA . -5.58 34.43 -38.50
C26 PC1 VA . -5.40 33.34 -39.56
C27 PC1 VA . -3.92 33.20 -39.87
C28 PC1 VA . -3.73 32.28 -41.08
C29 PC1 VA . -2.48 32.72 -41.83
C2A PC1 VA . -2.21 31.77 -42.99
C2B PC1 VA . -1.45 32.51 -44.09
C2C PC1 VA . -2.32 33.68 -44.56
C2D PC1 VA . -1.57 34.53 -45.57
C2E PC1 VA . -2.45 35.71 -45.98
C2F PC1 VA . -1.69 36.59 -46.98
C3 PC1 VA . -11.18 34.86 -33.74
O31 PC1 VA . -11.27 36.19 -33.35
C31 PC1 VA . -11.04 37.12 -34.37
O32 PC1 VA . -11.71 37.12 -35.33
C32 PC1 VA . -9.93 38.15 -34.24
C33 PC1 VA . -9.58 38.75 -35.60
C34 PC1 VA . -8.49 39.78 -35.39
C35 PC1 VA . -8.00 40.26 -36.75
C36 PC1 VA . -6.74 41.08 -36.56
C37 PC1 VA . -6.06 41.26 -37.91
C38 PC1 VA . -6.07 39.95 -38.70
C39 PC1 VA . -4.94 39.02 -38.23
C3A PC1 VA . -3.60 39.75 -38.33
C3B PC1 VA . -3.12 39.76 -39.78
C3C PC1 VA . -2.93 38.34 -40.30
C3D PC1 VA . -1.66 37.73 -39.71
C3E PC1 VA . -1.36 36.41 -40.41
C3F PC1 VA . -1.18 36.67 -41.90
P 3PE WA . 34.25 -26.30 32.76
N 3PE WA . 30.37 -26.47 35.93
O11 3PE WA . 35.11 -24.90 32.87
O12 3PE WA . 34.81 -27.32 33.70
O13 3PE WA . 32.68 -26.00 33.16
O14 3PE WA . 34.33 -26.81 31.34
C11 3PE WA . 32.20 -26.55 34.34
C12 3PE WA . 30.93 -25.81 34.77
C1 3PE WA . 36.16 -24.83 33.79
C2 3PE WA . 37.43 -24.32 33.12
C3 3PE WA . 37.66 -25.11 31.84
O31 3PE WA . 39.04 -25.30 31.66
O32 3PE WA . 38.55 -25.97 29.59
C31 3PE WA . 39.39 -25.72 30.38
C32 3PE WA . 40.86 -25.91 29.99
C33 3PE WA . 41.52 -24.58 29.65
C34 3PE WA . 42.06 -23.94 30.93
C35 3PE WA . 43.44 -23.39 30.64
C36 3PE WA . 43.31 -22.06 29.91
C37 3PE WA . 44.70 -21.59 29.49
C38 3PE WA . 44.68 -20.10 29.15
C39 3PE WA . 46.13 -19.64 29.07
C3A 3PE WA . 46.93 -20.38 30.14
C3B 3PE WA . 48.42 -20.19 29.90
C3C 3PE WA . 48.82 -20.78 28.55
C3D 3PE WA . 50.26 -20.37 28.25
C3E 3PE WA . 50.37 -18.85 28.38
C3F 3PE WA . 51.82 -18.41 28.31
C3G 3PE WA . 52.58 -18.99 29.49
C3H 3PE WA . 54.01 -18.48 29.49
C3I 3PE WA . 54.81 -19.15 30.60
O21 3PE WA . 37.33 -22.95 32.84
O22 3PE WA . 39.47 -22.79 33.48
C21 3PE WA . 38.52 -22.24 33.03
C22 3PE WA . 38.63 -20.77 32.67
C23 3PE WA . 39.53 -20.12 33.72
C24 3PE WA . 39.36 -18.61 33.73
C25 3PE WA . 40.17 -17.95 32.62
C26 3PE WA . 41.67 -18.08 32.89
C27 3PE WA . 42.17 -16.92 33.74
C28 3PE WA . 42.09 -15.61 32.96
C29 3PE WA . 42.92 -15.72 31.68
C2A 3PE WA . 42.70 -14.49 30.80
C2B 3PE WA . 43.00 -14.88 29.36
C2C 3PE WA . 43.68 -13.76 28.60
C2D 3PE WA . 45.09 -13.57 29.15
C2E 3PE WA . 45.88 -14.86 28.97
C2F 3PE WA . 47.08 -14.84 29.91
C2G 3PE WA . 47.88 -16.13 29.73
C2H 3PE WA . 48.92 -16.19 30.83
C2I 3PE WA . 49.70 -14.88 30.84
P 3PE XA . 76.17 -19.41 64.68
N 3PE XA . 80.06 -20.08 67.17
O11 3PE XA . 75.73 -20.73 65.56
O12 3PE XA . 76.49 -19.82 63.26
O13 3PE XA . 77.47 -18.69 65.38
O14 3PE XA . 75.03 -18.43 64.66
C11 3PE XA . 77.89 -19.18 66.62
C12 3PE XA . 79.36 -18.85 66.84
C1 3PE XA . 75.80 -21.99 64.95
C2 3PE XA . 74.40 -22.53 64.67
C3 3PE XA . 74.11 -23.70 65.60
O31 3PE XA . 74.67 -23.48 66.86
O32 3PE XA . 74.58 -25.11 68.40
C31 3PE XA . 74.03 -24.20 67.88
C32 3PE XA . 72.64 -23.79 68.35
C33 3PE XA . 72.73 -23.29 69.79
C34 3PE XA . 71.36 -22.83 70.27
C35 3PE XA . 70.27 -23.75 69.74
C36 3PE XA . 69.00 -22.94 69.48
C37 3PE XA . 68.32 -22.61 70.80
C38 3PE XA . 66.94 -22.03 70.53
O21 3PE XA . 73.45 -21.51 64.84
O22 3PE XA . 71.97 -22.25 63.33
C21 3PE XA . 72.16 -21.87 64.44
C22 3PE XA . 71.00 -21.79 65.42
C23 3PE XA . 69.69 -21.77 64.66
C24 3PE XA . 68.54 -21.44 65.60
C25 3PE XA . 67.27 -21.34 64.76
C26 3PE XA . 66.09 -20.87 65.61
C27 3PE XA . 65.58 -22.02 66.47
C28 3PE XA . 64.22 -21.61 67.04
C29 3PE XA . 63.70 -22.71 67.97
C2A 3PE XA . 62.30 -22.32 68.46
C1 LMN YA . 64.12 15.46 27.35
O1 LMN YA . 63.06 14.70 27.12
C2 LMN YA . 64.37 16.38 26.14
O2 LMN YA . 63.26 17.25 25.97
C3 LMN YA . 65.62 17.19 26.31
O3 LMN YA . 65.81 18.01 25.11
C4 LMN YA . 66.80 16.36 26.51
O4 LMN YA . 67.96 17.25 26.87
C5 LMN YA . 66.63 15.35 27.59
O5 LMN YA . 65.36 14.57 27.51
C6 LMN YA . 67.78 14.38 27.50
O6 LMN YA . 67.68 13.44 28.56
CAA LMN YA . 52.13 13.56 31.98
CAB LMN YA . 55.99 10.83 34.25
OAL LMN YA . 64.80 7.14 22.90
OAN LMN YA . 66.46 12.21 24.62
OAP LMN YA . 65.95 11.46 27.27
CAW LMN YA . 53.66 13.33 31.75
CAX LMN YA . 56.19 10.47 32.76
CAY LMN YA . 54.42 14.68 31.97
CAZ LMN YA . 57.61 9.88 32.54
CBA LMN YA . 55.44 14.89 30.82
CBB LMN YA . 57.57 8.90 31.34
CBC LMN YA . 56.08 13.54 30.42
CBD LMN YA . 59.01 8.40 30.97
CBE LMN YA . 57.60 13.75 30.12
CBF LMN YA . 59.29 8.72 29.48
CBG LMN YA . 57.80 15.08 29.32
CBH LMN YA . 60.54 7.92 28.99
CBI LMN YA . 58.74 14.83 28.04
CBJ LMN YA . 61.71 8.89 28.74
CBK LMN YA . 59.82 13.70 28.33
CBL LMN YA . 61.29 10.03 27.72
CBP LMN YA . 65.24 8.45 22.67
CBQ LMN YA . 60.66 13.45 27.00
CBR LMN YA . 61.50 11.42 28.40
CBS LMN YA . 63.14 13.39 27.80
CBT LMN YA . 62.35 11.70 25.95
OBV LMN YA . 63.81 11.73 25.84
OBX LMN YA . 64.29 9.96 24.35
OCB LMN YA . 67.91 9.02 24.03
CCF LMN YA . 65.47 9.11 24.01
CCH LMN YA . 66.80 10.88 25.09
CCJ LMN YA . 64.40 10.44 25.73
CCL LMN YA . 65.84 10.51 26.20
CCM LMN YA . 61.89 12.50 27.29
CCQ LMN YA . 66.74 9.93 23.97
O12 PC1 ZA . 29.57 -0.06 40.94
P PC1 ZA . 29.92 -0.04 39.48
O14 PC1 ZA . 29.49 -1.34 38.85
O13 PC1 ZA . 29.12 1.22 38.75
C11 PC1 ZA . 28.95 1.24 37.37
C12 PC1 ZA . 27.62 0.59 36.98
N PC1 ZA . 27.62 0.26 35.56
C13 PC1 ZA . 26.29 -0.14 35.16
C14 PC1 ZA . 28.01 1.42 34.79
C15 PC1 ZA . 28.54 -0.83 35.32
O11 PC1 ZA . 31.55 0.15 39.32
C1 PC1 ZA . 32.26 -0.57 38.34
C2 PC1 ZA . 32.47 0.29 37.10
O21 PC1 ZA . 31.92 -0.36 35.99
C21 PC1 ZA . 32.14 0.22 34.73
O22 PC1 ZA . 32.72 -0.41 33.93
C22 PC1 ZA . 31.62 1.62 34.36
C23 PC1 ZA . 32.75 2.42 33.73
C24 PC1 ZA . 32.24 3.65 32.99
C25 PC1 ZA . 33.41 4.48 32.45
C26 PC1 ZA . 34.42 4.68 33.58
C27 PC1 ZA . 35.73 5.27 33.08
C28 PC1 ZA . 36.72 5.24 34.25
C29 PC1 ZA . 38.14 4.98 33.79
C2A PC1 ZA . 38.80 6.27 33.33
C2B PC1 ZA . 40.28 6.03 33.10
C2C PC1 ZA . 40.93 7.36 32.78
C2D PC1 ZA . 42.45 7.21 32.73
C2E PC1 ZA . 43.03 8.57 32.36
C3 PC1 ZA . 33.96 0.52 36.93
O31 PC1 ZA . 34.38 1.51 37.82
C31 PC1 ZA . 35.23 2.43 37.23
O32 PC1 ZA . 34.81 3.42 36.75
C32 PC1 ZA . 36.72 2.16 37.22
C33 PC1 ZA . 37.48 3.39 37.69
C34 PC1 ZA . 38.94 3.01 37.85
C35 PC1 ZA . 39.83 4.05 37.19
C36 PC1 ZA . 41.26 3.81 37.66
C37 PC1 ZA . 42.24 4.44 36.69
C38 PC1 ZA . 42.30 5.94 36.91
C39 PC1 ZA . 42.96 6.26 38.25
C3A PC1 ZA . 43.18 7.77 38.32
C3B PC1 ZA . 43.82 8.14 39.65
C3C PC1 ZA . 44.00 9.65 39.76
C3D PC1 ZA . 45.49 10.00 39.63
C3E PC1 ZA . 45.90 10.07 38.16
C3F PC1 ZA . 47.40 9.85 38.04
C3G PC1 ZA . 47.76 8.49 38.61
C3H PC1 ZA . 49.21 8.16 38.31
C3I PC1 ZA . 49.43 8.29 36.81
P 3PE AB . 43.27 -40.57 45.41
N 3PE AB . 38.48 -40.29 46.91
O11 3PE AB . 44.48 -39.57 45.92
O12 3PE AB . 43.46 -40.90 43.94
O13 3PE AB . 41.82 -39.81 45.60
O14 3PE AB . 43.28 -41.84 46.22
C11 3PE AB . 40.80 -40.49 46.28
C12 3PE AB . 39.67 -39.52 46.60
C1 3PE AB . 44.57 -38.30 45.36
C2 3PE AB . 45.83 -38.21 44.49
C3 3PE AB . 46.89 -39.17 45.03
O31 3PE AB . 48.06 -38.44 45.29
O32 3PE AB . 49.04 -40.43 45.62
C31 3PE AB . 49.16 -39.25 45.60
C32 3PE AB . 50.50 -38.60 45.93
C33 3PE AB . 51.45 -38.75 44.74
C34 3PE AB . 51.28 -37.58 43.78
C35 3PE AB . 52.58 -37.40 43.00
C36 3PE AB . 52.52 -38.23 41.72
C37 3PE AB . 53.77 -37.98 40.89
C38 3PE AB . 54.18 -36.52 40.99
O21 3PE AB . 45.51 -38.58 43.18
O22 3PE AB . 44.79 -37.37 41.44
C21 3PE AB . 45.62 -37.53 42.27
C22 3PE AB . 46.83 -36.60 42.34
C23 3PE AB . 47.42 -36.37 40.95
C24 3PE AB . 48.72 -35.62 41.10
C25 3PE AB . 49.36 -35.47 39.73
C26 3PE AB . 50.82 -35.03 39.90
C27 3PE AB . 50.89 -33.58 40.37
C28 3PE AB . 50.48 -32.63 39.24
C29 3PE AB . 51.67 -31.82 38.74
C2A 3PE AB . 52.59 -32.71 37.92
C2B 3PE AB . 53.90 -31.98 37.63
O12 PC1 BB . 42.25 -19.52 80.37
P PC1 BB . 42.48 -20.47 79.22
O14 PC1 BB . 42.80 -21.84 79.73
O13 PC1 BB . 41.20 -20.65 78.21
C11 PC1 BB . 39.92 -20.93 78.67
C12 PC1 BB . 39.31 -19.68 79.27
N PC1 BB . 39.09 -18.62 78.31
C13 PC1 BB . 37.97 -17.82 78.74
C14 PC1 BB . 40.22 -17.72 78.23
C15 PC1 BB . 38.81 -19.21 77.01
O11 PC1 BB . 43.66 -19.86 78.26
C1 PC1 BB . 43.29 -19.54 76.95
C2 PC1 BB . 44.21 -18.44 76.45
O21 PC1 BB . 43.47 -17.44 75.81
C21 PC1 BB . 43.58 -16.21 76.46
O22 PC1 BB . 42.87 -15.95 77.37
C22 PC1 BB . 44.60 -15.17 76.02
C23 PC1 BB . 44.49 -14.92 74.51
C24 PC1 BB . 45.83 -14.41 74.03
C25 PC1 BB . 46.85 -15.51 74.30
C26 PC1 BB . 48.25 -14.94 74.26
C27 PC1 BB . 49.13 -15.91 75.02
C28 PC1 BB . 50.59 -15.51 74.92
C29 PC1 BB . 51.06 -15.91 73.53
C2A PC1 BB . 52.58 -15.85 73.50
C2B PC1 BB . 53.03 -14.45 73.89
C2C PC1 BB . 54.47 -14.32 73.41
C2D PC1 BB . 55.07 -13.03 73.95
C2E PC1 BB . 56.29 -12.70 73.10
C2F PC1 BB . 56.95 -11.45 73.67
C2G PC1 BB . 57.85 -10.86 72.60
C2H PC1 BB . 58.97 -10.13 73.32
C2I PC1 BB . 59.65 -9.16 72.39
C3 PC1 BB . 45.25 -19.04 75.52
O31 PC1 BB . 46.17 -19.69 76.32
C31 PC1 BB . 47.49 -19.59 75.87
O32 PC1 BB . 47.71 -19.03 74.86
C32 PC1 BB . 48.60 -20.25 76.65
C33 PC1 BB . 49.10 -19.35 77.76
C34 PC1 BB . 50.28 -18.54 77.25
C35 PC1 BB . 51.45 -19.48 76.97
C36 PC1 BB . 52.67 -18.63 76.60
C37 PC1 BB . 53.92 -19.51 76.67
C38 PC1 BB . 55.14 -18.61 76.56
C39 PC1 BB . 55.34 -18.14 75.12
C3A PC1 BB . 56.06 -19.24 74.32
C3B PC1 BB . 56.38 -18.73 72.92
C3C PC1 BB . 55.09 -18.34 72.19
C3D PC1 BB . 55.42 -17.63 70.87
C3E PC1 BB . 56.56 -16.64 71.10
C3F PC1 BB . 56.67 -15.67 69.91
C3G PC1 BB . 55.41 -14.82 69.85
C3H PC1 BB . 55.60 -13.67 68.86
C3I PC1 BB . 56.82 -12.86 69.24
P 3PE CB . 25.21 20.02 16.76
N 3PE CB . 21.30 17.47 14.97
O11 3PE CB . 26.28 19.81 15.52
O12 3PE CB . 25.39 18.93 17.78
O13 3PE CB . 23.70 19.93 16.14
O14 3PE CB . 25.43 21.36 17.42
C11 3PE CB . 23.18 18.66 15.91
C12 3PE CB . 21.70 18.74 15.55
C1 3PE CB . 27.43 19.06 15.72
C2 3PE CB . 28.63 19.74 15.08
C3 3PE CB . 28.69 21.19 15.54
O31 3PE CB . 30.00 21.55 15.86
O32 3PE CB . 29.52 22.00 18.00
C31 3PE CB . 30.30 21.57 17.24
C32 3PE CB . 31.62 20.98 17.72
C33 3PE CB . 31.40 19.53 18.18
C34 3PE CB . 32.72 18.93 18.67
C35 3PE CB . 32.52 17.46 18.97
C36 3PE CB . 32.79 16.64 17.70
O21 3PE CB . 29.78 19.05 15.48
O22 3PE CB . 30.06 16.95 14.73
C21 3PE CB . 30.33 18.11 14.62
C22 3PE CB . 31.35 18.52 13.56
C23 3PE CB . 32.10 17.25 13.14
C24 3PE CB . 33.51 17.58 12.67
C25 3PE CB . 34.36 17.90 13.89
C26 3PE CB . 35.82 17.96 13.49
C27 3PE CB . 36.67 18.22 14.74
C28 3PE CB . 38.12 18.42 14.34
C29 3PE CB . 38.96 18.64 15.59
C2A 3PE CB . 40.38 18.98 15.20
P 3PE DB . 31.80 15.97 36.31
N 3PE DB . 27.50 13.95 36.15
O11 3PE DB . 33.23 15.27 35.90
O12 3PE DB . 32.07 17.17 37.18
O13 3PE DB . 30.83 14.90 37.09
O14 3PE DB . 31.09 16.41 35.06
C11 3PE DB . 29.83 14.31 36.30
C12 3PE DB . 28.47 14.92 36.59
C1 3PE DB . 34.21 16.10 35.35
C2 3PE DB . 35.62 15.54 35.56
C3 3PE DB . 35.85 15.16 37.02
O31 3PE DB . 36.97 14.32 37.04
O32 3PE DB . 37.99 15.64 38.51
C31 3PE DB . 38.09 14.84 37.66
C32 3PE DB . 39.48 14.38 37.21
C33 3PE DB . 39.92 13.25 38.14
C34 3PE DB . 41.35 12.82 37.84
C35 3PE DB . 42.17 14.01 37.33
C36 3PE DB . 43.50 13.52 36.78
C37 3PE DB . 43.29 12.20 36.04
O21 3PE DB . 35.80 14.38 34.79
O22 3PE DB . 35.65 13.95 32.61
C21 3PE DB . 36.16 14.60 33.46
C22 3PE DB . 37.20 15.66 33.11
C23 3PE DB . 37.61 15.55 31.65
C24 3PE DB . 38.75 14.55 31.45
C25 3PE DB . 39.13 14.56 29.96
C26 3PE DB . 40.31 13.65 29.69
C27 3PE DB . 40.68 13.77 28.21
C28 3PE DB . 41.88 12.87 27.88
C29 3PE DB . 42.40 13.19 26.48
C2A 3PE DB . 43.04 14.58 26.44
C2B 3PE DB . 43.56 14.86 25.03
C2C 3PE DB . 44.26 16.22 24.97
C2D 3PE DB . 44.78 16.46 23.56
P 3PE EB . 41.28 11.69 102.36
N 3PE EB . 42.09 11.56 106.91
O11 3PE EB . 42.78 12.29 102.70
O12 3PE EB . 40.31 12.83 102.20
O13 3PE EB . 40.75 10.74 103.61
O14 3PE EB . 41.32 10.88 101.09
C11 3PE EB . 40.75 11.28 104.91
C12 3PE EB . 42.00 10.83 105.66
C1 3PE EB . 43.18 13.49 102.11
C2 3PE EB . 43.57 14.47 103.22
C3 3PE EB . 44.39 13.73 104.27
O31 3PE EB . 43.71 13.80 105.50
O32 3PE EB . 44.63 13.59 107.53
C31 3PE EB . 44.48 14.28 106.58
C32 3PE EB . 45.08 15.68 106.54
C33 3PE EB . 46.60 15.58 106.62
C34 3PE EB . 47.20 16.98 106.60
C35 3PE EB . 48.61 16.95 107.15
C36 3PE EB . 49.19 18.36 107.10
C37 3PE EB . 49.49 18.69 105.64
C38 3PE EB . 50.47 19.85 105.54
C39 3PE EB . 51.12 19.82 104.15
C3A 3PE EB . 52.35 20.72 104.15
O21 3PE EB . 44.34 15.51 102.70
O22 3PE EB . 42.50 16.76 102.44
C21 3PE EB . 43.67 16.73 102.63
C22 3PE EB . 44.43 18.04 102.82
C23 3PE EB . 45.94 17.78 102.76
C24 3PE EB . 46.65 19.12 102.69
C25 3PE EB . 46.35 19.77 101.34
C26 3PE EB . 46.80 21.23 101.35
C27 3PE EB . 48.30 21.33 101.59
C28 3PE EB . 49.07 20.90 100.33
C29 3PE EB . 48.83 21.91 99.21
C2A 3PE EB . 49.86 21.68 98.11
C2B 3PE EB . 51.27 21.95 98.64
C2C 3PE EB . 52.29 21.53 97.59
C2D 3PE EB . 51.97 22.26 96.28
C2E 3PE EB . 53.11 23.20 95.92
C2F 3PE EB . 54.34 22.38 95.54
C2G 3PE EB . 55.46 23.31 95.09
C2H 3PE EB . 56.60 22.49 94.51
C2I 3PE EB . 57.09 21.52 95.58
C1 LMN FB . 72.30 21.61 63.24
O1 LMN FB . 72.59 21.19 64.47
C2 LMN FB . 73.59 22.10 62.54
O2 LMN FB . 73.73 21.43 61.31
C3 LMN FB . 73.63 23.58 62.28
O3 LMN FB . 73.74 24.29 63.57
C4 LMN FB . 72.46 24.08 61.55
O4 LMN FB . 72.64 23.76 60.08
C5 LMN FB . 71.18 23.48 62.00
O5 LMN FB . 71.31 22.78 63.31
C6 LMN FB . 70.15 24.57 62.13
O6 LMN FB . 70.00 25.22 60.89
CAA LMN FB . 69.41 9.50 65.74
CAB LMN FB . 66.84 13.16 69.16
OAI LMN FB . 75.01 27.24 61.41
OAJ LMN FB . 78.25 27.26 64.97
OAL LMN FB . 76.66 24.54 64.48
OAN LMN FB . 77.30 24.11 68.92
OAP LMN FB . 75.05 23.51 67.49
OAQ LMN FB . 73.22 28.52 57.54
OAR LMN FB . 81.36 28.65 67.19
OAS LMN FB . 72.51 26.26 56.07
OAT LMN FB . 81.46 26.86 69.38
OAU LMN FB . 71.36 24.22 58.01
OAV LMN FB . 81.90 24.11 67.55
CAW LMN FB . 70.20 10.64 65.03
CAX LMN FB . 67.84 14.31 69.39
CAY LMN FB . 69.55 11.99 65.44
CAZ LMN FB . 67.58 14.95 70.79
CBA LMN FB . 69.64 13.00 64.25
CBB LMN FB . 68.10 16.41 70.79
CBC LMN FB . 71.08 13.04 63.70
CBD LMN FB . 69.65 16.42 71.04
CBE LMN FB . 71.52 14.53 63.58
CBF LMN FB . 70.30 17.58 70.21
CBG LMN FB . 70.31 15.45 64.00
CBH LMN FB . 71.74 17.85 70.74
CBI LMN FB . 70.81 16.55 65.04
CBJ LMN FB . 72.41 18.95 69.88
CBK LMN FB . 72.25 17.05 64.59
CBL LMN FB . 72.62 18.42 68.40
CBM LMN FB . 74.96 27.34 60.02
CBN LMN FB . 79.54 27.86 65.05
CBP LMN FB . 77.57 23.51 64.26
CBQ LMN FB . 73.05 17.59 65.85
CBR LMN FB . 72.41 19.58 67.38
CBS LMN FB . 72.10 19.83 64.78
CBT LMN FB . 74.51 19.73 65.82
OBV LMN FB . 74.61 20.90 66.70
OBX LMN FB . 76.29 21.93 65.49
OBY LMN FB . 72.88 26.09 60.16
OBZ LMN FB . 80.06 25.54 65.62
OCB LMN FB . 79.36 23.65 66.80
CCC LMN FB . 73.52 27.27 59.55
CCD LMN FB . 80.52 26.94 65.73
CCF LMN FB . 77.61 22.64 65.48
CCH LMN FB . 77.35 23.02 67.97
CCJ LMN FB . 75.92 21.39 66.79
CCL LMN FB . 75.97 22.46 67.85
CCM LMN FB . 73.00 19.17 65.96
CCN LMN FB . 73.49 27.21 58.04
CCO LMN FB . 80.67 27.39 67.18
CCQ LMN FB . 77.88 23.52 66.68
CCR LMN FB . 73.20 24.84 59.43
CCS LMN FB . 79.72 24.96 66.95
CCT LMN FB . 72.45 26.27 57.53
CCU LMN FB . 81.46 26.41 68.00
CCV LMN FB . 72.64 24.88 58.01
CCW LMN FB . 80.87 25.05 67.94
O12 PC1 GB . 40.82 6.79 78.40
P PC1 GB . 41.86 5.98 79.10
O14 PC1 GB . 42.62 6.86 80.06
O13 PC1 GB . 41.17 4.73 79.91
C11 PC1 GB . 40.34 5.04 81.00
C12 PC1 GB . 40.54 3.99 82.09
N PC1 GB . 39.57 4.22 83.13
C13 PC1 GB . 39.52 5.63 83.45
C14 PC1 GB . 38.26 3.78 82.67
C15 PC1 GB . 39.96 3.47 84.31
O11 PC1 GB . 42.87 5.39 77.95
C1 PC1 GB . 42.59 4.13 77.41
C2 PC1 GB . 42.88 4.13 75.91
O21 PC1 GB . 43.64 5.26 75.60
C21 PC1 GB . 45.01 5.06 75.68
O22 PC1 GB . 45.56 5.23 76.72
C22 PC1 GB . 45.81 4.66 74.45
C23 PC1 GB . 47.25 5.13 74.61
C24 PC1 GB . 47.36 6.65 74.49
C25 PC1 GB . 48.83 7.03 74.62
C26 PC1 GB . 48.94 8.53 74.93
C27 PC1 GB . 50.41 8.90 74.99
C28 PC1 GB . 50.53 10.41 75.18
C29 PC1 GB . 52.02 10.79 75.18
C2A PC1 GB . 52.16 12.31 75.15
C2B PC1 GB . 53.63 12.66 75.24
C2C PC1 GB . 54.36 12.11 74.01
C3 PC1 GB . 41.54 4.15 75.19
O31 PC1 GB . 41.70 4.36 73.82
C31 PC1 GB . 41.83 3.17 73.09
O32 PC1 GB . 41.42 2.15 73.52
C32 PC1 GB . 42.52 3.21 71.72
C33 PC1 GB . 42.45 4.62 71.17
C34 PC1 GB . 43.35 4.75 69.95
C35 PC1 GB . 44.72 5.23 70.39
C36 PC1 GB . 45.71 5.12 69.23
C37 PC1 GB . 46.97 5.92 69.53
C38 PC1 GB . 46.62 7.37 69.88
C39 PC1 GB . 47.76 7.96 70.70
C3A PC1 GB . 49.02 8.10 69.85
C3B PC1 GB . 50.08 8.84 70.66
C3C PC1 GB . 51.25 9.21 69.76
C3D PC1 GB . 52.29 9.96 70.56
P 3PE HB . 36.18 28.34 92.23
N 3PE HB . 31.89 30.87 92.94
O11 3PE HB . 37.52 28.16 93.17
O12 3PE HB . 35.72 26.99 91.74
O13 3PE HB . 34.99 29.03 93.13
O14 3PE HB . 36.50 29.22 91.04
C11 3PE HB . 33.87 29.54 92.47
C12 3PE HB . 32.80 29.90 93.50
C1 3PE HB . 38.11 29.32 93.69
C2 3PE HB . 39.46 29.52 93.04
C3 3PE HB . 39.89 30.98 93.26
O31 3PE HB . 41.17 31.20 92.74
O32 3PE HB . 41.85 31.56 94.85
C31 3PE HB . 42.16 31.35 93.72
C32 3PE HB . 43.63 31.18 93.35
C33 3PE HB . 44.49 31.99 94.31
C34 3PE HB . 45.96 31.73 93.98
C35 3PE HB . 46.33 30.34 94.51
C36 3PE HB . 47.85 30.22 94.66
C37 3PE HB . 48.18 29.05 95.57
O21 3PE HB . 40.37 28.65 93.64
O22 3PE HB . 41.07 27.99 91.60
C21 3PE HB . 41.28 28.04 92.77
C22 3PE HB . 42.57 27.47 93.35
C23 3PE HB . 43.09 26.34 92.47
C24 3PE HB . 44.01 25.50 93.33
C25 3PE HB . 44.60 24.34 92.55
C26 3PE HB . 45.78 24.85 91.73
C27 3PE HB . 46.74 23.69 91.47
C28 3PE HB . 47.47 23.33 92.76
C29 3PE HB . 48.34 24.51 93.18
C2A 3PE HB . 49.08 24.15 94.47
C2B 3PE HB . 49.84 25.38 94.95
FE1 FES IB . -79.74 -16.28 -34.78
FE2 FES IB . -79.15 -14.01 -36.52
S1 FES IB . -78.52 -14.46 -34.46
S2 FES IB . -80.15 -15.96 -36.95
FE1 SF4 JB . -65.39 -2.79 -42.59
FE2 SF4 JB . -67.30 -3.40 -40.68
FE3 SF4 JB . -67.98 -3.20 -43.35
FE4 SF4 JB . -67.32 -0.85 -41.91
S1 SF4 JB . -69.06 -2.26 -41.56
S2 SF4 JB . -66.65 -1.51 -44.02
S3 SF4 JB . -65.70 -1.78 -40.53
S4 SF4 JB . -66.59 -4.71 -42.40
FE1 SF4 KB . -80.42 -1.50 -39.85
FE2 SF4 KB . -78.84 -2.69 -41.93
FE3 SF4 KB . -78.99 -3.89 -39.34
FE4 SF4 KB . -77.63 -1.49 -39.75
S1 SF4 KB . -77.14 -3.51 -40.67
S2 SF4 KB . -79.12 -1.99 -38.06
S3 SF4 KB . -78.94 -0.45 -41.29
S4 SF4 KB . -80.75 -3.53 -40.80
FE1 SF4 LB . -84.66 -16.70 -46.68
FE2 SF4 LB . -85.17 -16.69 -49.44
FE3 SF4 LB . -86.74 -15.17 -47.70
FE4 SF4 LB . -86.96 -17.89 -47.67
S1 SF4 LB . -87.43 -16.50 -49.41
S2 SF4 LB . -86.81 -16.50 -45.86
S3 SF4 LB . -84.86 -18.54 -48.07
S4 SF4 LB . -84.55 -14.90 -48.11
N1 FMN MB . -97.53 -24.88 -52.07
C2 FMN MB . -98.59 -24.60 -52.84
O2 FMN MB . -99.61 -25.26 -52.73
N3 FMN MB . -98.59 -23.60 -53.74
C4 FMN MB . -97.49 -22.81 -53.94
O4 FMN MB . -97.52 -21.91 -54.77
C4A FMN MB . -96.37 -23.04 -53.15
N5 FMN MB . -95.33 -22.27 -53.32
C5A FMN MB . -94.26 -22.50 -52.51
C6 FMN MB . -93.14 -21.66 -52.65
C7 FMN MB . -92.02 -21.81 -51.87
C7M FMN MB . -90.84 -20.89 -52.04
C8 FMN MB . -91.99 -22.84 -50.90
C8M FMN MB . -90.78 -23.03 -50.03
C9 FMN MB . -93.08 -23.69 -50.76
C9A FMN MB . -94.23 -23.53 -51.54
N10 FMN MB . -95.35 -24.35 -51.42
C10 FMN MB . -96.47 -24.12 -52.21
C1' FMN MB . -95.40 -25.42 -50.42
C2' FMN MB . -96.12 -24.99 -49.15
O2' FMN MB . -95.21 -24.42 -48.22
C3' FMN MB . -96.95 -26.10 -48.50
O3' FMN MB . -96.19 -27.30 -48.46
C4' FMN MB . -98.28 -26.36 -49.21
O4' FMN MB . -98.80 -25.12 -49.67
C5' FMN MB . -99.33 -26.97 -48.31
O5' FMN MB . -99.01 -28.34 -47.96
P FMN MB . -99.81 -29.54 -48.67
O1P FMN MB . -101.25 -29.15 -48.76
O2P FMN MB . -99.17 -29.72 -50.03
O3P FMN MB . -99.61 -30.73 -47.75
C1 CDL NB . -3.81 -1.18 -67.48
O1 CDL NB . -4.07 -1.02 -68.83
CA2 CDL NB . -2.43 -0.64 -67.19
OA2 CDL NB . -2.48 0.74 -67.34
PA1 CDL NB . -1.22 1.60 -66.74
OA3 CDL NB . -1.21 1.44 -65.25
OA4 CDL NB . -1.33 3.06 -67.09
OA5 CDL NB . 0.17 1.01 -67.40
CA3 CDL NB . 1.32 0.98 -66.61
CA4 CDL NB . 2.45 1.70 -67.33
OA6 CDL NB . 3.66 1.46 -66.68
CA5 CDL NB . 4.10 0.14 -66.68
OA7 CDL NB . 4.21 -0.45 -67.71
C11 CDL NB . 4.47 -0.55 -65.37
C12 CDL NB . 5.27 0.40 -64.48
C13 CDL NB . 4.89 0.13 -63.02
C14 CDL NB . 5.49 1.18 -62.10
C15 CDL NB . 4.74 1.15 -60.76
C16 CDL NB . 5.09 2.40 -59.96
C17 CDL NB . 5.94 2.06 -58.75
C18 CDL NB . 5.09 1.32 -57.71
C19 CDL NB . 5.93 1.01 -56.48
C20 CDL NB . 6.38 2.33 -55.86
C21 CDL NB . 7.39 2.07 -54.76
C22 CDL NB . 8.13 3.37 -54.46
C23 CDL NB . 7.13 4.52 -54.33
CA6 CDL NB . 2.16 3.20 -67.25
OA8 CDL NB . 2.33 3.58 -65.92
CA7 CDL NB . 3.35 4.52 -65.72
OA9 CDL NB . 4.08 4.79 -66.61
C31 CDL NB . 3.52 5.17 -64.35
C32 CDL NB . 4.85 4.74 -63.74
C33 CDL NB . 5.89 5.83 -63.90
C34 CDL NB . 5.38 7.16 -63.33
C35 CDL NB . 5.46 7.11 -61.80
C36 CDL NB . 5.71 8.49 -61.22
C37 CDL NB . 4.44 9.33 -61.15
C38 CDL NB . 4.76 10.60 -60.38
C39 CDL NB . 5.83 11.36 -61.15
C40 CDL NB . 6.29 12.61 -60.41
C41 CDL NB . 5.11 13.47 -59.99
C42 CDL NB . 5.60 14.56 -59.03
C43 CDL NB . 6.51 15.53 -59.77
CB2 CDL NB . -3.84 -2.67 -67.16
OB2 CDL NB . -3.52 -2.88 -65.82
PB2 CDL NB . -4.06 -4.28 -65.15
OB3 CDL NB . -5.27 -4.74 -65.91
OB4 CDL NB . -4.47 -4.00 -63.74
OB5 CDL NB . -2.87 -5.42 -65.19
CB3 CDL NB . -2.63 -6.19 -64.06
CB4 CDL NB . -1.48 -5.57 -63.27
OB6 CDL NB . -0.78 -4.68 -64.08
CB5 CDL NB . -0.73 -3.38 -63.59
OB7 CDL NB . -1.34 -3.11 -62.61
C51 CDL NB . 0.10 -2.30 -64.29
C52 CDL NB . 1.48 -2.22 -63.64
C53 CDL NB . 2.20 -3.56 -63.77
C54 CDL NB . 2.70 -4.00 -62.40
C55 CDL NB . 3.96 -3.22 -62.08
C56 CDL NB . 4.57 -3.71 -60.77
C57 CDL NB . 5.84 -2.92 -60.48
C58 CDL NB . 6.19 -3.04 -59.01
C59 CDL NB . 7.54 -2.37 -58.75
C60 CDL NB . 7.89 -2.50 -57.27
CB6 CDL NB . -0.56 -6.65 -62.71
OB8 CDL NB . -0.30 -6.36 -61.38
CB7 CDL NB . 0.76 -7.10 -60.86
OB9 CDL NB . 1.01 -8.17 -61.32
C71 CDL NB . 1.58 -6.52 -59.71
C72 CDL NB . 2.12 -7.61 -58.78
C73 CDL NB . 2.45 -7.04 -57.42
C74 CDL NB . 3.79 -6.30 -57.41
C75 CDL NB . 4.87 -7.17 -58.03
C76 CDL NB . 6.24 -6.54 -57.75
P 3PE OB . -10.92 46.91 -31.24
N 3PE OB . -10.02 46.24 -27.67
O11 3PE OB . -9.44 46.44 -31.80
O12 3PE OB . -11.99 46.06 -31.87
O13 3PE OB . -10.97 46.70 -29.63
O14 3PE OB . -11.14 48.37 -31.53
C11 3PE OB . -11.71 45.63 -29.14
C12 3PE OB . -11.14 45.35 -27.77
C1 3PE OB . -8.51 47.40 -32.18
C2 3PE OB . -7.96 47.09 -33.56
C3 3PE OB . -8.14 48.29 -34.49
O31 3PE OB . -9.07 47.97 -35.50
O32 3PE OB . -9.04 48.58 -37.65
C31 3PE OB . -8.58 47.89 -36.80
C32 3PE OB . -7.45 46.92 -37.15
C33 3PE OB . -7.63 46.35 -38.54
C34 3PE OB . -6.90 45.01 -38.59
C35 3PE OB . -7.14 44.32 -39.93
C36 3PE OB . -5.89 44.43 -40.79
C37 3PE OB . -5.86 43.28 -41.78
C38 3PE OB . -4.44 43.09 -42.32
C39 3PE OB . -4.34 41.74 -43.01
C3A 3PE OB . -2.88 41.46 -43.37
C3B 3PE OB . -2.76 40.07 -44.00
O21 3PE OB . -6.59 46.83 -33.48
O22 3PE OB . -6.85 44.61 -33.44
C21 3PE OB . -6.23 45.53 -33.85
C22 3PE OB . -5.04 45.30 -34.78
C23 3PE OB . -4.43 43.94 -34.48
C24 3PE OB . -3.15 43.77 -35.29
C25 3PE OB . -3.48 43.80 -36.79
PA NDP PB . -20.96 40.88 -20.77
O1A NDP PB . -19.85 41.77 -21.24
O2A NDP PB . -20.62 39.50 -20.32
O5B NDP PB . -22.08 40.81 -21.90
C5B NDP PB . -22.56 42.05 -22.47
C4B NDP PB . -23.45 41.74 -23.65
O4B NDP PB . -23.59 42.93 -24.46
C3B NDP PB . -22.98 40.63 -24.61
O3B NDP PB . -24.00 39.66 -24.79
C2B NDP PB . -22.64 41.38 -25.89
O2B NDP PB . -22.90 40.62 -27.07
C1B NDP PB . -23.57 42.58 -25.82
N9A NDP PB . -23.05 43.73 -26.56
C8A NDP PB . -22.01 44.53 -26.17
N7A NDP PB . -21.75 45.49 -27.03
C5A NDP PB . -22.69 45.31 -28.03
C6A NDP PB . -22.94 46.02 -29.22
N6A NDP PB . -22.24 47.07 -29.62
N1A NDP PB . -23.95 45.57 -30.00
C2A NDP PB . -24.66 44.51 -29.60
N3A NDP PB . -24.51 43.77 -28.51
C4A NDP PB . -23.49 44.23 -27.75
O3 NDP PB . -21.75 41.57 -19.56
PN NDP PB . -22.51 40.91 -18.31
O1N NDP PB . -23.44 39.86 -18.80
O2N NDP PB . -21.51 40.49 -17.30
O5D NDP PB . -23.35 42.15 -17.76
C5D NDP PB . -24.70 42.35 -18.24
C4D NDP PB . -25.10 43.78 -17.96
O4D NDP PB . -24.62 44.13 -16.65
C3D NDP PB . -24.51 44.82 -18.93
O3D NDP PB . -25.47 45.81 -19.26
C2D NDP PB . -23.37 45.39 -18.08
O2D NDP PB . -22.96 46.68 -18.51
C1D NDP PB . -23.98 45.39 -16.69
N1N NDP PB . -22.93 45.40 -15.63
C2N NDP PB . -22.14 44.31 -15.39
C3N NDP PB . -21.38 44.19 -14.26
C7N NDP PB . -20.61 42.94 -14.06
O7N NDP PB . -20.00 42.76 -13.00
N7N NDP PB . -20.63 42.03 -15.02
C4N NDP PB . -21.37 45.31 -13.28
C5N NDP PB . -22.14 46.48 -13.70
C6N NDP PB . -22.74 46.53 -14.86
P2B NDP PB . -21.58 39.93 -27.67
O1X NDP PB . -21.25 38.71 -26.83
O2X NDP PB . -21.89 39.57 -29.10
O3X NDP PB . -20.51 40.96 -27.58
FE1 FES QB . -94.74 -18.40 -68.62
FE2 FES QB . -95.59 -20.34 -66.41
S1 FES QB . -96.71 -18.89 -67.69
S2 FES QB . -93.66 -19.98 -67.45
FE1 SF4 RB . -52.90 6.07 -45.67
FE2 SF4 RB . -54.99 5.93 -43.78
FE3 SF4 RB . -53.97 8.40 -44.78
FE4 SF4 RB . -52.50 6.85 -42.97
S1 SF4 RB . -54.52 7.80 -42.59
S2 SF4 RB . -51.78 7.87 -44.93
S3 SF4 RB . -53.02 4.72 -43.77
S4 SF4 RB . -55.05 6.73 -45.92
FE1 SF4 SB . -41.57 5.98 -39.37
FE2 SF4 SB . -43.82 5.02 -40.90
FE3 SF4 SB . -43.86 4.98 -38.08
FE4 SF4 SB . -42.16 3.20 -39.43
S1 SF4 SB . -44.49 3.30 -39.42
S2 SF4 SB . -41.66 4.55 -37.63
S3 SF4 SB . -41.54 4.53 -41.18
S4 SF4 SB . -43.77 6.80 -39.51
P 3PE TB . 11.28 -15.26 -29.77
N 3PE TB . 8.16 -18.65 -30.09
O11 3PE TB . 10.53 -14.80 -31.15
O12 3PE TB . 12.77 -15.27 -29.95
O13 3PE TB . 10.75 -16.78 -29.42
O14 3PE TB . 10.89 -14.33 -28.64
C11 3PE TB . 10.25 -17.53 -30.50
C12 3PE TB . 9.59 -18.80 -29.97
C1 3PE TB . 9.60 -13.76 -31.09
C2 3PE TB . 9.80 -12.92 -32.35
C3 3PE TB . 9.17 -11.54 -32.22
O31 3PE TB . 8.71 -11.15 -33.48
O32 3PE TB . 9.44 -9.09 -32.97
C31 3PE TB . 8.93 -9.80 -33.78
C32 3PE TB . 8.52 -9.23 -35.13
C33 3PE TB . 9.68 -8.51 -35.81
C34 3PE TB . 9.08 -7.50 -36.79
C35 3PE TB . 10.16 -6.57 -37.32
C36 3PE TB . 9.54 -5.21 -37.61
C37 3PE TB . 8.99 -5.13 -39.04
C38 3PE TB . 10.13 -5.36 -40.03
C39 3PE TB . 9.54 -5.80 -41.37
C3A 3PE TB . 10.65 -6.33 -42.26
C3B 3PE TB . 11.54 -5.17 -42.70
C3C 3PE TB . 12.27 -5.56 -43.98
C3D 3PE TB . 13.12 -4.40 -44.47
C3E 3PE TB . 13.33 -4.53 -45.97
C3F 3PE TB . 14.36 -3.51 -46.44
C3G 3PE TB . 14.03 -2.15 -45.86
O21 3PE TB . 11.16 -12.82 -32.57
O22 3PE TB . 10.72 -13.43 -34.67
C21 3PE TB . 11.51 -13.00 -33.91
C22 3PE TB . 12.92 -12.65 -34.37
C23 3PE TB . 13.10 -13.15 -35.79
C24 3PE TB . 13.46 -11.98 -36.71
C25 3PE TB . 14.93 -11.66 -36.57
C26 3PE TB . 15.28 -10.58 -37.59
C27 3PE TB . 16.63 -9.95 -37.26
C28 3PE TB . 17.75 -10.75 -37.91
C29 3PE TB . 17.93 -10.23 -39.33
C2A 3PE TB . 18.82 -11.22 -40.10
C2B 3PE TB . 20.00 -11.58 -39.22
P 3PE UB . 18.28 -31.21 -40.33
N 3PE UB . 14.35 -32.83 -41.69
O11 3PE UB . 19.84 -31.22 -39.78
O12 3PE UB . 17.35 -30.96 -39.18
O13 3PE UB . 17.93 -32.67 -41.01
O14 3PE UB . 18.10 -30.10 -41.34
C11 3PE UB . 16.79 -32.80 -41.81
C12 3PE UB . 15.56 -33.13 -40.95
C1 3PE UB . 20.12 -30.73 -38.50
C2 3PE UB . 21.39 -29.87 -38.53
C3 3PE UB . 21.69 -29.49 -39.97
O31 3PE UB . 21.46 -28.13 -40.14
O32 3PE UB . 23.59 -28.01 -40.83
C31 3PE UB . 22.60 -27.42 -40.58
C32 3PE UB . 22.55 -25.90 -40.71
C33 3PE UB . 21.40 -25.36 -39.87
C34 3PE UB . 21.35 -23.84 -40.01
C35 3PE UB . 21.57 -23.45 -41.46
C36 3PE UB . 22.35 -22.14 -41.53
C37 3PE UB . 21.48 -21.00 -41.01
C38 3PE UB . 22.12 -19.67 -41.43
C39 3PE UB . 21.24 -18.52 -40.92
C3A 3PE UB . 21.40 -18.43 -39.41
C3B 3PE UB . 22.10 -17.13 -39.04
C3C 3PE UB . 21.23 -15.96 -39.47
C3D 3PE UB . 21.88 -14.65 -39.00
C3E 3PE UB . 21.82 -14.55 -37.49
O21 3PE UB . 21.22 -28.71 -37.76
O22 3PE UB . 22.72 -29.41 -36.25
C21 3PE UB . 22.20 -28.49 -36.78
C22 3PE UB . 22.62 -27.07 -36.42
C23 3PE UB . 23.95 -26.73 -37.11
C24 3PE UB . 24.17 -25.22 -37.08
C25 3PE UB . 25.40 -24.86 -37.91
C26 3PE UB . 25.28 -23.42 -38.40
C27 3PE UB . 26.46 -23.03 -39.29
C28 3PE UB . 26.10 -21.81 -40.13
C29 3PE UB . 26.15 -20.52 -39.32
C2A 3PE UB . 25.81 -19.34 -40.24
C2B 3PE UB . 26.23 -18.01 -39.61
C2C 3PE UB . 25.93 -16.87 -40.59
C2D 3PE UB . 26.85 -15.69 -40.30
C2E 3PE UB . 26.60 -14.55 -41.29
C2F 3PE UB . 25.31 -13.80 -40.93
P 3PE VB . 33.06 19.67 40.13
N 3PE VB . 31.07 15.14 40.75
O11 3PE VB . 34.56 19.22 39.65
O12 3PE VB . 33.07 19.92 41.62
O13 3PE VB . 32.00 18.46 39.81
O14 3PE VB . 32.63 20.92 39.40
C11 3PE VB . 32.02 17.34 40.63
C12 3PE VB . 30.79 16.51 40.36
C1 3PE VB . 34.97 19.56 38.37
C2 3PE VB . 36.36 18.97 38.19
C3 3PE VB . 36.78 19.08 36.72
O31 3PE VB . 37.96 18.35 36.57
O32 3PE VB . 38.14 19.08 34.47
C31 3PE VB . 38.68 18.61 35.41
C32 3PE VB . 40.17 18.34 35.39
C33 3PE VB . 40.51 17.31 34.32
C34 3PE VB . 42.03 17.13 34.33
C35 3PE VB . 42.59 17.50 35.71
C36 3PE VB . 44.02 17.99 35.54
C37 3PE VB . 44.93 16.79 35.24
C38 3PE VB . 46.39 17.21 35.40
O21 3PE VB . 37.29 19.67 38.98
O22 3PE VB . 37.42 17.87 40.30
C21 3PE VB . 37.91 18.88 39.95
C22 3PE VB . 39.25 19.31 40.54
C23 3PE VB . 39.35 20.82 40.52
C24 3PE VB . 40.71 21.24 41.07
C25 3PE VB . 41.82 20.61 40.23
C26 3PE VB . 43.17 21.12 40.72
C27 3PE VB . 44.29 20.44 39.95
FE1 SF4 WB . -29.31 4.70 -35.22
FE2 SF4 WB . -31.84 3.54 -35.38
FE3 SF4 WB . -30.92 4.40 -32.89
FE4 SF4 WB . -29.75 2.21 -34.10
S1 SF4 WB . -31.89 2.41 -33.42
S2 SF4 WB . -28.67 3.96 -33.12
S3 SF4 WB . -29.89 2.80 -36.32
S4 SF4 WB . -31.35 5.69 -34.77
O12 PC1 XB . -14.40 28.05 -49.99
P PC1 XB . -13.35 26.97 -50.01
O14 PC1 XB . -13.21 26.36 -48.63
O13 PC1 XB . -13.75 25.80 -51.09
C11 PC1 XB . -14.40 24.65 -50.64
C12 PC1 XB . -13.93 23.45 -51.48
N PC1 XB . -14.83 22.34 -51.28
C13 PC1 XB . -14.21 21.12 -51.78
C14 PC1 XB . -15.11 22.19 -49.86
C15 PC1 XB . -16.07 22.58 -51.98
O11 PC1 XB . -11.95 27.68 -50.52
C1 PC1 XB . -12.09 28.56 -51.58
C2 PC1 XB . -10.71 29.01 -52.06
O21 PC1 XB . -10.80 29.72 -53.27
C21 PC1 XB . -11.46 30.96 -53.19
O22 PC1 XB . -12.52 31.09 -53.70
C22 PC1 XB . -10.83 32.15 -52.46
C23 PC1 XB . -9.36 32.34 -52.82
C24 PC1 XB . -8.81 33.47 -51.94
C25 PC1 XB . -7.46 33.95 -52.47
C26 PC1 XB . -6.44 32.81 -52.48
C27 PC1 XB . -5.80 32.71 -51.10
C28 PC1 XB . -4.41 32.08 -51.24
C29 PC1 XB . -3.65 32.29 -49.93
C2A PC1 XB . -2.23 31.74 -50.06
C2B PC1 XB . -1.52 31.90 -48.71
C2C PC1 XB . -0.11 31.32 -48.80
C2D PC1 XB . 0.57 31.47 -47.44
C3 PC1 XB . -9.88 27.75 -52.27
O31 PC1 XB . -8.52 28.10 -52.29
C31 PC1 XB . -7.95 28.27 -51.03
O32 PC1 XB . -8.49 27.86 -50.07
C32 PC1 XB . -6.64 29.05 -50.89
C33 PC1 XB . -5.44 28.10 -50.91
C34 PC1 XB . -5.40 27.29 -49.62
C35 PC1 XB . -4.94 28.17 -48.48
C36 PC1 XB . -3.46 28.50 -48.68
C37 PC1 XB . -2.61 27.28 -48.32
C38 PC1 XB . -1.14 27.66 -48.46
C39 PC1 XB . -0.29 26.65 -47.72
C3A PC1 XB . -0.67 26.67 -46.24
C3B PC1 XB . 0.08 27.78 -45.53
C3C PC1 XB . -0.02 27.55 -44.03
C3D PC1 XB . 0.10 26.05 -43.76
C3E PC1 XB . 0.05 25.78 -42.27
C3F PC1 XB . 1.32 26.30 -41.61
C3G PC1 XB . 2.51 25.44 -42.04
ZN ZN YB . -62.43 6.18 -56.75
O7 ZMP ZB . -33.92 3.29 18.77
P1 ZMP ZB . -33.15 3.97 17.68
O6 ZMP ZB . -33.42 5.45 17.54
O5 ZMP ZB . -33.56 3.27 16.29
C21 ZMP ZB . -33.08 1.92 16.04
C18 ZMP ZB . -33.85 1.33 14.87
C19 ZMP ZB . -33.39 -0.12 14.65
C20 ZMP ZB . -33.56 2.14 13.62
C17 ZMP ZB . -35.36 1.37 15.16
O4 ZMP ZB . -35.60 1.47 16.56
C16 ZMP ZB . -36.18 0.21 14.60
O3 ZMP ZB . -36.69 -0.60 15.36
N2 ZMP ZB . -36.34 0.16 13.28
C15 ZMP ZB . -37.06 -0.92 12.62
C14 ZMP ZB . -36.22 -1.66 11.61
C13 ZMP ZB . -35.26 -0.76 10.85
O2 ZMP ZB . -34.34 -0.20 11.41
N1 ZMP ZB . -35.42 -0.66 9.52
C12 ZMP ZB . -34.30 -0.80 8.59
C11 ZMP ZB . -33.98 0.50 7.91
S1 ZMP ZB . -32.40 0.46 7.03
C10 ZMP ZB . -32.44 2.01 6.22
O1 ZMP ZB . -33.26 2.87 6.45
C9 ZMP ZB . -31.35 2.19 5.21
C8 ZMP ZB . -31.38 3.52 4.53
C7 ZMP ZB . -29.99 4.01 4.13
C6 ZMP ZB . -30.00 5.38 3.53
C5 ZMP ZB . -28.68 6.11 3.64
C4 ZMP ZB . -28.68 7.47 3.02
C3 ZMP ZB . -29.10 7.49 1.58
C2 ZMP ZB . -27.99 7.28 0.59
C1 ZMP ZB . -27.38 8.55 0.05
C22 ZMP ZB . -26.41 9.23 0.98
C23 ZMP ZB . -26.15 10.68 0.65
C24 ZMP ZB . -25.68 10.95 -0.75
C25 ZMP ZB . -24.33 10.36 -1.06
O7 ZMP AC . 8.41 13.46 102.84
P1 ZMP AC . 7.89 12.53 101.75
O6 ZMP AC . 6.47 12.06 101.98
O5 ZMP AC . 7.89 13.37 100.38
C21 ZMP AC . 7.16 14.63 100.33
C18 ZMP AC . 7.70 15.45 99.17
C19 ZMP AC . 7.50 14.67 97.86
C20 ZMP AC . 9.20 15.69 99.38
C17 ZMP AC . 6.96 16.79 99.11
O4 ZMP AC . 5.69 16.59 98.52
C16 ZMP AC . 7.67 17.94 98.43
O3 ZMP AC . 8.17 18.83 99.10
N2 ZMP AC . 7.65 17.99 97.09
C15 ZMP AC . 8.79 17.64 96.27
C14 ZMP AC . 9.33 18.82 95.50
C13 ZMP AC . 9.91 19.86 96.44
O2 ZMP AC . 9.45 21.00 96.49
N1 ZMP AC . 10.92 19.47 97.23
C12 ZMP AC . 11.42 20.25 98.34
C11 ZMP AC . 12.60 19.58 98.99
S1 ZMP AC . 13.77 19.04 97.73
C10 ZMP AC . 14.55 20.56 97.29
O1 ZMP AC . 14.44 21.06 96.19
C9 ZMP AC . 15.32 21.17 98.42
C8 ZMP AC . 16.48 20.33 98.88
C7 ZMP AC . 17.28 20.99 100.00
C6 ZMP AC . 18.39 20.16 100.58
C5 ZMP AC . 19.46 19.75 99.60
C4 ZMP AC . 20.29 20.89 99.06
C3 ZMP AC . 21.39 20.46 98.12
C2 ZMP AC . 22.61 19.92 98.79
C1 ZMP AC . 23.75 19.65 97.84
C22 ZMP AC . 25.09 19.44 98.50
C23 ZMP AC . 25.10 18.40 99.58
C24 ZMP AC . 26.48 17.91 99.93
C25 ZMP AC . 27.49 19.03 100.01
C1 CDL BC . 45.83 -33.65 67.50
O1 CDL BC . 44.67 -34.23 66.97
CA2 CDL BC . 47.01 -34.15 66.68
OA2 CDL BC . 46.86 -33.75 65.34
PA1 CDL BC . 47.99 -34.25 64.25
OA3 CDL BC . 48.18 -35.73 64.39
OA4 CDL BC . 47.52 -33.92 62.86
OA5 CDL BC . 49.41 -33.47 64.56
CA3 CDL BC . 50.58 -33.89 63.92
CA4 CDL BC . 50.70 -33.20 62.56
OA6 CDL BC . 50.58 -34.08 61.47
CA5 CDL BC . 50.89 -35.45 61.64
OA7 CDL BC . 50.04 -36.22 61.96
C11 CDL BC . 52.29 -35.95 61.35
C12 CDL BC . 52.58 -35.79 59.86
C13 CDL BC . 53.83 -34.93 59.67
C14 CDL BC . 54.88 -35.29 60.71
C15 CDL BC . 56.27 -35.19 60.08
C16 CDL BC . 56.33 -36.16 58.89
C17 CDL BC . 57.68 -36.01 58.20
C18 CDL BC . 57.78 -37.02 57.06
C19 CDL BC . 58.96 -36.66 56.17
C20 CDL BC . 60.25 -36.78 56.98
CA6 CDL BC . 52.03 -32.45 62.49
OA8 CDL BC . 51.92 -31.47 61.50
CA7 CDL BC . 53.12 -30.83 61.16
OA9 CDL BC . 53.83 -31.32 60.33
C31 CDL BC . 53.46 -29.49 61.80
C32 CDL BC . 54.46 -29.65 62.95
C33 CDL BC . 55.88 -29.87 62.42
C34 CDL BC . 56.88 -29.39 63.46
C35 CDL BC . 58.28 -29.38 62.84
CB2 CDL BC . 45.99 -34.12 68.94
OB2 CDL BC . 47.18 -33.64 69.49
PB2 CDL BC . 47.07 -32.86 70.93
OB3 CDL BC . 48.37 -32.93 71.68
OB4 CDL BC . 45.98 -33.47 71.76
OB5 CDL BC . 46.74 -31.27 70.68
CB3 CDL BC . 47.63 -30.52 69.91
CB4 CDL BC . 46.83 -29.56 69.05
OB6 CDL BC . 47.54 -29.07 67.95
CB5 CDL BC . 48.51 -29.89 67.35
OB7 CDL BC . 48.19 -30.85 66.73
C51 CDL BC . 49.98 -29.51 67.47
C52 CDL BC . 50.75 -29.98 66.24
C53 CDL BC . 52.02 -29.15 66.16
C54 CDL BC . 52.69 -29.15 67.53
C55 CDL BC . 54.04 -28.45 67.41
C56 CDL BC . 54.80 -28.52 68.74
C57 CDL BC . 53.99 -27.82 69.82
C58 CDL BC . 54.94 -27.29 70.89
C59 CDL BC . 54.16 -26.59 71.99
C60 CDL BC . 55.09 -25.62 72.72
C61 CDL BC . 55.47 -24.50 71.74
C62 CDL BC . 56.73 -23.79 72.24
C63 CDL BC . 57.13 -22.72 71.23
C64 CDL BC . 58.60 -22.38 71.41
C65 CDL BC . 58.81 -21.77 72.79
CB6 CDL BC . 46.45 -28.36 69.91
OB8 CDL BC . 47.49 -28.14 70.81
CB7 CDL BC . 47.92 -26.81 70.89
OB9 CDL BC . 47.48 -26.01 70.14
C71 CDL BC . 48.96 -26.40 71.92
C72 CDL BC . 50.37 -26.75 71.42
C73 CDL BC . 50.82 -25.76 70.35
C74 CDL BC . 50.50 -24.34 70.80
C75 CDL BC . 50.66 -23.37 69.64
C76 CDL BC . 52.14 -23.04 69.47
C77 CDL BC . 52.27 -21.53 69.28
C78 CDL BC . 53.75 -21.13 69.19
C79 CDL BC . 54.18 -21.15 67.73
C80 CDL BC . 55.27 -20.11 67.52
C81 CDL BC . 56.66 -20.72 67.77
C82 CDL BC . 56.94 -21.83 66.76
C83 CDL BC . 58.34 -22.38 67.04
C84 CDL BC . 58.64 -23.58 66.14
C85 CDL BC . 57.54 -24.62 66.28
C86 CDL BC . 57.87 -25.81 65.37
C87 CDL BC . 58.08 -25.33 63.94
O12 PC1 CC . 76.01 -25.36 62.41
P PC1 CC . 75.21 -24.85 61.23
O14 PC1 CC . 74.85 -23.40 61.44
O13 PC1 CC . 76.12 -24.98 59.87
C11 PC1 CC . 75.51 -25.37 58.66
C12 PC1 CC . 74.73 -24.22 58.02
N PC1 CC . 75.59 -23.34 57.23
C13 PC1 CC . 74.87 -22.89 56.06
C14 PC1 CC . 75.96 -22.17 58.02
C15 PC1 CC . 76.79 -24.04 56.82
O11 PC1 CC . 73.82 -25.73 61.09
C1 PC1 CC . 72.60 -25.06 61.18
C2 PC1 CC . 71.50 -26.10 61.28
O21 PC1 CC . 70.28 -25.47 61.53
C21 PC1 CC . 69.30 -25.67 60.55
O22 PC1 CC . 69.60 -26.13 59.49
C22 PC1 CC . 67.85 -25.33 60.86
C23 PC1 CC . 67.13 -24.81 59.61
C24 PC1 CC . 65.76 -24.30 60.05
C25 PC1 CC . 65.03 -23.63 58.90
C26 PC1 CC . 66.04 -23.05 57.90
C27 PC1 CC . 65.34 -22.04 56.99
C28 PC1 CC . 63.85 -22.37 56.89
C29 PC1 CC . 63.16 -21.29 56.07
C2A PC1 CC . 63.62 -21.40 54.62
C2B PC1 CC . 62.93 -20.34 53.77
C2C PC1 CC . 63.43 -18.97 54.20
C2D PC1 CC . 62.91 -17.93 53.21
C2E PC1 CC . 61.38 -17.95 53.24
C2F PC1 CC . 60.87 -16.92 52.23
C3 PC1 CC . 71.83 -27.02 62.46
O31 PC1 CC . 71.70 -26.29 63.65
C31 PC1 CC . 71.08 -27.01 64.67
O32 PC1 CC . 70.43 -27.96 64.40
C32 PC1 CC . 71.24 -26.57 66.13
C33 PC1 CC . 69.88 -26.55 66.79
C34 PC1 CC . 69.04 -25.46 66.13
C35 PC1 CC . 67.64 -25.99 65.86
C36 PC1 CC . 67.04 -25.18 64.73
C37 PC1 CC . 65.77 -25.87 64.24
C38 PC1 CC . 64.69 -25.70 65.30
C39 PC1 CC . 63.34 -25.99 64.65
C3A PC1 CC . 63.18 -25.11 63.42
C3B PC1 CC . 62.11 -25.70 62.52
C3C PC1 CC . 62.68 -26.91 61.78
C3D PC1 CC . 61.52 -27.71 61.19
C3E PC1 CC . 60.64 -26.79 60.34
C3F PC1 CC . 61.24 -26.57 58.96
C3G PC1 CC . 61.51 -25.08 58.74
C3H PC1 CC . 60.26 -24.29 59.07
C3I PC1 CC . 60.61 -22.81 59.11
P 3PE DC . 7.99 -20.58 -58.22
N 3PE DC . 4.88 -23.92 -58.02
O11 3PE DC . 9.31 -19.82 -57.60
O12 3PE DC . 7.25 -19.63 -59.14
O13 3PE DC . 6.99 -21.08 -57.02
O14 3PE DC . 8.45 -21.77 -59.02
C11 3PE DC . 6.53 -22.41 -57.03
C12 3PE DC . 5.30 -22.53 -57.93
C1 3PE DC . 10.15 -19.11 -58.47
C2 3PE DC . 10.67 -17.87 -57.76
C3 3PE DC . 9.48 -16.97 -57.43
O31 3PE DC . 9.26 -16.07 -58.46
O32 3PE DC . 7.31 -15.62 -57.46
C31 3PE DC . 8.05 -15.39 -58.35
C32 3PE DC . 7.67 -14.32 -59.38
C33 3PE DC . 7.62 -12.96 -58.70
C34 3PE DC . 9.03 -12.48 -58.39
C35 3PE DC . 8.97 -11.00 -57.99
C36 3PE DC . 10.36 -10.38 -58.15
O21 3PE DC . 11.31 -18.27 -56.58
O22 3PE DC . 13.51 -18.67 -56.59
C21 3PE DC . 12.64 -17.87 -56.45
C22 3PE DC . 12.98 -16.42 -56.11
C23 3PE DC . 13.26 -16.31 -54.62
C24 3PE DC . 14.74 -16.47 -54.30
C25 3PE DC . 15.48 -15.19 -54.71
C26 3PE DC . 16.93 -15.31 -54.26
C27 3PE DC . 17.70 -14.05 -54.64
C28 3PE DC . 17.32 -12.90 -53.70
C29 3PE DC . 17.74 -13.24 -52.28
C2A 3PE DC . 17.46 -12.06 -51.36
C2B 3PE DC . 17.66 -12.50 -49.92
C2C 3PE DC . 16.98 -11.48 -49.00
C2D 3PE DC . 17.11 -11.92 -47.55
C2E 3PE DC . 16.27 -11.00 -46.67
P 3PE EC . 42.23 -9.57 -54.65
N 3PE EC . 40.84 -10.36 -59.04
O11 3PE EC . 41.14 -10.70 -54.13
O12 3PE EC . 43.51 -10.26 -55.07
O13 3PE EC . 41.59 -8.70 -55.90
O14 3PE EC . 42.52 -8.62 -53.52
C11 3PE EC . 40.77 -9.34 -56.83
C12 3PE EC . 41.63 -10.07 -57.86
C1 3PE EC . 41.63 -11.96 -53.79
C2 3PE EC . 41.26 -12.25 -52.34
C3 3PE EC . 39.81 -11.84 -52.09
O31 3PE EC . 39.22 -12.73 -51.19
O32 3PE EC . 37.45 -11.47 -51.53
C31 3PE EC . 37.90 -12.40 -50.95
C32 3PE EC . 37.04 -13.17 -49.96
C33 3PE EC . 36.04 -12.21 -49.34
C34 3PE EC . 35.89 -12.48 -47.84
C35 3PE EC . 34.78 -13.48 -47.59
C36 3PE EC . 34.18 -13.22 -46.22
C37 3PE EC . 32.72 -13.65 -46.26
C38 3PE EC . 31.98 -13.17 -45.02
C39 3PE EC . 30.48 -13.33 -45.28
C3A 3PE EC . 29.70 -13.19 -43.98
C3B 3PE EC . 30.06 -11.88 -43.27
C3C 3PE EC . 29.37 -11.89 -41.92
C3D 3PE EC . 29.35 -10.49 -41.31
C3E 3PE EC . 28.29 -9.68 -42.03
C3F 3PE EC . 27.75 -8.64 -41.06
O21 3PE EC . 41.39 -13.62 -52.04
O22 3PE EC . 43.56 -13.60 -51.57
C21 3PE EC . 42.48 -13.87 -51.20
C22 3PE EC . 42.27 -14.50 -49.82
C23 3PE EC . 41.14 -15.51 -49.86
C24 3PE EC . 41.06 -16.22 -48.50
C25 3PE EC . 39.77 -17.04 -48.45
C26 3PE EC . 39.47 -17.44 -47.01
C27 3PE EC . 38.08 -18.06 -46.95
C28 3PE EC . 37.05 -17.10 -47.53
C29 3PE EC . 35.65 -17.64 -47.32
C1 CDL FC . 53.62 -15.02 -33.45
O1 CDL FC . 52.32 -14.58 -33.68
CA2 CDL FC . 54.61 -13.88 -33.64
OA2 CDL FC . 54.28 -13.10 -34.75
PA1 CDL FC . 53.80 -11.56 -34.44
OA3 CDL FC . 54.85 -10.84 -33.67
OA4 CDL FC . 53.53 -10.81 -35.72
OA5 CDL FC . 52.44 -11.62 -33.55
CA3 CDL FC . 51.55 -10.54 -33.54
CA4 CDL FC . 50.19 -11.12 -33.22
OA6 CDL FC . 49.47 -11.31 -34.41
CA5 CDL FC . 49.06 -12.63 -34.58
OA7 CDL FC . 49.84 -13.50 -34.43
C11 CDL FC . 47.62 -12.96 -34.95
C12 CDL FC . 46.77 -12.83 -33.69
C13 CDL FC . 45.48 -12.10 -34.01
C14 CDL FC . 45.03 -11.37 -32.75
C15 CDL FC . 44.54 -12.37 -31.71
C16 CDL FC . 43.41 -11.69 -30.95
C17 CDL FC . 42.70 -12.63 -29.98
C18 CDL FC . 43.33 -12.55 -28.60
C19 CDL FC . 42.22 -12.35 -27.58
C20 CDL FC . 41.30 -13.55 -27.62
C21 CDL FC . 39.85 -13.11 -27.59
C22 CDL FC . 39.57 -12.39 -26.28
C23 CDL FC . 39.37 -13.42 -25.17
C24 CDL FC . 39.20 -12.68 -23.85
C25 CDL FC . 38.06 -13.30 -23.08
C26 CDL FC . 37.73 -12.40 -21.88
C27 CDL FC . 36.44 -12.90 -21.27
CA6 CDL FC . 49.45 -10.18 -32.29
OA8 CDL FC . 48.93 -10.94 -31.26
CA7 CDL FC . 48.79 -10.22 -30.07
OA9 CDL FC . 48.61 -9.07 -30.15
C31 CDL FC . 48.89 -10.94 -28.73
C32 CDL FC . 47.61 -10.86 -27.91
C33 CDL FC . 47.71 -11.93 -26.81
C34 CDL FC . 46.91 -11.61 -25.56
C35 CDL FC . 47.41 -12.50 -24.44
C36 CDL FC . 46.78 -12.13 -23.09
C37 CDL FC . 45.55 -12.99 -22.86
C38 CDL FC . 45.08 -12.85 -21.41
C39 CDL FC . 44.45 -11.48 -21.23
C40 CDL FC . 43.90 -11.33 -19.80
C41 CDL FC . 43.09 -10.04 -19.70
CB2 CDL FC . 53.97 -16.22 -34.33
OB2 CDL FC . 53.35 -16.14 -35.57
PB2 CDL FC . 52.08 -17.15 -35.86
OB3 CDL FC . 52.39 -18.52 -35.30
OB4 CDL FC . 51.81 -17.26 -37.34
OB5 CDL FC . 50.75 -16.54 -35.09
CB3 CDL FC . 50.23 -17.24 -34.00
CB4 CDL FC . 48.70 -17.13 -34.07
OB6 CDL FC . 48.25 -15.94 -33.43
CB5 CDL FC . 48.46 -15.71 -32.06
OB7 CDL FC . 49.47 -15.24 -31.68
C51 CDL FC . 47.36 -15.97 -31.04
C52 CDL FC . 47.58 -15.05 -29.85
C53 CDL FC . 46.32 -14.99 -28.99
C54 CDL FC . 46.10 -16.27 -28.21
C55 CDL FC . 45.24 -15.92 -27.00
C56 CDL FC . 45.06 -17.14 -26.11
C57 CDL FC . 44.48 -16.69 -24.77
C58 CDL FC . 43.25 -15.82 -25.01
CB6 CDL FC . 48.07 -18.39 -33.50
OB8 CDL FC . 46.89 -18.63 -34.21
CB7 CDL FC . 45.74 -18.37 -33.47
OB9 CDL FC . 45.38 -19.16 -32.67
C71 CDL FC . 44.97 -17.06 -33.69
C72 CDL FC . 43.55 -17.18 -33.13
C73 CDL FC . 43.56 -16.80 -31.66
C74 CDL FC . 42.24 -17.27 -31.05
C75 CDL FC . 41.83 -16.30 -29.96
C76 CDL FC . 40.49 -16.74 -29.38
C77 CDL FC . 40.69 -17.33 -27.99
C78 CDL FC . 39.32 -17.51 -27.33
C79 CDL FC . 39.48 -17.44 -25.81
O12 PC1 GC . 53.74 -28.40 -6.12
P PC1 GC . 52.53 -29.18 -6.57
O14 PC1 GC . 52.40 -29.10 -8.07
O13 PC1 GC . 52.67 -30.75 -6.12
C11 PC1 GC . 53.73 -31.48 -6.67
C12 PC1 GC . 53.40 -32.97 -6.66
N PC1 GC . 54.53 -33.69 -7.21
C13 PC1 GC . 54.88 -33.13 -8.50
C14 PC1 GC . 55.67 -33.56 -6.31
C15 PC1 GC . 54.20 -35.09 -7.38
O11 PC1 GC . 51.19 -28.51 -5.90
C1 PC1 GC . 51.07 -28.50 -4.51
C2 PC1 GC . 49.59 -28.38 -4.21
O21 PC1 GC . 48.87 -29.01 -5.23
C21 PC1 GC . 48.81 -30.41 -5.13
O22 PC1 GC . 49.42 -31.10 -5.88
C22 PC1 GC . 47.93 -31.06 -4.05
C23 PC1 GC . 48.27 -32.55 -3.99
C24 PC1 GC . 47.01 -33.40 -4.27
C25 PC1 GC . 46.54 -33.15 -5.69
C26 PC1 GC . 45.30 -34.01 -5.98
C27 PC1 GC . 45.72 -35.48 -5.96
C28 PC1 GC . 45.14 -36.18 -7.18
C29 PC1 GC . 43.63 -36.33 -7.01
C2A PC1 GC . 43.04 -36.95 -8.28
C2B PC1 GC . 41.56 -37.19 -8.09
C3 PC1 GC . 49.22 -26.90 -4.14
O31 PC1 GC . 47.83 -26.78 -4.12
C31 PC1 GC . 47.29 -26.04 -5.18
O32 PC1 GC . 47.22 -26.54 -6.25
C32 PC1 GC . 46.76 -24.63 -4.96
C33 PC1 GC . 45.24 -24.72 -4.99
C34 PC1 GC . 44.80 -25.66 -3.88
C35 PC1 GC . 43.35 -26.09 -4.10
C36 PC1 GC . 42.96 -26.90 -2.87
C37 PC1 GC . 43.09 -26.07 -1.60
C38 PC1 GC . 41.74 -25.43 -1.27
C39 PC1 GC . 41.81 -24.82 0.13
C3A PC1 GC . 42.33 -25.86 1.12
O12 PC1 HC . 55.88 -24.60 -3.59
P PC1 HC . 54.58 -25.30 -3.88
O14 PC1 HC . 54.22 -25.14 -5.33
O13 PC1 HC . 54.70 -26.91 -3.51
C11 PC1 HC . 55.96 -27.48 -3.28
C12 PC1 HC . 56.74 -27.64 -4.59
N PC1 HC . 57.76 -28.65 -4.37
C13 PC1 HC . 57.13 -29.95 -4.36
C14 PC1 HC . 58.40 -28.40 -3.09
C15 PC1 HC . 58.76 -28.59 -5.42
O11 PC1 HC . 53.40 -24.64 -2.94
C1 PC1 HC . 53.59 -23.37 -2.40
C2 PC1 HC . 52.54 -23.11 -1.34
O21 PC1 HC . 51.47 -22.38 -1.85
C21 PC1 HC . 50.31 -23.13 -2.06
O22 PC1 HC . 50.35 -24.31 -2.05
C22 PC1 HC . 48.97 -22.43 -2.29
C23 PC1 HC . 47.84 -23.16 -1.58
C24 PC1 HC . 47.98 -22.97 -0.07
C25 PC1 HC . 46.94 -21.97 0.41
C26 PC1 HC . 45.65 -22.71 0.73
C27 PC1 HC . 44.78 -21.87 1.66
C28 PC1 HC . 45.63 -21.29 2.78
C3 PC1 HC . 53.19 -22.33 -0.19
O31 PC1 HC . 52.28 -22.19 0.87
C31 PC1 HC . 52.51 -21.05 1.64
O32 PC1 HC . 53.59 -20.57 1.67
C32 PC1 HC . 51.37 -20.42 2.44
C33 PC1 HC . 51.97 -19.73 3.67
C34 PC1 HC . 50.86 -19.15 4.54
C35 PC1 HC . 51.44 -18.78 5.90
C36 PC1 HC . 50.32 -18.30 6.83
C1 CDL IC . 23.86 -25.56 -17.14
O1 CDL IC . 24.49 -24.82 -18.15
CA2 CDL IC . 24.85 -26.02 -16.07
OA2 CDL IC . 26.04 -26.51 -16.62
PA1 CDL IC . 27.35 -25.52 -16.68
OA3 CDL IC . 28.59 -26.34 -16.38
OA4 CDL IC . 27.25 -24.40 -15.69
OA5 CDL IC . 27.45 -24.89 -18.19
CA3 CDL IC . 27.79 -23.55 -18.38
CA4 CDL IC . 29.15 -23.48 -19.08
OA6 CDL IC . 30.15 -24.09 -18.30
CA5 CDL IC . 30.61 -23.57 -17.08
OA7 CDL IC . 30.08 -22.67 -16.51
C11 CDL IC . 31.84 -24.23 -16.44
C12 CDL IC . 33.14 -23.77 -17.10
C13 CDL IC . 33.29 -22.26 -17.00
C14 CDL IC . 34.23 -21.75 -18.09
C15 CDL IC . 34.32 -20.25 -17.94
C16 CDL IC . 35.32 -19.64 -18.91
C17 CDL IC . 35.42 -18.15 -18.58
C18 CDL IC . 36.38 -17.45 -19.52
C19 CDL IC . 37.78 -17.52 -18.92
C20 CDL IC . 38.72 -16.62 -19.74
C21 CDL IC . 40.15 -16.77 -19.21
C22 CDL IC . 40.65 -18.18 -19.48
C23 CDL IC . 42.17 -18.21 -19.34
CA6 CDL IC . 29.49 -22.05 -19.50
OA8 CDL IC . 30.84 -22.02 -19.86
CA7 CDL IC . 31.08 -21.71 -21.20
OA9 CDL IC . 30.17 -21.62 -21.95
C31 CDL IC . 32.50 -21.53 -21.71
C32 CDL IC . 32.61 -20.15 -22.38
C33 CDL IC . 34.02 -19.99 -22.97
C34 CDL IC . 34.50 -21.34 -23.48
CB2 CDL IC . 23.07 -26.72 -17.71
OB2 CDL IC . 23.34 -26.86 -19.08
PB2 CDL IC . 22.20 -26.27 -20.10
OB3 CDL IC . 21.37 -25.28 -19.33
OB4 CDL IC . 21.38 -27.41 -20.64
OB5 CDL IC . 22.87 -25.43 -21.35
CB3 CDL IC . 22.98 -24.03 -21.21
CB4 CDL IC . 24.29 -23.63 -21.88
OB6 CDL IC . 24.11 -22.43 -22.56
CB5 CDL IC . 25.27 -21.67 -22.70
OB7 CDL IC . 25.73 -21.49 -23.77
C51 CDL IC . 25.97 -21.08 -21.47
C52 CDL IC . 27.21 -20.28 -21.87
C53 CDL IC . 26.88 -18.87 -22.35
C54 CDL IC . 27.29 -18.69 -23.80
C55 CDL IC . 28.29 -17.54 -23.95
C56 CDL IC . 29.68 -18.03 -23.65
C57 CDL IC . 30.69 -17.05 -24.25
C58 CDL IC . 30.64 -15.74 -23.46
C59 CDL IC . 31.70 -14.79 -24.00
C60 CDL IC . 33.04 -15.50 -24.14
C61 CDL IC . 33.73 -15.64 -22.78
C62 CDL IC . 35.11 -16.28 -22.98
CB6 CDL IC . 24.66 -24.78 -22.81
OB8 CDL IC . 25.93 -24.62 -23.34
CB7 CDL IC . 26.99 -24.91 -22.46
OB9 CDL IC . 26.83 -25.63 -21.54
C71 CDL IC . 28.34 -24.25 -22.72
C72 CDL IC . 29.03 -24.91 -23.91
C73 CDL IC . 30.04 -23.93 -24.49
C74 CDL IC . 29.31 -22.89 -25.32
C75 CDL IC . 30.16 -21.62 -25.41
C76 CDL IC . 31.53 -21.97 -25.98
C77 CDL IC . 31.68 -21.31 -27.35
C78 CDL IC . 31.55 -19.80 -27.19
C79 CDL IC . 32.91 -19.17 -26.91
P 3PE JC . 16.43 -21.64 -21.54
N 3PE JC . 16.29 -24.03 -17.21
O11 3PE JC . 17.41 -20.59 -22.35
O12 3PE JC . 15.01 -21.16 -21.64
O13 3PE JC . 16.88 -21.73 -19.96
O14 3PE JC . 16.55 -23.00 -22.16
C11 3PE JC . 16.13 -22.58 -19.14
C12 3PE JC . 16.97 -22.96 -17.91
C1 3PE JC . 18.38 -19.87 -21.63
C2 3PE JC . 19.74 -20.20 -22.21
C3 3PE JC . 19.55 -21.13 -23.39
O31 3PE JC . 20.61 -20.96 -24.29
O32 3PE JC . 19.47 -22.25 -25.71
C31 3PE JC . 20.43 -21.59 -25.52
C32 3PE JC . 21.51 -21.45 -26.58
C33 3PE JC . 22.81 -21.18 -25.83
C34 3PE JC . 23.99 -21.27 -26.80
C35 3PE JC . 24.27 -22.73 -27.10
C36 3PE JC . 25.76 -22.93 -27.26
C37 3PE JC . 26.11 -24.40 -27.08
O21 3PE JC . 20.40 -19.04 -22.67
O22 3PE JC . 21.44 -18.73 -20.71
C21 3PE JC . 21.47 -18.58 -21.88
C22 3PE JC . 22.69 -17.94 -22.53
C23 3PE JC . 22.42 -17.72 -24.01
C24 3PE JC . 23.68 -17.32 -24.79
C25 3PE JC . 24.03 -15.86 -24.49
C26 3PE JC . 24.70 -15.23 -25.70
C27 3PE JC . 24.88 -13.73 -25.45
C28 3PE JC . 25.42 -13.02 -26.70
C29 3PE JC . 26.65 -13.77 -27.20
C2A 3PE JC . 27.29 -13.02 -28.35
C2B 3PE JC . 28.37 -13.87 -29.02
C2C 3PE JC . 29.70 -13.80 -28.27
C2D 3PE JC . 29.96 -15.11 -27.54
C2E 3PE JC . 30.12 -16.26 -28.53
P 3PE KC . 76.92 -28.28 71.46
N 3PE KC . 80.92 -26.51 70.29
O11 3PE KC . 75.81 -28.72 72.59
O12 3PE KC . 77.16 -29.45 70.54
O13 3PE KC . 78.33 -27.86 72.22
O14 3PE KC . 76.38 -27.10 70.67
C11 3PE KC . 79.56 -28.06 71.58
C12 3PE KC . 79.65 -27.21 70.32
C1 3PE KC . 74.84 -29.63 72.22
C2 3PE KC . 73.47 -28.94 72.22
C3 3PE KC . 73.25 -28.24 73.55
O31 3PE KC . 72.96 -26.89 73.30
O32 3PE KC . 70.88 -27.27 74.06
C31 3PE KC . 71.67 -26.48 73.67
C32 3PE KC . 71.30 -25.01 73.55
C33 3PE KC . 71.94 -24.29 74.73
C34 3PE KC . 71.47 -22.85 74.82
C35 3PE KC . 69.95 -22.77 74.69
C36 3PE KC . 69.58 -21.31 74.52
C37 3PE KC . 69.91 -20.57 75.81
C38 3PE KC . 69.31 -19.16 75.79
C39 3PE KC . 67.87 -19.22 75.31
C3A 3PE KC . 67.39 -17.83 74.91
C3B 3PE KC . 68.09 -17.40 73.62
C3C 3PE KC . 67.80 -18.43 72.52
C3D 3PE KC . 67.16 -17.75 71.31
C3E 3PE KC . 65.76 -17.25 71.66
C3F 3PE KC . 64.85 -18.43 71.99
C3G 3PE KC . 63.45 -17.91 72.30
C3H 3PE KC . 62.51 -19.08 72.55
C3I 3PE KC . 61.09 -18.55 72.70
O21 3PE KC . 73.42 -28.01 71.18
O22 3PE KC . 72.53 -27.90 69.13
C21 3PE KC . 72.40 -28.25 70.24
C22 3PE KC . 71.14 -28.99 70.68
C23 3PE KC . 69.90 -28.22 70.26
C24 3PE KC . 68.67 -28.86 70.92
C25 3PE KC . 67.41 -28.13 70.49
C26 3PE KC . 67.40 -26.71 71.04
C27 3PE KC . 67.19 -26.73 72.55
C28 3PE KC . 66.57 -25.42 72.98
C29 3PE KC . 66.42 -25.37 74.49
C2A 3PE KC . 65.33 -24.36 74.85
C2B 3PE KC . 64.00 -24.85 74.27
C2C 3PE KC . 62.92 -23.78 74.47
C2D 3PE KC . 61.66 -24.22 73.74
C2E 3PE KC . 60.93 -25.33 74.50
C2F 3PE KC . 59.88 -25.94 73.58
C2G 3PE KC . 58.87 -26.75 74.39
C2H 3PE KC . 59.58 -27.70 75.35
C2I 3PE KC . 58.55 -28.43 76.20
P 3PE LC . 84.60 -18.99 101.73
N 3PE LC . 88.51 -19.05 104.87
O11 3PE LC . 82.98 -18.91 101.99
O12 3PE LC . 84.94 -20.37 101.25
O13 3PE LC . 85.39 -18.67 103.14
O14 3PE LC . 85.00 -17.97 100.68
C11 3PE LC . 86.76 -18.97 103.19
C12 3PE LC . 87.36 -18.29 104.42
C1 3PE LC . 82.52 -19.16 103.29
C2 3PE LC . 81.22 -18.41 103.53
C3 3PE LC . 81.35 -17.49 104.74
O31 3PE LC . 80.24 -16.65 104.75
O32 3PE LC . 81.62 -15.01 105.39
C31 3PE LC . 80.56 -15.31 104.97
C32 3PE LC . 79.53 -14.23 104.64
C33 3PE LC . 78.15 -14.85 104.44
C34 3PE LC . 77.21 -13.78 103.88
C35 3PE LC . 77.94 -12.95 102.84
C36 3PE LC . 77.38 -11.53 102.85
C37 3PE LC . 75.98 -11.56 102.24
C38 3PE LC . 75.53 -10.16 101.86
C39 3PE LC . 74.31 -10.26 100.95
C3A 3PE LC . 74.63 -11.22 99.81
C3B 3PE LC . 73.40 -12.07 99.50
C3C 3PE LC . 72.20 -11.18 99.18
C3D 3PE LC . 70.93 -12.01 99.42
C3E 3PE LC . 70.82 -12.29 100.91
C3F 3PE LC . 70.15 -13.65 101.13
C3G 3PE LC . 68.79 -13.69 100.45
C3H 3PE LC . 68.10 -15.01 100.78
O21 3PE LC . 80.90 -17.62 102.41
O22 3PE LC . 79.90 -17.99 100.45
C21 3PE LC . 79.88 -18.15 101.62
C22 3PE LC . 78.75 -18.95 102.29
C23 3PE LC . 77.38 -18.49 101.80
C24 3PE LC . 76.94 -19.33 100.60
C25 3PE LC . 75.45 -19.08 100.36
C26 3PE LC . 74.94 -19.94 99.22
C27 3PE LC . 73.42 -19.99 99.32
C28 3PE LC . 72.84 -20.86 98.20
C29 3PE LC . 71.31 -20.81 98.30
P 3PE MC . 72.75 -33.28 41.35
N 3PE MC . 72.17 -29.37 38.22
O11 3PE MC . 71.36 -33.74 42.10
O12 3PE MC . 73.50 -32.27 42.21
O13 3PE MC . 72.40 -32.60 39.89
O14 3PE MC . 73.63 -34.49 41.13
C11 3PE MC . 72.36 -31.20 39.80
C12 3PE MC . 72.36 -30.80 38.33
C1 3PE MC . 71.23 -33.52 43.48
C2 3PE MC . 69.86 -32.89 43.74
C3 3PE MC . 69.90 -32.10 45.04
O31 3PE MC . 69.12 -32.71 46.02
O32 3PE MC . 70.38 -31.60 47.49
C31 3PE MC . 69.48 -32.35 47.32
C32 3PE MC . 68.73 -32.90 48.54
C33 3PE MC . 68.14 -31.75 49.35
C34 3PE MC . 66.73 -31.42 48.88
C35 3PE MC . 66.02 -30.56 49.93
C36 3PE MC . 64.52 -30.79 49.84
C37 3PE MC . 64.24 -32.28 49.64
C38 3PE MC . 62.83 -32.47 49.12
C39 3PE MC . 62.69 -33.86 48.49
C3A 3PE MC . 62.10 -34.84 49.49
C3B 3PE MC . 60.79 -34.25 50.02
C3C 3PE MC . 60.16 -35.16 51.07
C3D 3PE MC . 59.38 -36.28 50.40
C3E 3PE MC . 58.56 -37.03 51.45
O21 3PE MC . 69.57 -32.04 42.67
O22 3PE MC . 69.39 -32.76 40.55
C21 3PE MC . 68.88 -32.65 41.62
C22 3PE MC . 67.45 -33.15 41.83
C23 3PE MC . 66.63 -32.89 40.57
C24 3PE MC . 65.15 -33.04 40.88
C25 3PE MC . 64.33 -32.84 39.62
C26 3PE MC . 62.84 -32.82 39.98
C27 3PE MC . 62.00 -32.79 38.71
C28 3PE MC . 60.55 -32.50 39.07
C29 3PE MC . 60.12 -33.40 40.23
C2A 3PE MC . 58.66 -33.09 40.57
#